data_6CIO
#
_entry.id   6CIO
#
_cell.length_a   340.389
_cell.length_b   107.095
_cell.length_c   239.562
_cell.angle_alpha   90.00
_cell.angle_beta   109.67
_cell.angle_gamma   90.00
#
_symmetry.space_group_name_H-M   'C 1 2 1'
#
loop_
_entity.id
_entity.type
_entity.pdbx_description
1 polymer 'PYRUVATE-FERREDOXIN OXIDOREDUCTASE'
2 non-polymer 'IRON/SULFUR CLUSTER'
3 non-polymer 3-[(4-AMINO-2-METHYLPYRIMIDIN-5-YL)METHYL]-2-(1-CARBOXY-1-HYDROXYETHYL)-5-(2-{[HYDROXY(PHOSPHONOOXY)PHOSPHORYL]OXY}ETHYL)-4-METHYL-1,3-THIAZOL-3-IUM
4 non-polymer 'MAGNESIUM ION'
5 non-polymer 'SULFATE ION'
6 non-polymer 'THIAMINE DIPHOSPHATE'
7 water water
#
_entity_poly.entity_id   1
_entity_poly.type   'polypeptide(L)'
_entity_poly.pdbx_seq_one_letter_code
;MPKQTLDGNTAAAHVAYAMSEVATIYPITPSSPMAEIADEWAAHGRKNIFGKTLQVAEMQSEAGAAGAVHGSLAAGALTT
TFTASQGLLLMIPNMYKIAGELLPCVFHVAARALSTHALSIFGDHADVMAARQTGFAMLSSASVQEVMDLALVAHLATLK
ARVPFVHFFDGFRTSHEVQKIDVIEYEDMAKLVDWDAIRAFRQRALNPEHPHQRGTAQNPDIYFQSREAANPYYLATPGI
VAQVMEQVAGLTGRHYHLFDYAGAPDAERVIVSMGSSCEVIEETVNYLVEKGEKVGLIKVRLFRPFSAEHFLKVLPASVK
RIAVLDRTKEPGSLGEPLYEDVQTVLAEHGKNILVVGGRYGLGSKEFNPSMVKAVFDNLAATTPKNKFTVGITDDVTHTS
LEIKEHIDTSPKGTFRCKFFGLGSDGTVGANKNSIKIIGDHTDMYAQGYFVYDSKKSGGVTISHLRFGKQPIQSAYLIDQ
ADLIACHNPSYVGRYNLLEGIKPGGIFLLNSTWSAEEMDSRLPADMKRTIATKKLKFYNIDAVKIAQEIGLGSRINVIMQ
TAFFKIANVIPVDEAIKYIKDSIVKTYGKKGDKILNMNFAAVDRALEALEEIKYPASWADAVDEAAATVTEEPEFIQKVL
RPINALKGDELPVSTFTPDGVFPVGTTKYEKRGIAVNIPQWQPENCIQCNQCSLVCPHAAIRPYLAKPADLAGAPETFVT
KDAIGKEAAGLKFRIQVSPLDCTGCGNCADVCPAKVKALTMVPLEEVTAVEEANYNFAEQLPEVKVNFNPATVKGSQFRQ
PLLEFSGACAGCGETPYVKLVTQLFGDRMIIANATGCSSIWGGSAPACPYTVNRQGHGPAWASSLFEDNAEFGYGMALAV
AKRQDELATAISKALEAPVSAAFKAACEGWLAGKDDADRSREYGDRIKALLPGEISQASGEVKDLLLDIDRQKDYLTKKS
IWIIGGDGWAYDIGYGGLDHVLASGANVNVLVLDTEVYSNTGGQSSKATQTGAVARFAAGGKFTKKKDLGLMAMSYGYVY
VASVAMGASHSQLMKALIEAEKYDGPSLIIAYAPCINHGINMTYSQREAKKAVEAGYWPLYRYNPQLAQEGKNPFILDYK
TPTASFRDFLMGEIRYTSLKKQFPEKAEQLFAKAEADAKARLEQYKKLAEG
;
_entity_poly.pdbx_strand_id   A,B,C,D,E,F
#
loop_
_chem_comp.id
_chem_comp.type
_chem_comp.name
_chem_comp.formula
MG non-polymer 'MAGNESIUM ION' 'Mg 2'
SF4 non-polymer 'IRON/SULFUR CLUSTER' 'Fe4 S4'
SO4 non-polymer 'SULFATE ION' 'O4 S -2'
TDL non-polymer 3-[(4-AMINO-2-METHYLPYRIMIDIN-5-YL)METHYL]-2-(1-CARBOXY-1-HYDROXYETHYL)-5-(2-{[HYDROXY(PHOSPHONOOXY)PHOSPHORYL]OXY}ETHYL)-4-METHYL-1,3-THIAZOL-3-IUM 'C15 H23 N4 O10 P2 S 1'
TPP non-polymer 'THIAMINE DIPHOSPHATE' 'C12 H19 N4 O7 P2 S 1'
#
# COMPACT_ATOMS: atom_id res chain seq x y z
N PRO A 2 10.77 -8.09 20.62
CA PRO A 2 9.98 -7.40 19.59
C PRO A 2 9.09 -6.37 20.25
N LYS A 3 8.53 -5.45 19.47
CA LYS A 3 7.62 -4.45 19.99
C LYS A 3 6.20 -4.88 19.70
N GLN A 4 5.36 -4.87 20.73
CA GLN A 4 3.95 -5.17 20.60
C GLN A 4 3.17 -4.16 21.43
N THR A 5 1.90 -4.00 21.09
CA THR A 5 0.99 -3.15 21.85
C THR A 5 0.19 -4.06 22.76
N LEU A 6 0.47 -4.00 24.05
CA LEU A 6 -0.20 -4.83 25.04
C LEU A 6 -0.69 -3.96 26.20
N ASP A 7 -1.46 -4.57 27.08
CA ASP A 7 -1.80 -3.97 28.36
C ASP A 7 -1.01 -4.65 29.47
N GLY A 8 -1.14 -4.13 30.68
CA GLY A 8 -0.44 -4.72 31.81
C GLY A 8 -0.79 -6.19 32.01
N ASN A 9 -2.07 -6.52 31.86
CA ASN A 9 -2.50 -7.91 32.05
C ASN A 9 -1.79 -8.85 31.08
N THR A 10 -1.83 -8.53 29.79
CA THR A 10 -1.21 -9.40 28.82
C THR A 10 0.31 -9.45 29.03
N ALA A 11 0.91 -8.30 29.38
CA ALA A 11 2.33 -8.28 29.67
C ALA A 11 2.67 -9.21 30.82
N ALA A 12 1.83 -9.22 31.86
CA ALA A 12 2.08 -10.09 33.01
C ALA A 12 1.87 -11.55 32.64
N ALA A 13 0.75 -11.85 31.97
CA ALA A 13 0.48 -13.23 31.59
C ALA A 13 1.55 -13.78 30.65
N HIS A 14 2.13 -12.91 29.82
CA HIS A 14 3.20 -13.34 28.93
C HIS A 14 4.34 -13.97 29.72
N VAL A 15 4.78 -13.30 30.78
CA VAL A 15 5.88 -13.82 31.60
C VAL A 15 5.42 -14.98 32.48
N ALA A 16 4.23 -14.84 33.07
CA ALA A 16 3.73 -15.91 33.94
C ALA A 16 3.56 -17.21 33.17
N TYR A 17 3.06 -17.13 31.94
CA TYR A 17 2.87 -18.33 31.13
C TYR A 17 4.20 -19.02 30.86
N ALA A 18 5.24 -18.23 30.56
CA ALA A 18 6.53 -18.82 30.19
C ALA A 18 7.16 -19.56 31.36
N MET A 19 6.95 -19.08 32.59
CA MET A 19 7.70 -19.55 33.74
C MET A 19 6.94 -20.59 34.57
N SER A 20 5.72 -20.95 34.19
CA SER A 20 4.88 -21.76 35.06
C SER A 20 4.41 -23.02 34.33
N GLU A 21 4.19 -24.08 35.11
CA GLU A 21 3.61 -25.31 34.60
C GLU A 21 2.11 -25.38 34.86
N VAL A 22 1.68 -24.88 36.02
CA VAL A 22 0.28 -24.89 36.43
C VAL A 22 -0.13 -23.46 36.75
N ALA A 23 -1.38 -23.14 36.45
CA ALA A 23 -1.96 -21.85 36.81
C ALA A 23 -3.39 -22.11 37.24
N THR A 24 -3.65 -22.04 38.55
CA THR A 24 -5.00 -22.18 39.08
C THR A 24 -5.59 -20.79 39.23
N ILE A 25 -6.78 -20.58 38.65
CA ILE A 25 -7.33 -19.25 38.50
C ILE A 25 -8.79 -19.21 38.94
N TYR A 26 -9.26 -17.99 39.18
CA TYR A 26 -10.65 -17.69 39.47
C TYR A 26 -10.88 -16.23 39.06
N PRO A 27 -11.96 -15.93 38.36
CA PRO A 27 -12.10 -14.60 37.76
C PRO A 27 -12.44 -13.53 38.78
N ILE A 28 -11.80 -12.37 38.63
CA ILE A 28 -12.17 -11.16 39.35
C ILE A 28 -11.60 -9.94 38.62
N THR A 29 -12.47 -8.98 38.33
CA THR A 29 -12.03 -7.74 37.70
C THR A 29 -11.07 -7.01 38.65
N PRO A 30 -9.98 -6.40 38.14
CA PRO A 30 -9.54 -6.34 36.75
C PRO A 30 -8.42 -7.32 36.44
N SER A 31 -8.37 -8.43 37.17
CA SER A 31 -7.32 -9.42 36.97
C SER A 31 -7.72 -10.52 36.00
N SER A 32 -9.01 -10.71 35.75
CA SER A 32 -9.45 -11.82 34.91
C SER A 32 -8.88 -11.85 33.49
N PRO A 33 -8.59 -10.73 32.82
CA PRO A 33 -7.92 -10.84 31.51
C PRO A 33 -6.62 -11.62 31.54
N MET A 34 -5.88 -11.60 32.65
CA MET A 34 -4.66 -12.39 32.76
C MET A 34 -4.98 -13.88 32.63
N ALA A 35 -6.02 -14.34 33.34
CA ALA A 35 -6.37 -15.75 33.28
C ALA A 35 -7.05 -16.12 31.97
N GLU A 36 -7.75 -15.18 31.33
CA GLU A 36 -8.40 -15.48 30.05
C GLU A 36 -7.37 -15.76 28.96
N ILE A 37 -6.37 -14.90 28.85
CA ILE A 37 -5.37 -15.04 27.80
C ILE A 37 -4.47 -16.24 28.05
N ALA A 38 -4.24 -16.61 29.31
CA ALA A 38 -3.49 -17.82 29.60
C ALA A 38 -4.24 -19.07 29.15
N ASP A 39 -5.57 -19.04 29.23
CA ASP A 39 -6.36 -20.17 28.75
C ASP A 39 -6.32 -20.27 27.23
N GLU A 40 -6.43 -19.13 26.53
CA GLU A 40 -6.41 -19.16 25.08
C GLU A 40 -5.07 -19.63 24.53
N TRP A 41 -3.97 -19.16 25.12
CA TRP A 41 -2.64 -19.60 24.68
C TRP A 41 -2.48 -21.10 24.86
N ALA A 42 -2.91 -21.64 26.00
CA ALA A 42 -2.85 -23.07 26.22
C ALA A 42 -3.74 -23.81 25.22
N ALA A 43 -4.90 -23.21 24.88
CA ALA A 43 -5.80 -23.85 23.92
C ALA A 43 -5.16 -23.97 22.54
N HIS A 44 -4.28 -23.05 22.18
CA HIS A 44 -3.57 -23.10 20.90
C HIS A 44 -2.17 -23.69 21.02
N GLY A 45 -1.81 -24.18 22.19
CA GLY A 45 -0.58 -24.94 22.33
C GLY A 45 0.68 -24.12 22.49
N ARG A 46 0.60 -22.93 23.09
CA ARG A 46 1.81 -22.19 23.37
C ARG A 46 2.65 -22.93 24.40
N LYS A 47 3.95 -23.04 24.13
CA LYS A 47 4.87 -23.76 24.98
C LYS A 47 5.55 -22.81 25.94
N ASN A 48 5.69 -23.25 27.20
CA ASN A 48 6.41 -22.47 28.19
C ASN A 48 7.90 -22.79 28.07
N ILE A 49 8.71 -22.31 29.01
CA ILE A 49 10.14 -22.58 28.96
C ILE A 49 10.45 -24.04 29.25
N PHE A 50 9.46 -24.85 29.60
CA PHE A 50 9.65 -26.27 29.81
C PHE A 50 9.20 -27.10 28.61
N GLY A 51 8.86 -26.46 27.50
CA GLY A 51 8.45 -27.18 26.30
C GLY A 51 7.04 -27.71 26.33
N LYS A 52 6.26 -27.39 27.35
CA LYS A 52 4.90 -27.87 27.51
C LYS A 52 3.93 -26.69 27.53
N THR A 53 2.65 -27.02 27.38
CA THR A 53 1.61 -26.01 27.53
C THR A 53 1.26 -25.85 29.00
N LEU A 54 0.90 -24.63 29.39
CA LEU A 54 0.49 -24.37 30.75
C LEU A 54 -0.85 -25.03 31.04
N GLN A 55 -0.95 -25.67 32.21
CA GLN A 55 -2.21 -26.27 32.65
C GLN A 55 -2.98 -25.25 33.49
N VAL A 56 -4.15 -24.86 33.00
CA VAL A 56 -5.00 -23.87 33.65
C VAL A 56 -6.15 -24.61 34.31
N ALA A 57 -6.31 -24.42 35.61
CA ALA A 57 -7.38 -25.05 36.39
C ALA A 57 -8.18 -23.98 37.09
N GLU A 58 -9.49 -23.96 36.84
CA GLU A 58 -10.38 -23.02 37.51
C GLU A 58 -10.96 -23.69 38.74
N MET A 59 -10.96 -22.98 39.86
CA MET A 59 -11.45 -23.48 41.13
C MET A 59 -12.83 -22.90 41.42
N GLN A 60 -13.37 -23.21 42.61
CA GLN A 60 -14.66 -22.69 43.02
C GLN A 60 -14.56 -21.30 43.67
N SER A 61 -13.37 -20.90 44.09
CA SER A 61 -13.15 -19.60 44.70
C SER A 61 -11.66 -19.36 44.73
N GLU A 62 -11.26 -18.14 45.12
CA GLU A 62 -9.84 -17.86 45.26
C GLU A 62 -9.25 -18.62 46.43
N ALA A 63 -10.06 -18.92 47.45
CA ALA A 63 -9.59 -19.77 48.54
C ALA A 63 -9.24 -21.16 48.00
N GLY A 64 -10.12 -21.73 47.18
CA GLY A 64 -9.80 -22.99 46.54
C GLY A 64 -8.62 -22.88 45.60
N ALA A 65 -8.52 -21.75 44.89
CA ALA A 65 -7.37 -21.54 44.01
C ALA A 65 -6.08 -21.50 44.80
N ALA A 66 -6.07 -20.79 45.93
CA ALA A 66 -4.87 -20.68 46.74
C ALA A 66 -4.44 -22.05 47.28
N GLY A 67 -5.40 -22.85 47.75
CA GLY A 67 -5.07 -24.18 48.21
C GLY A 67 -4.49 -25.06 47.11
N ALA A 68 -5.03 -24.92 45.89
CA ALA A 68 -4.49 -25.68 44.77
C ALA A 68 -3.07 -25.23 44.46
N VAL A 69 -2.79 -23.93 44.58
CA VAL A 69 -1.42 -23.44 44.42
C VAL A 69 -0.52 -24.12 45.45
N HIS A 70 -0.96 -24.14 46.71
CA HIS A 70 -0.16 -24.71 47.79
C HIS A 70 0.14 -26.18 47.54
N GLY A 71 -0.89 -26.97 47.21
CA GLY A 71 -0.67 -28.38 46.95
C GLY A 71 0.20 -28.62 45.73
N SER A 72 -0.03 -27.85 44.67
CA SER A 72 0.78 -28.01 43.47
C SER A 72 2.24 -27.68 43.74
N LEU A 73 2.50 -26.65 44.55
CA LEU A 73 3.86 -26.29 44.89
C LEU A 73 4.53 -27.35 45.75
N ALA A 74 3.83 -27.81 46.79
CA ALA A 74 4.40 -28.81 47.68
C ALA A 74 4.64 -30.15 46.99
N ALA A 75 3.96 -30.41 45.87
CA ALA A 75 4.13 -31.66 45.15
C ALA A 75 5.12 -31.56 44.00
N GLY A 76 5.64 -30.37 43.70
CA GLY A 76 6.75 -30.23 42.78
C GLY A 76 6.48 -29.60 41.43
N ALA A 77 5.45 -28.77 41.32
CA ALA A 77 5.14 -28.08 40.08
C ALA A 77 5.20 -26.57 40.32
N LEU A 78 5.90 -25.87 39.43
CA LEU A 78 5.93 -24.41 39.48
C LEU A 78 4.56 -23.88 39.14
N THR A 79 3.96 -23.14 40.07
CA THR A 79 2.56 -22.75 39.95
C THR A 79 2.42 -21.25 40.19
N THR A 80 1.51 -20.62 39.43
CA THR A 80 1.19 -19.21 39.58
C THR A 80 -0.33 -19.05 39.64
N THR A 81 -0.77 -17.82 39.86
CA THR A 81 -2.19 -17.49 39.85
C THR A 81 -2.33 -15.99 39.66
N PHE A 82 -3.55 -15.58 39.34
CA PHE A 82 -3.88 -14.17 39.10
C PHE A 82 -5.14 -13.82 39.85
N THR A 83 -5.12 -12.70 40.56
CA THR A 83 -6.26 -12.30 41.38
C THR A 83 -6.13 -10.82 41.72
N ALA A 84 -7.04 -10.34 42.56
CA ALA A 84 -7.06 -8.95 42.99
C ALA A 84 -8.14 -8.79 44.04
N SER A 85 -8.03 -7.72 44.84
CA SER A 85 -9.12 -7.17 45.66
C SER A 85 -9.71 -8.27 46.54
N GLN A 86 -11.03 -8.48 46.53
CA GLN A 86 -11.66 -9.48 47.39
C GLN A 86 -11.06 -10.87 47.17
N GLY A 87 -10.57 -11.14 45.97
CA GLY A 87 -9.93 -12.43 45.72
C GLY A 87 -8.65 -12.61 46.50
N LEU A 88 -7.82 -11.56 46.57
CA LEU A 88 -6.58 -11.64 47.33
C LEU A 88 -6.84 -11.85 48.82
N LEU A 89 -7.92 -11.27 49.35
CA LEU A 89 -8.25 -11.48 50.76
C LEU A 89 -8.48 -12.95 51.06
N LEU A 90 -9.22 -13.64 50.20
CA LEU A 90 -9.48 -15.06 50.41
C LEU A 90 -8.23 -15.92 50.29
N MET A 91 -7.18 -15.42 49.63
CA MET A 91 -5.94 -16.17 49.53
C MET A 91 -5.00 -15.93 50.69
N ILE A 92 -5.28 -14.93 51.53
CA ILE A 92 -4.39 -14.61 52.65
C ILE A 92 -4.11 -15.80 53.55
N PRO A 93 -5.10 -16.60 53.97
CA PRO A 93 -4.78 -17.78 54.79
C PRO A 93 -3.74 -18.70 54.17
N ASN A 94 -3.85 -18.99 52.87
CA ASN A 94 -2.88 -19.86 52.23
C ASN A 94 -1.54 -19.17 52.01
N MET A 95 -1.55 -17.83 51.89
CA MET A 95 -0.29 -17.12 51.68
C MET A 95 0.65 -17.29 52.86
N TYR A 96 0.11 -17.29 54.09
CA TYR A 96 0.92 -17.57 55.26
C TYR A 96 1.57 -18.94 55.16
N LYS A 97 0.83 -19.93 54.63
CA LYS A 97 1.38 -21.27 54.51
C LYS A 97 2.43 -21.35 53.41
N ILE A 98 2.14 -20.78 52.24
CA ILE A 98 3.07 -20.84 51.13
C ILE A 98 4.36 -20.12 51.48
N ALA A 99 4.26 -18.96 52.11
CA ALA A 99 5.47 -18.26 52.55
C ALA A 99 6.16 -19.01 53.69
N GLY A 100 5.38 -19.53 54.64
CA GLY A 100 5.96 -20.21 55.79
C GLY A 100 6.76 -21.45 55.42
N GLU A 101 6.35 -22.12 54.34
CA GLU A 101 7.01 -23.32 53.85
C GLU A 101 8.08 -23.01 52.81
N LEU A 102 8.35 -21.73 52.54
CA LEU A 102 9.38 -21.32 51.58
C LEU A 102 9.19 -21.97 50.22
N LEU A 103 8.05 -21.69 49.60
CA LEU A 103 7.75 -22.23 48.29
C LEU A 103 7.88 -21.16 47.23
N PRO A 104 8.63 -21.42 46.15
CA PRO A 104 8.71 -20.45 45.05
C PRO A 104 7.36 -20.31 44.37
N CYS A 105 6.95 -19.06 44.14
CA CYS A 105 5.61 -18.78 43.65
C CYS A 105 5.54 -17.30 43.31
N VAL A 106 4.67 -16.96 42.35
CA VAL A 106 4.39 -15.57 42.00
C VAL A 106 2.88 -15.41 41.86
N PHE A 107 2.29 -14.55 42.69
CA PHE A 107 0.92 -14.11 42.51
C PHE A 107 0.95 -12.81 41.72
N HIS A 108 0.21 -12.76 40.61
CA HIS A 108 0.08 -11.55 39.83
C HIS A 108 -1.24 -10.86 40.17
N VAL A 109 -1.14 -9.64 40.67
CA VAL A 109 -2.28 -8.92 41.23
C VAL A 109 -2.45 -7.62 40.46
N ALA A 110 -3.63 -7.41 39.90
CA ALA A 110 -4.03 -6.12 39.34
C ALA A 110 -4.70 -5.36 40.48
N ALA A 111 -3.89 -4.65 41.25
CA ALA A 111 -4.31 -4.09 42.54
C ALA A 111 -5.60 -3.29 42.42
N ARG A 112 -6.59 -3.66 43.23
CA ARG A 112 -7.93 -3.08 43.18
C ARG A 112 -8.44 -2.83 44.59
N ALA A 113 -9.26 -1.80 44.74
CA ALA A 113 -9.80 -1.42 46.05
C ALA A 113 -10.60 -2.56 46.65
N LEU A 114 -10.69 -2.55 47.99
CA LEU A 114 -11.50 -3.48 48.74
C LEU A 114 -12.87 -2.89 49.02
N SER A 115 -13.86 -3.78 49.16
CA SER A 115 -15.23 -3.38 49.42
C SER A 115 -15.36 -2.94 50.88
N THR A 116 -15.66 -1.64 51.09
CA THR A 116 -15.75 -1.09 52.42
C THR A 116 -17.16 -0.54 52.59
N HIS A 117 -17.34 0.79 52.58
CA HIS A 117 -18.67 1.37 52.52
C HIS A 117 -19.35 1.07 51.21
N ALA A 118 -18.59 0.66 50.20
CA ALA A 118 -19.11 0.37 48.87
C ALA A 118 -18.09 -0.49 48.13
N LEU A 119 -18.56 -1.20 47.12
CA LEU A 119 -17.69 -1.94 46.23
C LEU A 119 -17.05 -1.00 45.22
N SER A 120 -15.82 -1.33 44.85
CA SER A 120 -15.12 -0.61 43.79
C SER A 120 -14.27 -1.62 43.04
N ILE A 121 -14.51 -1.75 41.73
CA ILE A 121 -13.69 -2.62 40.89
C ILE A 121 -12.41 -1.94 40.46
N PHE A 122 -12.18 -0.71 40.89
CA PHE A 122 -11.10 0.11 40.37
C PHE A 122 -9.86 0.02 41.28
N GLY A 123 -8.79 0.68 40.84
CA GLY A 123 -7.46 0.38 41.34
C GLY A 123 -7.02 1.20 42.52
N ASP A 124 -6.48 0.51 43.53
CA ASP A 124 -5.62 1.08 44.54
C ASP A 124 -4.90 -0.08 45.22
N HIS A 125 -4.11 0.22 46.24
CA HIS A 125 -3.28 -0.78 46.87
C HIS A 125 -3.92 -1.41 48.11
N ALA A 126 -5.22 -1.20 48.33
CA ALA A 126 -5.84 -1.73 49.54
C ALA A 126 -5.69 -3.24 49.63
N ASP A 127 -5.83 -3.94 48.50
CA ASP A 127 -5.74 -5.40 48.52
C ASP A 127 -4.32 -5.86 48.85
N VAL A 128 -3.33 -5.28 48.18
CA VAL A 128 -1.95 -5.71 48.40
C VAL A 128 -1.52 -5.41 49.83
N MET A 129 -1.92 -4.25 50.36
CA MET A 129 -1.56 -3.88 51.73
C MET A 129 -2.18 -4.80 52.76
N ALA A 130 -3.32 -5.41 52.44
CA ALA A 130 -3.96 -6.32 53.40
C ALA A 130 -3.20 -7.61 53.61
N ALA A 131 -2.23 -7.91 52.75
CA ALA A 131 -1.42 -9.11 52.87
C ALA A 131 0.06 -8.83 53.14
N ARG A 132 0.41 -7.59 53.48
CA ARG A 132 1.82 -7.23 53.62
C ARG A 132 2.50 -7.93 54.79
N GLN A 133 1.75 -8.62 55.64
CA GLN A 133 2.33 -9.29 56.80
C GLN A 133 2.36 -10.81 56.64
N THR A 134 2.01 -11.31 55.45
CA THR A 134 1.97 -12.75 55.22
C THR A 134 3.35 -13.37 55.03
N GLY A 135 4.37 -12.56 54.78
CA GLY A 135 5.69 -13.05 54.48
C GLY A 135 5.99 -13.17 53.00
N PHE A 136 5.04 -12.83 52.13
CA PHE A 136 5.34 -12.77 50.71
C PHE A 136 6.20 -11.55 50.42
N ALA A 137 7.08 -11.70 49.43
CA ALA A 137 7.73 -10.52 48.89
C ALA A 137 6.72 -9.75 48.05
N MET A 138 6.99 -8.46 47.87
CA MET A 138 6.06 -7.59 47.14
C MET A 138 6.84 -6.69 46.19
N LEU A 139 6.53 -6.80 44.90
CA LEU A 139 7.23 -6.10 43.84
C LEU A 139 6.22 -5.28 43.03
N SER A 140 6.52 -3.99 42.83
CA SER A 140 5.59 -3.07 42.21
C SER A 140 6.07 -2.66 40.82
N SER A 141 5.17 -2.71 39.85
CA SER A 141 5.43 -2.30 38.48
C SER A 141 4.68 -0.99 38.24
N ALA A 142 5.36 -0.03 37.62
CA ALA A 142 4.79 1.31 37.45
C ALA A 142 4.20 1.55 36.07
N SER A 143 4.54 0.72 35.08
CA SER A 143 4.05 0.90 33.73
C SER A 143 3.86 -0.47 33.10
N VAL A 144 3.27 -0.49 31.91
CA VAL A 144 3.11 -1.74 31.19
C VAL A 144 4.46 -2.36 30.87
N GLN A 145 5.44 -1.53 30.53
CA GLN A 145 6.78 -2.03 30.28
C GLN A 145 7.39 -2.63 31.54
N GLU A 146 7.12 -2.03 32.70
CA GLU A 146 7.64 -2.57 33.96
C GLU A 146 6.92 -3.85 34.36
N VAL A 147 5.65 -3.99 34.00
CA VAL A 147 4.95 -5.25 34.25
C VAL A 147 5.67 -6.39 33.53
N MET A 148 6.02 -6.17 32.27
CA MET A 148 6.78 -7.18 31.52
C MET A 148 8.09 -7.50 32.23
N ASP A 149 8.83 -6.46 32.62
CA ASP A 149 10.16 -6.68 33.19
C ASP A 149 10.07 -7.26 34.60
N LEU A 150 9.25 -6.64 35.46
CA LEU A 150 9.25 -7.03 36.87
C LEU A 150 8.56 -8.35 37.11
N ALA A 151 7.62 -8.74 36.24
CA ALA A 151 7.10 -10.11 36.30
C ALA A 151 8.21 -11.11 36.08
N LEU A 152 9.11 -10.83 35.13
CA LEU A 152 10.27 -11.69 34.94
C LEU A 152 11.19 -11.64 36.16
N VAL A 153 11.36 -10.45 36.75
CA VAL A 153 12.19 -10.33 37.94
C VAL A 153 11.61 -11.17 39.07
N ALA A 154 10.28 -11.15 39.24
CA ALA A 154 9.64 -11.92 40.31
C ALA A 154 9.85 -13.42 40.12
N HIS A 155 9.60 -13.92 38.90
CA HIS A 155 9.68 -15.36 38.64
C HIS A 155 11.11 -15.88 38.79
N LEU A 156 12.11 -15.08 38.42
CA LEU A 156 13.50 -15.48 38.57
C LEU A 156 13.95 -15.40 40.01
N ALA A 157 13.52 -14.37 40.74
CA ALA A 157 13.97 -14.19 42.11
C ALA A 157 13.36 -15.24 43.05
N THR A 158 12.10 -15.61 42.82
CA THR A 158 11.45 -16.53 43.74
C THR A 158 12.10 -17.92 43.73
N LEU A 159 12.60 -18.37 42.59
CA LEU A 159 13.29 -19.66 42.56
C LEU A 159 14.58 -19.60 43.37
N LYS A 160 15.29 -18.47 43.30
CA LYS A 160 16.55 -18.35 44.02
C LYS A 160 16.34 -18.11 45.51
N ALA A 161 15.35 -17.31 45.88
CA ALA A 161 15.20 -16.92 47.28
C ALA A 161 14.33 -17.87 48.08
N ARG A 162 13.53 -18.71 47.43
CA ARG A 162 12.52 -19.56 48.06
C ARG A 162 11.42 -18.75 48.75
N VAL A 163 11.40 -17.44 48.59
CA VAL A 163 10.39 -16.58 49.17
C VAL A 163 9.37 -16.29 48.08
N PRO A 164 8.09 -16.57 48.28
CA PRO A 164 7.10 -16.30 47.23
C PRO A 164 6.89 -14.81 47.06
N PHE A 165 6.48 -14.43 45.84
CA PHE A 165 6.37 -13.03 45.47
C PHE A 165 4.92 -12.68 45.13
N VAL A 166 4.52 -11.47 45.52
CA VAL A 166 3.32 -10.82 44.99
C VAL A 166 3.82 -9.75 44.03
N HIS A 167 3.58 -9.94 42.74
CA HIS A 167 3.88 -8.94 41.73
C HIS A 167 2.59 -8.22 41.41
N PHE A 168 2.51 -6.94 41.77
CA PHE A 168 1.26 -6.19 41.64
C PHE A 168 1.46 -4.92 40.83
N PHE A 169 0.43 -4.57 40.08
CA PHE A 169 0.39 -3.35 39.29
C PHE A 169 -1.01 -2.75 39.40
N ASP A 170 -1.08 -1.42 39.24
CA ASP A 170 -2.30 -0.69 39.55
C ASP A 170 -3.45 -1.15 38.65
N GLY A 171 -4.57 -1.51 39.27
CA GLY A 171 -5.71 -1.98 38.52
C GLY A 171 -6.24 -0.92 37.57
N PHE A 172 -6.56 -1.34 36.35
CA PHE A 172 -7.02 -0.47 35.28
C PHE A 172 -5.96 0.54 34.83
N ARG A 173 -5.48 1.38 35.75
CA ARG A 173 -4.52 2.42 35.37
C ARG A 173 -3.30 1.83 34.67
N THR A 174 -2.95 0.59 34.98
CA THR A 174 -1.89 -0.12 34.27
C THR A 174 -2.34 -1.45 33.68
N SER A 175 -3.22 -2.17 34.37
CA SER A 175 -3.64 -3.48 33.89
C SER A 175 -4.41 -3.39 32.57
N HIS A 176 -5.15 -2.29 32.37
CA HIS A 176 -5.92 -2.10 31.16
C HIS A 176 -5.40 -0.99 30.26
N GLU A 177 -4.26 -0.38 30.61
CA GLU A 177 -3.64 0.62 29.74
C GLU A 177 -2.83 -0.07 28.65
N VAL A 178 -3.11 0.27 27.40
CA VAL A 178 -2.39 -0.30 26.26
C VAL A 178 -1.19 0.57 25.95
N GLN A 179 -0.02 -0.05 25.79
CA GLN A 179 1.21 0.64 25.47
C GLN A 179 2.06 -0.22 24.55
N LYS A 180 2.84 0.43 23.70
CA LYS A 180 3.84 -0.26 22.90
C LYS A 180 5.07 -0.46 23.77
N ILE A 181 5.45 -1.71 24.00
CA ILE A 181 6.56 -2.06 24.89
C ILE A 181 7.47 -3.07 24.18
N ASP A 182 8.67 -3.24 24.73
CA ASP A 182 9.56 -4.30 24.31
C ASP A 182 9.15 -5.58 25.04
N VAL A 183 8.78 -6.60 24.27
CA VAL A 183 8.35 -7.87 24.83
C VAL A 183 9.56 -8.80 24.90
N ILE A 184 9.75 -9.46 26.02
CA ILE A 184 10.89 -10.33 26.25
C ILE A 184 10.56 -11.72 25.72
N GLU A 185 11.46 -12.26 24.89
CA GLU A 185 11.25 -13.58 24.31
C GLU A 185 11.40 -14.67 25.36
N TYR A 186 10.61 -15.74 25.21
CA TYR A 186 10.71 -16.86 26.12
C TYR A 186 12.10 -17.48 26.10
N GLU A 187 12.70 -17.57 24.91
CA GLU A 187 14.04 -18.14 24.79
C GLU A 187 15.06 -17.34 25.59
N ASP A 188 14.87 -16.02 25.67
CA ASP A 188 15.77 -15.21 26.49
C ASP A 188 15.49 -15.41 27.98
N MET A 189 14.22 -15.64 28.34
CA MET A 189 13.90 -15.92 29.74
C MET A 189 14.58 -17.22 30.21
N ALA A 190 14.51 -18.26 29.38
CA ALA A 190 15.10 -19.54 29.77
C ALA A 190 16.60 -19.44 29.98
N LYS A 191 17.27 -18.50 29.31
CA LYS A 191 18.71 -18.34 29.49
C LYS A 191 19.07 -17.68 30.81
N LEU A 192 18.10 -17.10 31.52
CA LEU A 192 18.35 -16.46 32.81
C LEU A 192 17.86 -17.30 33.98
N VAL A 193 17.10 -18.36 33.73
CA VAL A 193 16.55 -19.17 34.81
C VAL A 193 17.66 -19.93 35.51
N ASP A 194 17.59 -19.99 36.84
CA ASP A 194 18.47 -20.80 37.65
C ASP A 194 17.91 -22.22 37.63
N TRP A 195 18.39 -23.02 36.69
CA TRP A 195 17.88 -24.38 36.56
C TRP A 195 18.28 -25.24 37.75
N ASP A 196 19.44 -24.99 38.35
CA ASP A 196 19.80 -25.68 39.59
C ASP A 196 18.78 -25.41 40.68
N ALA A 197 18.28 -24.16 40.75
CA ALA A 197 17.27 -23.84 41.74
C ALA A 197 15.97 -24.59 41.48
N ILE A 198 15.62 -24.80 40.21
CA ILE A 198 14.39 -25.53 39.90
C ILE A 198 14.51 -26.98 40.32
N ARG A 199 15.65 -27.62 40.01
CA ARG A 199 15.83 -29.02 40.37
C ARG A 199 15.83 -29.23 41.88
N ALA A 200 16.37 -28.28 42.63
CA ALA A 200 16.29 -28.36 44.08
C ALA A 200 14.85 -28.29 44.56
N PHE A 201 14.04 -27.47 43.89
CA PHE A 201 12.62 -27.38 44.23
C PHE A 201 11.89 -28.69 43.98
N ARG A 202 12.30 -29.44 42.96
CA ARG A 202 11.65 -30.72 42.68
C ARG A 202 11.97 -31.74 43.76
N GLN A 203 13.19 -31.68 44.31
CA GLN A 203 13.61 -32.67 45.29
C GLN A 203 12.88 -32.51 46.61
N ARG A 204 12.43 -31.30 46.92
CA ARG A 204 11.66 -31.01 48.12
C ARG A 204 10.20 -31.38 47.99
N ALA A 205 9.78 -31.90 46.84
CA ALA A 205 8.38 -32.20 46.60
C ALA A 205 7.95 -33.39 47.44
N LEU A 206 6.66 -33.44 47.74
CA LEU A 206 6.10 -34.63 48.38
C LEU A 206 6.22 -35.80 47.42
N ASN A 207 6.88 -36.87 47.87
CA ASN A 207 7.07 -38.03 47.02
C ASN A 207 7.22 -39.25 47.91
N PRO A 208 6.48 -40.34 47.65
CA PRO A 208 6.57 -41.52 48.53
C PRO A 208 7.91 -42.23 48.50
N GLU A 209 8.76 -41.97 47.51
CA GLU A 209 10.07 -42.62 47.46
C GLU A 209 11.13 -41.87 48.26
N HIS A 210 10.88 -40.62 48.64
CA HIS A 210 11.70 -39.91 49.61
C HIS A 210 10.78 -39.02 50.45
N PRO A 211 9.98 -39.62 51.32
CA PRO A 211 8.88 -38.88 51.94
C PRO A 211 9.34 -37.99 53.08
N HIS A 212 8.49 -37.03 53.41
CA HIS A 212 8.71 -36.12 54.51
C HIS A 212 7.35 -35.63 55.01
N GLN A 213 7.37 -34.96 56.15
CA GLN A 213 6.17 -34.41 56.76
C GLN A 213 6.31 -32.90 56.86
N ARG A 214 5.28 -32.18 56.44
CA ARG A 214 5.29 -30.73 56.46
C ARG A 214 3.96 -30.23 56.97
N GLY A 215 3.97 -29.03 57.54
CA GLY A 215 2.74 -28.46 58.09
C GLY A 215 2.29 -29.08 59.40
N THR A 216 3.23 -29.39 60.29
CA THR A 216 2.88 -30.01 61.56
C THR A 216 2.22 -28.99 62.48
N ALA A 217 1.73 -29.47 63.62
CA ALA A 217 1.25 -28.62 64.69
C ALA A 217 2.31 -28.60 65.79
N GLN A 218 2.62 -27.41 66.30
CA GLN A 218 3.75 -27.23 67.20
C GLN A 218 3.30 -26.60 68.51
N ASN A 219 3.90 -27.04 69.59
CA ASN A 219 3.65 -26.51 70.93
C ASN A 219 4.52 -25.29 71.18
N PRO A 220 4.32 -24.58 72.28
CA PRO A 220 5.13 -23.38 72.55
C PRO A 220 6.62 -23.62 72.68
N ASP A 221 7.07 -24.88 72.87
CA ASP A 221 8.48 -25.10 73.14
C ASP A 221 9.36 -24.85 71.91
N ILE A 222 8.81 -25.01 70.71
CA ILE A 222 9.64 -24.98 69.50
C ILE A 222 9.07 -24.07 68.42
N TYR A 223 7.85 -23.55 68.63
CA TYR A 223 7.20 -22.78 67.57
C TYR A 223 7.93 -21.47 67.28
N PHE A 224 8.28 -20.73 68.33
CA PHE A 224 8.96 -19.45 68.15
C PHE A 224 10.29 -19.65 67.43
N GLN A 225 11.13 -20.57 67.92
CA GLN A 225 12.42 -20.82 67.28
C GLN A 225 12.22 -21.22 65.83
N SER A 226 11.27 -22.12 65.56
CA SER A 226 11.06 -22.60 64.20
C SER A 226 10.62 -21.48 63.28
N ARG A 227 9.89 -20.49 63.81
CA ARG A 227 9.44 -19.38 62.99
C ARG A 227 10.59 -18.45 62.64
N GLU A 228 11.57 -18.30 63.52
CA GLU A 228 12.74 -17.46 63.25
C GLU A 228 13.77 -18.17 62.39
N ALA A 229 13.61 -19.47 62.15
CA ALA A 229 14.61 -20.21 61.37
C ALA A 229 14.63 -19.79 59.91
N ALA A 230 13.58 -19.11 59.44
CA ALA A 230 13.53 -18.64 58.06
C ALA A 230 14.18 -17.28 57.89
N ASN A 231 14.72 -16.70 58.96
CA ASN A 231 15.37 -15.39 58.88
C ASN A 231 16.43 -15.26 57.79
N PRO A 232 17.34 -16.20 57.58
CA PRO A 232 18.33 -16.01 56.50
C PRO A 232 17.69 -15.83 55.13
N TYR A 233 16.59 -16.52 54.86
CA TYR A 233 15.98 -16.45 53.55
C TYR A 233 15.41 -15.05 53.28
N TYR A 234 14.85 -14.41 54.30
CA TYR A 234 14.37 -13.04 54.10
C TYR A 234 15.51 -12.04 54.08
N LEU A 235 16.57 -12.29 54.84
CA LEU A 235 17.73 -11.39 54.80
C LEU A 235 18.43 -11.42 53.45
N ALA A 236 18.39 -12.57 52.77
CA ALA A 236 19.08 -12.71 51.49
C ALA A 236 18.24 -12.27 50.30
N THR A 237 16.93 -12.11 50.47
CA THR A 237 16.07 -11.76 49.34
C THR A 237 16.40 -10.42 48.69
N PRO A 238 16.66 -9.32 49.42
CA PRO A 238 17.00 -8.07 48.74
C PRO A 238 18.17 -8.18 47.78
N GLY A 239 19.27 -8.80 48.21
CA GLY A 239 20.39 -8.98 47.31
C GLY A 239 20.09 -9.91 46.14
N ILE A 240 19.23 -10.92 46.38
CA ILE A 240 18.85 -11.83 45.31
C ILE A 240 18.04 -11.09 44.25
N VAL A 241 17.07 -10.30 44.67
CA VAL A 241 16.29 -9.51 43.72
C VAL A 241 17.21 -8.54 42.98
N ALA A 242 18.16 -7.93 43.71
CA ALA A 242 19.07 -6.98 43.09
C ALA A 242 19.89 -7.63 42.00
N GLN A 243 20.38 -8.85 42.27
CA GLN A 243 21.18 -9.55 41.26
C GLN A 243 20.33 -9.96 40.07
N VAL A 244 19.08 -10.36 40.31
CA VAL A 244 18.17 -10.69 39.21
C VAL A 244 17.91 -9.45 38.36
N MET A 245 17.73 -8.29 39.01
CA MET A 245 17.52 -7.07 38.25
C MET A 245 18.71 -6.75 37.35
N GLU A 246 19.93 -7.14 37.77
CA GLU A 246 21.09 -6.95 36.90
C GLU A 246 21.08 -7.92 35.72
N GLN A 247 20.56 -9.14 35.94
CA GLN A 247 20.40 -10.08 34.82
C GLN A 247 19.45 -9.51 33.78
N VAL A 248 18.29 -9.03 34.22
CA VAL A 248 17.34 -8.42 33.29
C VAL A 248 17.94 -7.17 32.66
N ALA A 249 18.72 -6.42 33.44
CA ALA A 249 19.34 -5.20 32.91
C ALA A 249 20.25 -5.49 31.74
N GLY A 250 21.11 -6.51 31.86
CA GLY A 250 22.00 -6.83 30.76
C GLY A 250 21.27 -7.31 29.53
N LEU A 251 20.11 -7.95 29.71
CA LEU A 251 19.37 -8.46 28.57
C LEU A 251 18.59 -7.35 27.87
N THR A 252 17.92 -6.50 28.65
CA THR A 252 17.00 -5.52 28.10
C THR A 252 17.58 -4.12 28.05
N GLY A 253 18.64 -3.83 28.80
CA GLY A 253 19.18 -2.50 28.88
C GLY A 253 18.46 -1.60 29.85
N ARG A 254 17.36 -2.07 30.44
CA ARG A 254 16.55 -1.29 31.36
C ARG A 254 16.92 -1.68 32.79
N HIS A 255 17.35 -0.70 33.58
CA HIS A 255 17.96 -0.92 34.87
C HIS A 255 16.96 -0.65 35.98
N TYR A 256 16.62 -1.68 36.74
CA TYR A 256 15.79 -1.56 37.91
C TYR A 256 16.63 -1.79 39.16
N HIS A 257 16.21 -1.18 40.25
CA HIS A 257 16.82 -1.37 41.55
C HIS A 257 15.71 -1.54 42.58
N LEU A 258 16.09 -1.99 43.78
CA LEU A 258 15.10 -2.15 44.84
C LEU A 258 14.36 -0.85 45.09
N PHE A 259 15.08 0.27 45.08
CA PHE A 259 14.51 1.61 45.09
C PHE A 259 15.25 2.40 44.02
N ASP A 260 14.51 3.08 43.16
CA ASP A 260 15.09 3.88 42.09
C ASP A 260 14.87 5.36 42.37
N TYR A 261 15.87 6.17 42.01
CA TYR A 261 15.79 7.60 42.21
C TYR A 261 15.77 8.32 40.86
N ALA A 262 15.01 9.40 40.80
CA ALA A 262 14.94 10.25 39.63
C ALA A 262 14.73 11.67 40.14
N GLY A 263 15.46 12.61 39.56
CA GLY A 263 15.31 14.01 39.91
C GLY A 263 16.65 14.64 40.17
N ALA A 264 16.61 15.83 40.76
CA ALA A 264 17.83 16.60 40.98
C ALA A 264 18.76 15.86 41.93
N PRO A 265 20.05 15.80 41.63
CA PRO A 265 20.98 15.15 42.56
C PRO A 265 21.13 15.91 43.87
N ASP A 266 20.84 17.20 43.88
CA ASP A 266 20.88 18.04 45.08
C ASP A 266 19.46 18.40 45.54
N ALA A 267 18.51 17.49 45.32
CA ALA A 267 17.12 17.77 45.65
C ALA A 267 16.94 17.91 47.15
N GLU A 268 16.00 18.79 47.53
CA GLU A 268 15.63 18.98 48.92
C GLU A 268 14.23 18.47 49.25
N ARG A 269 13.37 18.34 48.25
CA ARG A 269 12.03 17.80 48.43
C ARG A 269 11.89 16.55 47.57
N VAL A 270 11.59 15.42 48.19
CA VAL A 270 11.53 14.14 47.50
C VAL A 270 10.22 13.45 47.87
N ILE A 271 9.57 12.88 46.86
CA ILE A 271 8.35 12.08 47.05
C ILE A 271 8.74 10.61 46.96
N VAL A 272 8.27 9.82 47.92
CA VAL A 272 8.43 8.38 47.91
C VAL A 272 7.07 7.78 47.55
N SER A 273 7.03 6.95 46.52
CA SER A 273 5.76 6.43 46.04
C SER A 273 5.99 5.06 45.42
N MET A 274 4.90 4.48 44.92
CA MET A 274 4.87 3.10 44.49
C MET A 274 3.79 2.93 43.45
N GLY A 275 4.06 2.08 42.45
CA GLY A 275 3.09 1.84 41.41
C GLY A 275 3.11 2.91 40.32
N SER A 276 1.99 2.97 39.60
CA SER A 276 1.89 3.85 38.44
C SER A 276 2.05 5.32 38.77
N SER A 277 1.86 5.70 40.03
CA SER A 277 2.06 7.09 40.41
C SER A 277 3.49 7.55 40.13
N CYS A 278 4.44 6.61 40.16
CA CYS A 278 5.84 6.95 39.91
C CYS A 278 6.06 7.48 38.50
N GLU A 279 5.29 6.98 37.53
CA GLU A 279 5.38 7.54 36.17
C GLU A 279 4.93 9.00 36.15
N VAL A 280 3.78 9.28 36.77
CA VAL A 280 3.26 10.64 36.81
C VAL A 280 4.22 11.56 37.56
N ILE A 281 4.83 11.05 38.63
CA ILE A 281 5.70 11.90 39.43
C ILE A 281 6.99 12.22 38.69
N GLU A 282 7.56 11.22 38.00
CA GLU A 282 8.79 11.46 37.25
C GLU A 282 8.59 12.45 36.12
N GLU A 283 7.45 12.35 35.41
CA GLU A 283 7.16 13.32 34.37
C GLU A 283 7.11 14.73 34.95
N THR A 284 6.48 14.89 36.12
CA THR A 284 6.42 16.19 36.77
C THR A 284 7.79 16.62 37.26
N VAL A 285 8.58 15.68 37.78
CA VAL A 285 9.91 15.99 38.28
C VAL A 285 10.79 16.52 37.14
N ASN A 286 10.73 15.89 35.98
CA ASN A 286 11.45 16.40 34.81
C ASN A 286 11.04 17.85 34.52
N TYR A 287 9.74 18.13 34.58
CA TYR A 287 9.23 19.47 34.30
C TYR A 287 9.70 20.48 35.34
N LEU A 288 9.68 20.08 36.62
CA LEU A 288 10.06 21.00 37.68
C LEU A 288 11.57 21.20 37.75
N VAL A 289 12.35 20.12 37.57
CA VAL A 289 13.80 20.23 37.65
C VAL A 289 14.33 21.15 36.58
N GLU A 290 13.78 21.05 35.36
CA GLU A 290 14.20 21.94 34.28
C GLU A 290 13.87 23.39 34.60
N LYS A 291 12.78 23.62 35.34
CA LYS A 291 12.43 24.96 35.76
C LYS A 291 13.21 25.41 36.99
N GLY A 292 14.12 24.57 37.49
CA GLY A 292 15.05 24.94 38.52
C GLY A 292 14.72 24.44 39.92
N GLU A 293 13.56 23.81 40.11
CA GLU A 293 13.20 23.34 41.44
C GLU A 293 14.05 22.12 41.80
N LYS A 294 14.51 22.08 43.05
CA LYS A 294 15.35 20.99 43.53
C LYS A 294 14.47 19.91 44.15
N VAL A 295 13.87 19.10 43.27
CA VAL A 295 12.96 18.04 43.67
C VAL A 295 13.41 16.72 43.07
N GLY A 296 12.94 15.63 43.67
CA GLY A 296 13.31 14.30 43.25
C GLY A 296 12.20 13.32 43.59
N LEU A 297 12.43 12.06 43.24
CA LEU A 297 11.44 11.01 43.42
C LEU A 297 12.15 9.70 43.72
N ILE A 298 11.66 8.97 44.72
CA ILE A 298 12.14 7.62 45.00
C ILE A 298 11.00 6.66 44.68
N LYS A 299 11.24 5.78 43.70
CA LYS A 299 10.28 4.75 43.32
C LYS A 299 10.56 3.50 44.14
N VAL A 300 9.52 2.99 44.80
CA VAL A 300 9.61 1.75 45.55
C VAL A 300 9.26 0.59 44.61
N ARG A 301 10.24 -0.27 44.35
CA ARG A 301 9.99 -1.48 43.56
C ARG A 301 9.76 -2.69 44.46
N LEU A 302 10.72 -3.01 45.30
CA LEU A 302 10.58 -4.11 46.25
C LEU A 302 10.08 -3.53 47.57
N PHE A 303 8.77 -3.63 47.80
CA PHE A 303 8.18 -3.11 49.02
C PHE A 303 8.45 -4.03 50.22
N ARG A 304 8.40 -5.34 50.00
CA ARG A 304 8.71 -6.32 51.02
C ARG A 304 9.61 -7.36 50.35
N PRO A 305 10.71 -7.77 50.99
CA PRO A 305 11.24 -7.21 52.25
C PRO A 305 11.80 -5.82 52.06
N PHE A 306 11.58 -4.95 53.04
CA PHE A 306 12.05 -3.57 52.94
C PHE A 306 13.52 -3.51 53.31
N SER A 307 14.37 -3.22 52.33
CA SER A 307 15.81 -3.20 52.54
C SER A 307 16.23 -1.76 52.87
N ALA A 308 16.61 -1.55 54.13
CA ALA A 308 17.06 -0.21 54.53
C ALA A 308 18.29 0.21 53.74
N GLU A 309 19.20 -0.73 53.49
CA GLU A 309 20.44 -0.42 52.78
C GLU A 309 20.17 0.09 51.37
N HIS A 310 19.26 -0.57 50.64
CA HIS A 310 18.96 -0.17 49.28
C HIS A 310 18.12 1.11 49.21
N PHE A 311 17.38 1.43 50.26
CA PHE A 311 16.62 2.66 50.28
C PHE A 311 17.55 3.86 50.50
N LEU A 312 18.40 3.78 51.52
CA LEU A 312 19.31 4.89 51.81
C LEU A 312 20.36 5.06 50.72
N LYS A 313 20.63 4.01 49.93
CA LYS A 313 21.64 4.10 48.89
C LYS A 313 21.28 5.14 47.83
N VAL A 314 19.99 5.35 47.57
CA VAL A 314 19.54 6.24 46.52
C VAL A 314 18.92 7.52 47.07
N LEU A 315 19.02 7.76 48.38
CA LEU A 315 18.48 8.98 48.96
C LEU A 315 19.57 10.03 48.98
N PRO A 316 19.45 11.13 48.24
CA PRO A 316 20.49 12.15 48.24
C PRO A 316 20.69 12.73 49.64
N ALA A 317 21.95 13.06 49.95
CA ALA A 317 22.27 13.61 51.26
C ALA A 317 21.66 15.00 51.45
N SER A 318 21.23 15.65 50.39
CA SER A 318 20.67 16.99 50.47
C SER A 318 19.19 16.99 50.80
N VAL A 319 18.57 15.82 50.97
CA VAL A 319 17.13 15.76 51.19
C VAL A 319 16.80 16.29 52.57
N LYS A 320 15.89 17.26 52.65
CA LYS A 320 15.42 17.81 53.91
C LYS A 320 13.97 17.49 54.22
N ARG A 321 13.13 17.29 53.21
CA ARG A 321 11.72 17.04 53.44
C ARG A 321 11.23 15.98 52.45
N ILE A 322 10.43 15.05 52.94
CA ILE A 322 9.95 13.93 52.15
C ILE A 322 8.44 13.82 52.29
N ALA A 323 7.75 13.63 51.18
CA ALA A 323 6.33 13.34 51.16
C ALA A 323 6.13 11.92 50.66
N VAL A 324 5.48 11.10 51.46
CA VAL A 324 5.20 9.72 51.09
C VAL A 324 3.75 9.64 50.63
N LEU A 325 3.52 8.97 49.50
CA LEU A 325 2.19 8.83 48.94
C LEU A 325 1.77 7.37 49.01
N ASP A 326 0.64 7.11 49.66
CA ASP A 326 0.08 5.77 49.79
C ASP A 326 -1.23 5.70 49.02
N ARG A 327 -1.36 4.66 48.19
CA ARG A 327 -2.59 4.44 47.44
C ARG A 327 -3.54 3.51 48.18
N THR A 328 -3.75 3.83 49.46
CA THR A 328 -4.64 3.06 50.30
C THR A 328 -5.07 3.94 51.46
N LYS A 329 -6.00 3.43 52.25
CA LYS A 329 -6.44 4.09 53.47
C LYS A 329 -6.62 3.05 54.55
N GLU A 330 -6.00 3.28 55.71
CA GLU A 330 -6.18 2.43 56.88
C GLU A 330 -6.83 3.26 57.98
N PRO A 331 -8.16 3.22 58.10
CA PRO A 331 -8.85 4.16 58.99
C PRO A 331 -8.41 3.99 60.43
N GLY A 332 -8.17 5.13 61.09
CA GLY A 332 -7.73 5.14 62.47
C GLY A 332 -6.26 4.88 62.67
N SER A 333 -5.56 4.36 61.67
CA SER A 333 -4.14 4.13 61.80
C SER A 333 -3.39 5.46 61.89
N LEU A 334 -2.21 5.40 62.49
CA LEU A 334 -1.40 6.61 62.64
C LEU A 334 -0.98 7.14 61.27
N GLY A 335 -0.68 6.24 60.35
CA GLY A 335 -0.34 6.59 58.98
C GLY A 335 -0.47 5.35 58.13
N GLU A 336 -0.41 5.57 56.82
CA GLU A 336 -0.54 4.47 55.89
C GLU A 336 0.79 3.70 55.78
N PRO A 337 0.76 2.49 55.20
CA PRO A 337 1.93 1.60 55.33
C PRO A 337 3.25 2.18 54.85
N LEU A 338 3.31 2.72 53.63
CA LEU A 338 4.60 3.19 53.12
C LEU A 338 5.11 4.36 53.94
N TYR A 339 4.20 5.22 54.41
CA TYR A 339 4.61 6.35 55.25
C TYR A 339 5.27 5.88 56.53
N GLU A 340 4.71 4.85 57.18
CA GLU A 340 5.29 4.39 58.43
C GLU A 340 6.65 3.74 58.23
N ASP A 341 6.85 3.05 57.09
CA ASP A 341 8.14 2.45 56.80
C ASP A 341 9.21 3.51 56.60
N VAL A 342 8.92 4.53 55.78
CA VAL A 342 9.89 5.58 55.54
C VAL A 342 10.22 6.30 56.83
N GLN A 343 9.19 6.59 57.64
CA GLN A 343 9.40 7.26 58.91
C GLN A 343 10.26 6.41 59.83
N THR A 344 10.08 5.08 59.78
CA THR A 344 10.82 4.18 60.66
C THR A 344 12.29 4.09 60.25
N VAL A 345 12.55 3.81 58.97
CA VAL A 345 13.93 3.58 58.53
C VAL A 345 14.76 4.84 58.70
N LEU A 346 14.18 6.00 58.44
CA LEU A 346 14.93 7.24 58.64
C LEU A 346 15.20 7.48 60.11
N ALA A 347 14.30 7.05 60.99
CA ALA A 347 14.54 7.15 62.42
C ALA A 347 15.64 6.20 62.86
N GLU A 348 15.65 4.98 62.30
CA GLU A 348 16.67 4.00 62.67
C GLU A 348 18.07 4.44 62.30
N HIS A 349 18.20 5.41 61.37
CA HIS A 349 19.51 5.86 60.93
C HIS A 349 19.76 7.32 61.27
N GLY A 350 18.96 7.89 62.18
CA GLY A 350 19.22 9.22 62.69
C GLY A 350 19.20 10.34 61.67
N LYS A 351 18.49 10.16 60.56
CA LYS A 351 18.36 11.20 59.57
C LYS A 351 17.37 12.26 60.05
N ASN A 352 17.78 13.53 60.03
CA ASN A 352 16.91 14.64 60.41
C ASN A 352 16.15 15.12 59.17
N ILE A 353 15.13 14.35 58.81
CA ILE A 353 14.34 14.63 57.62
C ILE A 353 12.87 14.73 58.04
N LEU A 354 12.23 15.85 57.70
CA LEU A 354 10.81 16.00 57.96
C LEU A 354 10.03 15.14 56.97
N VAL A 355 9.27 14.19 57.49
CA VAL A 355 8.50 13.25 56.67
C VAL A 355 7.02 13.54 56.83
N VAL A 356 6.29 13.47 55.72
CA VAL A 356 4.86 13.78 55.67
C VAL A 356 4.20 12.76 54.76
N GLY A 357 3.04 12.28 55.15
CA GLY A 357 2.35 11.23 54.42
C GLY A 357 1.01 11.70 53.89
N GLY A 358 0.61 11.13 52.75
CA GLY A 358 -0.66 11.47 52.14
C GLY A 358 -1.25 10.26 51.43
N ARG A 359 -2.51 10.42 51.01
CA ARG A 359 -3.24 9.38 50.31
C ARG A 359 -3.69 9.91 48.95
N TYR A 360 -3.73 9.03 47.95
CA TYR A 360 -4.08 9.43 46.60
C TYR A 360 -4.72 8.27 45.86
N GLY A 361 -5.49 8.61 44.83
CA GLY A 361 -5.88 7.66 43.80
C GLY A 361 -6.68 6.46 44.27
N LEU A 362 -7.47 6.60 45.33
CA LEU A 362 -8.27 5.47 45.79
C LEU A 362 -9.36 5.16 44.79
N GLY A 363 -9.50 3.88 44.45
CA GLY A 363 -10.49 3.48 43.47
C GLY A 363 -10.29 4.10 42.11
N SER A 364 -9.05 4.16 41.65
CA SER A 364 -8.71 4.78 40.36
C SER A 364 -9.03 6.27 40.33
N LYS A 365 -8.99 6.94 41.48
CA LYS A 365 -9.10 8.38 41.48
C LYS A 365 -7.96 8.97 40.68
N GLU A 366 -8.26 10.01 39.89
CA GLU A 366 -7.26 10.62 39.04
C GLU A 366 -6.09 11.14 39.86
N PHE A 367 -4.88 10.94 39.34
CA PHE A 367 -3.65 11.45 39.95
C PHE A 367 -2.79 11.97 38.81
N ASN A 368 -2.83 13.28 38.59
CA ASN A 368 -2.18 13.94 37.47
C ASN A 368 -1.07 14.87 37.96
N PRO A 369 -0.24 15.38 37.04
CA PRO A 369 0.90 16.22 37.47
C PRO A 369 0.53 17.44 38.29
N SER A 370 -0.64 18.05 38.05
CA SER A 370 -1.06 19.20 38.86
C SER A 370 -1.15 18.81 40.34
N MET A 371 -1.58 17.59 40.61
CA MET A 371 -1.59 17.12 41.99
C MET A 371 -0.17 16.88 42.50
N VAL A 372 0.71 16.39 41.63
CA VAL A 372 2.09 16.13 42.04
C VAL A 372 2.75 17.43 42.48
N LYS A 373 2.51 18.52 41.75
CA LYS A 373 3.06 19.80 42.19
C LYS A 373 2.47 20.22 43.52
N ALA A 374 1.17 19.92 43.73
CA ALA A 374 0.54 20.24 45.01
C ALA A 374 1.22 19.51 46.15
N VAL A 375 1.64 18.26 45.92
CA VAL A 375 2.39 17.55 46.94
C VAL A 375 3.75 18.22 47.16
N PHE A 376 4.40 18.61 46.07
CA PHE A 376 5.70 19.28 46.19
C PHE A 376 5.56 20.64 46.84
N ASP A 377 4.50 21.39 46.50
CA ASP A 377 4.32 22.70 47.11
C ASP A 377 4.07 22.59 48.61
N ASN A 378 3.39 21.52 49.04
CA ASN A 378 3.18 21.33 50.47
C ASN A 378 4.51 21.11 51.19
N LEU A 379 5.46 20.44 50.53
CA LEU A 379 6.80 20.32 51.09
C LEU A 379 7.54 21.65 51.12
N ALA A 380 7.16 22.59 50.25
CA ALA A 380 7.81 23.89 50.23
C ALA A 380 7.19 24.87 51.22
N ALA A 381 6.07 24.50 51.86
CA ALA A 381 5.41 25.38 52.81
C ALA A 381 6.23 25.51 54.10
N THR A 382 5.91 26.54 54.88
CA THR A 382 6.58 26.74 56.16
C THR A 382 6.30 25.58 57.10
N THR A 383 5.05 25.14 57.17
CA THR A 383 4.65 23.96 57.93
C THR A 383 3.91 23.01 57.00
N PRO A 384 4.58 22.00 56.46
CA PRO A 384 3.89 21.07 55.55
C PRO A 384 2.77 20.34 56.27
N LYS A 385 1.62 20.25 55.60
CA LYS A 385 0.48 19.52 56.14
C LYS A 385 0.75 18.02 56.07
N ASN A 386 0.54 17.32 57.17
CA ASN A 386 0.72 15.88 57.26
C ASN A 386 -0.63 15.19 57.25
N LYS A 387 -0.61 13.89 56.91
CA LYS A 387 -1.82 13.07 56.86
C LYS A 387 -2.86 13.66 55.91
N PHE A 388 -2.42 13.99 54.70
CA PHE A 388 -3.20 14.74 53.73
C PHE A 388 -3.81 13.82 52.68
N THR A 389 -4.63 14.41 51.80
CA THR A 389 -5.18 13.72 50.65
C THR A 389 -4.99 14.61 49.42
N VAL A 390 -4.90 13.97 48.25
CA VAL A 390 -4.75 14.71 46.99
C VAL A 390 -5.73 14.13 45.97
N GLY A 391 -6.45 15.02 45.29
CA GLY A 391 -7.41 14.60 44.28
C GLY A 391 -8.86 14.73 44.67
N ILE A 392 -9.16 15.12 45.91
CA ILE A 392 -10.52 15.31 46.36
C ILE A 392 -10.60 16.66 47.05
N THR A 393 -11.82 17.09 47.34
CA THR A 393 -12.04 18.30 48.13
C THR A 393 -12.65 17.87 49.45
N ASP A 394 -11.81 17.80 50.48
CA ASP A 394 -12.25 17.37 51.81
C ASP A 394 -12.60 18.61 52.61
N ASP A 395 -13.86 19.01 52.53
CA ASP A 395 -14.37 20.17 53.24
C ASP A 395 -14.89 19.82 54.63
N VAL A 396 -14.67 18.59 55.08
CA VAL A 396 -15.14 18.16 56.39
C VAL A 396 -13.97 18.11 57.37
N THR A 397 -12.94 17.35 57.04
CA THR A 397 -11.77 17.21 57.88
C THR A 397 -10.54 17.95 57.36
N HIS A 398 -10.64 18.59 56.19
CA HIS A 398 -9.62 19.51 55.70
C HIS A 398 -8.26 18.84 55.53
N THR A 399 -8.27 17.65 54.93
CA THR A 399 -7.03 16.94 54.65
C THR A 399 -6.53 17.14 53.23
N SER A 400 -7.36 17.66 52.33
CA SER A 400 -6.98 17.74 50.92
C SER A 400 -6.01 18.89 50.69
N LEU A 401 -5.07 18.67 49.77
CA LEU A 401 -4.17 19.73 49.35
C LEU A 401 -4.87 20.57 48.29
N GLU A 402 -4.60 21.87 48.31
CA GLU A 402 -5.25 22.76 47.36
C GLU A 402 -4.49 22.72 46.04
N ILE A 403 -5.21 22.39 44.97
CA ILE A 403 -4.62 22.42 43.63
C ILE A 403 -4.75 23.85 43.11
N LYS A 404 -3.69 24.64 43.27
CA LYS A 404 -3.75 26.06 42.94
C LYS A 404 -3.78 26.27 41.44
N GLU A 405 -2.79 25.76 40.73
CA GLU A 405 -2.63 26.01 39.31
C GLU A 405 -2.50 24.71 38.54
N HIS A 406 -2.78 24.79 37.25
CA HIS A 406 -2.70 23.65 36.34
C HIS A 406 -1.44 23.78 35.49
N ILE A 407 -0.63 22.73 35.47
CA ILE A 407 0.60 22.70 34.67
C ILE A 407 0.47 21.63 33.61
N ASP A 408 1.21 21.81 32.52
CA ASP A 408 1.24 20.85 31.42
C ASP A 408 2.65 20.30 31.34
N THR A 409 2.82 19.07 31.84
CA THR A 409 4.12 18.40 31.87
C THR A 409 4.29 17.36 30.79
N SER A 410 3.39 17.32 29.82
CA SER A 410 3.51 16.36 28.74
C SER A 410 4.74 16.68 27.88
N PRO A 411 5.52 15.68 27.50
CA PRO A 411 6.69 15.93 26.65
C PRO A 411 6.30 16.54 25.32
N LYS A 412 7.11 17.48 24.86
CA LYS A 412 6.83 18.16 23.60
C LYS A 412 6.87 17.17 22.44
N GLY A 413 5.91 17.30 21.53
CA GLY A 413 5.79 16.38 20.42
C GLY A 413 4.82 15.23 20.62
N THR A 414 4.13 15.17 21.76
CA THR A 414 3.20 14.09 22.03
C THR A 414 1.80 14.47 21.58
N PHE A 415 1.21 13.64 20.72
CA PHE A 415 -0.14 13.84 20.24
C PHE A 415 -1.13 13.22 21.22
N ARG A 416 -2.28 13.90 21.41
CA ARG A 416 -3.26 13.47 22.40
C ARG A 416 -4.66 13.56 21.81
N CYS A 417 -5.43 12.47 21.91
CA CYS A 417 -6.76 12.39 21.32
C CYS A 417 -7.76 11.81 22.31
N LYS A 418 -8.98 12.36 22.30
CA LYS A 418 -10.10 11.78 23.04
C LYS A 418 -11.21 11.37 22.07
N PHE A 419 -11.80 10.20 22.32
CA PHE A 419 -12.86 9.64 21.49
C PHE A 419 -14.07 9.34 22.37
N PHE A 420 -15.16 10.10 22.19
CA PHE A 420 -16.43 9.83 22.88
C PHE A 420 -17.25 8.87 22.03
N GLY A 421 -17.48 7.65 22.54
CA GLY A 421 -18.21 6.63 21.82
C GLY A 421 -19.45 6.15 22.56
N LEU A 422 -20.23 5.33 21.87
CA LEU A 422 -21.39 4.65 22.42
C LEU A 422 -21.03 3.19 22.72
N GLY A 423 -21.76 2.61 23.66
CA GLY A 423 -21.53 1.24 24.04
C GLY A 423 -21.55 0.27 22.86
N SER A 424 -20.41 -0.39 22.63
CA SER A 424 -20.29 -1.44 21.61
C SER A 424 -20.56 -0.92 20.19
N ASP A 425 -20.22 0.33 19.91
CA ASP A 425 -20.35 0.87 18.56
C ASP A 425 -19.07 0.74 17.75
N GLY A 426 -18.03 0.11 18.30
CA GLY A 426 -16.78 -0.12 17.61
C GLY A 426 -15.69 0.90 17.86
N THR A 427 -15.98 1.97 18.59
CA THR A 427 -14.99 3.02 18.79
C THR A 427 -13.77 2.51 19.53
N VAL A 428 -13.98 1.85 20.67
CA VAL A 428 -12.86 1.37 21.48
C VAL A 428 -12.03 0.37 20.69
N GLY A 429 -12.69 -0.56 20.01
CA GLY A 429 -11.95 -1.54 19.23
C GLY A 429 -11.12 -0.91 18.14
N ALA A 430 -11.66 0.12 17.48
CA ALA A 430 -10.91 0.81 16.44
C ALA A 430 -9.71 1.54 17.02
N ASN A 431 -9.88 2.21 18.17
CA ASN A 431 -8.76 2.92 18.77
C ASN A 431 -7.65 1.95 19.16
N LYS A 432 -8.01 0.77 19.67
CA LYS A 432 -7.00 -0.23 19.93
C LYS A 432 -6.27 -0.63 18.65
N ASN A 433 -7.01 -0.76 17.56
CA ASN A 433 -6.39 -1.07 16.28
C ASN A 433 -5.54 0.09 15.78
N SER A 434 -5.99 1.33 16.02
CA SER A 434 -5.18 2.48 15.64
C SER A 434 -3.87 2.52 16.40
N ILE A 435 -3.90 2.17 17.69
CA ILE A 435 -2.67 2.11 18.47
C ILE A 435 -1.74 1.03 17.92
N LYS A 436 -2.31 -0.14 17.61
CA LYS A 436 -1.52 -1.23 17.06
C LYS A 436 -0.95 -0.86 15.70
N ILE A 437 -1.73 -0.15 14.89
CA ILE A 437 -1.26 0.31 13.59
C ILE A 437 -0.06 1.25 13.74
N ILE A 438 -0.21 2.27 14.60
CA ILE A 438 0.85 3.26 14.74
C ILE A 438 2.09 2.65 15.41
N GLY A 439 1.88 1.80 16.41
CA GLY A 439 3.02 1.23 17.12
C GLY A 439 3.85 0.31 16.25
N ASP A 440 3.19 -0.46 15.39
CA ASP A 440 3.88 -1.44 14.57
C ASP A 440 4.62 -0.83 13.39
N HIS A 441 4.23 0.36 12.94
CA HIS A 441 4.77 0.91 11.71
C HIS A 441 5.51 2.23 11.88
N THR A 442 5.62 2.76 13.10
CA THR A 442 6.40 3.97 13.34
C THR A 442 7.31 3.75 14.53
N ASP A 443 8.23 4.70 14.72
CA ASP A 443 9.11 4.70 15.88
C ASP A 443 8.46 5.34 17.11
N MET A 444 7.20 5.75 17.01
CA MET A 444 6.56 6.48 18.08
C MET A 444 6.07 5.51 19.14
N TYR A 445 6.13 5.96 20.40
CA TYR A 445 5.46 5.25 21.46
C TYR A 445 3.97 5.52 21.38
N ALA A 446 3.17 4.55 21.79
CA ALA A 446 1.72 4.65 21.70
C ALA A 446 1.10 4.19 23.00
N GLN A 447 0.05 4.89 23.44
CA GLN A 447 -0.63 4.62 24.69
C GLN A 447 -2.13 4.72 24.49
N GLY A 448 -2.87 3.82 25.13
CA GLY A 448 -4.32 3.87 25.09
C GLY A 448 -4.96 3.50 26.41
N TYR A 449 -5.91 4.32 26.87
CA TYR A 449 -6.67 4.07 28.09
C TYR A 449 -8.14 4.35 27.81
N PHE A 450 -9.02 3.52 28.38
CA PHE A 450 -10.44 3.53 28.02
C PHE A 450 -11.33 3.62 29.24
N VAL A 451 -12.18 4.64 29.28
CA VAL A 451 -13.12 4.87 30.37
C VAL A 451 -14.47 4.32 29.93
N TYR A 452 -15.02 3.40 30.73
CA TYR A 452 -16.26 2.74 30.41
C TYR A 452 -17.37 3.27 31.31
N ASP A 453 -18.60 2.86 31.00
CA ASP A 453 -19.77 3.30 31.73
C ASP A 453 -20.36 2.16 32.56
N SER A 454 -21.08 2.54 33.61
CA SER A 454 -21.74 1.55 34.46
C SER A 454 -22.98 0.97 33.80
N LYS A 455 -23.61 1.74 32.92
CA LYS A 455 -24.76 1.26 32.17
C LYS A 455 -24.29 0.25 31.14
N LYS A 456 -24.95 -0.91 31.09
CA LYS A 456 -24.45 -2.00 30.26
C LYS A 456 -24.79 -1.83 28.78
N SER A 457 -25.85 -1.08 28.46
CA SER A 457 -26.25 -0.86 27.07
C SER A 457 -26.51 0.63 26.88
N GLY A 458 -25.92 1.19 25.83
CA GLY A 458 -26.09 2.60 25.54
C GLY A 458 -25.20 3.52 26.36
N GLY A 459 -24.15 2.98 26.98
CA GLY A 459 -23.29 3.78 27.83
C GLY A 459 -22.30 4.62 27.03
N VAL A 460 -21.66 5.55 27.75
CA VAL A 460 -20.68 6.45 27.17
C VAL A 460 -19.30 5.87 27.37
N THR A 461 -18.48 5.87 26.31
CA THR A 461 -17.09 5.44 26.38
C THR A 461 -16.20 6.59 25.94
N ILE A 462 -15.12 6.80 26.67
CA ILE A 462 -14.16 7.88 26.39
C ILE A 462 -12.79 7.26 26.24
N SER A 463 -12.23 7.31 25.03
CA SER A 463 -10.91 6.77 24.77
C SER A 463 -9.86 7.87 24.88
N HIS A 464 -8.73 7.53 25.49
CA HIS A 464 -7.60 8.45 25.64
C HIS A 464 -6.38 7.84 24.96
N LEU A 465 -5.91 8.48 23.89
CA LEU A 465 -4.75 7.99 23.13
C LEU A 465 -3.62 9.01 23.14
N ARG A 466 -2.39 8.50 23.15
CA ARG A 466 -1.19 9.33 23.06
C ARG A 466 -0.16 8.66 22.17
N PHE A 467 0.50 9.46 21.33
CA PHE A 467 1.64 9.02 20.52
C PHE A 467 2.73 10.07 20.58
N GLY A 468 3.98 9.63 20.75
CA GLY A 468 5.07 10.58 20.82
C GLY A 468 6.42 9.93 20.56
N LYS A 469 7.40 10.80 20.26
CA LYS A 469 8.78 10.36 20.05
C LYS A 469 9.49 9.99 21.34
N GLN A 470 8.95 10.36 22.50
CA GLN A 470 9.55 10.03 23.76
C GLN A 470 8.66 9.02 24.50
N PRO A 471 9.23 8.20 25.38
CA PRO A 471 8.41 7.25 26.13
C PRO A 471 7.31 7.98 26.90
N ILE A 472 6.12 7.39 26.92
CA ILE A 472 4.92 8.02 27.44
C ILE A 472 4.75 7.62 28.90
N GLN A 473 5.04 8.54 29.81
CA GLN A 473 4.85 8.31 31.24
C GLN A 473 3.54 8.88 31.78
N SER A 474 2.65 9.37 30.91
CA SER A 474 1.45 10.07 31.35
C SER A 474 0.37 9.05 31.69
N ALA A 475 0.47 8.51 32.91
CA ALA A 475 -0.53 7.55 33.41
C ALA A 475 -1.72 8.28 34.03
N TYR A 476 -2.32 9.15 33.24
CA TYR A 476 -3.48 9.92 33.67
C TYR A 476 -4.31 10.30 32.44
N LEU A 477 -5.52 10.77 32.68
CA LEU A 477 -6.40 11.14 31.59
C LEU A 477 -5.87 12.35 30.84
N ILE A 478 -6.32 12.50 29.60
CA ILE A 478 -5.76 13.52 28.73
C ILE A 478 -6.24 14.89 29.18
N ASP A 479 -5.29 15.81 29.39
CA ASP A 479 -5.64 17.15 29.85
C ASP A 479 -5.85 18.11 28.68
N GLN A 480 -4.87 18.20 27.78
CA GLN A 480 -4.95 19.07 26.61
C GLN A 480 -4.84 18.20 25.36
N ALA A 481 -5.95 18.09 24.62
CA ALA A 481 -6.04 17.21 23.45
C ALA A 481 -5.80 17.98 22.17
N ASP A 482 -4.99 17.39 21.28
CA ASP A 482 -4.84 17.93 19.95
C ASP A 482 -6.04 17.61 19.06
N LEU A 483 -6.75 16.52 19.34
CA LEU A 483 -7.91 16.13 18.57
C LEU A 483 -8.96 15.56 19.52
N ILE A 484 -10.22 15.93 19.31
CA ILE A 484 -11.34 15.36 20.05
C ILE A 484 -12.38 14.89 19.04
N ALA A 485 -12.78 13.62 19.14
CA ALA A 485 -13.72 13.02 18.22
C ALA A 485 -14.97 12.61 18.98
N CYS A 486 -16.12 12.94 18.43
CA CYS A 486 -17.42 12.59 19.01
C CYS A 486 -18.16 11.71 18.02
N HIS A 487 -18.26 10.43 18.33
CA HIS A 487 -18.88 9.46 17.45
C HIS A 487 -20.37 9.29 17.70
N ASN A 488 -20.95 10.10 18.57
CA ASN A 488 -22.39 10.05 18.83
C ASN A 488 -22.90 11.48 18.91
N PRO A 489 -23.72 11.93 17.96
CA PRO A 489 -24.19 13.32 17.99
C PRO A 489 -25.07 13.63 19.19
N SER A 490 -25.67 12.62 19.82
CA SER A 490 -26.50 12.86 21.00
C SER A 490 -25.68 13.47 22.14
N TYR A 491 -24.36 13.23 22.14
CA TYR A 491 -23.51 13.82 23.18
C TYR A 491 -23.38 15.33 23.03
N VAL A 492 -23.67 15.86 21.84
CA VAL A 492 -23.57 17.30 21.64
C VAL A 492 -24.60 18.00 22.52
N GLY A 493 -24.13 18.85 23.42
CA GLY A 493 -24.97 19.51 24.39
C GLY A 493 -25.21 18.73 25.66
N ARG A 494 -24.73 17.49 25.74
CA ARG A 494 -24.91 16.65 26.92
C ARG A 494 -23.66 16.52 27.76
N TYR A 495 -22.49 16.38 27.15
CA TYR A 495 -21.23 16.28 27.88
C TYR A 495 -20.29 17.37 27.39
N ASN A 496 -19.34 17.75 28.24
CA ASN A 496 -18.36 18.79 27.90
C ASN A 496 -17.30 18.17 26.99
N LEU A 497 -17.65 18.03 25.72
CA LEU A 497 -16.79 17.31 24.78
C LEU A 497 -15.47 18.04 24.55
N LEU A 498 -15.54 19.34 24.21
CA LEU A 498 -14.37 20.13 23.87
C LEU A 498 -13.57 20.61 25.08
N GLU A 499 -13.68 19.95 26.21
CA GLU A 499 -12.98 20.41 27.41
C GLU A 499 -11.48 20.24 27.25
N GLY A 500 -10.74 21.32 27.45
CA GLY A 500 -9.29 21.31 27.48
C GLY A 500 -8.60 21.18 26.15
N ILE A 501 -9.32 21.28 25.02
CA ILE A 501 -8.69 21.14 23.72
C ILE A 501 -7.74 22.30 23.47
N LYS A 502 -6.59 21.99 22.86
CA LYS A 502 -5.56 23.00 22.61
C LYS A 502 -5.98 23.96 21.51
N PRO A 503 -5.49 25.20 21.55
CA PRO A 503 -5.78 26.15 20.46
C PRO A 503 -5.29 25.62 19.13
N GLY A 504 -6.16 25.71 18.12
CA GLY A 504 -5.88 25.16 16.82
C GLY A 504 -6.10 23.66 16.71
N GLY A 505 -6.64 23.03 17.74
CA GLY A 505 -6.85 21.60 17.72
C GLY A 505 -7.94 21.20 16.74
N ILE A 506 -8.17 19.90 16.67
CA ILE A 506 -9.11 19.30 15.72
C ILE A 506 -10.34 18.81 16.47
N PHE A 507 -11.52 19.07 15.91
CA PHE A 507 -12.77 18.54 16.43
C PHE A 507 -13.46 17.79 15.31
N LEU A 508 -13.58 16.48 15.47
CA LEU A 508 -14.22 15.59 14.51
C LEU A 508 -15.57 15.16 15.05
N LEU A 509 -16.62 15.32 14.25
CA LEU A 509 -17.98 15.05 14.66
C LEU A 509 -18.64 14.10 13.68
N ASN A 510 -19.41 13.15 14.20
CA ASN A 510 -20.25 12.28 13.40
C ASN A 510 -21.68 12.75 13.56
N SER A 511 -22.25 13.29 12.48
CA SER A 511 -23.61 13.78 12.50
C SER A 511 -24.11 13.94 11.08
N THR A 512 -25.42 14.07 10.95
CA THR A 512 -26.09 14.31 9.68
C THR A 512 -26.30 15.79 9.40
N TRP A 513 -25.78 16.67 10.26
CA TRP A 513 -26.05 18.09 10.17
C TRP A 513 -25.11 18.78 9.18
N SER A 514 -25.68 19.69 8.38
CA SER A 514 -24.92 20.48 7.45
C SER A 514 -24.29 21.69 8.14
N ALA A 515 -23.46 22.42 7.39
CA ALA A 515 -22.77 23.58 7.96
C ALA A 515 -23.75 24.65 8.42
N GLU A 516 -24.88 24.79 7.74
CA GLU A 516 -25.87 25.79 8.14
C GLU A 516 -26.62 25.36 9.39
N GLU A 517 -26.94 24.06 9.50
CA GLU A 517 -27.59 23.52 10.70
C GLU A 517 -26.71 23.58 11.92
N MET A 518 -25.40 23.80 11.75
CA MET A 518 -24.49 23.96 12.89
C MET A 518 -24.92 25.10 13.77
N ASP A 519 -25.51 26.17 13.21
CA ASP A 519 -25.89 27.33 14.02
C ASP A 519 -27.01 26.97 14.99
N SER A 520 -27.93 26.10 14.58
CA SER A 520 -29.08 25.74 15.39
C SER A 520 -28.86 24.49 16.24
N ARG A 521 -27.96 23.60 15.83
CA ARG A 521 -27.74 22.35 16.54
C ARG A 521 -26.65 22.47 17.59
N LEU A 522 -25.59 23.18 17.28
CA LEU A 522 -24.51 23.23 18.25
C LEU A 522 -24.83 24.27 19.33
N PRO A 523 -24.54 23.96 20.59
CA PRO A 523 -24.77 24.93 21.67
C PRO A 523 -23.80 26.10 21.58
N ALA A 524 -24.18 27.18 22.27
CA ALA A 524 -23.41 28.42 22.21
C ALA A 524 -22.02 28.24 22.83
N ASP A 525 -21.94 27.53 23.96
CA ASP A 525 -20.64 27.31 24.59
C ASP A 525 -19.72 26.51 23.70
N MET A 526 -20.27 25.55 22.94
CA MET A 526 -19.45 24.79 21.99
C MET A 526 -19.00 25.67 20.83
N LYS A 527 -19.91 26.52 20.33
CA LYS A 527 -19.56 27.41 19.23
C LYS A 527 -18.51 28.42 19.66
N ARG A 528 -18.56 28.87 20.92
CA ARG A 528 -17.56 29.82 21.40
C ARG A 528 -16.17 29.18 21.41
N THR A 529 -16.07 27.95 21.91
CA THR A 529 -14.79 27.27 21.97
C THR A 529 -14.24 27.03 20.56
N ILE A 530 -15.10 26.61 19.63
CA ILE A 530 -14.66 26.35 18.27
C ILE A 530 -14.07 27.61 17.64
N ALA A 531 -14.71 28.75 17.86
CA ALA A 531 -14.28 29.98 17.21
C ALA A 531 -13.08 30.60 17.91
N THR A 532 -13.17 30.75 19.24
CA THR A 532 -12.09 31.43 19.97
C THR A 532 -10.78 30.65 19.86
N LYS A 533 -10.85 29.33 19.96
CA LYS A 533 -9.64 28.51 19.82
C LYS A 533 -9.27 28.22 18.38
N LYS A 534 -10.07 28.69 17.41
CA LYS A 534 -9.78 28.54 15.99
C LYS A 534 -9.53 27.07 15.61
N LEU A 535 -10.45 26.21 16.03
CA LEU A 535 -10.33 24.77 15.80
C LEU A 535 -10.65 24.42 14.35
N LYS A 536 -10.04 23.34 13.89
CA LYS A 536 -10.36 22.75 12.58
C LYS A 536 -11.53 21.80 12.80
N PHE A 537 -12.73 22.23 12.43
CA PHE A 537 -13.96 21.49 12.68
C PHE A 537 -14.30 20.67 11.44
N TYR A 538 -14.32 19.35 11.56
CA TYR A 538 -14.70 18.44 10.50
C TYR A 538 -15.95 17.66 10.89
N ASN A 539 -16.77 17.33 9.90
CA ASN A 539 -18.02 16.59 10.13
C ASN A 539 -18.12 15.47 9.10
N ILE A 540 -18.84 14.41 9.47
CA ILE A 540 -19.03 13.27 8.57
C ILE A 540 -20.32 12.56 8.95
N ASP A 541 -21.11 12.19 7.93
CA ASP A 541 -22.33 11.42 8.12
C ASP A 541 -21.99 9.94 7.94
N ALA A 542 -21.40 9.37 9.00
CA ALA A 542 -21.00 7.97 8.95
C ALA A 542 -22.20 7.04 8.85
N VAL A 543 -23.33 7.39 9.45
CA VAL A 543 -24.52 6.54 9.39
C VAL A 543 -25.03 6.43 7.96
N LYS A 544 -25.04 7.55 7.22
CA LYS A 544 -25.49 7.51 5.83
C LYS A 544 -24.60 6.62 4.98
N ILE A 545 -23.30 6.67 5.22
CA ILE A 545 -22.36 5.87 4.43
C ILE A 545 -22.57 4.39 4.69
N ALA A 546 -22.70 4.00 5.96
CA ALA A 546 -22.87 2.59 6.30
C ALA A 546 -24.20 2.04 5.79
N GLN A 547 -25.24 2.86 5.74
CA GLN A 547 -26.52 2.40 5.20
C GLN A 547 -26.41 2.13 3.71
N GLU A 548 -25.79 3.04 2.96
CA GLU A 548 -25.72 2.90 1.52
C GLU A 548 -24.83 1.72 1.10
N ILE A 549 -23.75 1.49 1.84
CA ILE A 549 -22.86 0.38 1.50
C ILE A 549 -23.46 -0.97 1.88
N GLY A 550 -24.28 -1.00 2.92
CA GLY A 550 -24.83 -2.25 3.42
C GLY A 550 -24.22 -2.73 4.71
N LEU A 551 -23.46 -1.90 5.41
CA LEU A 551 -22.89 -2.24 6.70
C LEU A 551 -23.85 -1.95 7.85
N GLY A 552 -25.08 -1.56 7.54
CA GLY A 552 -26.05 -1.20 8.56
C GLY A 552 -25.76 0.14 9.20
N SER A 553 -25.51 0.13 10.51
CA SER A 553 -25.16 1.33 11.25
C SER A 553 -23.77 1.25 11.86
N ARG A 554 -22.98 0.25 11.52
CA ARG A 554 -21.62 0.13 12.03
C ARG A 554 -20.76 1.24 11.43
N ILE A 555 -20.21 2.09 12.30
CA ILE A 555 -19.41 3.23 11.86
C ILE A 555 -17.97 3.15 12.34
N ASN A 556 -17.54 2.01 12.88
CA ASN A 556 -16.20 1.90 13.44
C ASN A 556 -15.13 2.07 12.37
N VAL A 557 -15.28 1.39 11.24
CA VAL A 557 -14.31 1.53 10.16
C VAL A 557 -14.35 2.93 9.59
N ILE A 558 -15.55 3.51 9.49
CA ILE A 558 -15.70 4.84 8.90
C ILE A 558 -15.02 5.89 9.76
N MET A 559 -15.26 5.84 11.07
CA MET A 559 -14.71 6.88 11.94
C MET A 559 -13.21 6.75 12.12
N GLN A 560 -12.68 5.52 12.06
CA GLN A 560 -11.23 5.35 12.12
C GLN A 560 -10.55 5.96 10.90
N THR A 561 -11.15 5.78 9.72
CA THR A 561 -10.59 6.39 8.51
C THR A 561 -10.62 7.91 8.61
N ALA A 562 -11.70 8.47 9.14
CA ALA A 562 -11.79 9.92 9.30
C ALA A 562 -10.71 10.46 10.23
N PHE A 563 -10.32 9.67 11.24
CA PHE A 563 -9.31 10.11 12.19
C PHE A 563 -7.95 10.27 11.51
N PHE A 564 -7.48 9.21 10.85
CA PHE A 564 -6.16 9.27 10.21
C PHE A 564 -6.12 10.32 9.11
N LYS A 565 -7.25 10.62 8.48
CA LYS A 565 -7.26 11.60 7.40
C LYS A 565 -6.87 12.98 7.89
N ILE A 566 -7.25 13.33 9.11
CA ILE A 566 -7.01 14.67 9.64
C ILE A 566 -5.96 14.73 10.74
N ALA A 567 -5.66 13.61 11.41
CA ALA A 567 -4.79 13.66 12.58
C ALA A 567 -3.37 14.08 12.24
N ASN A 568 -2.90 13.74 11.03
CA ASN A 568 -1.53 14.04 10.61
C ASN A 568 -0.52 13.38 11.55
N VAL A 569 -0.85 12.18 12.02
CA VAL A 569 0.12 11.41 12.79
C VAL A 569 1.05 10.64 11.88
N ILE A 570 0.51 10.05 10.81
CA ILE A 570 1.31 9.40 9.78
C ILE A 570 0.79 9.87 8.42
N PRO A 571 1.55 9.65 7.36
CA PRO A 571 1.05 9.97 6.01
C PRO A 571 -0.30 9.31 5.74
N VAL A 572 -1.22 10.11 5.17
CA VAL A 572 -2.59 9.65 4.95
C VAL A 572 -2.60 8.41 4.07
N ASP A 573 -1.73 8.37 3.06
CA ASP A 573 -1.65 7.20 2.18
C ASP A 573 -1.18 5.96 2.92
N GLU A 574 -0.26 6.13 3.87
CA GLU A 574 0.19 4.98 4.64
C GLU A 574 -0.92 4.43 5.53
N ALA A 575 -1.70 5.31 6.14
CA ALA A 575 -2.75 4.86 7.05
C ALA A 575 -3.82 4.06 6.32
N ILE A 576 -4.18 4.49 5.11
CA ILE A 576 -5.20 3.78 4.33
C ILE A 576 -4.76 2.35 4.06
N LYS A 577 -3.48 2.15 3.77
CA LYS A 577 -2.98 0.80 3.56
C LYS A 577 -3.10 -0.03 4.83
N TYR A 578 -2.69 0.54 5.96
CA TYR A 578 -2.72 -0.19 7.22
C TYR A 578 -4.15 -0.50 7.64
N ILE A 579 -5.08 0.41 7.36
CA ILE A 579 -6.48 0.16 7.70
C ILE A 579 -7.03 -0.98 6.87
N LYS A 580 -6.84 -0.92 5.55
CA LYS A 580 -7.33 -1.98 4.68
C LYS A 580 -6.63 -3.31 4.96
N ASP A 581 -5.35 -3.27 5.32
CA ASP A 581 -4.66 -4.51 5.69
C ASP A 581 -5.27 -5.15 6.93
N SER A 582 -5.65 -4.32 7.92
CA SER A 582 -6.30 -4.86 9.10
C SER A 582 -7.72 -5.34 8.78
N ILE A 583 -8.36 -4.76 7.75
CA ILE A 583 -9.67 -5.24 7.33
C ILE A 583 -9.58 -6.65 6.80
N VAL A 584 -8.53 -6.96 6.03
CA VAL A 584 -8.32 -8.33 5.55
C VAL A 584 -8.15 -9.28 6.72
N LYS A 585 -7.42 -8.85 7.75
CA LYS A 585 -7.22 -9.68 8.92
C LYS A 585 -8.49 -9.84 9.73
N THR A 586 -9.38 -8.84 9.70
CA THR A 586 -10.61 -8.87 10.47
C THR A 586 -11.78 -9.47 9.70
N TYR A 587 -11.94 -9.11 8.43
CA TYR A 587 -13.07 -9.55 7.61
C TYR A 587 -12.66 -10.52 6.50
N GLY A 588 -11.47 -11.13 6.59
CA GLY A 588 -11.06 -12.06 5.56
C GLY A 588 -11.89 -13.33 5.54
N LYS A 589 -12.20 -13.86 6.72
CA LYS A 589 -13.00 -15.07 6.81
C LYS A 589 -14.50 -14.81 6.63
N LYS A 590 -14.93 -13.55 6.73
CA LYS A 590 -16.34 -13.23 6.61
C LYS A 590 -16.87 -13.43 5.19
N GLY A 591 -15.99 -13.40 4.19
CA GLY A 591 -16.38 -13.57 2.81
C GLY A 591 -15.95 -12.40 1.95
N ASP A 592 -16.16 -12.57 0.64
CA ASP A 592 -15.81 -11.51 -0.31
C ASP A 592 -16.78 -10.34 -0.22
N LYS A 593 -18.06 -10.63 0.01
CA LYS A 593 -19.07 -9.57 0.07
C LYS A 593 -18.82 -8.66 1.27
N ILE A 594 -18.60 -9.25 2.44
CA ILE A 594 -18.37 -8.45 3.64
C ILE A 594 -17.04 -7.70 3.54
N LEU A 595 -16.06 -8.28 2.87
CA LEU A 595 -14.74 -7.65 2.78
C LEU A 595 -14.79 -6.36 1.97
N ASN A 596 -15.38 -6.41 0.78
CA ASN A 596 -15.43 -5.24 -0.09
C ASN A 596 -16.33 -4.14 0.45
N MET A 597 -17.30 -4.47 1.29
CA MET A 597 -18.13 -3.44 1.89
C MET A 597 -17.30 -2.56 2.83
N ASN A 598 -16.45 -3.19 3.65
CA ASN A 598 -15.58 -2.42 4.53
C ASN A 598 -14.49 -1.69 3.75
N PHE A 599 -14.07 -2.24 2.61
CA PHE A 599 -13.16 -1.50 1.74
C PHE A 599 -13.82 -0.24 1.20
N ALA A 600 -15.10 -0.34 0.80
CA ALA A 600 -15.82 0.83 0.33
C ALA A 600 -16.07 1.81 1.45
N ALA A 601 -16.22 1.32 2.69
CA ALA A 601 -16.39 2.22 3.82
C ALA A 601 -15.19 3.15 3.97
N VAL A 602 -13.97 2.61 3.82
CA VAL A 602 -12.78 3.44 3.88
C VAL A 602 -12.77 4.45 2.73
N ASP A 603 -13.03 3.99 1.51
CA ASP A 603 -12.96 4.87 0.35
C ASP A 603 -14.01 5.97 0.43
N ARG A 604 -15.24 5.61 0.78
CA ARG A 604 -16.31 6.61 0.84
C ARG A 604 -16.11 7.58 2.01
N ALA A 605 -15.47 7.12 3.09
CA ALA A 605 -15.26 8.00 4.23
C ALA A 605 -14.30 9.14 3.89
N LEU A 606 -13.25 8.84 3.12
CA LEU A 606 -12.28 9.88 2.77
C LEU A 606 -12.93 11.01 2.00
N GLU A 607 -13.85 10.68 1.11
CA GLU A 607 -14.49 11.69 0.26
C GLU A 607 -15.59 12.43 0.97
N ALA A 608 -16.18 11.85 2.02
CA ALA A 608 -17.30 12.46 2.70
C ALA A 608 -16.90 13.39 3.84
N LEU A 609 -15.67 13.26 4.34
CA LEU A 609 -15.22 14.12 5.43
C LEU A 609 -15.08 15.55 4.91
N GLU A 610 -15.91 16.46 5.42
CA GLU A 610 -15.95 17.85 4.99
C GLU A 610 -15.66 18.78 6.16
N GLU A 611 -14.71 19.70 5.95
CA GLU A 611 -14.41 20.71 6.97
C GLU A 611 -15.50 21.77 7.00
N ILE A 612 -15.91 22.15 8.21
CA ILE A 612 -16.99 23.11 8.43
C ILE A 612 -16.37 24.49 8.59
N LYS A 613 -16.61 25.37 7.62
CA LYS A 613 -16.12 26.75 7.66
C LYS A 613 -17.10 27.59 8.45
N TYR A 614 -16.77 27.85 9.74
CA TYR A 614 -17.68 28.55 10.64
C TYR A 614 -17.39 30.05 10.66
N PRO A 615 -18.43 30.87 10.84
CA PRO A 615 -18.22 32.32 10.92
C PRO A 615 -17.48 32.70 12.20
N ALA A 616 -16.67 33.75 12.11
CA ALA A 616 -15.96 34.23 13.29
C ALA A 616 -16.89 34.76 14.36
N SER A 617 -18.13 35.12 13.98
CA SER A 617 -19.12 35.60 14.94
C SER A 617 -19.57 34.52 15.90
N TRP A 618 -19.16 33.26 15.69
CA TRP A 618 -19.49 32.20 16.63
C TRP A 618 -18.85 32.45 17.99
N ALA A 619 -17.74 33.20 18.02
CA ALA A 619 -17.04 33.46 19.28
C ALA A 619 -17.87 34.27 20.25
N ASP A 620 -18.79 35.09 19.75
CA ASP A 620 -19.62 35.96 20.56
C ASP A 620 -20.99 35.37 20.90
N ALA A 621 -21.28 34.14 20.49
CA ALA A 621 -22.59 33.54 20.75
C ALA A 621 -22.89 33.50 22.25
N VAL A 622 -24.18 33.64 22.57
CA VAL A 622 -24.66 33.75 23.93
C VAL A 622 -25.57 32.57 24.22
N ASP A 623 -25.38 31.97 25.40
CA ASP A 623 -26.20 30.83 25.81
C ASP A 623 -27.68 31.17 25.71
N GLU A 624 -28.49 30.15 25.47
CA GLU A 624 -29.93 30.34 25.44
C GLU A 624 -30.52 30.24 26.85
N ALA A 625 -31.62 30.95 27.06
CA ALA A 625 -32.23 31.03 28.38
C ALA A 625 -32.68 29.65 28.86
N ALA A 626 -32.15 29.24 30.01
CA ALA A 626 -32.48 27.92 30.54
C ALA A 626 -33.91 27.90 31.07
N ALA A 627 -34.63 26.84 30.74
CA ALA A 627 -36.03 26.71 31.14
C ALA A 627 -36.14 26.60 32.65
N THR A 628 -37.35 26.87 33.15
CA THR A 628 -37.63 26.81 34.59
C THR A 628 -37.50 25.36 35.05
N VAL A 629 -36.40 25.06 35.75
CA VAL A 629 -36.13 23.69 36.15
C VAL A 629 -37.20 23.21 37.13
N THR A 630 -37.57 21.93 37.02
CA THR A 630 -38.55 21.34 37.91
C THR A 630 -37.91 21.06 39.28
N GLU A 631 -38.75 21.15 40.32
CA GLU A 631 -38.29 20.94 41.68
C GLU A 631 -38.02 19.46 41.90
N GLU A 632 -36.74 19.08 41.89
CA GLU A 632 -36.28 17.72 42.13
C GLU A 632 -35.76 17.58 43.55
N PRO A 633 -35.73 16.37 44.10
CA PRO A 633 -35.19 16.17 45.45
C PRO A 633 -33.75 16.65 45.54
N GLU A 634 -33.33 16.98 46.75
CA GLU A 634 -31.99 17.52 46.97
C GLU A 634 -30.92 16.55 46.49
N PHE A 635 -31.12 15.25 46.73
CA PHE A 635 -30.17 14.24 46.29
C PHE A 635 -30.06 14.23 44.77
N ILE A 636 -31.20 14.24 44.07
CA ILE A 636 -31.17 14.26 42.62
C ILE A 636 -30.46 15.51 42.11
N GLN A 637 -30.72 16.66 42.75
CA GLN A 637 -30.13 17.91 42.29
C GLN A 637 -28.63 17.98 42.57
N LYS A 638 -28.22 17.55 43.76
CA LYS A 638 -26.83 17.73 44.18
C LYS A 638 -25.94 16.53 43.87
N VAL A 639 -26.52 15.34 43.66
CA VAL A 639 -25.69 14.14 43.54
C VAL A 639 -25.86 13.47 42.18
N LEU A 640 -27.09 13.02 41.88
CA LEU A 640 -27.29 12.19 40.69
C LEU A 640 -27.05 12.98 39.40
N ARG A 641 -27.59 14.19 39.31
CA ARG A 641 -27.36 14.98 38.09
C ARG A 641 -25.89 15.27 37.83
N PRO A 642 -25.10 15.77 38.78
CA PRO A 642 -23.68 16.02 38.47
C PRO A 642 -22.91 14.75 38.14
N ILE A 643 -23.26 13.63 38.76
CA ILE A 643 -22.56 12.38 38.49
C ILE A 643 -22.85 11.91 37.06
N ASN A 644 -24.13 11.87 36.67
CA ASN A 644 -24.48 11.48 35.31
C ASN A 644 -24.00 12.50 34.28
N ALA A 645 -23.77 13.75 34.69
CA ALA A 645 -23.18 14.76 33.83
C ALA A 645 -21.66 14.65 33.75
N LEU A 646 -21.09 13.56 34.25
CA LEU A 646 -19.65 13.32 34.22
C LEU A 646 -18.86 14.39 34.97
N LYS A 647 -19.44 14.86 36.09
CA LYS A 647 -18.79 15.85 36.94
C LYS A 647 -18.70 15.38 38.39
N GLY A 648 -18.79 14.08 38.63
CA GLY A 648 -18.82 13.57 40.00
C GLY A 648 -17.55 13.83 40.79
N ASP A 649 -16.42 13.98 40.10
CA ASP A 649 -15.16 14.25 40.79
C ASP A 649 -15.16 15.61 41.49
N GLU A 650 -16.04 16.52 41.10
CA GLU A 650 -16.08 17.82 41.74
C GLU A 650 -16.84 17.82 43.05
N LEU A 651 -17.56 16.75 43.36
CA LEU A 651 -18.36 16.70 44.59
C LEU A 651 -17.45 16.57 45.79
N PRO A 652 -17.54 17.46 46.77
CA PRO A 652 -16.66 17.37 47.94
C PRO A 652 -17.11 16.27 48.89
N VAL A 653 -16.30 16.06 49.93
CA VAL A 653 -16.53 14.96 50.87
C VAL A 653 -17.87 15.14 51.61
N SER A 654 -18.24 16.39 51.89
CA SER A 654 -19.48 16.66 52.61
C SER A 654 -20.73 16.26 51.83
N THR A 655 -20.58 15.80 50.59
CA THR A 655 -21.74 15.42 49.80
C THR A 655 -22.30 14.06 50.21
N PHE A 656 -21.47 13.18 50.74
CA PHE A 656 -21.79 11.77 50.84
C PHE A 656 -22.04 11.36 52.29
N THR A 657 -22.88 10.32 52.43
CA THR A 657 -23.12 9.71 53.72
C THR A 657 -21.86 8.97 54.19
N PRO A 658 -21.66 8.84 55.51
CA PRO A 658 -20.45 8.18 56.00
C PRO A 658 -20.49 6.66 55.90
N ASP A 659 -21.63 6.06 55.55
CA ASP A 659 -21.75 4.61 55.51
C ASP A 659 -22.22 4.04 54.17
N GLY A 660 -22.22 4.85 53.11
CA GLY A 660 -22.62 4.33 51.81
C GLY A 660 -24.07 3.97 51.68
N VAL A 661 -24.96 4.69 52.38
CA VAL A 661 -26.39 4.46 52.30
C VAL A 661 -26.99 5.43 51.29
N PHE A 662 -27.81 4.91 50.38
CA PHE A 662 -28.38 5.69 49.30
C PHE A 662 -29.90 5.60 49.33
N PRO A 663 -30.60 6.60 48.80
CA PRO A 663 -32.06 6.51 48.70
C PRO A 663 -32.49 5.50 47.64
N VAL A 664 -33.76 5.14 47.69
CA VAL A 664 -34.33 4.20 46.75
C VAL A 664 -35.15 4.95 45.71
N GLY A 665 -35.45 4.27 44.60
CA GLY A 665 -36.29 4.83 43.56
C GLY A 665 -35.70 6.06 42.90
N THR A 666 -34.44 5.98 42.47
CA THR A 666 -33.78 7.11 41.85
C THR A 666 -33.52 6.92 40.36
N THR A 667 -33.71 5.72 39.81
CA THR A 667 -33.51 5.51 38.38
C THR A 667 -34.60 6.16 37.54
N LYS A 668 -35.75 6.47 38.15
CA LYS A 668 -36.83 7.12 37.42
C LYS A 668 -36.49 8.54 37.01
N TYR A 669 -35.42 9.12 37.56
CA TYR A 669 -34.98 10.46 37.19
C TYR A 669 -33.96 10.44 36.05
N GLU A 670 -33.53 9.27 35.59
CA GLU A 670 -32.50 9.19 34.56
C GLU A 670 -33.05 9.52 33.18
N LYS A 671 -34.07 8.81 32.73
CA LYS A 671 -34.71 9.04 31.43
C LYS A 671 -33.68 9.10 30.31
N ARG A 672 -32.94 7.99 30.15
CA ARG A 672 -31.82 7.96 29.23
C ARG A 672 -32.26 8.07 27.78
N GLY A 673 -33.38 7.45 27.42
CA GLY A 673 -33.89 7.52 26.06
C GLY A 673 -32.92 6.93 25.05
N ILE A 674 -32.51 5.68 25.27
CA ILE A 674 -31.49 5.04 24.45
C ILE A 674 -32.09 4.12 23.40
N ALA A 675 -33.41 3.99 23.36
CA ALA A 675 -34.04 3.03 22.46
C ALA A 675 -34.01 3.52 21.02
N VAL A 676 -33.77 2.59 20.10
CA VAL A 676 -33.89 2.90 18.69
C VAL A 676 -35.35 2.76 18.24
N ASN A 677 -36.05 1.75 18.75
CA ASN A 677 -37.46 1.55 18.49
C ASN A 677 -38.19 1.37 19.80
N ILE A 678 -39.46 1.77 19.84
CA ILE A 678 -40.29 1.61 21.04
C ILE A 678 -41.60 0.94 20.66
N PRO A 679 -42.19 0.13 21.54
CA PRO A 679 -43.47 -0.52 21.19
C PRO A 679 -44.60 0.50 21.11
N GLN A 680 -45.39 0.40 20.04
CA GLN A 680 -46.61 1.17 19.88
C GLN A 680 -47.78 0.22 20.08
N TRP A 681 -48.70 0.59 20.96
CA TRP A 681 -49.79 -0.29 21.36
C TRP A 681 -50.94 -0.12 20.38
N GLN A 682 -51.46 -1.24 19.88
CA GLN A 682 -52.60 -1.24 18.97
C GLN A 682 -53.81 -1.65 19.80
N PRO A 683 -54.64 -0.70 20.25
CA PRO A 683 -55.72 -1.06 21.18
C PRO A 683 -56.70 -2.07 20.64
N GLU A 684 -56.87 -2.14 19.32
CA GLU A 684 -57.86 -3.04 18.74
C GLU A 684 -57.40 -4.50 18.73
N ASN A 685 -56.09 -4.75 18.78
CA ASN A 685 -55.56 -6.10 18.76
C ASN A 685 -55.24 -6.63 20.15
N CYS A 686 -55.38 -5.80 21.19
CA CYS A 686 -54.95 -6.15 22.52
C CYS A 686 -56.06 -6.91 23.25
N ILE A 687 -55.71 -8.07 23.82
CA ILE A 687 -56.64 -8.86 24.61
C ILE A 687 -56.51 -8.58 26.10
N GLN A 688 -55.66 -7.63 26.49
CA GLN A 688 -55.48 -7.24 27.89
C GLN A 688 -54.99 -8.41 28.73
N CYS A 689 -53.82 -8.93 28.36
CA CYS A 689 -53.23 -10.07 29.03
C CYS A 689 -52.02 -9.71 29.90
N ASN A 690 -51.44 -8.54 29.69
CA ASN A 690 -50.36 -7.99 30.51
C ASN A 690 -49.07 -8.81 30.48
N GLN A 691 -48.93 -9.73 29.53
CA GLN A 691 -47.69 -10.47 29.42
C GLN A 691 -46.53 -9.59 28.97
N CYS A 692 -46.82 -8.51 28.25
CA CYS A 692 -45.76 -7.59 27.86
C CYS A 692 -45.16 -6.90 29.09
N SER A 693 -46.00 -6.54 30.06
CA SER A 693 -45.49 -5.95 31.29
C SER A 693 -44.71 -6.98 32.10
N LEU A 694 -45.04 -8.27 31.94
CA LEU A 694 -44.38 -9.32 32.70
C LEU A 694 -42.94 -9.55 32.24
N VAL A 695 -42.70 -9.51 30.92
CA VAL A 695 -41.41 -9.90 30.36
C VAL A 695 -40.47 -8.71 30.17
N CYS A 696 -40.91 -7.48 30.45
CA CYS A 696 -40.07 -6.31 30.20
C CYS A 696 -38.89 -6.30 31.16
N PRO A 697 -37.65 -6.37 30.68
CA PRO A 697 -36.50 -6.35 31.59
C PRO A 697 -36.22 -5.00 32.23
N HIS A 698 -36.98 -3.95 31.91
CA HIS A 698 -36.74 -2.62 32.46
C HIS A 698 -38.00 -1.97 33.01
N ALA A 699 -39.12 -2.69 33.08
CA ALA A 699 -40.39 -2.14 33.56
C ALA A 699 -40.79 -0.89 32.78
N ALA A 700 -40.51 -0.90 31.48
CA ALA A 700 -40.81 0.24 30.61
C ALA A 700 -42.20 0.16 30.00
N ILE A 701 -42.90 -0.96 30.16
CA ILE A 701 -44.25 -1.15 29.63
C ILE A 701 -45.11 -1.78 30.71
N ARG A 702 -46.24 -1.14 31.01
CA ARG A 702 -47.09 -1.53 32.13
C ARG A 702 -48.54 -1.29 31.74
N PRO A 703 -49.48 -2.01 32.35
CA PRO A 703 -50.89 -1.72 32.15
C PRO A 703 -51.40 -0.70 33.17
N TYR A 704 -52.35 0.12 32.71
CA TYR A 704 -52.93 1.17 33.53
C TYR A 704 -54.45 1.09 33.47
N LEU A 705 -55.08 1.07 34.64
CA LEU A 705 -56.52 1.12 34.77
C LEU A 705 -56.93 2.47 35.34
N ALA A 706 -58.11 2.93 34.96
CA ALA A 706 -58.59 4.23 35.45
C ALA A 706 -60.09 4.31 35.27
N LYS A 707 -60.75 4.88 36.28
CA LYS A 707 -62.17 5.19 36.16
C LYS A 707 -62.35 6.25 35.08
N PRO A 708 -63.49 6.23 34.37
CA PRO A 708 -63.68 7.19 33.28
C PRO A 708 -63.58 8.65 33.70
N ALA A 709 -63.85 8.97 34.97
CA ALA A 709 -63.70 10.35 35.42
C ALA A 709 -62.24 10.78 35.49
N ASP A 710 -61.34 9.84 35.78
CA ASP A 710 -59.91 10.14 35.88
C ASP A 710 -59.24 10.34 34.54
N LEU A 711 -59.93 10.09 33.43
CA LEU A 711 -59.37 10.31 32.10
C LEU A 711 -59.68 11.70 31.55
N ALA A 712 -59.87 12.68 32.44
CA ALA A 712 -60.30 14.00 32.02
C ALA A 712 -59.23 14.73 31.21
N GLY A 713 -58.08 15.01 31.84
CA GLY A 713 -57.02 15.76 31.19
C GLY A 713 -56.08 14.94 30.33
N ALA A 714 -56.54 13.80 29.85
CA ALA A 714 -55.71 12.93 29.03
C ALA A 714 -55.44 13.58 27.67
N PRO A 715 -54.23 13.41 27.12
CA PRO A 715 -53.99 13.89 25.76
C PRO A 715 -54.86 13.12 24.78
N GLU A 716 -54.99 13.69 23.58
CA GLU A 716 -55.86 13.07 22.58
C GLU A 716 -55.36 11.70 22.15
N THR A 717 -54.05 11.45 22.28
CA THR A 717 -53.47 10.17 21.87
C THR A 717 -53.54 9.09 22.94
N PHE A 718 -54.05 9.41 24.14
CA PHE A 718 -54.16 8.43 25.22
C PHE A 718 -55.41 7.56 25.04
N VAL A 719 -55.43 6.80 23.95
CA VAL A 719 -56.59 5.99 23.61
C VAL A 719 -56.70 4.82 24.57
N THR A 720 -57.90 4.61 25.11
CA THR A 720 -58.17 3.56 26.09
C THR A 720 -59.20 2.59 25.52
N LYS A 721 -59.38 1.48 26.24
CA LYS A 721 -60.36 0.46 25.87
C LYS A 721 -61.07 -0.02 27.13
N ASP A 722 -62.26 -0.57 26.94
CA ASP A 722 -63.02 -1.10 28.07
C ASP A 722 -62.29 -2.28 28.70
N ALA A 723 -62.34 -2.36 30.03
CA ALA A 723 -61.59 -3.37 30.75
C ALA A 723 -62.31 -4.71 30.74
N ILE A 724 -61.59 -5.77 30.41
CA ILE A 724 -62.12 -7.13 30.39
C ILE A 724 -62.03 -7.73 31.79
N GLY A 725 -63.11 -8.37 32.22
CA GLY A 725 -63.11 -9.03 33.50
C GLY A 725 -64.10 -8.49 34.50
N LYS A 726 -64.67 -9.37 35.33
CA LYS A 726 -65.62 -8.94 36.35
C LYS A 726 -64.96 -8.10 37.43
N GLU A 727 -63.64 -8.25 37.63
CA GLU A 727 -62.94 -7.49 38.64
C GLU A 727 -62.79 -6.03 38.24
N ALA A 728 -62.57 -5.78 36.95
CA ALA A 728 -62.36 -4.43 36.42
C ALA A 728 -63.58 -3.92 35.68
N ALA A 729 -64.78 -4.29 36.13
CA ALA A 729 -65.99 -3.83 35.48
C ALA A 729 -66.13 -2.31 35.63
N GLY A 730 -66.50 -1.65 34.53
CA GLY A 730 -66.69 -0.22 34.54
C GLY A 730 -65.41 0.60 34.49
N LEU A 731 -64.27 -0.03 34.21
CA LEU A 731 -62.99 0.65 34.16
C LEU A 731 -62.43 0.64 32.75
N LYS A 732 -61.47 1.54 32.52
CA LYS A 732 -60.75 1.63 31.26
C LYS A 732 -59.36 1.00 31.38
N PHE A 733 -58.86 0.48 30.26
CA PHE A 733 -57.60 -0.23 30.20
C PHE A 733 -56.72 0.36 29.11
N ARG A 734 -55.41 0.40 29.36
CA ARG A 734 -54.45 0.84 28.35
C ARG A 734 -53.07 0.29 28.68
N ILE A 735 -52.39 -0.22 27.65
CA ILE A 735 -51.00 -0.64 27.76
C ILE A 735 -50.13 0.55 27.33
N GLN A 736 -49.40 1.13 28.27
CA GLN A 736 -48.60 2.32 28.02
C GLN A 736 -47.12 2.05 28.24
N VAL A 737 -46.29 2.55 27.33
CA VAL A 737 -44.85 2.38 27.38
C VAL A 737 -44.19 3.71 27.77
N SER A 738 -43.07 3.60 28.49
CA SER A 738 -42.26 4.77 28.83
C SER A 738 -41.18 4.93 27.76
N PRO A 739 -41.30 5.91 26.86
CA PRO A 739 -40.34 6.01 25.75
C PRO A 739 -38.91 6.28 26.18
N LEU A 740 -38.71 7.13 27.18
CA LEU A 740 -37.35 7.47 27.59
C LEU A 740 -36.69 6.37 28.40
N ASP A 741 -37.47 5.42 28.92
CA ASP A 741 -36.90 4.33 29.70
C ASP A 741 -36.86 3.02 28.94
N CYS A 742 -37.59 2.90 27.84
CA CYS A 742 -37.53 1.70 27.03
C CYS A 742 -36.16 1.57 26.39
N THR A 743 -35.73 0.32 26.20
CA THR A 743 -34.42 0.02 25.61
C THR A 743 -34.48 -0.44 24.16
N GLY A 744 -35.67 -0.66 23.60
CA GLY A 744 -35.77 -1.13 22.23
C GLY A 744 -35.40 -2.58 22.05
N CYS A 745 -35.46 -3.37 23.12
CA CYS A 745 -35.04 -4.77 23.05
C CYS A 745 -35.98 -5.61 22.19
N GLY A 746 -37.28 -5.35 22.26
CA GLY A 746 -38.24 -6.06 21.46
C GLY A 746 -38.81 -7.32 22.08
N ASN A 747 -38.63 -7.54 23.39
CA ASN A 747 -39.20 -8.72 24.01
C ASN A 747 -40.73 -8.64 24.09
N CYS A 748 -41.28 -7.45 24.35
CA CYS A 748 -42.73 -7.33 24.51
C CYS A 748 -43.46 -7.59 23.20
N ALA A 749 -42.88 -7.17 22.08
CA ALA A 749 -43.51 -7.45 20.78
C ALA A 749 -43.48 -8.93 20.45
N ASP A 750 -42.45 -9.65 20.90
CA ASP A 750 -42.34 -11.06 20.59
C ASP A 750 -43.28 -11.91 21.44
N VAL A 751 -43.57 -11.48 22.67
CA VAL A 751 -44.40 -12.27 23.57
C VAL A 751 -45.89 -12.05 23.33
N CYS A 752 -46.27 -10.93 22.72
CA CYS A 752 -47.67 -10.60 22.49
C CYS A 752 -48.35 -11.73 21.72
N PRO A 753 -49.26 -12.46 22.36
CA PRO A 753 -49.86 -13.64 21.74
C PRO A 753 -51.14 -13.39 20.94
N ALA A 754 -51.51 -12.14 20.72
CA ALA A 754 -52.73 -11.86 19.99
C ALA A 754 -52.63 -12.35 18.55
N LYS A 755 -53.80 -12.56 17.93
CA LYS A 755 -53.84 -12.99 16.53
C LYS A 755 -53.07 -12.03 15.65
N VAL A 756 -53.46 -10.75 15.67
CA VAL A 756 -52.69 -9.68 15.06
C VAL A 756 -51.87 -9.02 16.16
N LYS A 757 -50.59 -8.79 15.89
CA LYS A 757 -49.68 -8.26 16.91
C LYS A 757 -50.19 -6.92 17.43
N ALA A 758 -50.37 -6.84 18.75
CA ALA A 758 -50.80 -5.61 19.41
C ALA A 758 -49.64 -4.69 19.75
N LEU A 759 -48.40 -5.11 19.49
CA LEU A 759 -47.22 -4.29 19.71
C LEU A 759 -46.35 -4.36 18.46
N THR A 760 -46.00 -3.19 17.92
CA THR A 760 -45.13 -3.10 16.76
C THR A 760 -44.02 -2.11 17.06
N MET A 761 -42.78 -2.48 16.71
CA MET A 761 -41.61 -1.65 17.00
C MET A 761 -41.54 -0.49 16.02
N VAL A 762 -41.68 0.72 16.55
CA VAL A 762 -41.63 1.94 15.73
C VAL A 762 -40.45 2.78 16.22
N PRO A 763 -39.82 3.57 15.35
CA PRO A 763 -38.66 4.36 15.79
C PRO A 763 -39.03 5.32 16.90
N LEU A 764 -38.08 5.50 17.84
CA LEU A 764 -38.34 6.35 19.00
C LEU A 764 -38.60 7.79 18.58
N GLU A 765 -37.74 8.33 17.70
CA GLU A 765 -37.82 9.75 17.35
C GLU A 765 -39.16 10.11 16.73
N GLU A 766 -39.83 9.15 16.08
CA GLU A 766 -41.08 9.48 15.40
C GLU A 766 -42.24 9.66 16.37
N VAL A 767 -42.24 8.91 17.48
CA VAL A 767 -43.34 8.93 18.43
C VAL A 767 -42.91 9.39 19.82
N THR A 768 -41.69 9.91 19.95
CA THR A 768 -41.17 10.26 21.28
C THR A 768 -41.95 11.42 21.89
N ALA A 769 -42.26 12.45 21.10
CA ALA A 769 -43.00 13.58 21.65
C ALA A 769 -44.40 13.16 22.09
N VAL A 770 -45.03 12.28 21.32
CA VAL A 770 -46.39 11.86 21.64
C VAL A 770 -46.41 10.97 22.88
N GLU A 771 -45.60 9.91 22.88
CA GLU A 771 -45.65 8.94 23.97
C GLU A 771 -45.13 9.49 25.29
N GLU A 772 -44.29 10.53 25.27
CA GLU A 772 -43.85 11.14 26.53
C GLU A 772 -45.03 11.77 27.26
N ALA A 773 -45.85 12.55 26.57
CA ALA A 773 -47.03 13.11 27.20
C ALA A 773 -48.02 12.02 27.58
N ASN A 774 -48.06 10.93 26.81
CA ASN A 774 -48.92 9.79 27.14
C ASN A 774 -48.45 9.12 28.42
N TYR A 775 -47.15 8.86 28.54
CA TYR A 775 -46.62 8.23 29.74
C TYR A 775 -46.76 9.15 30.95
N ASN A 776 -46.50 10.45 30.77
CA ASN A 776 -46.62 11.39 31.87
C ASN A 776 -48.04 11.46 32.42
N PHE A 777 -49.04 11.19 31.57
CA PHE A 777 -50.41 11.13 32.08
C PHE A 777 -50.72 9.80 32.73
N ALA A 778 -50.22 8.70 32.17
CA ALA A 778 -50.49 7.38 32.76
C ALA A 778 -49.84 7.25 34.14
N GLU A 779 -48.66 7.86 34.30
CA GLU A 779 -47.96 7.77 35.57
C GLU A 779 -48.68 8.57 36.66
N GLN A 780 -49.39 9.63 36.29
CA GLN A 780 -50.11 10.46 37.24
C GLN A 780 -51.51 9.94 37.54
N LEU A 781 -51.88 8.77 37.03
CA LEU A 781 -53.19 8.22 37.31
C LEU A 781 -53.28 7.81 38.77
N PRO A 782 -54.43 8.03 39.42
CA PRO A 782 -54.58 7.61 40.81
C PRO A 782 -54.65 6.09 40.93
N GLU A 783 -54.41 5.61 42.14
CA GLU A 783 -54.48 4.17 42.39
C GLU A 783 -55.92 3.68 42.28
N VAL A 784 -56.08 2.47 41.76
CA VAL A 784 -57.39 1.87 41.53
C VAL A 784 -57.45 0.56 42.30
N LYS A 785 -58.38 0.48 43.26
CA LYS A 785 -58.56 -0.75 44.02
C LYS A 785 -59.23 -1.78 43.13
N VAL A 786 -58.54 -2.88 42.87
CA VAL A 786 -59.05 -3.93 41.99
C VAL A 786 -58.83 -5.28 42.68
N ASN A 787 -59.80 -6.18 42.48
CA ASN A 787 -59.80 -7.49 43.13
C ASN A 787 -59.26 -8.60 42.22
N PHE A 788 -58.35 -8.26 41.32
CA PHE A 788 -57.71 -9.28 40.49
C PHE A 788 -56.83 -10.18 41.35
N ASN A 789 -56.86 -11.47 41.05
CA ASN A 789 -56.08 -12.45 41.79
C ASN A 789 -54.61 -12.22 41.53
N PRO A 790 -53.80 -11.90 42.55
CA PRO A 790 -52.35 -11.72 42.31
C PRO A 790 -51.63 -13.00 41.94
N ALA A 791 -52.25 -14.17 42.11
CA ALA A 791 -51.64 -15.44 41.77
C ALA A 791 -51.62 -15.72 40.28
N THR A 792 -52.28 -14.91 39.47
CA THR A 792 -52.29 -15.06 38.02
C THR A 792 -51.32 -14.08 37.37
N VAL A 793 -51.01 -14.34 36.11
CA VAL A 793 -50.12 -13.46 35.37
C VAL A 793 -50.77 -12.10 35.13
N LYS A 794 -52.04 -12.10 34.71
CA LYS A 794 -52.75 -10.85 34.44
C LYS A 794 -52.94 -10.02 35.69
N GLY A 795 -53.34 -10.65 36.80
CA GLY A 795 -53.62 -9.91 38.01
C GLY A 795 -52.38 -9.33 38.67
N SER A 796 -51.25 -10.04 38.56
CA SER A 796 -50.03 -9.59 39.20
C SER A 796 -49.46 -8.33 38.53
N GLN A 797 -49.69 -8.17 37.23
CA GLN A 797 -49.14 -7.02 36.52
C GLN A 797 -49.88 -5.73 36.80
N PHE A 798 -51.05 -5.79 37.41
CA PHE A 798 -51.72 -4.58 37.85
C PHE A 798 -51.13 -4.02 39.14
N ARG A 799 -50.34 -4.81 39.85
CA ARG A 799 -49.59 -4.32 41.01
C ARG A 799 -48.35 -3.58 40.53
N GLN A 800 -47.96 -2.54 41.25
CA GLN A 800 -46.86 -1.68 40.82
C GLN A 800 -45.54 -2.43 40.84
N PRO A 801 -44.75 -2.39 39.77
CA PRO A 801 -43.40 -2.97 39.82
C PRO A 801 -42.49 -2.13 40.70
N LEU A 802 -41.76 -2.81 41.59
CA LEU A 802 -40.83 -2.14 42.49
C LEU A 802 -39.37 -2.31 42.07
N LEU A 803 -39.13 -2.72 40.82
CA LEU A 803 -37.79 -2.74 40.23
C LEU A 803 -37.92 -2.19 38.83
N GLU A 804 -37.39 -1.00 38.58
CA GLU A 804 -37.63 -0.31 37.33
C GLU A 804 -36.37 0.39 36.82
N PHE A 805 -36.17 0.35 35.50
CA PHE A 805 -35.22 1.20 34.80
C PHE A 805 -33.77 0.94 35.22
N SER A 806 -33.45 -0.33 35.46
CA SER A 806 -32.09 -0.68 35.88
C SER A 806 -31.12 -0.64 34.69
N GLY A 807 -29.84 -0.82 35.00
CA GLY A 807 -28.78 -0.83 34.03
C GLY A 807 -28.47 -2.16 33.38
N ALA A 808 -29.34 -3.15 33.52
CA ALA A 808 -29.11 -4.43 32.87
C ALA A 808 -29.17 -4.24 31.35
N CYS A 809 -28.66 -5.23 30.62
CA CYS A 809 -28.65 -5.13 29.17
C CYS A 809 -30.07 -5.14 28.62
N ALA A 810 -30.19 -4.71 27.36
CA ALA A 810 -31.47 -4.79 26.66
C ALA A 810 -31.85 -6.24 26.47
N GLY A 811 -33.01 -6.63 26.99
CA GLY A 811 -33.44 -8.01 26.89
C GLY A 811 -32.83 -8.95 27.91
N CYS A 812 -32.38 -8.43 29.04
CA CYS A 812 -31.77 -9.27 30.06
C CYS A 812 -32.76 -10.31 30.58
N GLY A 813 -32.27 -11.52 30.77
CA GLY A 813 -33.10 -12.59 31.28
C GLY A 813 -33.22 -12.68 32.78
N GLU A 814 -32.55 -11.79 33.52
CA GLU A 814 -32.55 -11.81 34.99
C GLU A 814 -33.60 -10.88 35.60
N THR A 815 -33.65 -9.63 35.15
CA THR A 815 -34.54 -8.66 35.78
C THR A 815 -36.03 -9.00 35.72
N PRO A 816 -36.55 -9.68 34.68
CA PRO A 816 -37.97 -10.06 34.74
C PRO A 816 -38.32 -10.96 35.92
N TYR A 817 -37.41 -11.83 36.34
CA TYR A 817 -37.66 -12.64 37.53
C TYR A 817 -37.77 -11.76 38.77
N VAL A 818 -36.78 -10.91 39.00
CA VAL A 818 -36.75 -10.08 40.19
C VAL A 818 -37.90 -9.07 40.18
N LYS A 819 -38.23 -8.53 39.00
CA LYS A 819 -39.35 -7.61 38.90
C LYS A 819 -40.66 -8.28 39.33
N LEU A 820 -40.85 -9.55 38.94
CA LEU A 820 -42.07 -10.26 39.30
C LEU A 820 -42.16 -10.51 40.80
N VAL A 821 -41.03 -10.76 41.46
CA VAL A 821 -41.05 -10.99 42.91
C VAL A 821 -41.49 -9.73 43.64
N THR A 822 -41.03 -8.56 43.20
CA THR A 822 -41.43 -7.31 43.84
C THR A 822 -42.91 -7.04 43.68
N GLN A 823 -43.51 -7.54 42.60
CA GLN A 823 -44.94 -7.36 42.38
C GLN A 823 -45.79 -8.26 43.29
N LEU A 824 -45.22 -9.36 43.78
CA LEU A 824 -45.96 -10.27 44.66
C LEU A 824 -45.75 -9.95 46.14
N PHE A 825 -44.49 -9.79 46.55
CA PHE A 825 -44.17 -9.62 47.97
C PHE A 825 -43.29 -8.41 48.26
N GLY A 826 -43.07 -7.54 47.27
CA GLY A 826 -42.17 -6.41 47.45
C GLY A 826 -42.57 -5.45 48.56
N ASP A 827 -43.84 -5.46 48.95
CA ASP A 827 -44.32 -4.60 50.02
C ASP A 827 -43.64 -4.89 51.36
N ARG A 828 -43.10 -6.10 51.54
CA ARG A 828 -42.63 -6.52 52.86
C ARG A 828 -41.36 -7.37 52.77
N MET A 829 -40.53 -7.16 51.75
CA MET A 829 -39.36 -8.02 51.57
C MET A 829 -38.05 -7.26 51.77
N ILE A 830 -37.04 -8.00 52.20
CA ILE A 830 -35.67 -7.52 52.37
C ILE A 830 -34.78 -8.37 51.46
N ILE A 831 -33.89 -7.71 50.71
CA ILE A 831 -33.09 -8.38 49.70
C ILE A 831 -31.64 -8.40 50.14
N ALA A 832 -31.04 -9.59 50.16
CA ALA A 832 -29.60 -9.75 50.30
C ALA A 832 -29.09 -10.25 48.95
N ASN A 833 -28.42 -9.37 48.22
CA ASN A 833 -28.07 -9.62 46.83
C ASN A 833 -26.58 -9.88 46.73
N ALA A 834 -26.22 -11.01 46.12
CA ALA A 834 -24.83 -11.37 45.95
C ALA A 834 -24.17 -10.47 44.91
N THR A 835 -22.85 -10.37 45.02
CA THR A 835 -22.10 -9.63 44.01
C THR A 835 -22.24 -10.33 42.67
N GLY A 836 -22.41 -9.54 41.62
CA GLY A 836 -22.63 -10.09 40.30
C GLY A 836 -23.41 -9.09 39.46
N CYS A 837 -23.95 -9.57 38.35
CA CYS A 837 -24.77 -8.72 37.51
C CYS A 837 -25.92 -8.11 38.29
N SER A 838 -26.63 -8.94 39.07
CA SER A 838 -27.79 -8.45 39.81
C SER A 838 -27.42 -7.36 40.81
N SER A 839 -26.16 -7.33 41.26
CA SER A 839 -25.70 -6.25 42.11
C SER A 839 -25.21 -5.04 41.33
N ILE A 840 -24.85 -5.22 40.06
CA ILE A 840 -24.41 -4.10 39.24
C ILE A 840 -25.60 -3.31 38.71
N TRP A 841 -26.59 -3.99 38.12
CA TRP A 841 -27.80 -3.29 37.69
C TRP A 841 -28.75 -3.00 38.84
N GLY A 842 -28.61 -3.70 39.96
CA GLY A 842 -29.47 -3.51 41.11
C GLY A 842 -28.92 -2.50 42.09
N GLY A 843 -27.61 -2.29 42.08
CA GLY A 843 -27.01 -1.40 43.06
C GLY A 843 -25.72 -0.73 42.64
N SER A 844 -25.74 0.01 41.53
CA SER A 844 -24.62 0.85 41.14
C SER A 844 -24.95 2.29 41.48
N ALA A 845 -24.13 2.91 42.34
CA ALA A 845 -24.35 4.30 42.73
C ALA A 845 -24.29 5.19 41.48
N PRO A 846 -25.04 6.31 41.47
CA PRO A 846 -25.90 6.81 42.54
C PRO A 846 -27.37 6.48 42.30
N ALA A 847 -27.65 5.64 41.31
CA ALA A 847 -29.01 5.34 40.88
C ALA A 847 -29.45 4.01 41.47
N CYS A 848 -30.64 3.99 42.06
CA CYS A 848 -31.19 2.76 42.64
C CYS A 848 -32.45 2.35 41.88
N PRO A 849 -32.47 1.17 41.25
CA PRO A 849 -33.66 0.76 40.50
C PRO A 849 -34.82 0.30 41.37
N TYR A 850 -34.57 -0.07 42.62
CA TYR A 850 -35.65 -0.43 43.52
C TYR A 850 -36.35 0.83 44.02
N THR A 851 -37.68 0.82 43.96
CA THR A 851 -38.49 1.99 44.25
C THR A 851 -39.60 1.60 45.23
N VAL A 852 -40.44 2.57 45.57
CA VAL A 852 -41.46 2.40 46.58
C VAL A 852 -42.84 2.54 45.94
N ASN A 853 -43.86 2.14 46.70
CA ASN A 853 -45.24 2.32 46.27
C ASN A 853 -45.74 3.67 46.77
N ARG A 854 -47.06 3.89 46.72
CA ARG A 854 -47.60 5.18 47.11
C ARG A 854 -47.49 5.39 48.62
N GLN A 855 -47.48 4.32 49.41
CA GLN A 855 -47.31 4.42 50.85
C GLN A 855 -45.88 4.60 51.28
N GLY A 856 -44.93 4.56 50.35
CA GLY A 856 -43.53 4.70 50.68
C GLY A 856 -42.83 3.41 51.03
N HIS A 857 -43.47 2.26 50.81
CA HIS A 857 -42.91 0.96 51.14
C HIS A 857 -42.31 0.31 49.90
N GLY A 858 -41.19 -0.36 50.09
CA GLY A 858 -40.51 -1.03 49.02
C GLY A 858 -39.35 -1.86 49.54
N PRO A 859 -38.77 -2.68 48.68
CA PRO A 859 -37.71 -3.60 49.14
C PRO A 859 -36.50 -2.83 49.63
N ALA A 860 -35.97 -3.27 50.77
CA ALA A 860 -34.68 -2.81 51.26
C ALA A 860 -33.59 -3.71 50.69
N TRP A 861 -32.54 -3.09 50.14
CA TRP A 861 -31.56 -3.80 49.34
C TRP A 861 -30.18 -3.66 49.97
N ALA A 862 -29.44 -4.76 50.03
CA ALA A 862 -28.10 -4.77 50.58
C ALA A 862 -27.27 -5.81 49.86
N SER A 863 -26.01 -5.47 49.58
CA SER A 863 -25.05 -6.41 49.02
C SER A 863 -23.83 -6.41 49.94
N SER A 864 -23.46 -7.60 50.42
CA SER A 864 -22.30 -7.73 51.29
C SER A 864 -21.07 -8.07 50.45
N LEU A 865 -20.87 -9.35 50.19
CA LEU A 865 -19.74 -9.84 49.41
C LEU A 865 -20.24 -10.85 48.38
N PHE A 866 -19.31 -11.37 47.59
CA PHE A 866 -19.65 -12.38 46.59
C PHE A 866 -19.89 -13.74 47.23
N GLU A 867 -19.11 -14.09 48.25
CA GLU A 867 -19.09 -15.43 48.81
C GLU A 867 -20.03 -15.62 49.98
N ASP A 868 -20.54 -14.55 50.58
CA ASP A 868 -21.23 -14.63 51.86
C ASP A 868 -22.72 -14.32 51.78
N ASN A 869 -23.31 -14.30 50.58
CA ASN A 869 -24.65 -13.76 50.44
C ASN A 869 -25.68 -14.61 51.15
N ALA A 870 -25.55 -15.93 51.11
CA ALA A 870 -26.50 -16.81 51.80
C ALA A 870 -26.45 -16.59 53.30
N GLU A 871 -25.24 -16.60 53.88
CA GLU A 871 -25.10 -16.30 55.30
C GLU A 871 -25.48 -14.86 55.60
N PHE A 872 -25.32 -13.96 54.63
CA PHE A 872 -25.75 -12.58 54.81
C PHE A 872 -27.26 -12.50 55.04
N GLY A 873 -28.04 -13.13 54.15
CA GLY A 873 -29.48 -13.12 54.33
C GLY A 873 -29.94 -13.90 55.54
N TYR A 874 -29.22 -14.97 55.88
CA TYR A 874 -29.54 -15.73 57.09
C TYR A 874 -29.45 -14.85 58.33
N GLY A 875 -28.40 -14.03 58.41
CA GLY A 875 -28.29 -13.09 59.51
C GLY A 875 -29.42 -12.08 59.56
N MET A 876 -29.88 -11.64 58.38
CA MET A 876 -31.03 -10.73 58.35
C MET A 876 -32.26 -11.40 58.94
N ALA A 877 -32.47 -12.69 58.63
CA ALA A 877 -33.63 -13.40 59.14
C ALA A 877 -33.59 -13.48 60.67
N LEU A 878 -32.42 -13.74 61.25
CA LEU A 878 -32.29 -13.79 62.70
C LEU A 878 -32.62 -12.45 63.32
N ALA A 879 -32.12 -11.36 62.75
CA ALA A 879 -32.35 -10.04 63.32
C ALA A 879 -33.81 -9.63 63.20
N VAL A 880 -34.43 -9.87 62.03
CA VAL A 880 -35.84 -9.52 61.86
C VAL A 880 -36.70 -10.30 62.85
N ALA A 881 -36.36 -11.58 63.07
CA ALA A 881 -37.08 -12.35 64.07
C ALA A 881 -36.91 -11.77 65.46
N LYS A 882 -35.72 -11.27 65.78
CA LYS A 882 -35.50 -10.62 67.08
C LYS A 882 -36.30 -9.33 67.17
N ARG A 883 -36.38 -8.57 66.08
CA ARG A 883 -37.13 -7.30 66.11
C ARG A 883 -38.62 -7.53 66.27
N GLN A 884 -39.15 -8.61 65.70
CA GLN A 884 -40.56 -8.92 65.92
C GLN A 884 -40.80 -9.40 67.35
N ASP A 885 -39.83 -10.10 67.93
CA ASP A 885 -39.97 -10.57 69.30
C ASP A 885 -40.01 -9.40 70.28
N GLU A 886 -39.20 -8.36 70.05
CA GLU A 886 -39.25 -7.19 70.91
C GLU A 886 -40.59 -6.48 70.78
N LEU A 887 -41.17 -6.47 69.57
CA LEU A 887 -42.48 -5.88 69.37
C LEU A 887 -43.58 -6.69 70.06
N ALA A 888 -43.51 -8.02 69.96
CA ALA A 888 -44.53 -8.87 70.55
C ALA A 888 -44.56 -8.75 72.07
N THR A 889 -43.40 -8.50 72.69
CA THR A 889 -43.37 -8.31 74.14
C THR A 889 -44.09 -7.03 74.53
N ALA A 890 -43.88 -5.95 73.76
CA ALA A 890 -44.56 -4.69 74.05
C ALA A 890 -46.06 -4.76 73.77
N ILE A 891 -46.48 -5.56 72.79
CA ILE A 891 -47.90 -5.71 72.53
C ILE A 891 -48.58 -6.54 73.62
N SER A 892 -47.91 -7.61 74.08
CA SER A 892 -48.47 -8.41 75.16
C SER A 892 -48.57 -7.60 76.45
N LYS A 893 -47.63 -6.66 76.66
CA LYS A 893 -47.72 -5.78 77.82
C LYS A 893 -48.88 -4.80 77.69
N ALA A 894 -49.25 -4.42 76.46
CA ALA A 894 -50.36 -3.50 76.27
C ALA A 894 -51.69 -4.14 76.63
N LEU A 895 -51.79 -5.47 76.56
CA LEU A 895 -53.04 -6.15 76.90
C LEU A 895 -53.42 -5.91 78.35
N GLU A 896 -52.44 -5.80 79.24
CA GLU A 896 -52.67 -5.56 80.66
C GLU A 896 -52.76 -4.07 80.99
N ALA A 897 -52.71 -3.20 79.98
CA ALA A 897 -52.76 -1.76 80.17
C ALA A 897 -54.17 -1.25 79.94
N PRO A 898 -54.56 -0.15 80.58
CA PRO A 898 -55.88 0.43 80.33
C PRO A 898 -55.96 1.07 78.96
N VAL A 899 -56.26 0.28 77.94
CA VAL A 899 -56.38 0.77 76.56
C VAL A 899 -57.76 0.39 76.02
N SER A 900 -58.07 0.96 74.85
CA SER A 900 -59.38 0.77 74.25
C SER A 900 -59.62 -0.70 73.92
N ALA A 901 -60.90 -1.10 73.95
CA ALA A 901 -61.25 -2.47 73.64
C ALA A 901 -60.95 -2.80 72.18
N ALA A 902 -61.12 -1.83 71.28
CA ALA A 902 -60.75 -2.05 69.88
C ALA A 902 -59.25 -2.23 69.73
N PHE A 903 -58.46 -1.57 70.58
CA PHE A 903 -57.01 -1.76 70.54
C PHE A 903 -56.63 -3.17 70.98
N LYS A 904 -57.25 -3.66 72.06
CA LYS A 904 -56.95 -5.00 72.54
C LYS A 904 -57.38 -6.06 71.53
N ALA A 905 -58.45 -5.82 70.78
CA ALA A 905 -58.89 -6.79 69.78
C ALA A 905 -57.87 -6.96 68.67
N ALA A 906 -57.31 -5.85 68.19
CA ALA A 906 -56.29 -5.93 67.14
C ALA A 906 -54.96 -6.47 67.67
N CYS A 907 -54.64 -6.23 68.94
CA CYS A 907 -53.40 -6.75 69.50
C CYS A 907 -53.44 -8.27 69.63
N GLU A 908 -54.54 -8.80 70.16
CA GLU A 908 -54.68 -10.25 70.28
C GLU A 908 -54.72 -10.91 68.90
N GLY A 909 -55.38 -10.27 67.94
CA GLY A 909 -55.41 -10.83 66.59
C GLY A 909 -54.04 -10.86 65.96
N TRP A 910 -53.20 -9.86 66.24
CA TRP A 910 -51.86 -9.86 65.70
C TRP A 910 -51.00 -10.93 66.38
N LEU A 911 -51.11 -11.04 67.71
CA LEU A 911 -50.30 -12.00 68.45
C LEU A 911 -50.56 -13.43 68.00
N ALA A 912 -51.80 -13.74 67.59
CA ALA A 912 -52.12 -15.08 67.12
C ALA A 912 -51.64 -15.32 65.70
N GLY A 913 -51.50 -14.28 64.89
CA GLY A 913 -51.15 -14.42 63.50
C GLY A 913 -49.93 -13.63 63.05
N LYS A 914 -49.00 -13.38 63.97
CA LYS A 914 -47.81 -12.60 63.63
C LYS A 914 -46.92 -13.31 62.61
N ASP A 915 -47.03 -14.63 62.47
CA ASP A 915 -46.19 -15.40 61.56
C ASP A 915 -46.88 -15.68 60.22
N ASP A 916 -48.03 -15.08 59.96
CA ASP A 916 -48.72 -15.20 58.69
C ASP A 916 -48.67 -13.87 57.95
N ALA A 917 -48.40 -13.94 56.65
CA ALA A 917 -48.21 -12.72 55.86
C ALA A 917 -49.48 -11.87 55.81
N ASP A 918 -50.61 -12.50 55.45
CA ASP A 918 -51.84 -11.73 55.26
C ASP A 918 -52.43 -11.27 56.59
N ARG A 919 -52.45 -12.16 57.59
CA ARG A 919 -53.07 -11.82 58.86
C ARG A 919 -52.25 -10.78 59.62
N SER A 920 -50.92 -10.88 59.57
CA SER A 920 -50.10 -9.89 60.25
C SER A 920 -50.23 -8.51 59.62
N ARG A 921 -50.41 -8.44 58.30
CA ARG A 921 -50.65 -7.15 57.67
C ARG A 921 -52.02 -6.61 58.04
N GLU A 922 -53.03 -7.49 58.08
CA GLU A 922 -54.39 -7.04 58.38
C GLU A 922 -54.48 -6.45 59.78
N TYR A 923 -54.13 -7.24 60.80
CA TYR A 923 -54.18 -6.75 62.17
C TYR A 923 -53.09 -5.72 62.46
N GLY A 924 -51.96 -5.81 61.74
CA GLY A 924 -50.93 -4.80 61.91
C GLY A 924 -51.39 -3.42 61.49
N ASP A 925 -52.07 -3.35 60.34
CA ASP A 925 -52.60 -2.07 59.90
C ASP A 925 -53.73 -1.58 60.80
N ARG A 926 -54.48 -2.49 61.43
CA ARG A 926 -55.49 -2.08 62.40
C ARG A 926 -54.87 -1.37 63.59
N ILE A 927 -53.77 -1.91 64.12
CA ILE A 927 -53.09 -1.28 65.24
C ILE A 927 -52.56 0.09 64.84
N LYS A 928 -52.04 0.20 63.62
CA LYS A 928 -51.52 1.47 63.14
C LYS A 928 -52.59 2.55 63.11
N ALA A 929 -53.82 2.16 62.75
CA ALA A 929 -54.90 3.13 62.66
C ALA A 929 -55.36 3.59 64.03
N LEU A 930 -55.26 2.72 65.03
CA LEU A 930 -55.67 3.05 66.39
C LEU A 930 -54.56 3.70 67.21
N LEU A 931 -53.32 3.66 66.73
CA LEU A 931 -52.20 4.19 67.51
C LEU A 931 -52.29 5.69 67.80
N PRO A 932 -52.49 6.58 66.82
CA PRO A 932 -52.50 8.01 67.16
C PRO A 932 -53.59 8.40 68.15
N GLY A 933 -54.79 7.83 68.03
CA GLY A 933 -55.84 8.12 68.97
C GLY A 933 -55.61 7.52 70.34
N GLU A 934 -55.01 6.33 70.40
CA GLU A 934 -54.77 5.68 71.69
C GLU A 934 -53.71 6.42 72.49
N ILE A 935 -52.69 6.95 71.82
CA ILE A 935 -51.66 7.73 72.50
C ILE A 935 -52.24 9.02 73.05
N SER A 936 -53.14 9.65 72.30
CA SER A 936 -53.74 10.89 72.78
C SER A 936 -54.59 10.67 74.03
N GLN A 937 -55.18 9.49 74.17
CA GLN A 937 -56.04 9.19 75.30
C GLN A 937 -55.30 8.62 76.49
N ALA A 938 -53.97 8.52 76.41
CA ALA A 938 -53.15 7.96 77.48
C ALA A 938 -52.21 9.02 78.04
N SER A 939 -51.63 8.70 79.19
CA SER A 939 -50.69 9.59 79.85
C SER A 939 -49.80 8.77 80.78
N GLY A 940 -48.64 9.33 81.10
CA GLY A 940 -47.76 8.66 82.04
C GLY A 940 -47.09 7.44 81.44
N GLU A 941 -47.01 6.37 82.24
CA GLU A 941 -46.34 5.15 81.80
C GLU A 941 -47.13 4.40 80.73
N VAL A 942 -48.46 4.52 80.74
CA VAL A 942 -49.25 3.85 79.71
C VAL A 942 -48.99 4.47 78.34
N LYS A 943 -48.86 5.80 78.29
CA LYS A 943 -48.55 6.47 77.03
C LYS A 943 -47.18 6.05 76.52
N ASP A 944 -46.23 5.85 77.43
CA ASP A 944 -44.89 5.41 77.03
C ASP A 944 -44.93 4.00 76.45
N LEU A 945 -45.78 3.12 76.98
CA LEU A 945 -45.91 1.78 76.43
C LEU A 945 -46.48 1.82 75.01
N LEU A 946 -47.40 2.76 74.75
CA LEU A 946 -47.94 2.92 73.41
C LEU A 946 -46.91 3.54 72.47
N LEU A 947 -46.10 4.46 72.99
CA LEU A 947 -45.07 5.08 72.16
C LEU A 947 -43.98 4.07 71.77
N ASP A 948 -43.76 3.04 72.59
CA ASP A 948 -42.80 2.01 72.22
C ASP A 948 -43.35 1.10 71.14
N ILE A 949 -44.67 0.85 71.14
CA ILE A 949 -45.28 0.12 70.05
C ILE A 949 -45.21 0.93 68.76
N ASP A 950 -45.48 2.24 68.85
CA ASP A 950 -45.41 3.10 67.67
C ASP A 950 -44.00 3.16 67.11
N ARG A 951 -42.99 3.10 67.98
CA ARG A 951 -41.61 3.11 67.55
C ARG A 951 -41.26 1.86 66.75
N GLN A 952 -41.98 0.76 67.00
CA GLN A 952 -41.71 -0.52 66.35
C GLN A 952 -42.79 -0.93 65.37
N LYS A 953 -43.68 -0.02 64.96
CA LYS A 953 -44.77 -0.39 64.07
C LYS A 953 -44.30 -0.86 62.72
N ASP A 954 -43.05 -0.56 62.35
CA ASP A 954 -42.48 -1.04 61.09
C ASP A 954 -42.13 -2.52 61.11
N TYR A 955 -42.44 -3.24 62.20
CA TYR A 955 -42.23 -4.68 62.28
C TYR A 955 -43.52 -5.45 62.53
N LEU A 956 -44.67 -4.79 62.46
CA LEU A 956 -45.95 -5.50 62.58
C LEU A 956 -46.17 -6.45 61.41
N THR A 957 -46.01 -5.95 60.18
CA THR A 957 -46.15 -6.79 59.00
C THR A 957 -44.98 -7.75 58.90
N LYS A 958 -45.28 -9.04 58.71
CA LYS A 958 -44.23 -10.05 58.59
C LYS A 958 -43.38 -9.81 57.35
N LYS A 959 -42.08 -9.96 57.50
CA LYS A 959 -41.14 -9.72 56.41
C LYS A 959 -40.87 -11.00 55.64
N SER A 960 -40.35 -10.83 54.41
CA SER A 960 -40.06 -11.93 53.50
C SER A 960 -38.62 -11.79 53.05
N ILE A 961 -37.75 -12.64 53.58
CA ILE A 961 -36.33 -12.56 53.27
C ILE A 961 -36.07 -13.24 51.93
N TRP A 962 -35.44 -12.51 51.01
CA TRP A 962 -35.12 -13.02 49.68
C TRP A 962 -33.62 -12.90 49.44
N ILE A 963 -32.97 -14.02 49.13
CA ILE A 963 -31.54 -14.09 48.91
C ILE A 963 -31.33 -14.29 47.42
N ILE A 964 -30.91 -13.23 46.72
CA ILE A 964 -30.80 -13.23 45.27
C ILE A 964 -29.33 -13.19 44.88
N GLY A 965 -28.97 -13.98 43.88
CA GLY A 965 -27.59 -14.05 43.41
C GLY A 965 -27.53 -14.87 42.14
N GLY A 966 -26.35 -14.86 41.51
CA GLY A 966 -26.14 -15.57 40.27
C GLY A 966 -25.74 -17.01 40.47
N ASP A 967 -25.63 -17.73 39.35
CA ASP A 967 -25.27 -19.15 39.43
C ASP A 967 -23.83 -19.34 39.86
N GLY A 968 -22.95 -18.40 39.51
CA GLY A 968 -21.56 -18.50 39.96
C GLY A 968 -21.46 -18.44 41.48
N TRP A 969 -22.30 -17.60 42.09
CA TRP A 969 -22.34 -17.56 43.54
C TRP A 969 -22.90 -18.86 44.10
N ALA A 970 -24.05 -19.29 43.57
CA ALA A 970 -24.76 -20.42 44.15
C ALA A 970 -24.06 -21.75 43.89
N TYR A 971 -23.45 -21.90 42.71
CA TYR A 971 -22.84 -23.17 42.34
C TYR A 971 -21.38 -23.28 42.75
N ASP A 972 -20.70 -22.17 42.97
CA ASP A 972 -19.27 -22.20 43.24
C ASP A 972 -18.91 -21.55 44.57
N ILE A 973 -18.66 -20.23 44.56
CA ILE A 973 -17.99 -19.58 45.68
C ILE A 973 -18.89 -19.53 46.92
N GLY A 974 -20.19 -19.34 46.73
CA GLY A 974 -21.10 -19.29 47.85
C GLY A 974 -21.89 -20.55 48.08
N TYR A 975 -21.51 -21.66 47.43
CA TYR A 975 -22.29 -22.89 47.55
C TYR A 975 -22.21 -23.46 48.96
N GLY A 976 -21.03 -23.42 49.58
CA GLY A 976 -20.89 -23.90 50.94
C GLY A 976 -21.80 -23.16 51.91
N GLY A 977 -21.90 -21.83 51.76
CA GLY A 977 -22.78 -21.06 52.61
C GLY A 977 -24.25 -21.29 52.29
N LEU A 978 -24.57 -21.42 51.00
CA LEU A 978 -25.95 -21.71 50.61
C LEU A 978 -26.38 -23.08 51.13
N ASP A 979 -25.48 -24.06 51.04
CA ASP A 979 -25.76 -25.38 51.59
C ASP A 979 -26.08 -25.30 53.07
N HIS A 980 -25.34 -24.48 53.81
CA HIS A 980 -25.57 -24.36 55.25
C HIS A 980 -26.88 -23.65 55.56
N VAL A 981 -27.20 -22.57 54.83
CA VAL A 981 -28.41 -21.82 55.11
C VAL A 981 -29.66 -22.63 54.73
N LEU A 982 -29.59 -23.39 53.64
CA LEU A 982 -30.72 -24.25 53.29
C LEU A 982 -30.91 -25.36 54.32
N ALA A 983 -29.80 -25.97 54.78
CA ALA A 983 -29.88 -27.03 55.76
C ALA A 983 -30.38 -26.56 57.12
N SER A 984 -30.24 -25.26 57.43
CA SER A 984 -30.63 -24.77 58.74
C SER A 984 -32.14 -24.83 58.95
N GLY A 985 -32.91 -24.70 57.88
CA GLY A 985 -34.36 -24.69 57.99
C GLY A 985 -34.98 -23.33 58.19
N ALA A 986 -34.19 -22.26 58.14
CA ALA A 986 -34.71 -20.91 58.33
C ALA A 986 -35.70 -20.56 57.21
N ASN A 987 -36.61 -19.63 57.50
CA ASN A 987 -37.61 -19.21 56.52
C ASN A 987 -36.99 -18.14 55.61
N VAL A 988 -36.17 -18.62 54.66
CA VAL A 988 -35.53 -17.77 53.67
C VAL A 988 -35.86 -18.30 52.28
N ASN A 989 -35.81 -17.39 51.29
CA ASN A 989 -36.11 -17.71 49.90
C ASN A 989 -34.91 -17.35 49.03
N VAL A 990 -34.27 -18.36 48.45
CA VAL A 990 -33.08 -18.19 47.62
C VAL A 990 -33.50 -18.22 46.15
N LEU A 991 -33.14 -17.16 45.41
CA LEU A 991 -33.42 -17.04 43.98
C LEU A 991 -32.08 -17.00 43.25
N VAL A 992 -31.77 -18.08 42.53
CA VAL A 992 -30.54 -18.20 41.76
C VAL A 992 -30.86 -17.87 40.31
N LEU A 993 -30.30 -16.77 39.81
CA LEU A 993 -30.43 -16.39 38.41
C LEU A 993 -29.32 -17.12 37.63
N ASP A 994 -29.66 -18.26 37.05
CA ASP A 994 -28.69 -19.15 36.40
C ASP A 994 -28.47 -18.69 34.96
N THR A 995 -27.33 -18.05 34.70
CA THR A 995 -26.90 -17.73 33.34
C THR A 995 -25.87 -18.70 32.79
N GLU A 996 -25.48 -19.70 33.58
CA GLU A 996 -24.51 -20.73 33.21
C GLU A 996 -23.09 -20.19 32.98
N VAL A 997 -22.81 -18.95 33.36
CA VAL A 997 -21.50 -18.33 33.24
C VAL A 997 -21.38 -17.26 34.32
N TYR A 998 -20.17 -16.71 34.48
CA TYR A 998 -19.99 -15.51 35.29
C TYR A 998 -20.25 -14.33 34.36
N SER A 999 -21.51 -13.89 34.35
CA SER A 999 -21.96 -12.96 33.31
C SER A 999 -21.35 -11.58 33.45
N ASN A 1000 -21.28 -11.04 34.67
CA ASN A 1000 -20.82 -9.66 34.84
C ASN A 1000 -19.36 -9.50 34.41
N THR A 1001 -18.52 -10.47 34.74
CA THR A 1001 -17.09 -10.39 34.46
C THR A 1001 -16.74 -10.80 33.03
N GLY A 1002 -17.71 -10.96 32.15
CA GLY A 1002 -17.46 -11.20 30.74
C GLY A 1002 -17.89 -12.57 30.23
N GLY A 1003 -18.29 -13.49 31.10
CA GLY A 1003 -18.80 -14.76 30.64
C GLY A 1003 -17.81 -15.90 30.79
N GLN A 1004 -17.39 -16.16 32.02
CA GLN A 1004 -16.42 -17.20 32.31
C GLN A 1004 -17.10 -18.49 32.75
N SER A 1005 -16.33 -19.57 32.74
CA SER A 1005 -16.85 -20.89 33.02
C SER A 1005 -17.31 -21.02 34.47
N SER A 1006 -18.33 -21.85 34.69
CA SER A 1006 -18.92 -22.07 36.00
C SER A 1006 -19.32 -23.54 36.10
N LYS A 1007 -19.65 -23.99 37.31
CA LYS A 1007 -20.24 -25.32 37.43
C LYS A 1007 -21.64 -25.39 36.84
N ALA A 1008 -22.28 -24.24 36.62
CA ALA A 1008 -23.56 -24.22 35.95
C ALA A 1008 -23.40 -24.30 34.43
N THR A 1009 -22.19 -24.18 33.92
CA THR A 1009 -21.94 -24.34 32.49
C THR A 1009 -22.17 -25.80 32.09
N GLN A 1010 -22.85 -25.98 30.96
CA GLN A 1010 -23.21 -27.32 30.50
C GLN A 1010 -22.03 -27.98 29.78
N THR A 1011 -22.20 -29.25 29.46
CA THR A 1011 -21.17 -29.98 28.73
C THR A 1011 -21.00 -29.38 27.34
N GLY A 1012 -19.75 -29.20 26.93
CA GLY A 1012 -19.45 -28.73 25.59
C GLY A 1012 -19.57 -27.23 25.40
N ALA A 1013 -20.16 -26.50 26.34
CA ALA A 1013 -20.30 -25.07 26.20
C ALA A 1013 -18.95 -24.38 26.32
N VAL A 1014 -18.72 -23.41 25.43
CA VAL A 1014 -17.47 -22.66 25.39
C VAL A 1014 -17.69 -21.31 26.07
N ALA A 1015 -16.86 -21.02 27.07
CA ALA A 1015 -16.86 -19.75 27.75
C ALA A 1015 -15.42 -19.40 28.09
N ARG A 1016 -15.22 -18.21 28.65
CA ARG A 1016 -13.87 -17.82 29.06
C ARG A 1016 -13.42 -18.73 30.20
N PHE A 1017 -12.14 -19.10 30.17
CA PHE A 1017 -11.53 -20.15 30.99
C PHE A 1017 -11.95 -21.56 30.54
N ALA A 1018 -12.68 -21.67 29.44
CA ALA A 1018 -13.06 -22.95 28.85
C ALA A 1018 -13.04 -22.82 27.33
N ALA A 1019 -11.87 -22.47 26.79
CA ALA A 1019 -11.77 -22.19 25.36
C ALA A 1019 -12.06 -23.43 24.53
N GLY A 1020 -11.62 -24.59 24.99
CA GLY A 1020 -11.88 -25.85 24.32
C GLY A 1020 -13.15 -26.53 24.73
N GLY A 1021 -13.99 -25.86 25.50
CA GLY A 1021 -15.23 -26.46 25.97
C GLY A 1021 -15.08 -27.16 27.31
N LYS A 1022 -16.15 -27.11 28.09
CA LYS A 1022 -16.19 -27.77 29.39
C LYS A 1022 -16.52 -29.24 29.19
N PHE A 1023 -15.66 -30.12 29.70
CA PHE A 1023 -15.90 -31.56 29.56
C PHE A 1023 -16.92 -32.06 30.57
N THR A 1024 -16.71 -31.75 31.85
CA THR A 1024 -17.62 -32.22 32.88
C THR A 1024 -19.00 -31.58 32.71
N LYS A 1025 -20.03 -32.33 33.10
CA LYS A 1025 -21.40 -31.88 32.90
C LYS A 1025 -21.79 -30.85 33.95
N LYS A 1026 -22.98 -30.29 33.77
CA LYS A 1026 -23.46 -29.27 34.71
C LYS A 1026 -23.79 -29.91 36.05
N LYS A 1027 -23.31 -29.29 37.12
CA LYS A 1027 -23.68 -29.72 38.46
C LYS A 1027 -25.15 -29.44 38.73
N ASP A 1028 -25.85 -30.41 39.32
CA ASP A 1028 -27.27 -30.28 39.60
C ASP A 1028 -27.46 -29.72 41.00
N LEU A 1029 -27.53 -28.39 41.10
CA LEU A 1029 -27.74 -27.74 42.40
C LEU A 1029 -29.09 -28.09 42.97
N GLY A 1030 -30.13 -28.13 42.13
CA GLY A 1030 -31.46 -28.44 42.62
C GLY A 1030 -31.55 -29.83 43.23
N LEU A 1031 -30.84 -30.80 42.64
CA LEU A 1031 -30.90 -32.16 43.16
C LEU A 1031 -30.24 -32.26 44.54
N MET A 1032 -29.15 -31.53 44.75
CA MET A 1032 -28.46 -31.60 46.04
C MET A 1032 -29.28 -30.95 47.15
N ALA A 1033 -30.01 -29.88 46.84
CA ALA A 1033 -30.86 -29.25 47.86
C ALA A 1033 -32.05 -30.14 48.19
N MET A 1034 -32.48 -31.00 47.26
CA MET A 1034 -33.56 -31.92 47.54
C MET A 1034 -33.14 -33.03 48.50
N SER A 1035 -31.84 -33.29 48.61
CA SER A 1035 -31.37 -34.40 49.44
C SER A 1035 -31.68 -34.18 50.91
N TYR A 1036 -31.85 -32.92 51.33
CA TYR A 1036 -32.24 -32.67 52.71
C TYR A 1036 -33.69 -33.07 52.96
N GLY A 1037 -34.54 -32.93 51.95
CA GLY A 1037 -35.94 -33.27 52.06
C GLY A 1037 -36.84 -32.17 52.60
N TYR A 1038 -36.32 -31.31 53.47
CA TYR A 1038 -37.10 -30.21 54.03
C TYR A 1038 -36.82 -28.88 53.35
N VAL A 1039 -36.16 -28.90 52.20
CA VAL A 1039 -35.85 -27.72 51.42
C VAL A 1039 -36.76 -27.73 50.19
N TYR A 1040 -37.54 -26.66 50.02
CA TYR A 1040 -38.33 -26.51 48.81
C TYR A 1040 -37.41 -26.13 47.65
N VAL A 1041 -37.43 -26.93 46.59
CA VAL A 1041 -36.59 -26.70 45.42
C VAL A 1041 -37.48 -26.68 44.18
N ALA A 1042 -37.25 -25.70 43.31
CA ALA A 1042 -38.01 -25.59 42.08
C ALA A 1042 -37.12 -25.04 40.99
N SER A 1043 -37.32 -25.54 39.77
CA SER A 1043 -36.59 -25.08 38.60
C SER A 1043 -37.60 -24.43 37.66
N VAL A 1044 -37.38 -23.15 37.33
CA VAL A 1044 -38.35 -22.36 36.59
C VAL A 1044 -37.67 -21.73 35.38
N ALA A 1045 -38.50 -21.27 34.45
CA ALA A 1045 -38.01 -20.56 33.26
C ALA A 1045 -39.18 -19.74 32.72
N MET A 1046 -39.08 -18.41 32.83
CA MET A 1046 -40.21 -17.56 32.45
C MET A 1046 -40.54 -17.69 30.97
N GLY A 1047 -39.52 -17.76 30.12
CA GLY A 1047 -39.75 -17.91 28.69
C GLY A 1047 -40.45 -19.19 28.31
N ALA A 1048 -40.34 -20.23 29.13
CA ALA A 1048 -40.96 -21.52 28.83
C ALA A 1048 -42.40 -21.59 29.29
N SER A 1049 -42.69 -21.19 30.53
CA SER A 1049 -44.03 -21.31 31.09
C SER A 1049 -44.24 -20.21 32.13
N HIS A 1050 -45.17 -19.30 31.85
CA HIS A 1050 -45.52 -18.26 32.82
C HIS A 1050 -46.23 -18.85 34.04
N SER A 1051 -47.14 -19.78 33.82
CA SER A 1051 -47.93 -20.33 34.91
C SER A 1051 -47.08 -21.18 35.85
N GLN A 1052 -46.10 -21.90 35.31
CA GLN A 1052 -45.23 -22.72 36.15
C GLN A 1052 -44.32 -21.84 37.03
N LEU A 1053 -43.92 -20.68 36.52
CA LEU A 1053 -43.13 -19.76 37.33
C LEU A 1053 -43.96 -19.16 38.45
N MET A 1054 -45.23 -18.82 38.18
CA MET A 1054 -46.10 -18.25 39.20
C MET A 1054 -46.33 -19.23 40.36
N LYS A 1055 -46.56 -20.51 40.04
CA LYS A 1055 -46.87 -21.49 41.07
C LYS A 1055 -45.67 -21.74 41.99
N ALA A 1056 -44.48 -21.85 41.40
CA ALA A 1056 -43.30 -22.17 42.20
C ALA A 1056 -42.92 -21.01 43.12
N LEU A 1057 -43.04 -19.76 42.64
CA LEU A 1057 -42.69 -18.61 43.47
C LEU A 1057 -43.62 -18.48 44.66
N ILE A 1058 -44.92 -18.65 44.44
CA ILE A 1058 -45.88 -18.49 45.53
C ILE A 1058 -45.76 -19.66 46.51
N GLU A 1059 -45.57 -20.87 45.99
CA GLU A 1059 -45.39 -22.03 46.86
C GLU A 1059 -44.11 -21.91 47.68
N ALA A 1060 -43.06 -21.35 47.08
CA ALA A 1060 -41.79 -21.23 47.80
C ALA A 1060 -41.87 -20.19 48.91
N GLU A 1061 -42.55 -19.07 48.66
CA GLU A 1061 -42.62 -18.01 49.66
C GLU A 1061 -43.51 -18.38 50.83
N LYS A 1062 -44.63 -19.06 50.57
CA LYS A 1062 -45.51 -19.46 51.64
C LYS A 1062 -44.94 -20.60 52.48
N TYR A 1063 -44.00 -21.37 51.93
CA TYR A 1063 -43.41 -22.48 52.67
C TYR A 1063 -42.64 -21.96 53.87
N ASP A 1064 -43.01 -22.43 55.06
CA ASP A 1064 -42.34 -22.02 56.30
C ASP A 1064 -41.05 -22.82 56.44
N GLY A 1065 -40.08 -22.46 55.61
CA GLY A 1065 -38.80 -23.11 55.58
C GLY A 1065 -37.96 -22.62 54.42
N PRO A 1066 -36.83 -23.27 54.20
CA PRO A 1066 -35.94 -22.83 53.11
C PRO A 1066 -36.49 -23.21 51.76
N SER A 1067 -36.41 -22.25 50.83
CA SER A 1067 -36.90 -22.42 49.46
C SER A 1067 -35.79 -21.99 48.50
N LEU A 1068 -35.64 -22.76 47.42
CA LEU A 1068 -34.61 -22.50 46.43
C LEU A 1068 -35.26 -22.43 45.05
N ILE A 1069 -35.17 -21.28 44.40
CA ILE A 1069 -35.72 -21.07 43.07
C ILE A 1069 -34.55 -20.90 42.11
N ILE A 1070 -34.36 -21.86 41.22
CA ILE A 1070 -33.31 -21.80 40.22
C ILE A 1070 -33.97 -21.42 38.90
N ALA A 1071 -33.73 -20.20 38.43
CA ALA A 1071 -34.38 -19.66 37.25
C ALA A 1071 -33.39 -19.58 36.09
N TYR A 1072 -33.81 -20.08 34.93
CA TYR A 1072 -32.98 -19.96 33.73
C TYR A 1072 -33.05 -18.53 33.20
N ALA A 1073 -31.90 -17.87 33.09
CA ALA A 1073 -31.82 -16.48 32.67
C ALA A 1073 -31.00 -16.35 31.40
N PRO A 1074 -31.62 -16.18 30.23
CA PRO A 1074 -30.86 -15.95 29.00
C PRO A 1074 -30.03 -14.67 29.09
N CYS A 1075 -28.86 -14.70 28.47
CA CYS A 1075 -27.87 -13.64 28.63
C CYS A 1075 -27.15 -13.38 27.30
N ILE A 1076 -26.54 -12.19 27.21
CA ILE A 1076 -25.80 -11.84 25.99
C ILE A 1076 -24.58 -12.73 25.81
N ASN A 1077 -24.04 -13.27 26.90
CA ASN A 1077 -22.86 -14.13 26.80
C ASN A 1077 -23.15 -15.46 26.12
N HIS A 1078 -24.42 -15.81 25.91
CA HIS A 1078 -24.74 -17.02 25.15
C HIS A 1078 -24.46 -16.85 23.67
N GLY A 1079 -24.43 -15.62 23.16
CA GLY A 1079 -24.25 -15.37 21.74
C GLY A 1079 -25.55 -15.56 21.00
N ILE A 1080 -26.58 -14.83 21.40
CA ILE A 1080 -27.91 -14.91 20.80
C ILE A 1080 -28.48 -13.51 20.62
N ASN A 1081 -29.52 -13.42 19.81
CA ASN A 1081 -30.25 -12.17 19.58
C ASN A 1081 -31.15 -11.88 20.79
N MET A 1082 -30.83 -10.82 21.53
CA MET A 1082 -31.60 -10.48 22.72
C MET A 1082 -33.03 -10.06 22.43
N THR A 1083 -33.36 -9.74 21.18
CA THR A 1083 -34.75 -9.43 20.85
C THR A 1083 -35.66 -10.61 21.16
N TYR A 1084 -35.18 -11.83 20.92
CA TYR A 1084 -35.96 -13.04 21.17
C TYR A 1084 -35.44 -13.75 22.42
N SER A 1085 -35.24 -13.00 23.49
CA SER A 1085 -34.73 -13.59 24.73
C SER A 1085 -35.75 -14.52 25.37
N GLN A 1086 -37.03 -14.14 25.36
CA GLN A 1086 -38.07 -15.02 25.88
C GLN A 1086 -38.18 -16.30 25.07
N ARG A 1087 -38.06 -16.19 23.75
CA ARG A 1087 -38.16 -17.36 22.88
C ARG A 1087 -37.02 -18.35 23.12
N GLU A 1088 -35.82 -17.86 23.45
CA GLU A 1088 -34.72 -18.77 23.68
C GLU A 1088 -34.92 -19.61 24.93
N ALA A 1089 -35.58 -19.06 25.95
CA ALA A 1089 -35.90 -19.85 27.13
C ALA A 1089 -36.98 -20.88 26.87
N LYS A 1090 -37.90 -20.58 25.95
CA LYS A 1090 -38.91 -21.57 25.59
C LYS A 1090 -38.28 -22.74 24.83
N LYS A 1091 -37.35 -22.45 23.93
CA LYS A 1091 -36.66 -23.52 23.20
C LYS A 1091 -35.78 -24.35 24.12
N ALA A 1092 -35.28 -23.77 25.20
CA ALA A 1092 -34.40 -24.51 26.11
C ALA A 1092 -35.16 -25.64 26.81
N VAL A 1093 -36.36 -25.36 27.30
CA VAL A 1093 -37.14 -26.38 27.98
C VAL A 1093 -37.73 -27.37 26.98
N GLU A 1094 -38.16 -26.88 25.81
CA GLU A 1094 -38.74 -27.75 24.80
C GLU A 1094 -37.73 -28.72 24.20
N ALA A 1095 -36.44 -28.42 24.27
CA ALA A 1095 -35.40 -29.29 23.73
C ALA A 1095 -34.76 -30.19 24.79
N GLY A 1096 -35.30 -30.20 26.01
CA GLY A 1096 -34.72 -30.98 27.08
C GLY A 1096 -33.44 -30.42 27.66
N TYR A 1097 -33.11 -29.16 27.36
CA TYR A 1097 -31.88 -28.55 27.84
C TYR A 1097 -32.00 -28.05 29.27
N TRP A 1098 -33.20 -27.57 29.65
CA TRP A 1098 -33.45 -27.06 30.99
C TRP A 1098 -34.72 -27.72 31.52
N PRO A 1099 -34.67 -28.33 32.70
CA PRO A 1099 -35.87 -28.98 33.25
C PRO A 1099 -36.72 -28.00 34.04
N LEU A 1100 -38.01 -28.35 34.15
CA LEU A 1100 -38.97 -27.60 34.95
C LEU A 1100 -39.59 -28.57 35.95
N TYR A 1101 -39.28 -28.37 37.24
CA TYR A 1101 -39.80 -29.22 38.31
C TYR A 1101 -40.07 -28.39 39.55
N ARG A 1102 -40.77 -29.02 40.51
CA ARG A 1102 -41.05 -28.40 41.80
C ARG A 1102 -41.03 -29.48 42.87
N TYR A 1103 -40.18 -29.30 43.88
CA TYR A 1103 -40.08 -30.21 45.02
C TYR A 1103 -40.70 -29.53 46.22
N ASN A 1104 -41.89 -29.99 46.62
CA ASN A 1104 -42.62 -29.36 47.72
C ASN A 1104 -42.57 -30.26 48.95
N PRO A 1105 -41.81 -29.88 49.99
CA PRO A 1105 -41.79 -30.70 51.22
C PRO A 1105 -43.15 -30.79 51.89
N GLN A 1106 -44.04 -29.82 51.67
CA GLN A 1106 -45.37 -29.85 52.26
C GLN A 1106 -46.22 -30.99 51.69
N LEU A 1107 -45.94 -31.39 50.44
CA LEU A 1107 -46.63 -32.53 49.87
C LEU A 1107 -46.26 -33.84 50.56
N ALA A 1108 -45.04 -33.93 51.10
CA ALA A 1108 -44.64 -35.14 51.81
C ALA A 1108 -45.41 -35.31 53.11
N GLN A 1109 -45.70 -34.21 53.80
CA GLN A 1109 -46.51 -34.28 55.02
C GLN A 1109 -47.96 -34.66 54.75
N GLU A 1110 -48.45 -34.42 53.54
CA GLU A 1110 -49.81 -34.80 53.14
C GLU A 1110 -49.87 -36.19 52.54
N GLY A 1111 -48.79 -36.97 52.62
CA GLY A 1111 -48.76 -38.32 52.09
C GLY A 1111 -48.56 -38.42 50.59
N LYS A 1112 -48.30 -37.31 49.90
CA LYS A 1112 -48.18 -37.30 48.46
C LYS A 1112 -46.70 -37.29 48.05
N ASN A 1113 -46.48 -37.42 46.75
CA ASN A 1113 -45.12 -37.40 46.22
C ASN A 1113 -44.62 -35.96 46.17
N PRO A 1114 -43.49 -35.65 46.84
CA PRO A 1114 -43.01 -34.26 46.82
C PRO A 1114 -42.50 -33.80 45.46
N PHE A 1115 -42.03 -34.71 44.62
CA PHE A 1115 -41.41 -34.34 43.35
C PHE A 1115 -42.49 -34.30 42.27
N ILE A 1116 -42.64 -33.15 41.63
CA ILE A 1116 -43.58 -32.97 40.52
C ILE A 1116 -42.81 -32.49 39.30
N LEU A 1117 -42.84 -33.28 38.23
CA LEU A 1117 -42.20 -32.92 36.97
C LEU A 1117 -43.23 -32.18 36.12
N ASP A 1118 -43.03 -30.86 35.95
CA ASP A 1118 -44.02 -30.01 35.29
C ASP A 1118 -43.94 -30.05 33.77
N TYR A 1119 -42.86 -30.56 33.19
CA TYR A 1119 -42.74 -30.70 31.74
C TYR A 1119 -42.04 -32.04 31.49
N LYS A 1120 -42.80 -33.03 31.05
CA LYS A 1120 -42.31 -34.40 30.95
C LYS A 1120 -41.76 -34.74 29.58
N THR A 1121 -42.48 -34.39 28.51
CA THR A 1121 -42.12 -34.81 27.17
C THR A 1121 -41.66 -33.62 26.35
N PRO A 1122 -40.37 -33.53 25.99
CA PRO A 1122 -39.92 -32.43 25.13
C PRO A 1122 -40.29 -32.68 23.67
N THR A 1123 -40.54 -31.59 22.95
CA THR A 1123 -40.99 -31.65 21.57
C THR A 1123 -39.97 -31.13 20.58
N ALA A 1124 -38.94 -30.43 21.03
CA ALA A 1124 -37.95 -29.83 20.15
C ALA A 1124 -36.68 -30.67 20.12
N SER A 1125 -35.85 -30.42 19.10
CA SER A 1125 -34.60 -31.13 18.93
C SER A 1125 -33.51 -30.54 19.82
N PHE A 1126 -32.75 -31.42 20.46
CA PHE A 1126 -31.69 -30.97 21.36
C PHE A 1126 -30.52 -30.38 20.58
N ARG A 1127 -30.13 -31.00 19.47
CA ARG A 1127 -28.97 -30.53 18.72
C ARG A 1127 -29.24 -29.19 18.05
N ASP A 1128 -30.51 -28.94 17.64
CA ASP A 1128 -30.84 -27.68 17.00
C ASP A 1128 -30.80 -26.50 17.96
N PHE A 1129 -31.12 -26.72 19.24
CA PHE A 1129 -31.07 -25.62 20.20
C PHE A 1129 -29.64 -25.15 20.44
N LEU A 1130 -28.68 -26.08 20.45
CA LEU A 1130 -27.28 -25.71 20.66
C LEU A 1130 -26.76 -24.84 19.52
N MET A 1131 -27.17 -25.12 18.29
CA MET A 1131 -26.69 -24.35 17.15
C MET A 1131 -27.27 -22.94 17.08
N GLY A 1132 -28.28 -22.64 17.89
CA GLY A 1132 -28.83 -21.30 17.94
C GLY A 1132 -28.13 -20.35 18.87
N GLU A 1133 -27.04 -20.78 19.51
CA GLU A 1133 -26.28 -19.96 20.43
C GLU A 1133 -24.80 -20.08 20.08
N ILE A 1134 -24.11 -18.93 20.06
CA ILE A 1134 -22.71 -18.90 19.64
C ILE A 1134 -21.82 -19.67 20.62
N ARG A 1135 -22.22 -19.74 21.90
CA ARG A 1135 -21.40 -20.40 22.91
C ARG A 1135 -21.20 -21.88 22.65
N TYR A 1136 -21.96 -22.47 21.72
CA TYR A 1136 -21.76 -23.85 21.28
C TYR A 1136 -21.26 -23.97 19.85
N THR A 1137 -21.61 -23.04 18.97
CA THR A 1137 -21.17 -23.12 17.58
C THR A 1137 -19.71 -22.76 17.40
N SER A 1138 -19.16 -21.92 18.28
CA SER A 1138 -17.75 -21.55 18.18
C SER A 1138 -16.80 -22.72 18.44
N LEU A 1139 -17.27 -23.77 19.12
CA LEU A 1139 -16.44 -24.96 19.31
C LEU A 1139 -16.22 -25.71 18.00
N LYS A 1140 -17.23 -25.72 17.13
CA LYS A 1140 -17.15 -26.40 15.83
C LYS A 1140 -16.23 -25.67 14.84
N LYS A 1146 -13.33 -32.75 17.38
CA LYS A 1146 -13.50 -32.92 18.82
C LYS A 1146 -14.82 -32.32 19.26
N ALA A 1147 -15.33 -31.38 18.46
CA ALA A 1147 -16.56 -30.68 18.80
C ALA A 1147 -17.77 -31.60 18.77
N GLU A 1148 -17.86 -32.49 17.78
CA GLU A 1148 -19.00 -33.38 17.66
C GLU A 1148 -19.12 -34.36 18.83
N GLN A 1149 -17.99 -34.76 19.42
CA GLN A 1149 -18.05 -35.68 20.56
C GLN A 1149 -18.70 -35.04 21.77
N LEU A 1150 -18.46 -33.75 21.99
CA LEU A 1150 -19.05 -33.07 23.15
C LEU A 1150 -20.55 -32.82 22.96
N PHE A 1151 -20.99 -32.56 21.73
CA PHE A 1151 -22.42 -32.37 21.51
C PHE A 1151 -23.20 -33.65 21.80
N ALA A 1152 -22.60 -34.81 21.49
CA ALA A 1152 -23.26 -36.08 21.77
C ALA A 1152 -23.35 -36.36 23.26
N LYS A 1153 -22.32 -35.98 24.02
CA LYS A 1153 -22.35 -36.17 25.47
C LYS A 1153 -23.40 -35.29 26.12
N ALA A 1154 -23.60 -34.07 25.61
CA ALA A 1154 -24.61 -33.18 26.16
C ALA A 1154 -26.01 -33.72 25.97
N GLU A 1155 -26.27 -34.37 24.83
CA GLU A 1155 -27.59 -34.92 24.58
C GLU A 1155 -27.84 -36.16 25.44
N ALA A 1156 -26.81 -36.96 25.69
CA ALA A 1156 -26.97 -38.13 26.55
C ALA A 1156 -27.22 -37.74 28.00
N ASP A 1157 -26.60 -36.65 28.45
CA ASP A 1157 -26.83 -36.18 29.82
C ASP A 1157 -28.23 -35.60 29.98
N ALA A 1158 -28.76 -34.96 28.93
CA ALA A 1158 -30.10 -34.41 29.03
C ALA A 1158 -31.17 -35.50 29.06
N LYS A 1159 -30.92 -36.62 28.39
CA LYS A 1159 -31.87 -37.74 28.46
C LYS A 1159 -31.80 -38.44 29.81
N ALA A 1160 -30.60 -38.61 30.34
CA ALA A 1160 -30.46 -39.25 31.65
C ALA A 1160 -31.01 -38.38 32.76
N ARG A 1161 -30.93 -37.06 32.62
CA ARG A 1161 -31.50 -36.17 33.63
C ARG A 1161 -33.03 -36.19 33.57
N LEU A 1162 -33.60 -36.24 32.36
CA LEU A 1162 -35.04 -36.31 32.24
C LEU A 1162 -35.57 -37.67 32.70
N GLU A 1163 -34.86 -38.75 32.37
CA GLU A 1163 -35.28 -40.08 32.80
C GLU A 1163 -35.16 -40.24 34.32
N GLN A 1164 -34.19 -39.56 34.94
CA GLN A 1164 -34.08 -39.63 36.40
C GLN A 1164 -35.23 -38.88 37.07
N TYR A 1165 -35.68 -37.77 36.48
CA TYR A 1165 -36.82 -37.05 37.01
C TYR A 1165 -38.12 -37.82 36.81
N LYS A 1166 -38.20 -38.63 35.74
CA LYS A 1166 -39.38 -39.46 35.53
C LYS A 1166 -39.47 -40.56 36.59
N LYS A 1167 -38.34 -41.10 37.02
CA LYS A 1167 -38.36 -42.13 38.06
C LYS A 1167 -38.72 -41.53 39.42
N LEU A 1168 -38.21 -40.33 39.71
CA LEU A 1168 -38.57 -39.67 40.97
C LEU A 1168 -40.02 -39.23 40.99
N ALA A 1169 -40.60 -38.96 39.81
CA ALA A 1169 -42.00 -38.54 39.74
C ALA A 1169 -42.97 -39.72 39.78
N GLU A 1170 -42.58 -40.86 39.23
CA GLU A 1170 -43.43 -42.05 39.22
C GLU A 1170 -43.42 -42.75 40.58
N PRO B 2 -19.50 -8.62 92.61
CA PRO B 2 -19.11 -9.76 93.45
C PRO B 2 -17.80 -10.32 92.96
N LYS B 3 -17.15 -11.15 93.76
CA LYS B 3 -15.91 -11.78 93.38
C LYS B 3 -16.22 -13.20 92.93
N GLN B 4 -15.74 -13.56 91.74
CA GLN B 4 -15.86 -14.92 91.25
C GLN B 4 -14.54 -15.33 90.64
N THR B 5 -14.32 -16.64 90.54
CA THR B 5 -13.13 -17.19 89.92
C THR B 5 -13.51 -17.60 88.50
N LEU B 6 -13.02 -16.85 87.52
CA LEU B 6 -13.31 -17.08 86.12
C LEU B 6 -12.00 -17.07 85.33
N ASP B 7 -12.11 -17.43 84.05
CA ASP B 7 -11.04 -17.24 83.10
C ASP B 7 -11.38 -16.10 82.16
N GLY B 8 -10.41 -15.74 81.31
CA GLY B 8 -10.63 -14.67 80.36
C GLY B 8 -11.82 -14.93 79.45
N ASN B 9 -11.97 -16.16 78.99
CA ASN B 9 -13.08 -16.49 78.11
C ASN B 9 -14.41 -16.23 78.80
N THR B 10 -14.58 -16.76 80.01
CA THR B 10 -15.83 -16.56 80.73
C THR B 10 -16.06 -15.10 81.05
N ALA B 11 -14.99 -14.38 81.40
CA ALA B 11 -15.12 -12.95 81.68
C ALA B 11 -15.63 -12.19 80.45
N ALA B 12 -15.11 -12.53 79.26
CA ALA B 12 -15.57 -11.86 78.05
C ALA B 12 -16.99 -12.26 77.70
N ALA B 13 -17.28 -13.56 77.72
CA ALA B 13 -18.62 -14.03 77.40
C ALA B 13 -19.65 -13.45 78.35
N HIS B 14 -19.26 -13.21 79.61
CA HIS B 14 -20.16 -12.58 80.57
C HIS B 14 -20.65 -11.24 80.05
N VAL B 15 -19.73 -10.39 79.59
CA VAL B 15 -20.13 -9.07 79.10
C VAL B 15 -20.80 -9.18 77.74
N ALA B 16 -20.26 -10.03 76.86
CA ALA B 16 -20.82 -10.17 75.51
C ALA B 16 -22.26 -10.65 75.57
N TYR B 17 -22.56 -11.58 76.48
CA TYR B 17 -23.94 -12.07 76.61
C TYR B 17 -24.89 -10.96 77.05
N ALA B 18 -24.45 -10.11 77.97
CA ALA B 18 -25.33 -9.08 78.50
C ALA B 18 -25.67 -8.03 77.46
N MET B 19 -24.72 -7.71 76.57
CA MET B 19 -24.85 -6.56 75.68
C MET B 19 -25.34 -6.92 74.28
N SER B 20 -25.61 -8.20 74.02
CA SER B 20 -25.88 -8.64 72.67
C SER B 20 -27.20 -9.38 72.61
N GLU B 21 -27.85 -9.31 71.45
CA GLU B 21 -29.05 -10.08 71.16
C GLU B 21 -28.76 -11.34 70.37
N VAL B 22 -27.81 -11.27 69.43
CA VAL B 22 -27.46 -12.39 68.57
C VAL B 22 -25.97 -12.65 68.71
N ALA B 23 -25.59 -13.92 68.63
CA ALA B 23 -24.18 -14.31 68.61
C ALA B 23 -24.04 -15.46 67.63
N THR B 24 -23.47 -15.18 66.47
CA THR B 24 -23.22 -16.21 65.47
C THR B 24 -21.79 -16.70 65.67
N ILE B 25 -21.62 -18.01 65.85
CA ILE B 25 -20.35 -18.55 66.32
C ILE B 25 -19.90 -19.74 65.46
N TYR B 26 -18.61 -20.04 65.58
CA TYR B 26 -17.99 -21.20 64.95
C TYR B 26 -16.77 -21.53 65.77
N PRO B 27 -16.52 -22.80 66.08
CA PRO B 27 -15.48 -23.14 67.06
C PRO B 27 -14.07 -22.98 66.51
N ILE B 28 -13.20 -22.41 67.34
CA ILE B 28 -11.76 -22.43 67.11
C ILE B 28 -11.04 -22.18 68.43
N THR B 29 -10.11 -23.06 68.77
CA THR B 29 -9.30 -22.87 69.96
C THR B 29 -8.48 -21.58 69.80
N PRO B 30 -8.31 -20.79 70.87
CA PRO B 30 -8.87 -21.02 72.20
C PRO B 30 -10.09 -20.15 72.49
N SER B 31 -10.82 -19.76 71.44
CA SER B 31 -11.98 -18.90 71.61
C SER B 31 -13.28 -19.66 71.80
N SER B 32 -13.31 -20.93 71.39
CA SER B 32 -14.57 -21.67 71.47
C SER B 32 -15.17 -21.79 72.87
N PRO B 33 -14.39 -21.81 73.97
CA PRO B 33 -15.05 -21.77 75.30
C PRO B 33 -15.97 -20.59 75.48
N MET B 34 -15.69 -19.45 74.86
CA MET B 34 -16.62 -18.32 74.92
C MET B 34 -17.97 -18.69 74.31
N ALA B 35 -17.95 -19.32 73.13
CA ALA B 35 -19.21 -19.68 72.50
C ALA B 35 -19.87 -20.86 73.18
N GLU B 36 -19.09 -21.75 73.82
CA GLU B 36 -19.68 -22.88 74.53
C GLU B 36 -20.45 -22.41 75.74
N ILE B 37 -19.85 -21.53 76.55
CA ILE B 37 -20.50 -21.09 77.79
C ILE B 37 -21.66 -20.15 77.48
N ALA B 38 -21.58 -19.39 76.39
CA ALA B 38 -22.71 -18.57 75.96
C ALA B 38 -23.89 -19.45 75.51
N ASP B 39 -23.59 -20.60 74.93
CA ASP B 39 -24.62 -21.53 74.52
C ASP B 39 -25.30 -22.17 75.73
N GLU B 40 -24.52 -22.53 76.75
CA GLU B 40 -25.08 -23.12 77.97
C GLU B 40 -25.96 -22.12 78.72
N TRP B 41 -25.52 -20.86 78.81
CA TRP B 41 -26.32 -19.84 79.49
C TRP B 41 -27.67 -19.66 78.81
N ALA B 42 -27.69 -19.61 77.48
CA ALA B 42 -28.96 -19.47 76.77
C ALA B 42 -29.86 -20.67 77.02
N ALA B 43 -29.27 -21.87 77.10
CA ALA B 43 -30.06 -23.08 77.34
C ALA B 43 -30.72 -23.07 78.71
N HIS B 44 -30.08 -22.42 79.69
CA HIS B 44 -30.64 -22.32 81.04
C HIS B 44 -31.38 -21.01 81.27
N GLY B 45 -31.54 -20.18 80.24
CA GLY B 45 -32.41 -19.03 80.33
C GLY B 45 -31.82 -17.79 80.97
N ARG B 46 -30.52 -17.58 80.85
CA ARG B 46 -29.94 -16.33 81.33
C ARG B 46 -30.44 -15.17 80.48
N LYS B 47 -30.82 -14.08 81.14
CA LYS B 47 -31.33 -12.89 80.47
C LYS B 47 -30.22 -11.86 80.28
N ASN B 48 -30.22 -11.21 79.11
CA ASN B 48 -29.32 -10.09 78.83
C ASN B 48 -29.95 -8.80 79.34
N ILE B 49 -29.35 -7.65 79.02
CA ILE B 49 -29.90 -6.37 79.44
C ILE B 49 -31.18 -6.02 78.70
N PHE B 50 -31.56 -6.82 77.69
CA PHE B 50 -32.81 -6.65 76.97
C PHE B 50 -33.88 -7.60 77.45
N GLY B 51 -33.63 -8.32 78.54
CA GLY B 51 -34.60 -9.23 79.12
C GLY B 51 -34.83 -10.53 78.39
N LYS B 52 -34.05 -10.81 77.35
CA LYS B 52 -34.23 -12.02 76.57
C LYS B 52 -32.94 -12.84 76.57
N THR B 53 -33.04 -14.07 76.08
CA THR B 53 -31.86 -14.91 75.95
C THR B 53 -31.13 -14.63 74.64
N LEU B 54 -29.81 -14.78 74.68
CA LEU B 54 -28.99 -14.58 73.50
C LEU B 54 -29.27 -15.71 72.51
N GLN B 55 -29.45 -15.35 71.24
CA GLN B 55 -29.68 -16.34 70.18
C GLN B 55 -28.34 -16.72 69.57
N VAL B 56 -27.96 -17.98 69.72
CA VAL B 56 -26.68 -18.49 69.24
C VAL B 56 -26.92 -19.31 67.97
N ALA B 57 -26.23 -18.93 66.89
CA ALA B 57 -26.33 -19.61 65.61
C ALA B 57 -24.94 -20.05 65.18
N GLU B 58 -24.78 -21.35 64.94
CA GLU B 58 -23.51 -21.88 64.46
C GLU B 58 -23.55 -21.97 62.95
N MET B 59 -22.48 -21.47 62.30
CA MET B 59 -22.40 -21.43 60.86
C MET B 59 -21.48 -22.55 60.34
N GLN B 60 -21.23 -22.56 59.04
CA GLN B 60 -20.36 -23.57 58.46
C GLN B 60 -18.88 -23.18 58.56
N SER B 61 -18.59 -21.92 58.86
CA SER B 61 -17.22 -21.45 59.05
C SER B 61 -17.29 -20.06 59.67
N GLU B 62 -16.12 -19.54 60.05
CA GLU B 62 -16.10 -18.18 60.58
C GLU B 62 -16.42 -17.16 59.50
N ALA B 63 -16.12 -17.49 58.24
CA ALA B 63 -16.53 -16.63 57.14
C ALA B 63 -18.05 -16.52 57.09
N GLY B 64 -18.74 -17.67 57.21
CA GLY B 64 -20.18 -17.65 57.32
C GLY B 64 -20.65 -16.91 58.56
N ALA B 65 -19.93 -17.09 59.67
CA ALA B 65 -20.27 -16.35 60.88
C ALA B 65 -20.13 -14.85 60.66
N ALA B 66 -19.05 -14.43 60.01
CA ALA B 66 -18.84 -13.01 59.77
C ALA B 66 -19.94 -12.43 58.90
N GLY B 67 -20.33 -13.16 57.85
CA GLY B 67 -21.43 -12.69 57.01
C GLY B 67 -22.74 -12.60 57.75
N ALA B 68 -22.99 -13.57 58.64
CA ALA B 68 -24.23 -13.53 59.43
C ALA B 68 -24.25 -12.34 60.37
N VAL B 69 -23.09 -12.00 60.96
CA VAL B 69 -23.02 -10.80 61.79
C VAL B 69 -23.40 -9.57 60.99
N HIS B 70 -22.87 -9.43 59.78
CA HIS B 70 -23.17 -8.28 58.96
C HIS B 70 -24.66 -8.18 58.68
N GLY B 71 -25.28 -9.30 58.29
CA GLY B 71 -26.70 -9.29 58.00
C GLY B 71 -27.54 -8.98 59.23
N SER B 72 -27.19 -9.55 60.37
CA SER B 72 -27.93 -9.28 61.60
C SER B 72 -27.79 -7.82 62.02
N LEU B 73 -26.59 -7.26 61.88
CA LEU B 73 -26.40 -5.86 62.25
C LEU B 73 -27.16 -4.95 61.32
N ALA B 74 -27.05 -5.17 60.01
CA ALA B 74 -27.73 -4.33 59.04
C ALA B 74 -29.24 -4.46 59.15
N ALA B 75 -29.75 -5.53 59.75
CA ALA B 75 -31.18 -5.72 59.90
C ALA B 75 -31.70 -5.27 61.25
N GLY B 76 -30.83 -4.85 62.16
CA GLY B 76 -31.21 -4.16 63.37
C GLY B 76 -31.08 -4.91 64.68
N ALA B 77 -30.22 -5.90 64.77
CA ALA B 77 -29.99 -6.63 66.02
C ALA B 77 -28.52 -6.49 66.41
N LEU B 78 -28.29 -6.16 67.68
CA LEU B 78 -26.93 -6.06 68.20
C LEU B 78 -26.31 -7.45 68.23
N THR B 79 -25.20 -7.62 67.52
CA THR B 79 -24.65 -8.94 67.28
C THR B 79 -23.16 -8.94 67.63
N THR B 80 -22.71 -10.04 68.21
CA THR B 80 -21.32 -10.24 68.56
C THR B 80 -20.86 -11.59 68.01
N THR B 81 -19.57 -11.87 68.19
CA THR B 81 -19.03 -13.16 67.80
C THR B 81 -17.71 -13.36 68.53
N PHE B 82 -17.24 -14.60 68.49
CA PHE B 82 -16.00 -14.99 69.15
C PHE B 82 -15.19 -15.81 68.17
N THR B 83 -13.91 -15.49 68.04
CA THR B 83 -13.06 -16.15 67.05
C THR B 83 -11.60 -15.92 67.41
N ALA B 84 -10.71 -16.39 66.55
CA ALA B 84 -9.28 -16.28 66.73
C ALA B 84 -8.58 -16.84 65.50
N SER B 85 -7.33 -16.43 65.31
CA SER B 85 -6.35 -17.08 64.42
C SER B 85 -6.95 -17.26 63.02
N GLN B 86 -6.92 -18.47 62.44
CA GLN B 86 -7.42 -18.69 61.10
C GLN B 86 -8.87 -18.27 60.97
N GLY B 87 -9.62 -18.33 62.07
CA GLY B 87 -11.00 -17.89 62.04
C GLY B 87 -11.14 -16.39 61.80
N LEU B 88 -10.29 -15.60 62.45
CA LEU B 88 -10.34 -14.16 62.24
C LEU B 88 -9.98 -13.78 60.80
N LEU B 89 -9.05 -14.53 60.18
CA LEU B 89 -8.68 -14.24 58.79
C LEU B 89 -9.90 -14.37 57.88
N LEU B 90 -10.68 -15.44 58.05
CA LEU B 90 -11.86 -15.62 57.21
C LEU B 90 -12.91 -14.55 57.45
N MET B 91 -12.84 -13.86 58.59
CA MET B 91 -13.76 -12.76 58.87
C MET B 91 -13.25 -11.42 58.36
N ILE B 92 -11.99 -11.36 57.94
CA ILE B 92 -11.41 -10.09 57.49
C ILE B 92 -12.19 -9.44 56.35
N PRO B 93 -12.62 -10.16 55.31
CA PRO B 93 -13.42 -9.51 54.26
C PRO B 93 -14.67 -8.80 54.78
N ASN B 94 -15.43 -9.44 55.66
CA ASN B 94 -16.63 -8.81 56.20
C ASN B 94 -16.32 -7.69 57.17
N MET B 95 -15.15 -7.73 57.80
CA MET B 95 -14.76 -6.66 58.72
C MET B 95 -14.65 -5.33 57.98
N TYR B 96 -14.15 -5.35 56.74
CA TYR B 96 -14.11 -4.14 55.93
C TYR B 96 -15.50 -3.57 55.72
N LYS B 97 -16.49 -4.45 55.51
CA LYS B 97 -17.85 -3.99 55.29
C LYS B 97 -18.45 -3.47 56.59
N ILE B 98 -18.28 -4.21 57.68
CA ILE B 98 -18.88 -3.78 58.95
C ILE B 98 -18.28 -2.47 59.41
N ALA B 99 -16.95 -2.33 59.31
CA ALA B 99 -16.33 -1.07 59.66
C ALA B 99 -16.68 0.03 58.65
N GLY B 100 -16.70 -0.32 57.36
CA GLY B 100 -17.00 0.67 56.35
C GLY B 100 -18.39 1.23 56.45
N GLU B 101 -19.35 0.43 56.90
CA GLU B 101 -20.74 0.86 57.04
C GLU B 101 -21.06 1.45 58.40
N LEU B 102 -20.05 1.57 59.28
CA LEU B 102 -20.22 2.17 60.60
C LEU B 102 -21.34 1.48 61.39
N LEU B 103 -21.16 0.18 61.61
CA LEU B 103 -22.10 -0.60 62.37
C LEU B 103 -21.51 -0.93 63.73
N PRO B 104 -22.24 -0.68 64.82
CA PRO B 104 -21.73 -1.00 66.16
C PRO B 104 -21.59 -2.51 66.32
N CYS B 105 -20.45 -2.93 66.87
CA CYS B 105 -20.16 -4.35 66.93
C CYS B 105 -18.90 -4.55 67.76
N VAL B 106 -18.82 -5.72 68.40
CA VAL B 106 -17.63 -6.13 69.14
C VAL B 106 -17.31 -7.58 68.79
N PHE B 107 -16.12 -7.80 68.23
CA PHE B 107 -15.57 -9.14 68.08
C PHE B 107 -14.68 -9.42 69.28
N HIS B 108 -14.92 -10.53 69.96
CA HIS B 108 -14.07 -10.95 71.06
C HIS B 108 -13.12 -12.02 70.58
N VAL B 109 -11.81 -11.76 70.68
CA VAL B 109 -10.78 -12.59 70.08
C VAL B 109 -9.82 -13.06 71.16
N ALA B 110 -9.63 -14.37 71.24
CA ALA B 110 -8.54 -14.94 72.05
C ALA B 110 -7.35 -15.08 71.12
N ALA B 111 -6.54 -14.02 71.05
CA ALA B 111 -5.50 -13.90 70.04
C ALA B 111 -4.60 -15.12 70.01
N ARG B 112 -4.49 -15.73 68.82
CA ARG B 112 -3.78 -16.98 68.62
C ARG B 112 -2.92 -16.89 67.36
N ALA B 113 -1.80 -17.60 67.37
CA ALA B 113 -0.88 -17.59 66.25
C ALA B 113 -1.53 -18.08 64.96
N LEU B 114 -1.00 -17.61 63.84
CA LEU B 114 -1.45 -18.05 62.53
C LEU B 114 -0.59 -19.20 62.03
N SER B 115 -1.19 -20.04 61.20
CA SER B 115 -0.50 -21.20 60.66
C SER B 115 0.46 -20.75 59.56
N THR B 116 1.76 -20.95 59.79
CA THR B 116 2.78 -20.54 58.83
C THR B 116 3.58 -21.76 58.42
N HIS B 117 4.81 -21.89 58.94
CA HIS B 117 5.55 -23.13 58.77
C HIS B 117 4.89 -24.28 59.52
N ALA B 118 4.00 -23.97 60.48
CA ALA B 118 3.36 -24.97 61.29
C ALA B 118 2.11 -24.38 61.90
N LEU B 119 1.19 -25.25 62.29
CA LEU B 119 0.02 -24.82 63.03
C LEU B 119 0.37 -24.61 64.49
N SER B 120 -0.29 -23.62 65.10
CA SER B 120 -0.12 -23.39 66.52
C SER B 120 -1.44 -22.90 67.08
N ILE B 121 -2.00 -23.64 68.05
CA ILE B 121 -3.22 -23.24 68.73
C ILE B 121 -2.97 -22.23 69.84
N PHE B 122 -1.72 -21.84 70.04
CA PHE B 122 -1.32 -21.04 71.19
C PHE B 122 -1.31 -19.56 70.84
N GLY B 123 -1.00 -18.74 71.85
CA GLY B 123 -1.33 -17.34 71.79
C GLY B 123 -0.22 -16.46 71.24
N ASP B 124 -0.59 -15.58 70.32
CA ASP B 124 0.16 -14.37 70.00
C ASP B 124 -0.77 -13.44 69.24
N HIS B 125 -0.24 -12.30 68.80
CA HIS B 125 -1.06 -11.27 68.20
C HIS B 125 -1.09 -11.32 66.68
N ALA B 126 -0.61 -12.41 66.07
CA ALA B 126 -0.57 -12.47 64.61
C ALA B 126 -1.95 -12.31 63.99
N ASP B 127 -2.98 -12.89 64.61
CA ASP B 127 -4.32 -12.79 64.05
C ASP B 127 -4.86 -11.36 64.13
N VAL B 128 -4.73 -10.72 65.29
CA VAL B 128 -5.26 -9.38 65.44
C VAL B 128 -4.52 -8.40 64.55
N MET B 129 -3.20 -8.55 64.42
CA MET B 129 -2.42 -7.66 63.58
C MET B 129 -2.78 -7.79 62.10
N ALA B 130 -3.27 -8.96 61.69
CA ALA B 130 -3.64 -9.15 60.28
C ALA B 130 -4.89 -8.38 59.88
N ALA B 131 -5.65 -7.85 60.84
CA ALA B 131 -6.85 -7.10 60.54
C ALA B 131 -6.74 -5.63 60.95
N ARG B 132 -5.54 -5.16 61.28
CA ARG B 132 -5.38 -3.80 61.78
C ARG B 132 -5.70 -2.73 60.73
N GLN B 133 -5.92 -3.13 59.48
CA GLN B 133 -6.24 -2.19 58.42
C GLN B 133 -7.70 -2.26 57.99
N THR B 134 -8.53 -3.05 58.68
CA THR B 134 -9.93 -3.20 58.31
C THR B 134 -10.77 -2.00 58.72
N GLY B 135 -10.28 -1.16 59.63
CA GLY B 135 -11.06 -0.06 60.15
C GLY B 135 -11.78 -0.35 61.46
N PHE B 136 -11.64 -1.56 62.00
CA PHE B 136 -12.15 -1.84 63.33
C PHE B 136 -11.29 -1.16 64.37
N ALA B 137 -11.90 -0.76 65.47
CA ALA B 137 -11.10 -0.38 66.63
C ALA B 137 -10.53 -1.65 67.28
N MET B 138 -9.45 -1.46 68.03
CA MET B 138 -8.76 -2.59 68.65
C MET B 138 -8.39 -2.25 70.08
N LEU B 139 -8.92 -3.03 71.02
CA LEU B 139 -8.75 -2.79 72.44
C LEU B 139 -8.16 -4.03 73.08
N SER B 140 -7.06 -3.86 73.81
CA SER B 140 -6.31 -4.97 74.36
C SER B 140 -6.44 -5.00 75.88
N SER B 141 -6.81 -6.16 76.41
CA SER B 141 -6.88 -6.37 77.85
C SER B 141 -5.75 -7.31 78.26
N ALA B 142 -5.09 -6.98 79.38
CA ALA B 142 -3.87 -7.67 79.80
C ALA B 142 -4.10 -8.72 80.89
N SER B 143 -5.26 -8.75 81.53
CA SER B 143 -5.53 -9.69 82.60
C SER B 143 -6.98 -10.12 82.55
N VAL B 144 -7.32 -11.11 83.39
CA VAL B 144 -8.70 -11.58 83.44
C VAL B 144 -9.62 -10.47 83.91
N GLN B 145 -9.16 -9.67 84.87
CA GLN B 145 -9.95 -8.54 85.33
C GLN B 145 -10.14 -7.52 84.22
N GLU B 146 -9.10 -7.31 83.41
CA GLU B 146 -9.21 -6.34 82.32
C GLU B 146 -10.12 -6.85 81.21
N VAL B 147 -10.19 -8.17 81.02
CA VAL B 147 -11.14 -8.72 80.05
C VAL B 147 -12.56 -8.34 80.43
N MET B 148 -12.90 -8.50 81.71
CA MET B 148 -14.22 -8.10 82.20
C MET B 148 -14.47 -6.61 81.94
N ASP B 149 -13.52 -5.76 82.32
CA ASP B 149 -13.74 -4.32 82.25
C ASP B 149 -13.74 -3.84 80.82
N LEU B 150 -12.72 -4.22 80.04
CA LEU B 150 -12.57 -3.66 78.71
C LEU B 150 -13.59 -4.21 77.71
N ALA B 151 -14.08 -5.43 77.93
CA ALA B 151 -15.20 -5.91 77.13
C ALA B 151 -16.41 -5.01 77.31
N LEU B 152 -16.65 -4.56 78.55
CA LEU B 152 -17.71 -3.57 78.78
C LEU B 152 -17.37 -2.25 78.09
N VAL B 153 -16.11 -1.84 78.15
CA VAL B 153 -15.72 -0.60 77.49
C VAL B 153 -15.98 -0.69 75.99
N ALA B 154 -15.65 -1.82 75.38
CA ALA B 154 -15.85 -1.98 73.94
C ALA B 154 -17.33 -1.92 73.57
N HIS B 155 -18.17 -2.66 74.30
CA HIS B 155 -19.59 -2.68 73.97
C HIS B 155 -20.25 -1.32 74.19
N LEU B 156 -19.78 -0.57 75.19
CA LEU B 156 -20.31 0.77 75.41
C LEU B 156 -19.78 1.75 74.37
N ALA B 157 -18.49 1.63 74.01
CA ALA B 157 -17.88 2.59 73.10
C ALA B 157 -18.37 2.41 71.67
N THR B 158 -18.58 1.16 71.24
CA THR B 158 -18.97 0.93 69.84
C THR B 158 -20.35 1.52 69.53
N LEU B 159 -21.26 1.52 70.50
CA LEU B 159 -22.56 2.14 70.28
C LEU B 159 -22.42 3.64 70.11
N LYS B 160 -21.55 4.28 70.89
CA LYS B 160 -21.39 5.72 70.81
C LYS B 160 -20.62 6.14 69.58
N ALA B 161 -19.59 5.40 69.20
CA ALA B 161 -18.71 5.82 68.11
C ALA B 161 -19.15 5.33 66.73
N ARG B 162 -20.04 4.35 66.67
CA ARG B 162 -20.42 3.66 65.44
C ARG B 162 -19.27 2.92 64.77
N VAL B 163 -18.12 2.84 65.44
CA VAL B 163 -16.94 2.16 64.92
C VAL B 163 -16.88 0.79 65.59
N PRO B 164 -16.85 -0.31 64.83
CA PRO B 164 -16.81 -1.63 65.46
C PRO B 164 -15.47 -1.90 66.13
N PHE B 165 -15.50 -2.74 67.15
CA PHE B 165 -14.34 -2.99 67.98
C PHE B 165 -13.92 -4.45 67.90
N VAL B 166 -12.62 -4.68 67.94
CA VAL B 166 -12.06 -5.98 68.25
C VAL B 166 -11.52 -5.89 69.67
N HIS B 167 -12.14 -6.61 70.59
CA HIS B 167 -11.63 -6.73 71.94
C HIS B 167 -10.88 -8.05 72.00
N PHE B 168 -9.57 -7.99 72.16
CA PHE B 168 -8.75 -9.18 72.11
C PHE B 168 -7.90 -9.32 73.36
N PHE B 169 -7.68 -10.57 73.76
CA PHE B 169 -6.84 -10.91 74.89
C PHE B 169 -6.03 -12.15 74.54
N ASP B 170 -4.86 -12.27 75.16
CA ASP B 170 -3.88 -13.27 74.75
C ASP B 170 -4.43 -14.68 74.91
N GLY B 171 -4.33 -15.47 73.84
CA GLY B 171 -4.84 -16.84 73.88
C GLY B 171 -4.11 -17.66 74.92
N PHE B 172 -4.87 -18.47 75.65
CA PHE B 172 -4.38 -19.31 76.74
C PHE B 172 -3.83 -18.50 77.91
N ARG B 173 -2.81 -17.66 77.65
CA ARG B 173 -2.18 -16.91 78.74
C ARG B 173 -3.18 -16.07 79.52
N THR B 174 -4.26 -15.64 78.88
CA THR B 174 -5.34 -14.96 79.59
C THR B 174 -6.69 -15.63 79.38
N SER B 175 -6.95 -16.16 78.19
CA SER B 175 -8.25 -16.76 77.92
C SER B 175 -8.49 -17.98 78.79
N HIS B 176 -7.44 -18.70 79.14
CA HIS B 176 -7.55 -19.90 79.97
C HIS B 176 -6.94 -19.72 81.35
N GLU B 177 -6.50 -18.52 81.70
CA GLU B 177 -5.98 -18.24 83.02
C GLU B 177 -7.17 -18.00 83.96
N VAL B 178 -7.24 -18.75 85.04
CA VAL B 178 -8.30 -18.59 86.03
C VAL B 178 -7.82 -17.60 87.09
N GLN B 179 -8.65 -16.61 87.38
CA GLN B 179 -8.34 -15.59 88.38
C GLN B 179 -9.60 -15.18 89.12
N LYS B 180 -9.43 -14.79 90.37
CA LYS B 180 -10.52 -14.21 91.14
C LYS B 180 -10.61 -12.74 90.77
N ILE B 181 -11.76 -12.33 90.22
CA ILE B 181 -11.95 -10.97 89.74
C ILE B 181 -13.27 -10.42 90.27
N ASP B 182 -13.41 -9.10 90.16
CA ASP B 182 -14.69 -8.45 90.42
C ASP B 182 -15.54 -8.54 89.17
N VAL B 183 -16.71 -9.16 89.30
CA VAL B 183 -17.62 -9.34 88.17
C VAL B 183 -18.62 -8.18 88.16
N ILE B 184 -18.83 -7.60 86.98
CA ILE B 184 -19.71 -6.44 86.83
C ILE B 184 -21.13 -6.94 86.61
N GLU B 185 -22.07 -6.41 87.38
CA GLU B 185 -23.47 -6.82 87.29
C GLU B 185 -24.10 -6.31 85.99
N TYR B 186 -25.00 -7.14 85.44
CA TYR B 186 -25.73 -6.71 84.24
C TYR B 186 -26.54 -5.45 84.51
N GLU B 187 -27.14 -5.34 85.69
CA GLU B 187 -27.92 -4.15 86.02
C GLU B 187 -27.06 -2.91 86.01
N ASP B 188 -25.78 -3.03 86.40
CA ASP B 188 -24.90 -1.88 86.37
C ASP B 188 -24.49 -1.53 84.93
N MET B 189 -24.36 -2.54 84.07
CA MET B 189 -24.05 -2.27 82.67
C MET B 189 -25.17 -1.46 82.02
N ALA B 190 -26.42 -1.88 82.24
CA ALA B 190 -27.56 -1.17 81.65
C ALA B 190 -27.64 0.28 82.12
N LYS B 191 -27.09 0.59 83.29
CA LYS B 191 -27.06 1.96 83.79
C LYS B 191 -26.03 2.83 83.08
N LEU B 192 -25.11 2.24 82.32
CA LEU B 192 -24.11 2.99 81.57
C LEU B 192 -24.37 3.04 80.07
N VAL B 193 -25.30 2.24 79.55
CA VAL B 193 -25.53 2.16 78.11
C VAL B 193 -26.14 3.45 77.59
N ASP B 194 -25.69 3.89 76.44
CA ASP B 194 -26.31 5.01 75.72
C ASP B 194 -27.50 4.43 74.97
N TRP B 195 -28.66 4.47 75.62
CA TRP B 195 -29.86 3.89 75.02
C TRP B 195 -30.30 4.69 73.80
N ASP B 196 -30.00 5.99 73.77
CA ASP B 196 -30.27 6.79 72.56
C ASP B 196 -29.51 6.23 71.38
N ALA B 197 -28.28 5.77 71.60
CA ALA B 197 -27.51 5.19 70.52
C ALA B 197 -28.14 3.89 70.01
N ILE B 198 -28.73 3.11 70.92
CA ILE B 198 -29.35 1.86 70.50
C ILE B 198 -30.58 2.12 69.64
N ARG B 199 -31.42 3.07 70.06
CA ARG B 199 -32.62 3.38 69.27
C ARG B 199 -32.26 3.96 67.91
N ALA B 200 -31.21 4.80 67.86
CA ALA B 200 -30.76 5.32 66.57
C ALA B 200 -30.27 4.21 65.66
N PHE B 201 -29.60 3.20 66.25
CA PHE B 201 -29.14 2.06 65.47
C PHE B 201 -30.30 1.28 64.88
N ARG B 202 -31.43 1.23 65.58
CA ARG B 202 -32.61 0.54 65.06
C ARG B 202 -33.20 1.27 63.86
N GLN B 203 -33.11 2.60 63.85
CA GLN B 203 -33.73 3.39 62.79
C GLN B 203 -33.01 3.20 61.46
N ARG B 204 -31.71 2.91 61.49
CA ARG B 204 -30.93 2.69 60.28
C ARG B 204 -31.09 1.30 59.70
N ALA B 205 -31.87 0.43 60.34
CA ALA B 205 -31.94 -0.96 59.90
C ALA B 205 -32.66 -1.11 58.57
N LEU B 206 -32.32 -2.20 57.86
CA LEU B 206 -33.03 -2.56 56.64
C LEU B 206 -34.48 -2.90 56.96
N ASN B 207 -35.42 -2.17 56.36
CA ASN B 207 -36.83 -2.42 56.60
C ASN B 207 -37.63 -1.94 55.41
N PRO B 208 -38.56 -2.75 54.89
CA PRO B 208 -39.33 -2.33 53.72
C PRO B 208 -40.27 -1.15 53.97
N GLU B 209 -40.56 -0.79 55.22
CA GLU B 209 -41.45 0.33 55.47
C GLU B 209 -40.72 1.68 55.48
N HIS B 210 -39.40 1.67 55.53
CA HIS B 210 -38.60 2.87 55.30
C HIS B 210 -37.30 2.46 54.61
N PRO B 211 -37.37 2.11 53.34
CA PRO B 211 -36.28 1.38 52.70
C PRO B 211 -35.09 2.27 52.35
N HIS B 212 -33.95 1.60 52.18
CA HIS B 212 -32.72 2.25 51.76
C HIS B 212 -31.86 1.19 51.09
N GLN B 213 -30.79 1.65 50.44
CA GLN B 213 -29.83 0.79 49.76
C GLN B 213 -28.46 0.99 50.37
N ARG B 214 -27.76 -0.10 50.64
CA ARG B 214 -26.42 -0.04 51.20
C ARG B 214 -25.55 -1.06 50.49
N GLY B 215 -24.24 -0.79 50.49
CA GLY B 215 -23.32 -1.67 49.80
C GLY B 215 -23.32 -1.53 48.29
N THR B 216 -23.44 -0.31 47.78
CA THR B 216 -23.46 -0.09 46.34
C THR B 216 -22.06 -0.27 45.74
N ALA B 217 -22.00 -0.21 44.42
CA ALA B 217 -20.75 -0.18 43.68
C ALA B 217 -20.53 1.24 43.18
N GLN B 218 -19.32 1.76 43.36
CA GLN B 218 -19.02 3.16 43.08
C GLN B 218 -17.86 3.28 42.10
N ASN B 219 -17.97 4.26 41.21
CA ASN B 219 -16.95 4.54 40.20
C ASN B 219 -15.87 5.43 40.80
N PRO B 220 -14.78 5.67 40.07
CA PRO B 220 -13.70 6.53 40.61
C PRO B 220 -14.13 7.95 40.94
N ASP B 221 -15.29 8.41 40.47
CA ASP B 221 -15.67 9.80 40.68
C ASP B 221 -16.03 10.09 42.14
N ILE B 222 -16.48 9.09 42.89
CA ILE B 222 -17.01 9.34 44.23
C ILE B 222 -16.45 8.41 45.29
N TYR B 223 -15.68 7.40 44.89
CA TYR B 223 -15.25 6.39 45.85
C TYR B 223 -14.29 6.98 46.89
N PHE B 224 -13.30 7.75 46.42
CA PHE B 224 -12.33 8.34 47.35
C PHE B 224 -13.02 9.25 48.34
N GLN B 225 -13.85 10.18 47.86
CA GLN B 225 -14.55 11.09 48.76
C GLN B 225 -15.40 10.31 49.75
N SER B 226 -16.14 9.31 49.27
CA SER B 226 -17.00 8.52 50.14
C SER B 226 -16.21 7.77 51.19
N ARG B 227 -14.98 7.36 50.86
CA ARG B 227 -14.17 6.65 51.84
C ARG B 227 -13.66 7.58 52.93
N GLU B 228 -13.37 8.85 52.59
CA GLU B 228 -12.92 9.82 53.58
C GLU B 228 -14.05 10.44 54.39
N ALA B 229 -15.30 10.19 54.01
CA ALA B 229 -16.43 10.80 54.71
C ALA B 229 -16.59 10.29 56.13
N ALA B 230 -15.95 9.17 56.47
CA ALA B 230 -15.99 8.61 57.81
C ALA B 230 -14.89 9.14 58.72
N ASN B 231 -14.06 10.05 58.22
CA ASN B 231 -12.98 10.61 59.04
C ASN B 231 -13.45 11.14 60.39
N PRO B 232 -14.56 11.88 60.51
CA PRO B 232 -14.96 12.36 61.85
C PRO B 232 -15.21 11.23 62.83
N TYR B 233 -15.74 10.10 62.37
CA TYR B 233 -16.04 8.99 63.27
C TYR B 233 -14.77 8.40 63.87
N TYR B 234 -13.70 8.31 63.10
CA TYR B 234 -12.45 7.78 63.65
C TYR B 234 -11.73 8.82 64.50
N LEU B 235 -11.85 10.10 64.15
CA LEU B 235 -11.24 11.14 64.97
C LEU B 235 -11.89 11.22 66.34
N ALA B 236 -13.19 10.92 66.42
CA ALA B 236 -13.93 11.02 67.68
C ALA B 236 -13.84 9.76 68.53
N THR B 237 -13.41 8.65 67.95
CA THR B 237 -13.37 7.39 68.70
C THR B 237 -12.43 7.44 69.91
N PRO B 238 -11.21 8.00 69.82
CA PRO B 238 -10.36 8.04 71.04
C PRO B 238 -11.02 8.74 72.21
N GLY B 239 -11.59 9.92 72.00
CA GLY B 239 -12.25 10.61 73.11
C GLY B 239 -13.45 9.86 73.63
N ILE B 240 -14.18 9.17 72.75
CA ILE B 240 -15.33 8.38 73.18
C ILE B 240 -14.87 7.23 74.07
N VAL B 241 -13.82 6.52 73.65
CA VAL B 241 -13.28 5.44 74.47
C VAL B 241 -12.78 5.99 75.79
N ALA B 242 -12.12 7.14 75.77
CA ALA B 242 -11.60 7.73 77.00
C ALA B 242 -12.72 8.03 78.00
N GLN B 243 -13.81 8.61 77.50
CA GLN B 243 -14.94 8.94 78.37
C GLN B 243 -15.65 7.69 78.88
N VAL B 244 -15.76 6.66 78.04
CA VAL B 244 -16.37 5.42 78.48
C VAL B 244 -15.54 4.79 79.59
N MET B 245 -14.21 4.83 79.46
CA MET B 245 -13.35 4.29 80.51
C MET B 245 -13.58 5.03 81.83
N GLU B 246 -13.90 6.32 81.77
CA GLU B 246 -14.19 7.05 82.99
C GLU B 246 -15.52 6.61 83.60
N GLN B 247 -16.49 6.24 82.76
CA GLN B 247 -17.73 5.69 83.29
C GLN B 247 -17.45 4.41 84.07
N VAL B 248 -16.68 3.50 83.48
CA VAL B 248 -16.31 2.27 84.17
C VAL B 248 -15.48 2.58 85.40
N ALA B 249 -14.61 3.60 85.31
CA ALA B 249 -13.77 3.97 86.44
C ALA B 249 -14.61 4.37 87.64
N GLY B 250 -15.61 5.22 87.44
CA GLY B 250 -16.45 5.63 88.55
C GLY B 250 -17.24 4.47 89.12
N LEU B 251 -17.56 3.48 88.30
CA LEU B 251 -18.33 2.34 88.78
C LEU B 251 -17.47 1.35 89.54
N THR B 252 -16.28 1.03 89.01
CA THR B 252 -15.47 -0.04 89.55
C THR B 252 -14.29 0.42 90.38
N GLY B 253 -13.87 1.68 90.25
CA GLY B 253 -12.69 2.16 90.91
C GLY B 253 -11.39 1.89 90.17
N ARG B 254 -11.46 1.17 89.05
CA ARG B 254 -10.30 0.81 88.25
C ARG B 254 -10.22 1.75 87.05
N HIS B 255 -9.08 2.44 86.92
CA HIS B 255 -8.91 3.50 85.94
C HIS B 255 -8.11 2.99 84.75
N TYR B 256 -8.74 2.96 83.59
CA TYR B 256 -8.06 2.64 82.34
C TYR B 256 -7.97 3.89 81.48
N HIS B 257 -6.93 3.94 80.66
CA HIS B 257 -6.76 5.02 79.68
C HIS B 257 -6.35 4.38 78.37
N LEU B 258 -6.40 5.16 77.29
CA LEU B 258 -5.98 4.64 75.99
C LEU B 258 -4.55 4.11 76.05
N PHE B 259 -3.67 4.81 76.75
CA PHE B 259 -2.32 4.33 77.07
C PHE B 259 -2.09 4.60 78.55
N ASP B 260 -1.65 3.57 79.28
CA ASP B 260 -1.38 3.67 80.71
C ASP B 260 0.11 3.58 80.96
N TYR B 261 0.58 4.35 81.95
CA TYR B 261 1.98 4.36 82.32
C TYR B 261 2.17 3.80 83.73
N ALA B 262 3.27 3.09 83.92
CA ALA B 262 3.65 2.54 85.20
C ALA B 262 5.17 2.56 85.27
N GLY B 263 5.70 2.98 86.42
CA GLY B 263 7.13 2.99 86.64
C GLY B 263 7.60 4.31 87.19
N ALA B 264 8.91 4.50 87.15
CA ALA B 264 9.51 5.68 87.75
C ALA B 264 9.03 6.92 87.00
N PRO B 265 8.67 7.98 87.71
CA PRO B 265 8.26 9.21 87.03
C PRO B 265 9.40 9.86 86.26
N ASP B 266 10.64 9.59 86.64
CA ASP B 266 11.83 10.09 85.95
C ASP B 266 12.53 8.98 85.17
N ALA B 267 11.76 8.03 84.66
CA ALA B 267 12.34 6.89 83.96
C ALA B 267 13.04 7.33 82.68
N GLU B 268 14.15 6.65 82.37
CA GLU B 268 14.87 6.87 81.13
C GLU B 268 14.77 5.72 80.16
N ARG B 269 14.44 4.52 80.63
CA ARG B 269 14.23 3.34 79.79
C ARG B 269 12.80 2.86 79.99
N VAL B 270 12.04 2.80 78.89
CA VAL B 270 10.62 2.46 78.94
C VAL B 270 10.32 1.39 77.90
N ILE B 271 9.50 0.41 78.29
CA ILE B 271 9.00 -0.62 77.38
C ILE B 271 7.58 -0.27 77.00
N VAL B 272 7.27 -0.32 75.72
CA VAL B 272 5.90 -0.17 75.22
C VAL B 272 5.41 -1.55 74.78
N SER B 273 4.28 -1.99 75.32
CA SER B 273 3.80 -3.33 75.06
C SER B 273 2.28 -3.36 75.12
N MET B 274 1.72 -4.55 74.92
CA MET B 274 0.30 -4.76 74.71
C MET B 274 -0.04 -6.17 75.13
N GLY B 275 -1.21 -6.35 75.72
CA GLY B 275 -1.63 -7.68 76.15
C GLY B 275 -1.05 -8.07 77.50
N SER B 276 -1.06 -9.39 77.74
CA SER B 276 -0.71 -9.93 79.05
C SER B 276 0.73 -9.66 79.44
N SER B 277 1.60 -9.34 78.48
CA SER B 277 2.98 -8.98 78.82
C SER B 277 3.02 -7.77 79.74
N CYS B 278 2.02 -6.89 79.64
CA CYS B 278 1.99 -5.69 80.46
C CYS B 278 1.94 -6.03 81.95
N GLU B 279 1.26 -7.11 82.32
CA GLU B 279 1.27 -7.55 83.71
C GLU B 279 2.68 -7.97 84.13
N VAL B 280 3.33 -8.79 83.30
CA VAL B 280 4.68 -9.27 83.61
C VAL B 280 5.65 -8.10 83.68
N ILE B 281 5.47 -7.11 82.81
CA ILE B 281 6.42 -6.01 82.77
C ILE B 281 6.25 -5.10 83.99
N GLU B 282 5.00 -4.83 84.37
CA GLU B 282 4.76 -3.99 85.54
C GLU B 282 5.28 -4.65 86.80
N GLU B 283 5.10 -5.97 86.94
CA GLU B 283 5.66 -6.68 88.07
C GLU B 283 7.17 -6.52 88.11
N THR B 284 7.82 -6.62 86.95
CA THR B 284 9.28 -6.44 86.90
C THR B 284 9.67 -5.00 87.18
N VAL B 285 8.88 -4.06 86.67
CA VAL B 285 9.16 -2.64 86.88
C VAL B 285 9.11 -2.30 88.36
N ASN B 286 8.10 -2.82 89.07
CA ASN B 286 8.04 -2.61 90.52
C ASN B 286 9.32 -3.09 91.19
N TYR B 287 9.82 -4.25 90.77
CA TYR B 287 11.04 -4.80 91.37
C TYR B 287 12.25 -3.95 91.05
N LEU B 288 12.36 -3.47 89.80
CA LEU B 288 13.53 -2.69 89.40
C LEU B 288 13.48 -1.27 89.98
N VAL B 289 12.31 -0.65 90.01
CA VAL B 289 12.19 0.70 90.54
C VAL B 289 12.56 0.75 92.01
N GLU B 290 12.14 -0.26 92.78
CA GLU B 290 12.54 -0.34 94.18
C GLU B 290 14.05 -0.51 94.31
N LYS B 291 14.68 -1.16 93.34
CA LYS B 291 16.13 -1.30 93.33
C LYS B 291 16.83 -0.05 92.82
N GLY B 292 16.09 0.99 92.43
CA GLY B 292 16.66 2.27 92.07
C GLY B 292 16.77 2.53 90.59
N GLU B 293 16.45 1.56 89.74
CA GLU B 293 16.57 1.74 88.31
C GLU B 293 15.45 2.63 87.79
N LYS B 294 15.79 3.53 86.87
CA LYS B 294 14.80 4.46 86.31
C LYS B 294 14.19 3.84 85.06
N VAL B 295 13.22 2.96 85.29
CA VAL B 295 12.54 2.23 84.24
C VAL B 295 11.05 2.45 84.37
N GLY B 296 10.35 2.24 83.25
CA GLY B 296 8.91 2.45 83.21
C GLY B 296 8.29 1.57 82.14
N LEU B 297 6.97 1.65 82.03
CA LEU B 297 6.22 0.81 81.11
C LEU B 297 5.02 1.58 80.61
N ILE B 298 4.78 1.51 79.29
CA ILE B 298 3.58 2.06 78.68
C ILE B 298 2.74 0.88 78.18
N LYS B 299 1.54 0.73 78.73
CA LYS B 299 0.61 -0.31 78.29
C LYS B 299 -0.28 0.29 77.20
N VAL B 300 -0.36 -0.39 76.07
CA VAL B 300 -1.23 0.00 74.97
C VAL B 300 -2.59 -0.65 75.16
N ARG B 301 -3.63 0.15 75.39
CA ARG B 301 -4.99 -0.37 75.50
C ARG B 301 -5.76 -0.25 74.19
N LEU B 302 -5.91 0.98 73.68
CA LEU B 302 -6.56 1.22 72.39
C LEU B 302 -5.48 1.26 71.32
N PHE B 303 -5.29 0.14 70.63
CA PHE B 303 -4.28 0.08 69.58
C PHE B 303 -4.74 0.79 68.33
N ARG B 304 -6.02 0.65 67.98
CA ARG B 304 -6.62 1.33 66.85
C ARG B 304 -7.97 1.86 67.32
N PRO B 305 -8.29 3.13 67.05
CA PRO B 305 -7.42 4.11 66.43
C PRO B 305 -6.29 4.55 67.36
N PHE B 306 -5.10 4.72 66.80
CA PHE B 306 -3.92 5.08 67.58
C PHE B 306 -3.94 6.59 67.82
N SER B 307 -4.15 7.01 69.06
CA SER B 307 -4.24 8.42 69.41
C SER B 307 -2.87 8.90 69.86
N ALA B 308 -2.22 9.70 69.02
CA ALA B 308 -0.91 10.23 69.40
C ALA B 308 -1.00 11.08 70.65
N GLU B 309 -2.09 11.85 70.78
CA GLU B 309 -2.26 12.73 71.93
C GLU B 309 -2.29 11.95 73.23
N HIS B 310 -3.02 10.83 73.26
CA HIS B 310 -3.12 10.04 74.48
C HIS B 310 -1.84 9.25 74.76
N PHE B 311 -1.06 8.95 73.72
CA PHE B 311 0.20 8.24 73.94
C PHE B 311 1.25 9.17 74.52
N LEU B 312 1.43 10.35 73.92
CA LEU B 312 2.42 11.29 74.43
C LEU B 312 2.03 11.84 75.79
N LYS B 313 0.74 11.77 76.15
CA LYS B 313 0.28 12.29 77.44
C LYS B 313 0.93 11.56 78.61
N VAL B 314 1.23 10.27 78.46
CA VAL B 314 1.74 9.46 79.55
C VAL B 314 3.21 9.11 79.37
N LEU B 315 3.88 9.68 78.38
CA LEU B 315 5.30 9.40 78.15
C LEU B 315 6.14 10.40 78.93
N PRO B 316 6.89 9.98 79.94
CA PRO B 316 7.69 10.93 80.71
C PRO B 316 8.71 11.67 79.85
N ALA B 317 8.90 12.95 80.18
CA ALA B 317 9.85 13.78 79.44
C ALA B 317 11.29 13.32 79.65
N SER B 318 11.53 12.50 80.66
CA SER B 318 12.86 12.01 80.97
C SER B 318 13.23 10.77 80.17
N VAL B 319 12.34 10.28 79.32
CA VAL B 319 12.62 9.06 78.58
C VAL B 319 13.68 9.33 77.51
N LYS B 320 14.73 8.52 77.51
CA LYS B 320 15.76 8.61 76.49
C LYS B 320 15.78 7.43 75.54
N ARG B 321 15.35 6.26 75.98
CA ARG B 321 15.39 5.06 75.16
C ARG B 321 14.15 4.23 75.43
N ILE B 322 13.56 3.71 74.35
CA ILE B 322 12.32 2.95 74.41
C ILE B 322 12.51 1.63 73.68
N ALA B 323 12.06 0.54 74.30
CA ALA B 323 12.02 -0.76 73.65
C ALA B 323 10.56 -1.15 73.45
N VAL B 324 10.18 -1.40 72.20
CA VAL B 324 8.82 -1.81 71.86
C VAL B 324 8.81 -3.31 71.68
N LEU B 325 7.85 -3.98 72.30
CA LEU B 325 7.72 -5.43 72.23
C LEU B 325 6.46 -5.79 71.46
N ASP B 326 6.62 -6.54 70.37
CA ASP B 326 5.52 -6.98 69.55
C ASP B 326 5.37 -8.49 69.67
N ARG B 327 4.14 -8.94 69.93
CA ARG B 327 3.85 -10.37 70.02
C ARG B 327 3.41 -10.93 68.67
N THR B 328 4.20 -10.65 67.65
CA THR B 328 3.92 -11.15 66.31
C THR B 328 5.21 -11.11 65.52
N LYS B 329 5.15 -11.63 64.30
CA LYS B 329 6.27 -11.56 63.39
C LYS B 329 5.73 -11.27 62.00
N GLU B 330 6.27 -10.26 61.35
CA GLU B 330 5.95 -9.93 59.96
C GLU B 330 7.21 -10.12 59.13
N PRO B 331 7.39 -11.30 58.53
CA PRO B 331 8.68 -11.62 57.91
C PRO B 331 9.03 -10.63 56.81
N GLY B 332 10.28 -10.17 56.81
CA GLY B 332 10.72 -9.23 55.82
C GLY B 332 10.32 -7.79 56.07
N SER B 333 9.39 -7.54 56.99
CA SER B 333 9.02 -6.18 57.29
C SER B 333 10.17 -5.45 57.97
N LEU B 334 10.16 -4.12 57.85
CA LEU B 334 11.20 -3.33 58.48
C LEU B 334 11.13 -3.47 59.99
N GLY B 335 9.92 -3.55 60.53
CA GLY B 335 9.68 -3.76 61.95
C GLY B 335 8.25 -4.21 62.13
N GLU B 336 7.95 -4.65 63.34
CA GLU B 336 6.62 -5.13 63.65
C GLU B 336 5.67 -3.96 63.92
N PRO B 337 4.34 -4.21 63.90
CA PRO B 337 3.39 -3.08 63.87
C PRO B 337 3.53 -2.06 64.98
N LEU B 338 3.56 -2.49 66.24
CA LEU B 338 3.62 -1.53 67.33
C LEU B 338 4.92 -0.75 67.30
N TYR B 339 6.01 -1.41 66.91
CA TYR B 339 7.29 -0.73 66.79
C TYR B 339 7.22 0.39 65.77
N GLU B 340 6.56 0.14 64.63
CA GLU B 340 6.48 1.17 63.60
C GLU B 340 5.58 2.32 64.01
N ASP B 341 4.52 2.04 64.77
CA ASP B 341 3.67 3.13 65.25
C ASP B 341 4.44 4.00 66.24
N VAL B 342 5.11 3.38 67.20
CA VAL B 342 5.88 4.15 68.17
C VAL B 342 6.98 4.95 67.48
N GLN B 343 7.66 4.32 66.53
CA GLN B 343 8.72 5.02 65.80
C GLN B 343 8.14 6.21 65.02
N THR B 344 6.94 6.05 64.47
CA THR B 344 6.34 7.10 63.65
C THR B 344 5.90 8.27 64.52
N VAL B 345 5.13 8.02 65.58
CA VAL B 345 4.56 9.10 66.38
C VAL B 345 5.67 9.92 67.03
N LEU B 346 6.73 9.26 67.50
CA LEU B 346 7.83 10.01 68.10
C LEU B 346 8.56 10.85 67.07
N ALA B 347 8.62 10.37 65.83
CA ALA B 347 9.23 11.16 64.77
C ALA B 347 8.35 12.34 64.39
N GLU B 348 7.03 12.14 64.37
CA GLU B 348 6.11 13.21 64.03
C GLU B 348 6.16 14.36 65.05
N HIS B 349 6.68 14.11 66.25
CA HIS B 349 6.74 15.12 67.29
C HIS B 349 8.17 15.49 67.67
N GLY B 350 9.14 15.12 66.84
CA GLY B 350 10.50 15.58 67.03
C GLY B 350 11.17 15.13 68.31
N LYS B 351 10.72 14.03 68.89
CA LYS B 351 11.35 13.50 70.10
C LYS B 351 12.66 12.81 69.75
N ASN B 352 13.74 13.19 70.46
CA ASN B 352 15.04 12.55 70.27
C ASN B 352 15.13 11.36 71.22
N ILE B 353 14.45 10.28 70.84
CA ILE B 353 14.36 9.07 71.64
C ILE B 353 14.84 7.91 70.78
N LEU B 354 15.82 7.17 71.28
CA LEU B 354 16.26 5.95 70.61
C LEU B 354 15.20 4.88 70.82
N VAL B 355 14.64 4.38 69.72
CA VAL B 355 13.59 3.38 69.77
C VAL B 355 14.14 2.07 69.21
N VAL B 356 13.79 0.97 69.88
CA VAL B 356 14.26 -0.36 69.50
C VAL B 356 13.09 -1.32 69.66
N GLY B 357 12.94 -2.23 68.70
CA GLY B 357 11.81 -3.13 68.68
C GLY B 357 12.24 -4.58 68.79
N GLY B 358 11.37 -5.39 69.38
CA GLY B 358 11.65 -6.81 69.54
C GLY B 358 10.39 -7.63 69.43
N ARG B 359 10.59 -8.95 69.38
CA ARG B 359 9.50 -9.90 69.28
C ARG B 359 9.54 -10.85 70.46
N TYR B 360 8.36 -11.27 70.93
CA TYR B 360 8.27 -12.13 72.10
C TYR B 360 7.03 -12.99 72.01
N GLY B 361 7.06 -14.09 72.75
CA GLY B 361 5.86 -14.86 73.09
C GLY B 361 5.07 -15.40 71.92
N LEU B 362 5.72 -15.68 70.79
CA LEU B 362 4.99 -16.25 69.67
C LEU B 362 4.56 -17.67 70.01
N GLY B 363 3.30 -17.98 69.74
CA GLY B 363 2.77 -19.29 70.09
C GLY B 363 2.85 -19.62 71.56
N SER B 364 2.53 -18.65 72.42
CA SER B 364 2.54 -18.82 73.87
C SER B 364 3.93 -19.15 74.42
N LYS B 365 4.99 -18.67 73.75
CA LYS B 365 6.33 -18.80 74.31
C LYS B 365 6.40 -18.07 75.65
N GLU B 366 7.10 -18.68 76.60
CA GLU B 366 7.19 -18.09 77.93
C GLU B 366 7.78 -16.70 77.87
N PHE B 367 7.23 -15.78 78.66
CA PHE B 367 7.72 -14.42 78.77
C PHE B 367 7.66 -14.05 80.26
N ASN B 368 8.79 -14.18 80.95
CA ASN B 368 8.88 -14.01 82.38
C ASN B 368 9.75 -12.81 82.74
N PRO B 369 9.75 -12.39 84.02
CA PRO B 369 10.50 -11.18 84.40
C PRO B 369 11.98 -11.22 84.07
N SER B 370 12.60 -12.39 84.12
CA SER B 370 14.01 -12.49 83.74
C SER B 370 14.22 -12.01 82.31
N MET B 371 13.26 -12.31 81.43
CA MET B 371 13.34 -11.79 80.06
C MET B 371 13.10 -10.29 80.03
N VAL B 372 12.17 -9.79 80.87
CA VAL B 372 11.89 -8.37 80.90
C VAL B 372 13.12 -7.57 81.29
N LYS B 373 13.89 -8.07 82.27
CA LYS B 373 15.11 -7.38 82.64
C LYS B 373 16.11 -7.37 81.48
N ALA B 374 16.16 -8.47 80.72
CA ALA B 374 17.04 -8.53 79.56
C ALA B 374 16.67 -7.46 78.53
N VAL B 375 15.38 -7.20 78.37
CA VAL B 375 14.96 -6.11 77.48
C VAL B 375 15.43 -4.77 78.04
N PHE B 376 15.27 -4.58 79.36
CA PHE B 376 15.74 -3.34 79.98
C PHE B 376 17.26 -3.23 79.92
N ASP B 377 17.96 -4.35 80.09
CA ASP B 377 19.41 -4.33 80.03
C ASP B 377 19.92 -3.97 78.64
N ASN B 378 19.18 -4.38 77.60
CA ASN B 378 19.56 -4.00 76.25
C ASN B 378 19.44 -2.50 76.03
N LEU B 379 18.43 -1.88 76.65
CA LEU B 379 18.32 -0.42 76.58
C LEU B 379 19.43 0.27 77.37
N ALA B 380 20.01 -0.41 78.35
CA ALA B 380 21.11 0.17 79.12
C ALA B 380 22.47 -0.07 78.47
N ALA B 381 22.53 -0.88 77.42
CA ALA B 381 23.79 -1.12 76.75
C ALA B 381 24.25 0.12 76.00
N THR B 382 25.55 0.15 75.69
CA THR B 382 26.11 1.26 74.92
C THR B 382 25.46 1.38 73.54
N THR B 383 25.30 0.26 72.85
CA THR B 383 24.57 0.21 71.58
C THR B 383 23.46 -0.82 71.72
N PRO B 384 22.24 -0.40 71.99
CA PRO B 384 21.15 -1.37 72.12
C PRO B 384 20.92 -2.15 70.84
N LYS B 385 20.76 -3.46 70.98
CA LYS B 385 20.44 -4.30 69.84
C LYS B 385 18.99 -4.06 69.41
N ASN B 386 18.80 -3.82 68.12
CA ASN B 386 17.49 -3.59 67.53
C ASN B 386 17.03 -4.83 66.77
N LYS B 387 15.72 -4.90 66.54
CA LYS B 387 15.11 -6.02 65.82
C LYS B 387 15.46 -7.35 66.47
N PHE B 388 15.24 -7.43 67.78
CA PHE B 388 15.68 -8.54 68.59
C PHE B 388 14.54 -9.51 68.87
N THR B 389 14.88 -10.61 69.55
CA THR B 389 13.92 -11.57 70.06
C THR B 389 14.26 -11.87 71.50
N VAL B 390 13.24 -12.23 72.28
CA VAL B 390 13.41 -12.57 73.68
C VAL B 390 12.65 -13.85 73.97
N GLY B 391 13.30 -14.80 74.64
CA GLY B 391 12.68 -16.06 74.98
C GLY B 391 13.19 -17.23 74.16
N ILE B 392 14.06 -16.98 73.18
CA ILE B 392 14.65 -18.04 72.36
C ILE B 392 16.15 -17.82 72.31
N THR B 393 16.85 -18.79 71.74
CA THR B 393 18.28 -18.70 71.48
C THR B 393 18.46 -18.71 69.96
N ASP B 394 18.68 -17.52 69.39
CA ASP B 394 18.84 -17.37 67.94
C ASP B 394 20.32 -17.39 67.64
N ASP B 395 20.86 -18.59 67.40
CA ASP B 395 22.26 -18.76 67.08
C ASP B 395 22.54 -18.68 65.58
N VAL B 396 21.54 -18.35 64.77
CA VAL B 396 21.69 -18.27 63.33
C VAL B 396 21.83 -16.82 62.91
N THR B 397 20.83 -16.01 63.28
CA THR B 397 20.82 -14.59 62.94
C THR B 397 21.13 -13.68 64.14
N HIS B 398 21.34 -14.24 65.32
CA HIS B 398 21.81 -13.48 66.49
C HIS B 398 20.89 -12.32 66.85
N THR B 399 19.59 -12.62 66.88
CA THR B 399 18.61 -11.62 67.29
C THR B 399 18.20 -11.73 68.74
N SER B 400 18.47 -12.86 69.39
CA SER B 400 17.97 -13.08 70.73
C SER B 400 18.78 -12.31 71.77
N LEU B 401 18.10 -11.81 72.80
CA LEU B 401 18.79 -11.20 73.93
C LEU B 401 19.22 -12.29 74.89
N GLU B 402 20.38 -12.08 75.51
CA GLU B 402 20.95 -13.06 76.43
C GLU B 402 20.30 -12.91 77.80
N ILE B 403 19.78 -14.02 78.33
CA ILE B 403 19.23 -14.03 79.69
C ILE B 403 20.41 -14.16 80.64
N LYS B 404 20.87 -13.03 81.18
CA LYS B 404 22.09 -13.03 81.98
C LYS B 404 21.86 -13.69 83.34
N GLU B 405 20.92 -13.17 84.11
CA GLU B 405 20.67 -13.64 85.47
C GLU B 405 19.19 -13.93 85.63
N HIS B 406 18.87 -14.74 86.63
CA HIS B 406 17.49 -15.08 86.94
C HIS B 406 17.06 -14.32 88.18
N ILE B 407 15.95 -13.59 88.08
CA ILE B 407 15.42 -12.79 89.18
C ILE B 407 14.04 -13.30 89.57
N ASP B 408 13.68 -13.03 90.83
CA ASP B 408 12.38 -13.41 91.38
C ASP B 408 11.66 -12.12 91.76
N THR B 409 10.70 -11.71 90.93
CA THR B 409 9.97 -10.47 91.13
C THR B 409 8.57 -10.68 91.68
N SER B 410 8.25 -11.89 92.12
CA SER B 410 6.92 -12.13 92.67
C SER B 410 6.76 -11.34 93.96
N PRO B 411 5.61 -10.72 94.18
CA PRO B 411 5.40 -9.97 95.42
C PRO B 411 5.54 -10.90 96.62
N LYS B 412 6.21 -10.38 97.65
CA LYS B 412 6.48 -11.17 98.85
C LYS B 412 5.18 -11.52 99.57
N GLY B 413 5.10 -12.77 100.04
CA GLY B 413 3.89 -13.29 100.62
C GLY B 413 2.99 -14.07 99.68
N THR B 414 3.39 -14.25 98.43
CA THR B 414 2.59 -14.95 97.45
C THR B 414 2.93 -16.43 97.48
N PHE B 415 1.93 -17.27 97.71
CA PHE B 415 2.12 -18.71 97.71
C PHE B 415 2.06 -19.22 96.28
N ARG B 416 2.92 -20.18 95.96
CA ARG B 416 3.04 -20.71 94.60
C ARG B 416 3.14 -22.22 94.65
N CYS B 417 2.30 -22.90 93.88
CA CYS B 417 2.25 -24.36 93.89
C CYS B 417 2.25 -24.89 92.47
N LYS B 418 2.98 -25.98 92.26
CA LYS B 418 2.93 -26.71 91.01
C LYS B 418 2.41 -28.12 91.25
N PHE B 419 1.53 -28.57 90.36
CA PHE B 419 0.92 -29.89 90.45
C PHE B 419 1.17 -30.63 89.15
N PHE B 420 2.02 -31.66 89.20
CA PHE B 420 2.26 -32.54 88.06
C PHE B 420 1.21 -33.64 88.11
N GLY B 421 0.31 -33.67 87.11
CA GLY B 421 -0.76 -34.63 87.06
C GLY B 421 -0.70 -35.49 85.80
N LEU B 422 -1.55 -36.50 85.77
CA LEU B 422 -1.73 -37.37 84.61
C LEU B 422 -3.02 -36.97 83.91
N GLY B 423 -3.08 -37.27 82.61
CA GLY B 423 -4.24 -36.92 81.81
C GLY B 423 -5.57 -37.40 82.36
N SER B 424 -6.45 -36.46 82.69
CA SER B 424 -7.81 -36.74 83.14
C SER B 424 -7.87 -37.55 84.42
N ASP B 425 -6.90 -37.36 85.32
CA ASP B 425 -6.92 -38.02 86.62
C ASP B 425 -7.58 -37.18 87.70
N GLY B 426 -8.13 -36.01 87.35
CA GLY B 426 -8.83 -35.16 88.29
C GLY B 426 -8.01 -34.03 88.89
N THR B 427 -6.70 -33.98 88.61
CA THR B 427 -5.85 -32.97 89.23
C THR B 427 -6.26 -31.55 88.83
N VAL B 428 -6.40 -31.30 87.53
CA VAL B 428 -6.74 -29.96 87.06
C VAL B 428 -8.08 -29.52 87.63
N GLY B 429 -9.08 -30.40 87.58
CA GLY B 429 -10.39 -30.05 88.12
C GLY B 429 -10.32 -29.73 89.59
N ALA B 430 -9.52 -30.50 90.34
CA ALA B 430 -9.36 -30.25 91.77
C ALA B 430 -8.67 -28.93 92.02
N ASN B 431 -7.61 -28.62 91.26
CA ASN B 431 -6.93 -27.35 91.44
C ASN B 431 -7.87 -26.18 91.13
N LYS B 432 -8.70 -26.33 90.10
CA LYS B 432 -9.69 -25.30 89.80
C LYS B 432 -10.65 -25.13 90.97
N ASN B 433 -11.08 -26.24 91.57
CA ASN B 433 -11.98 -26.18 92.71
C ASN B 433 -11.29 -25.58 93.93
N SER B 434 -10.00 -25.86 94.11
CA SER B 434 -9.26 -25.26 95.21
C SER B 434 -9.18 -23.75 95.06
N ILE B 435 -9.02 -23.26 93.82
CA ILE B 435 -8.99 -21.83 93.58
C ILE B 435 -10.33 -21.21 93.94
N LYS B 436 -11.42 -21.87 93.54
CA LYS B 436 -12.76 -21.38 93.88
C LYS B 436 -13.00 -21.41 95.38
N ILE B 437 -12.50 -22.44 96.06
CA ILE B 437 -12.63 -22.53 97.51
C ILE B 437 -11.89 -21.38 98.17
N ILE B 438 -10.63 -21.17 97.79
CA ILE B 438 -9.83 -20.12 98.41
C ILE B 438 -10.37 -18.75 98.05
N GLY B 439 -10.79 -18.57 96.80
CA GLY B 439 -11.24 -17.25 96.37
C GLY B 439 -12.54 -16.84 97.02
N ASP B 440 -13.46 -17.78 97.22
CA ASP B 440 -14.75 -17.44 97.79
C ASP B 440 -14.70 -17.20 99.29
N HIS B 441 -13.69 -17.72 99.97
CA HIS B 441 -13.70 -17.70 101.43
C HIS B 441 -12.54 -16.94 102.06
N THR B 442 -11.63 -16.36 101.26
CA THR B 442 -10.55 -15.54 101.81
C THR B 442 -10.47 -14.22 101.06
N ASP B 443 -9.66 -13.32 101.62
CA ASP B 443 -9.35 -12.04 100.99
C ASP B 443 -8.21 -12.14 99.99
N MET B 444 -7.68 -13.34 99.77
CA MET B 444 -6.51 -13.51 98.94
C MET B 444 -6.91 -13.54 97.47
N TYR B 445 -6.05 -12.99 96.63
CA TYR B 445 -6.20 -13.19 95.20
C TYR B 445 -5.76 -14.61 94.84
N ALA B 446 -6.37 -15.17 93.83
CA ALA B 446 -6.10 -16.54 93.42
C ALA B 446 -5.94 -16.59 91.90
N GLN B 447 -4.96 -17.37 91.45
CA GLN B 447 -4.64 -17.50 90.03
C GLN B 447 -4.39 -18.96 89.71
N GLY B 448 -4.88 -19.38 88.54
CA GLY B 448 -4.61 -20.73 88.08
C GLY B 448 -4.32 -20.78 86.59
N TYR B 449 -3.24 -21.45 86.20
CA TYR B 449 -2.89 -21.63 84.80
C TYR B 449 -2.47 -23.08 84.61
N PHE B 450 -2.87 -23.68 83.49
CA PHE B 450 -2.76 -25.12 83.31
C PHE B 450 -2.09 -25.47 82.00
N VAL B 451 -1.01 -26.25 82.08
CA VAL B 451 -0.25 -26.69 80.92
C VAL B 451 -0.75 -28.08 80.56
N TYR B 452 -1.25 -28.23 79.34
CA TYR B 452 -1.81 -29.48 78.87
C TYR B 452 -0.85 -30.12 77.88
N ASP B 453 -1.15 -31.36 77.51
CA ASP B 453 -0.32 -32.11 76.58
C ASP B 453 -1.06 -32.28 75.25
N SER B 454 -0.29 -32.49 74.18
CA SER B 454 -0.90 -32.67 72.86
C SER B 454 -1.54 -34.06 72.72
N LYS B 455 -1.05 -35.04 73.47
CA LYS B 455 -1.64 -36.37 73.47
C LYS B 455 -2.99 -36.33 74.17
N LYS B 456 -3.99 -36.95 73.55
CA LYS B 456 -5.36 -36.83 74.04
C LYS B 456 -5.63 -37.68 75.28
N SER B 457 -4.91 -38.78 75.47
CA SER B 457 -5.10 -39.66 76.61
C SER B 457 -3.76 -40.02 77.22
N GLY B 458 -3.66 -39.91 78.54
CA GLY B 458 -2.44 -40.26 79.24
C GLY B 458 -1.37 -39.20 79.23
N GLY B 459 -1.70 -37.95 78.91
CA GLY B 459 -0.71 -36.89 78.84
C GLY B 459 -0.34 -36.35 80.20
N VAL B 460 0.72 -35.55 80.20
CA VAL B 460 1.20 -34.90 81.42
C VAL B 460 0.58 -33.52 81.51
N THR B 461 0.07 -33.17 82.69
CA THR B 461 -0.48 -31.85 82.97
C THR B 461 0.29 -31.22 84.11
N ILE B 462 0.59 -29.93 83.99
CA ILE B 462 1.31 -29.18 85.01
C ILE B 462 0.46 -27.96 85.37
N SER B 463 -0.07 -27.93 86.58
CA SER B 463 -0.87 -26.81 87.06
C SER B 463 0.00 -25.84 87.85
N HIS B 464 -0.22 -24.55 87.62
CA HIS B 464 0.49 -23.48 88.32
C HIS B 464 -0.54 -22.63 89.04
N LEU B 465 -0.51 -22.64 90.37
CA LEU B 465 -1.45 -21.87 91.18
C LEU B 465 -0.70 -20.85 92.03
N ARG B 466 -1.34 -19.69 92.24
CA ARG B 466 -0.80 -18.64 93.08
C ARG B 466 -1.90 -18.04 93.95
N PHE B 467 -1.57 -17.76 95.21
CA PHE B 467 -2.44 -17.03 96.12
C PHE B 467 -1.60 -16.01 96.89
N GLY B 468 -2.14 -14.80 97.02
CA GLY B 468 -1.42 -13.76 97.74
C GLY B 468 -2.35 -12.65 98.18
N LYS B 469 -1.85 -11.85 99.12
CA LYS B 469 -2.61 -10.70 99.60
C LYS B 469 -2.62 -9.55 98.59
N GLN B 470 -1.74 -9.59 97.59
CA GLN B 470 -1.68 -8.56 96.57
C GLN B 470 -2.15 -9.11 95.23
N PRO B 471 -2.66 -8.25 94.34
CA PRO B 471 -3.10 -8.72 93.03
C PRO B 471 -1.97 -9.44 92.31
N ILE B 472 -2.33 -10.53 91.62
CA ILE B 472 -1.38 -11.45 91.00
C ILE B 472 -1.21 -11.04 89.55
N GLN B 473 -0.09 -10.40 89.23
CA GLN B 473 0.25 -10.01 87.87
C GLN B 473 1.20 -11.00 87.20
N SER B 474 1.46 -12.14 87.81
CA SER B 474 2.46 -13.08 87.32
C SER B 474 1.86 -13.94 86.21
N ALA B 475 1.81 -13.36 85.00
CA ALA B 475 1.32 -14.08 83.83
C ALA B 475 2.45 -14.90 83.19
N TYR B 476 3.04 -15.75 84.02
CA TYR B 476 4.11 -16.63 83.58
C TYR B 476 4.13 -17.86 84.48
N LEU B 477 4.87 -18.87 84.04
CA LEU B 477 4.96 -20.12 84.79
C LEU B 477 5.69 -19.91 86.11
N ILE B 478 5.48 -20.84 87.04
CA ILE B 478 6.00 -20.68 88.39
C ILE B 478 7.51 -20.87 88.38
N ASP B 479 8.23 -19.89 88.93
CA ASP B 479 9.68 -19.93 88.96
C ASP B 479 10.20 -20.60 90.24
N GLN B 480 9.77 -20.11 91.40
CA GLN B 480 10.13 -20.67 92.68
C GLN B 480 8.85 -21.07 93.40
N ALA B 481 8.64 -22.37 93.57
CA ALA B 481 7.42 -22.89 94.16
C ALA B 481 7.60 -23.13 95.65
N ASP B 482 6.61 -22.72 96.44
CA ASP B 482 6.56 -23.06 97.85
C ASP B 482 6.13 -24.50 98.07
N LEU B 483 5.34 -25.04 97.15
CA LEU B 483 4.85 -26.41 97.22
C LEU B 483 4.84 -26.99 95.83
N ILE B 484 5.29 -28.23 95.70
CA ILE B 484 5.25 -28.97 94.45
C ILE B 484 4.62 -30.33 94.75
N ALA B 485 3.57 -30.67 94.00
CA ALA B 485 2.86 -31.93 94.21
C ALA B 485 3.00 -32.79 92.96
N CYS B 486 3.31 -34.07 93.17
CA CYS B 486 3.45 -35.03 92.08
C CYS B 486 2.41 -36.12 92.31
N HIS B 487 1.39 -36.14 91.46
CA HIS B 487 0.29 -37.09 91.58
C HIS B 487 0.50 -38.37 90.79
N ASN B 488 1.70 -38.55 90.23
CA ASN B 488 2.02 -39.76 89.46
C ASN B 488 3.43 -40.22 89.81
N PRO B 489 3.58 -41.39 90.45
CA PRO B 489 4.94 -41.82 90.83
C PRO B 489 5.84 -42.09 89.64
N SER B 490 5.27 -42.33 88.46
CA SER B 490 6.08 -42.60 87.27
C SER B 490 6.97 -41.41 86.92
N TYR B 491 6.55 -40.21 87.32
CA TYR B 491 7.34 -39.02 87.03
C TYR B 491 8.63 -38.98 87.86
N VAL B 492 8.69 -39.71 88.96
CA VAL B 492 9.87 -39.71 89.82
C VAL B 492 11.04 -40.31 89.06
N GLY B 493 12.10 -39.51 88.86
CA GLY B 493 13.23 -39.91 88.07
C GLY B 493 13.09 -39.63 86.59
N ARG B 494 11.93 -39.18 86.13
CA ARG B 494 11.68 -38.88 84.73
C ARG B 494 11.67 -37.39 84.41
N TYR B 495 11.05 -36.58 85.26
CA TYR B 495 10.98 -35.14 85.06
C TYR B 495 11.61 -34.44 86.26
N ASN B 496 12.06 -33.20 86.01
CA ASN B 496 12.67 -32.40 87.06
C ASN B 496 11.56 -31.79 87.91
N LEU B 497 10.99 -32.62 88.80
CA LEU B 497 9.84 -32.19 89.58
C LEU B 497 10.21 -31.07 90.55
N LEU B 498 11.27 -31.26 91.33
CA LEU B 498 11.69 -30.31 92.34
C LEU B 498 12.43 -29.12 91.75
N GLU B 499 12.20 -28.84 90.48
CA GLU B 499 12.90 -27.75 89.80
C GLU B 499 12.44 -26.44 90.38
N GLY B 500 13.39 -25.64 90.85
CA GLY B 500 13.12 -24.29 91.33
C GLY B 500 12.41 -24.20 92.65
N ILE B 501 12.26 -25.30 93.39
CA ILE B 501 11.56 -25.24 94.67
C ILE B 501 12.38 -24.42 95.66
N LYS B 502 11.68 -23.63 96.47
CA LYS B 502 12.36 -22.76 97.43
C LYS B 502 12.94 -23.57 98.59
N PRO B 503 14.01 -23.09 99.20
CA PRO B 503 14.54 -23.74 100.39
C PRO B 503 13.48 -23.77 101.48
N GLY B 504 13.31 -24.94 102.10
CA GLY B 504 12.27 -25.14 103.08
C GLY B 504 10.90 -25.41 102.50
N GLY B 505 10.78 -25.53 101.18
CA GLY B 505 9.50 -25.75 100.54
C GLY B 505 8.93 -27.13 100.84
N ILE B 506 7.73 -27.35 100.28
CA ILE B 506 6.96 -28.57 100.50
C ILE B 506 6.97 -29.39 99.23
N PHE B 507 7.18 -30.69 99.38
CA PHE B 507 7.08 -31.64 98.27
C PHE B 507 6.10 -32.73 98.69
N LEU B 508 4.96 -32.79 98.00
CA LEU B 508 3.93 -33.77 98.26
C LEU B 508 3.96 -34.80 97.16
N LEU B 509 4.01 -36.07 97.54
CA LEU B 509 4.16 -37.15 96.58
C LEU B 509 3.09 -38.21 96.83
N ASN B 510 2.56 -38.76 95.75
CA ASN B 510 1.68 -39.93 95.78
C ASN B 510 2.52 -41.11 95.34
N SER B 511 2.74 -42.06 96.26
CA SER B 511 3.54 -43.24 95.95
C SER B 511 3.24 -44.31 96.99
N THR B 512 3.64 -45.54 96.68
CA THR B 512 3.51 -46.67 97.57
C THR B 512 4.75 -46.95 98.40
N TRP B 513 5.77 -46.09 98.33
CA TRP B 513 7.04 -46.36 98.98
C TRP B 513 7.01 -45.95 100.44
N SER B 514 7.61 -46.77 101.29
CA SER B 514 7.74 -46.45 102.69
C SER B 514 8.93 -45.51 102.90
N ALA B 515 9.07 -45.03 104.14
CA ALA B 515 10.14 -44.06 104.43
C ALA B 515 11.52 -44.65 104.20
N GLU B 516 11.69 -45.95 104.46
CA GLU B 516 12.99 -46.57 104.26
C GLU B 516 13.29 -46.79 102.79
N GLU B 517 12.27 -47.13 101.99
CA GLU B 517 12.49 -47.29 100.56
C GLU B 517 12.91 -45.99 99.89
N MET B 518 12.68 -44.84 100.54
CA MET B 518 13.09 -43.55 99.98
C MET B 518 14.59 -43.49 99.74
N ASP B 519 15.39 -44.12 100.60
CA ASP B 519 16.84 -44.02 100.44
C ASP B 519 17.33 -44.77 99.20
N SER B 520 16.70 -45.90 98.88
CA SER B 520 17.09 -46.71 97.73
C SER B 520 16.27 -46.41 96.48
N ARG B 521 15.06 -45.88 96.62
CA ARG B 521 14.16 -45.64 95.50
C ARG B 521 14.26 -44.24 94.90
N LEU B 522 14.46 -43.21 95.72
CA LEU B 522 14.50 -41.88 95.13
C LEU B 522 15.85 -41.66 94.44
N PRO B 523 15.86 -40.98 93.30
CA PRO B 523 17.13 -40.72 92.62
C PRO B 523 18.02 -39.82 93.47
N ALA B 524 19.32 -39.86 93.17
CA ALA B 524 20.29 -39.15 94.00
C ALA B 524 20.11 -37.64 93.91
N ASP B 525 19.86 -37.11 92.71
CA ASP B 525 19.65 -35.68 92.59
C ASP B 525 18.42 -35.24 93.38
N MET B 526 17.39 -36.09 93.44
CA MET B 526 16.20 -35.76 94.21
C MET B 526 16.49 -35.75 95.71
N LYS B 527 17.26 -36.74 96.20
CA LYS B 527 17.60 -36.75 97.62
C LYS B 527 18.48 -35.57 98.01
N ARG B 528 19.40 -35.18 97.14
CA ARG B 528 20.28 -34.04 97.45
C ARG B 528 19.46 -32.76 97.58
N THR B 529 18.55 -32.52 96.64
CA THR B 529 17.72 -31.33 96.72
C THR B 529 16.83 -31.35 97.96
N ILE B 530 16.24 -32.52 98.25
CA ILE B 530 15.40 -32.64 99.44
C ILE B 530 16.21 -32.31 100.69
N ALA B 531 17.45 -32.80 100.74
CA ALA B 531 18.28 -32.63 101.93
C ALA B 531 18.92 -31.25 101.98
N THR B 532 19.54 -30.81 100.88
CA THR B 532 20.25 -29.54 100.89
C THR B 532 19.32 -28.37 101.15
N LYS B 533 18.16 -28.37 100.50
CA LYS B 533 17.17 -27.31 100.72
C LYS B 533 16.30 -27.55 101.95
N LYS B 534 16.46 -28.69 102.63
CA LYS B 534 15.71 -29.01 103.84
C LYS B 534 14.20 -28.95 103.60
N LEU B 535 13.75 -29.65 102.56
CA LEU B 535 12.35 -29.64 102.19
C LEU B 535 11.53 -30.50 103.13
N LYS B 536 10.26 -30.12 103.29
CA LYS B 536 9.29 -30.92 104.03
C LYS B 536 8.70 -31.94 103.08
N PHE B 537 9.16 -33.18 103.19
CA PHE B 537 8.78 -34.24 102.27
C PHE B 537 7.61 -35.00 102.87
N TYR B 538 6.46 -34.96 102.17
CA TYR B 538 5.27 -35.71 102.58
C TYR B 538 4.94 -36.73 101.51
N ASN B 539 4.41 -37.87 101.94
CA ASN B 539 4.06 -38.95 101.04
C ASN B 539 2.70 -39.51 101.46
N ILE B 540 1.97 -40.02 100.47
CA ILE B 540 0.67 -40.65 100.71
C ILE B 540 0.41 -41.63 99.59
N ASP B 541 -0.11 -42.81 99.95
CA ASP B 541 -0.49 -43.82 98.96
C ASP B 541 -1.97 -43.65 98.65
N ALA B 542 -2.26 -42.64 97.82
CA ALA B 542 -3.66 -42.37 97.46
C ALA B 542 -4.27 -43.51 96.67
N VAL B 543 -3.47 -44.22 95.86
CA VAL B 543 -3.99 -45.32 95.07
C VAL B 543 -4.52 -46.43 95.96
N LYS B 544 -3.79 -46.76 97.02
CA LYS B 544 -4.25 -47.78 97.95
C LYS B 544 -5.52 -47.34 98.65
N ILE B 545 -5.61 -46.06 99.00
CA ILE B 545 -6.79 -45.55 99.70
C ILE B 545 -8.02 -45.63 98.80
N ALA B 546 -7.87 -45.22 97.53
CA ALA B 546 -9.01 -45.25 96.62
C ALA B 546 -9.50 -46.68 96.38
N GLN B 547 -8.58 -47.65 96.41
CA GLN B 547 -8.97 -49.05 96.24
C GLN B 547 -9.80 -49.53 97.43
N GLU B 548 -9.35 -49.23 98.66
CA GLU B 548 -10.03 -49.72 99.85
C GLU B 548 -11.40 -49.08 100.02
N ILE B 549 -11.53 -47.80 99.66
CA ILE B 549 -12.81 -47.14 99.79
C ILE B 549 -13.76 -47.63 98.70
N GLY B 550 -13.22 -47.98 97.54
CA GLY B 550 -14.02 -48.37 96.39
C GLY B 550 -14.13 -47.32 95.32
N LEU B 551 -13.28 -46.30 95.36
CA LEU B 551 -13.25 -45.26 94.34
C LEU B 551 -12.41 -45.63 93.12
N GLY B 552 -11.92 -46.87 93.06
CA GLY B 552 -11.07 -47.28 91.96
C GLY B 552 -9.67 -46.69 92.07
N SER B 553 -9.30 -45.87 91.08
CA SER B 553 -8.02 -45.18 91.09
C SER B 553 -8.17 -43.67 91.12
N ARG B 554 -9.39 -43.16 91.35
CA ARG B 554 -9.61 -41.73 91.43
C ARG B 554 -8.94 -41.18 92.69
N ILE B 555 -7.99 -40.26 92.51
CA ILE B 555 -7.22 -39.68 93.60
C ILE B 555 -7.42 -38.16 93.71
N ASN B 556 -8.39 -37.60 92.98
CA ASN B 556 -8.58 -36.16 92.97
C ASN B 556 -8.95 -35.63 94.35
N VAL B 557 -9.96 -36.24 94.97
CA VAL B 557 -10.38 -35.79 96.30
C VAL B 557 -9.29 -36.05 97.33
N ILE B 558 -8.59 -37.19 97.20
CA ILE B 558 -7.56 -37.54 98.17
C ILE B 558 -6.41 -36.54 98.12
N MET B 559 -5.90 -36.27 96.92
CA MET B 559 -4.74 -35.41 96.81
C MET B 559 -5.07 -33.95 97.09
N GLN B 560 -6.31 -33.54 96.81
CA GLN B 560 -6.74 -32.19 97.16
C GLN B 560 -6.77 -32.00 98.67
N THR B 561 -7.26 -33.00 99.41
CA THR B 561 -7.26 -32.90 100.87
C THR B 561 -5.84 -32.83 101.41
N ALA B 562 -4.93 -33.62 100.86
CA ALA B 562 -3.54 -33.61 101.32
C ALA B 562 -2.88 -32.25 101.11
N PHE B 563 -3.28 -31.53 100.06
CA PHE B 563 -2.73 -30.20 99.80
C PHE B 563 -3.11 -29.23 100.90
N PHE B 564 -4.40 -29.11 101.20
CA PHE B 564 -4.83 -28.17 102.22
C PHE B 564 -4.26 -28.53 103.59
N LYS B 565 -3.97 -29.82 103.82
CA LYS B 565 -3.45 -30.24 105.11
C LYS B 565 -2.07 -29.65 105.37
N ILE B 566 -1.24 -29.49 104.34
CA ILE B 566 0.13 -29.03 104.49
C ILE B 566 0.38 -27.64 103.94
N ALA B 567 -0.47 -27.13 103.04
CA ALA B 567 -0.18 -25.85 102.39
C ALA B 567 -0.24 -24.69 103.37
N ASN B 568 -1.08 -24.79 104.40
CA ASN B 568 -1.29 -23.71 105.37
C ASN B 568 -1.73 -22.42 104.68
N VAL B 569 -2.55 -22.58 103.64
CA VAL B 569 -3.14 -21.40 103.00
C VAL B 569 -4.36 -20.94 103.77
N ILE B 570 -5.16 -21.90 104.25
CA ILE B 570 -6.28 -21.60 105.14
C ILE B 570 -6.22 -22.59 106.29
N PRO B 571 -6.92 -22.31 107.40
CA PRO B 571 -6.99 -23.27 108.50
C PRO B 571 -7.46 -24.65 108.02
N VAL B 572 -6.76 -25.68 108.50
CA VAL B 572 -7.03 -27.05 108.04
C VAL B 572 -8.48 -27.43 108.33
N ASP B 573 -9.01 -27.01 109.49
CA ASP B 573 -10.39 -27.32 109.81
C ASP B 573 -11.36 -26.61 108.87
N GLU B 574 -11.04 -25.37 108.49
CA GLU B 574 -11.91 -24.65 107.56
C GLU B 574 -11.89 -25.31 106.18
N ALA B 575 -10.73 -25.77 105.73
CA ALA B 575 -10.63 -26.38 104.42
C ALA B 575 -11.45 -27.64 104.32
N ILE B 576 -11.46 -28.45 105.38
CA ILE B 576 -12.21 -29.69 105.37
C ILE B 576 -13.71 -29.43 105.18
N LYS B 577 -14.21 -28.34 105.77
CA LYS B 577 -15.61 -27.99 105.57
C LYS B 577 -15.89 -27.66 104.10
N TYR B 578 -15.03 -26.83 103.49
CA TYR B 578 -15.28 -26.41 102.12
C TYR B 578 -15.17 -27.56 101.15
N ILE B 579 -14.26 -28.51 101.40
CA ILE B 579 -14.14 -29.67 100.53
C ILE B 579 -15.40 -30.53 100.61
N LYS B 580 -15.83 -30.87 101.83
CA LYS B 580 -17.02 -31.69 102.00
C LYS B 580 -18.27 -30.97 101.50
N ASP B 581 -18.33 -29.64 101.68
CA ASP B 581 -19.43 -28.87 101.11
C ASP B 581 -19.38 -28.89 99.59
N SER B 582 -18.17 -28.84 99.02
CA SER B 582 -18.04 -28.94 97.57
C SER B 582 -18.38 -30.33 97.06
N ILE B 583 -18.20 -31.36 97.89
CA ILE B 583 -18.58 -32.71 97.51
C ILE B 583 -20.09 -32.81 97.34
N VAL B 584 -20.85 -32.14 98.22
CA VAL B 584 -22.31 -32.15 98.11
C VAL B 584 -22.75 -31.53 96.79
N LYS B 585 -22.08 -30.45 96.38
CA LYS B 585 -22.44 -29.80 95.12
C LYS B 585 -22.06 -30.64 93.91
N THR B 586 -21.00 -31.43 93.99
CA THR B 586 -20.54 -32.22 92.85
C THR B 586 -21.17 -33.61 92.79
N TYR B 587 -21.24 -34.31 93.93
CA TYR B 587 -21.74 -35.67 93.98
C TYR B 587 -23.09 -35.76 94.69
N GLY B 588 -23.87 -34.67 94.68
CA GLY B 588 -25.18 -34.71 95.29
C GLY B 588 -26.17 -35.53 94.50
N LYS B 589 -26.09 -35.47 93.18
CA LYS B 589 -26.96 -36.26 92.31
C LYS B 589 -26.40 -37.64 91.99
N LYS B 590 -25.16 -37.93 92.39
CA LYS B 590 -24.55 -39.23 92.12
C LYS B 590 -25.07 -40.34 93.02
N GLY B 591 -25.76 -40.00 94.11
CA GLY B 591 -26.29 -40.98 95.03
C GLY B 591 -25.57 -40.94 96.37
N ASP B 592 -26.19 -41.58 97.36
CA ASP B 592 -25.64 -41.59 98.71
C ASP B 592 -24.42 -42.51 98.81
N LYS B 593 -24.35 -43.54 97.98
CA LYS B 593 -23.22 -44.47 98.05
C LYS B 593 -21.93 -43.81 97.58
N ILE B 594 -21.99 -43.10 96.44
CA ILE B 594 -20.81 -42.40 95.94
C ILE B 594 -20.49 -41.20 96.82
N LEU B 595 -21.52 -40.58 97.43
CA LEU B 595 -21.29 -39.40 98.24
C LEU B 595 -20.45 -39.73 99.47
N ASN B 596 -20.82 -40.78 100.19
CA ASN B 596 -20.12 -41.14 101.41
C ASN B 596 -18.71 -41.67 101.14
N MET B 597 -18.45 -42.22 99.96
CA MET B 597 -17.09 -42.66 99.65
C MET B 597 -16.14 -41.46 99.55
N ASN B 598 -16.58 -40.38 98.89
CA ASN B 598 -15.75 -39.19 98.80
C ASN B 598 -15.61 -38.51 100.15
N PHE B 599 -16.62 -38.62 101.01
CA PHE B 599 -16.46 -38.15 102.38
C PHE B 599 -15.37 -38.92 103.09
N ALA B 600 -15.34 -40.25 102.91
CA ALA B 600 -14.31 -41.08 103.54
C ALA B 600 -12.94 -40.80 102.94
N ALA B 601 -12.88 -40.44 101.66
CA ALA B 601 -11.60 -40.12 101.03
C ALA B 601 -10.92 -38.97 101.75
N VAL B 602 -11.69 -37.93 102.11
CA VAL B 602 -11.12 -36.82 102.86
C VAL B 602 -10.62 -37.32 104.21
N ASP B 603 -11.44 -38.11 104.90
CA ASP B 603 -11.07 -38.58 106.23
C ASP B 603 -9.86 -39.50 106.18
N ARG B 604 -9.85 -40.43 105.21
CA ARG B 604 -8.75 -41.39 105.14
C ARG B 604 -7.46 -40.71 104.69
N ALA B 605 -7.55 -39.68 103.87
CA ALA B 605 -6.34 -39.00 103.41
C ALA B 605 -5.65 -38.25 104.54
N LEU B 606 -6.42 -37.59 105.41
CA LEU B 606 -5.84 -36.80 106.48
C LEU B 606 -4.98 -37.65 107.41
N GLU B 607 -5.43 -38.87 107.72
CA GLU B 607 -4.69 -39.73 108.62
C GLU B 607 -3.56 -40.47 107.92
N ALA B 608 -3.63 -40.61 106.60
CA ALA B 608 -2.63 -41.38 105.86
C ALA B 608 -1.45 -40.55 105.39
N LEU B 609 -1.58 -39.23 105.33
CA LEU B 609 -0.47 -38.39 104.91
C LEU B 609 0.63 -38.45 105.97
N GLU B 610 1.79 -38.99 105.59
CA GLU B 610 2.90 -39.19 106.52
C GLU B 610 4.11 -38.41 106.03
N GLU B 611 4.66 -37.57 106.91
CA GLU B 611 5.89 -36.84 106.61
C GLU B 611 7.09 -37.77 106.69
N ILE B 612 7.99 -37.66 105.72
CA ILE B 612 9.16 -38.51 105.65
C ILE B 612 10.33 -37.79 106.31
N LYS B 613 10.80 -38.32 107.44
CA LYS B 613 11.99 -37.81 108.12
C LYS B 613 13.19 -38.51 107.51
N TYR B 614 13.90 -37.80 106.60
CA TYR B 614 15.01 -38.31 105.79
C TYR B 614 16.34 -38.03 106.47
N PRO B 615 17.33 -38.92 106.28
CA PRO B 615 18.64 -38.69 106.88
C PRO B 615 19.34 -37.50 106.25
N ALA B 616 20.11 -36.78 107.08
CA ALA B 616 20.87 -35.64 106.58
C ALA B 616 21.97 -36.09 105.63
N SER B 617 22.38 -37.36 105.70
CA SER B 617 23.39 -37.91 104.81
C SER B 617 22.92 -38.01 103.37
N TRP B 618 21.64 -37.72 103.10
CA TRP B 618 21.13 -37.70 101.73
C TRP B 618 21.81 -36.63 100.88
N ALA B 619 22.34 -35.58 101.50
CA ALA B 619 23.01 -34.52 100.75
C ALA B 619 24.27 -35.03 100.07
N ASP B 620 24.89 -36.09 100.59
CA ASP B 620 26.10 -36.67 100.03
C ASP B 620 25.82 -37.80 99.04
N ALA B 621 24.55 -38.10 98.76
CA ALA B 621 24.24 -39.17 97.82
C ALA B 621 24.84 -38.89 96.45
N VAL B 622 25.22 -39.95 95.76
CA VAL B 622 25.93 -39.88 94.49
C VAL B 622 25.07 -40.48 93.39
N ASP B 623 25.01 -39.79 92.25
CA ASP B 623 24.20 -40.23 91.13
C ASP B 623 24.56 -41.65 90.74
N GLU B 624 23.58 -42.36 90.17
CA GLU B 624 23.86 -43.69 89.67
C GLU B 624 24.54 -43.61 88.31
N ALA B 625 25.24 -44.68 87.95
CA ALA B 625 26.02 -44.69 86.71
C ALA B 625 25.09 -44.59 85.51
N ALA B 626 25.51 -43.80 84.52
CA ALA B 626 24.71 -43.60 83.32
C ALA B 626 24.74 -44.85 82.45
N ALA B 627 23.57 -45.26 81.98
CA ALA B 627 23.49 -46.42 81.10
C ALA B 627 24.04 -46.08 79.72
N THR B 628 24.46 -47.12 78.99
CA THR B 628 24.99 -46.95 77.65
C THR B 628 23.86 -46.55 76.71
N VAL B 629 23.88 -45.30 76.26
CA VAL B 629 22.81 -44.80 75.38
C VAL B 629 22.95 -45.46 74.01
N THR B 630 21.84 -45.99 73.51
CA THR B 630 21.83 -46.62 72.20
C THR B 630 22.02 -45.56 71.11
N GLU B 631 22.73 -45.95 70.05
CA GLU B 631 22.97 -45.04 68.93
C GLU B 631 21.65 -44.77 68.22
N GLU B 632 21.16 -43.55 68.32
CA GLU B 632 19.91 -43.15 67.71
C GLU B 632 20.18 -42.13 66.62
N PRO B 633 19.27 -41.99 65.64
CA PRO B 633 19.43 -40.96 64.60
C PRO B 633 19.68 -39.57 65.16
N GLU B 634 20.29 -38.70 64.37
CA GLU B 634 20.61 -37.35 64.85
C GLU B 634 19.35 -36.60 65.26
N PHE B 635 18.27 -36.78 64.50
CA PHE B 635 17.02 -36.09 64.82
C PHE B 635 16.47 -36.53 66.17
N ILE B 636 16.44 -37.84 66.41
CA ILE B 636 15.96 -38.36 67.69
C ILE B 636 16.83 -37.85 68.83
N GLN B 637 18.15 -37.80 68.63
CA GLN B 637 19.06 -37.39 69.69
C GLN B 637 18.92 -35.91 70.00
N LYS B 638 18.82 -35.06 68.98
CA LYS B 638 18.82 -33.62 69.19
C LYS B 638 17.43 -33.01 69.31
N VAL B 639 16.38 -33.68 68.82
CA VAL B 639 15.07 -33.05 68.76
C VAL B 639 14.02 -33.78 69.59
N LEU B 640 13.73 -35.04 69.25
CA LEU B 640 12.60 -35.72 69.89
C LEU B 640 12.86 -35.96 71.38
N ARG B 641 14.04 -36.44 71.73
CA ARG B 641 14.33 -36.68 73.15
C ARG B 641 14.25 -35.42 74.00
N PRO B 642 14.89 -34.30 73.64
CA PRO B 642 14.76 -33.09 74.48
C PRO B 642 13.34 -32.56 74.56
N ILE B 643 12.57 -32.67 73.48
CA ILE B 643 11.20 -32.17 73.49
C ILE B 643 10.34 -32.98 74.45
N ASN B 644 10.40 -34.31 74.34
CA ASN B 644 9.65 -35.17 75.24
C ASN B 644 10.16 -35.10 76.67
N ALA B 645 11.42 -34.73 76.87
CA ALA B 645 11.97 -34.50 78.20
C ALA B 645 11.60 -33.14 78.77
N LEU B 646 10.67 -32.44 78.11
CA LEU B 646 10.20 -31.12 78.55
C LEU B 646 11.32 -30.09 78.58
N LYS B 647 12.26 -30.21 77.65
CA LYS B 647 13.37 -29.27 77.51
C LYS B 647 13.43 -28.67 76.11
N GLY B 648 12.32 -28.71 75.38
CA GLY B 648 12.33 -28.21 74.02
C GLY B 648 12.59 -26.72 73.94
N ASP B 649 12.26 -25.98 75.01
CA ASP B 649 12.50 -24.55 75.02
C ASP B 649 13.99 -24.22 74.96
N GLU B 650 14.85 -25.16 75.33
CA GLU B 650 16.29 -24.93 75.29
C GLU B 650 16.89 -25.12 73.90
N LEU B 651 16.13 -25.67 72.94
CA LEU B 651 16.67 -25.91 71.61
C LEU B 651 16.82 -24.59 70.87
N PRO B 652 18.00 -24.27 70.36
CA PRO B 652 18.20 -23.00 69.66
C PRO B 652 17.58 -23.03 68.27
N VAL B 653 17.65 -21.87 67.60
CA VAL B 653 17.04 -21.72 66.29
C VAL B 653 17.68 -22.63 65.26
N SER B 654 18.99 -22.86 65.38
CA SER B 654 19.71 -23.71 64.43
C SER B 654 19.26 -25.16 64.46
N THR B 655 18.38 -25.55 65.37
CA THR B 655 17.93 -26.93 65.43
C THR B 655 16.90 -27.24 64.35
N PHE B 656 16.14 -26.24 63.89
CA PHE B 656 14.93 -26.49 63.15
C PHE B 656 15.08 -26.10 61.68
N THR B 657 14.33 -26.80 60.84
CA THR B 657 14.29 -26.50 59.42
C THR B 657 13.56 -25.17 59.17
N PRO B 658 13.89 -24.47 58.10
CA PRO B 658 13.24 -23.18 57.81
C PRO B 658 11.83 -23.31 57.26
N ASP B 659 11.39 -24.51 56.90
CA ASP B 659 10.07 -24.71 56.30
C ASP B 659 9.19 -25.69 57.07
N GLY B 660 9.57 -26.05 58.29
CA GLY B 660 8.74 -26.92 59.08
C GLY B 660 8.64 -28.34 58.55
N VAL B 661 9.69 -28.83 57.90
CA VAL B 661 9.71 -30.17 57.35
C VAL B 661 10.34 -31.09 58.38
N PHE B 662 9.67 -32.21 58.64
CA PHE B 662 10.12 -33.16 59.65
C PHE B 662 10.26 -34.54 59.06
N PRO B 663 11.12 -35.39 59.64
CA PRO B 663 11.28 -36.74 59.13
C PRO B 663 10.05 -37.59 59.42
N VAL B 664 9.97 -38.72 58.73
CA VAL B 664 8.88 -39.66 58.93
C VAL B 664 9.38 -40.82 59.77
N GLY B 665 8.45 -41.60 60.32
CA GLY B 665 8.77 -42.78 61.10
C GLY B 665 9.56 -42.51 62.36
N THR B 666 9.09 -41.56 63.18
CA THR B 666 9.76 -41.20 64.42
C THR B 666 9.01 -41.62 65.67
N THR B 667 7.76 -42.07 65.54
CA THR B 667 7.00 -42.51 66.71
C THR B 667 7.51 -43.84 67.30
N LYS B 668 8.27 -44.61 66.53
CA LYS B 668 8.84 -45.86 67.03
C LYS B 668 9.87 -45.63 68.12
N TYR B 669 10.36 -44.41 68.27
CA TYR B 669 11.33 -44.07 69.30
C TYR B 669 10.68 -43.61 70.60
N GLU B 670 9.35 -43.48 70.64
CA GLU B 670 8.68 -42.98 71.84
C GLU B 670 8.64 -44.03 72.94
N LYS B 671 8.03 -45.18 72.66
CA LYS B 671 7.90 -46.27 73.63
C LYS B 671 7.32 -45.78 74.95
N ARG B 672 6.11 -45.21 74.87
CA ARG B 672 5.54 -44.56 76.04
C ARG B 672 5.21 -45.56 77.14
N GLY B 673 4.68 -46.73 76.79
CA GLY B 673 4.34 -47.73 77.77
C GLY B 673 3.29 -47.26 78.76
N ILE B 674 2.16 -46.78 78.25
CA ILE B 674 1.11 -46.20 79.07
C ILE B 674 -0.03 -47.15 79.36
N ALA B 675 0.03 -48.38 78.84
CA ALA B 675 -1.06 -49.33 78.98
C ALA B 675 -1.08 -49.94 80.37
N VAL B 676 -2.29 -50.15 80.90
CA VAL B 676 -2.43 -50.89 82.15
C VAL B 676 -2.41 -52.39 81.88
N ASN B 677 -3.04 -52.82 80.81
CA ASN B 677 -3.02 -54.21 80.39
C ASN B 677 -2.65 -54.28 78.91
N ILE B 678 -1.98 -55.37 78.54
CA ILE B 678 -1.56 -55.61 77.16
C ILE B 678 -2.00 -57.01 76.77
N PRO B 679 -2.32 -57.25 75.51
CA PRO B 679 -2.75 -58.61 75.11
C PRO B 679 -1.59 -59.60 75.18
N GLN B 680 -1.88 -60.76 75.76
CA GLN B 680 -0.95 -61.88 75.78
C GLN B 680 -1.47 -62.93 74.80
N TRP B 681 -0.60 -63.42 73.94
CA TRP B 681 -1.01 -64.30 72.85
C TRP B 681 -1.05 -65.74 73.33
N GLN B 682 -2.16 -66.43 73.03
CA GLN B 682 -2.33 -67.84 73.32
C GLN B 682 -2.16 -68.58 71.99
N PRO B 683 -0.98 -69.14 71.70
CA PRO B 683 -0.78 -69.74 70.36
C PRO B 683 -1.71 -70.90 70.05
N GLU B 684 -2.23 -71.59 71.07
CA GLU B 684 -3.05 -72.77 70.86
C GLU B 684 -4.49 -72.44 70.45
N ASN B 685 -4.97 -71.24 70.76
CA ASN B 685 -6.34 -70.83 70.45
C ASN B 685 -6.46 -70.00 69.17
N CYS B 686 -5.35 -69.65 68.54
CA CYS B 686 -5.35 -68.71 67.42
C CYS B 686 -5.63 -69.41 66.10
N ILE B 687 -6.57 -68.86 65.33
CA ILE B 687 -6.90 -69.38 64.00
C ILE B 687 -6.16 -68.65 62.88
N GLN B 688 -5.29 -67.69 63.22
CA GLN B 688 -4.47 -66.96 62.24
C GLN B 688 -5.36 -66.21 61.24
N CYS B 689 -6.17 -65.30 61.77
CA CYS B 689 -7.09 -64.52 60.95
C CYS B 689 -6.71 -63.05 60.79
N ASN B 690 -5.81 -62.54 61.63
CA ASN B 690 -5.28 -61.17 61.53
C ASN B 690 -6.32 -60.09 61.75
N GLN B 691 -7.49 -60.43 62.30
CA GLN B 691 -8.49 -59.42 62.61
C GLN B 691 -8.05 -58.53 63.77
N CYS B 692 -7.24 -59.06 64.70
CA CYS B 692 -6.72 -58.25 65.79
C CYS B 692 -5.73 -57.22 65.28
N SER B 693 -4.89 -57.60 64.33
CA SER B 693 -3.94 -56.67 63.74
C SER B 693 -4.66 -55.63 62.89
N LEU B 694 -5.82 -55.99 62.34
CA LEU B 694 -6.55 -55.07 61.48
C LEU B 694 -7.17 -53.93 62.28
N VAL B 695 -7.69 -54.25 63.47
CA VAL B 695 -8.47 -53.28 64.25
C VAL B 695 -7.62 -52.49 65.24
N CYS B 696 -6.33 -52.80 65.37
CA CYS B 696 -5.48 -52.12 66.35
C CYS B 696 -5.27 -50.67 65.95
N PRO B 697 -5.71 -49.69 66.75
CA PRO B 697 -5.55 -48.29 66.36
C PRO B 697 -4.13 -47.75 66.43
N HIS B 698 -3.14 -48.55 66.83
CA HIS B 698 -1.77 -48.05 66.95
C HIS B 698 -0.74 -48.94 66.26
N ALA B 699 -1.17 -49.98 65.55
CA ALA B 699 -0.26 -50.92 64.88
C ALA B 699 0.74 -51.52 65.86
N ALA B 700 0.28 -51.76 67.09
CA ALA B 700 1.13 -52.28 68.15
C ALA B 700 1.13 -53.81 68.21
N ILE B 701 0.27 -54.48 67.45
CA ILE B 701 0.21 -55.93 67.42
C ILE B 701 0.12 -56.34 65.95
N ARG B 702 1.04 -57.21 65.53
CA ARG B 702 1.17 -57.57 64.12
C ARG B 702 1.53 -59.04 64.01
N PRO B 703 1.18 -59.68 62.89
CA PRO B 703 1.66 -61.04 62.63
C PRO B 703 3.00 -61.04 61.93
N TYR B 704 3.81 -62.05 62.27
CA TYR B 704 5.15 -62.21 61.73
C TYR B 704 5.31 -63.64 61.21
N LEU B 705 5.80 -63.76 59.98
CA LEU B 705 6.16 -65.05 59.40
C LEU B 705 7.67 -65.15 59.28
N ALA B 706 8.18 -66.36 59.41
CA ALA B 706 9.62 -66.57 59.34
C ALA B 706 9.91 -68.04 59.07
N LYS B 707 10.92 -68.28 58.23
CA LYS B 707 11.42 -69.63 58.06
C LYS B 707 12.07 -70.11 59.37
N PRO B 708 12.02 -71.41 59.65
CA PRO B 708 12.62 -71.91 60.90
C PRO B 708 14.11 -71.60 61.05
N ALA B 709 14.83 -71.37 59.95
CA ALA B 709 16.24 -71.02 60.04
C ALA B 709 16.44 -69.63 60.64
N ASP B 710 15.52 -68.70 60.40
CA ASP B 710 15.63 -67.35 60.93
C ASP B 710 15.29 -67.26 62.41
N LEU B 711 14.80 -68.35 63.02
CA LEU B 711 14.49 -68.38 64.43
C LEU B 711 15.66 -68.86 65.29
N ALA B 712 16.90 -68.63 64.83
CA ALA B 712 18.07 -69.14 65.53
C ALA B 712 18.25 -68.46 66.89
N GLY B 713 18.48 -67.16 66.88
CA GLY B 713 18.71 -66.44 68.13
C GLY B 713 17.42 -66.01 68.82
N ALA B 714 16.32 -66.70 68.52
CA ALA B 714 15.05 -66.36 69.13
C ALA B 714 15.05 -66.73 70.61
N PRO B 715 14.44 -65.91 71.46
CA PRO B 715 14.33 -66.28 72.87
C PRO B 715 13.45 -67.51 73.06
N GLU B 716 13.60 -68.14 74.23
CA GLU B 716 12.83 -69.34 74.52
C GLU B 716 11.33 -69.06 74.63
N THR B 717 10.94 -67.83 74.93
CA THR B 717 9.54 -67.45 75.02
C THR B 717 8.94 -67.08 73.67
N PHE B 718 9.74 -67.06 72.60
CA PHE B 718 9.26 -66.73 71.26
C PHE B 718 8.59 -67.95 70.64
N VAL B 719 7.54 -68.43 71.31
CA VAL B 719 6.84 -69.63 70.88
C VAL B 719 6.03 -69.34 69.63
N THR B 720 6.19 -70.19 68.61
CA THR B 720 5.54 -70.03 67.32
C THR B 720 4.63 -71.22 67.02
N LYS B 721 3.90 -71.10 65.90
CA LYS B 721 3.00 -72.14 65.43
C LYS B 721 3.19 -72.31 63.93
N ASP B 722 2.81 -73.48 63.43
CA ASP B 722 2.88 -73.73 61.99
C ASP B 722 1.91 -72.82 61.25
N ALA B 723 2.32 -72.33 60.09
CA ALA B 723 1.53 -71.34 59.36
C ALA B 723 0.42 -72.04 58.58
N ILE B 724 -0.80 -71.51 58.72
CA ILE B 724 -1.96 -72.09 58.05
C ILE B 724 -2.07 -71.54 56.64
N GLY B 725 -2.33 -72.43 55.68
CA GLY B 725 -2.54 -72.01 54.32
C GLY B 725 -1.50 -72.56 53.34
N LYS B 726 -1.93 -72.87 52.12
CA LYS B 726 -0.99 -73.32 51.10
C LYS B 726 -0.03 -72.21 50.69
N GLU B 727 -0.40 -70.96 50.92
CA GLU B 727 0.47 -69.84 50.57
C GLU B 727 1.66 -69.75 51.52
N ALA B 728 1.44 -70.06 52.81
CA ALA B 728 2.45 -69.95 53.84
C ALA B 728 3.01 -71.30 54.27
N ALA B 729 3.12 -72.25 53.34
CA ALA B 729 3.64 -73.57 53.67
C ALA B 729 5.11 -73.49 54.06
N GLY B 730 5.47 -74.21 55.13
CA GLY B 730 6.83 -74.27 55.61
C GLY B 730 7.29 -73.09 56.43
N LEU B 731 6.38 -72.21 56.86
CA LEU B 731 6.73 -71.04 57.65
C LEU B 731 6.15 -71.16 59.05
N LYS B 732 6.70 -70.36 59.97
CA LYS B 732 6.19 -70.26 61.32
C LYS B 732 5.40 -68.96 61.46
N PHE B 733 4.40 -68.98 62.36
CA PHE B 733 3.50 -67.87 62.56
C PHE B 733 3.46 -67.53 64.04
N ARG B 734 3.38 -66.23 64.35
CA ARG B 734 3.26 -65.77 65.72
C ARG B 734 2.65 -64.38 65.72
N ILE B 735 1.71 -64.15 66.63
CA ILE B 735 1.14 -62.83 66.86
C ILE B 735 1.90 -62.20 68.02
N GLN B 736 2.68 -61.15 67.73
CA GLN B 736 3.50 -60.49 68.74
C GLN B 736 3.05 -59.05 68.89
N VAL B 737 2.95 -58.61 70.15
CA VAL B 737 2.51 -57.26 70.48
C VAL B 737 3.72 -56.47 70.97
N SER B 738 3.67 -55.15 70.72
CA SER B 738 4.68 -54.24 71.26
C SER B 738 4.18 -53.70 72.59
N PRO B 739 4.72 -54.15 73.74
CA PRO B 739 4.15 -53.73 75.02
C PRO B 739 4.28 -52.23 75.29
N LEU B 740 5.40 -51.62 74.89
CA LEU B 740 5.64 -50.22 75.19
C LEU B 740 4.84 -49.27 74.28
N ASP B 741 4.31 -49.76 73.16
CA ASP B 741 3.52 -48.93 72.26
C ASP B 741 2.02 -49.19 72.34
N CYS B 742 1.61 -50.31 72.93
CA CYS B 742 0.18 -50.58 73.10
C CYS B 742 -0.41 -49.62 74.13
N THR B 743 -1.69 -49.30 73.94
CA THR B 743 -2.40 -48.39 74.83
C THR B 743 -3.33 -49.11 75.80
N GLY B 744 -3.51 -50.42 75.65
CA GLY B 744 -4.40 -51.16 76.51
C GLY B 744 -5.86 -50.94 76.23
N CYS B 745 -6.23 -50.50 75.02
CA CYS B 745 -7.63 -50.22 74.75
C CYS B 745 -8.45 -51.50 74.73
N GLY B 746 -7.90 -52.59 74.20
CA GLY B 746 -8.59 -53.87 74.19
C GLY B 746 -9.43 -54.16 72.97
N ASN B 747 -9.27 -53.42 71.87
CA ASN B 747 -10.08 -53.71 70.70
C ASN B 747 -9.75 -55.06 70.10
N CYS B 748 -8.47 -55.44 70.12
CA CYS B 748 -8.06 -56.70 69.48
C CYS B 748 -8.65 -57.91 70.18
N ALA B 749 -8.76 -57.87 71.51
CA ALA B 749 -9.36 -58.98 72.23
C ALA B 749 -10.85 -59.11 71.93
N ASP B 750 -11.51 -57.99 71.63
CA ASP B 750 -12.95 -58.03 71.33
C ASP B 750 -13.23 -58.53 69.93
N VAL B 751 -12.32 -58.28 68.98
CA VAL B 751 -12.54 -58.69 67.59
C VAL B 751 -12.12 -60.14 67.36
N CYS B 752 -11.30 -60.70 68.25
CA CYS B 752 -10.80 -62.07 68.12
C CYS B 752 -11.96 -63.04 67.96
N PRO B 753 -12.10 -63.65 66.78
CA PRO B 753 -13.26 -64.51 66.51
C PRO B 753 -13.07 -65.98 66.82
N ALA B 754 -11.98 -66.37 67.47
CA ALA B 754 -11.76 -67.77 67.78
C ALA B 754 -12.81 -68.27 68.78
N LYS B 755 -13.02 -69.59 68.78
CA LYS B 755 -13.95 -70.20 69.71
C LYS B 755 -13.57 -69.87 71.15
N VAL B 756 -12.36 -70.23 71.55
CA VAL B 756 -11.77 -69.80 72.81
C VAL B 756 -10.88 -68.60 72.53
N LYS B 757 -11.02 -67.56 73.34
CA LYS B 757 -10.30 -66.31 73.10
C LYS B 757 -8.79 -66.56 73.11
N ALA B 758 -8.14 -66.20 72.00
CA ALA B 758 -6.69 -66.31 71.86
C ALA B 758 -5.93 -65.10 72.39
N LEU B 759 -6.62 -64.07 72.86
CA LEU B 759 -5.98 -62.89 73.42
C LEU B 759 -6.65 -62.56 74.75
N THR B 760 -5.84 -62.44 75.80
CA THR B 760 -6.33 -62.11 77.14
C THR B 760 -5.54 -60.93 77.68
N MET B 761 -6.24 -59.97 78.27
CA MET B 761 -5.63 -58.75 78.77
C MET B 761 -4.95 -59.03 80.11
N VAL B 762 -3.62 -58.92 80.13
CA VAL B 762 -2.82 -59.18 81.33
C VAL B 762 -2.08 -57.90 81.70
N PRO B 763 -1.73 -57.70 82.98
CA PRO B 763 -1.04 -56.46 83.37
C PRO B 763 0.28 -56.29 82.62
N LEU B 764 0.56 -55.05 82.25
CA LEU B 764 1.76 -54.75 81.48
C LEU B 764 3.03 -55.10 82.26
N GLU B 765 3.10 -54.68 83.53
CA GLU B 765 4.33 -54.84 84.29
C GLU B 765 4.74 -56.29 84.44
N GLU B 766 3.78 -57.22 84.38
CA GLU B 766 4.09 -58.63 84.60
C GLU B 766 4.75 -59.27 83.38
N VAL B 767 4.41 -58.84 82.17
CA VAL B 767 4.89 -59.48 80.96
C VAL B 767 5.75 -58.55 80.10
N THR B 768 6.11 -57.38 80.64
CA THR B 768 6.85 -56.41 79.83
C THR B 768 8.25 -56.91 79.49
N ALA B 769 8.95 -57.50 80.46
CA ALA B 769 10.31 -57.98 80.20
C ALA B 769 10.33 -59.08 79.16
N VAL B 770 9.34 -59.97 79.20
CA VAL B 770 9.29 -61.05 78.22
C VAL B 770 8.90 -60.51 76.85
N GLU B 771 7.81 -59.75 76.79
CA GLU B 771 7.30 -59.26 75.51
C GLU B 771 8.23 -58.25 74.85
N GLU B 772 9.08 -57.55 75.62
CA GLU B 772 10.01 -56.61 75.02
C GLU B 772 11.04 -57.31 74.15
N ALA B 773 11.68 -58.37 74.66
CA ALA B 773 12.64 -59.10 73.85
C ALA B 773 11.96 -59.84 72.70
N ASN B 774 10.70 -60.27 72.88
CA ASN B 774 9.98 -60.91 71.80
C ASN B 774 9.75 -59.94 70.66
N TYR B 775 9.27 -58.73 70.97
CA TYR B 775 9.07 -57.74 69.93
C TYR B 775 10.39 -57.30 69.31
N ASN B 776 11.41 -57.08 70.15
CA ASN B 776 12.71 -56.65 69.63
C ASN B 776 13.33 -57.69 68.71
N PHE B 777 13.04 -58.98 68.92
CA PHE B 777 13.51 -60.00 68.00
C PHE B 777 12.62 -60.08 66.77
N ALA B 778 11.32 -59.92 66.95
CA ALA B 778 10.39 -59.98 65.83
C ALA B 778 10.59 -58.82 64.85
N GLU B 779 10.98 -57.65 65.35
CA GLU B 779 11.16 -56.49 64.48
C GLU B 779 12.38 -56.66 63.57
N GLN B 780 13.41 -57.38 64.02
CA GLN B 780 14.60 -57.61 63.21
C GLN B 780 14.49 -58.82 62.30
N LEU B 781 13.33 -59.44 62.21
CA LEU B 781 13.19 -60.59 61.33
C LEU B 781 13.31 -60.15 59.87
N PRO B 782 13.92 -60.97 59.02
CA PRO B 782 14.06 -60.59 57.60
C PRO B 782 12.71 -60.60 56.90
N GLU B 783 12.69 -59.95 55.74
CA GLU B 783 11.47 -59.88 54.94
C GLU B 783 11.10 -61.26 54.43
N VAL B 784 9.81 -61.53 54.37
CA VAL B 784 9.29 -62.82 53.90
C VAL B 784 8.39 -62.53 52.72
N LYS B 785 8.81 -62.99 51.53
CA LYS B 785 8.01 -62.85 50.32
C LYS B 785 6.89 -63.87 50.37
N VAL B 786 5.65 -63.39 50.41
CA VAL B 786 4.48 -64.26 50.50
C VAL B 786 3.45 -63.81 49.48
N ASN B 787 2.74 -64.78 48.89
CA ASN B 787 1.77 -64.52 47.83
C ASN B 787 0.35 -64.48 48.35
N PHE B 788 0.14 -64.07 49.60
CA PHE B 788 -1.20 -63.91 50.12
C PHE B 788 -1.93 -62.81 49.38
N ASN B 789 -3.21 -63.04 49.12
CA ASN B 789 -4.01 -62.07 48.39
C ASN B 789 -4.19 -60.81 49.22
N PRO B 790 -3.71 -59.64 48.76
CA PRO B 790 -3.91 -58.40 49.53
C PRO B 790 -5.36 -57.94 49.59
N ALA B 791 -6.25 -58.51 48.78
CA ALA B 791 -7.65 -58.13 48.80
C ALA B 791 -8.42 -58.69 49.98
N THR B 792 -7.83 -59.61 50.74
CA THR B 792 -8.47 -60.18 51.92
C THR B 792 -7.95 -59.52 53.18
N VAL B 793 -8.69 -59.71 54.27
CA VAL B 793 -8.31 -59.12 55.55
C VAL B 793 -7.00 -59.74 56.06
N LYS B 794 -6.89 -61.07 55.99
CA LYS B 794 -5.68 -61.74 56.46
C LYS B 794 -4.46 -61.34 55.63
N GLY B 795 -4.62 -61.28 54.30
CA GLY B 795 -3.49 -60.96 53.44
C GLY B 795 -3.04 -59.53 53.58
N SER B 796 -3.96 -58.60 53.86
CA SER B 796 -3.60 -57.19 53.98
C SER B 796 -2.74 -56.94 55.21
N GLN B 797 -2.94 -57.70 56.28
CA GLN B 797 -2.22 -57.49 57.52
C GLN B 797 -0.81 -58.05 57.51
N PHE B 798 -0.45 -58.87 56.52
CA PHE B 798 0.94 -59.27 56.35
C PHE B 798 1.79 -58.18 55.71
N ARG B 799 1.17 -57.15 55.13
CA ARG B 799 1.91 -55.98 54.67
C ARG B 799 2.26 -55.08 55.85
N GLN B 800 3.44 -54.46 55.76
CA GLN B 800 3.94 -53.65 56.87
C GLN B 800 3.07 -52.41 57.05
N PRO B 801 2.59 -52.12 58.25
CA PRO B 801 1.84 -50.88 58.47
C PRO B 801 2.76 -49.67 58.40
N LEU B 802 2.33 -48.65 57.66
CA LEU B 802 3.06 -47.40 57.55
C LEU B 802 2.43 -46.27 58.36
N LEU B 803 1.55 -46.60 59.31
CA LEU B 803 1.04 -45.65 60.29
C LEU B 803 1.04 -46.37 61.64
N GLU B 804 1.95 -45.97 62.52
CA GLU B 804 2.19 -46.71 63.75
C GLU B 804 2.43 -45.77 64.91
N PHE B 805 1.89 -46.14 66.08
CA PHE B 805 2.25 -45.51 67.35
C PHE B 805 1.86 -44.04 67.39
N SER B 806 0.71 -43.71 66.81
CA SER B 806 0.26 -42.33 66.77
C SER B 806 -0.23 -41.88 68.14
N GLY B 807 -0.52 -40.59 68.24
CA GLY B 807 -1.02 -40.00 69.46
C GLY B 807 -2.53 -40.04 69.63
N ALA B 808 -3.23 -40.81 68.81
CA ALA B 808 -4.68 -40.92 68.92
C ALA B 808 -5.05 -41.60 70.23
N CYS B 809 -6.32 -41.43 70.62
CA CYS B 809 -6.80 -42.01 71.88
C CYS B 809 -6.74 -43.53 71.83
N ALA B 810 -6.85 -44.14 73.01
CA ALA B 810 -6.94 -45.58 73.08
C ALA B 810 -8.24 -46.03 72.44
N GLY B 811 -8.15 -46.86 71.41
CA GLY B 811 -9.33 -47.35 70.73
C GLY B 811 -9.93 -46.41 69.73
N CYS B 812 -9.16 -45.45 69.22
CA CYS B 812 -9.71 -44.50 68.26
C CYS B 812 -10.18 -45.22 67.00
N GLY B 813 -11.31 -44.78 66.47
CA GLY B 813 -11.88 -45.37 65.27
C GLY B 813 -11.34 -44.81 63.96
N GLU B 814 -10.42 -43.87 64.01
CA GLU B 814 -9.90 -43.25 62.80
C GLU B 814 -8.64 -43.96 62.30
N THR B 815 -7.68 -44.18 63.19
CA THR B 815 -6.39 -44.72 62.77
C THR B 815 -6.45 -46.11 62.12
N PRO B 816 -7.36 -47.03 62.49
CA PRO B 816 -7.41 -48.30 61.74
C PRO B 816 -7.72 -48.14 60.26
N TYR B 817 -8.52 -47.15 59.86
CA TYR B 817 -8.77 -46.91 58.45
C TYR B 817 -7.51 -46.48 57.73
N VAL B 818 -6.81 -45.47 58.27
CA VAL B 818 -5.62 -44.95 57.62
C VAL B 818 -4.51 -46.01 57.60
N LYS B 819 -4.37 -46.77 58.70
CA LYS B 819 -3.37 -47.84 58.72
C LYS B 819 -3.63 -48.87 57.63
N LEU B 820 -4.89 -49.24 57.42
CA LEU B 820 -5.22 -50.21 56.38
C LEU B 820 -4.95 -49.64 55.00
N VAL B 821 -5.18 -48.34 54.82
CA VAL B 821 -4.87 -47.70 53.55
C VAL B 821 -3.37 -47.74 53.29
N THR B 822 -2.55 -47.50 54.32
CA THR B 822 -1.10 -47.55 54.15
C THR B 822 -0.61 -48.96 53.84
N GLN B 823 -1.31 -50.00 54.33
CA GLN B 823 -0.90 -51.36 54.03
C GLN B 823 -1.21 -51.76 52.60
N LEU B 824 -2.15 -51.07 51.94
CA LEU B 824 -2.52 -51.38 50.57
C LEU B 824 -1.74 -50.55 49.55
N PHE B 825 -1.66 -49.24 49.76
CA PHE B 825 -1.10 -48.33 48.77
C PHE B 825 -0.01 -47.42 49.32
N GLY B 826 0.44 -47.64 50.56
CA GLY B 826 1.41 -46.77 51.21
C GLY B 826 2.74 -46.67 50.50
N ASP B 827 3.07 -47.65 49.67
CA ASP B 827 4.33 -47.62 48.92
C ASP B 827 4.41 -46.44 47.96
N ARG B 828 3.27 -45.90 47.53
CA ARG B 828 3.25 -44.93 46.44
C ARG B 828 2.19 -43.86 46.65
N MET B 829 1.84 -43.53 47.88
CA MET B 829 0.76 -42.59 48.14
C MET B 829 1.26 -41.31 48.80
N ILE B 830 0.56 -40.21 48.51
CA ILE B 830 0.83 -38.90 49.10
C ILE B 830 -0.46 -38.44 49.78
N ILE B 831 -0.34 -37.96 51.02
CA ILE B 831 -1.49 -37.66 51.87
C ILE B 831 -1.61 -36.16 52.06
N ALA B 832 -2.78 -35.61 51.75
CA ALA B 832 -3.15 -34.24 52.05
C ALA B 832 -4.20 -34.30 53.15
N ASN B 833 -3.83 -33.92 54.36
CA ASN B 833 -4.63 -34.13 55.56
C ASN B 833 -5.21 -32.80 56.05
N ALA B 834 -6.52 -32.77 56.26
CA ALA B 834 -7.15 -31.57 56.80
C ALA B 834 -6.76 -31.41 58.26
N THR B 835 -6.83 -30.17 58.74
CA THR B 835 -6.59 -29.92 60.15
C THR B 835 -7.70 -30.56 60.97
N GLY B 836 -7.32 -31.17 62.08
CA GLY B 836 -8.24 -31.89 62.92
C GLY B 836 -7.50 -32.95 63.71
N CYS B 837 -8.26 -33.89 64.28
CA CYS B 837 -7.65 -34.98 65.02
C CYS B 837 -6.63 -35.71 64.16
N SER B 838 -7.01 -36.01 62.91
CA SER B 838 -6.12 -36.76 62.03
C SER B 838 -4.81 -36.02 61.78
N SER B 839 -4.81 -34.69 61.90
CA SER B 839 -3.56 -33.94 61.79
C SER B 839 -2.84 -33.82 63.11
N ILE B 840 -3.55 -33.97 64.24
CA ILE B 840 -2.90 -33.89 65.54
C ILE B 840 -2.19 -35.19 65.88
N TRP B 841 -2.87 -36.32 65.73
CA TRP B 841 -2.19 -37.60 65.93
C TRP B 841 -1.33 -37.98 64.73
N GLY B 842 -1.58 -37.38 63.57
CA GLY B 842 -0.81 -37.68 62.38
C GLY B 842 0.37 -36.78 62.15
N GLY B 843 0.33 -35.56 62.69
CA GLY B 843 1.39 -34.61 62.45
C GLY B 843 1.57 -33.56 63.53
N SER B 844 1.80 -33.98 64.76
CA SER B 844 2.18 -33.07 65.83
C SER B 844 3.68 -33.22 66.07
N ALA B 845 4.41 -32.11 65.94
CA ALA B 845 5.84 -32.16 66.15
C ALA B 845 6.14 -32.62 67.57
N PRO B 846 7.25 -33.34 67.78
CA PRO B 846 8.23 -33.72 66.77
C PRO B 846 8.06 -35.15 66.24
N ALA B 847 6.96 -35.82 66.58
CA ALA B 847 6.77 -37.22 66.26
C ALA B 847 5.86 -37.39 65.05
N CYS B 848 6.29 -38.22 64.10
CA CYS B 848 5.53 -38.52 62.89
C CYS B 848 5.17 -40.00 62.92
N PRO B 849 3.87 -40.35 62.95
CA PRO B 849 3.49 -41.76 62.99
C PRO B 849 3.61 -42.48 61.66
N TYR B 850 3.61 -41.75 60.54
CA TYR B 850 3.75 -42.37 59.24
C TYR B 850 5.21 -42.73 59.00
N THR B 851 5.44 -43.95 58.53
CA THR B 851 6.78 -44.50 58.41
C THR B 851 6.95 -45.08 57.00
N VAL B 852 8.11 -45.71 56.78
CA VAL B 852 8.50 -46.21 55.46
C VAL B 852 8.59 -47.73 55.53
N ASN B 853 8.66 -48.35 54.36
CA ASN B 853 8.79 -49.80 54.28
C ASN B 853 10.27 -50.19 54.32
N ARG B 854 10.55 -51.45 53.99
CA ARG B 854 11.91 -51.95 54.08
C ARG B 854 12.81 -51.33 53.01
N GLN B 855 12.24 -50.93 51.88
CA GLN B 855 12.98 -50.25 50.82
C GLN B 855 13.13 -48.75 51.05
N GLY B 856 12.54 -48.21 52.11
CA GLY B 856 12.61 -46.79 52.39
C GLY B 856 11.50 -45.95 51.78
N HIS B 857 10.47 -46.58 51.22
CA HIS B 857 9.35 -45.86 50.61
C HIS B 857 8.17 -45.86 51.58
N GLY B 858 7.44 -44.75 51.61
CA GLY B 858 6.30 -44.60 52.48
C GLY B 858 5.53 -43.33 52.22
N PRO B 859 4.37 -43.18 52.87
CA PRO B 859 3.52 -42.01 52.58
C PRO B 859 4.20 -40.71 52.97
N ALA B 860 4.13 -39.74 52.06
CA ALA B 860 4.52 -38.36 52.35
C ALA B 860 3.28 -37.61 52.82
N TRP B 861 3.41 -36.87 53.91
CA TRP B 861 2.27 -36.32 54.63
C TRP B 861 2.36 -34.80 54.67
N ALA B 862 1.25 -34.14 54.39
CA ALA B 862 1.19 -32.69 54.39
C ALA B 862 -0.19 -32.24 54.85
N SER B 863 -0.23 -31.18 55.65
CA SER B 863 -1.47 -30.56 56.08
C SER B 863 -1.40 -29.07 55.78
N SER B 864 -2.40 -28.55 55.08
CA SER B 864 -2.44 -27.12 54.77
C SER B 864 -3.27 -26.34 55.78
N LEU B 865 -4.57 -26.24 55.51
CA LEU B 865 -5.49 -25.51 56.38
C LEU B 865 -6.72 -26.38 56.61
N PHE B 866 -7.65 -25.84 57.40
CA PHE B 866 -8.87 -26.57 57.71
C PHE B 866 -9.85 -26.53 56.53
N GLU B 867 -9.92 -25.41 55.82
CA GLU B 867 -10.94 -25.21 54.81
C GLU B 867 -10.51 -25.62 53.40
N ASP B 868 -9.23 -25.82 53.15
CA ASP B 868 -8.72 -25.96 51.78
C ASP B 868 -8.19 -27.36 51.47
N ASN B 869 -8.50 -28.36 52.30
CA ASN B 869 -7.80 -29.64 52.18
C ASN B 869 -8.11 -30.35 50.87
N ALA B 870 -9.37 -30.29 50.41
CA ALA B 870 -9.70 -30.94 49.15
C ALA B 870 -8.96 -30.31 47.98
N GLU B 871 -9.00 -28.97 47.89
CA GLU B 871 -8.25 -28.29 46.85
C GLU B 871 -6.75 -28.45 47.05
N PHE B 872 -6.31 -28.62 48.29
CA PHE B 872 -4.91 -28.85 48.58
C PHE B 872 -4.42 -30.13 47.89
N GLY B 873 -5.12 -31.24 48.10
CA GLY B 873 -4.76 -32.48 47.44
C GLY B 873 -5.00 -32.43 45.95
N TYR B 874 -6.00 -31.67 45.52
CA TYR B 874 -6.22 -31.48 44.08
C TYR B 874 -4.99 -30.87 43.42
N GLY B 875 -4.41 -29.86 44.05
CA GLY B 875 -3.20 -29.26 43.50
C GLY B 875 -2.05 -30.25 43.44
N MET B 876 -1.93 -31.12 44.44
CA MET B 876 -0.89 -32.16 44.41
C MET B 876 -1.08 -33.09 43.22
N ALA B 877 -2.32 -33.47 42.93
CA ALA B 877 -2.58 -34.38 41.82
C ALA B 877 -2.14 -33.76 40.49
N LEU B 878 -2.42 -32.46 40.30
CA LEU B 878 -1.99 -31.78 39.10
C LEU B 878 -0.46 -31.78 38.97
N ALA B 879 0.23 -31.55 40.09
CA ALA B 879 1.69 -31.47 40.05
C ALA B 879 2.31 -32.83 39.73
N VAL B 880 1.83 -33.89 40.37
CA VAL B 880 2.37 -35.22 40.08
C VAL B 880 2.14 -35.58 38.63
N ALA B 881 0.97 -35.24 38.09
CA ALA B 881 0.73 -35.47 36.67
C ALA B 881 1.73 -34.69 35.83
N LYS B 882 2.05 -33.46 36.24
CA LYS B 882 3.06 -32.68 35.54
C LYS B 882 4.44 -33.30 35.68
N ARG B 883 4.75 -33.84 36.86
CA ARG B 883 6.05 -34.48 37.07
C ARG B 883 6.18 -35.78 36.27
N GLN B 884 5.08 -36.51 36.09
CA GLN B 884 5.12 -37.73 35.28
C GLN B 884 5.31 -37.41 33.80
N ASP B 885 4.77 -36.28 33.33
CA ASP B 885 4.94 -35.91 31.93
C ASP B 885 6.40 -35.58 31.62
N GLU B 886 7.10 -34.93 32.55
CA GLU B 886 8.51 -34.63 32.31
C GLU B 886 9.34 -35.90 32.22
N LEU B 887 9.02 -36.90 33.05
CA LEU B 887 9.70 -38.19 32.98
C LEU B 887 9.32 -38.96 31.72
N ALA B 888 8.03 -38.96 31.38
CA ALA B 888 7.59 -39.70 30.20
C ALA B 888 8.18 -39.13 28.91
N THR B 889 8.40 -37.82 28.86
CA THR B 889 9.02 -37.22 27.68
C THR B 889 10.47 -37.65 27.55
N ALA B 890 11.20 -37.68 28.68
CA ALA B 890 12.59 -38.13 28.64
C ALA B 890 12.72 -39.60 28.27
N ILE B 891 11.71 -40.41 28.63
CA ILE B 891 11.73 -41.81 28.25
C ILE B 891 11.46 -41.98 26.75
N SER B 892 10.54 -41.19 26.19
CA SER B 892 10.29 -41.28 24.76
C SER B 892 11.51 -40.88 23.94
N LYS B 893 12.31 -39.93 24.47
CA LYS B 893 13.56 -39.60 23.80
C LYS B 893 14.55 -40.75 23.88
N ALA B 894 14.48 -41.57 24.93
CA ALA B 894 15.40 -42.69 25.06
C ALA B 894 15.13 -43.77 24.03
N LEU B 895 13.89 -43.86 23.54
CA LEU B 895 13.58 -44.86 22.53
C LEU B 895 14.38 -44.63 21.27
N GLU B 896 14.65 -43.37 20.94
CA GLU B 896 15.39 -43.01 19.73
C GLU B 896 16.90 -42.94 19.96
N ALA B 897 17.38 -43.26 21.19
CA ALA B 897 18.79 -43.18 21.52
C ALA B 897 19.44 -44.56 21.44
N PRO B 898 20.76 -44.61 21.15
CA PRO B 898 21.46 -45.91 21.12
C PRO B 898 21.66 -46.50 22.51
N VAL B 899 20.65 -47.21 23.01
CA VAL B 899 20.71 -47.88 24.29
C VAL B 899 20.36 -49.36 24.08
N SER B 900 20.57 -50.16 25.12
CA SER B 900 20.37 -51.60 25.02
C SER B 900 18.91 -51.91 24.73
N ALA B 901 18.69 -53.05 24.06
CA ALA B 901 17.34 -53.47 23.70
C ALA B 901 16.48 -53.77 24.93
N ALA B 902 17.09 -54.31 25.99
CA ALA B 902 16.34 -54.55 27.22
C ALA B 902 15.90 -53.25 27.88
N PHE B 903 16.70 -52.20 27.73
CA PHE B 903 16.30 -50.90 28.27
C PHE B 903 15.12 -50.33 27.49
N LYS B 904 15.16 -50.43 26.15
CA LYS B 904 14.05 -49.96 25.33
C LYS B 904 12.79 -50.78 25.55
N ALA B 905 12.94 -52.08 25.79
CA ALA B 905 11.76 -52.94 25.97
C ALA B 905 10.96 -52.52 27.20
N ALA B 906 11.66 -52.21 28.30
CA ALA B 906 10.98 -51.78 29.52
C ALA B 906 10.39 -50.37 29.35
N CYS B 907 11.02 -49.52 28.54
CA CYS B 907 10.49 -48.17 28.34
C CYS B 907 9.17 -48.21 27.59
N GLU B 908 9.08 -49.02 26.53
CA GLU B 908 7.82 -49.15 25.81
C GLU B 908 6.74 -49.75 26.70
N GLY B 909 7.12 -50.70 27.56
CA GLY B 909 6.15 -51.28 28.48
C GLY B 909 5.68 -50.29 29.52
N TRP B 910 6.58 -49.41 29.97
CA TRP B 910 6.18 -48.40 30.96
C TRP B 910 5.31 -47.33 30.33
N LEU B 911 5.68 -46.84 29.14
CA LEU B 911 4.89 -45.81 28.47
C LEU B 911 3.47 -46.27 28.18
N ALA B 912 3.28 -47.57 27.92
CA ALA B 912 1.94 -48.08 27.68
C ALA B 912 1.15 -48.25 28.97
N GLY B 913 1.84 -48.45 30.09
CA GLY B 913 1.16 -48.71 31.35
C GLY B 913 1.56 -47.80 32.49
N LYS B 914 1.96 -46.56 32.19
CA LYS B 914 2.36 -45.63 33.24
C LYS B 914 1.20 -45.25 34.14
N ASP B 915 -0.04 -45.40 33.68
CA ASP B 915 -1.23 -45.03 34.44
C ASP B 915 -1.86 -46.22 35.16
N ASP B 916 -1.21 -47.37 35.17
CA ASP B 916 -1.66 -48.53 35.93
C ASP B 916 -0.68 -48.76 37.08
N ALA B 917 -1.24 -49.04 38.26
CA ALA B 917 -0.41 -49.20 39.44
C ALA B 917 0.55 -50.37 39.29
N ASP B 918 0.03 -51.52 38.87
CA ASP B 918 0.85 -52.73 38.84
C ASP B 918 1.86 -52.69 37.69
N ARG B 919 1.41 -52.29 36.50
CA ARG B 919 2.27 -52.34 35.32
C ARG B 919 3.40 -51.31 35.40
N SER B 920 3.10 -50.12 35.93
CA SER B 920 4.13 -49.08 36.04
C SER B 920 5.22 -49.47 37.02
N ARG B 921 4.85 -50.13 38.13
CA ARG B 921 5.86 -50.56 39.09
C ARG B 921 6.72 -51.68 38.51
N GLU B 922 6.11 -52.60 37.77
CA GLU B 922 6.85 -53.72 37.20
C GLU B 922 7.93 -53.23 36.24
N TYR B 923 7.51 -52.49 35.21
CA TYR B 923 8.47 -51.96 34.25
C TYR B 923 9.29 -50.81 34.81
N GLY B 924 8.79 -50.11 35.82
CA GLY B 924 9.59 -49.09 36.47
C GLY B 924 10.81 -49.66 37.16
N ASP B 925 10.63 -50.75 37.90
CA ASP B 925 11.76 -51.40 38.56
C ASP B 925 12.74 -52.00 37.56
N ARG B 926 12.25 -52.42 36.39
CA ARG B 926 13.16 -52.88 35.34
C ARG B 926 14.04 -51.74 34.87
N ILE B 927 13.47 -50.54 34.71
CA ILE B 927 14.25 -49.37 34.31
C ILE B 927 15.27 -49.03 35.38
N LYS B 928 14.89 -49.10 36.65
CA LYS B 928 15.81 -48.79 37.75
C LYS B 928 16.99 -49.77 37.78
N ALA B 929 16.74 -51.05 37.48
CA ALA B 929 17.79 -52.04 37.55
C ALA B 929 18.76 -51.92 36.37
N LEU B 930 18.27 -51.49 35.21
CA LEU B 930 19.10 -51.34 34.02
C LEU B 930 19.78 -49.97 33.94
N LEU B 931 19.34 -49.01 34.76
CA LEU B 931 19.90 -47.66 34.69
C LEU B 931 21.38 -47.58 35.02
N PRO B 932 21.89 -48.13 36.13
CA PRO B 932 23.33 -47.96 36.43
C PRO B 932 24.22 -48.55 35.35
N GLY B 933 23.86 -49.71 34.81
CA GLY B 933 24.65 -50.28 33.72
C GLY B 933 24.50 -49.52 32.42
N GLU B 934 23.30 -48.99 32.16
CA GLU B 934 23.08 -48.24 30.92
C GLU B 934 23.82 -46.91 30.96
N ILE B 935 23.89 -46.28 32.13
CA ILE B 935 24.66 -45.05 32.27
C ILE B 935 26.15 -45.32 32.08
N SER B 936 26.63 -46.46 32.57
CA SER B 936 28.03 -46.81 32.42
C SER B 936 28.43 -47.02 30.97
N GLN B 937 27.52 -47.51 30.14
CA GLN B 937 27.80 -47.78 28.74
C GLN B 937 27.50 -46.59 27.82
N ALA B 938 27.11 -45.45 28.37
CA ALA B 938 26.76 -44.28 27.59
C ALA B 938 27.75 -43.16 27.87
N SER B 939 27.70 -42.15 26.99
CA SER B 939 28.57 -40.99 27.10
C SER B 939 27.93 -39.84 26.35
N GLY B 940 28.32 -38.62 26.71
CA GLY B 940 27.83 -37.47 25.98
C GLY B 940 26.37 -37.17 26.30
N GLU B 941 25.62 -36.83 25.25
CA GLU B 941 24.21 -36.49 25.43
C GLU B 941 23.37 -37.70 25.78
N VAL B 942 23.78 -38.89 25.34
CA VAL B 942 23.05 -40.10 25.72
C VAL B 942 23.18 -40.33 27.23
N LYS B 943 24.36 -40.09 27.78
CA LYS B 943 24.55 -40.23 29.22
C LYS B 943 23.72 -39.20 29.99
N ASP B 944 23.62 -37.97 29.46
CA ASP B 944 22.79 -36.96 30.10
C ASP B 944 21.31 -37.32 30.02
N LEU B 945 20.88 -37.91 28.91
CA LEU B 945 19.49 -38.32 28.78
C LEU B 945 19.15 -39.43 29.76
N LEU B 946 20.10 -40.34 30.01
CA LEU B 946 19.87 -41.40 31.00
C LEU B 946 19.93 -40.85 32.41
N LEU B 947 20.81 -39.88 32.66
CA LEU B 947 20.88 -39.26 33.99
C LEU B 947 19.61 -38.47 34.28
N ASP B 948 18.91 -37.99 33.25
CA ASP B 948 17.63 -37.32 33.48
C ASP B 948 16.53 -38.33 33.82
N ILE B 949 16.60 -39.54 33.25
CA ILE B 949 15.65 -40.57 33.66
C ILE B 949 15.88 -40.96 35.11
N ASP B 950 17.15 -41.13 35.49
CA ASP B 950 17.50 -41.48 36.85
C ASP B 950 17.13 -40.37 37.83
N ARG B 951 17.20 -39.11 37.39
CA ARG B 951 16.83 -38.01 38.27
C ARG B 951 15.34 -38.01 38.59
N GLN B 952 14.51 -38.55 37.68
CA GLN B 952 13.07 -38.56 37.84
C GLN B 952 12.49 -39.95 38.10
N LYS B 953 13.33 -40.92 38.45
CA LYS B 953 12.86 -42.29 38.63
C LYS B 953 11.87 -42.41 39.78
N ASP B 954 11.83 -41.42 40.68
CA ASP B 954 10.86 -41.41 41.77
C ASP B 954 9.44 -41.07 41.31
N TYR B 955 9.22 -40.94 39.99
CA TYR B 955 7.90 -40.73 39.42
C TYR B 955 7.51 -41.82 38.44
N LEU B 956 8.31 -42.89 38.34
CA LEU B 956 7.96 -44.01 37.49
C LEU B 956 6.71 -44.72 37.99
N THR B 957 6.69 -45.07 39.27
CA THR B 957 5.51 -45.71 39.86
C THR B 957 4.38 -44.70 40.00
N LYS B 958 3.19 -45.07 39.53
CA LYS B 958 2.05 -44.17 39.61
C LYS B 958 1.72 -43.89 41.07
N LYS B 959 1.43 -42.62 41.36
CA LYS B 959 1.16 -42.20 42.72
C LYS B 959 -0.33 -42.29 43.05
N SER B 960 -0.62 -42.29 44.35
CA SER B 960 -1.98 -42.42 44.88
C SER B 960 -2.24 -41.25 45.82
N ILE B 961 -2.99 -40.26 45.35
CA ILE B 961 -3.25 -39.07 46.14
C ILE B 961 -4.42 -39.35 47.10
N TRP B 962 -4.19 -39.10 48.39
CA TRP B 962 -5.21 -39.35 49.42
C TRP B 962 -5.53 -38.06 50.15
N ILE B 963 -6.81 -37.71 50.15
CA ILE B 963 -7.30 -36.49 50.79
C ILE B 963 -8.06 -36.93 52.03
N ILE B 964 -7.45 -36.75 53.20
CA ILE B 964 -7.98 -37.25 54.46
C ILE B 964 -8.44 -36.08 55.32
N GLY B 965 -9.60 -36.23 55.94
CA GLY B 965 -10.11 -35.19 56.81
C GLY B 965 -11.34 -35.67 57.55
N GLY B 966 -11.74 -34.85 58.53
CA GLY B 966 -12.87 -35.18 59.38
C GLY B 966 -14.20 -34.71 58.81
N ASP B 967 -15.26 -35.00 59.57
CA ASP B 967 -16.60 -34.61 59.13
C ASP B 967 -16.78 -33.10 59.16
N GLY B 968 -16.09 -32.41 60.06
CA GLY B 968 -16.17 -30.95 60.09
C GLY B 968 -15.63 -30.33 58.82
N TRP B 969 -14.54 -30.89 58.28
CA TRP B 969 -13.99 -30.40 57.02
C TRP B 969 -14.91 -30.72 55.85
N ALA B 970 -15.37 -31.97 55.76
CA ALA B 970 -16.12 -32.40 54.59
C ALA B 970 -17.55 -31.87 54.59
N TYR B 971 -18.18 -31.76 55.76
CA TYR B 971 -19.57 -31.35 55.82
C TYR B 971 -19.75 -29.85 55.94
N ASP B 972 -18.75 -29.13 56.46
CA ASP B 972 -18.94 -27.72 56.75
C ASP B 972 -17.96 -26.81 56.01
N ILE B 973 -16.82 -26.55 56.63
CA ILE B 973 -15.96 -25.46 56.18
C ILE B 973 -15.33 -25.76 54.84
N GLY B 974 -14.99 -27.02 54.58
CA GLY B 974 -14.38 -27.45 53.34
C GLY B 974 -15.32 -28.11 52.35
N TYR B 975 -16.63 -28.03 52.58
CA TYR B 975 -17.58 -28.71 51.69
C TYR B 975 -17.59 -28.10 50.30
N GLY B 976 -17.55 -26.76 50.21
CA GLY B 976 -17.51 -26.13 48.90
C GLY B 976 -16.30 -26.55 48.09
N GLY B 977 -15.14 -26.66 48.74
CA GLY B 977 -13.96 -27.13 48.05
C GLY B 977 -14.00 -28.63 47.75
N LEU B 978 -14.56 -29.43 48.67
CA LEU B 978 -14.72 -30.85 48.42
C LEU B 978 -15.70 -31.10 47.28
N ASP B 979 -16.79 -30.35 47.25
CA ASP B 979 -17.75 -30.45 46.15
C ASP B 979 -17.07 -30.15 44.82
N HIS B 980 -16.22 -29.13 44.78
CA HIS B 980 -15.59 -28.73 43.53
C HIS B 980 -14.61 -29.78 43.03
N VAL B 981 -13.79 -30.34 43.93
CA VAL B 981 -12.78 -31.32 43.50
C VAL B 981 -13.44 -32.60 43.03
N LEU B 982 -14.56 -32.99 43.65
CA LEU B 982 -15.31 -34.15 43.17
C LEU B 982 -15.86 -33.91 41.77
N ALA B 983 -16.38 -32.70 41.52
CA ALA B 983 -16.95 -32.37 40.22
C ALA B 983 -15.90 -32.32 39.12
N SER B 984 -14.63 -32.06 39.47
CA SER B 984 -13.59 -31.91 38.46
C SER B 984 -13.29 -33.22 37.76
N GLY B 985 -13.47 -34.35 38.45
CA GLY B 985 -13.16 -35.64 37.88
C GLY B 985 -11.75 -36.12 38.10
N ALA B 986 -10.95 -35.38 38.88
CA ALA B 986 -9.56 -35.76 39.09
C ALA B 986 -9.46 -37.10 39.80
N ASN B 987 -8.35 -37.79 39.58
CA ASN B 987 -8.08 -39.10 40.20
C ASN B 987 -7.51 -38.87 41.60
N VAL B 988 -8.41 -38.54 42.52
CA VAL B 988 -8.06 -38.36 43.92
C VAL B 988 -8.93 -39.29 44.76
N ASN B 989 -8.43 -39.63 45.94
CA ASN B 989 -9.12 -40.52 46.85
C ASN B 989 -9.36 -39.76 48.14
N VAL B 990 -10.63 -39.45 48.41
CA VAL B 990 -11.02 -38.68 49.58
C VAL B 990 -11.53 -39.64 50.64
N LEU B 991 -10.95 -39.57 51.83
CA LEU B 991 -11.36 -40.39 52.97
C LEU B 991 -11.88 -39.45 54.05
N VAL B 992 -13.20 -39.49 54.28
CA VAL B 992 -13.83 -38.68 55.30
C VAL B 992 -14.00 -39.55 56.55
N LEU B 993 -13.27 -39.22 57.60
CA LEU B 993 -13.41 -39.91 58.89
C LEU B 993 -14.51 -39.21 59.66
N ASP B 994 -15.72 -39.75 59.56
CA ASP B 994 -16.92 -39.14 60.14
C ASP B 994 -17.04 -39.56 61.60
N THR B 995 -16.73 -38.64 62.51
CA THR B 995 -16.98 -38.83 63.92
C THR B 995 -18.27 -38.16 64.38
N GLU B 996 -18.98 -37.51 63.46
CA GLU B 996 -20.24 -36.81 63.71
C GLU B 996 -20.10 -35.62 64.66
N VAL B 997 -18.88 -35.20 64.96
CA VAL B 997 -18.58 -34.05 65.81
C VAL B 997 -17.23 -33.49 65.42
N TYR B 998 -16.89 -32.35 66.00
CA TYR B 998 -15.53 -31.80 65.92
C TYR B 998 -14.73 -32.41 67.07
N SER B 999 -14.07 -33.55 66.82
CA SER B 999 -13.46 -34.30 67.90
C SER B 999 -12.27 -33.56 68.51
N ASN B 1000 -11.44 -32.95 67.67
CA ASN B 1000 -10.21 -32.33 68.17
C ASN B 1000 -10.50 -31.16 69.10
N THR B 1001 -11.47 -30.32 68.74
CA THR B 1001 -11.77 -29.12 69.49
C THR B 1001 -12.71 -29.33 70.68
N GLY B 1002 -13.01 -30.58 71.05
CA GLY B 1002 -13.76 -30.87 72.25
C GLY B 1002 -15.11 -31.50 72.03
N GLY B 1003 -15.60 -31.58 70.80
CA GLY B 1003 -16.87 -32.24 70.53
C GLY B 1003 -18.01 -31.29 70.24
N GLN B 1004 -17.85 -30.46 69.22
CA GLN B 1004 -18.86 -29.47 68.87
C GLN B 1004 -19.75 -29.97 67.74
N SER B 1005 -20.88 -29.29 67.57
CA SER B 1005 -21.89 -29.70 66.62
C SER B 1005 -21.39 -29.54 65.18
N SER B 1006 -21.91 -30.38 64.30
CA SER B 1006 -21.55 -30.40 62.89
C SER B 1006 -22.81 -30.72 62.09
N LYS B 1007 -22.72 -30.54 60.77
CA LYS B 1007 -23.81 -31.02 59.91
C LYS B 1007 -23.85 -32.54 59.86
N ALA B 1008 -22.75 -33.21 60.23
CA ALA B 1008 -22.72 -34.66 60.30
C ALA B 1008 -23.32 -35.21 61.59
N THR B 1009 -23.59 -34.36 62.58
CA THR B 1009 -24.23 -34.80 63.81
C THR B 1009 -25.68 -35.22 63.53
N GLN B 1010 -26.08 -36.33 64.11
CA GLN B 1010 -27.42 -36.85 63.88
C GLN B 1010 -28.46 -36.13 64.73
N THR B 1011 -29.72 -36.43 64.46
CA THR B 1011 -30.82 -35.85 65.23
C THR B 1011 -30.78 -36.35 66.67
N GLY B 1012 -31.00 -35.43 67.61
CA GLY B 1012 -31.07 -35.77 69.01
C GLY B 1012 -29.74 -35.88 69.73
N ALA B 1013 -28.62 -35.91 69.01
CA ALA B 1013 -27.32 -36.00 69.66
C ALA B 1013 -27.00 -34.69 70.38
N VAL B 1014 -26.46 -34.81 71.58
CA VAL B 1014 -26.08 -33.65 72.39
C VAL B 1014 -24.58 -33.45 72.29
N ALA B 1015 -24.18 -32.26 71.86
CA ALA B 1015 -22.78 -31.88 71.82
C ALA B 1015 -22.67 -30.39 72.15
N ARG B 1016 -21.44 -29.90 72.23
CA ARG B 1016 -21.24 -28.48 72.47
C ARG B 1016 -21.71 -27.67 71.26
N PHE B 1017 -22.32 -26.51 71.54
CA PHE B 1017 -23.10 -25.71 70.59
C PHE B 1017 -24.44 -26.35 70.25
N ALA B 1018 -24.81 -27.43 70.94
CA ALA B 1018 -26.11 -28.07 70.77
C ALA B 1018 -26.59 -28.54 72.15
N ALA B 1019 -26.74 -27.59 73.06
CA ALA B 1019 -27.11 -27.91 74.43
C ALA B 1019 -28.52 -28.49 74.51
N GLY B 1020 -29.44 -27.98 73.71
CA GLY B 1020 -30.80 -28.49 73.66
C GLY B 1020 -31.03 -29.60 72.68
N GLY B 1021 -29.97 -30.16 72.09
CA GLY B 1021 -30.12 -31.21 71.09
C GLY B 1021 -30.23 -30.65 69.69
N LYS B 1022 -29.69 -31.40 68.73
CA LYS B 1022 -29.72 -30.98 67.33
C LYS B 1022 -31.07 -31.33 66.73
N PHE B 1023 -31.76 -30.32 66.17
CA PHE B 1023 -33.08 -30.55 65.59
C PHE B 1023 -33.00 -31.10 64.17
N THR B 1024 -32.25 -30.41 63.30
CA THR B 1024 -32.12 -30.84 61.90
C THR B 1024 -31.36 -32.15 61.82
N LYS B 1025 -31.70 -32.96 60.81
CA LYS B 1025 -31.13 -34.29 60.68
C LYS B 1025 -29.73 -34.22 60.08
N LYS B 1026 -29.06 -35.37 60.01
CA LYS B 1026 -27.71 -35.43 59.47
C LYS B 1026 -27.71 -35.14 57.98
N LYS B 1027 -26.77 -34.29 57.54
CA LYS B 1027 -26.59 -34.01 56.13
C LYS B 1027 -26.12 -35.26 55.40
N ASP B 1028 -26.74 -35.55 54.26
CA ASP B 1028 -26.40 -36.76 53.50
C ASP B 1028 -25.34 -36.38 52.47
N LEU B 1029 -24.08 -36.47 52.90
CA LEU B 1029 -22.96 -36.16 52.02
C LEU B 1029 -22.86 -37.14 50.86
N GLY B 1030 -23.06 -38.44 51.13
CA GLY B 1030 -22.95 -39.43 50.08
C GLY B 1030 -23.99 -39.26 48.99
N LEU B 1031 -25.21 -38.86 49.37
CA LEU B 1031 -26.28 -38.71 48.38
C LEU B 1031 -25.98 -37.57 47.43
N MET B 1032 -25.41 -36.48 47.93
CA MET B 1032 -25.08 -35.35 47.06
C MET B 1032 -23.93 -35.68 46.12
N ALA B 1033 -22.95 -36.45 46.61
CA ALA B 1033 -21.80 -36.81 45.77
C ALA B 1033 -22.17 -37.81 44.69
N MET B 1034 -23.21 -38.62 44.91
CA MET B 1034 -23.66 -39.55 43.89
C MET B 1034 -24.35 -38.82 42.75
N SER B 1035 -24.82 -37.58 43.00
CA SER B 1035 -25.57 -36.85 41.99
C SER B 1035 -24.73 -36.55 40.76
N TYR B 1036 -23.40 -36.53 40.89
CA TYR B 1036 -22.55 -36.32 39.74
C TYR B 1036 -22.55 -37.54 38.83
N GLY B 1037 -22.67 -38.74 39.39
CA GLY B 1037 -22.66 -39.97 38.63
C GLY B 1037 -21.29 -40.54 38.35
N TYR B 1038 -20.29 -39.69 38.21
CA TYR B 1038 -18.92 -40.10 37.94
C TYR B 1038 -18.01 -40.08 39.17
N VAL B 1039 -18.59 -39.95 40.36
CA VAL B 1039 -17.83 -39.95 41.61
C VAL B 1039 -18.13 -41.27 42.31
N TYR B 1040 -17.07 -42.02 42.63
CA TYR B 1040 -17.21 -43.22 43.44
C TYR B 1040 -17.50 -42.82 44.88
N VAL B 1041 -18.61 -43.31 45.42
CA VAL B 1041 -19.02 -43.02 46.79
C VAL B 1041 -19.24 -44.32 47.53
N ALA B 1042 -18.73 -44.42 48.76
CA ALA B 1042 -18.89 -45.61 49.57
C ALA B 1042 -18.97 -45.23 51.03
N SER B 1043 -19.82 -45.94 51.78
CA SER B 1043 -19.97 -45.78 53.22
C SER B 1043 -19.54 -47.06 53.91
N VAL B 1044 -18.54 -46.96 54.79
CA VAL B 1044 -17.93 -48.12 55.43
C VAL B 1044 -17.92 -47.96 56.94
N ALA B 1045 -17.72 -49.09 57.62
CA ALA B 1045 -17.59 -49.10 59.08
C ALA B 1045 -16.84 -50.38 59.43
N MET B 1046 -15.60 -50.25 59.92
CA MET B 1046 -14.75 -51.43 60.11
C MET B 1046 -15.36 -52.41 61.10
N GLY B 1047 -15.94 -51.90 62.19
CA GLY B 1047 -16.54 -52.78 63.17
C GLY B 1047 -17.70 -53.60 62.65
N ALA B 1048 -18.36 -53.14 61.59
CA ALA B 1048 -19.54 -53.82 61.06
C ALA B 1048 -19.18 -54.93 60.08
N SER B 1049 -18.30 -54.64 59.13
CA SER B 1049 -17.99 -55.60 58.06
C SER B 1049 -16.55 -55.41 57.63
N HIS B 1050 -15.71 -56.42 57.87
CA HIS B 1050 -14.32 -56.37 57.41
C HIS B 1050 -14.24 -56.49 55.89
N SER B 1051 -15.04 -57.38 55.30
CA SER B 1051 -14.95 -57.61 53.86
C SER B 1051 -15.48 -56.43 53.05
N GLN B 1052 -16.50 -55.74 53.56
CA GLN B 1052 -17.06 -54.58 52.85
C GLN B 1052 -16.08 -53.42 52.80
N LEU B 1053 -15.27 -53.24 53.85
CA LEU B 1053 -14.26 -52.18 53.84
C LEU B 1053 -13.15 -52.51 52.85
N MET B 1054 -12.74 -53.77 52.76
CA MET B 1054 -11.70 -54.16 51.82
C MET B 1054 -12.13 -53.87 50.38
N LYS B 1055 -13.38 -54.21 50.04
CA LYS B 1055 -13.84 -54.02 48.67
C LYS B 1055 -13.94 -52.56 48.29
N ALA B 1056 -14.45 -51.72 49.20
CA ALA B 1056 -14.66 -50.30 48.88
C ALA B 1056 -13.32 -49.57 48.72
N LEU B 1057 -12.33 -49.90 49.56
CA LEU B 1057 -11.04 -49.24 49.48
C LEU B 1057 -10.33 -49.56 48.16
N ILE B 1058 -10.36 -50.83 47.75
CA ILE B 1058 -9.65 -51.23 46.53
C ILE B 1058 -10.36 -50.70 45.29
N GLU B 1059 -11.70 -50.73 45.29
CA GLU B 1059 -12.45 -50.20 44.16
C GLU B 1059 -12.23 -48.70 44.00
N ALA B 1060 -12.13 -47.98 45.13
CA ALA B 1060 -11.98 -46.53 45.07
C ALA B 1060 -10.62 -46.12 44.52
N GLU B 1061 -9.56 -46.82 44.91
CA GLU B 1061 -8.23 -46.44 44.46
C GLU B 1061 -8.02 -46.76 42.98
N LYS B 1062 -8.53 -47.91 42.53
CA LYS B 1062 -8.39 -48.27 41.12
C LYS B 1062 -9.29 -47.46 40.21
N TYR B 1063 -10.37 -46.88 40.74
CA TYR B 1063 -11.26 -46.07 39.91
C TYR B 1063 -10.52 -44.84 39.40
N ASP B 1064 -10.46 -44.71 38.08
CA ASP B 1064 -9.78 -43.58 37.43
C ASP B 1064 -10.69 -42.35 37.44
N GLY B 1065 -10.84 -41.77 38.63
CA GLY B 1065 -11.69 -40.63 38.84
C GLY B 1065 -11.82 -40.29 40.31
N PRO B 1066 -12.74 -39.39 40.64
CA PRO B 1066 -12.91 -38.99 42.04
C PRO B 1066 -13.62 -40.06 42.85
N SER B 1067 -13.11 -40.32 44.06
CA SER B 1067 -13.67 -41.31 44.96
C SER B 1067 -13.86 -40.69 46.34
N LEU B 1068 -15.01 -40.97 46.95
CA LEU B 1068 -15.36 -40.44 48.26
C LEU B 1068 -15.76 -41.57 49.21
N ILE B 1069 -15.00 -41.74 50.28
CA ILE B 1069 -15.26 -42.79 51.26
C ILE B 1069 -15.64 -42.13 52.59
N ILE B 1070 -16.86 -42.35 53.04
CA ILE B 1070 -17.33 -41.84 54.33
C ILE B 1070 -17.28 -42.99 55.32
N ALA B 1071 -16.32 -42.94 56.25
CA ALA B 1071 -16.07 -44.02 57.19
C ALA B 1071 -16.52 -43.60 58.59
N TYR B 1072 -17.31 -44.45 59.25
CA TYR B 1072 -17.72 -44.19 60.61
C TYR B 1072 -16.58 -44.49 61.58
N ALA B 1073 -16.19 -43.48 62.35
CA ALA B 1073 -15.06 -43.58 63.29
C ALA B 1073 -15.55 -43.31 64.70
N PRO B 1074 -15.70 -44.32 65.54
CA PRO B 1074 -16.09 -44.08 66.94
C PRO B 1074 -15.10 -43.19 67.65
N CYS B 1075 -15.59 -42.40 68.59
CA CYS B 1075 -14.82 -41.35 69.22
C CYS B 1075 -15.13 -41.29 70.72
N ILE B 1076 -14.18 -40.73 71.48
CA ILE B 1076 -14.40 -40.58 72.93
C ILE B 1076 -15.50 -39.57 73.21
N ASN B 1077 -15.71 -38.61 72.31
CA ASN B 1077 -16.77 -37.63 72.50
C ASN B 1077 -18.15 -38.25 72.38
N HIS B 1078 -18.24 -39.49 71.89
CA HIS B 1078 -19.51 -40.20 71.86
C HIS B 1078 -19.95 -40.65 73.24
N GLY B 1079 -19.01 -40.84 74.18
CA GLY B 1079 -19.35 -41.32 75.49
C GLY B 1079 -19.58 -42.81 75.53
N ILE B 1080 -18.56 -43.60 75.15
CA ILE B 1080 -18.67 -45.04 75.09
C ILE B 1080 -17.41 -45.66 75.71
N ASN B 1081 -17.50 -46.95 76.01
CA ASN B 1081 -16.35 -47.71 76.44
C ASN B 1081 -15.51 -48.00 75.20
N MET B 1082 -14.33 -47.38 75.12
CA MET B 1082 -13.48 -47.52 73.94
C MET B 1082 -12.93 -48.94 73.78
N THR B 1083 -13.02 -49.78 74.81
CA THR B 1083 -12.65 -51.18 74.65
C THR B 1083 -13.50 -51.85 73.59
N TYR B 1084 -14.78 -51.47 73.50
CA TYR B 1084 -15.70 -51.98 72.50
C TYR B 1084 -15.93 -50.94 71.41
N SER B 1085 -14.86 -50.30 70.96
CA SER B 1085 -14.98 -49.29 69.91
C SER B 1085 -15.34 -49.93 68.58
N GLN B 1086 -14.71 -51.06 68.25
CA GLN B 1086 -15.08 -51.78 67.04
C GLN B 1086 -16.51 -52.32 67.15
N ARG B 1087 -16.88 -52.83 68.33
CA ARG B 1087 -18.23 -53.34 68.53
C ARG B 1087 -19.27 -52.24 68.44
N GLU B 1088 -18.93 -51.02 68.85
CA GLU B 1088 -19.89 -49.93 68.75
C GLU B 1088 -20.18 -49.59 67.29
N ALA B 1089 -19.20 -49.77 66.41
CA ALA B 1089 -19.42 -49.58 64.99
C ALA B 1089 -20.25 -50.71 64.38
N LYS B 1090 -20.13 -51.92 64.92
CA LYS B 1090 -20.99 -53.01 64.47
C LYS B 1090 -22.43 -52.80 64.92
N LYS B 1091 -22.62 -52.37 66.17
CA LYS B 1091 -23.96 -52.10 66.67
C LYS B 1091 -24.60 -50.92 65.95
N ALA B 1092 -23.79 -50.00 65.43
CA ALA B 1092 -24.32 -48.85 64.69
C ALA B 1092 -24.94 -49.28 63.37
N VAL B 1093 -24.26 -50.16 62.63
CA VAL B 1093 -24.79 -50.61 61.35
C VAL B 1093 -25.93 -51.59 61.55
N GLU B 1094 -25.84 -52.43 62.58
CA GLU B 1094 -26.90 -53.41 62.86
C GLU B 1094 -28.20 -52.75 63.29
N ALA B 1095 -28.15 -51.52 63.79
CA ALA B 1095 -29.34 -50.81 64.24
C ALA B 1095 -29.90 -49.87 63.17
N GLY B 1096 -29.35 -49.91 61.95
CA GLY B 1096 -29.79 -49.01 60.91
C GLY B 1096 -29.31 -47.58 61.08
N TYR B 1097 -28.34 -47.34 61.97
CA TYR B 1097 -27.88 -45.99 62.26
C TYR B 1097 -26.89 -45.49 61.21
N TRP B 1098 -26.06 -46.36 60.66
CA TRP B 1098 -25.07 -45.99 59.65
C TRP B 1098 -25.19 -46.96 58.49
N PRO B 1099 -25.35 -46.48 57.25
CA PRO B 1099 -25.52 -47.38 56.11
C PRO B 1099 -24.19 -47.82 55.51
N LEU B 1100 -24.25 -48.97 54.81
CA LEU B 1100 -23.11 -49.52 54.08
C LEU B 1100 -23.56 -49.70 52.63
N TYR B 1101 -22.97 -48.89 51.74
CA TYR B 1101 -23.29 -48.95 50.31
C TYR B 1101 -22.01 -48.67 49.52
N ARG B 1102 -22.09 -48.89 48.21
CA ARG B 1102 -21.00 -48.58 47.30
C ARG B 1102 -21.58 -48.12 45.98
N TYR B 1103 -21.22 -46.91 45.55
CA TYR B 1103 -21.67 -46.35 44.28
C TYR B 1103 -20.48 -46.39 43.33
N ASN B 1104 -20.54 -47.29 42.35
CA ASN B 1104 -19.46 -47.51 41.39
C ASN B 1104 -19.85 -46.95 40.04
N PRO B 1105 -19.27 -45.84 39.59
CA PRO B 1105 -19.58 -45.32 38.24
C PRO B 1105 -19.21 -46.28 37.13
N GLN B 1106 -18.26 -47.18 37.36
CA GLN B 1106 -17.86 -48.13 36.32
C GLN B 1106 -18.96 -49.12 36.01
N LEU B 1107 -19.82 -49.44 36.98
CA LEU B 1107 -20.95 -50.33 36.70
C LEU B 1107 -21.97 -49.69 35.78
N ALA B 1108 -22.10 -48.36 35.81
CA ALA B 1108 -23.04 -47.68 34.93
C ALA B 1108 -22.61 -47.75 33.48
N GLN B 1109 -21.29 -47.67 33.22
CA GLN B 1109 -20.78 -47.80 31.86
C GLN B 1109 -20.93 -49.21 31.30
N GLU B 1110 -21.04 -50.23 32.15
CA GLU B 1110 -21.26 -51.59 31.72
C GLU B 1110 -22.74 -51.96 31.64
N GLY B 1111 -23.63 -50.96 31.70
CA GLY B 1111 -25.05 -51.22 31.63
C GLY B 1111 -25.67 -51.70 32.93
N LYS B 1112 -24.92 -51.72 34.02
CA LYS B 1112 -25.42 -52.21 35.29
C LYS B 1112 -25.78 -51.04 36.21
N ASN B 1113 -26.38 -51.38 37.35
CA ASN B 1113 -26.76 -50.39 38.34
C ASN B 1113 -25.52 -49.95 39.12
N PRO B 1114 -25.18 -48.66 39.12
CA PRO B 1114 -23.99 -48.23 39.87
C PRO B 1114 -24.13 -48.37 41.38
N PHE B 1115 -25.35 -48.34 41.92
CA PHE B 1115 -25.57 -48.37 43.36
C PHE B 1115 -25.74 -49.79 43.86
N ILE B 1116 -24.92 -50.19 44.84
CA ILE B 1116 -25.02 -51.49 45.49
C ILE B 1116 -25.22 -51.26 46.98
N LEU B 1117 -26.34 -51.75 47.51
CA LEU B 1117 -26.63 -51.65 48.95
C LEU B 1117 -26.08 -52.89 49.63
N ASP B 1118 -25.03 -52.70 50.44
CA ASP B 1118 -24.30 -53.81 51.04
C ASP B 1118 -24.95 -54.35 52.31
N TYR B 1119 -25.89 -53.64 52.91
CA TYR B 1119 -26.59 -54.11 54.10
C TYR B 1119 -28.05 -53.70 53.96
N LYS B 1120 -28.92 -54.67 53.68
CA LYS B 1120 -30.31 -54.37 53.33
C LYS B 1120 -31.25 -54.44 54.52
N THR B 1121 -31.15 -55.48 55.33
CA THR B 1121 -32.11 -55.70 56.42
C THR B 1121 -31.42 -55.55 57.76
N PRO B 1122 -31.73 -54.50 58.54
CA PRO B 1122 -31.15 -54.39 59.88
C PRO B 1122 -31.82 -55.31 60.86
N THR B 1123 -31.04 -55.80 61.82
CA THR B 1123 -31.52 -56.79 62.78
C THR B 1123 -31.58 -56.27 64.21
N ALA B 1124 -30.96 -55.13 64.51
CA ALA B 1124 -30.94 -54.58 65.86
C ALA B 1124 -31.93 -53.44 66.01
N SER B 1125 -32.24 -53.12 67.26
CA SER B 1125 -33.17 -52.04 67.58
C SER B 1125 -32.46 -50.69 67.47
N PHE B 1126 -33.12 -49.73 66.84
CA PHE B 1126 -32.51 -48.41 66.66
C PHE B 1126 -32.49 -47.63 67.97
N ARG B 1127 -33.56 -47.72 68.77
CA ARG B 1127 -33.63 -46.96 70.01
C ARG B 1127 -32.65 -47.47 71.05
N ASP B 1128 -32.36 -48.78 71.06
CA ASP B 1128 -31.41 -49.32 72.04
C ASP B 1128 -29.98 -48.85 71.77
N PHE B 1129 -29.64 -48.62 70.51
CA PHE B 1129 -28.30 -48.14 70.18
C PHE B 1129 -28.07 -46.72 70.69
N LEU B 1130 -29.11 -45.88 70.64
CA LEU B 1130 -28.99 -44.51 71.12
C LEU B 1130 -28.73 -44.45 72.62
N MET B 1131 -29.38 -45.32 73.39
CA MET B 1131 -29.20 -45.32 74.84
C MET B 1131 -27.88 -45.91 75.30
N GLY B 1132 -27.11 -46.53 74.40
CA GLY B 1132 -25.80 -47.06 74.72
C GLY B 1132 -24.64 -46.10 74.61
N GLU B 1133 -24.90 -44.83 74.30
CA GLU B 1133 -23.86 -43.82 74.18
C GLU B 1133 -24.27 -42.59 74.97
N ILE B 1134 -23.29 -41.99 75.68
CA ILE B 1134 -23.59 -40.88 76.56
C ILE B 1134 -24.08 -39.66 75.77
N ARG B 1135 -23.62 -39.50 74.53
CA ARG B 1135 -23.99 -38.34 73.73
C ARG B 1135 -25.49 -38.27 73.43
N TYR B 1136 -26.24 -39.35 73.68
CA TYR B 1136 -27.69 -39.35 73.52
C TYR B 1136 -28.43 -39.45 74.85
N THR B 1137 -27.85 -40.12 75.84
CA THR B 1137 -28.50 -40.22 77.15
C THR B 1137 -28.43 -38.91 77.91
N SER B 1138 -27.43 -38.07 77.63
CA SER B 1138 -27.33 -36.77 78.28
C SER B 1138 -28.49 -35.87 77.91
N LEU B 1139 -29.18 -36.15 76.79
CA LEU B 1139 -30.39 -35.40 76.47
C LEU B 1139 -31.50 -35.73 77.47
N LYS B 1140 -31.59 -37.00 77.88
CA LYS B 1140 -32.57 -37.43 78.87
C LYS B 1140 -32.20 -36.94 80.26
N LYS B 1146 -38.88 -33.84 76.00
CA LYS B 1146 -38.56 -33.48 74.63
C LYS B 1146 -37.63 -34.50 73.97
N ALA B 1147 -36.93 -35.29 74.79
CA ALA B 1147 -35.98 -36.26 74.26
C ALA B 1147 -36.68 -37.33 73.43
N GLU B 1148 -37.84 -37.79 73.90
CA GLU B 1148 -38.59 -38.79 73.16
C GLU B 1148 -39.08 -38.25 71.82
N GLN B 1149 -39.37 -36.95 71.76
CA GLN B 1149 -39.82 -36.35 70.50
C GLN B 1149 -38.70 -36.35 69.46
N LEU B 1150 -37.46 -36.10 69.89
CA LEU B 1150 -36.34 -36.09 68.95
C LEU B 1150 -35.96 -37.51 68.52
N PHE B 1151 -36.05 -38.48 69.44
CA PHE B 1151 -35.74 -39.86 69.09
C PHE B 1151 -36.73 -40.43 68.07
N ALA B 1152 -37.99 -40.02 68.14
CA ALA B 1152 -38.98 -40.52 67.18
C ALA B 1152 -38.70 -39.98 65.78
N LYS B 1153 -38.26 -38.72 65.68
CA LYS B 1153 -37.91 -38.16 64.39
C LYS B 1153 -36.66 -38.84 63.83
N ALA B 1154 -35.72 -39.19 64.71
CA ALA B 1154 -34.50 -39.86 64.26
C ALA B 1154 -34.80 -41.25 63.72
N GLU B 1155 -35.75 -41.96 64.33
CA GLU B 1155 -36.09 -43.29 63.83
C GLU B 1155 -36.86 -43.21 62.51
N ALA B 1156 -37.71 -42.19 62.36
CA ALA B 1156 -38.41 -42.02 61.10
C ALA B 1156 -37.45 -41.59 59.98
N ASP B 1157 -36.45 -40.78 60.32
CA ASP B 1157 -35.46 -40.37 59.33
C ASP B 1157 -34.52 -41.50 58.96
N ALA B 1158 -34.20 -42.38 59.91
CA ALA B 1158 -33.34 -43.52 59.60
C ALA B 1158 -34.06 -44.55 58.73
N LYS B 1159 -35.38 -44.67 58.91
CA LYS B 1159 -36.16 -45.57 58.04
C LYS B 1159 -36.31 -44.98 56.64
N ALA B 1160 -36.50 -43.66 56.56
CA ALA B 1160 -36.62 -43.00 55.26
C ALA B 1160 -35.32 -43.06 54.47
N ARG B 1161 -34.17 -43.08 55.16
CA ARG B 1161 -32.89 -43.21 54.47
C ARG B 1161 -32.71 -44.61 53.91
N LEU B 1162 -33.14 -45.64 54.67
CA LEU B 1162 -33.05 -47.01 54.17
C LEU B 1162 -34.02 -47.23 53.01
N GLU B 1163 -35.22 -46.65 53.09
CA GLU B 1163 -36.20 -46.78 52.01
C GLU B 1163 -35.74 -46.08 50.75
N GLN B 1164 -34.96 -45.00 50.88
CA GLN B 1164 -34.45 -44.32 49.69
C GLN B 1164 -33.37 -45.15 49.00
N TYR B 1165 -32.52 -45.82 49.80
CA TYR B 1165 -31.48 -46.67 49.23
C TYR B 1165 -32.05 -47.95 48.64
N LYS B 1166 -33.17 -48.44 49.19
CA LYS B 1166 -33.83 -49.60 48.60
C LYS B 1166 -34.43 -49.27 47.24
N LYS B 1167 -34.90 -48.04 47.06
CA LYS B 1167 -35.43 -47.62 45.76
C LYS B 1167 -34.30 -47.49 44.74
N LEU B 1168 -33.13 -47.02 45.17
CA LEU B 1168 -31.98 -46.93 44.27
C LEU B 1168 -31.45 -48.29 43.87
N ALA B 1169 -31.64 -49.30 44.73
CA ALA B 1169 -31.17 -50.65 44.42
C ALA B 1169 -32.16 -51.44 43.57
N GLU B 1170 -33.46 -51.21 43.74
CA GLU B 1170 -34.47 -51.94 42.99
C GLU B 1170 -34.63 -51.42 41.57
N PRO C 2 -25.90 4.29 -83.62
CA PRO C 2 -24.97 5.29 -84.12
C PRO C 2 -23.96 5.65 -83.05
N LYS C 3 -22.85 6.28 -83.45
CA LYS C 3 -21.80 6.67 -82.52
C LYS C 3 -21.93 8.15 -82.22
N GLN C 4 -21.88 8.50 -80.94
CA GLN C 4 -21.88 9.89 -80.51
C GLN C 4 -20.82 10.09 -79.44
N THR C 5 -20.40 11.33 -79.25
CA THR C 5 -19.45 11.69 -78.21
C THR C 5 -20.24 12.29 -77.05
N LEU C 6 -20.34 11.55 -75.96
CA LEU C 6 -21.10 11.94 -74.78
C LEU C 6 -20.22 11.77 -73.55
N ASP C 7 -20.74 12.25 -72.42
CA ASP C 7 -20.14 11.96 -71.13
C ASP C 7 -20.98 10.92 -70.40
N GLY C 8 -20.46 10.48 -69.25
CA GLY C 8 -21.18 9.49 -68.46
C GLY C 8 -22.57 9.95 -68.09
N ASN C 9 -22.70 11.22 -67.69
CA ASN C 9 -24.00 11.75 -67.32
C ASN C 9 -24.99 11.67 -68.46
N THR C 10 -24.57 12.12 -69.65
CA THR C 10 -25.48 12.11 -70.79
C THR C 10 -25.86 10.69 -71.18
N ALA C 11 -24.91 9.77 -71.12
CA ALA C 11 -25.23 8.37 -71.43
C ALA C 11 -26.29 7.83 -70.47
N ALA C 12 -26.18 8.16 -69.19
CA ALA C 12 -27.16 7.66 -68.24
C ALA C 12 -28.51 8.32 -68.45
N ALA C 13 -28.53 9.64 -68.60
CA ALA C 13 -29.79 10.35 -68.81
C ALA C 13 -30.48 9.88 -70.07
N HIS C 14 -29.69 9.55 -71.10
CA HIS C 14 -30.25 9.02 -72.35
C HIS C 14 -31.08 7.77 -72.08
N VAL C 15 -30.54 6.82 -71.33
CA VAL C 15 -31.27 5.58 -71.08
C VAL C 15 -32.38 5.80 -70.06
N ALA C 16 -32.10 6.59 -69.02
CA ALA C 16 -33.10 6.83 -67.99
C ALA C 16 -34.33 7.52 -68.59
N TYR C 17 -34.12 8.45 -69.52
CA TYR C 17 -35.25 9.17 -70.12
C TYR C 17 -36.15 8.21 -70.87
N ALA C 18 -35.57 7.29 -71.64
CA ALA C 18 -36.38 6.42 -72.48
C ALA C 18 -37.25 5.47 -71.67
N MET C 19 -36.76 5.04 -70.50
CA MET C 19 -37.36 3.97 -69.73
C MET C 19 -38.25 4.47 -68.60
N SER C 20 -38.42 5.78 -68.45
CA SER C 20 -39.10 6.35 -67.29
C SER C 20 -40.25 7.26 -67.73
N GLU C 21 -41.27 7.35 -66.87
CA GLU C 21 -42.36 8.30 -67.06
C GLU C 21 -42.20 9.55 -66.22
N VAL C 22 -41.73 9.40 -64.99
CA VAL C 22 -41.55 10.50 -64.05
C VAL C 22 -40.10 10.49 -63.61
N ALA C 23 -39.54 11.68 -63.38
CA ALA C 23 -38.18 11.79 -62.83
C ALA C 23 -38.21 12.96 -61.85
N THR C 24 -38.18 12.67 -60.56
CA THR C 24 -38.12 13.71 -59.55
C THR C 24 -36.66 13.94 -59.18
N ILE C 25 -36.22 15.19 -59.27
CA ILE C 25 -34.80 15.50 -59.21
C ILE C 25 -34.55 16.65 -58.24
N TYR C 26 -33.29 16.76 -57.81
CA TYR C 26 -32.79 17.84 -56.98
C TYR C 26 -31.30 17.90 -57.28
N PRO C 27 -30.75 19.09 -57.49
CA PRO C 27 -29.38 19.19 -58.03
C PRO C 27 -28.32 18.88 -57.00
N ILE C 28 -27.29 18.17 -57.45
CA ILE C 28 -26.05 18.01 -56.71
C ILE C 28 -24.92 17.60 -57.66
N THR C 29 -23.81 18.33 -57.62
CA THR C 29 -22.64 17.97 -58.40
C THR C 29 -22.14 16.61 -57.92
N PRO C 30 -21.70 15.71 -58.82
CA PRO C 30 -21.66 15.87 -60.28
C PRO C 30 -22.81 15.16 -61.00
N SER C 31 -23.94 14.97 -60.32
CA SER C 31 -25.07 14.27 -60.92
C SER C 31 -26.05 15.19 -61.61
N SER C 32 -26.05 16.48 -61.27
CA SER C 32 -27.06 17.39 -61.82
C SER C 32 -27.09 17.49 -63.34
N PRO C 33 -25.97 17.37 -64.07
CA PRO C 33 -26.08 17.35 -65.55
C PRO C 33 -27.05 16.32 -66.09
N MET C 34 -27.22 15.18 -65.40
CA MET C 34 -28.21 14.20 -65.85
C MET C 34 -29.61 14.81 -65.84
N ALA C 35 -29.97 15.48 -64.76
CA ALA C 35 -31.31 16.05 -64.70
C ALA C 35 -31.46 17.25 -65.60
N GLU C 36 -30.38 17.98 -65.86
CA GLU C 36 -30.47 19.16 -66.73
C GLU C 36 -30.83 18.75 -68.15
N ILE C 37 -30.12 17.76 -68.70
CA ILE C 37 -30.36 17.37 -70.08
C ILE C 37 -31.69 16.65 -70.23
N ALA C 38 -32.14 15.94 -69.18
CA ALA C 38 -33.46 15.32 -69.23
C ALA C 38 -34.56 16.38 -69.23
N ASP C 39 -34.36 17.49 -68.53
CA ASP C 39 -35.32 18.59 -68.55
C ASP C 39 -35.35 19.26 -69.91
N GLU C 40 -34.17 19.48 -70.52
CA GLU C 40 -34.11 20.09 -71.84
C GLU C 40 -34.73 19.20 -72.91
N TRP C 41 -34.47 17.88 -72.84
CA TRP C 41 -35.09 16.98 -73.79
C TRP C 41 -36.62 17.01 -73.66
N ALA C 42 -37.13 16.98 -72.43
CA ALA C 42 -38.57 17.05 -72.21
C ALA C 42 -39.14 18.38 -72.69
N ALA C 43 -38.41 19.47 -72.46
CA ALA C 43 -38.87 20.78 -72.91
C ALA C 43 -38.95 20.84 -74.43
N HIS C 44 -38.11 20.06 -75.12
CA HIS C 44 -38.10 20.00 -76.57
C HIS C 44 -38.86 18.79 -77.11
N GLY C 45 -39.52 18.04 -76.22
CA GLY C 45 -40.46 17.02 -76.67
C GLY C 45 -39.90 15.69 -77.07
N ARG C 46 -38.77 15.27 -76.50
CA ARG C 46 -38.27 13.93 -76.77
C ARG C 46 -39.23 12.89 -76.21
N LYS C 47 -39.52 11.87 -77.01
CA LYS C 47 -40.48 10.85 -76.63
C LYS C 47 -39.74 9.70 -75.98
N ASN C 48 -40.28 9.17 -74.88
CA ASN C 48 -39.72 7.97 -74.28
C ASN C 48 -40.30 6.76 -75.00
N ILE C 49 -40.05 5.56 -74.48
CA ILE C 49 -40.59 4.37 -75.14
C ILE C 49 -42.10 4.27 -75.02
N PHE C 50 -42.73 5.17 -74.27
CA PHE C 50 -44.18 5.22 -74.13
C PHE C 50 -44.81 6.27 -75.03
N GLY C 51 -44.04 6.87 -75.92
CA GLY C 51 -44.57 7.89 -76.81
C GLY C 51 -44.80 9.24 -76.15
N LYS C 52 -44.33 9.41 -74.92
CA LYS C 52 -44.57 10.64 -74.17
C LYS C 52 -43.24 11.27 -73.79
N THR C 53 -43.31 12.53 -73.37
CA THR C 53 -42.14 13.21 -72.84
C THR C 53 -41.99 12.88 -71.36
N LEU C 54 -40.73 12.85 -70.90
CA LEU C 54 -40.49 12.59 -69.49
C LEU C 54 -40.97 13.79 -68.68
N GLN C 55 -41.68 13.53 -67.59
CA GLN C 55 -42.13 14.58 -66.70
C GLN C 55 -41.09 14.74 -65.60
N VAL C 56 -40.47 15.92 -65.53
CA VAL C 56 -39.43 16.21 -64.55
C VAL C 56 -40.03 17.12 -63.48
N ALA C 57 -39.92 16.71 -62.22
CA ALA C 57 -40.41 17.47 -61.08
C ALA C 57 -39.26 17.70 -60.12
N GLU C 58 -38.96 18.97 -59.84
CA GLU C 58 -37.91 19.30 -58.90
C GLU C 58 -38.50 19.45 -57.49
N MET C 59 -37.84 18.84 -56.51
CA MET C 59 -38.30 18.90 -55.14
C MET C 59 -37.47 19.90 -54.33
N GLN C 60 -37.75 19.98 -53.04
CA GLN C 60 -37.03 20.89 -52.15
C GLN C 60 -35.74 20.29 -51.61
N SER C 61 -35.58 18.98 -51.72
CA SER C 61 -34.37 18.28 -51.29
C SER C 61 -34.43 16.89 -51.89
N GLU C 62 -33.33 16.15 -51.74
CA GLU C 62 -33.29 14.79 -52.25
C GLU C 62 -34.21 13.89 -51.44
N ALA C 63 -34.40 14.20 -50.16
CA ALA C 63 -35.37 13.47 -49.35
C ALA C 63 -36.77 13.61 -49.93
N GLY C 64 -37.14 14.83 -50.33
CA GLY C 64 -38.41 15.00 -51.02
C GLY C 64 -38.45 14.26 -52.35
N ALA C 65 -37.32 14.23 -53.06
CA ALA C 65 -37.27 13.48 -54.32
C ALA C 65 -37.48 11.99 -54.09
N ALA C 66 -36.80 11.44 -53.08
CA ALA C 66 -36.95 10.01 -52.78
C ALA C 66 -38.38 9.69 -52.37
N GLY C 67 -38.99 10.52 -51.51
CA GLY C 67 -40.38 10.32 -51.16
C GLY C 67 -41.30 10.45 -52.36
N ALA C 68 -40.99 11.39 -53.26
CA ALA C 68 -41.79 11.53 -54.48
C ALA C 68 -41.63 10.31 -55.37
N VAL C 69 -40.42 9.76 -55.45
CA VAL C 69 -40.22 8.51 -56.19
C VAL C 69 -41.11 7.43 -55.61
N HIS C 70 -41.09 7.29 -54.29
CA HIS C 70 -41.86 6.22 -53.64
C HIS C 70 -43.34 6.36 -53.93
N GLY C 71 -43.89 7.57 -53.75
CA GLY C 71 -45.30 7.77 -53.99
C GLY C 71 -45.67 7.55 -55.45
N SER C 72 -44.84 8.06 -56.37
CA SER C 72 -45.12 7.87 -57.79
C SER C 72 -45.07 6.40 -58.16
N LEU C 73 -44.14 5.65 -57.58
CA LEU C 73 -44.06 4.23 -57.88
C LEU C 73 -45.29 3.49 -57.35
N ALA C 74 -45.64 3.77 -56.09
CA ALA C 74 -46.77 3.08 -55.49
C ALA C 74 -48.09 3.41 -56.16
N ALA C 75 -48.16 4.53 -56.90
CA ALA C 75 -49.37 4.89 -57.61
C ALA C 75 -49.36 4.46 -59.08
N GLY C 76 -48.26 3.89 -59.56
CA GLY C 76 -48.22 3.22 -60.83
C GLY C 76 -47.48 3.89 -61.99
N ALA C 77 -46.51 4.75 -61.72
CA ALA C 77 -45.73 5.40 -62.77
C ALA C 77 -44.27 5.02 -62.61
N LEU C 78 -43.65 4.60 -63.72
CA LEU C 78 -42.23 4.27 -63.71
C LEU C 78 -41.43 5.54 -63.46
N THR C 79 -40.66 5.55 -62.38
CA THR C 79 -40.03 6.76 -61.89
C THR C 79 -38.57 6.50 -61.62
N THR C 80 -37.73 7.49 -61.96
CA THR C 80 -36.30 7.42 -61.74
C THR C 80 -35.83 8.70 -61.06
N THR C 81 -34.54 8.76 -60.73
CA THR C 81 -33.95 9.96 -60.18
C THR C 81 -32.44 9.90 -60.36
N PHE C 82 -31.80 11.05 -60.13
CA PHE C 82 -30.35 11.19 -60.26
C PHE C 82 -29.84 11.92 -59.02
N THR C 83 -28.77 11.42 -58.43
CA THR C 83 -28.26 12.01 -57.20
C THR C 83 -26.82 11.56 -56.98
N ALA C 84 -26.27 11.94 -55.83
CA ALA C 84 -24.91 11.61 -55.43
C ALA C 84 -24.69 12.14 -54.02
N SER C 85 -23.70 11.55 -53.34
CA SER C 85 -23.09 12.10 -52.12
C SER C 85 -24.16 12.42 -51.08
N GLN C 86 -24.18 13.64 -50.52
CA GLN C 86 -25.13 13.99 -49.48
C GLN C 86 -26.57 13.80 -49.94
N GLY C 87 -26.82 13.91 -51.25
CA GLY C 87 -28.16 13.66 -51.74
C GLY C 87 -28.57 12.21 -51.59
N LEU C 88 -27.65 11.28 -51.88
CA LEU C 88 -27.95 9.86 -51.73
C LEU C 88 -28.21 9.51 -50.28
N LEU C 89 -27.49 10.15 -49.35
CA LEU C 89 -27.72 9.90 -47.93
C LEU C 89 -29.15 10.24 -47.54
N LEU C 90 -29.64 11.40 -47.99
CA LEU C 90 -30.99 11.82 -47.62
C LEU C 90 -32.05 10.90 -48.21
N MET C 91 -31.70 10.12 -49.23
CA MET C 91 -32.63 9.17 -49.83
C MET C 91 -32.59 7.81 -49.16
N ILE C 92 -31.61 7.58 -48.29
CA ILE C 92 -31.49 6.26 -47.66
C ILE C 92 -32.76 5.83 -46.95
N PRO C 93 -33.42 6.67 -46.13
CA PRO C 93 -34.67 6.23 -45.50
C PRO C 93 -35.72 5.74 -46.47
N ASN C 94 -35.96 6.46 -47.57
CA ASN C 94 -36.95 6.00 -48.53
C ASN C 94 -36.46 4.78 -49.30
N MET C 95 -35.13 4.62 -49.42
CA MET C 95 -34.61 3.44 -50.12
C MET C 95 -35.00 2.17 -49.43
N TYR C 96 -34.99 2.17 -48.09
CA TYR C 96 -35.47 1.00 -47.35
C TYR C 96 -36.92 0.70 -47.67
N LYS C 97 -37.72 1.75 -47.86
CA LYS C 97 -39.13 1.58 -48.18
C LYS C 97 -39.31 1.11 -49.62
N ILE C 98 -38.60 1.74 -50.56
CA ILE C 98 -38.73 1.37 -51.97
C ILE C 98 -38.31 -0.07 -52.20
N ALA C 99 -37.21 -0.49 -51.58
CA ALA C 99 -36.80 -1.88 -51.67
C ALA C 99 -37.78 -2.77 -50.91
N GLY C 100 -38.22 -2.32 -49.73
CA GLY C 100 -39.11 -3.11 -48.91
C GLY C 100 -40.44 -3.41 -49.57
N GLU C 101 -40.93 -2.50 -50.40
CA GLU C 101 -42.19 -2.70 -51.09
C GLU C 101 -42.03 -3.36 -52.45
N LEU C 102 -40.80 -3.71 -52.83
CA LEU C 102 -40.50 -4.38 -54.09
C LEU C 102 -41.07 -3.60 -55.29
N LEU C 103 -40.58 -2.36 -55.42
CA LEU C 103 -40.97 -1.45 -56.46
C LEU C 103 -39.87 -1.32 -57.50
N PRO C 104 -40.19 -1.47 -58.78
CA PRO C 104 -39.17 -1.30 -59.83
C PRO C 104 -38.68 0.13 -59.84
N CYS C 105 -37.36 0.30 -59.93
CA CYS C 105 -36.78 1.63 -59.79
C CYS C 105 -35.29 1.58 -60.12
N VAL C 106 -34.77 2.69 -60.61
CA VAL C 106 -33.33 2.85 -60.83
C VAL C 106 -32.91 4.22 -60.36
N PHE C 107 -32.02 4.28 -59.38
CA PHE C 107 -31.34 5.51 -59.01
C PHE C 107 -30.02 5.53 -59.78
N HIS C 108 -29.78 6.60 -60.53
CA HIS C 108 -28.51 6.77 -61.23
C HIS C 108 -27.64 7.71 -60.40
N VAL C 109 -26.46 7.24 -60.01
CA VAL C 109 -25.62 7.92 -59.04
C VAL C 109 -24.29 8.24 -59.69
N ALA C 110 -23.92 9.52 -59.67
CA ALA C 110 -22.57 9.94 -60.03
C ALA C 110 -21.76 9.95 -58.73
N ALA C 111 -21.21 8.78 -58.38
CA ALA C 111 -20.64 8.55 -57.06
C ALA C 111 -19.64 9.64 -56.67
N ARG C 112 -19.89 10.26 -55.52
CA ARG C 112 -19.10 11.40 -55.06
C ARG C 112 -18.81 11.24 -53.56
N ALA C 113 -17.66 11.77 -53.15
CA ALA C 113 -17.24 11.69 -51.75
C ALA C 113 -18.26 12.36 -50.83
N LEU C 114 -18.28 11.91 -49.57
CA LEU C 114 -19.13 12.50 -48.56
C LEU C 114 -18.37 13.56 -47.77
N SER C 115 -19.11 14.53 -47.26
CA SER C 115 -18.52 15.61 -46.49
C SER C 115 -18.17 15.07 -45.11
N THR C 116 -16.87 15.01 -44.81
CA THR C 116 -16.40 14.50 -43.53
C THR C 116 -15.58 15.57 -42.83
N HIS C 117 -14.26 15.43 -42.83
CA HIS C 117 -13.43 16.53 -42.36
C HIS C 117 -13.54 17.74 -43.28
N ALA C 118 -14.00 17.55 -44.50
CA ALA C 118 -14.13 18.61 -45.48
C ALA C 118 -15.10 18.15 -46.56
N LEU C 119 -15.65 19.12 -47.29
CA LEU C 119 -16.48 18.83 -48.43
C LEU C 119 -15.63 18.47 -49.64
N SER C 120 -16.15 17.58 -50.48
CA SER C 120 -15.50 17.24 -51.74
C SER C 120 -16.57 16.94 -52.77
N ILE C 121 -16.58 17.71 -53.87
CA ILE C 121 -17.52 17.46 -54.96
C ILE C 121 -17.06 16.33 -55.87
N PHE C 122 -15.91 15.73 -55.58
CA PHE C 122 -15.28 14.79 -56.49
C PHE C 122 -15.64 13.35 -56.13
N GLY C 123 -15.19 12.42 -56.96
CA GLY C 123 -15.78 11.09 -57.03
C GLY C 123 -15.11 10.04 -56.16
N ASP C 124 -15.93 9.29 -55.43
CA ASP C 124 -15.57 7.99 -54.88
C ASP C 124 -16.85 7.28 -54.47
N HIS C 125 -16.69 6.10 -53.88
CA HIS C 125 -17.82 5.23 -53.58
C HIS C 125 -18.37 5.43 -52.16
N ALA C 126 -17.97 6.49 -51.47
CA ALA C 126 -18.43 6.69 -50.10
C ALA C 126 -19.95 6.76 -50.02
N ASP C 127 -20.58 7.42 -50.99
CA ASP C 127 -22.03 7.56 -50.94
C ASP C 127 -22.73 6.23 -51.19
N VAL C 128 -22.34 5.52 -52.24
CA VAL C 128 -23.02 4.27 -52.59
C VAL C 128 -22.81 3.22 -51.49
N MET C 129 -21.60 3.15 -50.93
CA MET C 129 -21.35 2.18 -49.87
C MET C 129 -22.18 2.46 -48.63
N ALA C 130 -22.55 3.72 -48.40
CA ALA C 130 -23.38 4.03 -47.24
C ALA C 130 -24.80 3.51 -47.39
N ALA C 131 -25.18 3.04 -48.58
CA ALA C 131 -26.51 2.53 -48.84
C ALA C 131 -26.52 1.04 -49.17
N ARG C 132 -25.42 0.32 -48.92
CA ARG C 132 -25.34 -1.08 -49.33
C ARG C 132 -26.25 -2.00 -48.54
N GLN C 133 -26.87 -1.53 -47.48
CA GLN C 133 -27.74 -2.35 -46.65
C GLN C 133 -29.22 -1.99 -46.81
N THR C 134 -29.54 -1.13 -47.78
CA THR C 134 -30.92 -0.70 -47.96
C THR C 134 -31.79 -1.75 -48.63
N GLY C 135 -31.19 -2.76 -49.27
CA GLY C 135 -31.95 -3.71 -50.04
C GLY C 135 -32.04 -3.37 -51.51
N PHE C 136 -31.43 -2.28 -51.93
CA PHE C 136 -31.28 -2.00 -53.35
C PHE C 136 -30.22 -2.90 -53.95
N ALA C 137 -30.43 -3.28 -55.22
CA ALA C 137 -29.34 -3.85 -55.99
C ALA C 137 -28.36 -2.74 -56.37
N MET C 138 -27.12 -3.13 -56.65
CA MET C 138 -26.09 -2.15 -56.97
C MET C 138 -25.28 -2.62 -58.17
N LEU C 139 -25.29 -1.81 -59.25
CA LEU C 139 -24.65 -2.14 -60.52
C LEU C 139 -23.69 -1.02 -60.89
N SER C 140 -22.44 -1.38 -61.16
CA SER C 140 -21.36 -0.42 -61.37
C SER C 140 -20.91 -0.42 -62.82
N SER C 141 -20.80 0.77 -63.41
CA SER C 141 -20.28 0.96 -64.76
C SER C 141 -18.90 1.61 -64.69
N ALA C 142 -17.97 1.09 -65.50
CA ALA C 142 -16.57 1.50 -65.41
C ALA C 142 -16.16 2.52 -66.47
N SER C 143 -16.95 2.69 -67.53
CA SER C 143 -16.60 3.61 -68.59
C SER C 143 -17.88 4.24 -69.13
N VAL C 144 -17.71 5.23 -70.00
CA VAL C 144 -18.87 5.90 -70.57
C VAL C 144 -19.71 4.93 -71.39
N GLN C 145 -19.05 4.02 -72.12
CA GLN C 145 -19.79 3.02 -72.90
C GLN C 145 -20.57 2.09 -71.99
N GLU C 146 -20.00 1.73 -70.83
CA GLU C 146 -20.69 0.86 -69.89
C GLU C 146 -21.85 1.58 -69.21
N VAL C 147 -21.73 2.89 -68.99
CA VAL C 147 -22.84 3.65 -68.44
C VAL C 147 -24.06 3.53 -69.35
N MET C 148 -23.86 3.69 -70.66
CA MET C 148 -24.94 3.50 -71.63
C MET C 148 -25.52 2.10 -71.51
N ASP C 149 -24.66 1.08 -71.51
CA ASP C 149 -25.14 -0.30 -71.56
C ASP C 149 -25.76 -0.71 -70.23
N LEU C 150 -25.06 -0.46 -69.13
CA LEU C 150 -25.52 -1.00 -67.85
C LEU C 150 -26.72 -0.25 -67.29
N ALA C 151 -26.87 1.03 -67.64
CA ALA C 151 -28.12 1.71 -67.31
C ALA C 151 -29.30 1.00 -67.94
N LEU C 152 -29.13 0.56 -69.19
CA LEU C 152 -30.18 -0.25 -69.82
C LEU C 152 -30.37 -1.57 -69.09
N VAL C 153 -29.27 -2.19 -68.65
CA VAL C 153 -29.39 -3.46 -67.92
C VAL C 153 -30.19 -3.26 -66.64
N ALA C 154 -29.93 -2.16 -65.93
CA ALA C 154 -30.64 -1.90 -64.68
C ALA C 154 -32.14 -1.72 -64.92
N HIS C 155 -32.50 -0.91 -65.93
CA HIS C 155 -33.91 -0.62 -66.17
C HIS C 155 -34.67 -1.86 -66.64
N LEU C 156 -34.03 -2.74 -67.41
CA LEU C 156 -34.71 -3.94 -67.87
C LEU C 156 -34.86 -4.94 -66.74
N ALA C 157 -33.82 -5.08 -65.91
CA ALA C 157 -33.85 -6.10 -64.87
C ALA C 157 -34.77 -5.70 -63.73
N THR C 158 -34.80 -4.41 -63.38
CA THR C 158 -35.56 -4.00 -62.21
C THR C 158 -37.05 -4.25 -62.39
N LEU C 159 -37.56 -4.15 -63.63
CA LEU C 159 -38.95 -4.49 -63.88
C LEU C 159 -39.18 -5.99 -63.68
N LYS C 160 -38.20 -6.81 -64.09
CA LYS C 160 -38.35 -8.25 -63.95
C LYS C 160 -38.13 -8.72 -62.52
N ALA C 161 -37.16 -8.14 -61.82
CA ALA C 161 -36.76 -8.64 -60.52
C ALA C 161 -37.56 -8.04 -59.37
N ARG C 162 -38.27 -6.94 -59.61
CA ARG C 162 -38.96 -6.16 -58.60
C ARG C 162 -38.03 -5.58 -57.54
N VAL C 163 -36.71 -5.68 -57.74
CA VAL C 163 -35.73 -5.15 -56.82
C VAL C 163 -35.22 -3.82 -57.39
N PRO C 164 -35.28 -2.73 -56.65
CA PRO C 164 -34.78 -1.46 -57.18
C PRO C 164 -33.27 -1.47 -57.28
N PHE C 165 -32.74 -0.68 -58.21
CA PHE C 165 -31.32 -0.68 -58.53
C PHE C 165 -30.71 0.69 -58.28
N VAL C 166 -29.46 0.69 -57.82
CA VAL C 166 -28.60 1.86 -57.88
C VAL C 166 -27.57 1.58 -58.97
N HIS C 167 -27.65 2.32 -60.07
CA HIS C 167 -26.65 2.28 -61.12
C HIS C 167 -25.71 3.46 -60.90
N PHE C 168 -24.46 3.17 -60.54
CA PHE C 168 -23.52 4.21 -60.17
C PHE C 168 -22.24 4.12 -60.98
N PHE C 169 -21.68 5.29 -61.26
CA PHE C 169 -20.42 5.43 -61.98
C PHE C 169 -19.62 6.55 -61.32
N ASP C 170 -18.29 6.45 -61.44
CA ASP C 170 -17.42 7.35 -60.69
C ASP C 170 -17.63 8.80 -61.08
N GLY C 171 -17.84 9.65 -60.06
CA GLY C 171 -18.06 11.05 -60.32
C GLY C 171 -16.85 11.70 -60.98
N PHE C 172 -17.12 12.55 -61.97
CA PHE C 172 -16.12 13.21 -62.78
C PHE C 172 -15.32 12.24 -63.64
N ARG C 173 -14.63 11.29 -62.99
CA ARG C 173 -13.78 10.35 -63.70
C ARG C 173 -14.54 9.59 -64.79
N THR C 174 -15.85 9.40 -64.61
CA THR C 174 -16.70 8.83 -65.65
C THR C 174 -17.86 9.74 -66.02
N SER C 175 -18.43 10.43 -65.04
CA SER C 175 -19.61 11.26 -65.31
C SER C 175 -19.28 12.43 -66.24
N HIS C 176 -18.07 12.97 -66.14
CA HIS C 176 -17.67 14.11 -66.94
C HIS C 176 -16.62 13.78 -68.00
N GLU C 177 -16.28 12.50 -68.15
CA GLU C 177 -15.36 12.08 -69.19
C GLU C 177 -16.13 11.95 -70.49
N VAL C 178 -15.66 12.64 -71.53
CA VAL C 178 -16.28 12.56 -72.85
C VAL C 178 -15.59 11.45 -73.65
N GLN C 179 -16.39 10.57 -74.23
CA GLN C 179 -15.89 9.46 -75.03
C GLN C 179 -16.85 9.20 -76.18
N LYS C 180 -16.30 8.71 -77.29
CA LYS C 180 -17.12 8.26 -78.41
C LYS C 180 -17.60 6.85 -78.11
N ILE C 181 -18.93 6.67 -78.03
CA ILE C 181 -19.54 5.40 -77.64
C ILE C 181 -20.63 5.03 -78.63
N ASP C 182 -21.05 3.77 -78.57
CA ASP C 182 -22.24 3.31 -79.28
C ASP C 182 -23.47 3.65 -78.46
N VAL C 183 -24.36 4.45 -79.02
CA VAL C 183 -25.58 4.87 -78.35
C VAL C 183 -26.71 3.94 -78.77
N ILE C 184 -27.48 3.46 -77.79
CA ILE C 184 -28.54 2.50 -78.04
C ILE C 184 -29.81 3.25 -78.41
N GLU C 185 -30.45 2.83 -79.51
CA GLU C 185 -31.66 3.49 -79.97
C GLU C 185 -32.81 3.21 -79.02
N TYR C 186 -33.67 4.22 -78.84
CA TYR C 186 -34.85 4.01 -77.99
C TYR C 186 -35.73 2.91 -78.56
N GLU C 187 -35.88 2.86 -79.88
CA GLU C 187 -36.70 1.82 -80.48
C GLU C 187 -36.16 0.44 -80.16
N ASP C 188 -34.84 0.30 -80.04
CA ASP C 188 -34.27 -0.99 -79.68
C ASP C 188 -34.48 -1.32 -78.21
N MET C 189 -34.45 -0.31 -77.34
CA MET C 189 -34.73 -0.56 -75.93
C MET C 189 -36.13 -1.10 -75.75
N ALA C 190 -37.11 -0.49 -76.44
CA ALA C 190 -38.50 -0.93 -76.32
C ALA C 190 -38.67 -2.37 -76.77
N LYS C 191 -37.80 -2.86 -77.65
CA LYS C 191 -37.88 -4.24 -78.08
C LYS C 191 -37.36 -5.22 -77.04
N LEU C 192 -36.67 -4.75 -76.00
CA LEU C 192 -36.17 -5.63 -74.96
C LEU C 192 -36.96 -5.57 -73.66
N VAL C 193 -37.84 -4.57 -73.50
CA VAL C 193 -38.56 -4.39 -72.24
C VAL C 193 -39.56 -5.53 -72.05
N ASP C 194 -39.66 -6.01 -70.81
CA ASP C 194 -40.68 -6.97 -70.43
C ASP C 194 -41.97 -6.20 -70.18
N TRP C 195 -42.80 -6.09 -71.23
CA TRP C 195 -44.02 -5.31 -71.11
C TRP C 195 -45.02 -5.96 -70.17
N ASP C 196 -45.02 -7.30 -70.08
CA ASP C 196 -45.87 -7.97 -69.10
C ASP C 196 -45.54 -7.53 -67.68
N ALA C 197 -44.24 -7.34 -67.39
CA ALA C 197 -43.85 -6.87 -66.08
C ALA C 197 -44.38 -5.46 -65.81
N ILE C 198 -44.44 -4.63 -66.84
CA ILE C 198 -44.96 -3.28 -66.67
C ILE C 198 -46.45 -3.29 -66.36
N ARG C 199 -47.21 -4.11 -67.09
CA ARG C 199 -48.65 -4.17 -66.87
C ARG C 199 -48.97 -4.72 -65.48
N ALA C 200 -48.17 -5.68 -65.01
CA ALA C 200 -48.36 -6.16 -63.65
C ALA C 200 -48.06 -5.07 -62.63
N PHE C 201 -47.06 -4.24 -62.91
CA PHE C 201 -46.72 -3.14 -62.01
C PHE C 201 -47.87 -2.14 -61.93
N ARG C 202 -48.61 -1.96 -63.02
CA ARG C 202 -49.76 -1.05 -63.00
C ARG C 202 -50.87 -1.61 -62.11
N GLN C 203 -51.07 -2.93 -62.11
CA GLN C 203 -52.15 -3.51 -61.33
C GLN C 203 -51.87 -3.43 -59.83
N ARG C 204 -50.61 -3.40 -59.43
CA ARG C 204 -50.28 -3.27 -58.02
C ARG C 204 -50.39 -1.85 -57.50
N ALA C 205 -50.73 -0.89 -58.35
CA ALA C 205 -50.74 0.51 -57.95
C ALA C 205 -51.90 0.80 -57.00
N LEU C 206 -51.70 1.82 -56.17
CA LEU C 206 -52.76 2.33 -55.33
C LEU C 206 -53.87 2.88 -56.20
N ASN C 207 -55.08 2.35 -56.04
CA ASN C 207 -56.21 2.80 -56.84
C ASN C 207 -57.49 2.56 -56.05
N PRO C 208 -58.36 3.56 -55.93
CA PRO C 208 -59.59 3.37 -55.15
C PRO C 208 -60.56 2.36 -55.74
N GLU C 209 -60.39 1.95 -56.99
CA GLU C 209 -61.27 0.95 -57.58
C GLU C 209 -60.83 -0.48 -57.33
N HIS C 210 -59.60 -0.68 -56.86
CA HIS C 210 -59.17 -1.98 -56.31
C HIS C 210 -58.17 -1.71 -55.18
N PRO C 211 -58.67 -1.22 -54.05
CA PRO C 211 -57.77 -0.62 -53.05
C PRO C 211 -57.03 -1.67 -52.23
N HIS C 212 -55.95 -1.21 -51.62
CA HIS C 212 -55.14 -2.01 -50.72
C HIS C 212 -54.44 -1.09 -49.74
N GLN C 213 -53.85 -1.68 -48.71
CA GLN C 213 -53.12 -0.95 -47.67
C GLN C 213 -51.68 -1.41 -47.68
N ARG C 214 -50.75 -0.45 -47.65
CA ARG C 214 -49.33 -0.75 -47.65
C ARG C 214 -48.61 0.16 -46.66
N GLY C 215 -47.45 -0.30 -46.20
CA GLY C 215 -46.68 0.46 -45.23
C GLY C 215 -47.24 0.44 -43.83
N THR C 216 -47.75 -0.70 -43.38
CA THR C 216 -48.34 -0.81 -42.06
C THR C 216 -47.27 -0.80 -40.98
N ALA C 217 -47.72 -0.76 -39.73
CA ALA C 217 -46.84 -0.94 -38.57
C ALA C 217 -47.08 -2.32 -38.00
N GLN C 218 -46.00 -3.03 -37.70
CA GLN C 218 -46.10 -4.45 -37.36
C GLN C 218 -45.45 -4.74 -36.01
N ASN C 219 -46.08 -5.66 -35.28
CA ASN C 219 -45.61 -6.10 -33.97
C ASN C 219 -44.55 -7.19 -34.13
N PRO C 220 -43.89 -7.59 -33.04
CA PRO C 220 -42.85 -8.63 -33.15
C PRO C 220 -43.36 -9.95 -33.68
N ASP C 221 -44.67 -10.20 -33.65
CA ASP C 221 -45.17 -11.52 -34.00
C ASP C 221 -45.06 -11.81 -35.49
N ILE C 222 -45.05 -10.79 -36.35
CA ILE C 222 -45.10 -11.04 -37.79
C ILE C 222 -44.02 -10.30 -38.55
N TYR C 223 -43.29 -9.41 -37.89
CA TYR C 223 -42.34 -8.55 -38.60
C TYR C 223 -41.18 -9.36 -39.18
N PHE C 224 -40.61 -10.28 -38.39
CA PHE C 224 -39.48 -11.07 -38.87
C PHE C 224 -39.88 -11.91 -40.09
N GLN C 225 -40.98 -12.65 -39.97
CA GLN C 225 -41.43 -13.48 -41.09
C GLN C 225 -41.66 -12.63 -42.34
N SER C 226 -42.35 -11.50 -42.18
CA SER C 226 -42.66 -10.64 -43.31
C SER C 226 -41.40 -10.05 -43.94
N ARG C 227 -40.37 -9.82 -43.12
CA ARG C 227 -39.12 -9.28 -43.66
C ARG C 227 -38.37 -10.34 -44.47
N GLU C 228 -38.46 -11.60 -44.07
CA GLU C 228 -37.82 -12.69 -44.81
C GLU C 228 -38.64 -13.15 -46.01
N ALA C 229 -39.87 -12.67 -46.17
CA ALA C 229 -40.71 -13.11 -47.28
C ALA C 229 -40.21 -12.62 -48.63
N ALA C 230 -39.32 -11.62 -48.65
CA ALA C 230 -38.77 -11.12 -49.89
C ALA C 230 -37.52 -11.87 -50.34
N ASN C 231 -37.09 -12.89 -49.58
CA ASN C 231 -35.92 -13.66 -49.95
C ASN C 231 -35.94 -14.20 -51.38
N PRO C 232 -37.04 -14.76 -51.90
CA PRO C 232 -36.97 -15.29 -53.27
C PRO C 232 -36.63 -14.22 -54.29
N TYR C 233 -37.11 -13.00 -54.09
CA TYR C 233 -36.89 -11.93 -55.05
C TYR C 233 -35.43 -11.56 -55.14
N TYR C 234 -34.71 -11.59 -54.02
CA TYR C 234 -33.29 -11.31 -54.05
C TYR C 234 -32.48 -12.49 -54.58
N LEU C 235 -32.93 -13.72 -54.31
CA LEU C 235 -32.22 -14.88 -54.84
C LEU C 235 -32.31 -14.95 -56.36
N ALA C 236 -33.40 -14.47 -56.94
CA ALA C 236 -33.56 -14.52 -58.38
C ALA C 236 -32.93 -13.34 -59.10
N THR C 237 -32.56 -12.29 -58.37
CA THR C 237 -31.99 -11.11 -59.00
C THR C 237 -30.67 -11.37 -59.74
N PRO C 238 -29.70 -12.11 -59.18
CA PRO C 238 -28.48 -12.39 -59.97
C PRO C 238 -28.77 -13.04 -61.32
N GLY C 239 -29.61 -14.08 -61.33
CA GLY C 239 -29.94 -14.74 -62.58
C GLY C 239 -30.71 -13.85 -63.54
N ILE C 240 -31.56 -12.97 -63.02
CA ILE C 240 -32.32 -12.06 -63.87
C ILE C 240 -31.40 -11.08 -64.57
N VAL C 241 -30.47 -10.47 -63.82
CA VAL C 241 -29.52 -9.53 -64.41
C VAL C 241 -28.64 -10.22 -65.44
N ALA C 242 -28.21 -11.45 -65.15
CA ALA C 242 -27.36 -12.18 -66.09
C ALA C 242 -28.08 -12.40 -67.41
N GLN C 243 -29.35 -12.79 -67.35
CA GLN C 243 -30.11 -12.99 -68.59
C GLN C 243 -30.35 -11.67 -69.30
N VAL C 244 -30.57 -10.59 -68.54
CA VAL C 244 -30.76 -9.28 -69.16
C VAL C 244 -29.49 -8.86 -69.89
N MET C 245 -28.33 -9.11 -69.27
CA MET C 245 -27.07 -8.77 -69.92
C MET C 245 -26.89 -9.53 -71.23
N GLU C 246 -27.46 -10.73 -71.33
CA GLU C 246 -27.39 -11.45 -72.60
C GLU C 246 -28.27 -10.81 -73.67
N GLN C 247 -29.43 -10.26 -73.27
CA GLN C 247 -30.25 -9.52 -74.22
C GLN C 247 -29.48 -8.33 -74.78
N VAL C 248 -28.85 -7.56 -73.89
CA VAL C 248 -28.06 -6.40 -74.33
C VAL C 248 -26.89 -6.86 -75.19
N ALA C 249 -26.28 -7.98 -74.83
CA ALA C 249 -25.16 -8.51 -75.62
C ALA C 249 -25.61 -8.84 -77.03
N GLY C 250 -26.74 -9.52 -77.17
CA GLY C 250 -27.25 -9.85 -78.49
C GLY C 250 -27.60 -8.61 -79.28
N LEU C 251 -27.96 -7.53 -78.59
CA LEU C 251 -28.31 -6.31 -79.30
C LEU C 251 -27.08 -5.53 -79.72
N THR C 252 -26.12 -5.37 -78.80
CA THR C 252 -24.99 -4.49 -79.03
C THR C 252 -23.71 -5.22 -79.40
N GLY C 253 -23.59 -6.51 -79.11
CA GLY C 253 -22.36 -7.22 -79.29
C GLY C 253 -21.40 -7.14 -78.13
N ARG C 254 -21.73 -6.36 -77.11
CA ARG C 254 -20.89 -6.19 -75.93
C ARG C 254 -21.40 -7.09 -74.81
N HIS C 255 -20.54 -7.97 -74.31
CA HIS C 255 -20.93 -9.01 -73.38
C HIS C 255 -20.51 -8.63 -71.97
N TYR C 256 -21.51 -8.47 -71.09
CA TYR C 256 -21.28 -8.21 -69.70
C TYR C 256 -21.68 -9.41 -68.86
N HIS C 257 -21.06 -9.55 -67.69
CA HIS C 257 -21.41 -10.56 -66.73
C HIS C 257 -21.47 -9.92 -65.34
N LEU C 258 -22.05 -10.64 -64.39
CA LEU C 258 -22.12 -10.12 -63.03
C LEU C 258 -20.74 -9.77 -62.50
N PHE C 259 -19.76 -10.63 -62.77
CA PHE C 259 -18.35 -10.37 -62.53
C PHE C 259 -17.60 -10.78 -63.78
N ASP C 260 -16.75 -9.91 -64.29
CA ASP C 260 -16.00 -10.17 -65.52
C ASP C 260 -14.53 -10.35 -65.19
N TYR C 261 -13.87 -11.27 -65.89
CA TYR C 261 -12.45 -11.51 -65.69
C TYR C 261 -11.67 -11.13 -66.93
N ALA C 262 -10.46 -10.60 -66.72
CA ALA C 262 -9.54 -10.24 -67.78
C ALA C 262 -8.13 -10.51 -67.30
N GLY C 263 -7.32 -11.12 -68.15
CA GLY C 263 -5.93 -11.37 -67.85
C GLY C 263 -5.57 -12.81 -68.14
N ALA C 264 -4.42 -13.22 -67.60
CA ALA C 264 -3.91 -14.55 -67.88
C ALA C 264 -4.82 -15.61 -67.30
N PRO C 265 -5.10 -16.69 -68.05
CA PRO C 265 -5.89 -17.80 -67.47
C PRO C 265 -5.17 -18.53 -66.34
N ASP C 266 -3.83 -18.49 -66.29
CA ASP C 266 -3.07 -19.12 -65.23
C ASP C 266 -2.49 -18.09 -64.27
N ALA C 267 -3.21 -16.98 -64.07
CA ALA C 267 -2.71 -15.90 -63.24
C ALA C 267 -2.61 -16.33 -61.78
N GLU C 268 -1.61 -15.77 -61.08
CA GLU C 268 -1.45 -16.00 -59.66
C GLU C 268 -1.75 -14.78 -58.80
N ARG C 269 -1.69 -13.57 -59.37
CA ARG C 269 -2.02 -12.34 -58.66
C ARG C 269 -3.20 -11.68 -59.37
N VAL C 270 -4.28 -11.45 -58.64
CA VAL C 270 -5.52 -10.92 -59.22
C VAL C 270 -6.02 -9.76 -58.36
N ILE C 271 -6.44 -8.69 -59.00
CA ILE C 271 -7.05 -7.55 -58.33
C ILE C 271 -8.56 -7.63 -58.52
N VAL C 272 -9.30 -7.48 -57.42
CA VAL C 272 -10.76 -7.38 -57.46
C VAL C 272 -11.09 -5.92 -57.22
N SER C 273 -11.80 -5.31 -58.15
CA SER C 273 -12.06 -3.88 -58.08
C SER C 273 -13.39 -3.57 -58.75
N MET C 274 -13.75 -2.29 -58.72
CA MET C 274 -15.09 -1.83 -59.09
C MET C 274 -14.98 -0.40 -59.60
N GLY C 275 -15.81 -0.08 -60.58
CA GLY C 275 -15.82 1.27 -61.14
C GLY C 275 -14.74 1.47 -62.19
N SER C 276 -14.42 2.73 -62.43
CA SER C 276 -13.50 3.10 -63.50
C SER C 276 -12.10 2.54 -63.29
N SER C 277 -11.76 2.13 -62.07
CA SER C 277 -10.46 1.53 -61.83
C SER C 277 -10.26 0.27 -62.67
N CYS C 278 -11.34 -0.43 -63.00
CA CYS C 278 -11.23 -1.65 -63.80
C CYS C 278 -10.66 -1.37 -65.19
N GLU C 279 -10.97 -0.21 -65.77
CA GLU C 279 -10.37 0.15 -67.05
C GLU C 279 -8.86 0.34 -66.91
N VAL C 280 -8.44 1.11 -65.90
CA VAL C 280 -7.02 1.35 -65.70
C VAL C 280 -6.30 0.05 -65.38
N ILE C 281 -6.94 -0.83 -64.62
CA ILE C 281 -6.29 -2.09 -64.24
C ILE C 281 -6.19 -3.03 -65.43
N GLU C 282 -7.25 -3.09 -66.25
CA GLU C 282 -7.20 -3.96 -67.42
C GLU C 282 -6.12 -3.51 -68.41
N GLU C 283 -5.99 -2.19 -68.60
CA GLU C 283 -4.91 -1.68 -69.43
C GLU C 283 -3.55 -2.07 -68.86
N THR C 284 -3.40 -1.99 -67.53
CA THR C 284 -2.16 -2.41 -66.90
C THR C 284 -1.99 -3.93 -67.00
N VAL C 285 -3.08 -4.68 -66.86
CA VAL C 285 -3.00 -6.14 -66.96
C VAL C 285 -2.56 -6.56 -68.35
N ASN C 286 -3.11 -5.93 -69.40
CA ASN C 286 -2.67 -6.22 -70.75
C ASN C 286 -1.17 -6.01 -70.91
N TYR C 287 -0.64 -4.94 -70.33
CA TYR C 287 0.79 -4.65 -70.43
C TYR C 287 1.62 -5.73 -69.74
N LEU C 288 1.20 -6.17 -68.56
CA LEU C 288 1.99 -7.12 -67.79
C LEU C 288 1.88 -8.53 -68.37
N VAL C 289 0.71 -8.93 -68.86
CA VAL C 289 0.56 -10.27 -69.42
C VAL C 289 1.47 -10.44 -70.63
N GLU C 290 1.59 -9.41 -71.47
CA GLU C 290 2.50 -9.47 -72.59
C GLU C 290 3.95 -9.61 -72.13
N LYS C 291 4.29 -9.03 -70.98
CA LYS C 291 5.63 -9.17 -70.42
C LYS C 291 5.83 -10.48 -69.69
N GLY C 292 4.81 -11.35 -69.63
CA GLY C 292 4.96 -12.67 -69.08
C GLY C 292 4.44 -12.84 -67.66
N GLU C 293 3.97 -11.76 -67.04
CA GLU C 293 3.48 -11.85 -65.67
C GLU C 293 2.14 -12.56 -65.63
N LYS C 294 1.95 -13.40 -64.60
CA LYS C 294 0.74 -14.18 -64.43
C LYS C 294 -0.21 -13.37 -63.54
N VAL C 295 -0.85 -12.36 -64.15
CA VAL C 295 -1.73 -11.46 -63.43
C VAL C 295 -3.09 -11.40 -64.12
N GLY C 296 -4.10 -10.99 -63.36
CA GLY C 296 -5.46 -10.91 -63.85
C GLY C 296 -6.26 -9.88 -63.09
N LEU C 297 -7.51 -9.71 -63.51
CA LEU C 297 -8.40 -8.71 -62.92
C LEU C 297 -9.83 -9.21 -62.97
N ILE C 298 -10.56 -9.03 -61.87
CA ILE C 298 -11.98 -9.31 -61.78
C ILE C 298 -12.72 -8.00 -61.62
N LYS C 299 -13.57 -7.67 -62.60
CA LYS C 299 -14.39 -6.48 -62.53
C LYS C 299 -15.71 -6.82 -61.83
N VAL C 300 -16.03 -6.06 -60.79
CA VAL C 300 -17.29 -6.22 -60.08
C VAL C 300 -18.33 -5.31 -60.73
N ARG C 301 -19.36 -5.90 -61.33
CA ARG C 301 -20.47 -5.14 -61.88
C ARG C 301 -21.66 -5.07 -60.93
N LEU C 302 -22.21 -6.24 -60.59
CA LEU C 302 -23.32 -6.31 -59.65
C LEU C 302 -22.72 -6.54 -58.27
N PHE C 303 -22.59 -5.45 -57.51
CA PHE C 303 -22.05 -5.51 -56.16
C PHE C 303 -23.08 -6.06 -55.18
N ARG C 304 -24.35 -5.69 -55.34
CA ARG C 304 -25.46 -6.19 -54.53
C ARG C 304 -26.60 -6.51 -55.49
N PRO C 305 -27.24 -7.68 -55.38
CA PRO C 305 -26.87 -8.75 -54.44
C PRO C 305 -25.58 -9.42 -54.86
N PHE C 306 -24.72 -9.75 -53.90
CA PHE C 306 -23.43 -10.36 -54.20
C PHE C 306 -23.64 -11.85 -54.42
N SER C 307 -23.45 -12.31 -55.65
CA SER C 307 -23.66 -13.71 -56.01
C SER C 307 -22.33 -14.43 -55.94
N ALA C 308 -22.18 -15.28 -54.93
CA ALA C 308 -20.96 -16.06 -54.81
C ALA C 308 -20.76 -16.97 -56.02
N GLU C 309 -21.87 -17.52 -56.53
CA GLU C 309 -21.77 -18.43 -57.67
C GLU C 309 -21.14 -17.75 -58.87
N HIS C 310 -21.58 -16.52 -59.17
CA HIS C 310 -21.04 -15.81 -60.32
C HIS C 310 -19.64 -15.26 -60.08
N PHE C 311 -19.25 -15.02 -58.83
CA PHE C 311 -17.89 -14.55 -58.57
C PHE C 311 -16.89 -15.68 -58.73
N LEU C 312 -17.16 -16.83 -58.11
CA LEU C 312 -16.25 -17.96 -58.22
C LEU C 312 -16.21 -18.52 -59.63
N LYS C 313 -17.26 -18.26 -60.42
CA LYS C 313 -17.34 -18.74 -61.79
C LYS C 313 -16.22 -18.15 -62.66
N VAL C 314 -15.76 -16.96 -62.33
CA VAL C 314 -14.73 -16.27 -63.11
C VAL C 314 -13.39 -16.22 -62.39
N LEU C 315 -13.26 -16.92 -61.26
CA LEU C 315 -12.01 -16.90 -60.50
C LEU C 315 -11.14 -18.06 -61.00
N PRO C 316 -10.00 -17.79 -61.61
CA PRO C 316 -9.15 -18.88 -62.11
C PRO C 316 -8.67 -19.78 -60.98
N ALA C 317 -8.59 -21.08 -61.27
CA ALA C 317 -8.14 -22.03 -60.26
C ALA C 317 -6.70 -21.81 -59.86
N SER C 318 -5.94 -21.07 -60.66
CA SER C 318 -4.53 -20.82 -60.43
C SER C 318 -4.25 -19.62 -59.53
N VAL C 319 -5.29 -18.93 -59.05
CA VAL C 319 -5.07 -17.73 -58.26
C VAL C 319 -4.54 -18.09 -56.88
N LYS C 320 -3.43 -17.46 -56.49
CA LYS C 320 -2.84 -17.66 -55.17
C LYS C 320 -2.94 -16.44 -54.26
N ARG C 321 -3.01 -15.23 -54.82
CA ARG C 321 -3.07 -14.01 -54.03
C ARG C 321 -4.00 -13.01 -54.70
N ILE C 322 -4.80 -12.33 -53.89
CA ILE C 322 -5.78 -11.36 -54.37
C ILE C 322 -5.62 -10.07 -53.60
N ALA C 323 -5.60 -8.94 -54.32
CA ALA C 323 -5.63 -7.62 -53.72
C ALA C 323 -6.94 -6.93 -54.11
N VAL C 324 -7.74 -6.55 -53.10
CA VAL C 324 -9.02 -5.91 -53.33
C VAL C 324 -8.86 -4.40 -53.12
N LEU C 325 -9.39 -3.62 -54.07
CA LEU C 325 -9.27 -2.16 -54.03
C LEU C 325 -10.65 -1.56 -53.79
N ASP C 326 -10.76 -0.78 -52.72
CA ASP C 326 -12.00 -0.10 -52.37
C ASP C 326 -11.83 1.39 -52.53
N ARG C 327 -12.78 2.03 -53.21
CA ARG C 327 -12.75 3.47 -53.38
C ARG C 327 -13.53 4.18 -52.29
N THR C 328 -13.25 3.82 -51.04
CA THR C 328 -13.92 4.40 -49.88
C THR C 328 -13.04 4.19 -48.66
N LYS C 329 -13.44 4.80 -47.55
CA LYS C 329 -12.78 4.61 -46.27
C LYS C 329 -13.86 4.56 -45.20
N GLU C 330 -13.83 3.49 -44.40
CA GLU C 330 -14.73 3.33 -43.25
C GLU C 330 -13.87 3.32 -41.99
N PRO C 331 -13.65 4.48 -41.37
CA PRO C 331 -12.67 4.56 -40.29
C PRO C 331 -13.03 3.66 -39.12
N GLY C 332 -12.02 2.97 -38.60
CA GLY C 332 -12.20 2.06 -37.49
C GLY C 332 -12.73 0.69 -37.87
N SER C 333 -13.27 0.54 -39.08
CA SER C 333 -13.73 -0.77 -39.52
C SER C 333 -12.53 -1.70 -39.75
N LEU C 334 -12.79 -3.00 -39.68
CA LEU C 334 -11.74 -3.99 -39.90
C LEU C 334 -11.22 -3.92 -41.33
N GLY C 335 -12.11 -3.68 -42.29
CA GLY C 335 -11.75 -3.53 -43.68
C GLY C 335 -12.88 -2.85 -44.43
N GLU C 336 -12.58 -2.47 -45.66
CA GLU C 336 -13.55 -1.78 -46.49
C GLU C 336 -14.52 -2.78 -47.14
N PRO C 337 -15.66 -2.29 -47.66
CA PRO C 337 -16.76 -3.22 -48.03
C PRO C 337 -16.36 -4.32 -49.01
N LEU C 338 -15.74 -3.98 -50.14
CA LEU C 338 -15.43 -5.00 -51.15
C LEU C 338 -14.41 -6.00 -50.64
N TYR C 339 -13.44 -5.52 -49.86
CA TYR C 339 -12.44 -6.42 -49.28
C TYR C 339 -13.09 -7.45 -48.36
N GLU C 340 -14.01 -7.01 -47.51
CA GLU C 340 -14.65 -7.93 -46.58
C GLU C 340 -15.58 -8.92 -47.30
N ASP C 341 -16.19 -8.49 -48.40
CA ASP C 341 -17.02 -9.42 -49.16
C ASP C 341 -16.16 -10.50 -49.80
N VAL C 342 -15.07 -10.10 -50.45
CA VAL C 342 -14.18 -11.07 -51.08
C VAL C 342 -13.60 -12.01 -50.04
N GLN C 343 -13.19 -11.46 -48.89
CA GLN C 343 -12.66 -12.28 -47.82
C GLN C 343 -13.69 -13.29 -47.33
N THR C 344 -14.95 -12.88 -47.27
CA THR C 344 -16.01 -13.75 -46.76
C THR C 344 -16.30 -14.89 -47.73
N VAL C 345 -16.53 -14.57 -49.00
CA VAL C 345 -16.92 -15.60 -49.96
C VAL C 345 -15.84 -16.65 -50.11
N LEU C 346 -14.57 -16.23 -50.10
CA LEU C 346 -13.49 -17.19 -50.23
C LEU C 346 -13.40 -18.08 -49.00
N ALA C 347 -13.76 -17.56 -47.82
CA ALA C 347 -13.76 -18.38 -46.62
C ALA C 347 -14.91 -19.38 -46.65
N GLU C 348 -16.07 -18.98 -47.15
CA GLU C 348 -17.21 -19.88 -47.19
C GLU C 348 -16.99 -21.07 -48.11
N HIS C 349 -16.02 -20.99 -49.02
CA HIS C 349 -15.75 -22.06 -49.97
C HIS C 349 -14.36 -22.68 -49.78
N GLY C 350 -13.71 -22.40 -48.65
CA GLY C 350 -12.46 -23.06 -48.33
C GLY C 350 -11.34 -22.80 -49.30
N LYS C 351 -11.37 -21.69 -50.02
CA LYS C 351 -10.28 -21.36 -50.94
C LYS C 351 -9.08 -20.87 -50.14
N ASN C 352 -7.92 -21.47 -50.41
CA ASN C 352 -6.67 -21.08 -49.75
C ASN C 352 -6.01 -19.97 -50.57
N ILE C 353 -6.57 -18.77 -50.44
CA ILE C 353 -6.11 -17.61 -51.18
C ILE C 353 -5.80 -16.48 -50.20
N LEU C 354 -4.58 -15.95 -50.28
CA LEU C 354 -4.21 -14.80 -49.46
C LEU C 354 -4.90 -13.55 -50.03
N VAL C 355 -5.73 -12.92 -49.21
CA VAL C 355 -6.50 -11.75 -49.63
C VAL C 355 -5.99 -10.52 -48.88
N VAL C 356 -5.88 -9.41 -49.61
CA VAL C 356 -5.35 -8.16 -49.07
C VAL C 356 -6.21 -7.01 -49.61
N GLY C 357 -6.52 -6.05 -48.75
CA GLY C 357 -7.38 -4.94 -49.11
C GLY C 357 -6.67 -3.59 -49.02
N GLY C 358 -7.07 -2.67 -49.88
CA GLY C 358 -6.49 -1.33 -49.90
C GLY C 358 -7.51 -0.30 -50.33
N ARG C 359 -7.12 0.98 -50.21
CA ARG C 359 -7.96 2.10 -50.56
C ARG C 359 -7.29 2.94 -51.65
N TYR C 360 -8.09 3.52 -52.53
CA TYR C 360 -7.56 4.29 -53.65
C TYR C 360 -8.55 5.37 -54.05
N GLY C 361 -8.03 6.40 -54.73
CA GLY C 361 -8.83 7.32 -55.51
C GLY C 361 -9.92 8.07 -54.77
N LEU C 362 -9.75 8.34 -53.48
CA LEU C 362 -10.75 9.08 -52.73
C LEU C 362 -10.81 10.52 -53.21
N GLY C 363 -12.03 11.00 -53.45
CA GLY C 363 -12.20 12.36 -53.96
C GLY C 363 -11.54 12.60 -55.30
N SER C 364 -11.67 11.65 -56.22
CA SER C 364 -11.07 11.73 -57.55
C SER C 364 -9.55 11.77 -57.49
N LYS C 365 -8.95 11.18 -56.45
CA LYS C 365 -7.50 11.06 -56.41
C LYS C 365 -7.03 10.24 -57.61
N GLU C 366 -5.93 10.67 -58.21
CA GLU C 366 -5.43 10.00 -59.41
C GLU C 366 -5.14 8.54 -59.13
N PHE C 367 -5.47 7.69 -60.10
CA PHE C 367 -5.21 6.25 -60.03
C PHE C 367 -4.73 5.84 -61.42
N ASN C 368 -3.43 5.74 -61.60
CA ASN C 368 -2.80 5.50 -62.89
C ASN C 368 -2.12 4.12 -62.91
N PRO C 369 -1.71 3.65 -64.09
CA PRO C 369 -1.12 2.30 -64.17
C PRO C 369 0.09 2.08 -63.27
N SER C 370 0.91 3.10 -63.04
CA SER C 370 2.05 2.93 -62.14
C SER C 370 1.60 2.50 -60.75
N MET C 371 0.44 3.00 -60.31
CA MET C 371 -0.12 2.58 -59.03
C MET C 371 -0.63 1.15 -59.11
N VAL C 372 -1.21 0.75 -60.24
CA VAL C 372 -1.70 -0.61 -60.39
C VAL C 372 -0.55 -1.61 -60.26
N LYS C 373 0.59 -1.27 -60.85
CA LYS C 373 1.75 -2.15 -60.72
C LYS C 373 2.19 -2.24 -59.26
N ALA C 374 2.12 -1.13 -58.53
CA ALA C 374 2.47 -1.15 -57.11
C ALA C 374 1.55 -2.09 -56.34
N VAL C 375 0.28 -2.13 -56.72
CA VAL C 375 -0.64 -3.10 -56.12
C VAL C 375 -0.25 -4.51 -56.51
N PHE C 376 0.07 -4.73 -57.78
CA PHE C 376 0.54 -6.04 -58.23
C PHE C 376 1.89 -6.39 -57.60
N ASP C 377 2.78 -5.41 -57.50
CA ASP C 377 4.08 -5.66 -56.87
C ASP C 377 3.94 -5.98 -55.40
N ASN C 378 2.95 -5.38 -54.72
CA ASN C 378 2.70 -5.69 -53.31
C ASN C 378 2.25 -7.14 -53.15
N LEU C 379 1.46 -7.66 -54.09
CA LEU C 379 1.10 -9.07 -54.04
C LEU C 379 2.28 -9.98 -54.29
N ALA C 380 3.31 -9.51 -54.98
CA ALA C 380 4.49 -10.31 -55.25
C ALA C 380 5.52 -10.26 -54.14
N ALA C 381 5.34 -9.40 -53.13
CA ALA C 381 6.29 -9.32 -52.05
C ALA C 381 6.22 -10.55 -51.17
N THR C 382 7.28 -10.74 -50.36
CA THR C 382 7.33 -11.87 -49.44
C THR C 382 6.18 -11.81 -48.44
N THR C 383 5.93 -10.63 -47.86
CA THR C 383 4.79 -10.41 -46.98
C THR C 383 3.98 -9.23 -47.52
N PRO C 384 2.88 -9.48 -48.24
CA PRO C 384 2.10 -8.36 -48.78
C PRO C 384 1.54 -7.49 -47.66
N LYS C 385 1.68 -6.18 -47.81
CA LYS C 385 1.11 -5.25 -46.85
C LYS C 385 -0.40 -5.20 -47.00
N ASN C 386 -1.12 -5.35 -45.89
CA ASN C 386 -2.58 -5.29 -45.91
C ASN C 386 -3.05 -3.95 -45.33
N LYS C 387 -4.30 -3.61 -45.63
CA LYS C 387 -4.90 -2.35 -45.18
C LYS C 387 -4.09 -1.14 -45.65
N PHE C 388 -3.79 -1.10 -46.94
CA PHE C 388 -2.89 -0.12 -47.53
C PHE C 388 -3.66 0.96 -48.28
N THR C 389 -2.90 1.96 -48.76
CA THR C 389 -3.41 3.01 -49.61
C THR C 389 -2.47 3.20 -50.80
N VAL C 390 -3.03 3.69 -51.90
CA VAL C 390 -2.27 3.90 -53.14
C VAL C 390 -2.56 5.29 -53.67
N GLY C 391 -1.51 6.03 -54.03
CA GLY C 391 -1.63 7.35 -54.61
C GLY C 391 -1.25 8.50 -53.71
N ILE C 392 -0.93 8.24 -52.44
CA ILE C 392 -0.53 9.28 -51.49
C ILE C 392 0.73 8.83 -50.77
N THR C 393 1.32 9.75 -50.01
CA THR C 393 2.48 9.46 -49.17
C THR C 393 2.05 9.63 -47.72
N ASP C 394 1.74 8.50 -47.06
CA ASP C 394 1.29 8.50 -45.67
C ASP C 394 2.49 8.24 -44.78
N ASP C 395 3.13 9.33 -44.34
CA ASP C 395 4.28 9.24 -43.46
C ASP C 395 3.88 9.22 -41.99
N VAL C 396 2.59 9.08 -41.69
CA VAL C 396 2.11 9.08 -40.31
C VAL C 396 1.85 7.65 -39.86
N THR C 397 0.98 6.93 -40.57
CA THR C 397 0.65 5.56 -40.24
C THR C 397 1.26 4.55 -41.20
N HIS C 398 1.96 5.03 -42.23
CA HIS C 398 2.80 4.20 -43.11
C HIS C 398 2.01 3.08 -43.79
N THR C 399 0.85 3.45 -44.34
CA THR C 399 0.02 2.51 -45.08
C THR C 399 0.20 2.60 -46.60
N SER C 400 0.84 3.66 -47.11
CA SER C 400 0.92 3.85 -48.55
C SER C 400 1.95 2.93 -49.17
N LEU C 401 1.65 2.44 -50.36
CA LEU C 401 2.59 1.64 -51.14
C LEU C 401 3.56 2.53 -51.91
N GLU C 402 4.78 2.01 -52.09
CA GLU C 402 5.82 2.75 -52.79
C GLU C 402 5.65 2.61 -54.29
N ILE C 403 5.55 3.74 -54.98
CA ILE C 403 5.52 3.76 -56.45
C ILE C 403 6.97 3.65 -56.93
N LYS C 404 7.40 2.45 -57.25
CA LYS C 404 8.82 2.20 -57.53
C LYS C 404 9.23 2.78 -58.88
N GLU C 405 8.57 2.37 -59.96
CA GLU C 405 8.94 2.81 -61.29
C GLU C 405 7.71 3.33 -62.02
N HIS C 406 7.96 4.14 -63.04
CA HIS C 406 6.90 4.71 -63.87
C HIS C 406 6.84 3.94 -65.19
N ILE C 407 5.66 3.42 -65.51
CA ILE C 407 5.46 2.64 -66.72
C ILE C 407 4.45 3.34 -67.61
N ASP C 408 4.53 3.06 -68.91
CA ASP C 408 3.61 3.60 -69.91
C ASP C 408 2.86 2.42 -70.53
N THR C 409 1.60 2.24 -70.11
CA THR C 409 0.78 1.14 -70.61
C THR C 409 -0.23 1.59 -71.65
N SER C 410 -0.12 2.82 -72.14
CA SER C 410 -1.02 3.30 -73.16
C SER C 410 -0.75 2.57 -74.47
N PRO C 411 -1.78 2.11 -75.17
CA PRO C 411 -1.57 1.42 -76.45
C PRO C 411 -0.86 2.32 -77.45
N LYS C 412 0.06 1.72 -78.19
CA LYS C 412 0.83 2.46 -79.18
C LYS C 412 -0.10 2.98 -80.27
N GLY C 413 0.17 4.20 -80.73
CA GLY C 413 -0.68 4.86 -81.69
C GLY C 413 -1.71 5.79 -81.09
N THR C 414 -1.73 5.95 -79.78
CA THR C 414 -2.68 6.83 -79.12
C THR C 414 -2.05 8.21 -78.98
N PHE C 415 -2.71 9.21 -79.55
CA PHE C 415 -2.27 10.59 -79.44
C PHE C 415 -2.76 11.18 -78.12
N ARG C 416 -1.94 12.03 -77.51
CA ARG C 416 -2.26 12.61 -76.20
C ARG C 416 -1.93 14.09 -76.21
N CYS C 417 -2.90 14.93 -75.78
CA CYS C 417 -2.72 16.37 -75.78
C CYS C 417 -3.16 16.97 -74.45
N LYS C 418 -2.41 17.94 -73.96
CA LYS C 418 -2.80 18.73 -72.81
C LYS C 418 -2.93 20.18 -73.23
N PHE C 419 -3.99 20.85 -72.74
CA PHE C 419 -4.26 22.24 -73.05
C PHE C 419 -4.40 23.02 -71.75
N PHE C 420 -3.43 23.90 -71.47
CA PHE C 420 -3.52 24.81 -70.34
C PHE C 420 -4.25 26.06 -70.81
N GLY C 421 -5.45 26.30 -70.27
CA GLY C 421 -6.27 27.42 -70.67
C GLY C 421 -6.58 28.34 -69.50
N LEU C 422 -7.23 29.45 -69.82
CA LEU C 422 -7.71 30.41 -68.83
C LEU C 422 -9.21 30.20 -68.60
N GLY C 423 -9.66 30.57 -67.40
CA GLY C 423 -11.05 30.42 -67.05
C GLY C 423 -11.99 31.08 -68.05
N SER C 424 -12.84 30.26 -68.68
CA SER C 424 -13.88 30.76 -69.58
C SER C 424 -13.30 31.51 -70.78
N ASP C 425 -12.13 31.10 -71.25
CA ASP C 425 -11.55 31.66 -72.46
C ASP C 425 -11.91 30.87 -73.72
N GLY C 426 -12.71 29.81 -73.58
CA GLY C 426 -13.12 28.99 -74.70
C GLY C 426 -12.30 27.73 -74.89
N THR C 427 -11.23 27.55 -74.10
CA THR C 427 -10.33 26.41 -74.30
C THR C 427 -11.07 25.09 -74.13
N VAL C 428 -11.76 24.93 -72.99
CA VAL C 428 -12.47 23.68 -72.74
C VAL C 428 -13.53 23.45 -73.81
N GLY C 429 -14.29 24.49 -74.13
CA GLY C 429 -15.34 24.35 -75.13
C GLY C 429 -14.79 23.95 -76.50
N ALA C 430 -13.64 24.52 -76.88
CA ALA C 430 -13.03 24.16 -78.15
C ALA C 430 -12.56 22.71 -78.12
N ASN C 431 -11.92 22.29 -77.03
CA ASN C 431 -11.44 20.91 -76.95
C ASN C 431 -12.60 19.92 -77.03
N LYS C 432 -13.73 20.23 -76.39
CA LYS C 432 -14.90 19.39 -76.55
C LYS C 432 -15.35 19.35 -78.01
N ASN C 433 -15.32 20.50 -78.68
CA ASN C 433 -15.68 20.55 -80.09
C ASN C 433 -14.67 19.79 -80.94
N SER C 434 -13.38 19.86 -80.56
CA SER C 434 -12.36 19.11 -81.29
C SER C 434 -12.61 17.61 -81.17
N ILE C 435 -13.05 17.16 -79.99
CA ILE C 435 -13.36 15.74 -79.82
C ILE C 435 -14.55 15.35 -80.67
N LYS C 436 -15.58 16.21 -80.72
CA LYS C 436 -16.75 15.89 -81.54
C LYS C 436 -16.38 15.84 -83.02
N ILE C 437 -15.49 16.74 -83.45
CA ILE C 437 -15.02 16.71 -84.83
C ILE C 437 -14.32 15.39 -85.13
N ILE C 438 -13.39 15.02 -84.26
CA ILE C 438 -12.61 13.81 -84.49
C ILE C 438 -13.49 12.57 -84.36
N GLY C 439 -14.38 12.54 -83.37
CA GLY C 439 -15.19 11.36 -83.16
C GLY C 439 -16.23 11.12 -84.24
N ASP C 440 -16.85 12.19 -84.73
CA ASP C 440 -17.94 12.06 -85.69
C ASP C 440 -17.48 11.78 -87.11
N HIS C 441 -16.24 12.13 -87.47
CA HIS C 441 -15.80 12.04 -88.85
C HIS C 441 -14.64 11.08 -89.08
N THR C 442 -14.15 10.40 -88.06
CA THR C 442 -13.09 9.41 -88.22
C THR C 442 -13.49 8.13 -87.53
N ASP C 443 -12.70 7.07 -87.76
CA ASP C 443 -12.85 5.81 -87.07
C ASP C 443 -12.18 5.80 -85.71
N MET C 444 -11.58 6.91 -85.30
CA MET C 444 -10.78 6.92 -84.08
C MET C 444 -11.66 7.05 -82.85
N TYR C 445 -11.24 6.40 -81.77
CA TYR C 445 -11.82 6.65 -80.47
C TYR C 445 -11.30 7.97 -79.94
N ALA C 446 -12.14 8.66 -79.18
CA ALA C 446 -11.78 9.98 -78.65
C ALA C 446 -12.17 10.03 -77.18
N GLN C 447 -11.30 10.65 -76.37
CA GLN C 447 -11.54 10.75 -74.93
C GLN C 447 -11.13 12.14 -74.47
N GLY C 448 -11.92 12.72 -73.58
CA GLY C 448 -11.62 14.01 -73.01
C GLY C 448 -11.95 14.13 -71.53
N TYR C 449 -11.03 14.68 -70.76
CA TYR C 449 -11.24 14.95 -69.33
C TYR C 449 -10.69 16.33 -69.02
N PHE C 450 -11.40 17.07 -68.17
CA PHE C 450 -11.10 18.48 -67.95
C PHE C 450 -10.97 18.77 -66.46
N VAL C 451 -9.80 19.28 -66.06
CA VAL C 451 -9.49 19.60 -64.68
C VAL C 451 -9.71 21.08 -64.45
N TYR C 452 -10.57 21.42 -63.50
CA TYR C 452 -10.92 22.80 -63.19
C TYR C 452 -10.32 23.25 -61.86
N ASP C 453 -10.44 24.55 -61.61
CA ASP C 453 -9.95 25.20 -60.41
C ASP C 453 -11.13 25.63 -59.54
N SER C 454 -10.86 25.83 -58.26
CA SER C 454 -11.91 26.26 -57.34
C SER C 454 -12.26 27.74 -57.50
N LYS C 455 -11.33 28.55 -58.01
CA LYS C 455 -11.62 29.96 -58.27
C LYS C 455 -12.53 30.11 -59.48
N LYS C 456 -13.57 30.92 -59.33
CA LYS C 456 -14.62 31.04 -60.34
C LYS C 456 -14.23 31.92 -61.52
N SER C 457 -13.31 32.87 -61.33
CA SER C 457 -12.90 33.78 -62.39
C SER C 457 -11.39 33.85 -62.44
N GLY C 458 -10.84 33.69 -63.66
CA GLY C 458 -9.41 33.74 -63.84
C GLY C 458 -8.68 32.47 -63.48
N GLY C 459 -9.40 31.34 -63.37
CA GLY C 459 -8.78 30.10 -62.99
C GLY C 459 -8.08 29.41 -64.15
N VAL C 460 -7.28 28.41 -63.78
CA VAL C 460 -6.54 27.60 -64.74
C VAL C 460 -7.35 26.36 -65.09
N THR C 461 -7.45 26.05 -66.38
CA THR C 461 -8.12 24.85 -66.86
C THR C 461 -7.12 24.01 -67.63
N ILE C 462 -7.14 22.70 -67.40
CA ILE C 462 -6.24 21.76 -68.06
C ILE C 462 -7.09 20.69 -68.74
N SER C 463 -7.07 20.67 -70.07
CA SER C 463 -7.80 19.68 -70.84
C SER C 463 -6.88 18.52 -71.20
N HIS C 464 -7.40 17.30 -71.09
CA HIS C 464 -6.66 16.09 -71.43
C HIS C 464 -7.43 15.36 -72.51
N LEU C 465 -6.85 15.27 -73.71
CA LEU C 465 -7.49 14.62 -74.84
C LEU C 465 -6.67 13.43 -75.32
N ARG C 466 -7.36 12.40 -75.77
CA ARG C 466 -6.73 11.22 -76.34
C ARG C 466 -7.51 10.77 -77.57
N PHE C 467 -6.78 10.42 -78.63
CA PHE C 467 -7.37 9.82 -79.82
C PHE C 467 -6.50 8.65 -80.25
N GLY C 468 -7.13 7.54 -80.59
CA GLY C 468 -6.39 6.37 -81.03
C GLY C 468 -7.28 5.41 -81.79
N LYS C 469 -6.64 4.52 -82.54
CA LYS C 469 -7.40 3.53 -83.30
C LYS C 469 -7.96 2.44 -82.42
N GLN C 470 -7.51 2.31 -81.18
CA GLN C 470 -7.99 1.29 -80.27
C GLN C 470 -8.80 1.93 -79.15
N PRO C 471 -9.73 1.18 -78.54
CA PRO C 471 -10.53 1.74 -77.44
C PRO C 471 -9.63 2.31 -76.34
N ILE C 472 -10.07 3.43 -75.79
CA ILE C 472 -9.31 4.19 -74.80
C ILE C 472 -9.80 3.77 -73.42
N GLN C 473 -9.00 2.97 -72.72
CA GLN C 473 -9.30 2.57 -71.35
C GLN C 473 -8.56 3.44 -70.34
N SER C 474 -7.92 4.52 -70.78
CA SER C 474 -7.04 5.33 -69.93
C SER C 474 -7.87 6.31 -69.11
N ALA C 475 -8.46 5.81 -68.03
CA ALA C 475 -9.24 6.65 -67.12
C ALA C 475 -8.34 7.32 -66.09
N TYR C 476 -7.34 8.03 -66.62
CA TYR C 476 -6.39 8.75 -65.79
C TYR C 476 -5.81 9.93 -66.56
N LEU C 477 -5.13 10.80 -65.84
CA LEU C 477 -4.54 11.98 -66.44
C LEU C 477 -3.38 11.62 -67.36
N ILE C 478 -3.07 12.55 -68.26
CA ILE C 478 -2.09 12.29 -69.30
C ILE C 478 -0.70 12.25 -68.70
N ASP C 479 0.02 11.16 -68.95
CA ASP C 479 1.37 10.98 -68.43
C ASP C 479 2.44 11.45 -69.42
N GLN C 480 2.39 10.94 -70.65
CA GLN C 480 3.34 11.31 -71.69
C GLN C 480 2.54 11.93 -72.85
N ALA C 481 2.68 13.23 -73.04
CA ALA C 481 1.89 13.98 -74.00
C ALA C 481 2.65 14.14 -75.31
N ASP C 482 1.96 13.91 -76.43
CA ASP C 482 2.53 14.20 -77.74
C ASP C 482 2.48 15.70 -78.05
N LEU C 483 1.49 16.41 -77.53
CA LEU C 483 1.34 17.85 -77.77
C LEU C 483 0.87 18.53 -76.49
N ILE C 484 1.47 19.68 -76.18
CA ILE C 484 1.06 20.50 -75.04
C ILE C 484 0.83 21.93 -75.51
N ALA C 485 -0.35 22.47 -75.22
CA ALA C 485 -0.74 23.81 -75.64
C ALA C 485 -0.97 24.70 -74.42
N CYS C 486 -0.42 25.91 -74.46
CA CYS C 486 -0.57 26.90 -73.42
C CYS C 486 -1.24 28.13 -74.02
N HIS C 487 -2.50 28.35 -73.66
CA HIS C 487 -3.30 29.43 -74.23
C HIS C 487 -3.19 30.74 -73.45
N ASN C 488 -2.34 30.80 -72.44
CA ASN C 488 -2.14 32.02 -71.67
C ASN C 488 -0.66 32.22 -71.41
N PRO C 489 -0.04 33.25 -71.98
CA PRO C 489 1.41 33.42 -71.80
C PRO C 489 1.81 33.67 -70.35
N SER C 490 0.87 34.11 -69.51
CA SER C 490 1.18 34.32 -68.10
C SER C 490 1.57 33.00 -67.42
N TYR C 491 1.09 31.88 -67.95
CA TYR C 491 1.43 30.58 -67.38
C TYR C 491 2.90 30.22 -67.60
N VAL C 492 3.56 30.85 -68.58
CA VAL C 492 4.96 30.55 -68.85
C VAL C 492 5.79 30.98 -67.65
N GLY C 493 6.49 30.03 -67.04
CA GLY C 493 7.26 30.29 -65.84
C GLY C 493 6.48 30.15 -64.55
N ARG C 494 5.17 29.91 -64.61
CA ARG C 494 4.34 29.75 -63.43
C ARG C 494 3.99 28.29 -63.14
N TYR C 495 3.67 27.52 -64.17
CA TYR C 495 3.34 26.10 -64.02
C TYR C 495 4.29 25.26 -64.87
N ASN C 496 4.44 24.00 -64.47
CA ASN C 496 5.29 23.04 -65.18
C ASN C 496 4.53 22.53 -66.41
N LEU C 497 4.52 23.36 -67.45
CA LEU C 497 3.73 23.05 -68.64
C LEU C 497 4.26 21.80 -69.34
N LEU C 498 5.56 21.76 -69.61
CA LEU C 498 6.20 20.70 -70.39
C LEU C 498 6.48 19.43 -69.58
N GLU C 499 5.77 19.20 -68.48
CA GLU C 499 6.03 18.02 -67.66
C GLU C 499 5.63 16.76 -68.40
N GLY C 500 6.56 15.81 -68.52
CA GLY C 500 6.25 14.52 -69.09
C GLY C 500 6.03 14.50 -70.59
N ILE C 501 6.34 15.60 -71.29
CA ILE C 501 6.17 15.62 -72.73
C ILE C 501 7.12 14.64 -73.39
N LYS C 502 6.63 13.95 -74.42
CA LYS C 502 7.44 12.94 -75.09
C LYS C 502 8.55 13.58 -75.91
N PRO C 503 9.68 12.90 -76.07
CA PRO C 503 10.75 13.42 -76.93
C PRO C 503 10.26 13.60 -78.36
N GLY C 504 10.57 14.77 -78.92
CA GLY C 504 10.09 15.14 -80.23
C GLY C 504 8.66 15.64 -80.27
N GLY C 505 8.02 15.78 -79.12
CA GLY C 505 6.64 16.23 -79.06
C GLY C 505 6.49 17.69 -79.44
N ILE C 506 5.24 18.14 -79.40
CA ILE C 506 4.87 19.48 -79.83
C ILE C 506 4.53 20.34 -78.62
N PHE C 507 5.03 21.57 -78.63
CA PHE C 507 4.67 22.59 -77.64
C PHE C 507 4.16 23.81 -78.39
N LEU C 508 2.87 24.09 -78.23
CA LEU C 508 2.23 25.23 -78.88
C LEU C 508 1.98 26.29 -77.81
N LEU C 509 2.41 27.52 -78.08
CA LEU C 509 2.30 28.62 -77.13
C LEU C 509 1.61 29.80 -77.78
N ASN C 510 0.74 30.46 -77.03
CA ASN C 510 0.12 31.73 -77.42
C ASN C 510 0.79 32.84 -76.65
N SER C 511 1.49 33.72 -77.36
CA SER C 511 2.17 34.85 -76.74
C SER C 511 2.48 35.88 -77.81
N THR C 512 2.83 37.08 -77.36
CA THR C 512 3.20 38.18 -78.23
C THR C 512 4.71 38.25 -78.49
N TRP C 513 5.47 37.27 -78.01
CA TRP C 513 6.92 37.31 -78.09
C TRP C 513 7.41 36.79 -79.45
N SER C 514 8.42 37.48 -79.99
CA SER C 514 9.07 37.06 -81.23
C SER C 514 10.10 35.97 -80.94
N ALA C 515 10.70 35.45 -82.00
CA ALA C 515 11.68 34.37 -81.84
C ALA C 515 12.89 34.83 -81.01
N GLU C 516 13.28 36.09 -81.16
CA GLU C 516 14.43 36.59 -80.40
C GLU C 516 14.07 36.81 -78.93
N GLU C 517 12.85 37.29 -78.68
CA GLU C 517 12.37 37.52 -77.33
C GLU C 517 12.22 36.25 -76.51
N MET C 518 12.24 35.07 -77.16
CA MET C 518 12.15 33.81 -76.44
C MET C 518 13.27 33.64 -75.43
N ASP C 519 14.45 34.20 -75.69
CA ASP C 519 15.58 33.99 -74.78
C ASP C 519 15.34 34.64 -73.42
N SER C 520 14.67 35.78 -73.39
CA SER C 520 14.45 36.51 -72.14
C SER C 520 13.10 36.18 -71.50
N ARG C 521 12.13 35.68 -72.26
CA ARG C 521 10.80 35.45 -71.74
C ARG C 521 10.63 34.05 -71.18
N LEU C 522 11.21 33.04 -71.85
CA LEU C 522 11.09 31.67 -71.38
C LEU C 522 12.08 31.41 -70.26
N PRO C 523 11.69 30.68 -69.22
CA PRO C 523 12.63 30.34 -68.14
C PRO C 523 13.71 29.39 -68.64
N ALA C 524 14.79 29.31 -67.85
CA ALA C 524 15.94 28.52 -68.27
C ALA C 524 15.62 27.03 -68.30
N ASP C 525 14.90 26.53 -67.29
CA ASP C 525 14.54 25.11 -67.27
C ASP C 525 13.65 24.74 -68.45
N MET C 526 12.79 25.66 -68.88
CA MET C 526 11.94 25.41 -70.04
C MET C 526 12.76 25.36 -71.32
N LYS C 527 13.75 26.24 -71.45
CA LYS C 527 14.60 26.24 -72.63
C LYS C 527 15.42 24.96 -72.73
N ARG C 528 15.83 24.38 -71.60
CA ARG C 528 16.57 23.13 -71.62
C ARG C 528 15.71 22.00 -72.17
N THR C 529 14.46 21.91 -71.70
CA THR C 529 13.57 20.83 -72.13
C THR C 529 13.24 20.94 -73.62
N ILE C 530 12.99 22.16 -74.11
CA ILE C 530 12.65 22.33 -75.53
C ILE C 530 13.77 21.83 -76.43
N ALA C 531 15.03 22.11 -76.06
CA ALA C 531 16.15 21.72 -76.91
C ALA C 531 16.47 20.24 -76.76
N THR C 532 16.59 19.77 -75.52
CA THR C 532 16.97 18.38 -75.28
C THR C 532 15.91 17.41 -75.83
N LYS C 533 14.64 17.73 -75.64
CA LYS C 533 13.58 16.89 -76.18
C LYS C 533 13.31 17.15 -77.65
N LYS C 534 13.97 18.13 -78.25
CA LYS C 534 13.83 18.44 -79.69
C LYS C 534 12.37 18.66 -80.06
N LEU C 535 11.70 19.52 -79.28
CA LEU C 535 10.29 19.77 -79.49
C LEU C 535 10.09 20.68 -80.70
N LYS C 536 8.96 20.50 -81.37
CA LYS C 536 8.53 21.40 -82.44
C LYS C 536 7.78 22.54 -81.78
N PHE C 537 8.46 23.69 -81.64
CA PHE C 537 7.92 24.83 -80.92
C PHE C 537 7.24 25.77 -81.90
N TYR C 538 5.93 25.95 -81.73
CA TYR C 538 5.14 26.88 -82.53
C TYR C 538 4.58 27.97 -81.64
N ASN C 539 4.47 29.18 -82.19
CA ASN C 539 3.95 30.33 -81.47
C ASN C 539 2.98 31.09 -82.35
N ILE C 540 2.03 31.77 -81.72
CA ILE C 540 1.06 32.59 -82.44
C ILE C 540 0.54 33.66 -81.48
N ASP C 541 0.43 34.89 -81.98
CA ASP C 541 -0.13 36.01 -81.22
C ASP C 541 -1.62 36.11 -81.52
N ALA C 542 -2.39 35.24 -80.87
CA ALA C 542 -3.82 35.20 -81.09
C ALA C 542 -4.52 36.47 -80.64
N VAL C 543 -4.00 37.13 -79.61
CA VAL C 543 -4.64 38.37 -79.14
C VAL C 543 -4.57 39.45 -80.22
N LYS C 544 -3.43 39.58 -80.89
CA LYS C 544 -3.30 40.58 -81.96
C LYS C 544 -4.27 40.29 -83.10
N ILE C 545 -4.46 39.01 -83.44
CA ILE C 545 -5.35 38.64 -84.55
C ILE C 545 -6.79 39.01 -84.21
N ALA C 546 -7.24 38.67 -83.01
CA ALA C 546 -8.62 38.96 -82.62
C ALA C 546 -8.87 40.47 -82.56
N GLN C 547 -7.85 41.25 -82.21
CA GLN C 547 -8.01 42.70 -82.19
C GLN C 547 -8.25 43.24 -83.60
N GLU C 548 -7.44 42.78 -84.56
CA GLU C 548 -7.54 43.31 -85.92
C GLU C 548 -8.84 42.88 -86.59
N ILE C 549 -9.30 41.66 -86.31
CA ILE C 549 -10.55 41.19 -86.90
C ILE C 549 -11.74 41.86 -86.24
N GLY C 550 -11.63 42.18 -84.96
CA GLY C 550 -12.73 42.74 -84.20
C GLY C 550 -13.40 41.77 -83.26
N LEU C 551 -12.79 40.63 -82.99
CA LEU C 551 -13.31 39.64 -82.04
C LEU C 551 -12.92 39.93 -80.60
N GLY C 552 -12.32 41.09 -80.33
CA GLY C 552 -11.87 41.40 -78.99
C GLY C 552 -10.64 40.63 -78.58
N SER C 553 -10.76 39.82 -77.52
CA SER C 553 -9.66 38.97 -77.06
C SER C 553 -10.00 37.48 -77.13
N ARG C 554 -11.11 37.12 -77.77
CA ARG C 554 -11.50 35.72 -77.90
C ARG C 554 -10.50 34.99 -78.79
N ILE C 555 -9.85 33.96 -78.25
CA ILE C 555 -8.83 33.20 -78.95
C ILE C 555 -9.21 31.73 -79.11
N ASN C 556 -10.45 31.37 -78.82
CA ASN C 556 -10.85 29.97 -78.85
C ASN C 556 -10.75 29.39 -80.27
N VAL C 557 -11.30 30.10 -81.25
CA VAL C 557 -11.23 29.64 -82.63
C VAL C 557 -9.78 29.65 -83.12
N ILE C 558 -9.01 30.64 -82.71
CA ILE C 558 -7.63 30.77 -83.17
C ILE C 558 -6.78 29.62 -82.64
N MET C 559 -6.87 29.35 -81.33
CA MET C 559 -6.03 28.30 -80.75
C MET C 559 -6.47 26.91 -81.18
N GLN C 560 -7.77 26.72 -81.41
CA GLN C 560 -8.24 25.45 -81.95
C GLN C 560 -7.73 25.24 -83.37
N THR C 561 -7.73 26.30 -84.19
CA THR C 561 -7.21 26.20 -85.54
C THR C 561 -5.72 25.89 -85.54
N ALA C 562 -4.96 26.54 -84.65
CA ALA C 562 -3.54 26.27 -84.56
C ALA C 562 -3.26 24.83 -84.16
N PHE C 563 -4.13 24.23 -83.35
CA PHE C 563 -3.93 22.87 -82.91
C PHE C 563 -4.00 21.88 -84.08
N PHE C 564 -5.10 21.91 -84.83
CA PHE C 564 -5.27 20.98 -85.94
C PHE C 564 -4.18 21.17 -86.99
N LYS C 565 -3.66 22.39 -87.12
CA LYS C 565 -2.63 22.66 -88.11
C LYS C 565 -1.34 21.94 -87.77
N ILE C 566 -1.02 21.78 -86.49
CA ILE C 566 0.23 21.17 -86.08
C ILE C 566 0.06 19.79 -85.46
N ALA C 567 -1.13 19.46 -84.95
CA ALA C 567 -1.29 18.15 -84.33
C ALA C 567 -1.21 17.04 -85.37
N ASN C 568 -1.69 17.34 -86.58
CA ASN C 568 -1.68 16.37 -87.69
C ASN C 568 -2.41 15.09 -87.32
N VAL C 569 -3.52 15.25 -86.60
CA VAL C 569 -4.39 14.12 -86.27
C VAL C 569 -5.31 13.79 -87.44
N ILE C 570 -5.78 14.81 -88.15
CA ILE C 570 -6.50 14.60 -89.41
C ILE C 570 -5.88 15.53 -90.44
N PRO C 571 -6.14 15.29 -91.72
CA PRO C 571 -5.67 16.23 -92.75
C PRO C 571 -6.12 17.65 -92.45
N VAL C 572 -5.18 18.59 -92.53
CA VAL C 572 -5.45 19.98 -92.18
C VAL C 572 -6.57 20.54 -93.06
N ASP C 573 -6.62 20.11 -94.32
CA ASP C 573 -7.68 20.57 -95.21
C ASP C 573 -9.05 20.11 -94.73
N GLU C 574 -9.14 18.87 -94.24
CA GLU C 574 -10.41 18.38 -93.71
C GLU C 574 -10.79 19.08 -92.41
N ALA C 575 -9.80 19.37 -91.56
CA ALA C 575 -10.09 19.99 -90.27
C ALA C 575 -10.68 21.39 -90.46
N ILE C 576 -10.15 22.16 -91.41
CA ILE C 576 -10.66 23.51 -91.64
C ILE C 576 -12.12 23.46 -92.07
N LYS C 577 -12.49 22.47 -92.87
CA LYS C 577 -13.88 22.33 -93.28
C LYS C 577 -14.78 22.08 -92.07
N TYR C 578 -14.37 21.16 -91.19
CA TYR C 578 -15.17 20.85 -90.01
C TYR C 578 -15.22 22.01 -89.03
N ILE C 579 -14.15 22.80 -88.92
CA ILE C 579 -14.17 23.95 -88.04
C ILE C 579 -15.14 25.00 -88.53
N LYS C 580 -15.06 25.36 -89.82
CA LYS C 580 -15.97 26.36 -90.36
C LYS C 580 -17.42 25.87 -90.32
N ASP C 581 -17.64 24.57 -90.49
CA ASP C 581 -18.98 24.04 -90.33
C ASP C 581 -19.45 24.21 -88.89
N SER C 582 -18.55 24.03 -87.93
CA SER C 582 -18.88 24.24 -86.52
C SER C 582 -19.09 25.73 -86.21
N ILE C 583 -18.42 26.61 -86.95
CA ILE C 583 -18.63 28.05 -86.75
C ILE C 583 -20.02 28.46 -87.21
N VAL C 584 -20.50 27.88 -88.32
CA VAL C 584 -21.85 28.20 -88.81
C VAL C 584 -22.90 27.80 -87.79
N LYS C 585 -22.72 26.64 -87.16
CA LYS C 585 -23.67 26.19 -86.14
C LYS C 585 -23.58 27.05 -84.89
N THR C 586 -22.41 27.61 -84.60
CA THR C 586 -22.22 28.42 -83.40
C THR C 586 -22.53 29.90 -83.64
N TYR C 587 -22.06 30.45 -84.76
CA TYR C 587 -22.21 31.87 -85.07
C TYR C 587 -23.17 32.10 -86.23
N GLY C 588 -24.24 31.33 -86.30
CA GLY C 588 -25.23 31.49 -87.37
C GLY C 588 -26.29 32.51 -87.05
N LYS C 589 -26.76 32.53 -85.79
CA LYS C 589 -27.75 33.50 -85.36
C LYS C 589 -27.14 34.84 -84.99
N LYS C 590 -25.83 34.91 -84.78
CA LYS C 590 -25.19 36.17 -84.41
C LYS C 590 -25.22 37.19 -85.52
N GLY C 591 -25.38 36.76 -86.77
CA GLY C 591 -25.41 37.68 -87.89
C GLY C 591 -24.32 37.43 -88.91
N ASP C 592 -24.56 37.80 -90.17
CA ASP C 592 -23.56 37.58 -91.21
C ASP C 592 -22.30 38.39 -90.98
N LYS C 593 -22.40 39.52 -90.29
CA LYS C 593 -21.22 40.31 -89.96
C LYS C 593 -20.33 39.59 -88.97
N ILE C 594 -20.93 38.96 -87.96
CA ILE C 594 -20.15 38.21 -86.97
C ILE C 594 -19.65 36.89 -87.55
N LEU C 595 -20.39 36.32 -88.51
CA LEU C 595 -20.00 35.03 -89.08
C LEU C 595 -18.68 35.12 -89.83
N ASN C 596 -18.53 36.14 -90.69
CA ASN C 596 -17.31 36.26 -91.49
C ASN C 596 -16.08 36.59 -90.64
N MET C 597 -16.27 37.15 -89.45
CA MET C 597 -15.13 37.40 -88.57
C MET C 597 -14.52 36.09 -88.09
N ASN C 598 -15.36 35.12 -87.70
CA ASN C 598 -14.83 33.85 -87.23
C ASN C 598 -14.23 33.04 -88.39
N PHE C 599 -14.74 33.21 -89.60
CA PHE C 599 -14.08 32.61 -90.76
C PHE C 599 -12.70 33.21 -90.95
N ALA C 600 -12.57 34.53 -90.78
CA ALA C 600 -11.27 35.17 -90.91
C ALA C 600 -10.33 34.75 -89.79
N ALA C 601 -10.87 34.45 -88.61
CA ALA C 601 -10.02 33.97 -87.51
C ALA C 601 -9.33 32.68 -87.89
N VAL C 602 -10.05 31.75 -88.53
CA VAL C 602 -9.45 30.49 -88.97
C VAL C 602 -8.37 30.77 -90.01
N ASP C 603 -8.69 31.57 -91.03
CA ASP C 603 -7.78 31.79 -92.15
C ASP C 603 -6.52 32.50 -91.70
N ARG C 604 -6.66 33.54 -90.88
CA ARG C 604 -5.48 34.30 -90.44
C ARG C 604 -4.63 33.49 -89.46
N ALA C 605 -5.24 32.58 -88.70
CA ALA C 605 -4.46 31.79 -87.75
C ALA C 605 -3.50 30.85 -88.45
N LEU C 606 -3.93 30.26 -89.57
CA LEU C 606 -3.07 29.32 -90.30
C LEU C 606 -1.81 30.01 -90.80
N GLU C 607 -1.93 31.24 -91.28
CA GLU C 607 -0.78 31.97 -91.81
C GLU C 607 0.03 32.65 -90.71
N ALA C 608 -0.57 32.90 -89.55
CA ALA C 608 0.11 33.59 -88.46
C ALA C 608 0.86 32.63 -87.56
N LEU C 609 0.54 31.34 -87.59
CA LEU C 609 1.26 30.36 -86.81
C LEU C 609 2.66 30.20 -87.39
N GLU C 610 3.67 30.57 -86.61
CA GLU C 610 5.06 30.52 -87.06
C GLU C 610 5.84 29.58 -86.16
N GLU C 611 6.55 28.63 -86.79
CA GLU C 611 7.41 27.73 -86.05
C GLU C 611 8.66 28.47 -85.62
N ILE C 612 9.05 28.28 -84.36
CA ILE C 612 10.20 28.96 -83.79
C ILE C 612 11.39 28.02 -83.90
N LYS C 613 12.35 28.40 -84.74
CA LYS C 613 13.60 27.65 -84.89
C LYS C 613 14.56 28.17 -83.82
N TYR C 614 14.68 27.44 -82.75
CA TYR C 614 15.44 27.81 -81.56
C TYR C 614 16.87 27.28 -81.65
N PRO C 615 17.82 28.01 -81.08
CA PRO C 615 19.21 27.54 -81.10
C PRO C 615 19.38 26.31 -80.23
N ALA C 616 20.29 25.43 -80.67
CA ALA C 616 20.60 24.23 -79.89
C ALA C 616 21.24 24.55 -78.56
N SER C 617 21.81 25.75 -78.41
CA SER C 617 22.44 26.17 -77.18
C SER C 617 21.45 26.37 -76.03
N TRP C 618 20.14 26.27 -76.29
CA TRP C 618 19.17 26.35 -75.20
C TRP C 618 19.35 25.22 -74.20
N ALA C 619 19.90 24.08 -74.63
CA ALA C 619 20.12 22.97 -73.72
C ALA C 619 21.14 23.32 -72.65
N ASP C 620 22.04 24.27 -72.93
CA ASP C 620 23.07 24.68 -71.98
C ASP C 620 22.66 25.89 -71.14
N ALA C 621 21.46 26.44 -71.34
CA ALA C 621 21.02 27.58 -70.55
C ALA C 621 20.94 27.21 -69.07
N VAL C 622 21.28 28.17 -68.21
CA VAL C 622 21.34 27.95 -66.77
C VAL C 622 20.36 28.88 -66.08
N ASP C 623 19.79 28.40 -64.98
CA ASP C 623 18.86 29.20 -64.19
C ASP C 623 19.53 30.44 -63.60
N GLU C 632 7.74 34.20 -45.03
CA GLU C 632 6.34 33.80 -45.03
C GLU C 632 6.05 32.73 -43.98
N PRO C 633 4.81 32.70 -43.49
CA PRO C 633 4.44 31.71 -42.47
C PRO C 633 4.63 30.27 -42.95
N GLU C 634 4.78 29.36 -41.99
CA GLU C 634 5.01 27.96 -42.31
C GLU C 634 3.86 27.38 -43.13
N PHE C 635 2.63 27.76 -42.82
CA PHE C 635 1.48 27.26 -43.57
C PHE C 635 1.55 27.69 -45.03
N ILE C 636 1.88 28.96 -45.27
CA ILE C 636 2.03 29.44 -46.64
C ILE C 636 3.14 28.67 -47.35
N GLN C 637 4.21 28.37 -46.63
CA GLN C 637 5.35 27.70 -47.24
C GLN C 637 5.02 26.26 -47.63
N LYS C 638 4.32 25.54 -46.76
CA LYS C 638 4.08 24.11 -46.98
C LYS C 638 2.78 23.81 -47.69
N VAL C 639 1.79 24.71 -47.64
CA VAL C 639 0.47 24.36 -48.13
C VAL C 639 -0.01 25.28 -49.27
N LEU C 640 -0.12 26.57 -49.00
CA LEU C 640 -0.74 27.48 -49.96
C LEU C 640 0.09 27.55 -51.24
N ARG C 641 1.40 27.76 -51.11
CA ARG C 641 2.25 27.82 -52.29
C ARG C 641 2.30 26.52 -53.08
N PRO C 642 2.53 25.34 -52.46
CA PRO C 642 2.55 24.11 -53.27
C PRO C 642 1.22 23.79 -53.95
N ILE C 643 0.09 24.10 -53.31
CA ILE C 643 -1.19 23.82 -53.93
C ILE C 643 -1.43 24.71 -55.14
N ASN C 644 -1.17 26.00 -55.01
CA ASN C 644 -1.35 26.91 -56.13
C ASN C 644 -0.38 26.63 -57.27
N ALA C 645 0.77 26.02 -56.98
CA ALA C 645 1.71 25.60 -58.01
C ALA C 645 1.35 24.27 -58.66
N LEU C 646 0.14 23.76 -58.40
CA LEU C 646 -0.35 22.50 -58.96
C LEU C 646 0.52 21.31 -58.55
N LYS C 647 1.04 21.36 -57.32
CA LYS C 647 1.84 20.28 -56.76
C LYS C 647 1.27 19.78 -55.43
N GLY C 648 -0.02 20.03 -55.19
CA GLY C 648 -0.61 19.64 -53.91
C GLY C 648 -0.66 18.14 -53.70
N ASP C 649 -0.68 17.36 -54.78
CA ASP C 649 -0.70 15.91 -54.65
C ASP C 649 0.60 15.38 -54.02
N GLU C 650 1.68 16.14 -54.08
CA GLU C 650 2.95 15.73 -53.50
C GLU C 650 3.00 15.93 -51.99
N LEU C 651 2.03 16.62 -51.41
CA LEU C 651 2.04 16.87 -49.98
C LEU C 651 1.69 15.58 -49.24
N PRO C 652 2.50 15.15 -48.28
CA PRO C 652 2.19 13.92 -47.53
C PRO C 652 1.10 14.17 -46.49
N VAL C 653 0.69 13.06 -45.84
CA VAL C 653 -0.41 13.11 -44.87
C VAL C 653 -0.05 13.96 -43.66
N SER C 654 1.21 13.97 -43.23
CA SER C 654 1.61 14.73 -42.06
C SER C 654 1.49 16.23 -42.24
N THR C 655 1.12 16.71 -43.44
CA THR C 655 0.98 18.14 -43.68
C THR C 655 -0.31 18.71 -43.09
N PHE C 656 -1.36 17.90 -42.97
CA PHE C 656 -2.71 18.38 -42.75
C PHE C 656 -3.19 18.08 -41.34
N THR C 657 -4.11 18.92 -40.86
CA THR C 657 -4.75 18.71 -39.58
C THR C 657 -5.69 17.50 -39.68
N PRO C 658 -5.92 16.80 -38.58
CA PRO C 658 -6.81 15.63 -38.63
C PRO C 658 -8.29 15.98 -38.69
N ASP C 659 -8.64 17.25 -38.51
CA ASP C 659 -10.05 17.66 -38.46
C ASP C 659 -10.40 18.73 -39.50
N GLY C 660 -9.51 19.00 -40.46
CA GLY C 660 -9.84 19.95 -41.50
C GLY C 660 -9.95 21.39 -41.04
N VAL C 661 -9.18 21.81 -40.04
CA VAL C 661 -9.18 23.18 -39.56
C VAL C 661 -8.04 23.93 -40.24
N PHE C 662 -8.36 25.11 -40.78
CA PHE C 662 -7.42 25.92 -41.54
C PHE C 662 -7.31 27.31 -40.94
N PRO C 663 -6.18 28.00 -41.13
CA PRO C 663 -6.05 29.37 -40.64
C PRO C 663 -6.90 30.33 -41.46
N VAL C 664 -7.09 31.53 -40.92
CA VAL C 664 -7.84 32.58 -41.58
C VAL C 664 -6.88 33.61 -42.18
N GLY C 665 -7.41 34.43 -43.07
CA GLY C 665 -6.64 35.50 -43.68
C GLY C 665 -5.48 35.02 -44.52
N THR C 666 -5.72 34.09 -45.43
CA THR C 666 -4.69 33.55 -46.30
C THR C 666 -4.83 33.95 -47.76
N THR C 667 -5.95 34.55 -48.16
CA THR C 667 -6.12 34.95 -49.56
C THR C 667 -5.24 36.14 -49.93
N LYS C 668 -4.77 36.91 -48.95
CA LYS C 668 -3.88 38.02 -49.27
C LYS C 668 -2.53 37.57 -49.80
N TYR C 669 -2.21 36.29 -49.67
CA TYR C 669 -0.97 35.72 -50.19
C TYR C 669 -1.12 35.22 -51.62
N GLU C 670 -2.31 35.29 -52.19
CA GLU C 670 -2.52 34.77 -53.54
C GLU C 670 -1.92 35.70 -54.59
N LYS C 671 -2.37 36.96 -54.62
CA LYS C 671 -1.90 37.95 -55.58
C LYS C 671 -1.97 37.39 -57.01
N ARG C 672 -3.19 37.04 -57.40
CA ARG C 672 -3.39 36.35 -58.67
C ARG C 672 -3.06 37.26 -59.85
N GLY C 673 -3.43 38.54 -59.75
CA GLY C 673 -3.17 39.51 -60.81
C GLY C 673 -3.84 39.14 -62.11
N ILE C 674 -5.16 38.91 -62.05
CA ILE C 674 -5.92 38.42 -63.20
C ILE C 674 -6.69 39.54 -63.91
N ALA C 675 -6.59 40.77 -63.42
CA ALA C 675 -7.40 41.84 -63.98
C ALA C 675 -6.86 42.28 -65.33
N VAL C 676 -7.78 42.58 -66.25
CA VAL C 676 -7.36 43.18 -67.51
C VAL C 676 -7.21 44.69 -67.35
N ASN C 677 -8.12 45.32 -66.61
CA ASN C 677 -8.06 46.74 -66.29
C ASN C 677 -8.26 46.91 -64.79
N ILE C 678 -7.65 47.95 -64.24
CA ILE C 678 -7.79 48.29 -62.82
C ILE C 678 -8.18 49.75 -62.68
N PRO C 679 -8.96 50.11 -61.67
CA PRO C 679 -9.38 51.50 -61.50
C PRO C 679 -8.21 52.38 -61.08
N GLN C 680 -8.10 53.54 -61.74
CA GLN C 680 -7.12 54.56 -61.37
C GLN C 680 -7.85 55.70 -60.70
N TRP C 681 -7.35 56.14 -59.55
CA TRP C 681 -8.02 57.12 -58.72
C TRP C 681 -7.63 58.53 -59.18
N GLN C 682 -8.64 59.39 -59.37
CA GLN C 682 -8.43 60.78 -59.75
C GLN C 682 -8.64 61.65 -58.51
N PRO C 683 -7.58 62.09 -57.84
CA PRO C 683 -7.76 62.79 -56.55
C PRO C 683 -8.56 64.07 -56.66
N GLU C 684 -8.54 64.75 -57.82
CA GLU C 684 -9.23 66.02 -57.94
C GLU C 684 -10.74 65.86 -58.09
N ASN C 685 -11.22 64.72 -58.56
CA ASN C 685 -12.64 64.48 -58.75
C ASN C 685 -13.30 63.77 -57.58
N CYS C 686 -12.53 63.35 -56.58
CA CYS C 686 -13.02 62.51 -55.50
C CYS C 686 -13.65 63.37 -54.42
N ILE C 687 -14.86 63.02 -54.01
CA ILE C 687 -15.56 63.69 -52.92
C ILE C 687 -15.41 62.96 -51.59
N GLN C 688 -14.65 61.87 -51.55
CA GLN C 688 -14.39 61.10 -50.33
C GLN C 688 -15.68 60.55 -49.72
N CYS C 689 -16.36 59.71 -50.50
CA CYS C 689 -17.61 59.10 -50.07
C CYS C 689 -17.48 57.61 -49.78
N ASN C 690 -16.40 56.97 -50.22
CA ASN C 690 -16.08 55.58 -49.91
C ASN C 690 -17.09 54.58 -50.48
N GLN C 691 -17.91 55.00 -51.44
CA GLN C 691 -18.82 54.06 -52.08
C GLN C 691 -18.10 53.02 -52.93
N CYS C 692 -16.92 53.37 -53.48
CA CYS C 692 -16.16 52.40 -54.24
C CYS C 692 -15.66 51.27 -53.35
N SER C 693 -15.23 51.59 -52.12
CA SER C 693 -14.80 50.57 -51.20
C SER C 693 -15.96 49.71 -50.72
N LEU C 694 -17.17 50.26 -50.71
CA LEU C 694 -18.34 49.53 -50.22
C LEU C 694 -18.77 48.44 -51.20
N VAL C 695 -18.74 48.73 -52.50
CA VAL C 695 -19.32 47.83 -53.49
C VAL C 695 -18.32 46.82 -54.05
N CYS C 696 -17.06 46.91 -53.66
CA CYS C 696 -16.05 46.01 -54.21
C CYS C 696 -16.31 44.59 -53.72
N PRO C 697 -16.59 43.64 -54.61
CA PRO C 697 -16.83 42.25 -54.17
C PRO C 697 -15.58 41.51 -53.71
N HIS C 698 -14.41 42.15 -53.75
CA HIS C 698 -13.16 41.48 -53.36
C HIS C 698 -12.33 42.32 -52.40
N ALA C 699 -12.84 43.45 -51.93
CA ALA C 699 -12.10 44.34 -51.03
C ALA C 699 -10.75 44.76 -51.62
N ALA C 700 -10.72 44.97 -52.93
CA ALA C 700 -9.50 45.33 -53.64
C ALA C 700 -9.28 46.84 -53.72
N ILE C 701 -10.27 47.64 -53.31
CA ILE C 701 -10.16 49.11 -53.33
C ILE C 701 -10.71 49.65 -52.01
N ARG C 702 -9.91 50.45 -51.31
CA ARG C 702 -10.24 50.92 -49.97
C ARG C 702 -9.73 52.35 -49.79
N PRO C 703 -10.33 53.11 -48.89
CA PRO C 703 -9.76 54.40 -48.50
C PRO C 703 -8.77 54.26 -47.34
N TYR C 704 -7.73 55.10 -47.38
CA TYR C 704 -6.68 55.09 -46.37
C TYR C 704 -6.47 56.48 -45.82
N LEU C 705 -6.50 56.60 -44.50
CA LEU C 705 -6.19 57.86 -43.80
C LEU C 705 -4.85 57.72 -43.09
N ALA C 706 -4.15 58.85 -42.99
CA ALA C 706 -2.83 58.88 -42.36
C ALA C 706 -2.49 60.32 -42.02
N LYS C 707 -1.83 60.50 -40.88
CA LYS C 707 -1.28 61.82 -40.58
C LYS C 707 -0.20 62.16 -41.60
N PRO C 708 -0.05 63.44 -41.96
CA PRO C 708 0.96 63.81 -42.97
C PRO C 708 2.38 63.41 -42.59
N ALA C 709 2.67 63.22 -41.30
CA ALA C 709 3.99 62.79 -40.89
C ALA C 709 4.28 61.36 -41.32
N ASP C 710 3.25 60.50 -41.39
CA ASP C 710 3.42 59.11 -41.77
C ASP C 710 3.62 58.91 -43.28
N LEU C 711 3.47 59.96 -44.10
CA LEU C 711 3.68 59.87 -45.53
C LEU C 711 5.10 60.25 -45.94
N ALA C 712 6.08 60.08 -45.06
CA ALA C 712 7.44 60.52 -45.34
C ALA C 712 8.07 59.70 -46.45
N GLY C 713 8.22 58.40 -46.23
CA GLY C 713 8.84 57.52 -47.22
C GLY C 713 7.85 57.05 -48.27
N ALA C 714 6.77 57.80 -48.45
CA ALA C 714 5.76 57.41 -49.42
C ALA C 714 6.33 57.55 -50.83
N PRO C 715 5.97 56.66 -51.75
CA PRO C 715 6.43 56.82 -53.14
C PRO C 715 5.84 58.10 -53.74
N GLU C 716 6.48 58.55 -54.81
CA GLU C 716 6.06 59.81 -55.45
C GLU C 716 4.67 59.71 -56.06
N THR C 717 4.24 58.51 -56.43
CA THR C 717 2.92 58.32 -57.02
C THR C 717 1.81 58.17 -55.99
N PHE C 718 2.15 58.12 -54.70
CA PHE C 718 1.15 58.00 -53.63
C PHE C 718 0.54 59.37 -53.32
N VAL C 719 -0.13 59.93 -54.33
CA VAL C 719 -0.72 61.25 -54.22
C VAL C 719 -1.95 61.20 -53.33
N THR C 720 -2.01 62.11 -52.36
CA THR C 720 -3.11 62.16 -51.39
C THR C 720 -3.83 63.50 -51.49
N LYS C 721 -4.96 63.59 -50.77
CA LYS C 721 -5.76 64.79 -50.71
C LYS C 721 -6.20 64.99 -49.25
N ASP C 722 -6.55 66.23 -48.92
CA ASP C 722 -7.00 66.55 -47.57
C ASP C 722 -8.31 65.84 -47.25
N ALA C 723 -8.42 65.35 -46.01
CA ALA C 723 -9.57 64.56 -45.60
C ALA C 723 -10.74 65.45 -45.23
N ILE C 724 -11.92 65.15 -45.76
CA ILE C 724 -13.14 65.89 -45.47
C ILE C 724 -13.77 65.35 -44.19
N GLY C 725 -14.20 66.26 -43.33
CA GLY C 725 -14.88 65.87 -42.11
C GLY C 725 -14.17 66.31 -40.85
N LYS C 726 -14.96 66.69 -39.83
CA LYS C 726 -14.38 67.13 -38.57
C LYS C 726 -13.70 66.00 -37.81
N GLU C 727 -14.07 64.75 -38.08
CA GLU C 727 -13.44 63.63 -37.38
C GLU C 727 -12.01 63.41 -37.87
N ALA C 728 -11.78 63.61 -39.17
CA ALA C 728 -10.48 63.38 -39.79
C ALA C 728 -9.73 64.67 -40.07
N ALA C 729 -9.87 65.68 -39.22
CA ALA C 729 -9.17 66.93 -39.42
C ALA C 729 -7.66 66.71 -39.29
N GLY C 730 -6.90 67.31 -40.20
CA GLY C 730 -5.46 67.19 -40.18
C GLY C 730 -4.92 65.90 -40.75
N LEU C 731 -5.75 65.09 -41.42
CA LEU C 731 -5.32 63.83 -42.01
C LEU C 731 -5.39 63.91 -43.52
N LYS C 732 -4.68 63.00 -44.17
CA LYS C 732 -4.70 62.87 -45.62
C LYS C 732 -5.58 61.69 -46.02
N PHE C 733 -6.17 61.79 -47.21
CA PHE C 733 -7.09 60.77 -47.71
C PHE C 733 -6.62 60.32 -49.08
N ARG C 734 -6.78 59.03 -49.35
CA ARG C 734 -6.46 58.47 -50.67
C ARG C 734 -7.24 57.19 -50.86
N ILE C 735 -7.80 57.01 -52.05
CA ILE C 735 -8.44 55.76 -52.44
C ILE C 735 -7.39 54.95 -53.19
N GLN C 736 -6.97 53.83 -52.62
CA GLN C 736 -5.93 52.98 -53.18
C GLN C 736 -6.48 51.61 -53.53
N VAL C 737 -6.09 51.10 -54.70
CA VAL C 737 -6.55 49.81 -55.20
C VAL C 737 -5.43 48.78 -55.09
N SER C 738 -5.81 47.52 -54.85
CA SER C 738 -4.85 46.42 -54.86
C SER C 738 -4.86 45.80 -56.25
N PRO C 739 -3.84 46.06 -57.07
CA PRO C 739 -3.86 45.57 -58.46
C PRO C 739 -3.81 44.06 -58.58
N LEU C 740 -3.03 43.38 -57.74
CA LEU C 740 -2.89 41.93 -57.87
C LEU C 740 -4.09 41.17 -57.34
N ASP C 741 -4.95 41.83 -56.54
CA ASP C 741 -6.14 41.21 -56.02
C ASP C 741 -7.42 41.69 -56.69
N CYS C 742 -7.36 42.80 -57.40
CA CYS C 742 -8.52 43.29 -58.15
C CYS C 742 -8.85 42.32 -59.29
N THR C 743 -10.14 42.25 -59.61
CA THR C 743 -10.64 41.38 -60.67
C THR C 743 -10.97 42.13 -61.96
N GLY C 744 -10.92 43.46 -61.96
CA GLY C 744 -11.25 44.22 -63.14
C GLY C 744 -12.73 44.29 -63.46
N CYS C 745 -13.58 44.07 -62.46
CA CYS C 745 -15.02 44.03 -62.70
C CYS C 745 -15.56 45.40 -63.12
N GLY C 746 -15.07 46.46 -62.50
CA GLY C 746 -15.49 47.81 -62.86
C GLY C 746 -16.69 48.35 -62.10
N ASN C 747 -17.11 47.71 -61.01
CA ASN C 747 -18.22 48.22 -60.23
C ASN C 747 -17.86 49.53 -59.51
N CYS C 748 -16.62 49.65 -59.03
CA CYS C 748 -16.24 50.85 -58.28
C CYS C 748 -16.27 52.09 -59.16
N ALA C 749 -15.88 51.96 -60.42
CA ALA C 749 -15.94 53.09 -61.35
C ALA C 749 -17.38 53.45 -61.72
N ASP C 750 -18.28 52.48 -61.75
CA ASP C 750 -19.67 52.76 -62.12
C ASP C 750 -20.45 53.41 -60.99
N VAL C 751 -20.12 53.08 -59.74
CA VAL C 751 -20.88 53.60 -58.60
C VAL C 751 -20.43 55.00 -58.18
N CYS C 752 -19.22 55.42 -58.59
CA CYS C 752 -18.66 56.72 -58.24
C CYS C 752 -19.62 57.84 -58.65
N PRO C 753 -20.22 58.54 -57.69
CA PRO C 753 -21.27 59.52 -58.02
C PRO C 753 -20.76 60.92 -58.29
N ALA C 754 -19.45 61.13 -58.38
CA ALA C 754 -18.93 62.47 -58.63
C ALA C 754 -19.36 62.96 -60.00
N LYS C 755 -19.34 64.28 -60.18
CA LYS C 755 -19.67 64.87 -61.48
C LYS C 755 -18.78 64.31 -62.57
N VAL C 756 -17.46 64.46 -62.41
CA VAL C 756 -16.47 63.82 -63.26
C VAL C 756 -15.99 62.56 -62.56
N LYS C 757 -15.92 61.45 -63.29
CA LYS C 757 -15.57 60.16 -62.71
C LYS C 757 -14.20 60.22 -62.04
N ALA C 758 -14.15 59.86 -60.76
CA ALA C 758 -12.91 59.80 -60.01
C ALA C 758 -12.18 58.48 -60.15
N LEU C 759 -12.75 57.52 -60.88
CA LEU C 759 -12.13 56.23 -61.17
C LEU C 759 -12.27 55.93 -62.65
N THR C 760 -11.13 55.64 -63.30
CA THR C 760 -11.11 55.29 -64.72
C THR C 760 -10.34 54.00 -64.90
N MET C 761 -10.88 53.09 -65.73
CA MET C 761 -10.27 51.79 -65.95
C MET C 761 -9.09 51.90 -66.92
N VAL C 762 -7.89 51.61 -66.42
CA VAL C 762 -6.68 51.65 -67.22
C VAL C 762 -6.10 50.24 -67.26
N PRO C 763 -5.37 49.87 -68.30
CA PRO C 763 -4.82 48.50 -68.37
C PRO C 763 -3.89 48.21 -67.21
N LEU C 764 -3.95 46.97 -66.72
CA LEU C 764 -3.14 46.57 -65.57
C LEU C 764 -1.66 46.66 -65.89
N GLU C 765 -1.26 46.15 -67.06
CA GLU C 765 0.15 46.07 -67.42
C GLU C 765 0.83 47.43 -67.42
N GLU C 766 0.07 48.50 -67.68
CA GLU C 766 0.67 49.83 -67.77
C GLU C 766 0.99 50.40 -66.39
N VAL C 767 0.20 50.08 -65.38
CA VAL C 767 0.34 50.65 -64.05
C VAL C 767 0.64 49.60 -62.99
N THR C 768 0.95 48.37 -63.40
CA THR C 768 1.14 47.30 -62.43
C THR C 768 2.37 47.55 -61.56
N ALA C 769 3.48 47.98 -62.16
CA ALA C 769 4.67 48.26 -61.37
C ALA C 769 4.44 49.43 -60.43
N VAL C 770 3.71 50.46 -60.89
CA VAL C 770 3.49 51.64 -60.08
C VAL C 770 2.54 51.33 -58.92
N GLU C 771 1.37 50.76 -59.23
CA GLU C 771 0.37 50.54 -58.19
C GLU C 771 0.79 49.47 -57.18
N GLU C 772 1.69 48.56 -57.55
CA GLU C 772 2.18 47.58 -56.58
C GLU C 772 2.95 48.25 -55.46
N ALA C 773 3.84 49.18 -55.80
CA ALA C 773 4.56 49.94 -54.77
C ALA C 773 3.61 50.83 -53.97
N ASN C 774 2.54 51.32 -54.59
CA ASN C 774 1.55 52.11 -53.88
C ASN C 774 0.79 51.26 -52.86
N TYR C 775 0.32 50.09 -53.28
CA TYR C 775 -0.43 49.23 -52.38
C TYR C 775 0.46 48.71 -51.25
N ASN C 776 1.71 48.37 -51.57
CA ASN C 776 2.63 47.88 -50.53
C ASN C 776 2.86 48.95 -49.47
N PHE C 777 2.77 50.23 -49.86
CA PHE C 777 2.87 51.30 -48.88
C PHE C 777 1.55 51.52 -48.15
N ALA C 778 0.42 51.40 -48.85
CA ALA C 778 -0.87 51.62 -48.22
C ALA C 778 -1.16 50.56 -47.16
N GLU C 779 -0.75 49.32 -47.39
CA GLU C 779 -0.98 48.25 -46.43
C GLU C 779 -0.13 48.42 -45.18
N GLN C 780 1.03 49.06 -45.31
CA GLN C 780 1.93 49.29 -44.20
C GLN C 780 1.61 50.56 -43.43
N LEU C 781 0.51 51.24 -43.76
CA LEU C 781 0.15 52.45 -43.04
C LEU C 781 -0.24 52.12 -41.60
N PRO C 782 0.14 52.95 -40.63
CA PRO C 782 -0.21 52.67 -39.24
C PRO C 782 -1.70 52.83 -39.01
N GLU C 783 -2.17 52.23 -37.93
CA GLU C 783 -3.57 52.32 -37.57
C GLU C 783 -3.90 53.75 -37.16
N VAL C 784 -5.10 54.19 -37.53
CA VAL C 784 -5.56 55.55 -37.24
C VAL C 784 -6.86 55.47 -36.44
N LYS C 785 -6.83 55.94 -35.21
CA LYS C 785 -8.02 55.99 -34.37
C LYS C 785 -8.88 57.16 -34.86
N VAL C 786 -10.07 56.85 -35.37
CA VAL C 786 -10.96 57.86 -35.92
C VAL C 786 -12.38 57.62 -35.40
N ASN C 787 -13.10 58.72 -35.17
CA ASN C 787 -14.44 58.69 -34.58
C ASN C 787 -15.55 58.79 -35.62
N PHE C 788 -15.32 58.32 -36.84
CA PHE C 788 -16.38 58.31 -37.84
C PHE C 788 -17.48 57.35 -37.43
N ASN C 789 -18.72 57.75 -37.67
CA ASN C 789 -19.89 56.94 -37.30
C ASN C 789 -19.95 55.69 -38.19
N PRO C 790 -19.86 54.49 -37.62
CA PRO C 790 -19.97 53.27 -38.45
C PRO C 790 -21.34 53.05 -39.05
N ALA C 791 -22.38 53.77 -38.60
CA ALA C 791 -23.72 53.61 -39.14
C ALA C 791 -23.91 54.27 -40.50
N THR C 792 -22.96 55.08 -40.95
CA THR C 792 -23.03 55.69 -42.27
C THR C 792 -22.18 54.91 -43.26
N VAL C 793 -22.42 55.16 -44.54
CA VAL C 793 -21.67 54.48 -45.58
C VAL C 793 -20.20 54.88 -45.54
N LYS C 794 -19.93 56.19 -45.43
CA LYS C 794 -18.56 56.68 -45.40
C LYS C 794 -17.82 56.18 -44.16
N GLY C 795 -18.46 56.23 -43.00
CA GLY C 795 -17.79 55.84 -41.77
C GLY C 795 -17.51 54.35 -41.67
N SER C 796 -18.40 53.52 -42.22
CA SER C 796 -18.20 52.08 -42.12
C SER C 796 -17.02 51.61 -42.95
N GLN C 797 -16.73 52.28 -44.07
CA GLN C 797 -15.62 51.87 -44.93
C GLN C 797 -14.27 52.26 -44.37
N PHE C 798 -14.23 53.10 -43.34
CA PHE C 798 -12.98 53.34 -42.62
C PHE C 798 -12.65 52.22 -41.65
N ARG C 799 -13.61 51.35 -41.35
CA ARG C 799 -13.34 50.14 -40.58
C ARG C 799 -12.74 49.08 -41.51
N GLN C 800 -11.82 48.29 -40.97
CA GLN C 800 -11.10 47.32 -41.78
C GLN C 800 -12.05 46.23 -42.28
N PRO C 801 -12.08 45.94 -43.57
CA PRO C 801 -12.89 44.83 -44.07
C PRO C 801 -12.29 43.49 -43.65
N LEU C 802 -13.15 42.59 -43.16
CA LEU C 802 -12.71 41.27 -42.75
C LEU C 802 -13.10 40.19 -43.76
N LEU C 803 -13.43 40.57 -44.99
CA LEU C 803 -13.62 39.64 -46.10
C LEU C 803 -12.93 40.25 -47.32
N GLU C 804 -11.81 39.66 -47.73
CA GLU C 804 -10.98 40.26 -48.76
C GLU C 804 -10.45 39.19 -49.70
N PHE C 805 -10.40 39.53 -50.99
CA PHE C 805 -9.63 38.76 -51.98
C PHE C 805 -10.17 37.34 -52.14
N SER C 806 -11.50 37.20 -52.10
CA SER C 806 -12.12 35.89 -52.22
C SER C 806 -12.09 35.40 -53.67
N GLY C 807 -12.49 34.15 -53.85
CA GLY C 807 -12.57 33.53 -55.15
C GLY C 807 -13.88 33.70 -55.88
N ALA C 808 -14.75 34.59 -55.42
CA ALA C 808 -16.01 34.83 -56.09
C ALA C 808 -15.76 35.46 -57.46
N CYS C 809 -16.80 35.42 -58.31
CA CYS C 809 -16.69 35.97 -59.66
C CYS C 809 -16.44 37.47 -59.62
N ALA C 810 -16.01 38.00 -60.77
CA ALA C 810 -15.86 39.44 -60.92
C ALA C 810 -17.21 40.11 -60.84
N GLY C 811 -17.37 41.03 -59.88
CA GLY C 811 -18.63 41.73 -59.73
C GLY C 811 -19.71 40.97 -59.00
N CYS C 812 -19.34 40.01 -58.16
CA CYS C 812 -20.33 39.20 -57.46
C CYS C 812 -21.22 40.06 -56.56
N GLY C 813 -22.52 39.76 -56.56
CA GLY C 813 -23.46 40.48 -55.74
C GLY C 813 -23.61 39.97 -54.33
N GLU C 814 -22.88 38.92 -53.95
CA GLU C 814 -22.97 38.34 -52.61
C GLU C 814 -21.91 38.89 -51.65
N THR C 815 -20.65 38.88 -52.07
CA THR C 815 -19.56 39.28 -51.18
C THR C 815 -19.63 40.71 -50.64
N PRO C 816 -20.17 41.70 -51.35
CA PRO C 816 -20.30 43.04 -50.73
C PRO C 816 -21.17 43.07 -49.48
N TYR C 817 -22.20 42.22 -49.39
CA TYR C 817 -23.00 42.15 -48.17
C TYR C 817 -22.17 41.62 -47.00
N VAL C 818 -21.52 40.47 -47.20
CA VAL C 818 -20.74 39.87 -46.11
C VAL C 818 -19.57 40.76 -45.73
N LYS C 819 -18.96 41.42 -46.71
CA LYS C 819 -17.87 42.34 -46.41
C LYS C 819 -18.34 43.48 -45.50
N LEU C 820 -19.55 44.01 -45.76
CA LEU C 820 -20.07 45.10 -44.94
C LEU C 820 -20.39 44.64 -43.52
N VAL C 821 -20.90 43.41 -43.36
CA VAL C 821 -21.21 42.90 -42.04
C VAL C 821 -19.94 42.75 -41.21
N THR C 822 -18.86 42.29 -41.83
CA THR C 822 -17.58 42.18 -41.12
C THR C 822 -17.04 43.55 -40.75
N GLN C 823 -17.37 44.58 -41.52
CA GLN C 823 -16.95 45.94 -41.17
C GLN C 823 -17.75 46.54 -40.02
N LEU C 824 -18.96 46.04 -39.76
CA LEU C 824 -19.77 46.54 -38.64
C LEU C 824 -19.60 45.70 -37.39
N PHE C 825 -19.69 44.37 -37.50
CA PHE C 825 -19.67 43.49 -36.34
C PHE C 825 -18.62 42.39 -36.46
N GLY C 826 -17.75 42.43 -37.48
CA GLY C 826 -16.78 41.37 -37.71
C GLY C 826 -15.82 41.16 -36.57
N ASP C 827 -15.66 42.15 -35.69
CA ASP C 827 -14.74 42.02 -34.57
C ASP C 827 -15.14 40.88 -33.64
N ARG C 828 -16.43 40.51 -33.62
CA ARG C 828 -16.93 39.60 -32.60
C ARG C 828 -17.99 38.64 -33.12
N MET C 829 -17.94 38.29 -34.40
CA MET C 829 -18.99 37.47 -34.99
C MET C 829 -18.48 36.08 -35.36
N ILE C 830 -19.41 35.12 -35.33
CA ILE C 830 -19.16 33.74 -35.71
C ILE C 830 -20.15 33.39 -36.81
N ILE C 831 -19.67 32.76 -37.88
CA ILE C 831 -20.44 32.53 -39.09
C ILE C 831 -20.75 31.04 -39.20
N ALA C 832 -22.03 30.72 -39.38
CA ALA C 832 -22.46 29.38 -39.76
C ALA C 832 -22.96 29.50 -41.20
N ASN C 833 -22.17 28.99 -42.14
CA ASN C 833 -22.39 29.23 -43.56
C ASN C 833 -22.90 27.97 -44.24
N ALA C 834 -24.03 28.10 -44.94
CA ALA C 834 -24.60 26.99 -45.67
C ALA C 834 -23.74 26.65 -46.89
N THR C 835 -23.84 25.40 -47.32
CA THR C 835 -23.16 24.99 -48.54
C THR C 835 -23.78 25.74 -49.71
N GLY C 836 -22.93 26.18 -50.62
CA GLY C 836 -23.35 26.99 -51.74
C GLY C 836 -22.19 27.86 -52.20
N CYS C 837 -22.51 28.87 -52.99
CA CYS C 837 -21.48 29.80 -53.44
C CYS C 837 -20.74 30.41 -52.25
N SER C 838 -21.49 30.85 -51.24
CA SER C 838 -20.88 31.52 -50.09
C SER C 838 -19.90 30.62 -49.35
N SER C 839 -20.07 29.30 -49.43
CA SER C 839 -19.10 28.39 -48.83
C SER C 839 -17.93 28.08 -49.76
N ILE C 840 -18.12 28.23 -51.07
CA ILE C 840 -17.04 27.96 -52.01
C ILE C 840 -16.06 29.13 -52.07
N TRP C 841 -16.56 30.36 -52.25
CA TRP C 841 -15.64 31.49 -52.19
C TRP C 841 -15.26 31.86 -50.76
N GLY C 842 -16.03 31.41 -49.77
CA GLY C 842 -15.72 31.71 -48.38
C GLY C 842 -14.86 30.66 -47.71
N GLY C 843 -14.92 29.42 -48.20
CA GLY C 843 -14.21 28.36 -47.52
C GLY C 843 -13.80 27.21 -48.41
N SER C 844 -13.02 27.51 -49.45
CA SER C 844 -12.41 26.47 -50.28
C SER C 844 -10.93 26.36 -49.90
N ALA C 845 -10.52 25.17 -49.47
CA ALA C 845 -9.14 24.96 -49.07
C ALA C 845 -8.20 25.30 -50.23
N PRO C 846 -7.00 25.79 -49.94
CA PRO C 846 -6.45 26.08 -48.61
C PRO C 846 -6.56 27.56 -48.24
N ALA C 847 -7.28 28.34 -49.03
CA ALA C 847 -7.33 29.79 -48.89
C ALA C 847 -8.61 30.20 -48.18
N CYS C 848 -8.47 31.05 -47.16
CA CYS C 848 -9.59 31.57 -46.39
C CYS C 848 -9.69 33.08 -46.59
N PRO C 849 -10.78 33.60 -47.17
CA PRO C 849 -10.87 35.06 -47.38
C PRO C 849 -11.19 35.87 -46.13
N TYR C 850 -11.76 35.25 -45.11
CA TYR C 850 -12.05 35.96 -43.87
C TYR C 850 -10.75 36.17 -43.10
N THR C 851 -10.53 37.39 -42.63
CA THR C 851 -9.26 37.77 -42.01
C THR C 851 -9.51 38.46 -40.68
N VAL C 852 -8.43 38.89 -40.04
CA VAL C 852 -8.47 39.46 -38.71
C VAL C 852 -7.98 40.91 -38.77
N ASN C 853 -8.23 41.63 -37.68
CA ASN C 853 -7.74 42.99 -37.51
C ASN C 853 -6.36 42.98 -36.87
N ARG C 854 -5.90 44.14 -36.40
CA ARG C 854 -4.56 44.23 -35.82
C ARG C 854 -4.45 43.50 -34.48
N GLN C 855 -5.55 43.39 -33.74
CA GLN C 855 -5.53 42.66 -32.47
C GLN C 855 -5.63 41.16 -32.65
N GLY C 856 -5.82 40.67 -33.87
CA GLY C 856 -5.98 39.25 -34.11
C GLY C 856 -7.40 38.72 -34.01
N HIS C 857 -8.39 39.61 -33.95
CA HIS C 857 -9.79 39.22 -33.85
C HIS C 857 -10.46 39.29 -35.22
N GLY C 858 -11.33 38.33 -35.49
CA GLY C 858 -12.02 38.25 -36.76
C GLY C 858 -13.05 37.14 -36.77
N PRO C 859 -13.88 37.10 -37.82
CA PRO C 859 -14.95 36.09 -37.87
C PRO C 859 -14.39 34.67 -37.92
N ALA C 860 -14.96 33.80 -37.09
CA ALA C 860 -14.71 32.36 -37.16
C ALA C 860 -15.78 31.75 -38.07
N TRP C 861 -15.33 30.89 -38.99
CA TRP C 861 -16.16 30.43 -40.10
C TRP C 861 -16.31 28.92 -40.00
N ALA C 862 -17.55 28.44 -40.19
CA ALA C 862 -17.82 27.02 -40.16
C ALA C 862 -18.98 26.71 -41.10
N SER C 863 -18.84 25.60 -41.83
CA SER C 863 -19.90 25.09 -42.69
C SER C 863 -20.11 23.62 -42.36
N SER C 864 -21.35 23.26 -42.05
CA SER C 864 -21.67 21.86 -41.78
C SER C 864 -22.14 21.18 -43.04
N LEU C 865 -23.44 21.28 -43.32
CA LEU C 865 -24.05 20.66 -44.49
C LEU C 865 -24.93 21.69 -45.19
N PHE C 866 -25.56 21.25 -46.28
CA PHE C 866 -26.45 22.13 -47.04
C PHE C 866 -27.79 22.32 -46.35
N GLU C 867 -28.31 21.27 -45.71
CA GLU C 867 -29.67 21.28 -45.20
C GLU C 867 -29.79 21.73 -43.74
N ASP C 868 -28.67 21.81 -43.02
CA ASP C 868 -28.71 21.97 -41.57
C ASP C 868 -28.17 23.31 -41.09
N ASN C 869 -28.03 24.29 -41.99
CA ASN C 869 -27.28 25.50 -41.64
C ASN C 869 -27.97 26.30 -40.54
N ALA C 870 -29.30 26.41 -40.58
CA ALA C 870 -30.00 27.13 -39.53
C ALA C 870 -29.83 26.42 -38.19
N GLU C 871 -30.06 25.11 -38.17
CA GLU C 871 -29.82 24.33 -36.95
C GLU C 871 -28.35 24.32 -36.57
N PHE C 872 -27.47 24.43 -37.56
CA PHE C 872 -26.03 24.52 -37.27
C PHE C 872 -25.71 25.74 -36.43
N GLY C 873 -26.16 26.92 -36.89
CA GLY C 873 -25.90 28.14 -36.13
C GLY C 873 -26.67 28.20 -34.82
N TYR C 874 -27.87 27.62 -34.79
CA TYR C 874 -28.64 27.57 -33.55
C TYR C 874 -27.88 26.84 -32.44
N GLY C 875 -27.26 25.71 -32.78
CA GLY C 875 -26.46 25.01 -31.79
C GLY C 875 -25.28 25.84 -31.32
N MET C 876 -24.69 26.64 -32.22
CA MET C 876 -23.63 27.55 -31.81
C MET C 876 -24.13 28.56 -30.79
N ALA C 877 -25.34 29.07 -31.00
CA ALA C 877 -25.90 30.04 -30.07
C ALA C 877 -26.08 29.45 -28.69
N LEU C 878 -26.54 28.19 -28.61
CA LEU C 878 -26.66 27.52 -27.31
C LEU C 878 -25.30 27.36 -26.64
N ALA C 879 -24.28 26.99 -27.41
CA ALA C 879 -22.96 26.74 -26.85
C ALA C 879 -22.30 28.03 -26.35
N VAL C 880 -22.36 29.09 -27.15
CA VAL C 880 -21.77 30.36 -26.74
C VAL C 880 -22.43 30.89 -25.48
N ALA C 881 -23.76 30.71 -25.38
CA ALA C 881 -24.47 31.11 -24.17
C ALA C 881 -23.99 30.34 -22.96
N LYS C 882 -23.68 29.04 -23.13
CA LYS C 882 -23.13 28.25 -22.03
C LYS C 882 -21.74 28.74 -21.63
N ARG C 883 -20.93 29.13 -22.60
CA ARG C 883 -19.58 29.60 -22.28
C ARG C 883 -19.61 30.94 -21.55
N GLN C 884 -20.57 31.80 -21.87
CA GLN C 884 -20.72 33.04 -21.11
C GLN C 884 -21.22 32.76 -19.72
N ASP C 885 -22.06 31.72 -19.57
CA ASP C 885 -22.56 31.34 -18.25
C ASP C 885 -21.43 30.82 -17.37
N GLU C 886 -20.50 30.06 -17.95
CA GLU C 886 -19.35 29.58 -17.18
C GLU C 886 -18.45 30.75 -16.77
N LEU C 887 -18.31 31.75 -17.66
CA LEU C 887 -17.52 32.93 -17.34
C LEU C 887 -18.20 33.79 -16.27
N ALA C 888 -19.52 33.97 -16.38
CA ALA C 888 -20.25 34.80 -15.42
C ALA C 888 -20.21 34.21 -14.01
N THR C 889 -20.19 32.88 -13.89
CA THR C 889 -20.09 32.26 -12.58
C THR C 889 -18.72 32.50 -11.96
N ALA C 890 -17.65 32.39 -12.74
CA ALA C 890 -16.31 32.66 -12.23
C ALA C 890 -16.12 34.13 -11.92
N ILE C 891 -16.77 35.02 -12.67
CA ILE C 891 -16.70 36.45 -12.38
C ILE C 891 -17.48 36.78 -11.11
N SER C 892 -18.63 36.14 -10.93
CA SER C 892 -19.41 36.34 -9.72
C SER C 892 -18.68 35.87 -8.48
N LYS C 893 -17.86 34.82 -8.60
CA LYS C 893 -17.04 34.38 -7.47
C LYS C 893 -15.97 35.41 -7.13
N ALA C 894 -15.49 36.16 -8.13
CA ALA C 894 -14.43 37.14 -7.90
C ALA C 894 -14.91 38.33 -7.08
N LEU C 895 -16.21 38.66 -7.13
CA LEU C 895 -16.71 39.79 -6.37
C LEU C 895 -16.54 39.58 -4.87
N GLU C 896 -16.68 38.35 -4.40
CA GLU C 896 -16.54 38.04 -2.98
C GLU C 896 -15.12 37.65 -2.58
N ALA C 897 -14.15 37.71 -3.52
CA ALA C 897 -12.76 37.36 -3.30
C ALA C 897 -11.92 38.60 -3.03
N PRO C 898 -10.80 38.46 -2.30
CA PRO C 898 -9.94 39.63 -2.06
C PRO C 898 -9.20 40.09 -3.30
N VAL C 899 -9.84 40.93 -4.11
CA VAL C 899 -9.24 41.50 -5.31
C VAL C 899 -9.32 43.02 -5.22
N SER C 900 -8.62 43.68 -6.14
CA SER C 900 -8.54 45.14 -6.13
C SER C 900 -9.92 45.75 -6.37
N ALA C 901 -10.10 46.97 -5.84
CA ALA C 901 -11.39 47.65 -5.99
C ALA C 901 -11.69 47.97 -7.45
N ALA C 902 -10.66 48.27 -8.25
CA ALA C 902 -10.86 48.49 -9.68
C ALA C 902 -11.31 47.22 -10.39
N PHE C 903 -10.88 46.05 -9.90
CA PHE C 903 -11.31 44.80 -10.49
C PHE C 903 -12.80 44.55 -10.26
N LYS C 904 -13.29 44.84 -9.05
CA LYS C 904 -14.70 44.65 -8.75
C LYS C 904 -15.59 45.59 -9.56
N ALA C 905 -15.12 46.80 -9.85
CA ALA C 905 -15.92 47.76 -10.61
C ALA C 905 -16.20 47.27 -12.03
N ALA C 906 -15.17 46.73 -12.70
CA ALA C 906 -15.37 46.21 -14.05
C ALA C 906 -16.18 44.91 -14.05
N CYS C 907 -16.06 44.11 -12.99
CA CYS C 907 -16.82 42.86 -12.92
C CYS C 907 -18.31 43.13 -12.74
N GLU C 908 -18.66 44.04 -11.84
CA GLU C 908 -20.07 44.41 -11.67
C GLU C 908 -20.62 45.06 -12.93
N GLY C 909 -19.80 45.89 -13.59
CA GLY C 909 -20.23 46.49 -14.84
C GLY C 909 -20.39 45.46 -15.95
N TRP C 910 -19.54 44.45 -15.97
CA TRP C 910 -19.66 43.40 -16.99
C TRP C 910 -20.88 42.53 -16.75
N LEU C 911 -21.11 42.13 -15.50
CA LEU C 911 -22.27 41.30 -15.18
C LEU C 911 -23.57 42.01 -15.53
N ALA C 912 -23.60 43.34 -15.41
CA ALA C 912 -24.81 44.09 -15.72
C ALA C 912 -25.01 44.25 -17.22
N GLY C 913 -23.94 44.23 -18.01
CA GLY C 913 -24.05 44.45 -19.44
C GLY C 913 -23.45 43.36 -20.30
N LYS C 914 -23.39 42.13 -19.78
CA LYS C 914 -22.82 41.03 -20.54
C LYS C 914 -23.63 40.72 -21.79
N ASP C 915 -24.91 41.07 -21.80
CA ASP C 915 -25.80 40.83 -22.94
C ASP C 915 -25.94 42.05 -23.84
N ASP C 916 -25.16 43.10 -23.58
CA ASP C 916 -25.14 44.27 -24.43
C ASP C 916 -23.80 44.34 -25.15
N ALA C 917 -23.84 44.63 -26.45
CA ALA C 917 -22.63 44.60 -27.26
C ALA C 917 -21.62 45.62 -26.77
N ASP C 918 -22.06 46.86 -26.54
CA ASP C 918 -21.12 47.92 -26.22
C ASP C 918 -20.57 47.79 -24.80
N ARG C 919 -21.45 47.52 -23.83
CA ARG C 919 -21.00 47.48 -22.44
C ARG C 919 -20.14 46.24 -22.15
N SER C 920 -20.47 45.10 -22.76
CA SER C 920 -19.69 43.90 -22.51
C SER C 920 -18.27 44.05 -23.02
N ARG C 921 -18.07 44.77 -24.14
CA ARG C 921 -16.72 45.02 -24.61
C ARG C 921 -15.98 46.01 -23.69
N GLU C 922 -16.67 47.04 -23.23
CA GLU C 922 -16.02 48.06 -22.40
C GLU C 922 -15.50 47.46 -21.09
N TYR C 923 -16.40 46.86 -20.31
CA TYR C 923 -15.98 46.25 -19.06
C TYR C 923 -15.22 44.96 -19.29
N GLY C 924 -15.46 44.28 -20.41
CA GLY C 924 -14.67 43.10 -20.72
C GLY C 924 -13.21 43.43 -20.96
N ASP C 925 -12.95 44.49 -21.74
CA ASP C 925 -11.57 44.91 -21.97
C ASP C 925 -10.93 45.45 -20.70
N ARG C 926 -11.73 46.06 -19.81
CA ARG C 926 -11.19 46.48 -18.53
C ARG C 926 -10.73 45.30 -17.70
N ILE C 927 -11.51 44.21 -17.69
CA ILE C 927 -11.09 43.00 -16.99
C ILE C 927 -9.81 42.46 -17.60
N LYS C 928 -9.71 42.49 -18.94
CA LYS C 928 -8.50 42.01 -19.61
C LYS C 928 -7.28 42.84 -19.20
N ALA C 929 -7.47 44.16 -19.02
CA ALA C 929 -6.36 45.02 -18.66
C ALA C 929 -5.94 44.85 -17.21
N LEU C 930 -6.87 44.51 -16.32
CA LEU C 930 -6.57 44.32 -14.91
C LEU C 930 -6.15 42.89 -14.58
N LEU C 931 -6.35 41.93 -15.49
CA LEU C 931 -6.05 40.54 -15.20
C LEU C 931 -4.57 40.27 -14.92
N PRO C 932 -3.61 40.69 -15.75
CA PRO C 932 -2.21 40.38 -15.45
C PRO C 932 -1.74 40.94 -14.12
N GLY C 933 -2.18 42.16 -13.77
CA GLY C 933 -1.83 42.72 -12.48
C GLY C 933 -2.54 42.05 -11.32
N GLU C 934 -3.79 41.64 -11.53
CA GLU C 934 -4.54 40.98 -10.46
C GLU C 934 -3.99 39.58 -10.18
N ILE C 935 -3.52 38.89 -11.21
CA ILE C 935 -2.94 37.56 -11.03
C ILE C 935 -1.64 37.66 -10.23
N SER C 936 -0.85 38.70 -10.46
CA SER C 936 0.41 38.87 -9.73
C SER C 936 0.17 39.11 -8.24
N GLN C 937 -0.94 39.72 -7.88
CA GLN C 937 -1.23 40.06 -6.48
C GLN C 937 -1.92 38.93 -5.72
N ALA C 938 -2.14 37.78 -6.34
CA ALA C 938 -2.84 36.68 -5.71
C ALA C 938 -1.91 35.48 -5.56
N SER C 939 -2.34 34.53 -4.72
CA SER C 939 -1.58 33.31 -4.47
C SER C 939 -2.53 32.26 -3.93
N GLY C 940 -2.14 30.99 -4.08
CA GLY C 940 -2.95 29.91 -3.54
C GLY C 940 -4.20 29.68 -4.36
N GLU C 941 -5.30 29.43 -3.66
CA GLU C 941 -6.58 29.16 -4.34
C GLU C 941 -7.16 30.41 -4.97
N VAL C 942 -6.88 31.59 -4.41
CA VAL C 942 -7.40 32.83 -4.98
C VAL C 942 -6.82 33.08 -6.37
N LYS C 943 -5.52 32.80 -6.54
CA LYS C 943 -4.88 32.98 -7.84
C LYS C 943 -5.48 32.07 -8.90
N ASP C 944 -5.90 30.86 -8.50
CA ASP C 944 -6.52 29.95 -9.46
C ASP C 944 -7.82 30.51 -10.01
N LEU C 945 -8.58 31.25 -9.20
CA LEU C 945 -9.82 31.84 -9.68
C LEU C 945 -9.57 32.90 -10.76
N LEU C 946 -8.50 33.68 -10.62
CA LEU C 946 -8.18 34.65 -11.67
C LEU C 946 -7.65 33.97 -12.93
N LEU C 947 -6.89 32.89 -12.78
CA LEU C 947 -6.43 32.15 -13.95
C LEU C 947 -7.57 31.51 -14.71
N ASP C 948 -8.68 31.21 -14.02
CA ASP C 948 -9.85 30.66 -14.69
C ASP C 948 -10.60 31.74 -15.47
N ILE C 949 -10.57 32.99 -15.00
CA ILE C 949 -11.16 34.08 -15.77
C ILE C 949 -10.37 34.35 -17.04
N ASP C 950 -9.04 34.34 -16.96
CA ASP C 950 -8.22 34.59 -18.14
C ASP C 950 -8.39 33.50 -19.19
N ARG C 951 -8.65 32.27 -18.77
CA ARG C 951 -8.88 31.19 -19.72
C ARG C 951 -10.15 31.42 -20.52
N GLN C 952 -11.12 32.14 -19.94
CA GLN C 952 -12.41 32.39 -20.58
C GLN C 952 -12.58 33.85 -20.98
N LYS C 953 -11.52 34.64 -21.01
CA LYS C 953 -11.64 36.07 -21.31
C LYS C 953 -12.15 36.31 -22.73
N ASP C 954 -12.07 35.30 -23.60
CA ASP C 954 -12.57 35.37 -24.98
C ASP C 954 -14.09 35.34 -25.06
N TYR C 955 -14.80 35.37 -23.94
CA TYR C 955 -16.25 35.46 -23.95
C TYR C 955 -16.75 36.69 -23.22
N LEU C 956 -15.86 37.60 -22.84
CA LEU C 956 -16.29 38.85 -22.23
C LEU C 956 -17.10 39.68 -23.21
N THR C 957 -16.57 39.86 -24.43
CA THR C 957 -17.29 40.56 -25.47
C THR C 957 -18.43 39.67 -25.96
N LYS C 958 -19.64 40.21 -26.02
CA LYS C 958 -20.78 39.44 -26.49
C LYS C 958 -20.60 39.07 -27.96
N LYS C 959 -20.95 37.84 -28.31
CA LYS C 959 -20.79 37.36 -29.67
C LYS C 959 -22.03 37.64 -30.50
N SER C 960 -21.85 37.61 -31.82
CA SER C 960 -22.91 37.90 -32.78
C SER C 960 -22.96 36.74 -33.77
N ILE C 961 -23.94 35.86 -33.60
CA ILE C 961 -24.05 34.67 -34.45
C ILE C 961 -24.73 35.06 -35.76
N TRP C 962 -24.08 34.74 -36.87
CA TRP C 962 -24.59 35.05 -38.20
C TRP C 962 -24.74 33.76 -39.00
N ILE C 963 -25.95 33.55 -39.51
CA ILE C 963 -26.29 32.36 -40.30
C ILE C 963 -26.41 32.79 -41.75
N ILE C 964 -25.39 32.48 -42.55
CA ILE C 964 -25.28 32.95 -43.93
C ILE C 964 -25.49 31.76 -44.87
N GLY C 965 -26.23 31.98 -45.94
CA GLY C 965 -26.50 30.94 -46.93
C GLY C 965 -27.23 31.52 -48.12
N GLY C 966 -27.38 30.68 -49.14
CA GLY C 966 -28.03 31.10 -50.36
C GLY C 966 -29.53 30.91 -50.31
N ASP C 967 -30.19 31.32 -51.40
CA ASP C 967 -31.64 31.21 -51.47
C ASP C 967 -32.10 29.76 -51.59
N GLY C 968 -31.30 28.92 -52.24
CA GLY C 968 -31.64 27.51 -52.31
C GLY C 968 -31.68 26.85 -50.95
N TRP C 969 -30.75 27.23 -50.07
CA TRP C 969 -30.78 26.73 -48.71
C TRP C 969 -31.98 27.28 -47.95
N ALA C 970 -32.19 28.61 -48.05
CA ALA C 970 -33.20 29.26 -47.22
C ALA C 970 -34.61 28.96 -47.69
N TYR C 971 -34.82 28.85 -49.01
CA TYR C 971 -36.15 28.64 -49.53
C TYR C 971 -36.52 27.16 -49.68
N ASP C 972 -35.54 26.27 -49.80
CA ASP C 972 -35.83 24.88 -50.10
C ASP C 972 -35.34 23.90 -49.05
N ILE C 973 -34.11 23.41 -49.20
CA ILE C 973 -33.67 22.24 -48.44
C ILE C 973 -33.53 22.55 -46.96
N GLY C 974 -33.08 23.76 -46.63
CA GLY C 974 -32.91 24.15 -45.25
C GLY C 974 -34.02 25.03 -44.70
N TYR C 975 -35.13 25.16 -45.42
CA TYR C 975 -36.21 26.06 -44.99
C TYR C 975 -36.87 25.55 -43.71
N GLY C 976 -37.09 24.24 -43.61
CA GLY C 976 -37.67 23.68 -42.41
C GLY C 976 -36.84 23.96 -41.17
N GLY C 977 -35.51 23.87 -41.29
CA GLY C 977 -34.66 24.20 -40.16
C GLY C 977 -34.64 25.69 -39.86
N LEU C 978 -34.69 26.52 -40.91
CA LEU C 978 -34.74 27.96 -40.71
C LEU C 978 -36.05 28.36 -40.03
N ASP C 979 -37.16 27.77 -40.47
CA ASP C 979 -38.45 28.03 -39.83
C ASP C 979 -38.41 27.70 -38.35
N HIS C 980 -37.78 26.58 -37.99
CA HIS C 980 -37.73 26.18 -36.60
C HIS C 980 -36.84 27.13 -35.79
N VAL C 981 -35.69 27.52 -36.35
CA VAL C 981 -34.77 28.39 -35.62
C VAL C 981 -35.36 29.79 -35.44
N LEU C 982 -36.09 30.29 -36.45
CA LEU C 982 -36.75 31.58 -36.29
C LEU C 982 -37.84 31.54 -35.22
N ALA C 983 -38.62 30.45 -35.18
CA ALA C 983 -39.66 30.32 -34.18
C ALA C 983 -39.10 30.15 -32.76
N SER C 984 -37.86 29.68 -32.64
CA SER C 984 -37.29 29.43 -31.31
C SER C 984 -37.07 30.73 -30.55
N GLY C 985 -36.82 31.83 -31.26
CA GLY C 985 -36.57 33.10 -30.64
C GLY C 985 -35.14 33.41 -30.29
N ALA C 986 -34.19 32.56 -30.68
CA ALA C 986 -32.80 32.80 -30.32
C ALA C 986 -32.27 34.08 -30.98
N ASN C 987 -31.28 34.68 -30.34
CA ASN C 987 -30.66 35.92 -30.84
C ASN C 987 -29.62 35.52 -31.89
N VAL C 988 -30.15 35.19 -33.08
CA VAL C 988 -29.31 34.84 -34.22
C VAL C 988 -29.70 35.76 -35.38
N ASN C 989 -28.75 35.94 -36.29
CA ASN C 989 -28.93 36.82 -37.45
C ASN C 989 -28.76 35.98 -38.72
N VAL C 990 -29.84 35.84 -39.47
CA VAL C 990 -29.84 35.06 -40.70
C VAL C 990 -29.72 36.02 -41.88
N LEU C 991 -28.71 35.79 -42.73
CA LEU C 991 -28.49 36.58 -43.93
C LEU C 991 -28.65 35.66 -45.14
N VAL C 992 -29.73 35.86 -45.90
CA VAL C 992 -30.02 35.07 -47.08
C VAL C 992 -29.53 35.85 -48.29
N LEU C 993 -28.51 35.31 -48.96
CA LEU C 993 -28.01 35.89 -50.20
C LEU C 993 -28.87 35.32 -51.31
N ASP C 994 -29.91 36.08 -51.69
CA ASP C 994 -30.91 35.62 -52.64
C ASP C 994 -30.40 35.90 -54.04
N THR C 995 -29.94 34.86 -54.74
CA THR C 995 -29.60 34.95 -56.15
C THR C 995 -30.72 34.44 -57.03
N GLU C 996 -31.82 33.98 -56.45
CA GLU C 996 -33.00 33.49 -57.14
C GLU C 996 -32.73 32.24 -57.98
N VAL C 997 -31.56 31.61 -57.81
CA VAL C 997 -31.18 30.38 -58.49
C VAL C 997 -30.17 29.65 -57.61
N TYR C 998 -29.87 28.41 -57.97
CA TYR C 998 -28.75 27.68 -57.36
C TYR C 998 -27.50 28.07 -58.13
N SER C 999 -26.82 29.11 -57.64
CA SER C 999 -25.77 29.73 -58.43
C SER C 999 -24.54 28.83 -58.57
N ASN C 1000 -24.10 28.20 -57.47
CA ASN C 1000 -22.85 27.43 -57.51
C ASN C 1000 -22.94 26.26 -58.47
N THR C 1001 -24.07 25.55 -58.47
CA THR C 1001 -24.23 24.35 -59.27
C THR C 1001 -24.61 24.63 -60.72
N GLY C 1002 -24.54 25.88 -61.16
CA GLY C 1002 -24.73 26.21 -62.56
C GLY C 1002 -25.96 27.03 -62.86
N GLY C 1003 -26.86 27.24 -61.90
CA GLY C 1003 -28.01 28.08 -62.11
C GLY C 1003 -29.31 27.31 -62.27
N GLN C 1004 -29.67 26.52 -61.26
CA GLN C 1004 -30.88 25.71 -61.32
C GLN C 1004 -32.04 26.39 -60.62
N SER C 1005 -33.24 25.90 -60.91
CA SER C 1005 -34.47 26.52 -60.41
C SER C 1005 -34.59 26.39 -58.90
N SER C 1006 -35.25 27.38 -58.30
CA SER C 1006 -35.45 27.46 -56.86
C SER C 1006 -36.83 28.04 -56.61
N LYS C 1007 -37.29 27.96 -55.36
CA LYS C 1007 -38.51 28.66 -55.00
C LYS C 1007 -38.33 30.17 -54.99
N ALA C 1008 -37.08 30.65 -54.93
CA ALA C 1008 -36.78 32.06 -55.05
C ALA C 1008 -36.77 32.54 -56.50
N THR C 1009 -36.85 31.63 -57.46
CA THR C 1009 -36.94 32.02 -58.87
C THR C 1009 -38.28 32.69 -59.14
N GLN C 1010 -38.23 33.80 -59.88
CA GLN C 1010 -39.43 34.56 -60.17
C GLN C 1010 -40.19 33.95 -61.35
N THR C 1011 -41.40 34.47 -61.57
CA THR C 1011 -42.24 34.01 -62.67
C THR C 1011 -41.59 34.34 -64.02
N GLY C 1012 -41.62 33.37 -64.93
CA GLY C 1012 -41.11 33.57 -66.27
C GLY C 1012 -39.62 33.42 -66.42
N ALA C 1013 -38.87 33.40 -65.32
CA ALA C 1013 -37.43 33.25 -65.39
C ALA C 1013 -37.06 31.84 -65.84
N VAL C 1014 -36.09 31.75 -66.74
CA VAL C 1014 -35.60 30.48 -67.26
C VAL C 1014 -34.31 30.14 -66.53
N ALA C 1015 -34.26 28.95 -65.93
CA ALA C 1015 -33.06 28.44 -65.28
C ALA C 1015 -33.00 26.93 -65.53
N ARG C 1016 -31.92 26.32 -65.09
CA ARG C 1016 -31.79 24.87 -65.24
C ARG C 1016 -32.84 24.18 -64.39
N PHE C 1017 -33.40 23.09 -64.93
CA PHE C 1017 -34.60 22.41 -64.43
C PHE C 1017 -35.86 23.21 -64.66
N ALA C 1018 -35.77 24.33 -65.39
CA ALA C 1018 -36.94 25.12 -65.77
C ALA C 1018 -36.70 25.67 -67.18
N ALA C 1019 -36.49 24.75 -68.12
CA ALA C 1019 -36.15 25.14 -69.50
C ALA C 1019 -37.29 25.89 -70.16
N GLY C 1020 -38.53 25.51 -69.87
CA GLY C 1020 -39.70 26.18 -70.40
C GLY C 1020 -40.17 27.35 -69.56
N GLY C 1021 -39.40 27.76 -68.55
CA GLY C 1021 -39.76 28.86 -67.69
C GLY C 1021 -40.57 28.45 -66.49
N LYS C 1022 -40.36 29.14 -65.35
CA LYS C 1022 -41.12 28.86 -64.15
C LYS C 1022 -42.48 29.55 -64.20
N PHE C 1023 -43.55 28.78 -64.02
CA PHE C 1023 -44.89 29.36 -64.04
C PHE C 1023 -45.27 29.95 -62.68
N THR C 1024 -45.12 29.16 -61.61
CA THR C 1024 -45.48 29.62 -60.28
C THR C 1024 -44.58 30.77 -59.84
N LYS C 1025 -45.13 31.67 -59.04
CA LYS C 1025 -44.40 32.86 -58.62
C LYS C 1025 -43.40 32.55 -57.52
N LYS C 1026 -42.60 33.56 -57.19
CA LYS C 1026 -41.59 33.44 -56.16
C LYS C 1026 -42.24 33.31 -54.79
N LYS C 1027 -41.75 32.35 -54.01
CA LYS C 1027 -42.19 32.21 -52.63
C LYS C 1027 -41.74 33.41 -51.81
N ASP C 1028 -42.64 33.92 -50.97
CA ASP C 1028 -42.34 35.10 -50.15
C ASP C 1028 -41.81 34.64 -48.80
N LEU C 1029 -40.48 34.49 -48.73
CA LEU C 1029 -39.85 34.07 -47.49
C LEU C 1029 -40.05 35.09 -46.39
N GLY C 1030 -39.93 36.37 -46.72
CA GLY C 1030 -40.07 37.41 -45.72
C GLY C 1030 -41.47 37.45 -45.12
N LEU C 1031 -42.49 37.22 -45.95
CA LEU C 1031 -43.87 37.28 -45.47
C LEU C 1031 -44.17 36.16 -44.48
N MET C 1032 -43.61 34.97 -44.72
CA MET C 1032 -43.85 33.87 -43.79
C MET C 1032 -43.13 34.09 -42.48
N ALA C 1033 -41.94 34.69 -42.52
CA ALA C 1033 -41.22 34.97 -41.28
C ALA C 1033 -41.89 36.07 -40.46
N MET C 1034 -42.63 36.97 -41.12
CA MET C 1034 -43.33 38.02 -40.40
C MET C 1034 -44.52 37.48 -39.62
N SER C 1035 -45.04 36.31 -39.99
CA SER C 1035 -46.22 35.76 -39.33
C SER C 1035 -45.97 35.46 -37.87
N TYR C 1036 -44.72 35.25 -37.47
CA TYR C 1036 -44.42 35.00 -36.07
C TYR C 1036 -44.60 36.25 -35.21
N GLY C 1037 -44.32 37.43 -35.77
CA GLY C 1037 -44.43 38.68 -35.05
C GLY C 1037 -43.19 39.07 -34.27
N TYR C 1038 -42.44 38.09 -33.76
CA TYR C 1038 -41.22 38.35 -33.00
C TYR C 1038 -39.96 38.13 -33.84
N VAL C 1039 -40.09 38.01 -35.15
CA VAL C 1039 -38.96 37.83 -36.05
C VAL C 1039 -38.77 39.14 -36.83
N TYR C 1040 -37.58 39.71 -36.73
CA TYR C 1040 -37.19 40.86 -37.54
C TYR C 1040 -36.91 40.40 -38.97
N VAL C 1041 -37.61 40.98 -39.94
CA VAL C 1041 -37.44 40.65 -41.34
C VAL C 1041 -37.18 41.93 -42.13
N ALA C 1042 -36.23 41.88 -43.05
CA ALA C 1042 -35.91 43.04 -43.87
C ALA C 1042 -35.50 42.59 -45.26
N SER C 1043 -35.90 43.36 -46.26
CA SER C 1043 -35.51 43.14 -47.65
C SER C 1043 -34.63 44.29 -48.08
N VAL C 1044 -33.40 43.98 -48.49
CA VAL C 1044 -32.40 44.99 -48.76
C VAL C 1044 -31.85 44.78 -50.15
N ALA C 1045 -31.20 45.82 -50.67
CA ALA C 1045 -30.54 45.76 -51.97
C ALA C 1045 -29.49 46.85 -51.99
N MET C 1046 -28.21 46.45 -51.97
CA MET C 1046 -27.13 47.43 -51.86
C MET C 1046 -27.10 48.34 -53.09
N GLY C 1047 -27.30 47.78 -54.28
CA GLY C 1047 -27.32 48.58 -55.48
C GLY C 1047 -28.44 49.60 -55.52
N ALA C 1048 -29.52 49.33 -54.78
CA ALA C 1048 -30.69 50.21 -54.75
C ALA C 1048 -30.56 51.32 -53.72
N SER C 1049 -30.15 50.97 -52.50
CA SER C 1049 -30.06 51.95 -51.42
C SER C 1049 -28.97 51.49 -50.46
N HIS C 1050 -27.89 52.28 -50.37
CA HIS C 1050 -26.86 51.99 -49.38
C HIS C 1050 -27.38 52.25 -47.97
N SER C 1051 -28.14 53.33 -47.78
CA SER C 1051 -28.60 53.71 -46.45
C SER C 1051 -29.64 52.73 -45.92
N GLN C 1052 -30.50 52.19 -46.78
CA GLN C 1052 -31.50 51.22 -46.33
C GLN C 1052 -30.85 49.92 -45.88
N LEU C 1053 -29.76 49.52 -46.53
CA LEU C 1053 -29.04 48.32 -46.11
C LEU C 1053 -28.33 48.56 -44.78
N MET C 1054 -27.75 49.74 -44.58
CA MET C 1054 -27.08 50.04 -43.31
C MET C 1054 -28.07 50.01 -42.15
N LYS C 1055 -29.26 50.59 -42.34
CA LYS C 1055 -30.23 50.67 -41.24
C LYS C 1055 -30.75 49.29 -40.88
N ALA C 1056 -31.04 48.44 -41.87
CA ALA C 1056 -31.58 47.12 -41.60
C ALA C 1056 -30.53 46.21 -40.95
N LEU C 1057 -29.27 46.31 -41.37
CA LEU C 1057 -28.23 45.44 -40.81
C LEU C 1057 -27.99 45.75 -39.34
N ILE C 1058 -27.97 47.03 -38.99
CA ILE C 1058 -27.70 47.41 -37.61
C ILE C 1058 -28.90 47.11 -36.72
N GLU C 1059 -30.11 47.37 -37.22
CA GLU C 1059 -31.31 47.08 -36.46
C GLU C 1059 -31.47 45.58 -36.21
N ALA C 1060 -31.13 44.76 -37.19
CA ALA C 1060 -31.31 43.31 -37.05
C ALA C 1060 -30.35 42.74 -36.02
N GLU C 1061 -29.10 43.21 -36.02
CA GLU C 1061 -28.12 42.68 -35.09
C GLU C 1061 -28.40 43.15 -33.67
N LYS C 1062 -28.84 44.41 -33.52
CA LYS C 1062 -29.15 44.91 -32.19
C LYS C 1062 -30.41 44.30 -31.61
N TYR C 1063 -31.31 43.79 -32.45
CA TYR C 1063 -32.54 43.19 -31.96
C TYR C 1063 -32.21 41.92 -31.19
N ASP C 1064 -32.64 41.85 -29.93
CA ASP C 1064 -32.40 40.69 -29.10
C ASP C 1064 -33.40 39.61 -29.47
N GLY C 1065 -33.16 39.01 -30.64
CA GLY C 1065 -34.04 37.98 -31.16
C GLY C 1065 -33.67 37.57 -32.58
N PRO C 1066 -34.51 36.74 -33.20
CA PRO C 1066 -34.20 36.24 -34.54
C PRO C 1066 -34.41 37.32 -35.59
N SER C 1067 -33.45 37.42 -36.51
CA SER C 1067 -33.49 38.41 -37.58
C SER C 1067 -33.23 37.73 -38.92
N LEU C 1068 -33.99 38.14 -39.94
CA LEU C 1068 -33.88 37.57 -41.28
C LEU C 1068 -33.66 38.72 -42.25
N ILE C 1069 -32.52 38.71 -42.94
CA ILE C 1069 -32.17 39.72 -43.93
C ILE C 1069 -32.15 39.04 -45.29
N ILE C 1070 -33.07 39.45 -46.16
CA ILE C 1070 -33.18 38.94 -47.52
C ILE C 1070 -32.60 39.99 -48.45
N ALA C 1071 -31.41 39.71 -49.01
CA ALA C 1071 -30.68 40.64 -49.84
C ALA C 1071 -30.71 40.18 -51.30
N TYR C 1072 -31.06 41.10 -52.20
CA TYR C 1072 -31.01 40.79 -53.62
C TYR C 1072 -29.56 40.82 -54.08
N ALA C 1073 -29.08 39.68 -54.59
CA ALA C 1073 -27.68 39.55 -55.00
C ALA C 1073 -27.62 39.21 -56.48
N PRO C 1074 -27.31 40.17 -57.35
CA PRO C 1074 -27.15 39.86 -58.78
C PRO C 1074 -26.04 38.84 -58.99
N CYS C 1075 -26.22 38.02 -60.03
CA CYS C 1075 -25.35 36.88 -60.27
C CYS C 1075 -25.12 36.72 -61.77
N ILE C 1076 -24.03 36.03 -62.12
CA ILE C 1076 -23.71 35.83 -63.53
C ILE C 1076 -24.76 34.97 -64.22
N ASN C 1077 -25.44 34.10 -63.46
CA ASN C 1077 -26.48 33.24 -64.01
C ASN C 1077 -27.73 33.99 -64.45
N HIS C 1078 -27.85 35.27 -64.09
CA HIS C 1078 -28.97 36.08 -64.57
C HIS C 1078 -28.83 36.43 -66.05
N GLY C 1079 -27.60 36.41 -66.58
CA GLY C 1079 -27.37 36.79 -67.95
C GLY C 1079 -27.33 38.29 -68.11
N ILE C 1080 -26.43 38.94 -67.38
CA ILE C 1080 -26.28 40.39 -67.39
C ILE C 1080 -24.79 40.72 -67.45
N ASN C 1081 -24.50 41.98 -67.77
CA ASN C 1081 -23.12 42.47 -67.73
C ASN C 1081 -22.76 42.68 -66.27
N MET C 1082 -21.84 41.85 -65.76
CA MET C 1082 -21.46 41.91 -64.35
C MET C 1082 -20.71 43.18 -64.00
N THR C 1083 -20.25 43.94 -64.99
CA THR C 1083 -19.65 45.25 -64.72
C THR C 1083 -20.66 46.18 -64.05
N TYR C 1084 -21.94 46.07 -64.42
CA TYR C 1084 -23.02 46.88 -63.85
C TYR C 1084 -23.87 46.06 -62.91
N SER C 1085 -23.21 45.31 -62.01
CA SER C 1085 -23.94 44.47 -61.06
C SER C 1085 -24.68 45.32 -60.02
N GLN C 1086 -24.06 46.39 -59.54
CA GLN C 1086 -24.74 47.30 -58.62
C GLN C 1086 -25.93 47.99 -59.29
N ARG C 1087 -25.76 48.39 -60.55
CA ARG C 1087 -26.83 49.07 -61.26
C ARG C 1087 -28.04 48.17 -61.49
N GLU C 1088 -27.83 46.87 -61.69
CA GLU C 1088 -28.95 45.97 -61.91
C GLU C 1088 -29.80 45.81 -60.65
N ALA C 1089 -29.18 45.90 -59.47
CA ALA C 1089 -29.96 45.85 -58.23
C ALA C 1089 -30.76 47.13 -58.01
N LYS C 1090 -30.26 48.26 -58.50
CA LYS C 1090 -31.03 49.49 -58.42
C LYS C 1090 -32.20 49.46 -59.40
N LYS C 1091 -31.99 48.94 -60.60
CA LYS C 1091 -33.06 48.85 -61.60
C LYS C 1091 -34.16 47.90 -61.14
N ALA C 1092 -33.81 46.89 -60.33
CA ALA C 1092 -34.82 45.95 -59.86
C ALA C 1092 -35.80 46.61 -58.91
N VAL C 1093 -35.30 47.44 -57.99
CA VAL C 1093 -36.18 48.10 -57.04
C VAL C 1093 -36.97 49.21 -57.71
N GLU C 1094 -36.34 49.93 -58.64
CA GLU C 1094 -37.04 51.01 -59.34
C GLU C 1094 -38.16 50.48 -60.24
N ALA C 1095 -38.10 49.23 -60.65
CA ALA C 1095 -39.11 48.64 -61.53
C ALA C 1095 -40.17 47.87 -60.78
N GLY C 1096 -40.16 47.91 -59.44
CA GLY C 1096 -41.10 47.13 -58.65
C GLY C 1096 -40.81 45.65 -58.60
N TYR C 1097 -39.62 45.23 -59.04
CA TYR C 1097 -39.25 43.82 -59.06
C TYR C 1097 -38.79 43.30 -57.71
N TRP C 1098 -38.12 44.14 -56.92
CA TRP C 1098 -37.61 43.75 -55.62
C TRP C 1098 -38.05 44.78 -54.59
N PRO C 1099 -38.67 44.36 -53.49
CA PRO C 1099 -39.13 45.30 -52.47
C PRO C 1099 -38.05 45.61 -51.44
N LEU C 1100 -38.20 46.78 -50.81
CA LEU C 1100 -37.35 47.22 -49.71
C LEU C 1100 -38.25 47.51 -48.53
N TYR C 1101 -38.16 46.68 -47.49
CA TYR C 1101 -38.96 46.86 -46.29
C TYR C 1101 -38.16 46.46 -45.06
N ARG C 1102 -38.70 46.81 -43.89
CA ARG C 1102 -38.13 46.43 -42.60
C ARG C 1102 -39.27 46.18 -41.63
N TYR C 1103 -39.31 44.97 -41.07
CA TYR C 1103 -40.32 44.59 -40.09
C TYR C 1103 -39.62 44.52 -38.73
N ASN C 1104 -39.89 45.51 -37.87
CA ASN C 1104 -39.22 45.59 -36.59
C ASN C 1104 -40.21 45.20 -35.49
N PRO C 1105 -40.07 44.03 -34.87
CA PRO C 1105 -40.98 43.66 -33.77
C PRO C 1105 -40.92 44.59 -32.58
N GLN C 1106 -39.80 45.31 -32.38
CA GLN C 1106 -39.71 46.23 -31.26
C GLN C 1106 -40.66 47.40 -31.42
N LEU C 1107 -40.98 47.77 -32.66
CA LEU C 1107 -41.95 48.84 -32.89
C LEU C 1107 -43.34 48.44 -32.40
N ALA C 1108 -43.66 47.15 -32.44
CA ALA C 1108 -44.95 46.69 -31.93
C ALA C 1108 -45.06 46.86 -30.42
N GLN C 1109 -43.95 46.70 -29.71
CA GLN C 1109 -43.95 46.92 -28.26
C GLN C 1109 -44.17 48.38 -27.91
N GLU C 1110 -43.85 49.30 -28.83
CA GLU C 1110 -44.08 50.72 -28.64
C GLU C 1110 -45.43 51.18 -29.16
N GLY C 1111 -46.31 50.25 -29.53
CA GLY C 1111 -47.62 50.59 -30.02
C GLY C 1111 -47.67 51.07 -31.46
N LYS C 1112 -46.55 51.02 -32.17
CA LYS C 1112 -46.47 51.52 -33.54
C LYS C 1112 -46.54 50.38 -34.55
N ASN C 1113 -46.60 50.75 -35.83
CA ASN C 1113 -46.63 49.77 -36.90
C ASN C 1113 -45.24 49.18 -37.10
N PRO C 1114 -45.08 47.86 -36.95
CA PRO C 1114 -43.73 47.28 -37.16
C PRO C 1114 -43.28 47.32 -38.60
N PHE C 1115 -44.20 47.34 -39.56
CA PHE C 1115 -43.86 47.24 -40.98
C PHE C 1115 -43.60 48.63 -41.55
N ILE C 1116 -42.41 48.81 -42.11
CA ILE C 1116 -42.04 50.06 -42.77
C ILE C 1116 -41.62 49.71 -44.20
N LEU C 1117 -42.34 50.28 -45.17
CA LEU C 1117 -42.04 50.10 -46.58
C LEU C 1117 -41.08 51.22 -46.99
N ASP C 1118 -39.83 50.86 -47.27
CA ASP C 1118 -38.78 51.85 -47.52
C ASP C 1118 -38.77 52.38 -48.94
N TYR C 1119 -39.50 51.73 -49.86
CA TYR C 1119 -39.61 52.20 -51.24
C TYR C 1119 -41.05 51.95 -51.67
N LYS C 1120 -41.83 53.03 -51.78
CA LYS C 1120 -43.27 52.93 -51.98
C LYS C 1120 -43.68 53.00 -53.45
N THR C 1121 -43.14 53.96 -54.19
CA THR C 1121 -43.57 54.22 -55.56
C THR C 1121 -42.46 53.89 -56.56
N PRO C 1122 -42.62 52.85 -57.38
CA PRO C 1122 -41.62 52.55 -58.41
C PRO C 1122 -41.74 53.47 -59.61
N THR C 1123 -40.59 53.79 -60.21
CA THR C 1123 -40.51 54.74 -61.31
C THR C 1123 -40.07 54.12 -62.63
N ALA C 1124 -39.57 52.89 -62.64
CA ALA C 1124 -39.05 52.26 -63.85
C ALA C 1124 -40.05 51.26 -64.43
N SER C 1125 -39.82 50.89 -65.68
CA SER C 1125 -40.70 49.95 -66.39
C SER C 1125 -40.36 48.52 -65.97
N PHE C 1126 -41.39 47.72 -65.70
CA PHE C 1126 -41.17 46.36 -65.25
C PHE C 1126 -40.67 45.46 -66.38
N ARG C 1127 -41.27 45.56 -67.57
CA ARG C 1127 -40.84 44.70 -68.68
C ARG C 1127 -39.49 45.10 -69.23
N ASP C 1128 -39.12 46.38 -69.15
CA ASP C 1128 -37.79 46.76 -69.64
C ASP C 1128 -36.69 46.17 -68.77
N PHE C 1129 -36.96 45.98 -67.48
CA PHE C 1129 -35.97 45.34 -66.62
C PHE C 1129 -35.81 43.86 -66.95
N LEU C 1130 -36.92 43.18 -67.28
CA LEU C 1130 -36.83 41.76 -67.64
C LEU C 1130 -36.04 41.58 -68.93
N MET C 1131 -36.21 42.49 -69.89
CA MET C 1131 -35.49 42.38 -71.15
C MET C 1131 -34.01 42.72 -71.00
N GLY C 1132 -33.60 43.24 -69.86
CA GLY C 1132 -32.21 43.53 -69.55
C GLY C 1132 -31.43 42.38 -68.99
N GLU C 1133 -32.04 41.19 -68.88
CA GLU C 1133 -31.38 40.00 -68.38
C GLU C 1133 -31.67 38.83 -69.31
N ILE C 1134 -30.64 38.03 -69.60
CA ILE C 1134 -30.78 36.94 -70.56
C ILE C 1134 -31.74 35.88 -70.03
N ARG C 1135 -31.83 35.71 -68.71
CA ARG C 1135 -32.71 34.69 -68.15
C ARG C 1135 -34.18 34.92 -68.48
N TYR C 1136 -34.53 36.10 -69.00
CA TYR C 1136 -35.89 36.35 -69.44
C TYR C 1136 -36.02 36.51 -70.95
N THR C 1137 -35.00 37.04 -71.64
CA THR C 1137 -35.10 37.19 -73.09
C THR C 1137 -34.95 35.84 -73.80
N SER C 1138 -34.25 34.89 -73.17
CA SER C 1138 -34.14 33.56 -73.75
C SER C 1138 -35.46 32.82 -73.75
N LEU C 1139 -36.39 33.19 -72.86
CA LEU C 1139 -37.73 32.61 -72.92
C LEU C 1139 -38.48 33.09 -74.15
N LYS C 1140 -38.25 34.34 -74.55
CA LYS C 1140 -38.90 34.88 -75.74
C LYS C 1140 -38.35 34.26 -77.01
N LYS C 1141 -37.09 33.83 -77.00
CA LYS C 1141 -36.49 33.21 -78.18
C LYS C 1141 -36.89 31.74 -78.31
N GLN C 1142 -36.90 31.00 -77.19
CA GLN C 1142 -37.19 29.58 -77.27
C GLN C 1142 -38.67 29.32 -77.53
N PHE C 1143 -39.56 30.03 -76.83
CA PHE C 1143 -41.00 29.89 -77.02
C PHE C 1143 -41.63 31.27 -76.97
N PRO C 1144 -41.85 31.91 -78.11
CA PRO C 1144 -42.40 33.29 -78.09
C PRO C 1144 -43.85 33.35 -77.64
N GLU C 1145 -44.66 32.33 -77.95
CA GLU C 1145 -46.08 32.39 -77.64
C GLU C 1145 -46.32 32.37 -76.13
N LYS C 1146 -45.59 31.51 -75.42
CA LYS C 1146 -45.82 31.36 -73.98
C LYS C 1146 -45.00 32.34 -73.15
N ALA C 1147 -44.02 33.01 -73.74
CA ALA C 1147 -43.18 33.92 -72.99
C ALA C 1147 -43.93 35.20 -72.63
N GLU C 1148 -44.72 35.74 -73.56
CA GLU C 1148 -45.47 36.95 -73.28
C GLU C 1148 -46.52 36.75 -72.20
N GLN C 1149 -47.10 35.55 -72.12
CA GLN C 1149 -48.09 35.29 -71.08
C GLN C 1149 -47.43 35.28 -69.70
N LEU C 1150 -46.21 34.76 -69.60
CA LEU C 1150 -45.52 34.70 -68.32
C LEU C 1150 -45.00 36.08 -67.89
N PHE C 1151 -44.57 36.91 -68.84
CA PHE C 1151 -44.12 38.26 -68.48
C PHE C 1151 -45.27 39.09 -67.93
N ALA C 1152 -46.48 38.90 -68.46
CA ALA C 1152 -47.63 39.65 -67.98
C ALA C 1152 -48.01 39.24 -66.57
N LYS C 1153 -47.90 37.95 -66.25
CA LYS C 1153 -48.21 37.48 -64.89
C LYS C 1153 -47.16 37.99 -63.91
N ALA C 1154 -45.90 38.07 -64.33
CA ALA C 1154 -44.85 38.56 -63.44
C ALA C 1154 -45.11 40.02 -63.06
N GLU C 1155 -45.61 40.82 -64.01
CA GLU C 1155 -45.90 42.21 -63.71
C GLU C 1155 -47.14 42.34 -62.83
N ALA C 1156 -48.12 41.45 -63.03
CA ALA C 1156 -49.30 41.47 -62.18
C ALA C 1156 -48.97 41.01 -60.76
N ASP C 1157 -48.05 40.05 -60.62
CA ASP C 1157 -47.68 39.58 -59.29
C ASP C 1157 -46.87 40.63 -58.53
N ALA C 1158 -46.02 41.38 -59.24
CA ALA C 1158 -45.23 42.42 -58.57
C ALA C 1158 -46.08 43.61 -58.15
N LYS C 1159 -47.13 43.92 -58.92
CA LYS C 1159 -48.04 45.00 -58.53
C LYS C 1159 -48.94 44.57 -57.37
N ALA C 1160 -49.42 43.33 -57.39
CA ALA C 1160 -50.26 42.84 -56.30
C ALA C 1160 -49.47 42.72 -55.00
N ARG C 1161 -48.17 42.39 -55.09
CA ARG C 1161 -47.32 42.33 -53.91
C ARG C 1161 -47.01 43.73 -53.39
N LEU C 1162 -46.82 44.69 -54.29
CA LEU C 1162 -46.56 46.07 -53.89
C LEU C 1162 -47.77 46.70 -53.22
N GLU C 1163 -48.97 46.45 -53.75
CA GLU C 1163 -50.17 46.97 -53.10
C GLU C 1163 -50.40 46.31 -51.75
N GLN C 1164 -49.96 45.05 -51.59
CA GLN C 1164 -50.09 44.37 -50.30
C GLN C 1164 -49.16 44.98 -49.27
N TYR C 1165 -47.97 45.42 -49.67
CA TYR C 1165 -47.08 46.09 -48.73
C TYR C 1165 -47.60 47.47 -48.37
N LYS C 1166 -48.34 48.13 -49.27
CA LYS C 1166 -48.92 49.43 -48.96
C LYS C 1166 -50.03 49.32 -47.91
N LYS C 1167 -50.81 48.23 -47.93
CA LYS C 1167 -51.84 48.06 -46.92
C LYS C 1167 -51.25 47.73 -45.55
N LEU C 1168 -50.19 46.94 -45.51
CA LEU C 1168 -49.54 46.60 -44.24
C LEU C 1168 -48.87 47.81 -43.61
N ALA C 1169 -48.46 48.79 -44.40
CA ALA C 1169 -47.80 49.97 -43.86
C ALA C 1169 -48.79 51.02 -43.35
N GLU C 1170 -49.96 51.13 -43.97
CA GLU C 1170 -50.95 52.13 -43.56
C GLU C 1170 -51.69 51.69 -42.31
N PRO D 2 -25.42 3.19 -4.61
CA PRO D 2 -26.70 2.70 -4.09
C PRO D 2 -27.41 1.82 -5.09
N LYS D 3 -28.41 1.05 -4.64
CA LYS D 3 -29.17 0.16 -5.51
C LYS D 3 -30.51 0.82 -5.83
N GLN D 4 -30.86 0.86 -7.11
CA GLN D 4 -32.15 1.36 -7.57
C GLN D 4 -32.68 0.45 -8.65
N THR D 5 -34.00 0.48 -8.85
CA THR D 5 -34.66 -0.27 -9.91
C THR D 5 -34.93 0.70 -11.07
N LEU D 6 -34.19 0.55 -12.16
CA LEU D 6 -34.32 1.41 -13.32
C LEU D 6 -34.42 0.55 -14.57
N ASP D 7 -34.68 1.21 -15.69
CA ASP D 7 -34.61 0.61 -17.01
C ASP D 7 -33.37 1.11 -17.76
N GLY D 8 -33.16 0.54 -18.94
CA GLY D 8 -32.02 0.94 -19.75
C GLY D 8 -32.02 2.42 -20.07
N ASN D 9 -33.18 2.97 -20.42
CA ASN D 9 -33.27 4.39 -20.75
C ASN D 9 -32.83 5.25 -19.58
N THR D 10 -33.38 4.98 -18.38
CA THR D 10 -33.03 5.79 -17.23
C THR D 10 -31.56 5.62 -16.85
N ALA D 11 -31.03 4.40 -16.97
CA ALA D 11 -29.62 4.18 -16.69
C ALA D 11 -28.75 5.00 -17.63
N ALA D 12 -29.12 5.07 -18.91
CA ALA D 12 -28.34 5.84 -19.86
C ALA D 12 -28.48 7.33 -19.61
N ALA D 13 -29.73 7.80 -19.45
CA ALA D 13 -29.97 9.22 -19.22
C ALA D 13 -29.30 9.71 -17.95
N HIS D 14 -29.18 8.84 -16.94
CA HIS D 14 -28.46 9.22 -15.72
C HIS D 14 -27.04 9.65 -16.04
N VAL D 15 -26.33 8.86 -16.85
CA VAL D 15 -24.95 9.20 -17.18
C VAL D 15 -24.89 10.35 -18.18
N ALA D 16 -25.79 10.34 -19.17
CA ALA D 16 -25.78 11.40 -20.18
C ALA D 16 -26.02 12.77 -19.56
N TYR D 17 -26.93 12.85 -18.58
CA TYR D 17 -27.21 14.12 -17.94
C TYR D 17 -25.99 14.65 -17.20
N ALA D 18 -25.27 13.77 -16.49
CA ALA D 18 -24.14 14.20 -15.69
C ALA D 18 -22.98 14.74 -16.53
N MET D 19 -22.78 14.17 -17.72
CA MET D 19 -21.57 14.43 -18.49
C MET D 19 -21.72 15.50 -19.57
N SER D 20 -22.91 16.07 -19.74
CA SER D 20 -23.17 16.96 -20.85
C SER D 20 -23.71 18.30 -20.37
N GLU D 21 -23.46 19.34 -21.17
CA GLU D 21 -24.00 20.67 -20.95
C GLU D 21 -25.25 20.92 -21.80
N VAL D 22 -25.27 20.41 -23.04
CA VAL D 22 -26.39 20.59 -23.95
C VAL D 22 -26.87 19.21 -24.39
N ALA D 23 -28.18 19.09 -24.61
CA ALA D 23 -28.76 17.88 -25.15
C ALA D 23 -29.88 18.28 -26.11
N THR D 24 -29.63 18.13 -27.39
CA THR D 24 -30.65 18.40 -28.41
C THR D 24 -31.34 17.08 -28.72
N ILE D 25 -32.67 17.07 -28.61
CA ILE D 25 -33.43 15.84 -28.63
C ILE D 25 -34.60 15.96 -29.60
N TYR D 26 -35.12 14.81 -30.02
CA TYR D 26 -36.29 14.73 -30.85
C TYR D 26 -36.88 13.37 -30.55
N PRO D 27 -38.20 13.28 -30.36
CA PRO D 27 -38.80 12.04 -29.87
C PRO D 27 -38.87 10.96 -30.93
N ILE D 28 -38.53 9.74 -30.53
CA ILE D 28 -38.79 8.56 -31.33
C ILE D 28 -38.76 7.33 -30.43
N THR D 29 -39.82 6.53 -30.49
CA THR D 29 -39.86 5.29 -29.72
C THR D 29 -38.74 4.37 -30.20
N PRO D 30 -38.05 3.65 -29.29
CA PRO D 30 -38.21 3.66 -27.83
C PRO D 30 -37.17 4.50 -27.12
N SER D 31 -36.64 5.53 -27.78
CA SER D 31 -35.62 6.36 -27.16
C SER D 31 -36.20 7.58 -26.44
N SER D 32 -37.43 7.97 -26.77
CA SER D 32 -37.98 9.19 -26.21
C SER D 32 -38.06 9.23 -24.68
N PRO D 33 -38.33 8.12 -23.97
CA PRO D 33 -38.26 8.18 -22.49
C PRO D 33 -36.93 8.68 -21.97
N MET D 34 -35.83 8.38 -22.66
CA MET D 34 -34.53 8.86 -22.25
C MET D 34 -34.48 10.39 -22.21
N ALA D 35 -35.00 11.02 -23.27
CA ALA D 35 -34.99 12.48 -23.33
C ALA D 35 -36.05 13.08 -22.41
N GLU D 36 -37.13 12.35 -22.12
CA GLU D 36 -38.18 12.87 -21.25
C GLU D 36 -37.66 13.07 -19.84
N ILE D 37 -36.98 12.06 -19.29
CA ILE D 37 -36.53 12.15 -17.91
C ILE D 37 -35.41 13.17 -17.75
N ALA D 38 -34.61 13.37 -18.81
CA ALA D 38 -33.61 14.43 -18.78
C ALA D 38 -34.25 15.80 -18.75
N ASP D 39 -35.41 15.95 -19.39
CA ASP D 39 -36.11 17.23 -19.37
C ASP D 39 -36.68 17.52 -17.98
N GLU D 40 -37.23 16.50 -17.31
CA GLU D 40 -37.78 16.70 -15.98
C GLU D 40 -36.67 17.08 -14.98
N TRP D 41 -35.52 16.42 -15.08
CA TRP D 41 -34.41 16.72 -14.18
C TRP D 41 -33.94 18.16 -14.31
N ALA D 42 -33.82 18.66 -15.55
CA ALA D 42 -33.43 20.04 -15.74
C ALA D 42 -34.49 20.99 -15.20
N ALA D 43 -35.76 20.66 -15.40
CA ALA D 43 -36.84 21.50 -14.90
C ALA D 43 -36.88 21.56 -13.38
N HIS D 44 -36.43 20.50 -12.71
CA HIS D 44 -36.36 20.46 -11.25
C HIS D 44 -34.97 20.79 -10.72
N GLY D 45 -34.04 21.17 -11.60
CA GLY D 45 -32.77 21.70 -11.15
C GLY D 45 -31.72 20.69 -10.76
N ARG D 46 -31.70 19.52 -11.38
CA ARG D 46 -30.61 18.57 -11.13
C ARG D 46 -29.31 19.14 -11.68
N LYS D 47 -28.24 19.05 -10.90
CA LYS D 47 -26.95 19.57 -11.30
C LYS D 47 -26.10 18.49 -11.94
N ASN D 48 -25.41 18.84 -13.02
CA ASN D 48 -24.45 17.96 -13.66
C ASN D 48 -23.08 18.13 -13.00
N ILE D 49 -22.05 17.51 -13.58
CA ILE D 49 -20.70 17.63 -13.03
C ILE D 49 -20.10 19.02 -13.21
N PHE D 50 -20.79 19.91 -13.93
CA PHE D 50 -20.36 21.30 -14.08
C PHE D 50 -21.11 22.25 -13.16
N GLY D 51 -21.93 21.72 -12.26
CA GLY D 51 -22.67 22.56 -11.34
C GLY D 51 -23.86 23.28 -11.93
N LYS D 52 -24.22 22.98 -13.17
CA LYS D 52 -25.32 23.63 -13.87
C LYS D 52 -26.37 22.59 -14.25
N THR D 53 -27.54 23.09 -14.64
CA THR D 53 -28.58 22.22 -15.17
C THR D 53 -28.35 21.99 -16.66
N LEU D 54 -28.71 20.80 -17.12
CA LEU D 54 -28.58 20.47 -18.54
C LEU D 54 -29.56 21.29 -19.36
N GLN D 55 -29.07 21.84 -20.46
CA GLN D 55 -29.93 22.59 -21.37
C GLN D 55 -30.48 21.63 -22.42
N VAL D 56 -31.79 21.46 -22.43
CA VAL D 56 -32.46 20.54 -23.35
C VAL D 56 -33.12 21.37 -24.44
N ALA D 57 -32.81 21.08 -25.69
CA ALA D 57 -33.37 21.79 -26.84
C ALA D 57 -34.01 20.78 -27.77
N GLU D 58 -35.30 20.96 -28.04
CA GLU D 58 -36.01 20.12 -28.97
C GLU D 58 -35.98 20.78 -30.36
N MET D 59 -35.65 20.00 -31.37
CA MET D 59 -35.54 20.49 -32.74
C MET D 59 -36.76 20.06 -33.55
N GLN D 60 -36.73 20.36 -34.85
CA GLN D 60 -37.84 19.99 -35.72
C GLN D 60 -37.72 18.57 -36.25
N SER D 61 -36.54 17.96 -36.14
CA SER D 61 -36.30 16.60 -36.57
C SER D 61 -34.96 16.18 -35.99
N GLU D 62 -34.63 14.89 -36.15
CA GLU D 62 -33.33 14.43 -35.68
C GLU D 62 -32.22 14.99 -36.55
N ALA D 63 -32.51 15.25 -37.83
CA ALA D 63 -31.54 15.91 -38.70
C ALA D 63 -31.22 17.31 -38.16
N GLY D 64 -32.25 18.05 -37.75
CA GLY D 64 -32.00 19.32 -37.09
C GLY D 64 -31.27 19.15 -35.78
N ALA D 65 -31.60 18.08 -35.04
CA ALA D 65 -30.90 17.80 -33.78
C ALA D 65 -29.43 17.53 -34.04
N ALA D 66 -29.12 16.73 -35.06
CA ALA D 66 -27.74 16.42 -35.38
C ALA D 66 -26.96 17.68 -35.75
N GLY D 67 -27.56 18.55 -36.56
CA GLY D 67 -26.93 19.82 -36.87
C GLY D 67 -26.72 20.69 -35.66
N ALA D 68 -27.68 20.67 -34.72
CA ALA D 68 -27.52 21.41 -33.48
C ALA D 68 -26.40 20.83 -32.63
N VAL D 69 -26.27 19.50 -32.63
CA VAL D 69 -25.14 18.86 -31.95
C VAL D 69 -23.84 19.37 -32.55
N HIS D 70 -23.76 19.38 -33.88
CA HIS D 70 -22.54 19.80 -34.57
C HIS D 70 -22.20 21.25 -34.24
N GLY D 71 -23.17 22.15 -34.32
CA GLY D 71 -22.92 23.55 -34.01
C GLY D 71 -22.53 23.76 -32.57
N SER D 72 -23.20 23.08 -31.64
CA SER D 72 -22.86 23.20 -30.23
C SER D 72 -21.47 22.65 -29.93
N LEU D 73 -21.10 21.55 -30.57
CA LEU D 73 -19.77 20.97 -30.34
C LEU D 73 -18.67 21.86 -30.89
N ALA D 74 -18.83 22.35 -32.12
CA ALA D 74 -17.81 23.19 -32.72
C ALA D 74 -17.64 24.53 -32.00
N ALA D 75 -18.64 24.95 -31.23
CA ALA D 75 -18.58 26.21 -30.49
C ALA D 75 -18.12 26.03 -29.05
N GLY D 76 -17.91 24.80 -28.58
CA GLY D 76 -17.24 24.58 -27.32
C GLY D 76 -18.09 24.09 -26.16
N ALA D 77 -19.20 23.42 -26.46
CA ALA D 77 -20.07 22.87 -25.43
C ALA D 77 -20.17 21.35 -25.59
N LEU D 78 -19.98 20.63 -24.49
CA LEU D 78 -20.18 19.19 -24.50
C LEU D 78 -21.67 18.88 -24.66
N THR D 79 -22.01 18.17 -25.72
CA THR D 79 -23.40 17.96 -26.11
C THR D 79 -23.66 16.49 -26.40
N THR D 80 -24.85 16.03 -26.04
CA THR D 80 -25.28 14.68 -26.30
C THR D 80 -26.65 14.70 -26.96
N THR D 81 -27.13 13.51 -27.33
CA THR D 81 -28.46 13.37 -27.91
C THR D 81 -28.91 11.93 -27.77
N PHE D 82 -30.21 11.72 -27.98
CA PHE D 82 -30.83 10.41 -27.88
C PHE D 82 -31.72 10.20 -29.09
N THR D 83 -31.60 9.03 -29.71
CA THR D 83 -32.32 8.75 -30.94
C THR D 83 -32.36 7.25 -31.16
N ALA D 84 -32.92 6.85 -32.30
CA ALA D 84 -33.07 5.45 -32.68
C ALA D 84 -33.67 5.40 -34.07
N SER D 85 -33.49 4.27 -34.74
CA SER D 85 -34.26 3.87 -35.93
C SER D 85 -34.24 5.01 -36.95
N GLN D 86 -35.39 5.43 -37.49
CA GLN D 86 -35.42 6.47 -38.52
C GLN D 86 -34.72 7.73 -38.05
N GLY D 87 -34.71 7.96 -36.74
CA GLY D 87 -34.02 9.12 -36.21
C GLY D 87 -32.52 9.05 -36.41
N LEU D 88 -31.93 7.87 -36.19
CA LEU D 88 -30.51 7.71 -36.41
C LEU D 88 -30.17 7.89 -37.88
N LEU D 89 -31.05 7.46 -38.79
CA LEU D 89 -30.81 7.65 -40.21
C LEU D 89 -30.68 9.12 -40.56
N LEU D 90 -31.58 9.96 -40.04
CA LEU D 90 -31.52 11.39 -40.32
C LEU D 90 -30.29 12.07 -39.74
N MET D 91 -29.64 11.45 -38.75
CA MET D 91 -28.42 12.01 -38.19
C MET D 91 -27.16 11.52 -38.90
N ILE D 92 -27.29 10.53 -39.79
CA ILE D 92 -26.11 9.98 -40.46
C ILE D 92 -25.30 11.03 -41.21
N PRO D 93 -25.90 11.92 -42.00
CA PRO D 93 -25.08 12.95 -42.66
C PRO D 93 -24.23 13.77 -41.70
N ASN D 94 -24.80 14.22 -40.59
CA ASN D 94 -24.03 14.99 -39.62
C ASN D 94 -23.04 14.13 -38.86
N MET D 95 -23.28 12.82 -38.75
CA MET D 95 -22.34 11.95 -38.08
C MET D 95 -21.00 11.93 -38.80
N TYR D 96 -21.04 11.98 -40.15
CA TYR D 96 -19.81 12.08 -40.92
C TYR D 96 -19.04 13.36 -40.59
N LYS D 97 -19.77 14.46 -40.40
CA LYS D 97 -19.10 15.72 -40.07
C LYS D 97 -18.55 15.69 -38.66
N ILE D 98 -19.37 15.23 -37.70
CA ILE D 98 -18.95 15.19 -36.30
C ILE D 98 -17.76 14.25 -36.12
N ALA D 99 -17.81 13.07 -36.74
CA ALA D 99 -16.68 12.16 -36.67
C ALA D 99 -15.48 12.71 -37.44
N GLY D 100 -15.73 13.29 -38.62
CA GLY D 100 -14.63 13.81 -39.43
C GLY D 100 -13.88 14.94 -38.77
N GLU D 101 -14.57 15.77 -37.98
CA GLU D 101 -13.94 16.90 -37.31
C GLU D 101 -13.42 16.54 -35.93
N LEU D 102 -13.50 15.27 -35.54
CA LEU D 102 -12.97 14.78 -34.27
C LEU D 102 -13.51 15.57 -33.09
N LEU D 103 -14.84 15.55 -32.94
CA LEU D 103 -15.51 16.23 -31.86
C LEU D 103 -15.99 15.22 -30.83
N PRO D 104 -15.69 15.43 -29.55
CA PRO D 104 -16.17 14.51 -28.51
C PRO D 104 -17.68 14.56 -28.42
N CYS D 105 -18.31 13.39 -28.37
CA CYS D 105 -19.76 13.30 -28.45
C CYS D 105 -20.16 11.86 -28.17
N VAL D 106 -21.35 11.68 -27.62
CA VAL D 106 -21.92 10.35 -27.43
C VAL D 106 -23.38 10.38 -27.85
N PHE D 107 -23.74 9.57 -28.85
CA PHE D 107 -25.13 9.34 -29.20
C PHE D 107 -25.62 8.12 -28.43
N HIS D 108 -26.71 8.28 -27.69
CA HIS D 108 -27.34 7.18 -26.99
C HIS D 108 -28.54 6.70 -27.80
N VAL D 109 -28.52 5.44 -28.21
CA VAL D 109 -29.48 4.89 -29.16
C VAL D 109 -30.16 3.67 -28.54
N ALA D 110 -31.48 3.69 -28.52
CA ALA D 110 -32.27 2.50 -28.20
C ALA D 110 -32.55 1.79 -29.51
N ALA D 111 -31.64 0.90 -29.89
CA ALA D 111 -31.62 0.31 -31.24
C ALA D 111 -32.96 -0.27 -31.62
N ARG D 112 -33.49 0.19 -32.76
CA ARG D 112 -34.83 -0.16 -33.21
C ARG D 112 -34.82 -0.44 -34.71
N ALA D 113 -35.71 -1.33 -35.14
CA ALA D 113 -35.80 -1.70 -36.55
C ALA D 113 -36.11 -0.49 -37.44
N LEU D 114 -35.71 -0.59 -38.69
CA LEU D 114 -36.00 0.44 -39.69
C LEU D 114 -37.25 0.08 -40.45
N SER D 115 -37.94 1.12 -40.94
CA SER D 115 -39.17 0.93 -41.69
C SER D 115 -38.81 0.47 -43.11
N THR D 116 -39.21 -0.76 -43.44
CA THR D 116 -38.90 -1.36 -44.73
C THR D 116 -40.22 -1.68 -45.41
N HIS D 117 -40.60 -2.96 -45.49
CA HIS D 117 -41.94 -3.32 -45.95
C HIS D 117 -43.00 -2.87 -44.97
N ALA D 118 -42.60 -2.52 -43.75
CA ALA D 118 -43.51 -2.12 -42.69
C ALA D 118 -42.74 -1.35 -41.63
N LEU D 119 -43.48 -0.58 -40.84
CA LEU D 119 -42.95 0.09 -39.67
C LEU D 119 -42.83 -0.88 -38.51
N SER D 120 -41.82 -0.68 -37.69
CA SER D 120 -41.68 -1.44 -36.45
C SER D 120 -41.04 -0.54 -35.40
N ILE D 121 -41.75 -0.33 -34.28
CA ILE D 121 -41.18 0.45 -33.19
C ILE D 121 -40.26 -0.36 -32.30
N PHE D 122 -40.06 -1.64 -32.61
CA PHE D 122 -39.38 -2.56 -31.72
C PHE D 122 -37.91 -2.68 -32.07
N GLY D 123 -37.17 -3.44 -31.26
CA GLY D 123 -35.72 -3.34 -31.21
C GLY D 123 -35.00 -4.31 -32.11
N ASP D 124 -34.03 -3.79 -32.85
CA ASP D 124 -32.93 -4.57 -33.44
C ASP D 124 -31.83 -3.59 -33.83
N HIS D 125 -30.77 -4.11 -34.43
CA HIS D 125 -29.59 -3.32 -34.73
C HIS D 125 -29.57 -2.73 -36.14
N ALA D 126 -30.71 -2.76 -36.84
CA ALA D 126 -30.73 -2.28 -38.22
C ALA D 126 -30.28 -0.83 -38.30
N ASP D 127 -30.67 0.00 -37.33
CA ASP D 127 -30.29 1.40 -37.36
C ASP D 127 -28.80 1.58 -37.09
N VAL D 128 -28.28 0.90 -36.06
CA VAL D 128 -26.87 1.07 -35.70
C VAL D 128 -25.96 0.56 -36.81
N MET D 129 -26.33 -0.56 -37.44
CA MET D 129 -25.50 -1.08 -38.52
C MET D 129 -25.50 -0.16 -39.72
N ALA D 130 -26.58 0.62 -39.90
CA ALA D 130 -26.66 1.55 -41.02
C ALA D 130 -25.73 2.75 -40.86
N ALA D 131 -25.13 2.93 -39.69
CA ALA D 131 -24.20 4.02 -39.44
C ALA D 131 -22.78 3.53 -39.16
N ARG D 132 -22.49 2.25 -39.42
CA ARG D 132 -21.19 1.69 -39.05
C ARG D 132 -20.05 2.26 -39.88
N GLN D 133 -20.33 3.02 -40.94
CA GLN D 133 -19.31 3.59 -41.78
C GLN D 133 -19.16 5.10 -41.59
N THR D 134 -19.82 5.67 -40.59
CA THR D 134 -19.77 7.11 -40.38
C THR D 134 -18.47 7.57 -39.74
N GLY D 135 -17.71 6.66 -39.14
CA GLY D 135 -16.53 7.04 -38.39
C GLY D 135 -16.74 7.20 -36.90
N PHE D 136 -17.97 7.00 -36.43
CA PHE D 136 -18.23 6.95 -34.99
C PHE D 136 -17.70 5.65 -34.40
N ALA D 137 -17.25 5.72 -33.15
CA ALA D 137 -17.03 4.52 -32.38
C ALA D 137 -18.37 3.93 -31.97
N MET D 138 -18.38 2.62 -31.70
CA MET D 138 -19.64 1.93 -31.38
C MET D 138 -19.43 0.98 -30.20
N LEU D 139 -20.18 1.21 -29.13
CA LEU D 139 -20.09 0.45 -27.89
C LEU D 139 -21.47 -0.12 -27.56
N SER D 140 -21.52 -1.43 -27.32
CA SER D 140 -22.79 -2.13 -27.12
C SER D 140 -22.89 -2.61 -25.69
N SER D 141 -24.04 -2.33 -25.06
CA SER D 141 -24.33 -2.79 -23.70
C SER D 141 -25.41 -3.87 -23.74
N ALA D 142 -25.23 -4.92 -22.96
CA ALA D 142 -26.07 -6.11 -23.04
C ALA D 142 -27.14 -6.19 -21.98
N SER D 143 -27.05 -5.41 -20.91
CA SER D 143 -28.04 -5.47 -19.84
C SER D 143 -28.24 -4.07 -19.27
N VAL D 144 -29.24 -3.95 -18.40
CA VAL D 144 -29.53 -2.66 -17.78
C VAL D 144 -28.35 -2.20 -16.93
N GLN D 145 -27.68 -3.13 -16.25
CA GLN D 145 -26.49 -2.76 -15.48
C GLN D 145 -25.38 -2.29 -16.41
N GLU D 146 -25.25 -2.92 -17.57
CA GLU D 146 -24.21 -2.54 -18.52
C GLU D 146 -24.51 -1.19 -19.16
N VAL D 147 -25.79 -0.86 -19.33
CA VAL D 147 -26.15 0.44 -19.86
C VAL D 147 -25.61 1.55 -18.96
N MET D 148 -25.80 1.39 -17.64
CA MET D 148 -25.24 2.35 -16.69
C MET D 148 -23.72 2.43 -16.82
N ASP D 149 -23.06 1.27 -16.86
CA ASP D 149 -21.60 1.26 -16.83
C ASP D 149 -21.01 1.73 -18.14
N LEU D 150 -21.50 1.19 -19.26
CA LEU D 150 -20.87 1.47 -20.55
C LEU D 150 -21.19 2.87 -21.05
N ALA D 151 -22.32 3.44 -20.65
CA ALA D 151 -22.58 4.85 -20.95
C ALA D 151 -21.51 5.76 -20.33
N LEU D 152 -21.09 5.45 -19.10
CA LEU D 152 -19.98 6.19 -18.50
C LEU D 152 -18.69 5.94 -19.26
N VAL D 153 -18.47 4.70 -19.72
CA VAL D 153 -17.28 4.40 -20.50
C VAL D 153 -17.27 5.23 -21.79
N ALA D 154 -18.42 5.34 -22.44
CA ALA D 154 -18.51 6.11 -23.68
C ALA D 154 -18.21 7.58 -23.45
N HIS D 155 -18.81 8.17 -22.41
CA HIS D 155 -18.58 9.59 -22.15
C HIS D 155 -17.15 9.87 -21.73
N LEU D 156 -16.51 8.94 -21.02
CA LEU D 156 -15.12 9.14 -20.62
C LEU D 156 -14.18 8.93 -21.80
N ALA D 157 -14.45 7.93 -22.64
CA ALA D 157 -13.52 7.59 -23.71
C ALA D 157 -13.53 8.64 -24.82
N THR D 158 -14.70 9.19 -25.16
CA THR D 158 -14.80 10.13 -26.27
C THR D 158 -14.02 11.41 -26.03
N LEU D 159 -13.90 11.84 -24.77
CA LEU D 159 -13.09 13.00 -24.47
C LEU D 159 -11.62 12.74 -24.72
N LYS D 160 -11.15 11.53 -24.36
CA LYS D 160 -9.74 11.19 -24.51
C LYS D 160 -9.36 10.89 -25.95
N ALA D 161 -10.24 10.20 -26.70
CA ALA D 161 -9.89 9.74 -28.04
C ALA D 161 -10.22 10.73 -29.14
N ARG D 162 -11.06 11.73 -28.85
CA ARG D 162 -11.60 12.67 -29.84
C ARG D 162 -12.50 11.99 -30.87
N VAL D 163 -12.80 10.70 -30.69
CA VAL D 163 -13.66 9.95 -31.60
C VAL D 163 -15.04 9.87 -30.98
N PRO D 164 -16.08 10.32 -31.67
CA PRO D 164 -17.43 10.24 -31.10
C PRO D 164 -17.93 8.80 -31.05
N PHE D 165 -18.81 8.54 -30.10
CA PHE D 165 -19.28 7.19 -29.81
C PHE D 165 -20.78 7.10 -30.04
N VAL D 166 -21.22 5.94 -30.53
CA VAL D 166 -22.62 5.53 -30.48
C VAL D 166 -22.73 4.44 -29.43
N HIS D 167 -23.37 4.75 -28.31
CA HIS D 167 -23.66 3.76 -27.28
C HIS D 167 -25.09 3.29 -27.46
N PHE D 168 -25.27 2.02 -27.79
CA PHE D 168 -26.60 1.50 -28.11
C PHE D 168 -26.93 0.28 -27.26
N PHE D 169 -28.22 0.15 -26.95
CA PHE D 169 -28.76 -0.98 -26.22
C PHE D 169 -30.09 -1.33 -26.85
N ASP D 170 -30.47 -2.60 -26.74
CA ASP D 170 -31.60 -3.12 -27.50
C ASP D 170 -32.89 -2.43 -27.09
N GLY D 171 -33.61 -1.91 -28.10
CA GLY D 171 -34.85 -1.23 -27.82
C GLY D 171 -35.87 -2.16 -27.19
N PHE D 172 -36.58 -1.64 -26.19
CA PHE D 172 -37.58 -2.40 -25.42
C PHE D 172 -36.96 -3.53 -24.62
N ARG D 173 -36.29 -4.48 -25.32
CA ARG D 173 -35.70 -5.62 -24.64
C ARG D 173 -34.72 -5.21 -23.55
N THR D 174 -34.09 -4.04 -23.71
CA THR D 174 -33.25 -3.47 -22.67
C THR D 174 -33.67 -2.07 -22.25
N SER D 175 -34.13 -1.24 -23.18
CA SER D 175 -34.49 0.13 -22.84
C SER D 175 -35.69 0.19 -21.91
N HIS D 176 -36.62 -0.77 -22.02
CA HIS D 176 -37.83 -0.80 -21.21
C HIS D 176 -37.81 -1.92 -20.18
N GLU D 177 -36.71 -2.66 -20.07
CA GLU D 177 -36.58 -3.69 -19.05
C GLU D 177 -36.16 -3.04 -17.74
N VAL D 178 -36.93 -3.28 -16.68
CA VAL D 178 -36.64 -2.72 -15.36
C VAL D 178 -35.78 -3.73 -14.59
N GLN D 179 -34.69 -3.26 -14.02
CA GLN D 179 -33.78 -4.10 -13.26
C GLN D 179 -33.20 -3.33 -12.08
N LYS D 180 -32.91 -4.05 -11.00
CA LYS D 180 -32.19 -3.47 -9.86
C LYS D 180 -30.69 -3.49 -10.16
N ILE D 181 -30.09 -2.31 -10.22
CA ILE D 181 -28.68 -2.16 -10.62
C ILE D 181 -27.97 -1.24 -9.63
N ASP D 182 -26.64 -1.28 -9.70
CA ASP D 182 -25.82 -0.32 -8.98
C ASP D 182 -25.72 0.96 -9.79
N VAL D 183 -26.18 2.08 -9.21
CA VAL D 183 -26.17 3.37 -9.88
C VAL D 183 -24.91 4.12 -9.51
N ILE D 184 -24.26 4.70 -10.51
CA ILE D 184 -22.99 5.42 -10.32
C ILE D 184 -23.29 6.85 -9.94
N GLU D 185 -22.67 7.32 -8.85
CA GLU D 185 -22.87 8.67 -8.38
C GLU D 185 -22.18 9.68 -9.29
N TYR D 186 -22.80 10.86 -9.43
CA TYR D 186 -22.23 11.92 -10.24
C TYR D 186 -20.85 12.35 -9.73
N GLU D 187 -20.69 12.40 -8.40
CA GLU D 187 -19.41 12.79 -7.82
C GLU D 187 -18.31 11.82 -8.21
N ASP D 188 -18.64 10.54 -8.38
CA ASP D 188 -17.63 9.55 -8.79
C ASP D 188 -17.26 9.71 -10.25
N MET D 189 -18.21 10.12 -11.09
CA MET D 189 -17.92 10.33 -12.51
C MET D 189 -16.88 11.42 -12.72
N ALA D 190 -17.05 12.55 -12.04
CA ALA D 190 -16.13 13.68 -12.24
C ALA D 190 -14.70 13.34 -11.83
N LYS D 191 -14.52 12.39 -10.91
CA LYS D 191 -13.18 11.99 -10.50
C LYS D 191 -12.47 11.11 -11.52
N LEU D 192 -13.19 10.62 -12.52
CA LEU D 192 -12.62 9.80 -13.58
C LEU D 192 -12.43 10.58 -14.88
N VAL D 193 -12.99 11.78 -14.97
CA VAL D 193 -12.95 12.56 -16.21
C VAL D 193 -11.54 13.04 -16.48
N ASP D 194 -11.14 13.01 -17.75
CA ASP D 194 -9.90 13.63 -18.21
C ASP D 194 -10.22 15.11 -18.39
N TRP D 195 -10.00 15.88 -17.31
CA TRP D 195 -10.33 17.31 -17.36
C TRP D 195 -9.40 18.06 -18.30
N ASP D 196 -8.15 17.61 -18.43
CA ASP D 196 -7.22 18.22 -19.38
C ASP D 196 -7.77 18.14 -20.80
N ALA D 197 -8.41 17.03 -21.15
CA ALA D 197 -9.01 16.88 -22.47
C ALA D 197 -10.15 17.86 -22.71
N ILE D 198 -10.93 18.18 -21.66
CA ILE D 198 -12.04 19.10 -21.80
C ILE D 198 -11.54 20.51 -22.09
N ARG D 199 -10.52 20.97 -21.36
CA ARG D 199 -9.99 22.32 -21.60
C ARG D 199 -9.39 22.43 -23.01
N ALA D 200 -8.76 21.36 -23.48
CA ALA D 200 -8.23 21.36 -24.85
C ALA D 200 -9.36 21.49 -25.87
N PHE D 201 -10.53 20.90 -25.57
CA PHE D 201 -11.70 21.04 -26.43
C PHE D 201 -12.20 22.48 -26.48
N ARG D 202 -12.06 23.23 -25.37
CA ARG D 202 -12.52 24.62 -25.35
C ARG D 202 -11.67 25.50 -26.26
N GLN D 203 -10.37 25.23 -26.36
CA GLN D 203 -9.51 26.07 -27.18
C GLN D 203 -9.83 25.89 -28.66
N ARG D 204 -10.32 24.71 -29.05
CA ARG D 204 -10.68 24.44 -30.43
C ARG D 204 -12.01 25.03 -30.83
N ALA D 205 -12.69 25.71 -29.91
CA ALA D 205 -14.02 26.23 -30.22
C ALA D 205 -13.93 27.40 -31.17
N LEU D 206 -15.01 27.60 -31.93
CA LEU D 206 -15.16 28.77 -32.77
C LEU D 206 -15.25 30.02 -31.89
N ASN D 207 -14.33 30.96 -32.11
CA ASN D 207 -14.32 32.17 -31.32
C ASN D 207 -13.66 33.29 -32.13
N PRO D 208 -14.26 34.47 -32.19
CA PRO D 208 -13.66 35.55 -32.99
C PRO D 208 -12.34 36.07 -32.45
N GLU D 209 -11.99 35.77 -31.19
CA GLU D 209 -10.72 36.23 -30.64
C GLU D 209 -9.57 35.27 -30.94
N HIS D 210 -9.85 34.05 -31.39
CA HIS D 210 -8.84 33.15 -31.95
C HIS D 210 -9.50 32.35 -33.06
N PRO D 211 -9.80 32.98 -34.18
CA PRO D 211 -10.69 32.37 -35.16
C PRO D 211 -9.99 31.31 -36.00
N HIS D 212 -10.81 30.46 -36.61
CA HIS D 212 -10.33 29.42 -37.51
C HIS D 212 -11.47 29.07 -38.45
N GLN D 213 -11.13 28.33 -39.49
CA GLN D 213 -12.09 27.90 -40.50
C GLN D 213 -12.15 26.38 -40.53
N ARG D 214 -13.36 25.83 -40.54
CA ARG D 214 -13.54 24.40 -40.55
C ARG D 214 -14.65 24.05 -41.54
N GLY D 215 -14.61 22.83 -42.04
CA GLY D 215 -15.61 22.39 -43.01
C GLY D 215 -15.39 22.97 -44.38
N THR D 216 -14.14 23.08 -44.82
CA THR D 216 -13.83 23.64 -46.13
C THR D 216 -14.21 22.65 -47.23
N ALA D 217 -14.08 23.11 -48.47
CA ALA D 217 -14.20 22.28 -49.65
C ALA D 217 -12.80 22.04 -50.21
N GLN D 218 -12.51 20.79 -50.55
CA GLN D 218 -11.16 20.38 -50.93
C GLN D 218 -11.16 19.72 -52.31
N ASN D 219 -10.11 20.00 -53.06
CA ASN D 219 -9.92 19.45 -54.39
C ASN D 219 -9.27 18.08 -54.30
N PRO D 220 -9.18 17.33 -55.42
CA PRO D 220 -8.58 15.98 -55.36
C PRO D 220 -7.13 15.96 -54.89
N ASP D 221 -6.44 17.09 -54.87
CA ASP D 221 -5.02 17.10 -54.55
C ASP D 221 -4.76 16.79 -53.09
N ILE D 222 -5.71 17.08 -52.19
CA ILE D 222 -5.46 17.01 -50.76
C ILE D 222 -6.51 16.22 -49.99
N TYR D 223 -7.61 15.83 -50.65
CA TYR D 223 -8.72 15.23 -49.93
C TYR D 223 -8.33 13.87 -49.34
N PHE D 224 -7.68 13.02 -50.14
CA PHE D 224 -7.31 11.69 -49.67
C PHE D 224 -6.35 11.78 -48.48
N GLN D 225 -5.30 12.58 -48.60
CA GLN D 225 -4.35 12.72 -47.50
C GLN D 225 -5.03 13.22 -46.24
N SER D 226 -5.87 14.25 -46.38
CA SER D 226 -6.54 14.84 -45.22
C SER D 226 -7.49 13.84 -44.56
N ARG D 227 -8.08 12.93 -45.35
CA ARG D 227 -8.95 11.91 -44.76
C ARG D 227 -8.14 10.86 -44.01
N GLU D 228 -6.93 10.57 -44.46
CA GLU D 228 -6.07 9.62 -43.76
C GLU D 228 -5.36 10.24 -42.58
N ALA D 229 -5.43 11.56 -42.40
CA ALA D 229 -4.74 12.21 -41.30
C ALA D 229 -5.36 11.87 -39.94
N ALA D 230 -6.59 11.36 -39.92
CA ALA D 230 -7.25 10.96 -38.69
C ALA D 230 -6.96 9.52 -38.30
N ASN D 231 -6.14 8.81 -39.07
CA ASN D 231 -5.80 7.42 -38.76
C ASN D 231 -5.30 7.22 -37.34
N PRO D 232 -4.39 8.04 -36.80
CA PRO D 232 -3.91 7.79 -35.43
C PRO D 232 -5.00 7.79 -34.37
N TYR D 233 -5.99 8.67 -34.50
CA TYR D 233 -7.04 8.76 -33.48
C TYR D 233 -7.86 7.48 -33.41
N TYR D 234 -8.09 6.83 -34.55
CA TYR D 234 -8.79 5.56 -34.58
C TYR D 234 -7.90 4.41 -34.14
N LEU D 235 -6.60 4.50 -34.41
CA LEU D 235 -5.69 3.46 -33.95
C LEU D 235 -5.58 3.46 -32.43
N ALA D 236 -5.69 4.63 -31.81
CA ALA D 236 -5.58 4.76 -30.37
C ALA D 236 -6.91 4.54 -29.63
N THR D 237 -8.03 4.59 -30.34
CA THR D 237 -9.32 4.45 -29.69
C THR D 237 -9.53 3.10 -29.01
N PRO D 238 -9.22 1.95 -29.61
CA PRO D 238 -9.39 0.68 -28.87
C PRO D 238 -8.67 0.65 -27.54
N GLY D 239 -7.39 1.05 -27.51
CA GLY D 239 -6.65 1.05 -26.26
C GLY D 239 -7.21 2.01 -25.23
N ILE D 240 -7.75 3.15 -25.68
CA ILE D 240 -8.33 4.11 -24.75
C ILE D 240 -9.55 3.52 -24.05
N VAL D 241 -10.43 2.88 -24.81
CA VAL D 241 -11.59 2.24 -24.21
C VAL D 241 -11.16 1.15 -23.24
N ALA D 242 -10.13 0.37 -23.60
CA ALA D 242 -9.64 -0.67 -22.71
C ALA D 242 -9.13 -0.08 -21.40
N GLN D 243 -8.40 1.03 -21.48
CA GLN D 243 -7.90 1.69 -20.27
C GLN D 243 -9.03 2.33 -19.48
N VAL D 244 -10.01 2.93 -20.18
CA VAL D 244 -11.15 3.55 -19.51
C VAL D 244 -11.99 2.51 -18.78
N MET D 245 -12.21 1.35 -19.41
CA MET D 245 -12.99 0.30 -18.76
C MET D 245 -12.37 -0.16 -17.46
N GLU D 246 -11.04 -0.07 -17.33
CA GLU D 246 -10.39 -0.41 -16.07
C GLU D 246 -10.67 0.63 -14.99
N GLN D 247 -10.79 1.91 -15.37
CA GLN D 247 -11.18 2.94 -14.41
C GLN D 247 -12.54 2.65 -13.81
N VAL D 248 -13.53 2.34 -14.67
CA VAL D 248 -14.85 1.98 -14.19
C VAL D 248 -14.78 0.68 -13.39
N ALA D 249 -13.93 -0.25 -13.82
CA ALA D 249 -13.77 -1.51 -13.09
C ALA D 249 -13.25 -1.25 -11.67
N GLY D 250 -12.25 -0.39 -11.54
CA GLY D 250 -11.71 -0.09 -10.23
C GLY D 250 -12.69 0.58 -9.30
N LEU D 251 -13.63 1.35 -9.86
CA LEU D 251 -14.64 2.03 -9.04
C LEU D 251 -15.79 1.11 -8.68
N THR D 252 -16.29 0.34 -9.64
CA THR D 252 -17.51 -0.44 -9.46
C THR D 252 -17.28 -1.93 -9.20
N GLY D 253 -16.09 -2.45 -9.52
CA GLY D 253 -15.82 -3.86 -9.38
C GLY D 253 -16.27 -4.73 -10.54
N ARG D 254 -16.95 -4.15 -11.52
CA ARG D 254 -17.41 -4.88 -12.69
C ARG D 254 -16.44 -4.60 -13.84
N HIS D 255 -15.83 -5.66 -14.36
CA HIS D 255 -14.74 -5.53 -15.32
C HIS D 255 -15.26 -5.80 -16.72
N TYR D 256 -15.21 -4.79 -17.58
CA TYR D 256 -15.59 -4.93 -18.97
C TYR D 256 -14.34 -4.82 -19.83
N HIS D 257 -14.39 -5.46 -21.00
CA HIS D 257 -13.33 -5.39 -21.99
C HIS D 257 -13.98 -5.17 -23.35
N LEU D 258 -13.16 -4.82 -24.34
CA LEU D 258 -13.69 -4.64 -25.70
C LEU D 258 -14.38 -5.90 -26.19
N PHE D 259 -13.82 -7.06 -25.90
CA PHE D 259 -14.47 -8.34 -26.15
C PHE D 259 -14.32 -9.21 -24.91
N ASP D 260 -15.45 -9.72 -24.42
CA ASP D 260 -15.48 -10.56 -23.23
C ASP D 260 -15.86 -11.98 -23.62
N TYR D 261 -15.27 -12.96 -22.93
CA TYR D 261 -15.57 -14.36 -23.16
C TYR D 261 -16.22 -14.97 -21.92
N ALA D 262 -17.15 -15.90 -22.14
CA ALA D 262 -17.78 -16.65 -21.07
C ALA D 262 -18.08 -18.06 -21.56
N GLY D 263 -17.79 -19.04 -20.72
CA GLY D 263 -18.06 -20.43 -21.05
C GLY D 263 -16.85 -21.29 -20.80
N ALA D 264 -16.89 -22.49 -21.35
CA ALA D 264 -15.82 -23.45 -21.13
C ALA D 264 -14.51 -22.95 -21.76
N PRO D 265 -13.40 -23.04 -21.04
CA PRO D 265 -12.11 -22.66 -21.64
C PRO D 265 -11.66 -23.57 -22.76
N ASP D 266 -12.14 -24.82 -22.81
CA ASP D 266 -11.80 -25.76 -23.87
C ASP D 266 -12.95 -25.94 -24.86
N ALA D 267 -13.73 -24.89 -25.08
CA ALA D 267 -14.88 -24.96 -25.96
C ALA D 267 -14.46 -25.17 -27.41
N GLU D 268 -15.30 -25.90 -28.14
CA GLU D 268 -15.14 -26.09 -29.58
C GLU D 268 -16.18 -25.35 -30.40
N ARG D 269 -17.34 -25.03 -29.81
CA ARG D 269 -18.40 -24.27 -30.46
C ARG D 269 -18.62 -22.99 -29.67
N VAL D 270 -18.49 -21.85 -30.34
CA VAL D 270 -18.60 -20.54 -29.70
C VAL D 270 -19.57 -19.67 -30.49
N ILE D 271 -20.44 -18.96 -29.78
CA ILE D 271 -21.33 -17.99 -30.40
C ILE D 271 -20.77 -16.60 -30.16
N VAL D 272 -20.69 -15.81 -31.23
CA VAL D 272 -20.32 -14.40 -31.16
C VAL D 272 -21.58 -13.60 -31.39
N SER D 273 -21.91 -12.71 -30.45
CA SER D 273 -23.15 -11.96 -30.51
C SER D 273 -22.95 -10.62 -29.83
N MET D 274 -24.02 -9.82 -29.80
CA MET D 274 -23.95 -8.42 -29.40
C MET D 274 -25.31 -8.01 -28.85
N GLY D 275 -25.30 -7.15 -27.83
CA GLY D 275 -26.54 -6.68 -27.26
C GLY D 275 -27.13 -7.64 -26.24
N SER D 276 -28.44 -7.51 -26.02
CA SER D 276 -29.10 -8.26 -24.98
C SER D 276 -29.06 -9.76 -25.21
N SER D 277 -28.79 -10.20 -26.44
CA SER D 277 -28.67 -11.63 -26.71
C SER D 277 -27.55 -12.26 -25.88
N CYS D 278 -26.51 -11.49 -25.55
CA CYS D 278 -25.40 -12.02 -24.77
C CYS D 278 -25.87 -12.48 -23.40
N GLU D 279 -26.86 -11.81 -22.83
CA GLU D 279 -27.42 -12.26 -21.56
C GLU D 279 -28.09 -13.62 -21.73
N VAL D 280 -28.92 -13.76 -22.77
CA VAL D 280 -29.61 -15.03 -23.01
C VAL D 280 -28.62 -16.13 -23.31
N ILE D 281 -27.56 -15.82 -24.06
CA ILE D 281 -26.60 -16.85 -24.47
C ILE D 281 -25.73 -17.30 -23.30
N GLU D 282 -25.27 -16.34 -22.48
CA GLU D 282 -24.43 -16.72 -21.34
C GLU D 282 -25.21 -17.58 -20.35
N GLU D 283 -26.47 -17.23 -20.10
CA GLU D 283 -27.33 -18.06 -19.26
C GLU D 283 -27.50 -19.45 -19.87
N THR D 284 -27.64 -19.54 -21.19
CA THR D 284 -27.75 -20.83 -21.85
C THR D 284 -26.43 -21.58 -21.78
N VAL D 285 -25.31 -20.87 -21.91
CA VAL D 285 -24.00 -21.53 -21.85
C VAL D 285 -23.78 -22.18 -20.49
N ASN D 286 -24.16 -21.49 -19.41
CA ASN D 286 -24.06 -22.05 -18.07
C ASN D 286 -24.81 -23.38 -17.97
N TYR D 287 -26.01 -23.45 -18.55
CA TYR D 287 -26.79 -24.68 -18.52
C TYR D 287 -26.10 -25.79 -19.30
N LEU D 288 -25.56 -25.46 -20.48
CA LEU D 288 -24.93 -26.48 -21.30
C LEU D 288 -23.56 -26.89 -20.75
N VAL D 289 -22.79 -25.92 -20.26
CA VAL D 289 -21.50 -26.23 -19.66
C VAL D 289 -21.67 -27.13 -18.45
N GLU D 290 -22.71 -26.87 -17.64
CA GLU D 290 -22.99 -27.72 -16.50
C GLU D 290 -23.33 -29.14 -16.93
N LYS D 291 -23.95 -29.30 -18.10
CA LYS D 291 -24.22 -30.61 -18.65
C LYS D 291 -23.05 -31.21 -19.42
N GLY D 292 -21.92 -30.49 -19.52
CA GLY D 292 -20.71 -31.04 -20.09
C GLY D 292 -20.37 -30.61 -21.50
N GLU D 293 -21.23 -29.85 -22.16
CA GLU D 293 -20.95 -29.45 -23.52
C GLU D 293 -19.86 -28.37 -23.54
N LYS D 294 -18.94 -28.49 -24.50
CA LYS D 294 -17.82 -27.56 -24.61
C LYS D 294 -18.25 -26.41 -25.52
N VAL D 295 -19.00 -25.48 -24.95
CA VAL D 295 -19.52 -24.33 -25.67
C VAL D 295 -19.13 -23.05 -24.95
N GLY D 296 -19.13 -21.96 -25.70
CA GLY D 296 -18.72 -20.67 -25.15
C GLY D 296 -19.38 -19.54 -25.91
N LEU D 297 -19.10 -18.32 -25.46
CA LEU D 297 -19.71 -17.12 -26.01
C LEU D 297 -18.72 -15.96 -25.93
N ILE D 298 -18.64 -15.20 -27.02
CA ILE D 298 -17.85 -13.96 -27.06
C ILE D 298 -18.83 -12.81 -27.17
N LYS D 299 -18.84 -11.94 -26.17
CA LYS D 299 -19.69 -10.75 -26.19
C LYS D 299 -18.91 -9.61 -26.86
N VAL D 300 -19.52 -9.03 -27.88
CA VAL D 300 -18.93 -7.88 -28.56
C VAL D 300 -19.43 -6.63 -27.85
N ARG D 301 -18.52 -5.91 -27.20
CA ARG D 301 -18.85 -4.64 -26.57
C ARG D 301 -18.51 -3.46 -27.48
N LEU D 302 -17.24 -3.34 -27.87
CA LEU D 302 -16.81 -2.29 -28.79
C LEU D 302 -16.85 -2.86 -30.20
N PHE D 303 -17.95 -2.60 -30.92
CA PHE D 303 -18.08 -3.10 -32.27
C PHE D 303 -17.23 -2.30 -33.25
N ARG D 304 -17.15 -0.98 -33.07
CA ARG D 304 -16.32 -0.11 -33.89
C ARG D 304 -15.61 0.84 -32.93
N PRO D 305 -14.29 1.04 -33.09
CA PRO D 305 -13.42 0.33 -34.03
C PRO D 305 -13.20 -1.13 -33.65
N PHE D 306 -13.16 -2.01 -34.64
CA PHE D 306 -12.99 -3.43 -34.40
C PHE D 306 -11.50 -3.72 -34.22
N SER D 307 -11.12 -4.09 -33.00
CA SER D 307 -9.71 -4.36 -32.66
C SER D 307 -9.48 -5.86 -32.78
N ALA D 308 -8.73 -6.26 -33.81
CA ALA D 308 -8.43 -7.68 -33.98
C ALA D 308 -7.64 -8.23 -32.79
N GLU D 309 -6.74 -7.42 -32.23
CA GLU D 309 -5.93 -7.87 -31.10
C GLU D 309 -6.81 -8.21 -29.90
N HIS D 310 -7.79 -7.36 -29.59
CA HIS D 310 -8.64 -7.60 -28.44
C HIS D 310 -9.62 -8.75 -28.68
N PHE D 311 -9.95 -9.04 -29.93
CA PHE D 311 -10.84 -10.17 -30.23
C PHE D 311 -10.12 -11.50 -30.07
N LEU D 312 -8.94 -11.62 -30.69
CA LEU D 312 -8.20 -12.88 -30.64
C LEU D 312 -7.66 -13.20 -29.26
N LYS D 313 -7.46 -12.19 -28.40
CA LYS D 313 -6.93 -12.45 -27.07
C LYS D 313 -7.89 -13.30 -26.23
N VAL D 314 -9.19 -13.21 -26.50
CA VAL D 314 -10.20 -13.92 -25.72
C VAL D 314 -10.78 -15.10 -26.49
N LEU D 315 -10.21 -15.45 -27.64
CA LEU D 315 -10.68 -16.57 -28.42
C LEU D 315 -9.91 -17.80 -27.98
N PRO D 316 -10.55 -18.80 -27.37
CA PRO D 316 -9.82 -19.99 -26.94
C PRO D 316 -9.22 -20.73 -28.13
N ALA D 317 -8.03 -21.30 -27.91
CA ALA D 317 -7.34 -22.03 -28.96
C ALA D 317 -8.08 -23.30 -29.37
N SER D 318 -9.01 -23.78 -28.56
CA SER D 318 -9.74 -25.01 -28.80
C SER D 318 -10.95 -24.84 -29.70
N VAL D 319 -11.22 -23.62 -30.17
CA VAL D 319 -12.41 -23.35 -30.95
C VAL D 319 -12.28 -23.97 -32.34
N LYS D 320 -13.27 -24.77 -32.73
CA LYS D 320 -13.33 -25.37 -34.05
C LYS D 320 -14.45 -24.81 -34.92
N ARG D 321 -15.55 -24.36 -34.32
CA ARG D 321 -16.69 -23.87 -35.06
C ARG D 321 -17.31 -22.66 -34.34
N ILE D 322 -17.67 -21.64 -35.11
CA ILE D 322 -18.23 -20.41 -34.56
C ILE D 322 -19.52 -20.10 -35.31
N ALA D 323 -20.57 -19.76 -34.57
CA ALA D 323 -21.80 -19.24 -35.13
C ALA D 323 -21.95 -17.79 -34.71
N VAL D 324 -22.04 -16.89 -35.67
CA VAL D 324 -22.17 -15.47 -35.42
C VAL D 324 -23.64 -15.08 -35.59
N LEU D 325 -24.17 -14.32 -34.64
CA LEU D 325 -25.56 -13.92 -34.64
C LEU D 325 -25.62 -12.41 -34.86
N ASP D 326 -26.37 -11.99 -35.89
CA ASP D 326 -26.56 -10.59 -36.22
C ASP D 326 -28.02 -10.22 -35.97
N ARG D 327 -28.24 -9.10 -35.30
CA ARG D 327 -29.60 -8.62 -35.07
C ARG D 327 -30.01 -7.64 -36.16
N THR D 328 -29.81 -8.03 -37.41
CA THR D 328 -30.13 -7.20 -38.56
C THR D 328 -30.30 -8.09 -39.78
N LYS D 329 -30.75 -7.48 -40.87
CA LYS D 329 -30.85 -8.13 -42.16
C LYS D 329 -30.44 -7.12 -43.21
N GLU D 330 -29.49 -7.50 -44.06
CA GLU D 330 -29.07 -6.70 -45.21
C GLU D 330 -29.43 -7.49 -46.45
N PRO D 331 -30.59 -7.25 -47.05
CA PRO D 331 -31.09 -8.13 -48.11
C PRO D 331 -30.13 -8.15 -49.29
N GLY D 332 -29.88 -9.34 -49.82
CA GLY D 332 -29.00 -9.52 -50.94
C GLY D 332 -27.52 -9.49 -50.61
N SER D 333 -27.15 -9.02 -49.43
CA SER D 333 -25.75 -9.03 -49.05
C SER D 333 -25.28 -10.47 -48.84
N LEU D 334 -23.97 -10.66 -48.98
CA LEU D 334 -23.39 -11.98 -48.80
C LEU D 334 -23.52 -12.46 -47.35
N GLY D 335 -23.39 -11.53 -46.41
CA GLY D 335 -23.59 -11.83 -45.00
C GLY D 335 -23.82 -10.55 -44.23
N GLU D 336 -24.27 -10.71 -42.99
CA GLU D 336 -24.57 -9.58 -42.13
C GLU D 336 -23.30 -9.02 -41.50
N PRO D 337 -23.35 -7.77 -41.00
CA PRO D 337 -22.09 -7.08 -40.65
C PRO D 337 -21.19 -7.81 -39.67
N LEU D 338 -21.71 -8.26 -38.53
CA LEU D 338 -20.84 -8.91 -37.56
C LEU D 338 -20.28 -10.20 -38.11
N TYR D 339 -21.08 -10.93 -38.90
CA TYR D 339 -20.59 -12.17 -39.50
C TYR D 339 -19.42 -11.92 -40.43
N GLU D 340 -19.51 -10.86 -41.26
CA GLU D 340 -18.43 -10.58 -42.20
C GLU D 340 -17.17 -10.10 -41.50
N ASP D 341 -17.30 -9.42 -40.35
CA ASP D 341 -16.12 -9.05 -39.59
C ASP D 341 -15.44 -10.28 -38.99
N VAL D 342 -16.22 -11.16 -38.37
CA VAL D 342 -15.65 -12.37 -37.77
C VAL D 342 -15.00 -13.24 -38.84
N GLN D 343 -15.67 -13.40 -39.98
CA GLN D 343 -15.10 -14.18 -41.07
C GLN D 343 -13.80 -13.55 -41.56
N THR D 344 -13.75 -12.21 -41.58
CA THR D 344 -12.58 -11.50 -42.07
C THR D 344 -11.40 -11.63 -41.11
N VAL D 345 -11.63 -11.33 -39.83
CA VAL D 345 -10.52 -11.30 -38.87
C VAL D 345 -9.90 -12.69 -38.73
N LEU D 346 -10.73 -13.73 -38.77
CA LEU D 346 -10.20 -15.09 -38.71
C LEU D 346 -9.43 -15.46 -39.96
N ALA D 347 -9.84 -14.92 -41.12
CA ALA D 347 -9.11 -15.17 -42.35
C ALA D 347 -7.77 -14.45 -42.35
N GLU D 348 -7.73 -13.23 -41.82
CA GLU D 348 -6.49 -12.47 -41.77
C GLU D 348 -5.44 -13.12 -40.91
N HIS D 349 -5.83 -14.02 -40.00
CA HIS D 349 -4.89 -14.71 -39.12
C HIS D 349 -4.86 -16.21 -39.34
N GLY D 350 -5.40 -16.69 -40.45
CA GLY D 350 -5.26 -18.09 -40.83
C GLY D 350 -5.86 -19.09 -39.87
N LYS D 351 -6.88 -18.67 -39.11
CA LYS D 351 -7.53 -19.59 -38.19
C LYS D 351 -8.39 -20.58 -38.97
N ASN D 352 -8.22 -21.86 -38.68
CA ASN D 352 -9.02 -22.90 -39.33
C ASN D 352 -10.27 -23.15 -38.50
N ILE D 353 -11.22 -22.21 -38.62
CA ILE D 353 -12.46 -22.23 -37.86
C ILE D 353 -13.61 -22.14 -38.85
N LEU D 354 -14.53 -23.11 -38.78
CA LEU D 354 -15.73 -23.05 -39.59
C LEU D 354 -16.65 -21.98 -39.01
N VAL D 355 -16.95 -20.95 -39.80
CA VAL D 355 -17.77 -19.82 -39.36
C VAL D 355 -19.10 -19.86 -40.09
N VAL D 356 -20.17 -19.61 -39.36
CA VAL D 356 -21.53 -19.63 -39.88
C VAL D 356 -22.28 -18.47 -39.27
N GLY D 357 -23.09 -17.78 -40.09
CA GLY D 357 -23.80 -16.59 -39.65
C GLY D 357 -25.30 -16.78 -39.72
N GLY D 358 -26.00 -16.07 -38.82
CA GLY D 358 -27.44 -16.13 -38.76
C GLY D 358 -28.04 -14.81 -38.32
N ARG D 359 -29.37 -14.74 -38.41
CA ARG D 359 -30.13 -13.57 -38.03
C ARG D 359 -31.14 -13.95 -36.94
N TYR D 360 -31.38 -13.02 -36.02
CA TYR D 360 -32.27 -13.29 -34.91
C TYR D 360 -32.94 -12.00 -34.46
N GLY D 361 -34.05 -12.15 -33.76
CA GLY D 361 -34.63 -11.06 -32.98
C GLY D 361 -35.03 -9.82 -33.76
N LEU D 362 -35.40 -9.97 -35.03
CA LEU D 362 -35.83 -8.81 -35.80
C LEU D 362 -37.17 -8.29 -35.30
N GLY D 363 -37.24 -6.97 -35.09
CA GLY D 363 -38.44 -6.38 -34.55
C GLY D 363 -38.80 -6.93 -33.20
N SER D 364 -37.81 -7.10 -32.32
CA SER D 364 -38.02 -7.64 -30.98
C SER D 364 -38.59 -9.05 -30.98
N LYS D 365 -38.27 -9.84 -32.01
CA LYS D 365 -38.65 -11.24 -32.00
C LYS D 365 -38.02 -11.92 -30.80
N GLU D 366 -38.79 -12.82 -30.17
CA GLU D 366 -38.30 -13.49 -28.97
C GLU D 366 -37.02 -14.26 -29.26
N PHE D 367 -36.10 -14.21 -28.30
CA PHE D 367 -34.83 -14.94 -28.40
C PHE D 367 -34.58 -15.56 -27.02
N ASN D 368 -34.93 -16.83 -26.89
CA ASN D 368 -34.92 -17.56 -25.64
C ASN D 368 -33.87 -18.68 -25.67
N PRO D 369 -33.58 -19.31 -24.53
CA PRO D 369 -32.54 -20.35 -24.52
C PRO D 369 -32.80 -21.52 -25.46
N SER D 370 -34.06 -21.87 -25.69
CA SER D 370 -34.36 -22.96 -26.62
C SER D 370 -33.77 -22.66 -28.00
N MET D 371 -33.81 -21.39 -28.40
CA MET D 371 -33.20 -20.97 -29.67
C MET D 371 -31.69 -20.99 -29.60
N VAL D 372 -31.11 -20.58 -28.46
CA VAL D 372 -29.66 -20.60 -28.33
C VAL D 372 -29.14 -22.02 -28.48
N LYS D 373 -29.86 -22.99 -27.93
CA LYS D 373 -29.47 -24.39 -28.11
C LYS D 373 -29.54 -24.81 -29.57
N ALA D 374 -30.55 -24.31 -30.30
CA ALA D 374 -30.65 -24.62 -31.73
C ALA D 374 -29.44 -24.08 -32.49
N VAL D 375 -28.94 -22.92 -32.09
CA VAL D 375 -27.72 -22.38 -32.71
C VAL D 375 -26.53 -23.26 -32.39
N PHE D 376 -26.40 -23.72 -31.15
CA PHE D 376 -25.32 -24.63 -30.80
C PHE D 376 -25.51 -25.98 -31.48
N ASP D 377 -26.76 -26.45 -31.60
CA ASP D 377 -27.00 -27.70 -32.28
C ASP D 377 -26.63 -27.61 -33.76
N ASN D 378 -26.83 -26.44 -34.37
CA ASN D 378 -26.42 -26.26 -35.76
C ASN D 378 -24.92 -26.35 -35.92
N LEU D 379 -24.17 -25.82 -34.94
CA LEU D 379 -22.72 -26.00 -34.96
C LEU D 379 -22.32 -27.45 -34.72
N ALA D 380 -23.18 -28.22 -34.07
CA ALA D 380 -22.91 -29.63 -33.81
C ALA D 380 -23.32 -30.54 -34.95
N ALA D 381 -24.01 -30.02 -35.96
CA ALA D 381 -24.41 -30.86 -37.07
C ALA D 381 -23.20 -31.22 -37.92
N THR D 382 -23.35 -32.27 -38.73
CA THR D 382 -22.27 -32.69 -39.62
C THR D 382 -21.92 -31.58 -40.59
N THR D 383 -22.95 -30.96 -41.18
CA THR D 383 -22.79 -29.80 -42.05
C THR D 383 -23.65 -28.67 -41.52
N PRO D 384 -23.10 -27.74 -40.75
CA PRO D 384 -23.90 -26.63 -40.23
C PRO D 384 -24.49 -25.81 -41.36
N LYS D 385 -25.78 -25.52 -41.25
CA LYS D 385 -26.44 -24.65 -42.22
C LYS D 385 -25.96 -23.23 -42.02
N ASN D 386 -25.58 -22.58 -43.12
CA ASN D 386 -25.13 -21.19 -43.08
C ASN D 386 -26.22 -20.27 -43.57
N LYS D 387 -26.09 -18.98 -43.22
CA LYS D 387 -27.05 -17.95 -43.61
C LYS D 387 -28.46 -18.29 -43.14
N PHE D 388 -28.57 -18.56 -41.83
CA PHE D 388 -29.80 -19.06 -41.23
C PHE D 388 -30.54 -17.96 -40.48
N THR D 389 -31.74 -18.30 -40.02
CA THR D 389 -32.55 -17.45 -39.16
C THR D 389 -33.06 -18.26 -37.99
N VAL D 390 -33.31 -17.60 -36.86
CA VAL D 390 -33.77 -18.25 -35.64
C VAL D 390 -34.97 -17.51 -35.08
N GLY D 391 -36.02 -18.24 -34.75
CA GLY D 391 -37.23 -17.65 -34.19
C GLY D 391 -38.41 -17.63 -35.12
N ILE D 392 -38.27 -18.07 -36.37
CA ILE D 392 -39.37 -18.09 -37.33
C ILE D 392 -39.41 -19.46 -38.00
N THR D 393 -40.46 -19.70 -38.76
CA THR D 393 -40.58 -20.89 -39.58
C THR D 393 -40.56 -20.43 -41.04
N ASP D 394 -39.40 -20.57 -41.67
CA ASP D 394 -39.18 -20.16 -43.05
C ASP D 394 -39.42 -21.36 -43.96
N ASP D 395 -40.67 -21.53 -44.38
CA ASP D 395 -41.03 -22.62 -45.28
C ASP D 395 -40.93 -22.23 -46.75
N VAL D 396 -40.36 -21.06 -47.04
CA VAL D 396 -40.21 -20.60 -48.41
C VAL D 396 -38.78 -20.81 -48.87
N THR D 397 -37.83 -20.23 -48.13
CA THR D 397 -36.42 -20.35 -48.44
C THR D 397 -35.67 -21.27 -47.49
N HIS D 398 -36.34 -21.80 -46.46
CA HIS D 398 -35.77 -22.85 -45.61
C HIS D 398 -34.47 -22.40 -44.96
N THR D 399 -34.47 -21.18 -44.43
CA THR D 399 -33.32 -20.67 -43.70
C THR D 399 -33.44 -20.83 -42.20
N SER D 400 -34.65 -21.11 -41.70
CA SER D 400 -34.88 -21.15 -40.27
C SER D 400 -34.37 -22.46 -39.67
N LEU D 401 -33.85 -22.37 -38.44
CA LEU D 401 -33.42 -23.53 -37.70
C LEU D 401 -34.62 -24.17 -37.00
N GLU D 402 -34.55 -25.49 -36.85
CA GLU D 402 -35.62 -26.25 -36.19
C GLU D 402 -35.44 -26.16 -34.68
N ILE D 403 -36.47 -25.70 -33.98
CA ILE D 403 -36.50 -25.69 -32.51
C ILE D 403 -36.93 -27.08 -32.06
N LYS D 404 -35.95 -27.92 -31.69
CA LYS D 404 -36.23 -29.32 -31.40
C LYS D 404 -36.96 -29.48 -30.07
N GLU D 405 -36.34 -29.03 -28.98
CA GLU D 405 -36.90 -29.24 -27.64
C GLU D 405 -36.92 -27.92 -26.88
N HIS D 406 -37.75 -27.89 -25.84
CA HIS D 406 -37.88 -26.74 -24.96
C HIS D 406 -37.11 -27.02 -23.67
N ILE D 407 -36.20 -26.12 -23.33
CA ILE D 407 -35.37 -26.29 -22.13
C ILE D 407 -35.62 -25.14 -21.16
N ASP D 408 -35.35 -25.41 -19.88
CA ASP D 408 -35.50 -24.43 -18.82
C ASP D 408 -34.11 -24.17 -18.25
N THR D 409 -33.51 -23.05 -18.63
CA THR D 409 -32.18 -22.67 -18.17
C THR D 409 -32.20 -21.61 -17.10
N SER D 410 -33.38 -21.32 -16.54
CA SER D 410 -33.46 -20.30 -15.50
C SER D 410 -32.72 -20.78 -14.26
N PRO D 411 -31.92 -19.92 -13.64
CA PRO D 411 -31.21 -20.33 -12.42
C PRO D 411 -32.19 -20.75 -11.34
N LYS D 412 -31.86 -21.81 -10.62
CA LYS D 412 -32.72 -22.30 -9.57
C LYS D 412 -32.83 -21.27 -8.45
N GLY D 413 -34.04 -21.09 -7.94
CA GLY D 413 -34.33 -20.06 -6.96
C GLY D 413 -34.86 -18.76 -7.52
N THR D 414 -35.04 -18.68 -8.83
CA THR D 414 -35.57 -17.48 -9.47
C THR D 414 -37.09 -17.62 -9.60
N PHE D 415 -37.82 -16.66 -9.01
CA PHE D 415 -39.28 -16.64 -9.10
C PHE D 415 -39.72 -15.96 -10.38
N ARG D 416 -40.81 -16.46 -10.98
CA ARG D 416 -41.28 -15.98 -12.27
C ARG D 416 -42.79 -15.81 -12.22
N CYS D 417 -43.27 -14.64 -12.63
CA CYS D 417 -44.69 -14.32 -12.60
C CYS D 417 -45.13 -13.70 -13.91
N LYS D 418 -46.32 -14.08 -14.36
CA LYS D 418 -46.98 -13.45 -15.51
C LYS D 418 -48.29 -12.83 -15.05
N PHE D 419 -48.56 -11.62 -15.52
CA PHE D 419 -49.78 -10.89 -15.19
C PHE D 419 -50.48 -10.48 -16.48
N PHE D 420 -51.63 -11.09 -16.76
CA PHE D 420 -52.46 -10.70 -17.89
C PHE D 420 -53.40 -9.61 -17.41
N GLY D 421 -53.23 -8.39 -17.94
CA GLY D 421 -54.03 -7.26 -17.53
C GLY D 421 -54.79 -6.65 -18.69
N LEU D 422 -55.67 -5.71 -18.35
CA LEU D 422 -56.41 -4.93 -19.31
C LEU D 422 -55.78 -3.54 -19.41
N GLY D 423 -55.97 -2.90 -20.56
CA GLY D 423 -55.40 -1.58 -20.79
C GLY D 423 -55.77 -0.56 -19.74
N SER D 424 -54.76 -0.05 -19.04
CA SER D 424 -54.94 1.02 -18.05
C SER D 424 -55.84 0.62 -16.89
N ASP D 425 -55.81 -0.65 -16.49
CA ASP D 425 -56.54 -1.10 -15.32
C ASP D 425 -55.69 -1.07 -14.05
N GLY D 426 -54.44 -0.62 -14.15
CA GLY D 426 -53.55 -0.52 -13.02
C GLY D 426 -52.61 -1.70 -12.84
N THR D 427 -52.76 -2.75 -13.65
CA THR D 427 -51.96 -3.95 -13.46
C THR D 427 -50.47 -3.66 -13.63
N VAL D 428 -50.12 -3.03 -14.75
CA VAL D 428 -48.70 -2.74 -15.02
C VAL D 428 -48.14 -1.81 -13.96
N GLY D 429 -48.89 -0.77 -13.60
CA GLY D 429 -48.41 0.15 -12.58
C GLY D 429 -48.19 -0.52 -11.25
N ALA D 430 -49.07 -1.47 -10.89
CA ALA D 430 -48.90 -2.19 -9.63
C ALA D 430 -47.66 -3.09 -9.67
N ASN D 431 -47.45 -3.80 -10.78
CA ASN D 431 -46.30 -4.69 -10.88
C ASN D 431 -44.99 -3.92 -10.80
N LYS D 432 -44.94 -2.74 -11.41
CA LYS D 432 -43.76 -1.89 -11.28
C LYS D 432 -43.50 -1.52 -9.83
N ASN D 433 -44.57 -1.21 -9.09
CA ASN D 433 -44.42 -0.90 -7.66
C ASN D 433 -43.99 -2.12 -6.87
N SER D 434 -44.47 -3.31 -7.26
CA SER D 434 -44.06 -4.53 -6.57
C SER D 434 -42.56 -4.75 -6.72
N ILE D 435 -42.01 -4.45 -7.89
CA ILE D 435 -40.58 -4.61 -8.13
C ILE D 435 -39.78 -3.67 -7.24
N LYS D 436 -40.23 -2.41 -7.13
CA LYS D 436 -39.52 -1.46 -6.27
C LYS D 436 -39.60 -1.87 -4.81
N ILE D 437 -40.74 -2.43 -4.40
CA ILE D 437 -40.87 -2.93 -3.02
C ILE D 437 -39.87 -4.06 -2.76
N ILE D 438 -39.84 -5.05 -3.66
CA ILE D 438 -38.98 -6.22 -3.45
C ILE D 438 -37.51 -5.84 -3.57
N GLY D 439 -37.17 -4.99 -4.55
CA GLY D 439 -35.78 -4.66 -4.77
C GLY D 439 -35.18 -3.82 -3.65
N ASP D 440 -35.98 -2.90 -3.11
CA ASP D 440 -35.47 -1.97 -2.10
C ASP D 440 -35.35 -2.60 -0.72
N HIS D 441 -36.07 -3.68 -0.45
CA HIS D 441 -36.15 -4.22 0.90
C HIS D 441 -35.61 -5.64 1.03
N THR D 442 -35.10 -6.24 -0.04
CA THR D 442 -34.48 -7.55 -0.01
C THR D 442 -33.13 -7.48 -0.70
N ASP D 443 -32.36 -8.55 -0.57
CA ASP D 443 -31.10 -8.69 -1.30
C ASP D 443 -31.29 -9.24 -2.70
N MET D 444 -32.52 -9.49 -3.12
CA MET D 444 -32.79 -10.17 -4.38
C MET D 444 -32.71 -9.22 -5.57
N TYR D 445 -32.24 -9.75 -6.69
CA TYR D 445 -32.32 -9.05 -7.95
C TYR D 445 -33.75 -9.10 -8.48
N ALA D 446 -34.14 -8.06 -9.20
CA ALA D 446 -35.50 -7.95 -9.72
C ALA D 446 -35.47 -7.51 -11.17
N GLN D 447 -36.37 -8.08 -11.97
CA GLN D 447 -36.48 -7.78 -13.39
C GLN D 447 -37.95 -7.67 -13.77
N GLY D 448 -38.28 -6.69 -14.61
CA GLY D 448 -39.63 -6.54 -15.11
C GLY D 448 -39.69 -6.15 -16.57
N TYR D 449 -40.53 -6.85 -17.34
CA TYR D 449 -40.75 -6.55 -18.75
C TYR D 449 -42.24 -6.60 -19.03
N PHE D 450 -42.73 -5.66 -19.84
CA PHE D 450 -44.15 -5.44 -20.02
C PHE D 450 -44.50 -5.40 -21.50
N VAL D 451 -45.41 -6.27 -21.90
CA VAL D 451 -45.85 -6.39 -23.29
C VAL D 451 -47.15 -5.62 -23.43
N TYR D 452 -47.16 -4.65 -24.35
CA TYR D 452 -48.32 -3.80 -24.59
C TYR D 452 -48.97 -4.17 -25.92
N ASP D 453 -50.14 -3.60 -26.16
CA ASP D 453 -50.91 -3.85 -27.37
C ASP D 453 -50.94 -2.61 -28.25
N SER D 454 -51.19 -2.84 -29.54
CA SER D 454 -51.30 -1.73 -30.49
C SER D 454 -52.62 -0.96 -30.34
N LYS D 455 -53.66 -1.60 -29.81
CA LYS D 455 -54.92 -0.91 -29.54
C LYS D 455 -54.73 0.06 -28.39
N LYS D 456 -55.19 1.30 -28.58
CA LYS D 456 -54.93 2.33 -27.57
C LYS D 456 -55.84 2.24 -26.34
N SER D 457 -57.02 1.64 -26.46
CA SER D 457 -57.94 1.49 -25.35
C SER D 457 -58.48 0.06 -25.32
N GLY D 458 -58.43 -0.57 -24.15
CA GLY D 458 -58.93 -1.92 -24.02
C GLY D 458 -58.00 -3.03 -24.46
N GLY D 459 -56.70 -2.74 -24.57
CA GLY D 459 -55.75 -3.74 -25.03
C GLY D 459 -55.35 -4.73 -23.94
N VAL D 460 -54.69 -5.79 -24.38
CA VAL D 460 -54.19 -6.83 -23.49
C VAL D 460 -52.77 -6.49 -23.08
N THR D 461 -52.47 -6.57 -21.79
CA THR D 461 -51.13 -6.34 -21.27
C THR D 461 -50.66 -7.58 -20.53
N ILE D 462 -49.40 -7.96 -20.77
CA ILE D 462 -48.78 -9.12 -20.15
C ILE D 462 -47.49 -8.65 -19.48
N SER D 463 -47.45 -8.70 -18.15
CA SER D 463 -46.28 -8.31 -17.38
C SER D 463 -45.45 -9.54 -17.05
N HIS D 464 -44.12 -9.41 -17.17
CA HIS D 464 -43.19 -10.49 -16.86
C HIS D 464 -42.23 -10.00 -15.77
N LEU D 465 -42.30 -10.62 -14.59
CA LEU D 465 -41.47 -10.27 -13.46
C LEU D 465 -40.61 -11.46 -13.03
N ARG D 466 -39.39 -11.17 -12.58
CA ARG D 466 -38.48 -12.19 -12.07
C ARG D 466 -37.78 -11.65 -10.84
N PHE D 467 -37.68 -12.50 -9.81
CA PHE D 467 -36.91 -12.17 -8.62
C PHE D 467 -36.09 -13.38 -8.23
N GLY D 468 -34.82 -13.15 -7.90
CA GLY D 468 -33.96 -14.25 -7.49
C GLY D 468 -32.74 -13.76 -6.76
N LYS D 469 -32.12 -14.68 -6.03
CA LYS D 469 -30.89 -14.37 -5.30
C LYS D 469 -29.68 -14.25 -6.22
N GLN D 470 -29.80 -14.65 -7.49
CA GLN D 470 -28.74 -14.60 -8.46
C GLN D 470 -29.06 -13.54 -9.52
N PRO D 471 -28.03 -12.98 -10.16
CA PRO D 471 -28.28 -11.96 -11.19
C PRO D 471 -29.21 -12.47 -12.27
N ILE D 472 -30.11 -11.60 -12.72
CA ILE D 472 -31.15 -11.99 -13.67
C ILE D 472 -30.64 -11.66 -15.06
N GLN D 473 -30.22 -12.68 -15.79
CA GLN D 473 -29.78 -12.55 -17.17
C GLN D 473 -30.87 -12.93 -18.17
N SER D 474 -32.09 -13.15 -17.68
CA SER D 474 -33.18 -13.69 -18.50
C SER D 474 -33.84 -12.56 -19.29
N ALA D 475 -33.19 -12.19 -20.39
CA ALA D 475 -33.74 -11.18 -21.30
C ALA D 475 -34.67 -11.80 -22.35
N TYR D 476 -35.67 -12.52 -21.84
CA TYR D 476 -36.67 -13.15 -22.69
C TYR D 476 -37.96 -13.31 -21.89
N LEU D 477 -39.04 -13.62 -22.61
CA LEU D 477 -40.33 -13.80 -21.95
C LEU D 477 -40.30 -15.05 -21.07
N ILE D 478 -41.22 -15.09 -20.10
CA ILE D 478 -41.21 -16.16 -19.11
C ILE D 478 -41.71 -17.46 -19.73
N ASP D 479 -40.90 -18.52 -19.59
CA ASP D 479 -41.21 -19.83 -20.13
C ASP D 479 -41.95 -20.72 -19.13
N GLN D 480 -41.39 -20.85 -17.93
CA GLN D 480 -41.98 -21.66 -16.86
C GLN D 480 -42.31 -20.71 -15.73
N ALA D 481 -43.61 -20.47 -15.50
CA ALA D 481 -44.06 -19.49 -14.52
C ALA D 481 -44.38 -20.17 -13.20
N ASP D 482 -43.88 -19.59 -12.12
CA ASP D 482 -44.26 -20.04 -10.78
C ASP D 482 -45.63 -19.51 -10.38
N LEU D 483 -46.02 -18.35 -10.90
CA LEU D 483 -47.31 -17.73 -10.63
C LEU D 483 -47.83 -17.06 -11.89
N ILE D 484 -49.12 -17.25 -12.18
CA ILE D 484 -49.79 -16.61 -13.29
C ILE D 484 -51.05 -15.95 -12.76
N ALA D 485 -51.22 -14.65 -13.04
CA ALA D 485 -52.36 -13.89 -12.57
C ALA D 485 -53.18 -13.41 -13.76
N CYS D 486 -54.49 -13.59 -13.68
CA CYS D 486 -55.42 -13.15 -14.72
C CYS D 486 -56.38 -12.14 -14.11
N HIS D 487 -56.22 -10.87 -14.47
CA HIS D 487 -57.03 -9.81 -13.90
C HIS D 487 -58.28 -9.51 -14.71
N ASN D 488 -58.56 -10.31 -15.75
CA ASN D 488 -59.75 -10.07 -16.57
C ASN D 488 -60.44 -11.38 -16.89
N PRO D 489 -61.66 -11.61 -16.38
CA PRO D 489 -62.36 -12.87 -16.65
C PRO D 489 -62.71 -13.07 -18.12
N SER D 490 -62.77 -12.00 -18.91
CA SER D 490 -63.07 -12.14 -20.33
C SER D 490 -61.99 -12.93 -21.06
N TYR D 491 -60.77 -12.94 -20.53
CA TYR D 491 -59.69 -13.69 -21.15
C TYR D 491 -59.90 -15.20 -21.02
N VAL D 492 -60.71 -15.64 -20.07
CA VAL D 492 -60.98 -17.06 -19.89
C VAL D 492 -61.71 -17.60 -21.11
N GLY D 493 -61.10 -18.58 -21.77
CA GLY D 493 -61.63 -19.13 -23.00
C GLY D 493 -61.21 -18.38 -24.24
N ARG D 494 -60.51 -17.26 -24.10
CA ARG D 494 -60.07 -16.45 -25.23
C ARG D 494 -58.58 -16.59 -25.53
N TYR D 495 -57.73 -16.61 -24.51
CA TYR D 495 -56.30 -16.76 -24.68
C TYR D 495 -55.80 -17.97 -23.89
N ASN D 496 -54.67 -18.51 -24.34
CA ASN D 496 -54.04 -19.65 -23.68
C ASN D 496 -53.25 -19.12 -22.47
N LEU D 497 -54.00 -18.82 -21.40
CA LEU D 497 -53.41 -18.18 -20.23
C LEU D 497 -52.44 -19.10 -19.49
N LEU D 498 -52.87 -20.34 -19.21
CA LEU D 498 -52.09 -21.28 -18.41
C LEU D 498 -50.96 -21.96 -19.19
N GLU D 499 -50.52 -21.36 -20.29
CA GLU D 499 -49.48 -21.97 -21.11
C GLU D 499 -48.14 -21.94 -20.37
N GLY D 500 -47.51 -23.10 -20.25
CA GLY D 500 -46.17 -23.18 -19.71
C GLY D 500 -46.02 -22.99 -18.22
N ILE D 501 -47.11 -22.95 -17.45
CA ILE D 501 -47.00 -22.79 -16.01
C ILE D 501 -46.38 -24.04 -15.40
N LYS D 502 -45.56 -23.87 -14.37
CA LYS D 502 -44.90 -25.01 -13.77
C LYS D 502 -45.91 -25.87 -13.02
N PRO D 503 -45.67 -27.18 -12.96
CA PRO D 503 -46.52 -28.04 -12.12
C PRO D 503 -46.42 -27.62 -10.67
N GLY D 504 -47.57 -27.52 -10.01
CA GLY D 504 -47.64 -27.04 -8.65
C GLY D 504 -47.57 -25.54 -8.48
N GLY D 505 -47.54 -24.79 -9.58
CA GLY D 505 -47.48 -23.35 -9.51
C GLY D 505 -48.77 -22.74 -9.01
N ILE D 506 -48.79 -21.41 -8.97
CA ILE D 506 -49.91 -20.66 -8.44
C ILE D 506 -50.66 -20.00 -9.60
N PHE D 507 -51.99 -20.10 -9.56
CA PHE D 507 -52.85 -19.42 -10.53
C PHE D 507 -53.86 -18.56 -9.76
N LEU D 508 -53.74 -17.26 -9.92
CA LEU D 508 -54.62 -16.28 -9.26
C LEU D 508 -55.57 -15.69 -10.29
N LEU D 509 -56.86 -15.71 -9.98
CA LEU D 509 -57.89 -15.24 -10.91
C LEU D 509 -58.77 -14.21 -10.23
N ASN D 510 -59.11 -13.16 -10.98
CA ASN D 510 -60.10 -12.17 -10.57
C ASN D 510 -61.37 -12.43 -11.36
N SER D 511 -62.43 -12.83 -10.67
CA SER D 511 -63.70 -13.08 -11.34
C SER D 511 -64.81 -13.08 -10.30
N THR D 512 -66.04 -12.97 -10.78
CA THR D 512 -67.23 -13.01 -9.95
C THR D 512 -67.79 -14.41 -9.82
N TRP D 513 -67.10 -15.41 -10.36
CA TRP D 513 -67.63 -16.76 -10.37
C TRP D 513 -67.30 -17.45 -9.06
N SER D 514 -68.27 -18.18 -8.52
CA SER D 514 -68.06 -18.92 -7.29
C SER D 514 -67.34 -20.24 -7.59
N ALA D 515 -66.97 -20.94 -6.52
CA ALA D 515 -66.24 -22.20 -6.67
C ALA D 515 -67.06 -23.24 -7.41
N GLU D 516 -68.39 -23.23 -7.21
CA GLU D 516 -69.23 -24.22 -7.87
C GLU D 516 -69.39 -23.88 -9.36
N GLU D 517 -69.51 -22.60 -9.69
CA GLU D 517 -69.66 -22.18 -11.07
C GLU D 517 -68.39 -22.42 -11.89
N MET D 518 -67.24 -22.66 -11.23
CA MET D 518 -66.01 -22.96 -11.96
C MET D 518 -66.16 -24.18 -12.84
N ASP D 519 -66.95 -25.17 -12.43
CA ASP D 519 -67.08 -26.39 -13.21
C ASP D 519 -67.80 -26.14 -14.52
N SER D 520 -68.78 -25.25 -14.51
CA SER D 520 -69.57 -24.96 -15.71
C SER D 520 -69.05 -23.77 -16.49
N ARG D 521 -68.28 -22.87 -15.86
CA ARG D 521 -67.88 -21.63 -16.51
C ARG D 521 -66.53 -21.75 -17.21
N LEU D 522 -65.57 -22.47 -16.62
CA LEU D 522 -64.23 -22.61 -17.17
C LEU D 522 -64.20 -23.70 -18.27
N PRO D 523 -63.44 -23.49 -19.33
CA PRO D 523 -63.33 -24.52 -20.38
C PRO D 523 -62.61 -25.75 -19.85
N ALA D 524 -62.79 -26.86 -20.57
CA ALA D 524 -62.27 -28.14 -20.10
C ALA D 524 -60.75 -28.16 -20.07
N ASP D 525 -60.11 -27.63 -21.13
CA ASP D 525 -58.66 -27.62 -21.16
C ASP D 525 -58.07 -26.80 -20.01
N MET D 526 -58.76 -25.72 -19.63
CA MET D 526 -58.30 -24.91 -18.51
C MET D 526 -58.41 -25.68 -17.20
N LYS D 527 -59.50 -26.41 -17.01
CA LYS D 527 -59.66 -27.21 -15.80
C LYS D 527 -58.65 -28.34 -15.76
N ARG D 528 -58.33 -28.93 -16.91
CA ARG D 528 -57.36 -30.02 -16.95
C ARG D 528 -55.98 -29.55 -16.52
N THR D 529 -55.55 -28.38 -17.02
CA THR D 529 -54.24 -27.86 -16.65
C THR D 529 -54.16 -27.58 -15.16
N ILE D 530 -55.21 -26.98 -14.57
CA ILE D 530 -55.22 -26.69 -13.15
C ILE D 530 -55.11 -27.98 -12.33
N ALA D 531 -55.84 -29.02 -12.74
CA ALA D 531 -55.88 -30.26 -11.97
C ALA D 531 -54.65 -31.11 -12.20
N THR D 532 -54.28 -31.34 -13.45
CA THR D 532 -53.15 -32.23 -13.76
C THR D 532 -51.85 -31.67 -13.21
N LYS D 533 -51.63 -30.36 -13.33
CA LYS D 533 -50.43 -29.73 -12.81
C LYS D 533 -50.54 -29.42 -11.32
N LYS D 534 -51.68 -29.70 -10.69
CA LYS D 534 -51.88 -29.51 -9.26
C LYS D 534 -51.58 -28.07 -8.84
N LEU D 535 -52.17 -27.12 -9.56
CA LEU D 535 -51.94 -25.72 -9.29
C LEU D 535 -52.71 -25.27 -8.04
N LYS D 536 -52.16 -24.30 -7.34
CA LYS D 536 -52.87 -23.66 -6.24
C LYS D 536 -53.75 -22.57 -6.86
N PHE D 537 -55.04 -22.86 -6.99
CA PHE D 537 -55.98 -21.99 -7.70
C PHE D 537 -56.63 -21.06 -6.69
N TYR D 538 -56.40 -19.76 -6.86
CA TYR D 538 -56.99 -18.74 -6.03
C TYR D 538 -57.89 -17.85 -6.88
N ASN D 539 -58.98 -17.37 -6.27
CA ASN D 539 -59.93 -16.51 -6.94
C ASN D 539 -60.31 -15.37 -5.99
N ILE D 540 -60.66 -14.23 -6.57
CA ILE D 540 -61.10 -13.08 -5.79
C ILE D 540 -62.01 -12.21 -6.65
N ASP D 541 -63.11 -11.75 -6.07
CA ASP D 541 -64.01 -10.84 -6.76
C ASP D 541 -63.60 -9.41 -6.41
N ALA D 542 -62.54 -8.95 -7.08
CA ALA D 542 -62.06 -7.60 -6.82
C ALA D 542 -63.07 -6.55 -7.24
N VAL D 543 -63.89 -6.86 -8.26
CA VAL D 543 -64.92 -5.93 -8.70
C VAL D 543 -65.92 -5.68 -7.58
N LYS D 544 -66.32 -6.73 -6.87
CA LYS D 544 -67.24 -6.56 -5.76
C LYS D 544 -66.62 -5.71 -4.65
N ILE D 545 -65.33 -5.92 -4.37
CA ILE D 545 -64.66 -5.16 -3.32
C ILE D 545 -64.56 -3.69 -3.70
N ALA D 546 -64.14 -3.40 -4.92
CA ALA D 546 -63.96 -2.01 -5.34
C ALA D 546 -65.27 -1.25 -5.35
N GLN D 547 -66.38 -1.92 -5.67
CA GLN D 547 -67.68 -1.26 -5.66
C GLN D 547 -68.10 -0.90 -4.24
N GLU D 548 -67.94 -1.85 -3.31
CA GLU D 548 -68.41 -1.65 -1.94
C GLU D 548 -67.60 -0.59 -1.19
N ILE D 549 -66.29 -0.51 -1.44
CA ILE D 549 -65.48 0.49 -0.76
C ILE D 549 -65.74 1.88 -1.31
N GLY D 550 -66.06 2.00 -2.59
CA GLY D 550 -66.23 3.27 -3.24
C GLY D 550 -65.09 3.69 -4.13
N LEU D 551 -64.18 2.78 -4.47
CA LEU D 551 -63.08 3.05 -5.37
C LEU D 551 -63.48 2.93 -6.84
N GLY D 552 -64.77 2.80 -7.12
CA GLY D 552 -65.24 2.61 -8.47
C GLY D 552 -64.95 1.21 -8.98
N SER D 553 -64.15 1.11 -10.03
CA SER D 553 -63.74 -0.17 -10.59
C SER D 553 -62.24 -0.40 -10.50
N ARG D 554 -61.50 0.47 -9.81
CA ARG D 554 -60.06 0.28 -9.69
C ARG D 554 -59.75 -0.95 -8.84
N ILE D 555 -59.07 -1.92 -9.46
CA ILE D 555 -58.74 -3.19 -8.82
C ILE D 555 -57.23 -3.39 -8.72
N ASN D 556 -56.44 -2.36 -9.03
CA ASN D 556 -54.99 -2.49 -9.00
C ASN D 556 -54.49 -2.76 -7.59
N VAL D 557 -54.98 -2.00 -6.61
CA VAL D 557 -54.55 -2.19 -5.23
C VAL D 557 -54.99 -3.56 -4.72
N ILE D 558 -56.18 -4.00 -5.11
CA ILE D 558 -56.71 -5.26 -4.60
C ILE D 558 -55.87 -6.44 -5.08
N MET D 559 -55.57 -6.49 -6.38
CA MET D 559 -54.87 -7.64 -6.93
C MET D 559 -53.41 -7.68 -6.52
N GLN D 560 -52.79 -6.52 -6.31
CA GLN D 560 -51.41 -6.52 -5.84
C GLN D 560 -51.33 -7.13 -4.45
N THR D 561 -52.28 -6.82 -3.58
CA THR D 561 -52.30 -7.43 -2.26
C THR D 561 -52.49 -8.94 -2.35
N ALA D 562 -53.41 -9.39 -3.22
CA ALA D 562 -53.63 -10.82 -3.38
C ALA D 562 -52.38 -11.52 -3.90
N PHE D 563 -51.57 -10.81 -4.68
CA PHE D 563 -50.33 -11.41 -5.19
C PHE D 563 -49.35 -11.70 -4.06
N PHE D 564 -49.04 -10.69 -3.24
CA PHE D 564 -48.08 -10.87 -2.15
C PHE D 564 -48.55 -11.89 -1.13
N LYS D 565 -49.86 -12.05 -0.97
CA LYS D 565 -50.37 -13.01 0.02
C LYS D 565 -50.01 -14.45 -0.33
N ILE D 566 -49.91 -14.76 -1.62
CA ILE D 566 -49.67 -16.12 -2.05
C ILE D 566 -48.28 -16.32 -2.63
N ALA D 567 -47.60 -15.26 -3.04
CA ALA D 567 -46.29 -15.41 -3.70
C ALA D 567 -45.23 -15.94 -2.75
N ASN D 568 -45.32 -15.62 -1.47
CA ASN D 568 -44.30 -16.03 -0.49
C ASN D 568 -42.92 -15.51 -0.87
N VAL D 569 -42.86 -14.30 -1.41
CA VAL D 569 -41.58 -13.67 -1.71
C VAL D 569 -40.98 -13.05 -0.47
N ILE D 570 -41.80 -12.37 0.33
CA ILE D 570 -41.40 -11.82 1.62
C ILE D 570 -42.48 -12.17 2.64
N PRO D 571 -42.18 -12.04 3.94
CA PRO D 571 -43.23 -12.23 4.95
C PRO D 571 -44.44 -11.35 4.64
N VAL D 572 -45.62 -11.95 4.70
CA VAL D 572 -46.85 -11.28 4.29
C VAL D 572 -47.06 -10.00 5.11
N ASP D 573 -46.69 -10.02 6.39
CA ASP D 573 -46.83 -8.83 7.22
C ASP D 573 -45.93 -7.71 6.74
N GLU D 574 -44.73 -8.05 6.27
CA GLU D 574 -43.81 -7.03 5.77
C GLU D 574 -44.33 -6.39 4.49
N ALA D 575 -44.94 -7.19 3.61
CA ALA D 575 -45.45 -6.65 2.35
C ALA D 575 -46.55 -5.63 2.57
N ILE D 576 -47.47 -5.92 3.51
CA ILE D 576 -48.57 -5.00 3.79
C ILE D 576 -48.05 -3.65 4.27
N LYS D 577 -46.98 -3.66 5.07
CA LYS D 577 -46.37 -2.41 5.51
C LYS D 577 -45.82 -1.63 4.32
N TYR D 578 -45.12 -2.31 3.42
CA TYR D 578 -44.56 -1.64 2.24
C TYR D 578 -45.66 -1.14 1.31
N ILE D 579 -46.79 -1.84 1.23
CA ILE D 579 -47.90 -1.40 0.39
C ILE D 579 -48.47 -0.08 0.90
N LYS D 580 -48.77 -0.03 2.19
CA LYS D 580 -49.32 1.19 2.77
C LYS D 580 -48.32 2.35 2.71
N ASP D 581 -47.03 2.05 2.83
CA ASP D 581 -46.02 3.09 2.66
C ASP D 581 -46.05 3.65 1.24
N SER D 582 -46.26 2.78 0.25
CA SER D 582 -46.42 3.25 -1.12
C SER D 582 -47.76 3.96 -1.29
N ILE D 583 -48.75 3.62 -0.47
CA ILE D 583 -50.01 4.33 -0.49
C ILE D 583 -49.82 5.78 -0.04
N VAL D 584 -48.97 5.99 0.96
CA VAL D 584 -48.67 7.35 1.42
C VAL D 584 -48.02 8.16 0.30
N LYS D 585 -47.09 7.54 -0.45
CA LYS D 585 -46.45 8.26 -1.55
C LYS D 585 -47.41 8.52 -2.70
N THR D 586 -48.36 7.62 -2.93
CA THR D 586 -49.30 7.77 -4.03
C THR D 586 -50.57 8.50 -3.62
N TYR D 587 -51.14 8.14 -2.47
CA TYR D 587 -52.41 8.70 -2.01
C TYR D 587 -52.20 9.60 -0.79
N ILE D 594 -60.29 9.27 0.81
CA ILE D 594 -59.73 8.37 -0.20
C ILE D 594 -58.60 7.54 0.39
N LEU D 595 -57.89 8.13 1.37
CA LEU D 595 -56.77 7.43 2.00
C LEU D 595 -57.25 6.20 2.75
N ASN D 596 -58.31 6.35 3.55
CA ASN D 596 -58.83 5.23 4.33
C ASN D 596 -59.43 4.15 3.44
N MET D 597 -59.88 4.51 2.24
CA MET D 597 -60.41 3.52 1.31
C MET D 597 -59.32 2.59 0.79
N ASN D 598 -58.17 3.14 0.40
CA ASN D 598 -57.10 2.29 -0.11
C ASN D 598 -56.48 1.41 0.97
N PHE D 599 -56.49 1.87 2.23
CA PHE D 599 -56.10 1.00 3.33
C PHE D 599 -57.10 -0.14 3.49
N ALA D 600 -58.40 0.15 3.33
CA ALA D 600 -59.41 -0.89 3.43
C ALA D 600 -59.33 -1.89 2.29
N ALA D 601 -58.90 -1.44 1.10
CA ALA D 601 -58.75 -2.36 -0.02
C ALA D 601 -57.76 -3.47 0.30
N VAL D 602 -56.63 -3.11 0.93
CA VAL D 602 -55.66 -4.11 1.35
C VAL D 602 -56.27 -5.06 2.37
N ASP D 603 -56.92 -4.51 3.39
CA ASP D 603 -57.46 -5.32 4.47
C ASP D 603 -58.60 -6.23 3.98
N ARG D 604 -59.52 -5.69 3.20
CA ARG D 604 -60.65 -6.49 2.74
C ARG D 604 -60.22 -7.54 1.72
N ALA D 605 -59.18 -7.26 0.94
CA ALA D 605 -58.72 -8.22 -0.06
C ALA D 605 -58.13 -9.46 0.59
N LEU D 606 -57.41 -9.28 1.70
CA LEU D 606 -56.78 -10.42 2.38
C LEU D 606 -57.82 -11.43 2.81
N GLU D 607 -58.97 -10.96 3.30
CA GLU D 607 -60.02 -11.87 3.76
C GLU D 607 -60.87 -12.40 2.62
N ALA D 608 -60.90 -11.71 1.47
CA ALA D 608 -61.74 -12.14 0.36
C ALA D 608 -61.04 -13.11 -0.57
N LEU D 609 -59.70 -13.16 -0.54
CA LEU D 609 -58.97 -14.12 -1.35
C LEU D 609 -59.22 -15.51 -0.81
N GLU D 610 -59.89 -16.36 -1.59
CA GLU D 610 -60.26 -17.70 -1.16
C GLU D 610 -59.61 -18.72 -2.09
N GLU D 611 -58.90 -19.68 -1.52
CA GLU D 611 -58.29 -20.74 -2.32
C GLU D 611 -59.38 -21.71 -2.76
N ILE D 612 -59.33 -22.10 -4.03
CA ILE D 612 -60.36 -22.96 -4.62
C ILE D 612 -59.87 -24.40 -4.57
N LYS D 613 -60.55 -25.22 -3.76
CA LYS D 613 -60.29 -26.65 -3.69
C LYS D 613 -61.13 -27.28 -4.80
N TYR D 614 -60.51 -27.59 -5.88
CA TYR D 614 -61.21 -28.08 -7.06
C TYR D 614 -61.25 -29.60 -7.07
N PRO D 615 -62.31 -30.17 -7.63
CA PRO D 615 -62.43 -31.62 -7.68
C PRO D 615 -61.39 -32.24 -8.60
N ALA D 616 -60.94 -33.44 -8.23
CA ALA D 616 -59.98 -34.16 -9.05
C ALA D 616 -60.57 -34.58 -10.39
N SER D 617 -61.90 -34.61 -10.51
CA SER D 617 -62.54 -34.96 -11.77
C SER D 617 -62.35 -33.91 -12.86
N TRP D 618 -61.77 -32.75 -12.53
CA TRP D 618 -61.49 -31.74 -13.54
C TRP D 618 -60.48 -32.23 -14.57
N ALA D 619 -59.57 -33.13 -14.17
CA ALA D 619 -58.59 -33.66 -15.12
C ALA D 619 -59.24 -34.49 -16.21
N ASP D 620 -60.40 -35.09 -15.90
CA ASP D 620 -61.12 -35.94 -16.84
C ASP D 620 -62.17 -35.17 -17.64
N ALA D 621 -62.31 -33.86 -17.40
CA ALA D 621 -63.28 -33.07 -18.16
C ALA D 621 -62.94 -33.09 -19.64
N VAL D 622 -63.97 -33.05 -20.47
CA VAL D 622 -63.83 -33.18 -21.92
C VAL D 622 -64.34 -31.88 -22.56
N ASP D 623 -63.68 -31.46 -23.64
CA ASP D 623 -64.05 -30.21 -24.30
C ASP D 623 -65.48 -30.27 -24.82
N GLU D 624 -66.17 -29.15 -24.71
CA GLU D 624 -67.56 -29.04 -25.14
C GLU D 624 -67.66 -28.86 -26.64
N VAL D 629 -68.57 -23.13 -37.16
CA VAL D 629 -67.77 -21.97 -37.54
C VAL D 629 -68.16 -21.49 -38.93
N THR D 630 -68.53 -20.21 -39.04
CA THR D 630 -68.93 -19.65 -40.32
C THR D 630 -67.72 -19.52 -41.25
N GLU D 631 -67.98 -19.68 -42.55
CA GLU D 631 -66.92 -19.60 -43.55
C GLU D 631 -66.49 -18.14 -43.72
N GLU D 632 -65.31 -17.81 -43.21
CA GLU D 632 -64.74 -16.48 -43.28
C GLU D 632 -63.69 -16.41 -44.38
N PRO D 633 -63.38 -15.21 -44.88
CA PRO D 633 -62.36 -15.08 -45.92
C PRO D 633 -61.02 -15.67 -45.49
N GLU D 634 -60.23 -16.06 -46.49
CA GLU D 634 -58.98 -16.75 -46.22
C GLU D 634 -58.02 -15.91 -45.38
N PHE D 635 -57.94 -14.60 -45.66
CA PHE D 635 -57.03 -13.76 -44.90
C PHE D 635 -57.45 -13.68 -43.44
N ILE D 636 -58.73 -13.45 -43.19
CA ILE D 636 -59.22 -13.41 -41.82
C ILE D 636 -58.97 -14.74 -41.12
N GLN D 637 -59.19 -15.85 -41.84
CA GLN D 637 -59.07 -17.16 -41.24
C GLN D 637 -57.61 -17.51 -40.93
N LYS D 638 -56.70 -17.19 -41.84
CA LYS D 638 -55.30 -17.61 -41.69
C LYS D 638 -54.41 -16.56 -41.03
N VAL D 639 -54.82 -15.29 -41.02
CA VAL D 639 -53.92 -14.25 -40.54
C VAL D 639 -54.52 -13.51 -39.34
N LEU D 640 -55.68 -12.87 -39.52
CA LEU D 640 -56.20 -11.99 -38.50
C LEU D 640 -56.58 -12.73 -37.23
N ARG D 641 -57.31 -13.85 -37.36
CA ARG D 641 -57.71 -14.61 -36.17
C ARG D 641 -56.51 -15.10 -35.37
N PRO D 642 -55.51 -15.76 -35.95
CA PRO D 642 -54.36 -16.19 -35.14
C PRO D 642 -53.58 -15.04 -34.53
N ILE D 643 -53.48 -13.89 -35.21
CA ILE D 643 -52.73 -12.77 -34.65
C ILE D 643 -53.45 -12.22 -33.42
N ASN D 644 -54.76 -11.99 -33.53
CA ASN D 644 -55.51 -11.49 -32.38
C ASN D 644 -55.57 -12.50 -31.24
N ALA D 645 -55.43 -13.78 -31.55
CA ALA D 645 -55.37 -14.82 -30.52
C ALA D 645 -53.99 -14.96 -29.91
N LEU D 646 -53.08 -14.01 -30.17
CA LEU D 646 -51.71 -14.03 -29.64
C LEU D 646 -50.94 -15.26 -30.15
N LYS D 647 -51.18 -15.64 -31.40
CA LYS D 647 -50.53 -16.77 -32.03
C LYS D 647 -49.80 -16.37 -33.32
N GLY D 648 -49.48 -15.08 -33.47
CA GLY D 648 -48.85 -14.63 -34.70
C GLY D 648 -47.46 -15.19 -34.92
N ASP D 649 -46.74 -15.52 -33.84
CA ASP D 649 -45.41 -16.09 -33.98
C ASP D 649 -45.43 -17.47 -34.64
N GLU D 650 -46.55 -18.17 -34.61
CA GLU D 650 -46.65 -19.49 -35.22
C GLU D 650 -46.85 -19.44 -36.72
N LEU D 651 -47.16 -18.28 -37.28
CA LEU D 651 -47.40 -18.17 -38.72
C LEU D 651 -46.07 -18.23 -39.47
N PRO D 652 -45.93 -19.14 -40.43
CA PRO D 652 -44.69 -19.24 -41.19
C PRO D 652 -44.56 -18.11 -42.20
N VAL D 653 -43.41 -18.08 -42.87
CA VAL D 653 -43.12 -17.01 -43.83
C VAL D 653 -44.09 -17.04 -45.00
N SER D 654 -44.53 -18.23 -45.42
CA SER D 654 -45.41 -18.36 -46.57
C SER D 654 -46.77 -17.72 -46.35
N THR D 655 -47.03 -17.23 -45.14
CA THR D 655 -48.32 -16.62 -44.85
C THR D 655 -48.43 -15.20 -45.41
N PHE D 656 -47.31 -14.50 -45.54
CA PHE D 656 -47.33 -13.05 -45.75
C PHE D 656 -46.89 -12.69 -47.16
N THR D 657 -47.40 -11.57 -47.64
CA THR D 657 -46.97 -11.06 -48.93
C THR D 657 -45.53 -10.57 -48.83
N PRO D 658 -44.78 -10.60 -49.93
CA PRO D 658 -43.37 -10.16 -49.88
C PRO D 658 -43.20 -8.66 -49.81
N ASP D 659 -44.26 -7.89 -49.99
CA ASP D 659 -44.17 -6.43 -50.03
C ASP D 659 -45.05 -5.75 -48.98
N GLY D 660 -45.59 -6.48 -48.01
CA GLY D 660 -46.35 -5.84 -46.96
C GLY D 660 -47.66 -5.24 -47.41
N VAL D 661 -48.31 -5.83 -48.39
CA VAL D 661 -49.59 -5.34 -48.89
C VAL D 661 -50.70 -6.10 -48.17
N PHE D 662 -51.68 -5.35 -47.64
CA PHE D 662 -52.74 -5.94 -46.86
C PHE D 662 -54.10 -5.57 -47.43
N PRO D 663 -55.11 -6.41 -47.21
CA PRO D 663 -56.46 -6.09 -47.71
C PRO D 663 -57.06 -4.95 -46.90
N VAL D 664 -58.13 -4.38 -47.45
CA VAL D 664 -58.84 -3.31 -46.78
C VAL D 664 -60.12 -3.87 -46.17
N GLY D 665 -60.71 -3.12 -45.25
CA GLY D 665 -61.97 -3.50 -44.63
C GLY D 665 -61.92 -4.78 -43.82
N THR D 666 -60.96 -4.89 -42.91
CA THR D 666 -60.83 -6.08 -42.08
C THR D 666 -61.18 -5.85 -40.62
N THR D 667 -61.35 -4.59 -40.19
CA THR D 667 -61.69 -4.33 -38.80
C THR D 667 -63.08 -4.80 -38.42
N LYS D 668 -63.96 -5.01 -39.40
CA LYS D 668 -65.29 -5.50 -39.10
C LYS D 668 -65.30 -6.93 -38.57
N TYR D 669 -64.19 -7.66 -38.70
CA TYR D 669 -64.10 -9.01 -38.18
C TYR D 669 -63.60 -9.06 -36.74
N GLU D 670 -63.22 -7.92 -36.17
CA GLU D 670 -62.69 -7.91 -34.81
C GLU D 670 -63.82 -8.04 -33.79
N LYS D 671 -64.79 -7.12 -33.83
CA LYS D 671 -65.91 -7.12 -32.90
C LYS D 671 -65.41 -7.23 -31.46
N ARG D 672 -64.61 -6.23 -31.07
CA ARG D 672 -63.90 -6.31 -29.79
C ARG D 672 -64.86 -6.29 -28.61
N GLY D 673 -65.92 -5.49 -28.68
CA GLY D 673 -66.89 -5.42 -27.60
C GLY D 673 -66.27 -4.99 -26.29
N ILE D 674 -65.59 -3.84 -26.31
CA ILE D 674 -64.84 -3.37 -25.15
C ILE D 674 -65.59 -2.31 -24.36
N ALA D 675 -66.79 -1.92 -24.79
CA ALA D 675 -67.52 -0.83 -24.16
C ALA D 675 -68.17 -1.26 -22.85
N VAL D 676 -68.14 -0.37 -21.86
CA VAL D 676 -68.89 -0.60 -20.63
C VAL D 676 -70.34 -0.17 -20.79
N ASN D 677 -70.58 0.92 -21.51
CA ASN D 677 -71.93 1.38 -21.79
C ASN D 677 -72.09 1.58 -23.29
N ILE D 678 -73.32 1.39 -23.76
CA ILE D 678 -73.67 1.51 -25.17
C ILE D 678 -74.86 2.44 -25.29
N PRO D 679 -74.95 3.27 -26.33
CA PRO D 679 -76.12 4.14 -26.50
C PRO D 679 -77.35 3.35 -26.88
N GLN D 680 -78.46 3.65 -26.23
CA GLN D 680 -79.77 3.08 -26.57
C GLN D 680 -80.63 4.16 -27.24
N TRP D 681 -81.22 3.81 -28.37
CA TRP D 681 -81.96 4.77 -29.20
C TRP D 681 -83.42 4.87 -28.77
N GLN D 682 -83.92 6.11 -28.63
CA GLN D 682 -85.31 6.39 -28.32
C GLN D 682 -86.00 6.91 -29.58
N PRO D 683 -86.76 6.07 -30.31
CA PRO D 683 -87.29 6.50 -31.61
C PRO D 683 -88.21 7.71 -31.58
N GLU D 684 -88.91 7.93 -30.46
CA GLU D 684 -89.89 9.02 -30.40
C GLU D 684 -89.24 10.38 -30.21
N ASN D 685 -88.02 10.45 -29.69
CA ASN D 685 -87.35 11.71 -29.44
C ASN D 685 -86.40 12.11 -30.58
N CYS D 686 -86.24 11.25 -31.58
CA CYS D 686 -85.23 11.46 -32.61
C CYS D 686 -85.79 12.35 -33.71
N ILE D 687 -85.02 13.39 -34.07
CA ILE D 687 -85.38 14.27 -35.18
C ILE D 687 -84.71 13.87 -36.48
N GLN D 688 -83.96 12.77 -36.50
CA GLN D 688 -83.29 12.25 -37.69
C GLN D 688 -82.33 13.28 -38.28
N CYS D 689 -81.35 13.68 -37.45
CA CYS D 689 -80.38 14.67 -37.86
C CYS D 689 -78.99 14.09 -38.12
N ASN D 690 -78.73 12.87 -37.68
CA ASN D 690 -77.50 12.14 -37.96
C ASN D 690 -76.26 12.79 -37.34
N GLN D 691 -76.43 13.71 -36.39
CA GLN D 691 -75.27 14.28 -35.71
C GLN D 691 -74.56 13.22 -34.87
N CYS D 692 -75.29 12.22 -34.38
CA CYS D 692 -74.66 11.13 -33.65
C CYS D 692 -73.78 10.29 -34.56
N SER D 693 -74.24 10.05 -35.79
CA SER D 693 -73.45 9.30 -36.74
C SER D 693 -72.22 10.08 -37.19
N LEU D 694 -72.31 11.42 -37.17
CA LEU D 694 -71.19 12.24 -37.63
C LEU D 694 -70.04 12.22 -36.65
N VAL D 695 -70.33 12.25 -35.35
CA VAL D 695 -69.30 12.44 -34.33
C VAL D 695 -68.70 11.14 -33.82
N CYS D 696 -69.21 9.99 -34.24
CA CYS D 696 -68.74 8.72 -33.70
C CYS D 696 -67.31 8.47 -34.15
N PRO D 697 -66.33 8.38 -33.23
CA PRO D 697 -64.95 8.15 -33.65
C PRO D 697 -64.68 6.74 -34.16
N HIS D 698 -65.69 5.86 -34.19
CA HIS D 698 -65.47 4.49 -34.63
C HIS D 698 -66.49 4.00 -35.65
N ALA D 699 -67.36 4.88 -36.16
CA ALA D 699 -68.40 4.50 -37.13
C ALA D 699 -69.29 3.38 -36.58
N ALA D 700 -69.54 3.42 -35.29
CA ALA D 700 -70.30 2.36 -34.62
C ALA D 700 -71.80 2.63 -34.57
N ILE D 701 -72.25 3.82 -34.95
CA ILE D 701 -73.66 4.18 -34.92
C ILE D 701 -74.00 4.89 -36.23
N ARG D 702 -75.00 4.39 -36.94
CA ARG D 702 -75.32 4.87 -38.27
C ARG D 702 -76.83 4.86 -38.46
N PRO D 703 -77.35 5.71 -39.34
CA PRO D 703 -78.76 5.64 -39.71
C PRO D 703 -78.99 4.67 -40.85
N TYR D 704 -80.14 4.00 -40.80
CA TYR D 704 -80.51 3.00 -41.78
C TYR D 704 -81.90 3.29 -42.32
N LEU D 705 -82.01 3.31 -43.66
CA LEU D 705 -83.29 3.46 -44.35
C LEU D 705 -83.64 2.13 -45.02
N ALA D 706 -84.94 1.87 -45.14
CA ALA D 706 -85.38 0.63 -45.75
C ALA D 706 -86.84 0.74 -46.16
N LYS D 707 -87.17 0.16 -47.32
CA LYS D 707 -88.55 -0.01 -47.71
C LYS D 707 -89.24 -0.97 -46.75
N PRO D 708 -90.54 -0.80 -46.53
CA PRO D 708 -91.24 -1.70 -45.59
C PRO D 708 -91.14 -3.16 -45.96
N ALA D 709 -90.92 -3.48 -47.24
CA ALA D 709 -90.75 -4.88 -47.64
C ALA D 709 -89.44 -5.46 -47.12
N ASP D 710 -88.40 -4.64 -46.98
CA ASP D 710 -87.12 -5.11 -46.49
C ASP D 710 -87.12 -5.38 -44.99
N LEU D 711 -88.20 -5.00 -44.29
CA LEU D 711 -88.35 -5.26 -42.86
C LEU D 711 -89.03 -6.57 -42.56
N ALA D 712 -88.91 -7.56 -43.46
CA ALA D 712 -89.64 -8.81 -43.30
C ALA D 712 -89.14 -9.59 -42.08
N GLY D 713 -87.89 -10.01 -42.11
CA GLY D 713 -87.31 -10.77 -41.02
C GLY D 713 -86.77 -9.92 -39.89
N ALA D 714 -87.29 -8.69 -39.77
CA ALA D 714 -86.80 -7.79 -38.76
C ALA D 714 -87.19 -8.30 -37.38
N PRO D 715 -86.31 -8.17 -36.38
CA PRO D 715 -86.67 -8.55 -35.02
C PRO D 715 -87.77 -7.66 -34.46
N GLU D 716 -88.43 -8.16 -33.42
CA GLU D 716 -89.50 -7.41 -32.79
C GLU D 716 -88.97 -6.13 -32.13
N THR D 717 -87.69 -6.13 -31.76
CA THR D 717 -87.05 -4.97 -31.14
C THR D 717 -86.49 -3.99 -32.18
N PHE D 718 -86.55 -4.33 -33.46
CA PHE D 718 -86.06 -3.47 -34.53
C PHE D 718 -87.10 -2.40 -34.89
N VAL D 719 -87.42 -1.57 -33.90
CA VAL D 719 -88.45 -0.55 -34.07
C VAL D 719 -87.93 0.57 -34.95
N THR D 720 -88.72 0.96 -35.94
CA THR D 720 -88.39 2.01 -36.89
C THR D 720 -89.43 3.12 -36.80
N LYS D 721 -89.15 4.23 -37.49
CA LYS D 721 -90.08 5.34 -37.57
C LYS D 721 -90.09 5.87 -39.00
N ASP D 722 -91.17 6.57 -39.35
CA ASP D 722 -91.30 7.13 -40.69
C ASP D 722 -90.19 8.14 -40.96
N ALA D 723 -89.70 8.14 -42.20
CA ALA D 723 -88.54 8.94 -42.58
C ALA D 723 -88.92 10.38 -42.85
N ILE D 724 -88.15 11.30 -42.28
CA ILE D 724 -88.37 12.74 -42.46
C ILE D 724 -87.68 13.18 -43.75
N GLY D 725 -88.39 13.99 -44.53
CA GLY D 725 -87.81 14.56 -45.74
C GLY D 725 -88.53 14.13 -47.01
N LYS D 726 -88.63 15.05 -47.97
CA LYS D 726 -89.26 14.72 -49.25
C LYS D 726 -88.45 13.71 -50.04
N GLU D 727 -87.15 13.61 -49.78
CA GLU D 727 -86.31 12.68 -50.50
C GLU D 727 -86.58 11.24 -50.06
N ALA D 728 -86.85 11.04 -48.77
CA ALA D 728 -87.06 9.71 -48.21
C ALA D 728 -88.52 9.41 -47.93
N ALA D 729 -89.43 9.91 -48.77
CA ALA D 729 -90.85 9.67 -48.57
C ALA D 729 -91.17 8.19 -48.79
N GLY D 730 -91.98 7.64 -47.90
CA GLY D 730 -92.36 6.24 -48.01
C GLY D 730 -91.33 5.26 -47.52
N LEU D 731 -90.29 5.70 -46.82
CA LEU D 731 -89.25 4.83 -46.30
C LEU D 731 -89.27 4.81 -44.79
N LYS D 732 -88.65 3.80 -44.21
CA LYS D 732 -88.48 3.68 -42.77
C LYS D 732 -87.08 4.09 -42.35
N PHE D 733 -86.97 4.60 -41.12
CA PHE D 733 -85.74 5.13 -40.57
C PHE D 733 -85.44 4.48 -39.22
N ARG D 734 -84.16 4.25 -38.94
CA ARG D 734 -83.74 3.74 -37.65
C ARG D 734 -82.28 4.09 -37.41
N ILE D 735 -81.98 4.52 -36.19
CA ILE D 735 -80.61 4.74 -35.74
C ILE D 735 -80.15 3.47 -35.02
N GLN D 736 -79.19 2.76 -35.62
CA GLN D 736 -78.70 1.51 -35.07
C GLN D 736 -77.22 1.61 -34.71
N VAL D 737 -76.88 1.07 -33.56
CA VAL D 737 -75.50 1.07 -33.06
C VAL D 737 -74.96 -0.34 -33.16
N SER D 738 -73.65 -0.45 -33.39
CA SER D 738 -72.96 -1.73 -33.39
C SER D 738 -72.43 -2.00 -32.00
N PRO D 739 -73.03 -2.91 -31.22
CA PRO D 739 -72.60 -3.07 -29.82
C PRO D 739 -71.17 -3.55 -29.66
N LEU D 740 -70.71 -4.44 -30.54
CA LEU D 740 -69.37 -5.00 -30.40
C LEU D 740 -68.27 -4.05 -30.88
N ASP D 741 -68.61 -3.03 -31.66
CA ASP D 741 -67.61 -2.08 -32.15
C ASP D 741 -67.63 -0.76 -31.42
N CYS D 742 -68.67 -0.48 -30.66
CA CYS D 742 -68.73 0.74 -29.87
C CYS D 742 -67.69 0.69 -28.76
N THR D 743 -67.16 1.86 -28.40
CA THR D 743 -66.17 1.97 -27.34
C THR D 743 -66.74 2.51 -26.04
N GLY D 744 -68.00 2.91 -26.02
CA GLY D 744 -68.57 3.46 -24.81
C GLY D 744 -68.12 4.85 -24.48
N CYS D 745 -67.62 5.60 -25.48
CA CYS D 745 -67.10 6.94 -25.20
C CYS D 745 -68.23 7.89 -24.81
N GLY D 746 -69.38 7.78 -25.46
CA GLY D 746 -70.52 8.61 -25.14
C GLY D 746 -70.57 9.93 -25.88
N ASN D 747 -69.76 10.11 -26.92
CA ASN D 747 -69.79 11.37 -27.65
C ASN D 747 -71.11 11.57 -28.37
N CYS D 748 -71.70 10.50 -28.89
CA CYS D 748 -72.95 10.62 -29.64
C CYS D 748 -74.10 11.04 -28.72
N ALA D 749 -74.12 10.52 -27.49
CA ALA D 749 -75.15 10.90 -26.54
C ALA D 749 -75.01 12.36 -26.12
N ASP D 750 -73.79 12.87 -26.10
CA ASP D 750 -73.57 14.25 -25.69
C ASP D 750 -73.94 15.25 -26.80
N VAL D 751 -73.78 14.84 -28.07
CA VAL D 751 -74.05 15.75 -29.18
C VAL D 751 -75.52 15.79 -29.59
N CYS D 752 -76.31 14.78 -29.22
CA CYS D 752 -77.71 14.67 -29.58
C CYS D 752 -78.47 15.93 -29.16
N PRO D 753 -78.97 16.72 -30.11
CA PRO D 753 -79.60 18.00 -29.79
C PRO D 753 -81.10 17.98 -29.56
N ALA D 754 -81.73 16.81 -29.52
CA ALA D 754 -83.17 16.73 -29.33
C ALA D 754 -83.57 17.27 -27.96
N LYS D 755 -84.85 17.65 -27.83
CA LYS D 755 -85.35 18.13 -26.55
C LYS D 755 -85.11 17.11 -25.45
N VAL D 756 -85.65 15.91 -25.61
CA VAL D 756 -85.33 14.78 -24.75
C VAL D 756 -84.29 13.94 -25.47
N LYS D 757 -83.23 13.56 -24.75
CA LYS D 757 -82.12 12.82 -25.34
C LYS D 757 -82.62 11.52 -25.93
N ALA D 758 -82.36 11.31 -27.21
CA ALA D 758 -82.71 10.07 -27.90
C ALA D 758 -81.64 8.99 -27.75
N LEU D 759 -80.53 9.31 -27.09
CA LEU D 759 -79.46 8.34 -26.84
C LEU D 759 -79.11 8.40 -25.36
N THR D 760 -79.17 7.26 -24.70
CA THR D 760 -78.83 7.16 -23.30
C THR D 760 -77.86 6.01 -23.11
N MET D 761 -76.81 6.24 -22.33
CA MET D 761 -75.77 5.25 -22.13
C MET D 761 -76.27 4.19 -21.16
N VAL D 762 -76.44 2.97 -21.66
CA VAL D 762 -76.92 1.84 -20.86
C VAL D 762 -75.84 0.78 -20.81
N PRO D 763 -75.78 -0.04 -19.75
CA PRO D 763 -74.75 -1.08 -19.68
C PRO D 763 -74.84 -2.02 -20.87
N LEU D 764 -73.67 -2.42 -21.38
CA LEU D 764 -73.63 -3.27 -22.57
C LEU D 764 -74.29 -4.62 -22.31
N GLU D 765 -73.98 -5.25 -21.19
CA GLU D 765 -74.44 -6.61 -20.92
C GLU D 765 -75.97 -6.71 -20.90
N GLU D 766 -76.66 -5.62 -20.57
CA GLU D 766 -78.12 -5.67 -20.49
C GLU D 766 -78.76 -5.70 -21.86
N VAL D 767 -78.17 -5.02 -22.84
CA VAL D 767 -78.76 -4.89 -24.17
C VAL D 767 -77.89 -5.50 -25.27
N THR D 768 -76.83 -6.22 -24.90
CA THR D 768 -75.91 -6.73 -25.91
C THR D 768 -76.57 -7.77 -26.81
N ALA D 769 -77.34 -8.68 -26.23
CA ALA D 769 -78.00 -9.70 -27.03
C ALA D 769 -79.02 -9.08 -27.98
N VAL D 770 -79.72 -8.04 -27.51
CA VAL D 770 -80.74 -7.40 -28.34
C VAL D 770 -80.10 -6.61 -29.47
N GLU D 771 -79.16 -5.72 -29.15
CA GLU D 771 -78.59 -4.85 -30.16
C GLU D 771 -77.75 -5.60 -31.18
N GLU D 772 -77.22 -6.77 -30.84
CA GLU D 772 -76.49 -7.56 -31.82
C GLU D 772 -77.42 -8.02 -32.94
N ALA D 773 -78.60 -8.52 -32.57
CA ALA D 773 -79.58 -8.91 -33.59
C ALA D 773 -80.08 -7.70 -34.37
N ASN D 774 -80.17 -6.54 -33.71
CA ASN D 774 -80.59 -5.32 -34.41
C ASN D 774 -79.55 -4.89 -35.43
N TYR D 775 -78.27 -4.83 -35.02
CA TYR D 775 -77.23 -4.40 -35.94
C TYR D 775 -77.05 -5.39 -37.08
N ASN D 776 -77.09 -6.69 -36.79
CA ASN D 776 -76.92 -7.69 -37.83
C ASN D 776 -78.02 -7.60 -38.88
N PHE D 777 -79.22 -7.15 -38.50
CA PHE D 777 -80.28 -6.94 -39.49
C PHE D 777 -80.09 -5.63 -40.25
N ALA D 778 -79.66 -4.58 -39.56
CA ALA D 778 -79.46 -3.29 -40.23
C ALA D 778 -78.33 -3.37 -41.25
N GLU D 779 -77.29 -4.14 -40.95
CA GLU D 779 -76.15 -4.24 -41.85
C GLU D 779 -76.50 -4.97 -43.13
N GLN D 780 -77.45 -5.91 -43.07
CA GLN D 780 -77.86 -6.65 -44.25
C GLN D 780 -78.96 -5.96 -45.04
N LEU D 781 -79.34 -4.75 -44.66
CA LEU D 781 -80.39 -4.03 -45.36
C LEU D 781 -79.93 -3.68 -46.77
N PRO D 782 -80.82 -3.74 -47.76
CA PRO D 782 -80.42 -3.39 -49.13
C PRO D 782 -80.12 -1.91 -49.27
N GLU D 783 -79.38 -1.59 -50.33
CA GLU D 783 -79.03 -0.19 -50.58
C GLU D 783 -80.28 0.58 -51.00
N VAL D 784 -80.35 1.83 -50.56
CA VAL D 784 -81.50 2.70 -50.84
C VAL D 784 -81.00 3.94 -51.55
N LYS D 785 -81.44 4.13 -52.78
CA LYS D 785 -81.11 5.34 -53.53
C LYS D 785 -81.95 6.49 -52.99
N VAL D 786 -81.29 7.49 -52.42
CA VAL D 786 -81.96 8.66 -51.84
C VAL D 786 -81.22 9.92 -52.29
N ASN D 787 -81.97 10.99 -52.52
CA ASN D 787 -81.44 12.23 -53.07
C ASN D 787 -81.13 13.27 -52.00
N PHE D 788 -80.76 12.84 -50.80
CA PHE D 788 -80.35 13.78 -49.76
C PHE D 788 -79.05 14.46 -50.20
N ASN D 789 -78.96 15.75 -49.94
CA ASN D 789 -77.79 16.52 -50.33
C ASN D 789 -76.58 16.09 -49.49
N PRO D 790 -75.53 15.55 -50.09
CA PRO D 790 -74.34 15.18 -49.29
C PRO D 790 -73.60 16.38 -48.73
N ALA D 791 -73.91 17.59 -49.17
CA ALA D 791 -73.27 18.79 -48.64
C ALA D 791 -73.80 19.18 -47.27
N THR D 792 -74.87 18.52 -46.80
CA THR D 792 -75.43 18.74 -45.48
C THR D 792 -74.98 17.63 -44.53
N VAL D 793 -75.12 17.89 -43.23
CA VAL D 793 -74.72 16.92 -42.22
C VAL D 793 -75.58 15.67 -42.30
N LYS D 794 -76.91 15.85 -42.41
CA LYS D 794 -77.80 14.70 -42.47
C LYS D 794 -77.55 13.86 -43.71
N GLY D 795 -77.37 14.51 -44.87
CA GLY D 795 -77.18 13.78 -46.11
C GLY D 795 -75.86 13.04 -46.19
N SER D 796 -74.82 13.59 -45.58
CA SER D 796 -73.50 12.94 -45.63
C SER D 796 -73.49 11.64 -44.85
N GLN D 797 -74.27 11.55 -43.79
CA GLN D 797 -74.29 10.36 -42.95
C GLN D 797 -75.10 9.21 -43.53
N PHE D 798 -75.91 9.46 -44.56
CA PHE D 798 -76.56 8.36 -45.26
C PHE D 798 -75.60 7.66 -46.22
N ARG D 799 -74.46 8.28 -46.52
CA ARG D 799 -73.40 7.62 -47.27
C ARG D 799 -72.62 6.69 -46.34
N GLN D 800 -72.19 5.56 -46.88
CA GLN D 800 -71.51 4.55 -46.08
C GLN D 800 -70.16 5.07 -45.61
N PRO D 801 -69.83 4.95 -44.33
CA PRO D 801 -68.48 5.32 -43.88
C PRO D 801 -67.49 4.30 -44.38
N LEU D 802 -66.37 4.79 -44.92
CA LEU D 802 -65.30 3.91 -45.38
C LEU D 802 -64.11 3.91 -44.43
N LEU D 803 -64.30 4.39 -43.21
CA LEU D 803 -63.31 4.28 -42.14
C LEU D 803 -64.08 3.88 -40.89
N GLU D 804 -63.89 2.64 -40.45
CA GLU D 804 -64.73 2.09 -39.40
C GLU D 804 -63.90 1.25 -38.45
N PHE D 805 -64.23 1.35 -37.16
CA PHE D 805 -63.78 0.39 -36.15
C PHE D 805 -62.26 0.41 -35.96
N SER D 806 -61.67 1.60 -36.00
CA SER D 806 -60.22 1.70 -35.86
C SER D 806 -59.80 1.47 -34.42
N GLY D 807 -58.50 1.42 -34.21
CA GLY D 807 -57.92 1.24 -32.90
C GLY D 807 -57.66 2.51 -32.13
N ALA D 808 -58.20 3.64 -32.57
CA ALA D 808 -58.01 4.89 -31.85
C ALA D 808 -58.68 4.83 -30.48
N CYS D 809 -58.29 5.76 -29.61
CA CYS D 809 -58.84 5.79 -28.27
C CYS D 809 -60.34 6.03 -28.31
N ALA D 810 -60.99 5.77 -27.19
CA ALA D 810 -62.41 6.06 -27.05
C ALA D 810 -62.59 7.56 -27.10
N GLY D 811 -63.37 8.04 -28.08
CA GLY D 811 -63.61 9.46 -28.22
C GLY D 811 -62.52 10.25 -28.90
N CYS D 812 -61.68 9.61 -29.72
CA CYS D 812 -60.59 10.31 -30.38
C CYS D 812 -61.13 11.42 -31.28
N GLY D 813 -60.45 12.56 -31.28
CA GLY D 813 -60.85 13.68 -32.10
C GLY D 813 -60.35 13.67 -33.53
N GLU D 814 -59.60 12.64 -33.94
CA GLU D 814 -59.03 12.57 -35.27
C GLU D 814 -59.91 11.78 -36.23
N THR D 815 -60.35 10.59 -35.82
CA THR D 815 -61.09 9.73 -36.74
C THR D 815 -62.40 10.31 -37.27
N PRO D 816 -63.18 11.12 -36.53
CA PRO D 816 -64.39 11.70 -37.13
C PRO D 816 -64.13 12.57 -38.35
N TYR D 817 -63.01 13.29 -38.40
CA TYR D 817 -62.71 14.08 -39.59
C TYR D 817 -62.49 13.18 -40.80
N VAL D 818 -61.62 12.19 -40.67
CA VAL D 818 -61.29 11.31 -41.79
C VAL D 818 -62.50 10.50 -42.21
N LYS D 819 -63.31 10.04 -41.25
CA LYS D 819 -64.53 9.32 -41.59
C LYS D 819 -65.46 10.17 -42.45
N LEU D 820 -65.58 11.46 -42.12
CA LEU D 820 -66.44 12.32 -42.90
C LEU D 820 -65.88 12.51 -44.31
N VAL D 821 -64.55 12.54 -44.42
CA VAL D 821 -63.92 12.66 -45.73
C VAL D 821 -64.22 11.43 -46.58
N THR D 822 -64.20 10.23 -45.96
CA THR D 822 -64.54 9.03 -46.72
C THR D 822 -66.00 9.01 -47.12
N GLN D 823 -66.87 9.65 -46.34
CA GLN D 823 -68.27 9.72 -46.72
C GLN D 823 -68.51 10.72 -47.84
N LEU D 824 -67.58 11.66 -48.04
CA LEU D 824 -67.71 12.65 -49.09
C LEU D 824 -67.00 12.21 -50.38
N PHE D 825 -65.76 11.72 -50.27
CA PHE D 825 -64.95 11.42 -51.44
C PHE D 825 -64.32 10.03 -51.43
N GLY D 826 -64.70 9.16 -50.48
CA GLY D 826 -64.07 7.86 -50.36
C GLY D 826 -64.17 6.99 -51.59
N ASP D 827 -65.15 7.28 -52.47
CA ASP D 827 -65.33 6.48 -53.68
C ASP D 827 -64.12 6.56 -54.60
N ARG D 828 -63.33 7.63 -54.51
CA ARG D 828 -62.31 7.88 -55.51
C ARG D 828 -61.05 8.49 -54.93
N MET D 829 -60.72 8.19 -53.67
CA MET D 829 -59.61 8.85 -53.01
C MET D 829 -58.46 7.89 -52.73
N ILE D 830 -57.25 8.47 -52.71
CA ILE D 830 -56.01 7.78 -52.38
C ILE D 830 -55.36 8.53 -51.22
N ILE D 831 -54.93 7.80 -50.19
CA ILE D 831 -54.46 8.39 -48.94
C ILE D 831 -52.96 8.15 -48.79
N ALA D 832 -52.21 9.24 -48.55
CA ALA D 832 -50.81 9.18 -48.13
C ALA D 832 -50.76 9.68 -46.68
N ASN D 833 -50.51 8.76 -45.75
CA ASN D 833 -50.66 9.03 -44.33
C ASN D 833 -49.28 9.09 -43.67
N ALA D 834 -49.02 10.17 -42.94
CA ALA D 834 -47.77 10.27 -42.22
C ALA D 834 -47.76 9.28 -41.06
N THR D 835 -46.56 8.91 -40.64
CA THR D 835 -46.44 8.07 -39.46
C THR D 835 -46.88 8.86 -38.23
N GLY D 836 -47.62 8.20 -37.35
CA GLY D 836 -48.18 8.83 -36.18
C GLY D 836 -49.44 8.09 -35.75
N CYS D 837 -50.22 8.72 -34.88
CA CYS D 837 -51.48 8.12 -34.46
C CYS D 837 -52.35 7.77 -35.67
N SER D 838 -52.45 8.70 -36.61
CA SER D 838 -53.29 8.47 -37.79
C SER D 838 -52.84 7.25 -38.59
N SER D 839 -51.55 6.90 -38.51
CA SER D 839 -51.06 5.68 -39.13
C SER D 839 -51.17 4.47 -38.22
N ILE D 840 -51.23 4.69 -36.90
CA ILE D 840 -51.35 3.56 -35.97
C ILE D 840 -52.77 3.04 -35.93
N TRP D 841 -53.75 3.93 -35.77
CA TRP D 841 -55.14 3.46 -35.83
C TRP D 841 -55.60 3.24 -37.26
N GLY D 842 -54.91 3.81 -38.24
CA GLY D 842 -55.27 3.66 -39.63
C GLY D 842 -54.58 2.51 -40.33
N GLY D 843 -53.42 2.11 -39.84
CA GLY D 843 -52.67 1.07 -40.54
C GLY D 843 -51.73 0.24 -39.68
N SER D 844 -52.27 -0.41 -38.66
CA SER D 844 -51.52 -1.39 -37.88
C SER D 844 -51.96 -2.77 -38.32
N ALA D 845 -51.01 -3.58 -38.77
CA ALA D 845 -51.31 -4.93 -39.19
C ALA D 845 -51.91 -5.73 -38.02
N PRO D 846 -52.81 -6.67 -38.30
CA PRO D 846 -53.28 -7.02 -39.64
C PRO D 846 -54.62 -6.40 -39.99
N ALA D 847 -55.13 -5.50 -39.16
CA ALA D 847 -56.48 -4.96 -39.31
C ALA D 847 -56.43 -3.58 -39.96
N CYS D 848 -57.24 -3.39 -41.00
CA CYS D 848 -57.32 -2.14 -41.73
C CYS D 848 -58.69 -1.52 -41.53
N PRO D 849 -58.79 -0.32 -40.94
CA PRO D 849 -60.11 0.27 -40.71
C PRO D 849 -60.76 0.84 -41.95
N TYR D 850 -59.99 1.15 -42.99
CA TYR D 850 -60.58 1.66 -44.22
C TYR D 850 -61.19 0.49 -44.99
N THR D 851 -62.40 0.69 -45.49
CA THR D 851 -63.19 -0.35 -46.12
C THR D 851 -63.72 0.15 -47.46
N VAL D 852 -64.54 -0.68 -48.11
CA VAL D 852 -65.07 -0.40 -49.44
C VAL D 852 -66.58 -0.29 -49.37
N ASN D 853 -67.17 0.25 -50.45
CA ASN D 853 -68.62 0.35 -50.56
C ASN D 853 -69.18 -0.91 -51.21
N ARG D 854 -70.45 -0.86 -51.61
CA ARG D 854 -71.09 -2.05 -52.17
C ARG D 854 -70.53 -2.40 -53.55
N GLN D 855 -70.03 -1.41 -54.27
CA GLN D 855 -69.43 -1.62 -55.59
C GLN D 855 -67.99 -2.11 -55.50
N GLY D 856 -67.41 -2.19 -54.31
CA GLY D 856 -66.04 -2.63 -54.14
C GLY D 856 -64.99 -1.54 -54.20
N HIS D 857 -65.38 -0.27 -54.20
CA HIS D 857 -64.47 0.85 -54.26
C HIS D 857 -64.27 1.45 -52.87
N GLY D 858 -63.06 1.91 -52.60
CA GLY D 858 -62.74 2.53 -51.34
C GLY D 858 -61.33 3.10 -51.34
N PRO D 859 -61.00 3.90 -50.32
CA PRO D 859 -59.68 4.57 -50.31
C PRO D 859 -58.54 3.56 -50.23
N ALA D 860 -57.52 3.79 -51.06
CA ALA D 860 -56.26 3.06 -50.96
C ALA D 860 -55.33 3.83 -50.03
N TRP D 861 -54.72 3.10 -49.10
CA TRP D 861 -54.02 3.71 -47.98
C TRP D 861 -52.55 3.32 -48.03
N ALA D 862 -51.68 4.31 -47.81
CA ALA D 862 -50.24 4.08 -47.82
C ALA D 862 -49.59 5.05 -46.86
N SER D 863 -48.60 4.56 -46.13
CA SER D 863 -47.77 5.38 -45.27
C SER D 863 -46.32 5.12 -45.62
N SER D 864 -45.58 6.20 -45.91
CA SER D 864 -44.17 6.06 -46.25
C SER D 864 -43.32 6.26 -45.00
N LEU D 865 -42.97 7.50 -44.70
CA LEU D 865 -42.14 7.83 -43.55
C LEU D 865 -42.81 8.98 -42.80
N PHE D 866 -42.16 9.40 -41.71
CA PHE D 866 -42.67 10.52 -40.93
C PHE D 866 -42.39 11.85 -41.63
N GLU D 867 -41.23 11.97 -42.27
CA GLU D 867 -40.76 13.25 -42.80
C GLU D 867 -41.16 13.49 -44.25
N ASP D 868 -41.61 12.48 -44.97
CA ASP D 868 -41.77 12.59 -46.42
C ASP D 868 -43.22 12.52 -46.87
N ASN D 869 -44.18 12.66 -45.95
CA ASN D 869 -45.56 12.33 -46.31
C ASN D 869 -46.12 13.27 -47.38
N ALA D 870 -45.79 14.55 -47.29
CA ALA D 870 -46.28 15.50 -48.28
C ALA D 870 -45.75 15.16 -49.66
N GLU D 871 -44.44 14.95 -49.78
CA GLU D 871 -43.86 14.53 -51.05
C GLU D 871 -44.35 13.16 -51.45
N PHE D 872 -44.68 12.32 -50.47
CA PHE D 872 -45.23 10.99 -50.77
C PHE D 872 -46.53 11.11 -51.55
N GLY D 873 -47.48 11.89 -51.04
CA GLY D 873 -48.72 12.09 -51.76
C GLY D 873 -48.53 12.90 -53.03
N TYR D 874 -47.59 13.83 -53.02
CA TYR D 874 -47.30 14.58 -54.24
C TYR D 874 -46.91 13.65 -55.37
N GLY D 875 -46.04 12.67 -55.07
CA GLY D 875 -45.65 11.71 -56.08
C GLY D 875 -46.83 10.89 -56.59
N MET D 876 -47.77 10.57 -55.71
CA MET D 876 -48.97 9.87 -56.15
C MET D 876 -49.74 10.71 -57.15
N ALA D 877 -49.81 12.02 -56.91
CA ALA D 877 -50.54 12.90 -57.82
C ALA D 877 -49.90 12.90 -59.21
N LEU D 878 -48.57 12.91 -59.27
CA LEU D 878 -47.90 12.84 -60.57
C LEU D 878 -48.23 11.55 -61.29
N ALA D 879 -48.23 10.43 -60.58
CA ALA D 879 -48.48 9.14 -61.23
C ALA D 879 -49.92 9.02 -61.71
N VAL D 880 -50.89 9.39 -60.87
CA VAL D 880 -52.30 9.31 -61.27
C VAL D 880 -52.56 10.17 -62.49
N ALA D 881 -51.95 11.37 -62.53
CA ALA D 881 -52.07 12.20 -63.71
C ALA D 881 -51.46 11.51 -64.92
N LYS D 882 -50.32 10.82 -64.72
CA LYS D 882 -49.71 10.07 -65.80
C LYS D 882 -50.58 8.91 -66.26
N ARG D 883 -51.23 8.22 -65.31
CA ARG D 883 -52.08 7.10 -65.71
C ARG D 883 -53.32 7.57 -66.45
N GLN D 884 -53.86 8.73 -66.07
CA GLN D 884 -55.02 9.26 -66.79
C GLN D 884 -54.65 9.71 -68.19
N ASP D 885 -53.43 10.22 -68.39
CA ASP D 885 -53.01 10.64 -69.73
C ASP D 885 -52.91 9.44 -70.65
N GLU D 886 -52.43 8.31 -70.14
CA GLU D 886 -52.35 7.10 -70.96
C GLU D 886 -53.74 6.60 -71.33
N LEU D 887 -54.69 6.71 -70.40
CA LEU D 887 -56.07 6.32 -70.70
C LEU D 887 -56.71 7.30 -71.68
N ALA D 888 -56.52 8.60 -71.45
CA ALA D 888 -57.12 9.59 -72.34
C ALA D 888 -56.55 9.50 -73.75
N THR D 889 -55.26 9.14 -73.87
CA THR D 889 -54.65 8.99 -75.17
C THR D 889 -55.24 7.80 -75.93
N ALA D 890 -55.46 6.69 -75.23
CA ALA D 890 -56.08 5.53 -75.88
C ALA D 890 -57.54 5.82 -76.24
N ILE D 891 -58.22 6.66 -75.46
CA ILE D 891 -59.60 7.01 -75.76
C ILE D 891 -59.65 7.94 -76.98
N SER D 892 -58.70 8.87 -77.09
CA SER D 892 -58.66 9.75 -78.26
C SER D 892 -58.44 8.96 -79.54
N LYS D 893 -57.68 7.86 -79.47
CA LYS D 893 -57.53 6.98 -80.62
C LYS D 893 -58.83 6.28 -80.97
N ALA D 894 -59.68 6.01 -79.97
CA ALA D 894 -60.94 5.32 -80.24
C ALA D 894 -61.92 6.19 -81.01
N LEU D 895 -61.80 7.52 -80.92
CA LEU D 895 -62.72 8.39 -81.64
C LEU D 895 -62.61 8.19 -83.15
N GLU D 896 -61.40 7.91 -83.64
CA GLU D 896 -61.17 7.73 -85.06
C GLU D 896 -61.33 6.28 -85.52
N ALA D 897 -61.70 5.37 -84.62
CA ALA D 897 -61.83 3.96 -84.99
C ALA D 897 -63.29 3.62 -85.29
N PRO D 898 -63.53 2.61 -86.13
CA PRO D 898 -64.91 2.22 -86.41
C PRO D 898 -65.62 1.55 -85.24
N VAL D 899 -66.16 2.36 -84.35
CA VAL D 899 -66.92 1.88 -83.20
C VAL D 899 -68.29 2.55 -83.22
N SER D 900 -69.18 2.07 -82.34
CA SER D 900 -70.55 2.55 -82.35
C SER D 900 -70.61 4.04 -82.03
N ALA D 901 -71.62 4.71 -82.56
CA ALA D 901 -71.79 6.14 -82.33
C ALA D 901 -72.07 6.44 -80.86
N ALA D 902 -72.79 5.55 -80.17
CA ALA D 902 -73.03 5.73 -78.75
C ALA D 902 -71.74 5.63 -77.93
N PHE D 903 -70.80 4.80 -78.38
CA PHE D 903 -69.52 4.72 -77.70
C PHE D 903 -68.71 6.00 -77.91
N LYS D 904 -68.68 6.51 -79.14
CA LYS D 904 -67.96 7.75 -79.41
C LYS D 904 -68.57 8.92 -78.68
N ALA D 905 -69.89 8.93 -78.52
CA ALA D 905 -70.55 10.01 -77.80
C ALA D 905 -70.13 10.03 -76.35
N ALA D 906 -70.04 8.86 -75.73
CA ALA D 906 -69.58 8.79 -74.34
C ALA D 906 -68.10 9.11 -74.22
N CYS D 907 -67.30 8.79 -75.23
CA CYS D 907 -65.88 9.10 -75.17
C CYS D 907 -65.64 10.60 -75.26
N GLU D 908 -66.34 11.29 -76.16
CA GLU D 908 -66.19 12.73 -76.26
C GLU D 908 -66.63 13.43 -74.98
N GLY D 909 -67.68 12.92 -74.34
CA GLY D 909 -68.12 13.50 -73.08
C GLY D 909 -67.11 13.32 -71.97
N TRP D 910 -66.41 12.17 -71.96
CA TRP D 910 -65.39 11.93 -70.94
C TRP D 910 -64.16 12.79 -71.18
N LEU D 911 -63.72 12.88 -72.45
CA LEU D 911 -62.53 13.66 -72.76
C LEU D 911 -62.71 15.13 -72.40
N ALA D 912 -63.93 15.64 -72.51
CA ALA D 912 -64.17 17.03 -72.16
C ALA D 912 -64.21 17.22 -70.65
N GLY D 913 -64.57 16.19 -69.90
CA GLY D 913 -64.73 16.33 -68.47
C GLY D 913 -63.92 15.37 -67.63
N LYS D 914 -62.77 14.93 -68.15
CA LYS D 914 -61.94 14.00 -67.39
C LYS D 914 -61.38 14.62 -66.12
N ASP D 915 -61.31 15.95 -66.04
CA ASP D 915 -60.76 16.64 -64.87
C ASP D 915 -61.84 17.10 -63.89
N ASP D 916 -63.09 16.70 -64.11
CA ASP D 916 -64.17 16.97 -63.18
C ASP D 916 -64.66 15.67 -62.56
N ALA D 917 -64.88 15.69 -61.25
CA ALA D 917 -65.26 14.48 -60.53
C ALA D 917 -66.59 13.92 -61.04
N ASP D 918 -67.60 14.78 -61.17
CA ASP D 918 -68.92 14.29 -61.52
C ASP D 918 -68.99 13.89 -63.00
N ARG D 919 -68.41 14.70 -63.87
CA ARG D 919 -68.49 14.46 -65.30
C ARG D 919 -67.66 13.25 -65.71
N SER D 920 -66.50 13.07 -65.09
CA SER D 920 -65.65 11.93 -65.44
C SER D 920 -66.30 10.62 -65.03
N ARG D 921 -66.99 10.60 -63.89
CA ARG D 921 -67.70 9.40 -63.47
C ARG D 921 -68.89 9.13 -64.38
N GLU D 922 -69.62 10.18 -64.76
CA GLU D 922 -70.81 10.02 -65.57
C GLU D 922 -70.48 9.36 -66.90
N TYR D 923 -69.63 10.00 -67.69
CA TYR D 923 -69.26 9.42 -68.97
C TYR D 923 -68.35 8.22 -68.80
N GLY D 924 -67.60 8.17 -67.71
CA GLY D 924 -66.77 6.99 -67.45
C GLY D 924 -67.59 5.74 -67.24
N ASP D 925 -68.66 5.84 -66.44
CA ASP D 925 -69.53 4.68 -66.26
C ASP D 925 -70.26 4.33 -67.55
N ARG D 926 -70.53 5.32 -68.39
CA ARG D 926 -71.10 5.03 -69.70
C ARG D 926 -70.13 4.22 -70.54
N ILE D 927 -68.85 4.58 -70.49
CA ILE D 927 -67.83 3.83 -71.22
C ILE D 927 -67.74 2.40 -70.70
N LYS D 928 -67.80 2.24 -69.37
CA LYS D 928 -67.72 0.91 -68.78
C LYS D 928 -68.90 0.04 -69.21
N ALA D 929 -70.09 0.65 -69.35
CA ALA D 929 -71.26 -0.13 -69.73
C ALA D 929 -71.23 -0.53 -71.19
N LEU D 930 -70.64 0.29 -72.05
CA LEU D 930 -70.57 0.00 -73.47
C LEU D 930 -69.35 -0.81 -73.87
N LEU D 931 -68.35 -0.91 -72.99
CA LEU D 931 -67.12 -1.62 -73.35
C LEU D 931 -67.31 -3.10 -73.64
N PRO D 932 -67.94 -3.91 -72.77
CA PRO D 932 -68.05 -5.35 -73.08
C PRO D 932 -68.78 -5.62 -74.38
N GLY D 933 -69.83 -4.86 -74.69
CA GLY D 933 -70.51 -5.04 -75.97
C GLY D 933 -69.69 -4.53 -77.13
N GLU D 934 -68.93 -3.44 -76.93
CA GLU D 934 -68.11 -2.91 -78.01
C GLU D 934 -66.93 -3.82 -78.30
N ILE D 935 -66.35 -4.42 -77.27
CA ILE D 935 -65.25 -5.36 -77.46
C ILE D 935 -65.75 -6.59 -78.20
N SER D 936 -66.97 -7.03 -77.90
CA SER D 936 -67.55 -8.19 -78.56
C SER D 936 -67.76 -7.94 -80.05
N GLN D 937 -68.04 -6.69 -80.44
CA GLN D 937 -68.30 -6.33 -81.82
C GLN D 937 -67.06 -5.92 -82.59
N ALA D 938 -65.87 -6.00 -82.00
CA ALA D 938 -64.65 -5.56 -82.64
C ALA D 938 -63.71 -6.74 -82.89
N SER D 939 -62.70 -6.49 -83.72
CA SER D 939 -61.70 -7.50 -84.06
C SER D 939 -60.43 -6.80 -84.55
N GLY D 940 -59.32 -7.53 -84.46
CA GLY D 940 -58.06 -7.00 -84.94
C GLY D 940 -57.49 -5.93 -84.02
N GLU D 941 -56.93 -4.89 -84.62
CA GLU D 941 -56.33 -3.81 -83.84
C GLU D 941 -57.38 -2.98 -83.13
N VAL D 942 -58.59 -2.90 -83.68
CA VAL D 942 -59.67 -2.16 -83.01
C VAL D 942 -60.02 -2.84 -81.69
N LYS D 943 -60.05 -4.18 -81.69
CA LYS D 943 -60.32 -4.91 -80.45
C LYS D 943 -59.18 -4.72 -79.45
N ASP D 944 -57.94 -4.69 -79.93
CA ASP D 944 -56.80 -4.45 -79.03
C ASP D 944 -56.86 -3.04 -78.44
N LEU D 945 -57.27 -2.06 -79.24
CA LEU D 945 -57.41 -0.70 -78.72
C LEU D 945 -58.51 -0.63 -77.68
N LEU D 946 -59.59 -1.39 -77.88
CA LEU D 946 -60.65 -1.41 -76.88
C LEU D 946 -60.23 -2.17 -75.62
N LEU D 947 -59.42 -3.23 -75.78
CA LEU D 947 -58.91 -3.94 -74.62
C LEU D 947 -57.97 -3.07 -73.82
N ASP D 948 -57.30 -2.11 -74.47
CA ASP D 948 -56.43 -1.18 -73.75
C ASP D 948 -57.23 -0.16 -72.96
N ILE D 949 -58.43 0.19 -73.45
CA ILE D 949 -59.31 1.05 -72.67
C ILE D 949 -59.78 0.33 -71.42
N ASP D 950 -60.17 -0.95 -71.58
CA ASP D 950 -60.66 -1.74 -70.46
C ASP D 950 -59.58 -2.01 -69.42
N ARG D 951 -58.33 -2.15 -69.86
CA ARG D 951 -57.24 -2.38 -68.90
C ARG D 951 -57.01 -1.17 -68.01
N GLN D 952 -57.33 0.03 -68.49
CA GLN D 952 -57.13 1.26 -67.75
C GLN D 952 -58.43 1.91 -67.31
N LYS D 953 -59.54 1.17 -67.36
CA LYS D 953 -60.84 1.76 -67.03
C LYS D 953 -60.91 2.22 -65.57
N ASP D 954 -60.02 1.73 -64.73
CA ASP D 954 -59.95 2.17 -63.33
C ASP D 954 -59.37 3.57 -63.15
N TYR D 955 -59.12 4.32 -64.22
CA TYR D 955 -58.66 5.70 -64.13
C TYR D 955 -59.61 6.68 -64.79
N LEU D 956 -60.79 6.24 -65.22
CA LEU D 956 -61.77 7.14 -65.81
C LEU D 956 -62.25 8.17 -64.80
N THR D 957 -62.70 7.71 -63.63
CA THR D 957 -63.15 8.63 -62.59
C THR D 957 -61.95 9.34 -61.98
N LYS D 958 -62.03 10.67 -61.89
CA LYS D 958 -60.93 11.44 -61.35
C LYS D 958 -60.69 11.07 -59.89
N LYS D 959 -59.42 10.92 -59.52
CA LYS D 959 -59.07 10.54 -58.16
C LYS D 959 -58.89 11.78 -57.30
N SER D 960 -58.95 11.57 -55.98
CA SER D 960 -58.83 12.66 -55.01
C SER D 960 -57.70 12.27 -54.05
N ILE D 961 -56.54 12.89 -54.23
CA ILE D 961 -55.37 12.58 -53.41
C ILE D 961 -55.47 13.34 -52.10
N TRP D 962 -55.36 12.61 -50.99
CA TRP D 962 -55.45 13.18 -49.66
C TRP D 962 -54.16 12.88 -48.89
N ILE D 963 -53.53 13.93 -48.37
CA ILE D 963 -52.30 13.83 -47.61
C ILE D 963 -52.68 14.10 -46.16
N ILE D 964 -52.76 13.05 -45.35
CA ILE D 964 -53.25 13.11 -43.98
C ILE D 964 -52.09 12.88 -43.04
N GLY D 965 -52.02 13.68 -41.97
CA GLY D 965 -50.96 13.52 -40.99
C GLY D 965 -51.22 14.39 -39.80
N GLY D 966 -50.39 14.20 -38.77
CA GLY D 966 -50.54 14.92 -37.52
C GLY D 966 -49.83 16.27 -37.53
N ASP D 967 -50.01 17.00 -36.43
CA ASP D 967 -49.41 18.33 -36.34
C ASP D 967 -47.90 18.26 -36.21
N GLY D 968 -47.37 17.21 -35.60
CA GLY D 968 -45.93 17.05 -35.55
C GLY D 968 -45.32 16.91 -36.93
N TRP D 969 -46.01 16.19 -37.81
CA TRP D 969 -45.54 16.07 -39.19
C TRP D 969 -45.66 17.41 -39.91
N ALA D 970 -46.83 18.05 -39.82
CA ALA D 970 -47.07 19.23 -40.63
C ALA D 970 -46.30 20.44 -40.13
N TYR D 971 -46.15 20.58 -38.81
CA TYR D 971 -45.53 21.76 -38.23
C TYR D 971 -44.03 21.61 -38.05
N ASP D 972 -43.51 20.38 -38.00
CA ASP D 972 -42.10 20.19 -37.70
C ASP D 972 -41.36 19.44 -38.80
N ILE D 973 -41.30 18.11 -38.69
CA ILE D 973 -40.35 17.35 -39.50
C ILE D 973 -40.73 17.38 -40.98
N GLY D 974 -42.02 17.39 -41.28
CA GLY D 974 -42.49 17.42 -42.65
C GLY D 974 -42.92 18.78 -43.15
N TYR D 975 -42.62 19.86 -42.41
CA TYR D 975 -43.05 21.18 -42.83
C TYR D 975 -42.36 21.62 -44.11
N GLY D 976 -41.05 21.36 -44.21
CA GLY D 976 -40.32 21.71 -45.42
C GLY D 976 -40.89 21.05 -46.65
N GLY D 977 -41.29 19.78 -46.52
CA GLY D 977 -41.94 19.11 -47.63
C GLY D 977 -43.34 19.63 -47.88
N LEU D 978 -44.07 19.94 -46.80
CA LEU D 978 -45.42 20.48 -46.95
C LEU D 978 -45.38 21.84 -47.64
N ASP D 979 -44.42 22.70 -47.26
CA ASP D 979 -44.28 23.98 -47.93
C ASP D 979 -44.06 23.80 -49.43
N HIS D 980 -43.23 22.83 -49.80
CA HIS D 980 -42.91 22.64 -51.21
C HIS D 980 -44.11 22.14 -52.00
N VAL D 981 -44.84 21.16 -51.44
CA VAL D 981 -45.97 20.60 -52.17
C VAL D 981 -47.10 21.61 -52.31
N LEU D 982 -47.31 22.42 -51.26
CA LEU D 982 -48.30 23.49 -51.39
C LEU D 982 -47.85 24.53 -52.41
N ALA D 983 -46.56 24.88 -52.39
CA ALA D 983 -46.04 25.86 -53.35
C ALA D 983 -46.09 25.35 -54.79
N SER D 984 -46.12 24.04 -54.98
CA SER D 984 -46.10 23.52 -56.35
C SER D 984 -47.39 23.84 -57.07
N GLY D 985 -48.50 23.95 -56.34
CA GLY D 985 -49.77 24.18 -56.97
C GLY D 985 -50.52 22.93 -57.36
N ALA D 986 -50.00 21.75 -57.00
CA ALA D 986 -50.62 20.49 -57.37
C ALA D 986 -52.00 20.35 -56.71
N ASN D 987 -52.85 19.54 -57.35
CA ASN D 987 -54.21 19.31 -56.88
C ASN D 987 -54.17 18.21 -55.82
N VAL D 988 -53.76 18.59 -54.61
CA VAL D 988 -53.73 17.71 -53.46
C VAL D 988 -54.52 18.32 -52.32
N ASN D 989 -55.00 17.47 -51.42
CA ASN D 989 -55.78 17.89 -50.26
C ASN D 989 -55.02 17.44 -49.01
N VAL D 990 -54.50 18.40 -48.26
CA VAL D 990 -53.74 18.11 -47.05
C VAL D 990 -54.67 18.29 -45.86
N LEU D 991 -54.80 17.26 -45.04
CA LEU D 991 -55.60 17.29 -43.82
C LEU D 991 -54.66 17.14 -42.64
N VAL D 992 -54.50 18.21 -41.87
CA VAL D 992 -53.65 18.22 -40.70
C VAL D 992 -54.52 17.97 -39.49
N LEU D 993 -54.33 16.82 -38.86
CA LEU D 993 -55.01 16.49 -37.60
C LEU D 993 -54.15 17.07 -36.49
N ASP D 994 -54.52 18.26 -36.03
CA ASP D 994 -53.76 19.01 -35.03
C ASP D 994 -54.19 18.57 -33.64
N THR D 995 -53.34 17.81 -32.96
CA THR D 995 -53.54 17.48 -31.55
C THR D 995 -52.71 18.36 -30.63
N GLU D 996 -51.93 19.29 -31.18
CA GLU D 996 -51.05 20.19 -30.43
C GLU D 996 -49.97 19.46 -29.66
N VAL D 997 -49.77 18.17 -29.94
CA VAL D 997 -48.72 17.35 -29.32
C VAL D 997 -48.37 16.21 -30.29
N TYR D 998 -47.32 15.48 -29.96
CA TYR D 998 -47.02 14.21 -30.62
C TYR D 998 -47.79 13.15 -29.84
N SER D 999 -49.01 12.85 -30.29
CA SER D 999 -49.92 12.06 -29.46
C SER D 999 -49.48 10.60 -29.35
N ASN D 1000 -49.07 9.99 -30.47
CA ASN D 1000 -48.78 8.55 -30.44
C ASN D 1000 -47.60 8.23 -29.52
N THR D 1001 -46.55 9.05 -29.56
CA THR D 1001 -45.33 8.77 -28.80
C THR D 1001 -45.42 9.20 -27.34
N GLY D 1002 -46.60 9.55 -26.85
CA GLY D 1002 -46.81 9.83 -25.44
C GLY D 1002 -47.15 11.26 -25.10
N GLY D 1003 -47.09 12.18 -26.06
CA GLY D 1003 -47.51 13.54 -25.81
C GLY D 1003 -46.36 14.51 -25.64
N GLN D 1004 -45.53 14.64 -26.68
CA GLN D 1004 -44.35 15.49 -26.63
C GLN D 1004 -44.62 16.85 -27.28
N SER D 1005 -43.73 17.80 -26.98
CA SER D 1005 -43.92 19.17 -27.41
C SER D 1005 -43.81 19.32 -28.93
N SER D 1006 -44.52 20.29 -29.47
CA SER D 1006 -44.59 20.55 -30.89
C SER D 1006 -44.64 22.05 -31.13
N LYS D 1007 -44.43 22.45 -32.39
CA LYS D 1007 -44.66 23.85 -32.75
C LYS D 1007 -46.15 24.19 -32.76
N ALA D 1008 -47.02 23.18 -32.85
CA ALA D 1008 -48.45 23.41 -32.73
C ALA D 1008 -48.90 23.54 -31.29
N THR D 1009 -48.04 23.22 -30.33
CA THR D 1009 -48.36 23.38 -28.93
C THR D 1009 -48.50 24.86 -28.60
N GLN D 1010 -49.54 25.20 -27.85
CA GLN D 1010 -49.83 26.59 -27.54
C GLN D 1010 -48.97 27.06 -26.36
N THR D 1011 -49.04 28.36 -26.10
CA THR D 1011 -48.30 28.94 -25.00
C THR D 1011 -48.81 28.39 -23.67
N GLY D 1012 -47.88 28.07 -22.78
CA GLY D 1012 -48.21 27.65 -21.43
C GLY D 1012 -48.58 26.19 -21.25
N ALA D 1013 -48.82 25.46 -22.33
CA ALA D 1013 -49.17 24.04 -22.19
C ALA D 1013 -47.96 23.24 -21.73
N VAL D 1014 -48.19 22.32 -20.80
CA VAL D 1014 -47.14 21.45 -20.27
C VAL D 1014 -47.27 20.09 -20.95
N ALA D 1015 -46.19 19.65 -21.57
CA ALA D 1015 -46.13 18.32 -22.18
C ALA D 1015 -44.71 17.79 -22.02
N ARG D 1016 -44.49 16.56 -22.46
CA ARG D 1016 -43.17 15.98 -22.42
C ARG D 1016 -42.24 16.73 -23.36
N PHE D 1017 -41.00 16.94 -22.91
CA PHE D 1017 -40.02 17.86 -23.49
C PHE D 1017 -40.36 19.32 -23.25
N ALA D 1018 -41.40 19.60 -22.46
CA ALA D 1018 -41.75 20.96 -22.06
C ALA D 1018 -42.29 20.93 -20.62
N ALA D 1019 -41.44 20.46 -19.70
CA ALA D 1019 -41.88 20.28 -18.32
C ALA D 1019 -42.26 21.61 -17.68
N GLY D 1020 -41.54 22.68 -17.99
CA GLY D 1020 -41.84 24.00 -17.50
C GLY D 1020 -42.80 24.80 -18.33
N GLY D 1021 -43.42 24.19 -19.33
CA GLY D 1021 -44.34 24.96 -20.17
C GLY D 1021 -43.62 25.56 -21.36
N LYS D 1022 -44.35 25.62 -22.48
CA LYS D 1022 -43.82 26.17 -23.71
C LYS D 1022 -43.93 27.69 -23.65
N PHE D 1023 -42.80 28.38 -23.83
CA PHE D 1023 -42.78 29.83 -23.75
C PHE D 1023 -43.22 30.46 -25.06
N THR D 1024 -42.60 30.07 -26.17
CA THR D 1024 -42.97 30.63 -27.46
C THR D 1024 -44.38 30.22 -27.85
N LYS D 1025 -45.06 31.09 -28.57
CA LYS D 1025 -46.45 30.88 -28.92
C LYS D 1025 -46.57 29.88 -30.08
N LYS D 1026 -47.80 29.52 -30.40
CA LYS D 1026 -48.07 28.56 -31.46
C LYS D 1026 -47.75 29.13 -32.83
N LYS D 1027 -47.02 28.36 -33.64
CA LYS D 1027 -46.76 28.73 -35.02
C LYS D 1027 -48.05 28.67 -35.82
N ASP D 1028 -48.29 29.70 -36.64
CA ASP D 1028 -49.51 29.77 -37.46
C ASP D 1028 -49.22 29.16 -38.82
N LEU D 1029 -49.46 27.85 -38.94
CA LEU D 1029 -49.23 27.16 -40.20
C LEU D 1029 -50.15 27.68 -41.30
N GLY D 1030 -51.42 27.91 -40.97
CA GLY D 1030 -52.36 28.37 -41.98
C GLY D 1030 -51.98 29.74 -42.53
N LEU D 1031 -51.45 30.61 -41.68
CA LEU D 1031 -51.11 31.96 -42.13
C LEU D 1031 -49.98 31.93 -43.15
N MET D 1032 -49.00 31.04 -42.98
CA MET D 1032 -47.91 30.95 -43.93
C MET D 1032 -48.38 30.37 -45.25
N ALA D 1033 -49.29 29.41 -45.22
CA ALA D 1033 -49.81 28.82 -46.45
C ALA D 1033 -50.69 29.82 -47.22
N MET D 1034 -51.28 30.78 -46.52
CA MET D 1034 -52.04 31.82 -47.21
C MET D 1034 -51.16 32.78 -47.97
N SER D 1035 -49.87 32.87 -47.59
CA SER D 1035 -48.97 33.83 -48.22
C SER D 1035 -48.76 33.52 -49.70
N TYR D 1036 -48.96 32.26 -50.10
CA TYR D 1036 -48.86 31.92 -51.52
C TYR D 1036 -50.00 32.52 -52.32
N GLY D 1037 -51.18 32.64 -51.71
CA GLY D 1037 -52.34 33.20 -52.37
C GLY D 1037 -53.13 32.19 -53.16
N TYR D 1038 -52.47 31.17 -53.72
CA TYR D 1038 -53.15 30.15 -54.51
C TYR D 1038 -53.38 28.84 -53.75
N VAL D 1039 -53.19 28.85 -52.43
CA VAL D 1039 -53.43 27.67 -51.62
C VAL D 1039 -54.71 27.90 -50.83
N TYR D 1040 -55.68 27.00 -50.98
CA TYR D 1040 -56.88 27.04 -50.18
C TYR D 1040 -56.55 26.60 -48.76
N VAL D 1041 -56.81 27.46 -47.80
CA VAL D 1041 -56.52 27.19 -46.39
C VAL D 1041 -57.79 27.37 -45.58
N ALA D 1042 -58.04 26.43 -44.67
CA ALA D 1042 -59.19 26.49 -43.80
C ALA D 1042 -58.82 25.87 -42.46
N SER D 1043 -59.33 26.45 -41.38
CA SER D 1043 -59.15 25.94 -40.02
C SER D 1043 -60.52 25.53 -39.50
N VAL D 1044 -60.66 24.26 -39.12
CA VAL D 1044 -61.95 23.69 -38.75
C VAL D 1044 -61.88 23.02 -37.38
N ALA D 1045 -63.06 22.78 -36.81
CA ALA D 1045 -63.17 22.07 -35.54
C ALA D 1045 -64.59 21.52 -35.48
N MET D 1046 -64.72 20.18 -35.56
CA MET D 1046 -66.04 19.58 -35.72
C MET D 1046 -66.96 19.90 -34.55
N GLY D 1047 -66.45 19.85 -33.32
CA GLY D 1047 -67.26 20.14 -32.15
C GLY D 1047 -67.82 21.54 -32.14
N ALA D 1048 -67.16 22.47 -32.84
CA ALA D 1048 -67.59 23.86 -32.83
C ALA D 1048 -68.66 24.13 -33.88
N SER D 1049 -68.45 23.66 -35.11
CA SER D 1049 -69.37 24.00 -36.19
C SER D 1049 -69.40 22.86 -37.21
N HIS D 1050 -70.55 22.19 -37.32
CA HIS D 1050 -70.70 21.17 -38.35
C HIS D 1050 -70.75 21.79 -39.73
N SER D 1051 -71.49 22.90 -39.89
CA SER D 1051 -71.65 23.51 -41.20
C SER D 1051 -70.35 24.12 -41.70
N GLN D 1052 -69.52 24.68 -40.80
CA GLN D 1052 -68.23 25.21 -41.22
C GLN D 1052 -67.28 24.11 -41.63
N LEU D 1053 -67.36 22.94 -40.99
CA LEU D 1053 -66.53 21.82 -41.41
C LEU D 1053 -66.96 21.29 -42.76
N MET D 1054 -68.27 21.19 -43.00
CA MET D 1054 -68.76 20.71 -44.29
C MET D 1054 -68.36 21.66 -45.41
N LYS D 1055 -68.47 22.97 -45.18
CA LYS D 1055 -68.17 23.95 -46.23
C LYS D 1055 -66.70 23.94 -46.58
N ALA D 1056 -65.83 23.89 -45.57
CA ALA D 1056 -64.40 23.93 -45.85
C ALA D 1056 -63.92 22.67 -46.56
N LEU D 1057 -64.46 21.51 -46.17
CA LEU D 1057 -64.02 20.26 -46.78
C LEU D 1057 -64.42 20.19 -48.25
N ILE D 1058 -65.65 20.58 -48.59
CA ILE D 1058 -66.11 20.47 -49.97
C ILE D 1058 -65.42 21.51 -50.85
N GLU D 1059 -65.28 22.73 -50.35
CA GLU D 1059 -64.59 23.75 -51.13
C GLU D 1059 -63.11 23.39 -51.34
N ALA D 1060 -62.47 22.79 -50.33
CA ALA D 1060 -61.05 22.48 -50.45
C ALA D 1060 -60.81 21.39 -51.48
N GLU D 1061 -61.69 20.38 -51.51
CA GLU D 1061 -61.50 19.28 -52.45
C GLU D 1061 -61.80 19.72 -53.88
N LYS D 1062 -62.81 20.58 -54.06
CA LYS D 1062 -63.14 21.07 -55.39
C LYS D 1062 -62.15 22.09 -55.93
N TYR D 1063 -61.38 22.74 -55.07
CA TYR D 1063 -60.40 23.72 -55.52
C TYR D 1063 -59.32 23.02 -56.36
N ASP D 1064 -59.16 23.46 -57.60
CA ASP D 1064 -58.17 22.88 -58.50
C ASP D 1064 -56.79 23.45 -58.15
N GLY D 1065 -56.27 22.98 -57.01
CA GLY D 1065 -55.00 23.43 -56.51
C GLY D 1065 -54.71 22.86 -55.14
N PRO D 1066 -53.67 23.35 -54.49
CA PRO D 1066 -53.31 22.82 -53.18
C PRO D 1066 -54.27 23.34 -52.11
N SER D 1067 -54.70 22.43 -51.24
CA SER D 1067 -55.62 22.76 -50.16
C SER D 1067 -55.05 22.23 -48.86
N LEU D 1068 -55.16 23.03 -47.80
CA LEU D 1068 -54.65 22.68 -46.48
C LEU D 1068 -55.77 22.85 -45.47
N ILE D 1069 -56.17 21.75 -44.82
CA ILE D 1069 -57.24 21.73 -43.84
C ILE D 1069 -56.61 21.43 -42.48
N ILE D 1070 -56.67 22.39 -41.57
CA ILE D 1070 -56.14 22.22 -40.22
C ILE D 1070 -57.32 21.99 -39.28
N ALA D 1071 -57.45 20.77 -38.77
CA ALA D 1071 -58.56 20.37 -37.92
C ALA D 1071 -58.07 20.19 -36.48
N TYR D 1072 -58.79 20.81 -35.54
CA TYR D 1072 -58.48 20.65 -34.12
C TYR D 1072 -58.98 19.28 -33.66
N ALA D 1073 -58.07 18.47 -33.12
CA ALA D 1073 -58.38 17.12 -32.69
C ALA D 1073 -58.10 16.97 -31.20
N PRO D 1074 -59.13 16.96 -30.35
CA PRO D 1074 -58.90 16.72 -28.92
C PRO D 1074 -58.25 15.36 -28.70
N CYS D 1075 -57.42 15.29 -27.66
CA CYS D 1075 -56.60 14.11 -27.45
C CYS D 1075 -56.54 13.80 -25.96
N ILE D 1076 -56.22 12.53 -25.65
CA ILE D 1076 -56.11 12.11 -24.26
C ILE D 1076 -54.93 12.80 -23.58
N ASN D 1077 -53.90 13.17 -24.35
CA ASN D 1077 -52.74 13.85 -23.77
C ASN D 1077 -53.07 15.25 -23.28
N HIS D 1078 -54.25 15.77 -23.65
CA HIS D 1078 -54.70 17.06 -23.14
C HIS D 1078 -55.13 16.96 -21.68
N GLY D 1079 -55.50 15.78 -21.19
CA GLY D 1079 -55.95 15.63 -19.83
C GLY D 1079 -57.38 16.07 -19.63
N ILE D 1080 -58.30 15.44 -20.36
CA ILE D 1080 -59.72 15.78 -20.31
C ILE D 1080 -60.54 14.51 -20.26
N ASN D 1081 -61.81 14.66 -19.91
CA ASN D 1081 -62.77 13.57 -20.00
C ASN D 1081 -63.16 13.40 -21.46
N MET D 1082 -62.73 12.30 -22.08
CA MET D 1082 -62.97 12.07 -23.50
C MET D 1082 -64.44 11.86 -23.83
N THR D 1083 -65.29 11.65 -22.83
CA THR D 1083 -66.72 11.60 -23.07
C THR D 1083 -67.22 12.90 -23.69
N TYR D 1084 -66.65 14.04 -23.28
CA TYR D 1084 -67.06 15.32 -23.81
C TYR D 1084 -65.98 15.87 -24.74
N SER D 1085 -65.46 15.02 -25.62
CA SER D 1085 -64.41 15.46 -26.54
C SER D 1085 -64.95 16.45 -27.57
N GLN D 1086 -66.15 16.22 -28.08
CA GLN D 1086 -66.78 17.18 -28.98
C GLN D 1086 -67.02 18.51 -28.28
N ARG D 1087 -67.45 18.47 -27.02
CA ARG D 1087 -67.70 19.69 -26.28
C ARG D 1087 -66.42 20.48 -26.08
N GLU D 1088 -65.29 19.78 -25.91
CA GLU D 1088 -64.02 20.48 -25.71
C GLU D 1088 -63.60 21.22 -26.96
N ALA D 1089 -63.93 20.69 -28.14
CA ALA D 1089 -63.65 21.43 -29.37
C ALA D 1089 -64.57 22.64 -29.51
N LYS D 1090 -65.79 22.54 -28.98
CA LYS D 1090 -66.69 23.68 -28.95
C LYS D 1090 -66.22 24.74 -27.96
N LYS D 1091 -65.76 24.31 -26.77
CA LYS D 1091 -65.25 25.28 -25.80
C LYS D 1091 -63.97 25.95 -26.30
N ALA D 1092 -63.21 25.28 -27.16
CA ALA D 1092 -61.98 25.85 -27.68
C ALA D 1092 -62.26 27.04 -28.59
N VAL D 1093 -63.25 26.90 -29.48
CA VAL D 1093 -63.58 27.98 -30.40
C VAL D 1093 -64.34 29.09 -29.68
N GLU D 1094 -65.20 28.73 -28.72
CA GLU D 1094 -65.97 29.72 -28.00
C GLU D 1094 -65.11 30.61 -27.11
N ALA D 1095 -63.92 30.15 -26.72
CA ALA D 1095 -63.02 30.93 -25.90
C ALA D 1095 -61.95 31.65 -26.70
N GLY D 1096 -62.05 31.61 -28.03
CA GLY D 1096 -61.03 32.20 -28.88
C GLY D 1096 -59.73 31.44 -28.95
N TYR D 1097 -59.72 30.19 -28.49
CA TYR D 1097 -58.50 29.39 -28.45
C TYR D 1097 -58.15 28.82 -29.82
N TRP D 1098 -59.16 28.47 -30.62
CA TRP D 1098 -58.95 27.90 -31.96
C TRP D 1098 -59.81 28.67 -32.95
N PRO D 1099 -59.23 29.22 -34.01
CA PRO D 1099 -60.02 30.00 -34.98
C PRO D 1099 -60.63 29.12 -36.07
N LEU D 1100 -61.70 29.65 -36.67
CA LEU D 1100 -62.37 29.03 -37.80
C LEU D 1100 -62.40 30.03 -38.94
N TYR D 1101 -61.65 29.75 -40.02
CA TYR D 1101 -61.59 30.62 -41.17
C TYR D 1101 -61.51 29.78 -42.44
N ARG D 1102 -61.67 30.44 -43.58
CA ARG D 1102 -61.51 29.79 -44.88
C ARG D 1102 -60.92 30.79 -45.86
N TYR D 1103 -59.77 30.44 -46.44
CA TYR D 1103 -59.11 31.25 -47.45
C TYR D 1103 -59.32 30.57 -48.80
N ASN D 1104 -60.17 31.17 -49.62
CA ASN D 1104 -60.51 30.60 -50.92
C ASN D 1104 -59.85 31.43 -52.00
N PRO D 1105 -58.79 30.94 -52.66
CA PRO D 1105 -58.17 31.72 -53.73
C PRO D 1105 -59.11 32.02 -54.88
N GLN D 1106 -60.15 31.20 -55.08
CA GLN D 1106 -61.08 31.44 -56.17
C GLN D 1106 -61.89 32.72 -55.96
N LEU D 1107 -62.11 33.11 -54.70
CA LEU D 1107 -62.78 34.39 -54.45
C LEU D 1107 -61.89 35.56 -54.86
N ALA D 1108 -60.57 35.39 -54.76
CA ALA D 1108 -59.65 36.45 -55.18
C ALA D 1108 -59.68 36.65 -56.69
N GLN D 1109 -59.84 35.55 -57.44
CA GLN D 1109 -59.96 35.65 -58.89
C GLN D 1109 -61.26 36.31 -59.30
N GLU D 1110 -62.26 36.30 -58.43
CA GLU D 1110 -63.53 36.99 -58.68
C GLU D 1110 -63.54 38.42 -58.15
N GLY D 1111 -62.38 38.95 -57.77
CA GLY D 1111 -62.29 40.31 -57.28
C GLY D 1111 -62.73 40.51 -55.86
N LYS D 1112 -63.03 39.44 -55.14
CA LYS D 1112 -63.52 39.52 -53.78
C LYS D 1112 -62.41 39.22 -52.79
N ASN D 1113 -62.70 39.38 -51.50
CA ASN D 1113 -61.74 39.08 -50.47
C ASN D 1113 -61.68 37.58 -50.27
N PRO D 1114 -60.53 36.92 -50.45
CA PRO D 1114 -60.46 35.47 -50.26
C PRO D 1114 -60.63 35.01 -48.82
N PHE D 1115 -60.33 35.85 -47.83
CA PHE D 1115 -60.34 35.42 -46.44
C PHE D 1115 -61.72 35.65 -45.82
N ILE D 1116 -62.33 34.59 -45.31
CA ILE D 1116 -63.62 34.64 -44.62
C ILE D 1116 -63.44 34.08 -43.22
N LEU D 1117 -63.70 34.90 -42.21
CA LEU D 1117 -63.63 34.47 -40.81
C LEU D 1117 -65.00 33.97 -40.38
N ASP D 1118 -65.09 32.67 -40.13
CA ASP D 1118 -66.38 32.03 -39.85
C ASP D 1118 -66.81 32.15 -38.39
N TYR D 1119 -65.92 32.57 -37.49
CA TYR D 1119 -66.27 32.78 -36.09
C TYR D 1119 -65.56 34.05 -35.64
N LYS D 1120 -66.32 35.13 -35.49
CA LYS D 1120 -65.73 36.44 -35.25
C LYS D 1120 -65.66 36.80 -33.77
N THR D 1121 -66.74 36.59 -33.03
CA THR D 1121 -66.79 37.06 -31.64
C THR D 1121 -66.86 35.89 -30.67
N PRO D 1122 -65.80 35.65 -29.89
CA PRO D 1122 -65.88 34.61 -28.86
C PRO D 1122 -66.65 35.12 -27.64
N THR D 1123 -67.37 34.20 -27.00
CA THR D 1123 -68.22 34.53 -25.88
C THR D 1123 -67.78 33.92 -24.56
N ALA D 1124 -66.84 32.99 -24.56
CA ALA D 1124 -66.41 32.29 -23.37
C ALA D 1124 -65.10 32.85 -22.84
N SER D 1125 -64.80 32.52 -21.58
CA SER D 1125 -63.59 33.00 -20.93
C SER D 1125 -62.40 32.17 -21.40
N PHE D 1126 -61.30 32.85 -21.72
CA PHE D 1126 -60.11 32.17 -22.20
C PHE D 1126 -59.39 31.41 -21.10
N ARG D 1127 -59.27 32.01 -19.91
CA ARG D 1127 -58.54 31.35 -18.83
C ARG D 1127 -59.29 30.12 -18.32
N ASP D 1128 -60.62 30.16 -18.37
CA ASP D 1128 -61.42 29.03 -17.89
C ASP D 1128 -61.27 27.80 -18.77
N PHE D 1129 -61.03 27.99 -20.07
CA PHE D 1129 -60.84 26.85 -20.96
C PHE D 1129 -59.54 26.13 -20.64
N LEU D 1130 -58.50 26.89 -20.29
CA LEU D 1130 -57.23 26.28 -19.93
C LEU D 1130 -57.35 25.45 -18.65
N MET D 1131 -58.13 25.94 -17.68
CA MET D 1131 -58.26 25.23 -16.40
C MET D 1131 -59.10 23.97 -16.50
N GLY D 1132 -59.79 23.75 -17.62
CA GLY D 1132 -60.56 22.53 -17.80
C GLY D 1132 -59.78 21.37 -18.35
N GLU D 1133 -58.48 21.53 -18.58
CA GLU D 1133 -57.61 20.50 -19.14
C GLU D 1133 -56.36 20.37 -18.29
N ILE D 1134 -55.94 19.13 -18.05
CA ILE D 1134 -54.80 18.89 -17.16
C ILE D 1134 -53.51 19.46 -17.73
N ARG D 1135 -53.39 19.53 -19.06
CA ARG D 1135 -52.15 20.00 -19.68
C ARG D 1135 -51.86 21.46 -19.35
N TYR D 1136 -52.81 22.19 -18.79
CA TYR D 1136 -52.58 23.55 -18.32
C TYR D 1136 -52.67 23.69 -16.81
N THR D 1137 -53.48 22.86 -16.14
CA THR D 1137 -53.59 22.95 -14.69
C THR D 1137 -52.37 22.35 -14.01
N SER D 1138 -51.69 21.40 -14.67
CA SER D 1138 -50.48 20.83 -14.11
C SER D 1138 -49.35 21.85 -14.04
N LEU D 1139 -49.44 22.93 -14.82
CA LEU D 1139 -48.46 24.00 -14.72
C LEU D 1139 -48.56 24.74 -13.39
N LYS D 1140 -49.78 24.90 -12.84
CA LYS D 1140 -49.92 25.61 -11.57
C LYS D 1140 -49.38 24.80 -10.41
N LYS D 1141 -49.37 23.47 -10.52
CA LYS D 1141 -48.83 22.63 -9.45
C LYS D 1141 -47.30 22.54 -9.50
N GLN D 1142 -46.70 22.76 -10.66
CA GLN D 1142 -45.26 22.56 -10.81
C GLN D 1142 -44.47 23.85 -10.65
N PHE D 1143 -44.67 24.79 -11.58
CA PHE D 1143 -43.92 26.05 -11.61
C PHE D 1143 -44.88 27.21 -11.39
N PRO D 1144 -45.21 27.54 -10.14
CA PRO D 1144 -46.22 28.56 -9.88
C PRO D 1144 -45.73 29.99 -10.08
N GLU D 1145 -44.42 30.22 -10.07
CA GLU D 1145 -43.91 31.58 -10.24
C GLU D 1145 -44.32 32.18 -11.58
N LYS D 1146 -44.04 31.46 -12.67
CA LYS D 1146 -44.34 31.92 -14.01
C LYS D 1146 -45.57 31.24 -14.61
N ALA D 1147 -46.35 30.50 -13.81
CA ALA D 1147 -47.57 29.90 -14.35
C ALA D 1147 -48.59 30.96 -14.68
N GLU D 1148 -48.77 31.95 -13.80
CA GLU D 1148 -49.69 33.05 -14.08
C GLU D 1148 -49.17 33.91 -15.22
N GLN D 1149 -47.84 34.04 -15.33
CA GLN D 1149 -47.24 34.82 -16.40
C GLN D 1149 -47.48 34.20 -17.77
N LEU D 1150 -47.46 32.87 -17.84
CA LEU D 1150 -47.69 32.19 -19.12
C LEU D 1150 -49.16 32.24 -19.51
N PHE D 1151 -50.06 32.15 -18.54
CA PHE D 1151 -51.49 32.24 -18.84
C PHE D 1151 -51.84 33.62 -19.39
N ALA D 1152 -51.18 34.66 -18.88
CA ALA D 1152 -51.44 36.01 -19.38
C ALA D 1152 -50.94 36.17 -20.82
N LYS D 1153 -49.79 35.57 -21.14
CA LYS D 1153 -49.29 35.65 -22.51
C LYS D 1153 -50.18 34.85 -23.45
N ALA D 1154 -50.73 33.72 -22.99
CA ALA D 1154 -51.58 32.90 -23.83
C ALA D 1154 -52.87 33.64 -24.21
N GLU D 1155 -53.42 34.41 -23.28
CA GLU D 1155 -54.63 35.17 -23.58
C GLU D 1155 -54.32 36.36 -24.48
N ALA D 1156 -53.16 36.98 -24.28
CA ALA D 1156 -52.75 38.09 -25.14
C ALA D 1156 -52.45 37.63 -26.56
N ASP D 1157 -51.89 36.43 -26.69
CA ASP D 1157 -51.58 35.91 -28.03
C ASP D 1157 -52.84 35.54 -28.79
N ALA D 1158 -53.86 35.02 -28.08
CA ALA D 1158 -55.11 34.65 -28.75
C ALA D 1158 -55.89 35.88 -29.17
N LYS D 1159 -55.82 36.96 -28.41
CA LYS D 1159 -56.50 38.20 -28.79
C LYS D 1159 -55.77 38.88 -29.94
N ALA D 1160 -54.43 38.85 -29.94
CA ALA D 1160 -53.68 39.42 -31.05
C ALA D 1160 -53.90 38.65 -32.33
N ARG D 1161 -54.11 37.33 -32.22
CA ARG D 1161 -54.39 36.53 -33.41
C ARG D 1161 -55.79 36.79 -33.94
N LEU D 1162 -56.76 36.99 -33.05
CA LEU D 1162 -58.13 37.28 -33.48
C LEU D 1162 -58.24 38.65 -34.14
N GLU D 1163 -57.54 39.64 -33.60
CA GLU D 1163 -57.58 40.97 -34.19
C GLU D 1163 -56.93 40.99 -35.57
N GLN D 1164 -55.93 40.13 -35.80
CA GLN D 1164 -55.32 40.08 -37.12
C GLN D 1164 -56.26 39.43 -38.13
N TYR D 1165 -57.04 38.42 -37.71
CA TYR D 1165 -58.00 37.79 -38.61
C TYR D 1165 -59.18 38.70 -38.92
N LYS D 1166 -59.55 39.58 -37.99
CA LYS D 1166 -60.60 40.54 -38.28
C LYS D 1166 -60.16 41.57 -39.32
N LYS D 1167 -58.88 41.94 -39.30
CA LYS D 1167 -58.36 42.88 -40.29
C LYS D 1167 -58.26 42.22 -41.67
N LEU D 1168 -57.91 40.93 -41.70
CA LEU D 1168 -57.83 40.22 -42.98
C LEU D 1168 -59.21 40.06 -43.62
N ALA D 1169 -60.26 40.01 -42.80
CA ALA D 1169 -61.61 39.87 -43.36
C ALA D 1169 -62.20 41.22 -43.76
N GLU D 1170 -61.85 42.30 -43.06
CA GLU D 1170 -62.38 43.63 -43.38
C GLU D 1170 -61.67 44.24 -44.59
N PRO E 2 21.11 -6.78 23.21
CA PRO E 2 21.73 -6.11 24.36
C PRO E 2 22.28 -4.75 23.96
N LYS E 3 22.58 -3.90 24.94
CA LYS E 3 23.11 -2.57 24.68
C LYS E 3 24.60 -2.55 24.94
N GLN E 4 25.37 -2.00 24.00
CA GLN E 4 26.81 -1.85 24.16
C GLN E 4 27.21 -0.45 23.71
N THR E 5 28.38 -0.01 24.19
CA THR E 5 28.96 1.28 23.82
C THR E 5 30.03 1.05 22.76
N LEU E 6 29.74 1.47 21.52
CA LEU E 6 30.62 1.27 20.39
C LEU E 6 30.81 2.58 19.63
N ASP E 7 31.71 2.55 18.67
CA ASP E 7 31.82 3.62 17.68
C ASP E 7 31.27 3.15 16.35
N GLY E 8 31.22 4.08 15.39
CA GLY E 8 30.70 3.74 14.08
C GLY E 8 31.46 2.60 13.42
N ASN E 9 32.79 2.61 13.53
CA ASN E 9 33.58 1.55 12.91
C ASN E 9 33.22 0.19 13.49
N THR E 10 33.19 0.09 14.82
CA THR E 10 32.93 -1.21 15.45
C THR E 10 31.53 -1.70 15.11
N ALA E 11 30.55 -0.81 15.09
CA ALA E 11 29.20 -1.22 14.74
C ALA E 11 29.16 -1.80 13.33
N ALA E 12 29.88 -1.19 12.40
CA ALA E 12 29.90 -1.69 11.03
C ALA E 12 30.66 -3.00 10.95
N ALA E 13 31.84 -3.06 11.57
CA ALA E 13 32.61 -4.29 11.56
C ALA E 13 31.86 -5.44 12.22
N HIS E 14 31.06 -5.12 13.24
CA HIS E 14 30.24 -6.14 13.90
C HIS E 14 29.33 -6.83 12.88
N VAL E 15 28.64 -6.05 12.06
CA VAL E 15 27.72 -6.64 11.09
C VAL E 15 28.48 -7.24 9.92
N ALA E 16 29.53 -6.57 9.45
CA ALA E 16 30.29 -7.08 8.31
C ALA E 16 30.90 -8.44 8.65
N TYR E 17 31.39 -8.61 9.87
CA TYR E 17 32.00 -9.88 10.26
C TYR E 17 30.99 -11.01 10.20
N ALA E 18 29.76 -10.76 10.65
CA ALA E 18 28.77 -11.84 10.70
C ALA E 18 28.37 -12.31 9.32
N MET E 19 28.34 -11.40 8.34
CA MET E 19 27.73 -11.68 7.05
C MET E 19 28.72 -12.06 5.96
N SER E 20 30.02 -12.10 6.27
CA SER E 20 31.05 -12.27 5.25
C SER E 20 31.95 -13.45 5.59
N GLU E 21 32.49 -14.07 4.55
CA GLU E 21 33.50 -15.12 4.68
C GLU E 21 34.91 -14.58 4.47
N VAL E 22 35.08 -13.67 3.53
CA VAL E 22 36.38 -13.09 3.20
C VAL E 22 36.30 -11.59 3.35
N ALA E 23 37.40 -10.98 3.80
CA ALA E 23 37.51 -9.53 3.89
C ALA E 23 38.93 -9.15 3.51
N THR E 24 39.10 -8.59 2.33
CA THR E 24 40.41 -8.13 1.89
C THR E 24 40.55 -6.65 2.24
N ILE E 25 41.61 -6.30 2.96
CA ILE E 25 41.71 -4.98 3.57
C ILE E 25 43.07 -4.35 3.28
N TYR E 26 43.12 -3.03 3.45
CA TYR E 26 44.29 -2.20 3.36
C TYR E 26 43.99 -0.98 4.22
N PRO E 27 44.93 -0.55 5.05
CA PRO E 27 44.62 0.49 6.05
C PRO E 27 44.49 1.87 5.44
N ILE E 28 43.48 2.61 5.92
CA ILE E 28 43.36 4.03 5.66
C ILE E 28 42.48 4.68 6.71
N THR E 29 42.98 5.73 7.34
CA THR E 29 42.17 6.50 8.27
C THR E 29 41.03 7.16 7.49
N PRO E 30 39.80 7.19 8.04
CA PRO E 30 39.42 6.63 9.34
C PRO E 30 38.71 5.28 9.25
N SER E 31 38.97 4.50 8.20
CA SER E 31 38.29 3.22 8.06
C SER E 31 39.08 2.07 8.65
N SER E 32 40.40 2.24 8.82
CA SER E 32 41.24 1.13 9.25
C SER E 32 40.85 0.50 10.59
N PRO E 33 40.30 1.21 11.58
CA PRO E 33 39.81 0.52 12.79
C PRO E 33 38.82 -0.60 12.51
N MET E 34 38.03 -0.51 11.45
CA MET E 34 37.12 -1.60 11.11
C MET E 34 37.89 -2.89 10.84
N ALA E 35 38.94 -2.78 10.01
CA ALA E 35 39.70 -3.98 9.67
C ALA E 35 40.54 -4.47 10.84
N GLU E 36 40.96 -3.57 11.74
CA GLU E 36 41.76 -3.99 12.88
C GLU E 36 40.93 -4.87 13.80
N ILE E 37 39.72 -4.44 14.13
CA ILE E 37 38.89 -5.19 15.06
C ILE E 37 38.39 -6.48 14.43
N ALA E 38 38.18 -6.48 13.12
CA ALA E 38 37.82 -7.72 12.45
C ALA E 38 38.96 -8.73 12.49
N ASP E 39 40.21 -8.24 12.45
CA ASP E 39 41.35 -9.13 12.54
C ASP E 39 41.47 -9.74 13.93
N GLU E 40 41.27 -8.95 14.99
CA GLU E 40 41.33 -9.49 16.34
C GLU E 40 40.21 -10.49 16.60
N TRP E 41 39.00 -10.20 16.12
CA TRP E 41 37.89 -11.13 16.31
C TRP E 41 38.20 -12.47 15.65
N ALA E 42 38.71 -12.43 14.43
CA ALA E 42 39.09 -13.66 13.74
C ALA E 42 40.23 -14.36 14.45
N ALA E 43 41.18 -13.59 14.98
CA ALA E 43 42.30 -14.18 15.72
C ALA E 43 41.82 -14.86 16.99
N HIS E 44 40.72 -14.37 17.57
CA HIS E 44 40.17 -14.93 18.79
C HIS E 44 39.04 -15.91 18.51
N GLY E 45 38.78 -16.22 17.24
CA GLY E 45 37.86 -17.29 16.91
C GLY E 45 36.39 -16.93 16.95
N ARG E 46 36.05 -15.67 16.69
CA ARG E 46 34.64 -15.32 16.57
C ARG E 46 34.03 -15.98 15.35
N LYS E 47 32.83 -16.55 15.53
CA LYS E 47 32.13 -17.24 14.45
C LYS E 47 31.14 -16.30 13.77
N ASN E 48 31.09 -16.37 12.44
CA ASN E 48 30.10 -15.64 11.66
C ASN E 48 28.82 -16.48 11.57
N ILE E 49 27.86 -16.03 10.75
CA ILE E 49 26.61 -16.77 10.63
C ILE E 49 26.79 -18.10 9.92
N PHE E 50 27.98 -18.38 9.41
CA PHE E 50 28.31 -19.65 8.78
C PHE E 50 29.09 -20.56 9.71
N GLY E 51 29.23 -20.19 10.97
CA GLY E 51 29.96 -21.02 11.92
C GLY E 51 31.45 -20.98 11.78
N LYS E 52 31.99 -20.09 10.94
CA LYS E 52 33.42 -20.02 10.70
C LYS E 52 33.93 -18.63 11.08
N THR E 53 35.26 -18.53 11.16
CA THR E 53 35.89 -17.23 11.38
C THR E 53 36.10 -16.50 10.05
N LEU E 54 36.03 -15.18 10.11
CA LEU E 54 36.25 -14.37 8.92
C LEU E 54 37.72 -14.46 8.53
N GLN E 55 37.97 -14.64 7.23
CA GLN E 55 39.34 -14.67 6.72
C GLN E 55 39.72 -13.27 6.27
N VAL E 56 40.74 -12.71 6.91
CA VAL E 56 41.20 -11.35 6.62
C VAL E 56 42.48 -11.45 5.81
N ALA E 57 42.50 -10.80 4.65
CA ALA E 57 43.67 -10.79 3.77
C ALA E 57 44.06 -9.36 3.51
N GLU E 58 45.31 -9.00 3.83
CA GLU E 58 45.81 -7.65 3.58
C GLU E 58 46.53 -7.64 2.23
N MET E 59 46.20 -6.65 1.39
CA MET E 59 46.80 -6.54 0.08
C MET E 59 47.86 -5.44 0.06
N GLN E 60 48.41 -5.19 -1.13
CA GLN E 60 49.44 -4.16 -1.27
C GLN E 60 48.85 -2.78 -1.45
N SER E 61 47.57 -2.69 -1.77
CA SER E 61 46.87 -1.41 -1.93
C SER E 61 45.38 -1.71 -1.98
N GLU E 62 44.58 -0.65 -1.98
CA GLU E 62 43.14 -0.81 -2.10
C GLU E 62 42.76 -1.33 -3.48
N ALA E 63 43.56 -1.01 -4.50
CA ALA E 63 43.34 -1.60 -5.82
C ALA E 63 43.48 -3.12 -5.77
N GLY E 64 44.53 -3.61 -5.10
CA GLY E 64 44.64 -5.04 -4.91
C GLY E 64 43.50 -5.60 -4.08
N ALA E 65 43.06 -4.85 -3.08
CA ALA E 65 41.94 -5.28 -2.25
C ALA E 65 40.67 -5.41 -3.07
N ALA E 66 40.40 -4.42 -3.92
CA ALA E 66 39.21 -4.47 -4.77
C ALA E 66 39.27 -5.63 -5.75
N GLY E 67 40.43 -5.83 -6.38
CA GLY E 67 40.58 -6.98 -7.26
C GLY E 67 40.41 -8.30 -6.53
N ALA E 68 40.92 -8.37 -5.30
CA ALA E 68 40.75 -9.58 -4.50
C ALA E 68 39.28 -9.80 -4.15
N VAL E 69 38.55 -8.72 -3.86
CA VAL E 69 37.11 -8.86 -3.63
C VAL E 69 36.44 -9.44 -4.86
N HIS E 70 36.75 -8.88 -6.03
CA HIS E 70 36.10 -9.32 -7.27
C HIS E 70 36.34 -10.79 -7.53
N GLY E 71 37.61 -11.23 -7.42
CA GLY E 71 37.91 -12.62 -7.64
C GLY E 71 37.25 -13.54 -6.62
N SER E 72 37.25 -13.11 -5.35
CA SER E 72 36.60 -13.91 -4.32
C SER E 72 35.09 -14.00 -4.56
N LEU E 73 34.47 -12.90 -4.98
CA LEU E 73 33.05 -12.93 -5.25
C LEU E 73 32.74 -13.81 -6.45
N ALA E 74 33.48 -13.62 -7.54
CA ALA E 74 33.23 -14.42 -8.74
C ALA E 74 33.52 -15.89 -8.52
N ALA E 75 34.31 -16.24 -7.52
CA ALA E 75 34.59 -17.64 -7.23
C ALA E 75 33.67 -18.22 -6.17
N GLY E 76 32.80 -17.41 -5.56
CA GLY E 76 31.73 -17.96 -4.74
C GLY E 76 31.83 -17.78 -3.24
N ALA E 77 32.54 -16.75 -2.80
CA ALA E 77 32.66 -16.45 -1.38
C ALA E 77 32.11 -15.06 -1.11
N LEU E 78 31.25 -14.94 -0.10
CA LEU E 78 30.73 -13.65 0.31
C LEU E 78 31.87 -12.82 0.90
N THR E 79 32.16 -11.68 0.29
CA THR E 79 33.36 -10.91 0.60
C THR E 79 33.01 -9.45 0.81
N THR E 80 33.68 -8.83 1.77
CA THR E 80 33.51 -7.41 2.07
C THR E 80 34.89 -6.75 2.14
N THR E 81 34.88 -5.43 2.35
CA THR E 81 36.11 -4.67 2.55
C THR E 81 35.73 -3.36 3.22
N PHE E 82 36.76 -2.65 3.69
CA PHE E 82 36.59 -1.39 4.37
C PHE E 82 37.61 -0.41 3.80
N THR E 83 37.16 0.80 3.47
CA THR E 83 38.05 1.76 2.83
C THR E 83 37.45 3.16 2.99
N ALA E 84 38.11 4.14 2.37
CA ALA E 84 37.73 5.55 2.41
C ALA E 84 38.68 6.34 1.52
N SER E 85 38.22 7.51 1.10
CA SER E 85 39.05 8.59 0.54
C SER E 85 39.92 8.04 -0.60
N GLN E 86 41.23 8.29 -0.59
CA GLN E 86 42.10 7.85 -1.68
C GLN E 86 42.00 6.36 -1.91
N GLY E 87 41.70 5.59 -0.86
CA GLY E 87 41.54 4.16 -1.04
C GLY E 87 40.33 3.81 -1.88
N LEU E 88 39.20 4.50 -1.65
CA LEU E 88 38.00 4.21 -2.44
C LEU E 88 38.23 4.53 -3.91
N LEU E 89 39.01 5.58 -4.20
CA LEU E 89 39.31 5.93 -5.58
C LEU E 89 40.01 4.77 -6.29
N LEU E 90 40.99 4.16 -5.62
CA LEU E 90 41.73 3.05 -6.21
C LEU E 90 40.85 1.83 -6.43
N MET E 91 39.70 1.75 -5.75
CA MET E 91 38.77 0.65 -5.93
C MET E 91 37.74 0.92 -7.02
N ILE E 92 37.68 2.16 -7.51
CA ILE E 92 36.67 2.50 -8.53
C ILE E 92 36.74 1.63 -9.77
N PRO E 93 37.91 1.35 -10.36
CA PRO E 93 37.94 0.47 -11.54
C PRO E 93 37.28 -0.89 -11.29
N ASN E 94 37.55 -1.53 -10.16
CA ASN E 94 36.93 -2.82 -9.90
C ASN E 94 35.45 -2.67 -9.57
N MET E 95 35.04 -1.52 -9.03
CA MET E 95 33.63 -1.33 -8.70
C MET E 95 32.76 -1.42 -9.95
N TYR E 96 33.21 -0.88 -11.07
CA TYR E 96 32.46 -1.02 -12.31
C TYR E 96 32.28 -2.48 -12.68
N LYS E 97 33.31 -3.30 -12.45
CA LYS E 97 33.22 -4.73 -12.77
C LYS E 97 32.33 -5.46 -11.78
N ILE E 98 32.51 -5.18 -10.49
CA ILE E 98 31.71 -5.87 -9.47
C ILE E 98 30.24 -5.55 -9.63
N ALA E 99 29.91 -4.28 -9.89
CA ALA E 99 28.53 -3.92 -10.18
C ALA E 99 28.11 -4.46 -11.53
N GLY E 100 29.00 -4.37 -12.52
CA GLY E 100 28.68 -4.83 -13.86
C GLY E 100 28.36 -6.31 -13.91
N GLU E 101 29.00 -7.09 -13.05
CA GLU E 101 28.75 -8.53 -13.01
C GLU E 101 27.65 -8.92 -12.04
N LEU E 102 27.00 -7.93 -11.40
CA LEU E 102 25.87 -8.15 -10.50
C LEU E 102 26.22 -9.17 -9.41
N LEU E 103 27.24 -8.82 -8.62
CA LEU E 103 27.75 -9.63 -7.54
C LEU E 103 27.32 -9.06 -6.20
N PRO E 104 26.77 -9.86 -5.29
CA PRO E 104 26.41 -9.35 -3.96
C PRO E 104 27.66 -8.92 -3.21
N CYS E 105 27.59 -7.75 -2.58
CA CYS E 105 28.79 -7.18 -1.98
C CYS E 105 28.40 -5.94 -1.17
N VAL E 106 29.18 -5.66 -0.12
CA VAL E 106 29.03 -4.43 0.65
C VAL E 106 30.43 -3.88 0.95
N PHE E 107 30.71 -2.67 0.45
CA PHE E 107 31.88 -1.92 0.86
C PHE E 107 31.46 -1.00 1.99
N HIS E 108 32.16 -1.06 3.11
CA HIS E 108 31.90 -0.17 4.25
C HIS E 108 32.91 0.97 4.22
N VAL E 109 32.40 2.21 4.17
CA VAL E 109 33.22 3.38 3.92
C VAL E 109 33.09 4.34 5.08
N ALA E 110 34.22 4.72 5.67
CA ALA E 110 34.28 5.82 6.62
C ALA E 110 34.61 7.06 5.81
N ALA E 111 33.56 7.70 5.28
CA ALA E 111 33.71 8.74 4.26
C ALA E 111 34.69 9.83 4.70
N ARG E 112 35.69 10.07 3.86
CA ARG E 112 36.75 11.02 4.17
C ARG E 112 37.04 11.86 2.94
N ALA E 113 37.44 13.11 3.19
CA ALA E 113 37.73 14.05 2.11
C ALA E 113 38.86 13.53 1.23
N LEU E 114 38.86 13.97 -0.03
CA LEU E 114 39.91 13.62 -0.97
C LEU E 114 40.99 14.68 -0.98
N SER E 115 42.22 14.26 -1.30
CA SER E 115 43.36 15.17 -1.31
C SER E 115 43.29 16.02 -2.57
N THR E 116 43.11 17.33 -2.38
CA THR E 116 43.02 18.27 -3.50
C THR E 116 44.11 19.33 -3.37
N HIS E 117 43.75 20.53 -2.94
CA HIS E 117 44.76 21.52 -2.60
C HIS E 117 45.57 21.09 -1.39
N ALA E 118 45.08 20.12 -0.62
CA ALA E 118 45.74 19.66 0.59
C ALA E 118 45.20 18.28 0.93
N LEU E 119 45.95 17.56 1.76
CA LEU E 119 45.46 16.31 2.32
C LEU E 119 44.52 16.59 3.48
N SER E 120 43.52 15.74 3.65
CA SER E 120 42.63 15.85 4.81
C SER E 120 42.19 14.45 5.22
N ILE E 121 42.51 14.06 6.45
CA ILE E 121 42.08 12.76 6.97
C ILE E 121 40.65 12.79 7.50
N PHE E 122 39.98 13.93 7.42
CA PHE E 122 38.69 14.12 8.09
C PHE E 122 37.55 13.84 7.13
N GLY E 123 36.33 13.91 7.66
CA GLY E 123 35.19 13.30 7.00
C GLY E 123 34.40 14.24 6.10
N ASP E 124 34.11 13.76 4.89
CA ASP E 124 33.03 14.29 4.07
C ASP E 124 32.72 13.26 2.98
N HIS E 125 31.80 13.60 2.10
CA HIS E 125 31.29 12.66 1.12
C HIS E 125 32.03 12.71 -0.22
N ALA E 126 33.19 13.38 -0.27
CA ALA E 126 33.91 13.53 -1.53
C ALA E 126 34.29 12.19 -2.13
N ASP E 127 34.71 11.23 -1.31
CA ASP E 127 35.11 9.93 -1.84
C ASP E 127 33.92 9.16 -2.36
N VAL E 128 32.84 9.08 -1.58
CA VAL E 128 31.68 8.28 -1.98
C VAL E 128 31.06 8.84 -3.26
N MET E 129 30.99 10.18 -3.37
CA MET E 129 30.41 10.78 -4.57
C MET E 129 31.25 10.49 -5.81
N ALA E 130 32.55 10.25 -5.65
CA ALA E 130 33.38 9.96 -6.82
C ALA E 130 33.07 8.60 -7.43
N ALA E 131 32.29 7.77 -6.74
CA ALA E 131 31.93 6.45 -7.24
C ALA E 131 30.44 6.34 -7.53
N ARG E 132 29.72 7.46 -7.58
CA ARG E 132 28.27 7.39 -7.72
C ARG E 132 27.83 6.88 -9.08
N GLN E 133 28.75 6.74 -10.04
CA GLN E 133 28.43 6.29 -11.37
C GLN E 133 28.92 4.87 -11.65
N THR E 134 29.43 4.18 -10.63
CA THR E 134 29.95 2.84 -10.81
C THR E 134 28.87 1.79 -10.96
N GLY E 135 27.65 2.10 -10.57
CA GLY E 135 26.59 1.11 -10.54
C GLY E 135 26.40 0.45 -9.20
N PHE E 136 27.18 0.84 -8.20
CA PHE E 136 26.93 0.40 -6.83
C PHE E 136 25.72 1.13 -6.27
N ALA E 137 24.95 0.45 -5.43
CA ALA E 137 23.98 1.14 -4.61
C ALA E 137 24.71 1.89 -3.50
N MET E 138 24.05 2.90 -2.94
CA MET E 138 24.68 3.73 -1.91
C MET E 138 23.69 3.97 -0.79
N LEU E 139 24.06 3.54 0.42
CA LEU E 139 23.20 3.60 1.59
C LEU E 139 23.95 4.34 2.69
N SER E 140 23.34 5.40 3.22
CA SER E 140 24.01 6.28 4.16
C SER E 140 23.38 6.15 5.54
N SER E 141 24.22 5.95 6.54
CA SER E 141 23.79 5.88 7.93
C SER E 141 24.29 7.12 8.66
N ALA E 142 23.40 7.70 9.49
CA ALA E 142 23.64 9.00 10.10
C ALA E 142 24.14 8.96 11.53
N SER E 143 24.04 7.80 12.20
CA SER E 143 24.46 7.70 13.59
C SER E 143 25.05 6.32 13.83
N VAL E 144 25.62 6.14 15.02
CA VAL E 144 26.20 4.85 15.37
C VAL E 144 25.13 3.76 15.37
N GLN E 145 23.93 4.09 15.87
CA GLN E 145 22.84 3.12 15.85
C GLN E 145 22.43 2.79 14.42
N GLU E 146 22.46 3.77 13.52
CA GLU E 146 22.11 3.52 12.13
C GLU E 146 23.19 2.72 11.41
N VAL E 147 24.45 2.91 11.79
CA VAL E 147 25.51 2.08 11.22
C VAL E 147 25.25 0.61 11.49
N MET E 148 24.89 0.29 12.73
CA MET E 148 24.53 -1.09 13.08
C MET E 148 23.35 -1.57 12.24
N ASP E 149 22.29 -0.76 12.16
CA ASP E 149 21.08 -1.22 11.50
C ASP E 149 21.24 -1.24 9.99
N LEU E 150 21.77 -0.16 9.40
CA LEU E 150 21.79 -0.07 7.94
C LEU E 150 22.84 -0.96 7.32
N ALA E 151 23.92 -1.26 8.04
CA ALA E 151 24.86 -2.26 7.55
C ALA E 151 24.16 -3.59 7.35
N LEU E 152 23.28 -3.96 8.28
CA LEU E 152 22.48 -5.17 8.12
C LEU E 152 21.54 -5.04 6.93
N VAL E 153 20.95 -3.85 6.74
CA VAL E 153 20.07 -3.64 5.60
C VAL E 153 20.82 -3.85 4.29
N ALA E 154 22.05 -3.34 4.21
CA ALA E 154 22.85 -3.48 3.00
C ALA E 154 23.17 -4.95 2.71
N HIS E 155 23.63 -5.67 3.74
CA HIS E 155 24.02 -7.05 3.55
C HIS E 155 22.84 -7.96 3.20
N LEU E 156 21.66 -7.66 3.75
CA LEU E 156 20.49 -8.45 3.43
C LEU E 156 19.95 -8.13 2.05
N ALA E 157 19.97 -6.84 1.66
CA ALA E 157 19.39 -6.44 0.38
C ALA E 157 20.28 -6.83 -0.79
N THR E 158 21.60 -6.71 -0.63
CA THR E 158 22.49 -6.97 -1.75
C THR E 158 22.41 -8.42 -2.21
N LEU E 159 22.15 -9.35 -1.28
CA LEU E 159 21.92 -10.73 -1.69
C LEU E 159 20.65 -10.85 -2.51
N LYS E 160 19.62 -10.11 -2.13
CA LYS E 160 18.35 -10.20 -2.85
C LYS E 160 18.39 -9.42 -4.16
N ALA E 161 19.04 -8.26 -4.18
CA ALA E 161 18.99 -7.36 -5.33
C ALA E 161 20.08 -7.63 -6.36
N ARG E 162 21.14 -8.35 -5.99
CA ARG E 162 22.32 -8.59 -6.81
C ARG E 162 23.10 -7.32 -7.14
N VAL E 163 22.74 -6.19 -6.54
CA VAL E 163 23.43 -4.93 -6.76
C VAL E 163 24.37 -4.70 -5.59
N PRO E 164 25.67 -4.48 -5.81
CA PRO E 164 26.57 -4.26 -4.69
C PRO E 164 26.31 -2.91 -4.06
N PHE E 165 26.63 -2.82 -2.77
CA PHE E 165 26.30 -1.66 -1.96
C PHE E 165 27.55 -1.01 -1.41
N VAL E 166 27.54 0.32 -1.33
CA VAL E 166 28.47 1.08 -0.51
C VAL E 166 27.68 1.57 0.69
N HIS E 167 28.00 1.05 1.87
CA HIS E 167 27.42 1.52 3.11
C HIS E 167 28.43 2.48 3.74
N PHE E 168 28.08 3.75 3.79
CA PHE E 168 29.03 4.77 4.22
C PHE E 168 28.45 5.62 5.35
N PHE E 169 29.35 6.04 6.24
CA PHE E 169 29.03 6.90 7.36
C PHE E 169 30.14 7.92 7.50
N ASP E 170 29.82 9.07 8.07
CA ASP E 170 30.74 10.20 8.06
C ASP E 170 32.01 9.88 8.85
N GLY E 171 33.15 10.09 8.21
CA GLY E 171 34.41 9.80 8.87
C GLY E 171 34.62 10.66 10.10
N PHE E 172 35.13 10.05 11.16
CA PHE E 172 35.32 10.67 12.47
C PHE E 172 33.99 11.05 13.12
N ARG E 173 33.21 11.91 12.46
CA ARG E 173 31.96 12.41 13.04
C ARG E 173 31.00 11.28 13.40
N THR E 174 31.07 10.15 12.69
CA THR E 174 30.30 8.96 13.04
C THR E 174 31.18 7.76 13.26
N SER E 175 32.26 7.62 12.49
CA SER E 175 33.11 6.45 12.59
C SER E 175 33.82 6.37 13.94
N HIS E 176 34.16 7.51 14.53
CA HIS E 176 34.89 7.54 15.80
C HIS E 176 34.07 8.04 16.97
N GLU E 177 32.77 8.28 16.78
CA GLU E 177 31.89 8.69 17.86
C GLU E 177 31.45 7.46 18.66
N VAL E 178 31.65 7.49 19.97
CA VAL E 178 31.22 6.42 20.85
C VAL E 178 29.81 6.70 21.33
N GLN E 179 28.91 5.71 21.19
CA GLN E 179 27.54 5.85 21.63
C GLN E 179 27.03 4.51 22.13
N LYS E 180 26.11 4.56 23.10
CA LYS E 180 25.44 3.35 23.55
C LYS E 180 24.30 3.03 22.60
N ILE E 181 24.37 1.86 21.95
CA ILE E 181 23.42 1.46 20.92
C ILE E 181 22.91 0.06 21.19
N ASP E 182 21.85 -0.30 20.49
CA ASP E 182 21.35 -1.66 20.47
C ASP E 182 22.15 -2.47 19.45
N VAL E 183 22.80 -3.53 19.92
CA VAL E 183 23.61 -4.38 19.06
C VAL E 183 22.75 -5.55 18.61
N ILE E 184 22.80 -5.85 17.31
CA ILE E 184 21.97 -6.91 16.75
C ILE E 184 22.71 -8.23 16.88
N GLU E 185 22.01 -9.24 17.40
CA GLU E 185 22.62 -10.54 17.60
C GLU E 185 22.86 -11.22 16.26
N TYR E 186 23.97 -11.95 16.16
CA TYR E 186 24.25 -12.69 14.93
C TYR E 186 23.16 -13.72 14.66
N GLU E 187 22.65 -14.36 15.71
CA GLU E 187 21.59 -15.35 15.53
C GLU E 187 20.36 -14.70 14.92
N ASP E 188 20.11 -13.43 15.25
CA ASP E 188 18.98 -12.72 14.64
C ASP E 188 19.27 -12.37 13.19
N MET E 189 20.52 -12.04 12.86
CA MET E 189 20.86 -11.77 11.48
C MET E 189 20.62 -13.00 10.62
N ALA E 190 21.08 -14.16 11.10
CA ALA E 190 20.91 -15.40 10.33
C ALA E 190 19.45 -15.74 10.11
N LYS E 191 18.55 -15.26 10.97
CA LYS E 191 17.13 -15.49 10.78
C LYS E 191 16.51 -14.61 9.70
N LEU E 192 17.21 -13.56 9.25
CA LEU E 192 16.70 -12.67 8.22
C LEU E 192 17.35 -12.88 6.85
N VAL E 193 18.43 -13.64 6.78
CA VAL E 193 19.15 -13.79 5.51
C VAL E 193 18.33 -14.61 4.53
N ASP E 194 18.33 -14.19 3.27
CA ASP E 194 17.71 -14.95 2.18
C ASP E 194 18.70 -16.05 1.80
N TRP E 195 18.54 -17.22 2.42
CA TRP E 195 19.47 -18.31 2.19
C TRP E 195 19.36 -18.86 0.76
N ASP E 196 18.17 -18.81 0.15
CA ASP E 196 18.04 -19.21 -1.24
C ASP E 196 18.92 -18.34 -2.13
N ALA E 197 18.99 -17.04 -1.83
CA ALA E 197 19.82 -16.15 -2.62
C ALA E 197 21.29 -16.51 -2.50
N ILE E 198 21.72 -16.97 -1.32
CA ILE E 198 23.11 -17.37 -1.16
C ILE E 198 23.41 -18.61 -1.99
N ARG E 199 22.51 -19.60 -1.94
CA ARG E 199 22.72 -20.82 -2.71
C ARG E 199 22.72 -20.55 -4.21
N ALA E 200 21.86 -19.63 -4.66
CA ALA E 200 21.88 -19.25 -6.06
C ALA E 200 23.20 -18.57 -6.41
N PHE E 201 23.75 -17.77 -5.49
CA PHE E 201 25.02 -17.12 -5.72
C PHE E 201 26.17 -18.11 -5.83
N ARG E 202 26.11 -19.23 -5.10
CA ARG E 202 27.20 -20.20 -5.18
C ARG E 202 27.25 -20.87 -6.54
N GLN E 203 26.10 -21.14 -7.14
CA GLN E 203 26.08 -21.82 -8.44
C GLN E 203 26.61 -20.94 -9.56
N ARG E 204 26.53 -19.63 -9.41
CA ARG E 204 27.06 -18.74 -10.42
C ARG E 204 28.58 -18.61 -10.36
N ALA E 205 29.23 -19.27 -9.42
CA ALA E 205 30.66 -19.14 -9.24
C ALA E 205 31.44 -19.84 -10.36
N LEU E 206 32.65 -19.34 -10.61
CA LEU E 206 33.56 -20.00 -11.52
C LEU E 206 33.92 -21.37 -10.96
N ASN E 207 33.66 -22.43 -11.73
CA ASN E 207 33.96 -23.77 -11.27
C ASN E 207 34.22 -24.63 -12.49
N PRO E 208 35.32 -25.40 -12.51
CA PRO E 208 35.61 -26.21 -13.70
C PRO E 208 34.61 -27.31 -13.98
N GLU E 209 33.77 -27.68 -13.01
CA GLU E 209 32.77 -28.71 -13.22
C GLU E 209 31.47 -28.19 -13.81
N HIS E 210 31.27 -26.88 -13.82
CA HIS E 210 30.19 -26.24 -14.58
C HIS E 210 30.68 -24.89 -15.07
N PRO E 211 31.58 -24.87 -16.06
CA PRO E 211 32.33 -23.65 -16.36
C PRO E 211 31.52 -22.64 -17.16
N HIS E 212 32.01 -21.41 -17.11
CA HIS E 212 31.43 -20.31 -17.88
C HIS E 212 32.53 -19.28 -18.09
N GLN E 213 32.24 -18.31 -18.94
CA GLN E 213 33.18 -17.24 -19.24
C GLN E 213 32.54 -15.92 -18.86
N ARG E 214 33.29 -15.06 -18.17
CA ARG E 214 32.80 -13.76 -17.76
C ARG E 214 33.89 -12.73 -18.00
N GLY E 215 33.46 -11.48 -18.15
CA GLY E 215 34.41 -10.41 -18.39
C GLY E 215 34.97 -10.39 -19.79
N THR E 216 34.14 -10.70 -20.79
CA THR E 216 34.59 -10.73 -22.17
C THR E 216 34.79 -9.31 -22.69
N ALA E 217 35.31 -9.21 -23.91
CA ALA E 217 35.38 -7.97 -24.66
C ALA E 217 34.32 -7.99 -25.74
N GLN E 218 33.60 -6.89 -25.89
CA GLN E 218 32.43 -6.85 -26.76
C GLN E 218 32.56 -5.74 -27.79
N ASN E 219 32.05 -6.02 -28.99
CA ASN E 219 32.05 -5.09 -30.10
C ASN E 219 30.85 -4.15 -30.02
N PRO E 220 30.80 -3.12 -30.86
CA PRO E 220 29.66 -2.18 -30.80
C PRO E 220 28.31 -2.81 -31.07
N ASP E 221 28.26 -4.01 -31.65
CA ASP E 221 26.97 -4.57 -32.04
C ASP E 221 26.13 -5.01 -30.83
N ILE E 222 26.76 -5.36 -29.71
CA ILE E 222 26.03 -5.94 -28.60
C ILE E 222 26.32 -5.27 -27.26
N TYR E 223 27.28 -4.35 -27.23
CA TYR E 223 27.68 -3.77 -25.95
C TYR E 223 26.56 -2.95 -25.33
N PHE E 224 25.91 -2.09 -26.14
CA PHE E 224 24.84 -1.24 -25.62
C PHE E 224 23.68 -2.07 -25.08
N GLN E 225 23.19 -3.02 -25.86
CA GLN E 225 22.08 -3.85 -25.39
C GLN E 225 22.45 -4.57 -24.11
N SER E 226 23.65 -5.18 -24.08
CA SER E 226 24.06 -5.92 -22.90
C SER E 226 24.21 -5.02 -21.69
N ARG E 227 24.57 -3.75 -21.88
CA ARG E 227 24.67 -2.87 -20.73
C ARG E 227 23.29 -2.47 -20.21
N GLU E 228 22.30 -2.36 -21.09
CA GLU E 228 20.94 -2.06 -20.67
C GLU E 228 20.20 -3.27 -20.14
N ALA E 229 20.77 -4.48 -20.29
CA ALA E 229 20.08 -5.69 -19.84
C ALA E 229 19.99 -5.77 -18.32
N ALA E 230 20.79 -4.99 -17.60
CA ALA E 230 20.76 -4.99 -16.14
C ALA E 230 19.73 -4.01 -15.58
N ASN E 231 18.99 -3.31 -16.44
CA ASN E 231 17.99 -2.36 -15.98
C ASN E 231 16.98 -2.94 -14.99
N PRO E 232 16.43 -4.14 -15.18
CA PRO E 232 15.46 -4.65 -14.18
C PRO E 232 16.04 -4.76 -12.78
N TYR E 233 17.31 -5.16 -12.66
CA TYR E 233 17.91 -5.34 -11.34
C TYR E 233 17.99 -4.02 -10.58
N TYR E 234 18.27 -2.92 -11.27
CA TYR E 234 18.27 -1.63 -10.60
C TYR E 234 16.88 -1.11 -10.33
N LEU E 235 15.92 -1.43 -11.20
CA LEU E 235 14.54 -1.02 -10.94
C LEU E 235 13.96 -1.70 -9.72
N ALA E 236 14.38 -2.93 -9.44
CA ALA E 236 13.86 -3.68 -8.30
C ALA E 236 14.59 -3.37 -7.00
N THR E 237 15.76 -2.75 -7.08
CA THR E 237 16.54 -2.48 -5.87
C THR E 237 15.83 -1.58 -4.87
N PRO E 238 15.21 -0.46 -5.27
CA PRO E 238 14.50 0.35 -4.26
C PRO E 238 13.47 -0.44 -3.47
N GLY E 239 12.63 -1.22 -4.16
CA GLY E 239 11.63 -2.01 -3.47
C GLY E 239 12.23 -3.09 -2.59
N ILE E 240 13.36 -3.66 -3.01
CA ILE E 240 14.01 -4.70 -2.21
C ILE E 240 14.52 -4.12 -0.90
N VAL E 241 15.20 -2.98 -0.97
CA VAL E 241 15.71 -2.33 0.25
C VAL E 241 14.55 -1.99 1.18
N ALA E 242 13.44 -1.51 0.62
CA ALA E 242 12.30 -1.15 1.43
C ALA E 242 11.76 -2.34 2.20
N GLN E 243 11.69 -3.50 1.54
CA GLN E 243 11.22 -4.70 2.22
C GLN E 243 12.23 -5.17 3.27
N VAL E 244 13.51 -5.03 2.98
CA VAL E 244 14.56 -5.40 3.94
C VAL E 244 14.49 -4.48 5.15
N MET E 245 14.28 -3.18 4.93
CA MET E 245 14.14 -2.26 6.04
C MET E 245 12.95 -2.63 6.92
N GLU E 246 11.91 -3.24 6.34
CA GLU E 246 10.81 -3.70 7.17
C GLU E 246 11.19 -4.91 8.00
N GLN E 247 12.03 -5.79 7.46
CA GLN E 247 12.52 -6.90 8.26
C GLN E 247 13.29 -6.41 9.47
N VAL E 248 14.21 -5.47 9.26
CA VAL E 248 14.98 -4.91 10.37
C VAL E 248 14.06 -4.19 11.34
N ALA E 249 13.04 -3.50 10.82
CA ALA E 249 12.09 -2.80 11.67
C ALA E 249 11.36 -3.79 12.58
N GLY E 250 10.87 -4.89 12.01
CA GLY E 250 10.18 -5.88 12.81
C GLY E 250 11.07 -6.52 13.85
N LEU E 251 12.37 -6.59 13.58
CA LEU E 251 13.28 -7.19 14.53
C LEU E 251 13.64 -6.21 15.64
N THR E 252 13.98 -4.98 15.27
CA THR E 252 14.53 -4.03 16.23
C THR E 252 13.54 -2.98 16.71
N GLY E 253 12.44 -2.76 15.98
CA GLY E 253 11.52 -1.71 16.32
C GLY E 253 11.88 -0.36 15.74
N ARG E 254 13.02 -0.25 15.07
CA ARG E 254 13.47 1.00 14.47
C ARG E 254 13.11 0.97 12.98
N HIS E 255 12.34 1.95 12.54
CA HIS E 255 11.76 1.96 11.20
C HIS E 255 12.55 2.88 10.28
N TYR E 256 13.14 2.31 9.25
CA TYR E 256 13.84 3.06 8.22
C TYR E 256 13.05 3.00 6.91
N HIS E 257 13.22 4.03 6.10
CA HIS E 257 12.68 4.07 4.75
C HIS E 257 13.76 4.56 3.81
N LEU E 258 13.54 4.40 2.51
CA LEU E 258 14.52 4.87 1.53
C LEU E 258 14.80 6.35 1.74
N PHE E 259 13.77 7.14 1.97
CA PHE E 259 13.88 8.53 2.40
C PHE E 259 12.94 8.68 3.58
N ASP E 260 13.45 9.22 4.68
CA ASP E 260 12.68 9.39 5.90
C ASP E 260 12.43 10.88 6.11
N TYR E 261 11.24 11.21 6.61
CA TYR E 261 10.85 12.59 6.85
C TYR E 261 10.65 12.83 8.34
N ALA E 262 11.01 14.03 8.78
CA ALA E 262 10.80 14.45 10.16
C ALA E 262 10.49 15.93 10.17
N GLY E 263 9.49 16.33 10.95
CA GLY E 263 9.16 17.72 11.08
C GLY E 263 7.67 17.96 10.91
N ALA E 264 7.32 19.23 10.70
CA ALA E 264 5.93 19.61 10.63
C ALA E 264 5.25 18.97 9.43
N PRO E 265 4.03 18.43 9.59
CA PRO E 265 3.32 17.88 8.44
C PRO E 265 2.92 18.93 7.43
N ASP E 266 2.79 20.19 7.86
CA ASP E 266 2.45 21.31 6.99
C ASP E 266 3.67 22.21 6.73
N ALA E 267 4.85 21.61 6.69
CA ALA E 267 6.07 22.38 6.53
C ALA E 267 6.12 23.03 5.15
N GLU E 268 6.71 24.22 5.10
CA GLU E 268 6.93 24.94 3.87
C GLU E 268 8.39 25.03 3.47
N ARG E 269 9.30 24.90 4.43
CA ARG E 269 10.75 24.91 4.19
C ARG E 269 11.31 23.59 4.68
N VAL E 270 11.99 22.87 3.79
CA VAL E 270 12.49 21.54 4.09
C VAL E 270 13.95 21.45 3.66
N ILE E 271 14.77 20.82 4.49
CA ILE E 271 16.17 20.55 4.17
C ILE E 271 16.29 19.08 3.78
N VAL E 272 16.94 18.82 2.65
CA VAL E 272 17.27 17.47 2.21
C VAL E 272 18.76 17.29 2.43
N SER E 273 19.14 16.26 3.20
CA SER E 273 20.52 16.07 3.57
C SER E 273 20.82 14.58 3.75
N MET E 274 22.07 14.29 4.08
CA MET E 274 22.58 12.92 4.06
C MET E 274 23.71 12.83 5.07
N GLY E 275 23.81 11.69 5.73
CA GLY E 275 24.86 11.49 6.72
C GLY E 275 24.52 12.07 8.08
N SER E 276 25.57 12.30 8.86
CA SER E 276 25.40 12.73 10.26
C SER E 276 24.68 14.06 10.38
N SER E 277 24.64 14.86 9.31
CA SER E 277 23.91 16.12 9.37
C SER E 277 22.45 15.90 9.69
N CYS E 278 21.88 14.76 9.27
CA CYS E 278 20.48 14.49 9.54
C CYS E 278 20.18 14.44 11.03
N GLU E 279 21.14 13.95 11.84
CA GLU E 279 20.96 13.98 13.28
C GLU E 279 20.90 15.42 13.80
N VAL E 280 21.85 16.25 13.37
CA VAL E 280 21.86 17.64 13.80
C VAL E 280 20.61 18.37 13.30
N ILE E 281 20.17 18.04 12.08
CA ILE E 281 19.02 18.74 11.52
C ILE E 281 17.75 18.31 12.21
N GLU E 282 17.59 17.01 12.50
CA GLU E 282 16.37 16.57 13.18
C GLU E 282 16.29 17.16 14.58
N GLU E 283 17.42 17.24 15.28
CA GLU E 283 17.45 17.91 16.58
C GLU E 283 17.05 19.38 16.45
N THR E 284 17.55 20.04 15.40
CA THR E 284 17.20 21.44 15.17
C THR E 284 15.74 21.58 14.77
N VAL E 285 15.23 20.68 13.92
CA VAL E 285 13.85 20.75 13.48
C VAL E 285 12.90 20.59 14.66
N ASN E 286 13.19 19.66 15.56
CA ASN E 286 12.39 19.52 16.77
C ASN E 286 12.32 20.84 17.53
N TYR E 287 13.46 21.54 17.63
CA TYR E 287 13.50 22.81 18.33
C TYR E 287 12.65 23.88 17.65
N LEU E 288 12.74 23.96 16.32
CA LEU E 288 12.00 25.00 15.60
C LEU E 288 10.52 24.68 15.51
N VAL E 289 10.17 23.41 15.28
CA VAL E 289 8.77 23.02 15.19
C VAL E 289 8.04 23.32 16.50
N GLU E 290 8.71 23.06 17.63
CA GLU E 290 8.10 23.36 18.92
C GLU E 290 7.83 24.85 19.07
N LYS E 291 8.65 25.69 18.46
CA LYS E 291 8.43 27.14 18.50
C LYS E 291 7.44 27.61 17.43
N GLY E 292 6.86 26.70 16.64
CA GLY E 292 5.80 27.04 15.72
C GLY E 292 6.20 27.18 14.27
N GLU E 293 7.49 27.05 13.95
CA GLU E 293 7.93 27.18 12.58
C GLU E 293 7.52 25.95 11.77
N LYS E 294 7.08 26.18 10.54
CA LYS E 294 6.64 25.10 9.65
C LYS E 294 7.83 24.64 8.80
N VAL E 295 8.69 23.84 9.43
CA VAL E 295 9.90 23.33 8.81
C VAL E 295 9.94 21.81 8.94
N GLY E 296 10.71 21.19 8.05
CA GLY E 296 10.81 19.74 8.00
C GLY E 296 12.15 19.33 7.44
N LEU E 297 12.38 18.01 7.40
CA LEU E 297 13.64 17.45 6.97
C LEU E 297 13.40 16.11 6.29
N ILE E 298 14.06 15.91 5.16
CA ILE E 298 14.08 14.63 4.46
C ILE E 298 15.48 14.07 4.56
N LYS E 299 15.62 12.91 5.21
CA LYS E 299 16.89 12.21 5.30
C LYS E 299 17.00 11.26 4.11
N VAL E 300 18.10 11.37 3.37
CA VAL E 300 18.37 10.46 2.27
C VAL E 300 19.15 9.27 2.79
N ARG E 301 18.54 8.08 2.74
CA ARG E 301 19.24 6.85 3.10
C ARG E 301 19.78 6.15 1.86
N LEU E 302 18.90 5.78 0.93
CA LEU E 302 19.32 5.13 -0.30
C LEU E 302 19.54 6.22 -1.35
N PHE E 303 20.81 6.62 -1.50
CA PHE E 303 21.19 7.64 -2.47
C PHE E 303 21.20 7.10 -3.89
N ARG E 304 21.65 5.85 -4.06
CA ARG E 304 21.65 5.17 -5.35
C ARG E 304 21.18 3.74 -5.07
N PRO E 305 20.25 3.19 -5.86
CA PRO E 305 19.56 3.88 -6.96
C PRO E 305 18.58 4.90 -6.40
N PHE E 306 18.49 6.07 -7.05
CA PHE E 306 17.62 7.14 -6.56
C PHE E 306 16.20 6.86 -6.99
N SER E 307 15.33 6.56 -6.03
CA SER E 307 13.94 6.23 -6.30
C SER E 307 13.11 7.50 -6.17
N ALA E 308 12.65 8.03 -7.30
CA ALA E 308 11.79 9.21 -7.27
C ALA E 308 10.51 8.91 -6.53
N GLU E 309 9.99 7.69 -6.68
CA GLU E 309 8.74 7.31 -6.03
C GLU E 309 8.83 7.44 -4.53
N HIS E 310 9.92 6.93 -3.93
CA HIS E 310 10.08 6.99 -2.49
C HIS E 310 10.44 8.39 -2.00
N PHE E 311 11.06 9.22 -2.84
CA PHE E 311 11.36 10.58 -2.40
C PHE E 311 10.11 11.44 -2.36
N LEU E 312 9.32 11.42 -3.42
CA LEU E 312 8.08 12.20 -3.43
C LEU E 312 7.06 11.67 -2.45
N LYS E 313 7.18 10.39 -2.07
CA LYS E 313 6.26 9.76 -1.12
C LYS E 313 6.31 10.44 0.24
N VAL E 314 7.46 10.97 0.62
CA VAL E 314 7.63 11.57 1.94
C VAL E 314 7.74 13.09 1.88
N LEU E 315 7.49 13.69 0.71
CA LEU E 315 7.56 15.13 0.57
C LEU E 315 6.17 15.70 0.84
N PRO E 316 5.98 16.49 1.89
CA PRO E 316 4.65 17.04 2.18
C PRO E 316 4.16 17.93 1.03
N ALA E 317 2.86 17.87 0.78
CA ALA E 317 2.29 18.68 -0.31
C ALA E 317 2.41 20.17 -0.03
N SER E 318 2.63 20.56 1.22
CA SER E 318 2.69 21.95 1.61
C SER E 318 4.07 22.56 1.44
N VAL E 319 5.06 21.77 1.01
CA VAL E 319 6.41 22.30 0.91
C VAL E 319 6.49 23.28 -0.26
N LYS E 320 7.02 24.47 0.01
CA LYS E 320 7.20 25.48 -1.03
C LYS E 320 8.65 25.74 -1.38
N ARG E 321 9.58 25.51 -0.44
CA ARG E 321 11.00 25.78 -0.67
C ARG E 321 11.84 24.70 -0.03
N ILE E 322 12.89 24.28 -0.74
CA ILE E 322 13.78 23.23 -0.28
C ILE E 322 15.22 23.72 -0.38
N ALA E 323 16.00 23.48 0.67
CA ALA E 323 17.44 23.70 0.65
C ALA E 323 18.12 22.35 0.76
N VAL E 324 18.94 22.02 -0.24
CA VAL E 324 19.66 20.75 -0.27
C VAL E 324 21.10 21.00 0.18
N LEU E 325 21.59 20.14 1.08
CA LEU E 325 22.93 20.28 1.65
C LEU E 325 23.81 19.11 1.17
N ASP E 326 24.93 19.45 0.54
CA ASP E 326 25.88 18.45 0.04
C ASP E 326 27.18 18.56 0.82
N ARG E 327 27.68 17.42 1.29
CA ARG E 327 28.96 17.40 2.01
C ARG E 327 30.13 17.13 1.06
N THR E 328 30.17 17.87 -0.03
CA THR E 328 31.23 17.73 -1.02
C THR E 328 31.30 19.01 -1.84
N LYS E 329 32.32 19.09 -2.68
CA LYS E 329 32.47 20.18 -3.62
C LYS E 329 32.97 19.62 -4.93
N GLU E 330 32.27 19.94 -6.02
CA GLU E 330 32.68 19.58 -7.37
C GLU E 330 32.98 20.90 -8.08
N PRO E 331 34.23 21.35 -8.08
CA PRO E 331 34.51 22.71 -8.55
C PRO E 331 34.12 22.89 -10.00
N GLY E 332 33.48 24.02 -10.29
CA GLY E 332 33.05 24.31 -11.63
C GLY E 332 31.75 23.65 -12.04
N SER E 333 31.28 22.66 -11.29
CA SER E 333 30.01 22.02 -11.62
C SER E 333 28.86 23.00 -11.38
N LEU E 334 27.76 22.76 -12.09
CA LEU E 334 26.57 23.59 -11.92
C LEU E 334 26.02 23.46 -10.51
N GLY E 335 26.09 22.25 -9.95
CA GLY E 335 25.69 21.99 -8.58
C GLY E 335 26.26 20.68 -8.11
N GLU E 336 26.16 20.46 -6.80
CA GLU E 336 26.69 19.25 -6.18
C GLU E 336 25.70 18.10 -6.36
N PRO E 337 26.14 16.86 -6.15
CA PRO E 337 25.31 15.70 -6.59
C PRO E 337 23.90 15.68 -6.03
N LEU E 338 23.74 15.80 -4.71
CA LEU E 338 22.40 15.70 -4.13
C LEU E 338 21.51 16.86 -4.59
N TYR E 339 22.09 18.05 -4.74
CA TYR E 339 21.31 19.19 -5.22
C TYR E 339 20.78 18.95 -6.62
N GLU E 340 21.62 18.42 -7.52
CA GLU E 340 21.18 18.20 -8.89
C GLU E 340 20.14 17.08 -8.99
N ASP E 341 20.22 16.09 -8.11
CA ASP E 341 19.22 15.03 -8.11
C ASP E 341 17.87 15.56 -7.66
N VAL E 342 17.83 16.30 -6.55
CA VAL E 342 16.58 16.86 -6.05
C VAL E 342 15.99 17.82 -7.07
N GLN E 343 16.84 18.65 -7.69
CA GLN E 343 16.36 19.56 -8.71
C GLN E 343 15.76 18.81 -9.90
N THR E 344 16.35 17.67 -10.26
CA THR E 344 15.87 16.91 -11.42
C THR E 344 14.52 16.25 -11.12
N VAL E 345 14.43 15.54 -10.01
CA VAL E 345 13.21 14.77 -9.73
C VAL E 345 12.00 15.68 -9.61
N LEU E 346 12.18 16.85 -8.99
CA LEU E 346 11.07 17.78 -8.86
C LEU E 346 10.66 18.37 -10.20
N ALA E 347 11.62 18.51 -11.12
CA ALA E 347 11.29 18.98 -12.46
C ALA E 347 10.54 17.90 -13.23
N GLU E 348 10.92 16.64 -13.06
CA GLU E 348 10.27 15.55 -13.77
C GLU E 348 8.81 15.37 -13.35
N HIS E 349 8.42 15.89 -12.19
CA HIS E 349 7.05 15.73 -11.70
C HIS E 349 6.32 17.06 -11.58
N GLY E 350 6.84 18.11 -12.19
CA GLY E 350 6.14 19.38 -12.26
C GLY E 350 5.86 20.01 -10.92
N LYS E 351 6.67 19.71 -9.91
CA LYS E 351 6.50 20.33 -8.61
C LYS E 351 6.98 21.78 -8.66
N ASN E 352 6.12 22.69 -8.18
CA ASN E 352 6.46 24.12 -8.14
C ASN E 352 7.12 24.40 -6.79
N ILE E 353 8.38 23.97 -6.69
CA ILE E 353 9.17 24.11 -5.48
C ILE E 353 10.47 24.83 -5.81
N LEU E 354 10.75 25.91 -5.07
CA LEU E 354 12.03 26.58 -5.19
C LEU E 354 13.10 25.74 -4.51
N VAL E 355 14.12 25.32 -5.28
CA VAL E 355 15.19 24.47 -4.76
C VAL E 355 16.48 25.27 -4.73
N VAL E 356 17.25 25.08 -3.66
CA VAL E 356 18.51 25.77 -3.43
C VAL E 356 19.49 24.78 -2.82
N GLY E 357 20.74 24.83 -3.27
CA GLY E 357 21.75 23.89 -2.83
C GLY E 357 22.90 24.59 -2.13
N GLY E 358 23.52 23.86 -1.19
CA GLY E 358 24.63 24.40 -0.45
C GLY E 358 25.65 23.32 -0.11
N ARG E 359 26.79 23.77 0.41
CA ARG E 359 27.89 22.87 0.81
C ARG E 359 28.19 23.07 2.28
N TYR E 360 28.55 21.98 2.96
CA TYR E 360 28.79 22.02 4.39
C TYR E 360 29.80 20.96 4.79
N GLY E 361 30.42 21.17 5.95
CA GLY E 361 31.12 20.12 6.67
C GLY E 361 32.26 19.46 5.93
N LEU E 362 32.93 20.18 5.03
CA LEU E 362 34.06 19.60 4.32
C LEU E 362 35.22 19.40 5.27
N GLY E 363 35.81 18.20 5.24
CA GLY E 363 36.91 17.90 6.14
C GLY E 363 36.54 17.98 7.61
N SER E 364 35.36 17.46 7.98
CA SER E 364 34.88 17.48 9.36
C SER E 364 34.69 18.89 9.89
N LYS E 365 34.39 19.84 9.00
CA LYS E 365 34.02 21.17 9.45
C LYS E 365 32.78 21.08 10.33
N GLU E 366 32.76 21.87 11.39
CA GLU E 366 31.66 21.80 12.34
C GLU E 366 30.34 22.11 11.65
N PHE E 367 29.30 21.38 12.03
CA PHE E 367 27.95 21.62 11.52
C PHE E 367 27.00 21.50 12.70
N ASN E 368 26.63 22.63 13.28
CA ASN E 368 25.85 22.72 14.50
C ASN E 368 24.47 23.32 14.23
N PRO E 369 23.55 23.27 15.21
CA PRO E 369 22.19 23.77 14.95
C PRO E 369 22.12 25.23 14.52
N SER E 370 23.02 26.09 15.00
CA SER E 370 23.00 27.49 14.58
C SER E 370 23.17 27.60 13.07
N MET E 371 23.99 26.72 12.48
CA MET E 371 24.14 26.70 11.04
C MET E 371 22.87 26.16 10.37
N VAL E 372 22.25 25.15 10.99
CA VAL E 372 21.02 24.60 10.43
C VAL E 372 19.93 25.67 10.38
N LYS E 373 19.87 26.50 11.42
CA LYS E 373 18.91 27.59 11.41
C LYS E 373 19.22 28.60 10.31
N ALA E 374 20.52 28.84 10.07
CA ALA E 374 20.90 29.73 8.98
C ALA E 374 20.41 29.22 7.65
N VAL E 375 20.43 27.90 7.46
CA VAL E 375 19.90 27.31 6.23
C VAL E 375 18.40 27.49 6.15
N PHE E 376 17.69 27.25 7.26
CA PHE E 376 16.24 27.44 7.25
C PHE E 376 15.88 28.91 7.10
N ASP E 377 16.66 29.80 7.75
CA ASP E 377 16.41 31.23 7.61
C ASP E 377 16.67 31.72 6.19
N ASN E 378 17.64 31.10 5.50
CA ASN E 378 17.90 31.45 4.11
C ASN E 378 16.73 31.09 3.22
N LEU E 379 16.03 30.00 3.52
CA LEU E 379 14.82 29.65 2.78
C LEU E 379 13.69 30.62 3.05
N ALA E 380 13.69 31.30 4.19
CA ALA E 380 12.65 32.27 4.51
C ALA E 380 12.93 33.65 3.95
N ALA E 381 14.11 33.87 3.38
CA ALA E 381 14.46 35.18 2.85
C ALA E 381 13.63 35.49 1.60
N THR E 382 13.59 36.78 1.25
CA THR E 382 12.86 37.21 0.07
C THR E 382 13.42 36.56 -1.19
N THR E 383 14.75 36.56 -1.32
CA THR E 383 15.44 35.83 -2.39
C THR E 383 16.46 34.91 -1.74
N PRO E 384 16.14 33.63 -1.59
CA PRO E 384 17.10 32.70 -0.97
C PRO E 384 18.38 32.63 -1.80
N LYS E 385 19.51 32.71 -1.11
CA LYS E 385 20.81 32.61 -1.76
C LYS E 385 21.04 31.16 -2.19
N ASN E 386 21.43 30.97 -3.45
CA ASN E 386 21.70 29.64 -3.98
C ASN E 386 23.21 29.42 -4.10
N LYS E 387 23.60 28.14 -4.20
CA LYS E 387 25.00 27.74 -4.30
C LYS E 387 25.82 28.31 -3.13
N PHE E 388 25.35 28.05 -1.92
CA PHE E 388 25.89 28.66 -0.72
C PHE E 388 26.81 27.69 0.03
N THR E 389 27.43 28.21 1.09
CA THR E 389 28.21 27.43 2.03
C THR E 389 27.81 27.81 3.45
N VAL E 390 27.97 26.86 4.38
CA VAL E 390 27.66 27.09 5.79
C VAL E 390 28.83 26.57 6.63
N GLY E 391 29.26 27.38 7.60
CA GLY E 391 30.36 27.03 8.47
C GLY E 391 31.63 27.79 8.20
N ILE E 392 31.67 28.62 7.16
CA ILE E 392 32.82 29.44 6.81
C ILE E 392 32.35 30.87 6.56
N THR E 393 33.32 31.77 6.41
CA THR E 393 33.07 33.16 6.04
C THR E 393 33.70 33.39 4.66
N ASP E 394 32.87 33.38 3.62
CA ASP E 394 33.36 33.56 2.26
C ASP E 394 33.24 35.03 1.88
N ASP E 395 34.29 35.79 2.18
CA ASP E 395 34.35 37.21 1.86
C ASP E 395 34.94 37.48 0.48
N VAL E 396 35.14 36.43 -0.31
CA VAL E 396 35.69 36.57 -1.65
C VAL E 396 34.57 36.45 -2.67
N THR E 397 33.86 35.32 -2.65
CA THR E 397 32.76 35.07 -3.57
C THR E 397 31.38 35.17 -2.92
N HIS E 398 31.32 35.45 -1.62
CA HIS E 398 30.06 35.76 -0.93
C HIS E 398 29.04 34.63 -1.03
N THR E 399 29.51 33.40 -0.82
CA THR E 399 28.63 32.23 -0.81
C THR E 399 28.22 31.80 0.59
N SER E 400 28.89 32.30 1.62
CA SER E 400 28.62 31.83 2.98
C SER E 400 27.36 32.50 3.54
N LEU E 401 26.58 31.72 4.29
CA LEU E 401 25.42 32.24 4.99
C LEU E 401 25.85 32.85 6.32
N GLU E 402 25.14 33.89 6.74
CA GLU E 402 25.44 34.57 7.99
C GLU E 402 24.82 33.80 9.15
N ILE E 403 25.65 33.41 10.12
CA ILE E 403 25.19 32.81 11.36
C ILE E 403 24.87 33.96 12.30
N LYS E 404 23.60 34.33 12.38
CA LYS E 404 23.21 35.53 13.13
C LYS E 404 23.36 35.32 14.63
N GLU E 405 22.65 34.34 15.18
CA GLU E 405 22.67 34.11 16.62
C GLU E 405 22.98 32.65 16.90
N HIS E 406 23.42 32.39 18.13
CA HIS E 406 23.77 31.05 18.58
C HIS E 406 22.63 30.52 19.44
N ILE E 407 22.12 29.35 19.08
CA ILE E 407 21.00 28.74 19.81
C ILE E 407 21.44 27.42 20.40
N ASP E 408 20.74 27.00 21.45
CA ASP E 408 20.98 25.74 22.15
C ASP E 408 19.77 24.83 21.96
N THR E 409 19.90 23.83 21.08
CA THR E 409 18.82 22.90 20.79
C THR E 409 19.00 21.55 21.46
N SER E 410 19.95 21.44 22.39
CA SER E 410 20.14 20.17 23.08
C SER E 410 18.93 19.88 23.97
N PRO E 411 18.43 18.65 23.96
CA PRO E 411 17.29 18.31 24.81
C PRO E 411 17.62 18.54 26.27
N LYS E 412 16.64 19.07 27.01
CA LYS E 412 16.84 19.36 28.42
C LYS E 412 17.08 18.08 29.19
N GLY E 413 18.01 18.13 30.14
CA GLY E 413 18.44 16.96 30.88
C GLY E 413 19.68 16.30 30.35
N THR E 414 20.29 16.87 29.32
CA THR E 414 21.50 16.31 28.73
C THR E 414 22.72 16.95 29.38
N PHE E 415 23.57 16.13 29.99
CA PHE E 415 24.81 16.62 30.59
C PHE E 415 25.89 16.75 29.53
N ARG E 416 26.72 17.77 29.66
CA ARG E 416 27.77 18.04 28.68
C ARG E 416 29.07 18.38 29.40
N CYS E 417 30.15 17.71 29.01
CA CYS E 417 31.45 17.88 29.63
C CYS E 417 32.51 18.02 28.54
N LYS E 418 33.45 18.93 28.76
CA LYS E 418 34.62 19.10 27.93
C LYS E 418 35.85 18.85 28.79
N PHE E 419 36.82 18.10 28.25
CA PHE E 419 38.04 17.75 28.96
C PHE E 419 39.24 18.15 28.12
N PHE E 420 39.98 19.17 28.57
CA PHE E 420 41.22 19.57 27.94
C PHE E 420 42.35 18.74 28.55
N GLY E 421 42.95 17.87 27.74
CA GLY E 421 44.01 16.99 28.19
C GLY E 421 45.30 17.20 27.43
N LEU E 422 46.34 16.51 27.88
CA LEU E 422 47.63 16.50 27.23
C LEU E 422 47.78 15.20 26.44
N GLY E 423 48.61 15.23 25.41
CA GLY E 423 48.83 14.07 24.57
C GLY E 423 49.23 12.82 25.32
N SER E 424 48.41 11.79 25.22
CA SER E 424 48.68 10.46 25.80
C SER E 424 48.86 10.51 27.31
N ASP E 425 48.13 11.41 27.99
CA ASP E 425 48.15 11.50 29.44
C ASP E 425 47.07 10.67 30.10
N GLY E 426 46.29 9.91 29.32
CA GLY E 426 45.25 9.05 29.84
C GLY E 426 43.87 9.67 29.85
N THR E 427 43.75 10.96 29.50
CA THR E 427 42.46 11.64 29.57
C THR E 427 41.43 11.00 28.65
N VAL E 428 41.78 10.83 27.38
CA VAL E 428 40.84 10.24 26.42
C VAL E 428 40.46 8.83 26.84
N GLY E 429 41.45 8.03 27.24
CA GLY E 429 41.16 6.66 27.65
C GLY E 429 40.23 6.60 28.85
N ALA E 430 40.42 7.51 29.81
CA ALA E 430 39.53 7.54 30.97
C ALA E 430 38.11 7.95 30.58
N ASN E 431 37.99 8.97 29.73
CA ASN E 431 36.67 9.41 29.31
C ASN E 431 35.93 8.32 28.56
N LYS E 432 36.65 7.55 27.73
CA LYS E 432 36.04 6.39 27.09
C LYS E 432 35.55 5.39 28.13
N ASN E 433 36.35 5.17 29.18
CA ASN E 433 35.93 4.27 30.25
C ASN E 433 34.74 4.83 31.03
N SER E 434 34.71 6.15 31.20
CA SER E 434 33.58 6.77 31.88
C SER E 434 32.29 6.51 31.11
N ILE E 435 32.38 6.52 29.78
CA ILE E 435 31.22 6.22 28.94
C ILE E 435 30.76 4.78 29.13
N LYS E 436 31.70 3.84 29.21
CA LYS E 436 31.31 2.44 29.42
C LYS E 436 30.66 2.24 30.78
N ILE E 437 31.17 2.94 31.80
CA ILE E 437 30.57 2.85 33.13
C ILE E 437 29.13 3.36 33.10
N ILE E 438 28.92 4.54 32.53
CA ILE E 438 27.60 5.14 32.53
C ILE E 438 26.64 4.35 31.64
N GLY E 439 27.10 3.92 30.47
CA GLY E 439 26.21 3.24 29.55
C GLY E 439 25.79 1.86 30.02
N ASP E 440 26.72 1.13 30.62
CA ASP E 440 26.45 -0.25 31.01
C ASP E 440 25.63 -0.39 32.28
N HIS E 441 25.61 0.62 33.14
CA HIS E 441 24.96 0.49 34.45
C HIS E 441 23.81 1.46 34.70
N THR E 442 23.47 2.31 33.74
CA THR E 442 22.32 3.21 33.87
C THR E 442 21.47 3.10 32.62
N ASP E 443 20.28 3.71 32.68
CA ASP E 443 19.40 3.82 31.52
C ASP E 443 19.77 4.97 30.60
N MET E 444 20.86 5.69 30.90
CA MET E 444 21.17 6.90 30.16
C MET E 444 21.88 6.60 28.85
N TYR E 445 21.60 7.44 27.85
CA TYR E 445 22.40 7.44 26.65
C TYR E 445 23.73 8.14 26.91
N ALA E 446 24.77 7.69 26.21
CA ALA E 446 26.11 8.22 26.38
C ALA E 446 26.74 8.43 25.01
N GLN E 447 27.49 9.52 24.87
CA GLN E 447 28.14 9.87 23.62
C GLN E 447 29.53 10.43 23.89
N GLY E 448 30.50 10.05 23.05
CA GLY E 448 31.84 10.58 23.19
C GLY E 448 32.51 10.89 21.86
N TYR E 449 33.09 12.08 21.75
CA TYR E 449 33.84 12.50 20.56
C TYR E 449 35.13 13.16 21.01
N PHE E 450 36.22 12.89 20.31
CA PHE E 450 37.55 13.26 20.76
C PHE E 450 38.31 13.99 19.65
N VAL E 451 38.74 15.21 19.95
CA VAL E 451 39.48 16.05 19.01
C VAL E 451 40.96 15.91 19.34
N TYR E 452 41.74 15.51 18.34
CA TYR E 452 43.17 15.29 18.50
C TYR E 452 43.95 16.40 17.81
N ASP E 453 45.27 16.39 18.04
CA ASP E 453 46.19 17.36 17.50
C ASP E 453 47.08 16.73 16.44
N SER E 454 47.60 17.58 15.55
CA SER E 454 48.51 17.08 14.53
C SER E 454 49.89 16.77 15.10
N LYS E 455 50.27 17.44 16.19
CA LYS E 455 51.51 17.15 16.87
C LYS E 455 51.40 15.80 17.58
N LYS E 456 52.39 14.93 17.34
CA LYS E 456 52.32 13.56 17.82
C LYS E 456 52.70 13.40 19.29
N SER E 457 53.50 14.32 19.84
CA SER E 457 53.89 14.27 21.24
C SER E 457 53.69 15.65 21.85
N GLY E 458 53.02 15.70 23.00
CA GLY E 458 52.75 16.95 23.68
C GLY E 458 51.58 17.74 23.13
N GLY E 459 50.71 17.11 22.35
CA GLY E 459 49.58 17.80 21.76
C GLY E 459 48.42 17.97 22.73
N VAL E 460 47.49 18.82 22.33
CA VAL E 460 46.29 19.10 23.11
C VAL E 460 45.15 18.19 22.62
N THR E 461 44.43 17.59 23.57
CA THR E 461 43.26 16.75 23.26
C THR E 461 42.04 17.33 23.95
N ILE E 462 40.92 17.33 23.23
CA ILE E 462 39.66 17.89 23.72
C ILE E 462 38.60 16.80 23.64
N SER E 463 38.11 16.34 24.80
CA SER E 463 37.07 15.33 24.87
C SER E 463 35.70 15.97 24.99
N HIS E 464 34.72 15.43 24.27
CA HIS E 464 33.35 15.89 24.32
C HIS E 464 32.46 14.72 24.71
N LEU E 465 31.85 14.80 25.90
CA LEU E 465 30.97 13.74 26.39
C LEU E 465 29.56 14.27 26.62
N ARG E 466 28.58 13.41 26.37
CA ARG E 466 27.18 13.76 26.63
C ARG E 466 26.47 12.57 27.25
N PHE E 467 25.63 12.85 28.24
CA PHE E 467 24.75 11.85 28.83
C PHE E 467 23.37 12.47 29.03
N GLY E 468 22.33 11.72 28.67
CA GLY E 468 20.97 12.21 28.84
C GLY E 468 19.97 11.08 28.80
N LYS E 469 18.78 11.37 29.31
CA LYS E 469 17.72 10.36 29.31
C LYS E 469 17.14 10.15 27.93
N GLN E 470 17.42 11.04 26.98
CA GLN E 470 16.90 10.95 25.63
C GLN E 470 18.03 10.63 24.66
N PRO E 471 17.72 10.04 23.51
CA PRO E 471 18.77 9.73 22.53
C PRO E 471 19.57 10.96 22.16
N ILE E 472 20.88 10.78 22.00
CA ILE E 472 21.81 11.88 21.76
C ILE E 472 22.00 11.98 20.25
N GLN E 473 21.34 12.98 19.65
CA GLN E 473 21.51 13.29 18.23
C GLN E 473 22.50 14.42 17.99
N SER E 474 23.21 14.85 19.03
CA SER E 474 24.07 16.03 18.92
C SER E 474 25.40 15.63 18.31
N ALA E 475 25.38 15.48 16.97
CA ALA E 475 26.58 15.15 16.22
C ALA E 475 27.39 16.40 15.90
N TYR E 476 27.72 17.14 16.96
CA TYR E 476 28.50 18.36 16.85
C TYR E 476 29.23 18.58 18.16
N LEU E 477 30.20 19.50 18.14
CA LEU E 477 31.00 19.77 19.31
C LEU E 477 30.13 20.42 20.39
N ILE E 478 30.60 20.34 21.63
CA ILE E 478 29.80 20.78 22.77
C ILE E 478 29.70 22.30 22.78
N ASP E 479 28.47 22.80 22.83
CA ASP E 479 28.15 24.22 22.79
C ASP E 479 28.04 24.84 24.18
N GLN E 480 27.21 24.27 25.05
CA GLN E 480 27.02 24.74 26.41
C GLN E 480 27.42 23.61 27.35
N ALA E 481 28.54 23.76 28.04
CA ALA E 481 29.06 22.70 28.87
C ALA E 481 28.59 22.86 30.31
N ASP E 482 28.09 21.77 30.89
CA ASP E 482 27.75 21.75 32.30
C ASP E 482 28.99 21.64 33.17
N LEU E 483 30.04 21.00 32.66
CA LEU E 483 31.30 20.83 33.38
C LEU E 483 32.44 20.95 32.37
N ILE E 484 33.49 21.65 32.76
CA ILE E 484 34.71 21.77 31.96
C ILE E 484 35.89 21.42 32.85
N ALA E 485 36.70 20.47 32.39
CA ALA E 485 37.87 20.01 33.13
C ALA E 485 39.12 20.32 32.34
N CYS E 486 40.12 20.89 33.02
CA CYS E 486 41.41 21.22 32.42
C CYS E 486 42.48 20.43 33.16
N HIS E 487 43.05 19.43 32.50
CA HIS E 487 44.03 18.55 33.12
C HIS E 487 45.47 19.04 32.94
N ASN E 488 45.67 20.24 32.39
CA ASN E 488 47.01 20.78 32.21
C ASN E 488 46.99 22.25 32.60
N PRO E 489 47.66 22.63 33.69
CA PRO E 489 47.63 24.04 34.13
C PRO E 489 48.23 24.99 33.12
N SER E 490 49.08 24.49 32.22
CA SER E 490 49.69 25.35 31.21
C SER E 490 48.65 25.93 30.26
N TYR E 491 47.52 25.26 30.09
CA TYR E 491 46.46 25.77 29.23
C TYR E 491 45.78 27.00 29.80
N VAL E 492 45.88 27.22 31.12
CA VAL E 492 45.27 28.39 31.73
C VAL E 492 45.96 29.63 31.19
N GLY E 493 45.19 30.51 30.56
CA GLY E 493 45.74 31.67 29.90
C GLY E 493 46.20 31.44 28.48
N ARG E 494 46.15 30.20 27.99
CA ARG E 494 46.56 29.85 26.64
C ARG E 494 45.40 29.58 25.71
N TYR E 495 44.39 28.84 26.17
CA TYR E 495 43.21 28.53 25.39
C TYR E 495 41.96 29.02 26.11
N ASN E 496 40.90 29.23 25.32
CA ASN E 496 39.62 29.70 25.86
C ASN E 496 38.91 28.50 26.48
N LEU E 497 39.36 28.13 27.68
CA LEU E 497 38.85 26.95 28.36
C LEU E 497 37.39 27.12 28.73
N LEU E 498 37.05 28.24 29.36
CA LEU E 498 35.70 28.49 29.85
C LEU E 498 34.74 28.92 28.74
N GLU E 499 35.04 28.60 27.49
CA GLU E 499 34.21 29.02 26.36
C GLU E 499 32.89 28.28 26.41
N GLY E 500 31.78 29.02 26.41
CA GLY E 500 30.48 28.41 26.32
C GLY E 500 30.01 27.68 27.55
N ILE E 501 30.71 27.81 28.68
CA ILE E 501 30.30 27.11 29.90
C ILE E 501 28.98 27.68 30.40
N LYS E 502 28.12 26.81 30.92
CA LYS E 502 26.82 27.24 31.38
C LYS E 502 26.96 28.06 32.66
N PRO E 503 26.05 29.01 32.88
CA PRO E 503 26.03 29.71 34.17
C PRO E 503 25.77 28.72 35.29
N GLY E 504 26.56 28.81 36.35
CA GLY E 504 26.47 27.87 37.44
C GLY E 504 27.13 26.53 37.18
N GLY E 505 27.80 26.37 36.05
CA GLY E 505 28.46 25.13 35.72
C GLY E 505 29.67 24.86 36.60
N ILE E 506 30.30 23.73 36.33
CA ILE E 506 31.44 23.25 37.09
C ILE E 506 32.70 23.44 36.26
N PHE E 507 33.76 23.92 36.88
CA PHE E 507 35.07 24.03 36.25
C PHE E 507 36.08 23.32 37.14
N LEU E 508 36.65 22.23 36.65
CA LEU E 508 37.63 21.45 37.38
C LEU E 508 39.01 21.68 36.77
N LEU E 509 39.98 22.04 37.61
CA LEU E 509 41.33 22.37 37.17
C LEU E 509 42.34 21.56 37.97
N ASN E 510 43.36 21.06 37.28
CA ASN E 510 44.50 20.39 37.89
C ASN E 510 45.70 21.34 37.85
N SER E 511 46.17 21.75 39.03
CA SER E 511 47.31 22.65 39.12
C SER E 511 47.88 22.57 40.53
N THR E 512 49.08 23.11 40.70
CA THR E 512 49.76 23.15 41.98
C THR E 512 49.48 24.42 42.77
N TRP E 513 48.58 25.28 42.28
CA TRP E 513 48.29 26.55 42.91
C TRP E 513 47.24 26.38 43.99
N SER E 514 47.45 27.04 45.13
CA SER E 514 46.50 27.04 46.23
C SER E 514 45.39 28.05 45.97
N ALA E 515 44.39 28.07 46.86
CA ALA E 515 43.26 28.98 46.69
C ALA E 515 43.69 30.44 46.69
N GLU E 516 44.72 30.77 47.47
CA GLU E 516 45.21 32.15 47.52
C GLU E 516 45.98 32.51 46.25
N GLU E 517 46.76 31.55 45.71
CA GLU E 517 47.52 31.76 44.48
C GLU E 517 46.64 31.97 43.26
N MET E 518 45.33 31.65 43.34
CA MET E 518 44.43 31.86 42.21
C MET E 518 44.39 33.30 41.76
N ASP E 519 44.55 34.26 42.69
CA ASP E 519 44.47 35.66 42.30
C ASP E 519 45.62 36.08 41.38
N SER E 520 46.80 35.49 41.59
CA SER E 520 47.98 35.86 40.80
C SER E 520 48.21 34.95 39.60
N ARG E 521 47.68 33.73 39.60
CA ARG E 521 48.00 32.76 38.55
C ARG E 521 47.00 32.79 37.39
N LEU E 522 45.70 32.96 37.71
CA LEU E 522 44.64 32.95 36.70
C LEU E 522 44.53 34.31 36.02
N PRO E 523 44.28 34.33 34.71
CA PRO E 523 44.09 35.61 34.01
C PRO E 523 42.81 36.31 34.46
N ALA E 524 42.75 37.61 34.17
CA ALA E 524 41.64 38.43 34.64
C ALA E 524 40.32 38.04 33.98
N ASP E 525 40.34 37.82 32.67
CA ASP E 525 39.11 37.43 31.97
C ASP E 525 38.59 36.09 32.46
N MET E 526 39.51 35.18 32.81
CA MET E 526 39.10 33.88 33.33
C MET E 526 38.44 34.00 34.70
N LYS E 527 38.99 34.88 35.55
CA LYS E 527 38.37 35.10 36.85
C LYS E 527 36.99 35.72 36.71
N ARG E 528 36.79 36.57 35.70
CA ARG E 528 35.49 37.20 35.49
C ARG E 528 34.43 36.16 35.15
N THR E 529 34.74 35.24 34.25
CA THR E 529 33.78 34.21 33.87
C THR E 529 33.40 33.34 35.06
N ILE E 530 34.39 32.96 35.87
CA ILE E 530 34.12 32.13 37.04
C ILE E 530 33.17 32.85 38.00
N ALA E 531 33.39 34.15 38.19
CA ALA E 531 32.58 34.91 39.15
C ALA E 531 31.24 35.31 38.56
N THR E 532 31.23 35.88 37.35
CA THR E 532 29.99 36.36 36.76
C THR E 532 28.98 35.24 36.53
N LYS E 533 29.45 34.11 36.02
CA LYS E 533 28.57 32.97 35.82
C LYS E 533 28.34 32.16 37.09
N LYS E 534 28.97 32.54 38.20
CA LYS E 534 28.79 31.86 39.49
C LYS E 534 29.11 30.37 39.37
N LEU E 535 30.26 30.07 38.77
CA LEU E 535 30.66 28.69 38.55
C LEU E 535 31.17 28.05 39.83
N LYS E 536 30.97 26.74 39.94
CA LYS E 536 31.53 25.96 41.04
C LYS E 536 32.94 25.56 40.63
N PHE E 537 33.93 26.25 41.19
CA PHE E 537 35.33 26.08 40.81
C PHE E 537 35.98 25.10 41.78
N TYR E 538 36.44 23.96 41.25
CA TYR E 538 37.14 22.96 42.03
C TYR E 538 38.57 22.82 41.52
N ASN E 539 39.49 22.54 42.44
CA ASN E 539 40.91 22.40 42.11
C ASN E 539 41.47 21.18 42.84
N ILE E 540 42.49 20.57 42.25
CA ILE E 540 43.18 19.43 42.85
C ILE E 540 44.58 19.35 42.26
N ASP E 541 45.56 19.08 43.12
CA ASP E 541 46.95 18.90 42.69
C ASP E 541 47.17 17.41 42.43
N ALA E 542 46.71 16.96 41.26
CA ALA E 542 46.81 15.55 40.91
C ALA E 542 48.26 15.10 40.76
N VAL E 543 49.15 16.00 40.34
CA VAL E 543 50.56 15.64 40.20
C VAL E 543 51.15 15.30 41.55
N LYS E 544 50.83 16.08 42.58
CA LYS E 544 51.34 15.80 43.92
C LYS E 544 50.83 14.46 44.44
N ILE E 545 49.56 14.14 44.15
CA ILE E 545 49.00 12.88 44.63
C ILE E 545 49.69 11.70 43.97
N ALA E 546 49.91 11.78 42.64
CA ALA E 546 50.55 10.69 41.93
C ALA E 546 51.98 10.47 42.40
N GLN E 547 52.66 11.54 42.82
CA GLN E 547 54.03 11.41 43.31
C GLN E 547 54.06 10.62 44.62
N GLU E 548 53.18 10.95 45.55
CA GLU E 548 53.20 10.31 46.86
C GLU E 548 52.78 8.86 46.79
N ILE E 549 51.86 8.51 45.89
CA ILE E 549 51.41 7.12 45.79
C ILE E 549 52.47 6.25 45.13
N GLY E 550 53.24 6.81 44.21
CA GLY E 550 54.23 6.04 43.48
C GLY E 550 53.85 5.69 42.06
N LEU E 551 52.83 6.34 41.50
CA LEU E 551 52.42 6.12 40.12
C LEU E 551 53.18 6.99 39.13
N GLY E 552 54.22 7.70 39.58
CA GLY E 552 54.94 8.61 38.71
C GLY E 552 54.13 9.87 38.47
N SER E 553 53.77 10.13 37.21
CA SER E 553 52.95 11.27 36.85
C SER E 553 51.61 10.86 36.23
N ARG E 554 51.26 9.57 36.27
CA ARG E 554 49.98 9.11 35.73
C ARG E 554 48.84 9.63 36.59
N ILE E 555 47.95 10.42 35.96
CA ILE E 555 46.83 11.05 36.63
C ILE E 555 45.48 10.58 36.09
N ASN E 556 45.47 9.51 35.29
CA ASN E 556 44.23 9.08 34.65
C ASN E 556 43.20 8.62 35.67
N VAL E 557 43.60 7.75 36.60
CA VAL E 557 42.66 7.27 37.62
C VAL E 557 42.24 8.41 38.54
N ILE E 558 43.17 9.30 38.87
CA ILE E 558 42.87 10.38 39.80
C ILE E 558 41.86 11.34 39.19
N MET E 559 42.09 11.77 37.95
CA MET E 559 41.20 12.77 37.37
C MET E 559 39.84 12.20 37.01
N GLN E 560 39.76 10.92 36.66
CA GLN E 560 38.46 10.30 36.43
C GLN E 560 37.67 10.23 37.74
N THR E 561 38.34 9.87 38.83
CA THR E 561 37.67 9.86 40.13
C THR E 561 37.21 11.26 40.51
N ALA E 562 38.05 12.26 40.26
CA ALA E 562 37.66 13.64 40.55
C ALA E 562 36.45 14.06 39.75
N PHE E 563 36.29 13.52 38.53
CA PHE E 563 35.13 13.86 37.71
C PHE E 563 33.84 13.37 38.34
N PHE E 564 33.77 12.07 38.65
CA PHE E 564 32.54 11.52 39.23
C PHE E 564 32.22 12.14 40.57
N LYS E 565 33.24 12.60 41.29
CA LYS E 565 33.01 13.18 42.60
C LYS E 565 32.20 14.48 42.50
N ILE E 566 32.40 15.25 41.43
CA ILE E 566 31.72 16.53 41.30
C ILE E 566 30.67 16.54 40.20
N ALA E 567 30.75 15.64 39.21
CA ALA E 567 29.76 15.67 38.15
C ALA E 567 28.40 15.24 38.67
N ASN E 568 28.39 14.31 39.62
CA ASN E 568 27.16 13.80 40.23
C ASN E 568 26.21 13.24 39.18
N VAL E 569 26.79 12.53 38.20
CA VAL E 569 26.00 11.86 37.17
C VAL E 569 25.42 10.56 37.70
N ILE E 570 26.18 9.85 38.52
CA ILE E 570 25.66 8.69 39.24
C ILE E 570 26.06 8.84 40.70
N PRO E 571 25.44 8.09 41.60
CA PRO E 571 25.87 8.11 43.01
C PRO E 571 27.35 7.80 43.13
N VAL E 572 28.04 8.63 43.92
CA VAL E 572 29.49 8.51 44.07
C VAL E 572 29.88 7.15 44.62
N ASP E 573 29.06 6.59 45.52
CA ASP E 573 29.38 5.28 46.07
C ASP E 573 29.31 4.21 44.99
N GLU E 574 28.32 4.29 44.10
CA GLU E 574 28.24 3.34 43.00
C GLU E 574 29.36 3.56 41.99
N ALA E 575 29.73 4.82 41.74
CA ALA E 575 30.79 5.11 40.79
C ALA E 575 32.12 4.53 41.25
N ILE E 576 32.43 4.65 42.54
CA ILE E 576 33.67 4.11 43.08
C ILE E 576 33.72 2.60 42.90
N LYS E 577 32.57 1.93 43.06
CA LYS E 577 32.51 0.50 42.83
C LYS E 577 32.84 0.16 41.39
N TYR E 578 32.26 0.89 40.44
CA TYR E 578 32.51 0.63 39.02
C TYR E 578 33.93 0.99 38.60
N ILE E 579 34.51 2.05 39.17
CA ILE E 579 35.88 2.40 38.85
C ILE E 579 36.85 1.34 39.35
N LYS E 580 36.73 0.95 40.61
CA LYS E 580 37.64 -0.07 41.15
C LYS E 580 37.47 -1.41 40.44
N ASP E 581 36.25 -1.75 40.03
CA ASP E 581 36.05 -2.96 39.24
C ASP E 581 36.76 -2.84 37.91
N SER E 582 36.77 -1.64 37.31
CA SER E 582 37.52 -1.43 36.08
C SER E 582 39.02 -1.47 36.32
N ILE E 583 39.47 -1.10 37.52
CA ILE E 583 40.88 -1.21 37.86
C ILE E 583 41.29 -2.67 37.96
N VAL E 584 40.44 -3.52 38.54
CA VAL E 584 40.73 -4.94 38.63
C VAL E 584 40.85 -5.55 37.23
N LYS E 585 39.98 -5.13 36.31
CA LYS E 585 40.04 -5.65 34.95
C LYS E 585 41.28 -5.17 34.21
N THR E 586 41.79 -3.99 34.57
CA THR E 586 42.96 -3.43 33.92
C THR E 586 44.26 -3.83 34.61
N TYR E 587 44.29 -3.79 35.93
CA TYR E 587 45.50 -4.06 36.70
C TYR E 587 45.41 -5.38 37.47
N GLY E 588 44.91 -6.43 36.82
CA GLY E 588 44.87 -7.74 37.42
C GLY E 588 46.14 -8.53 37.20
N LYS E 589 46.61 -8.56 35.96
CA LYS E 589 47.85 -9.24 35.61
C LYS E 589 49.09 -8.43 35.95
N LYS E 590 48.94 -7.15 36.29
CA LYS E 590 50.10 -6.31 36.60
C LYS E 590 50.70 -6.61 37.96
N GLY E 591 50.07 -7.45 38.76
CA GLY E 591 50.58 -7.77 40.07
C GLY E 591 49.78 -7.10 41.17
N ASP E 592 49.89 -7.67 42.37
CA ASP E 592 49.11 -7.17 43.50
C ASP E 592 49.60 -5.81 44.00
N LYS E 593 50.86 -5.45 43.72
CA LYS E 593 51.38 -4.18 44.22
C LYS E 593 50.83 -3.00 43.42
N ILE E 594 50.76 -3.13 42.10
CA ILE E 594 50.26 -2.05 41.26
C ILE E 594 48.75 -1.86 41.46
N LEU E 595 48.04 -2.93 41.78
CA LEU E 595 46.59 -2.84 41.94
C LEU E 595 46.21 -1.93 43.11
N ASN E 596 46.86 -2.14 44.26
CA ASN E 596 46.53 -1.36 45.44
C ASN E 596 46.95 0.10 45.31
N MET E 597 47.92 0.41 44.45
CA MET E 597 48.27 1.81 44.23
C MET E 597 47.12 2.54 43.55
N ASN E 598 46.50 1.92 42.54
CA ASN E 598 45.37 2.55 41.88
C ASN E 598 44.14 2.60 42.77
N PHE E 599 43.98 1.63 43.68
CA PHE E 599 42.91 1.74 44.67
C PHE E 599 43.14 2.95 45.57
N ALA E 600 44.39 3.19 45.96
CA ALA E 600 44.71 4.36 46.78
C ALA E 600 44.52 5.65 46.00
N ALA E 601 44.72 5.62 44.68
CA ALA E 601 44.52 6.81 43.87
C ALA E 601 43.07 7.29 43.93
N VAL E 602 42.12 6.36 43.85
CA VAL E 602 40.70 6.72 43.99
C VAL E 602 40.43 7.28 45.39
N ASP E 603 40.90 6.58 46.42
CA ASP E 603 40.60 6.97 47.78
C ASP E 603 41.21 8.34 48.10
N ARG E 604 42.48 8.53 47.75
CA ARG E 604 43.16 9.77 48.07
C ARG E 604 42.63 10.95 47.24
N ALA E 605 42.16 10.69 46.02
CA ALA E 605 41.63 11.77 45.20
C ALA E 605 40.35 12.33 45.78
N LEU E 606 39.50 11.45 46.33
CA LEU E 606 38.24 11.89 46.92
C LEU E 606 38.47 12.86 48.07
N GLU E 607 39.50 12.61 48.87
CA GLU E 607 39.79 13.43 50.03
C GLU E 607 40.56 14.70 49.68
N ALA E 608 41.28 14.71 48.54
CA ALA E 608 42.12 15.83 48.18
C ALA E 608 41.41 16.88 47.33
N LEU E 609 40.31 16.54 46.68
CA LEU E 609 39.57 17.51 45.89
C LEU E 609 38.92 18.54 46.80
N GLU E 610 39.35 19.78 46.68
CA GLU E 610 38.87 20.88 47.52
C GLU E 610 38.22 21.94 46.65
N GLU E 611 36.99 22.32 47.01
CA GLU E 611 36.30 23.38 46.28
C GLU E 611 36.91 24.73 46.64
N ILE E 612 37.15 25.56 45.63
CA ILE E 612 37.79 26.85 45.80
C ILE E 612 36.72 27.92 45.92
N LYS E 613 36.60 28.50 47.11
CA LYS E 613 35.68 29.61 47.36
C LYS E 613 36.40 30.90 46.96
N TYR E 614 36.07 31.41 45.78
CA TYR E 614 36.70 32.58 45.18
C TYR E 614 35.94 33.85 45.55
N PRO E 615 36.66 34.97 45.69
CA PRO E 615 35.97 36.22 46.03
C PRO E 615 35.10 36.72 44.88
N ALA E 616 33.99 37.36 45.25
CA ALA E 616 33.09 37.94 44.26
C ALA E 616 33.73 39.09 43.51
N SER E 617 34.79 39.70 44.06
CA SER E 617 35.50 40.79 43.43
C SER E 617 36.24 40.37 42.17
N TRP E 618 36.28 39.07 41.85
CA TRP E 618 36.90 38.63 40.61
C TRP E 618 36.20 39.19 39.38
N ALA E 619 34.90 39.48 39.50
CA ALA E 619 34.15 40.02 38.37
C ALA E 619 34.65 41.40 37.97
N ASP E 620 35.25 42.14 38.90
CA ASP E 620 35.77 43.47 38.62
C ASP E 620 37.25 43.46 38.24
N ALA E 621 37.88 42.30 38.20
CA ALA E 621 39.28 42.20 37.81
C ALA E 621 39.46 42.73 36.38
N VAL E 622 40.63 43.32 36.14
CA VAL E 622 40.91 43.96 34.86
C VAL E 622 42.07 43.29 34.12
N GLU E 632 56.18 40.68 14.03
CA GLU E 632 56.09 39.36 13.42
C GLU E 632 55.69 39.46 11.95
N PRO E 633 56.09 38.47 11.15
CA PRO E 633 55.71 38.46 9.73
C PRO E 633 54.19 38.44 9.58
N GLU E 634 53.74 38.89 8.41
CA GLU E 634 52.31 39.00 8.16
C GLU E 634 51.63 37.64 8.24
N PHE E 635 52.26 36.60 7.70
CA PHE E 635 51.67 35.27 7.72
C PHE E 635 51.55 34.71 9.14
N ILE E 636 52.62 34.80 9.93
CA ILE E 636 52.58 34.26 11.29
C ILE E 636 51.50 34.94 12.12
N GLN E 637 51.39 36.25 11.98
CA GLN E 637 50.45 37.00 12.79
C GLN E 637 49.00 36.73 12.37
N LYS E 638 48.76 36.61 11.06
CA LYS E 638 47.39 36.45 10.55
C LYS E 638 46.96 35.00 10.42
N VAL E 639 47.90 34.06 10.32
CA VAL E 639 47.57 32.67 10.03
C VAL E 639 48.02 31.75 11.15
N LEU E 640 49.34 31.74 11.42
CA LEU E 640 49.88 30.77 12.37
C LEU E 640 49.35 31.02 13.79
N ARG E 641 49.37 32.27 14.24
CA ARG E 641 48.90 32.58 15.59
C ARG E 641 47.43 32.24 15.82
N PRO E 642 46.48 32.68 14.98
CA PRO E 642 45.07 32.31 15.24
C PRO E 642 44.81 30.82 15.17
N ILE E 643 45.49 30.10 14.28
CA ILE E 643 45.29 28.66 14.17
C ILE E 643 45.78 27.93 15.41
N ASN E 644 46.99 28.28 15.87
CA ASN E 644 47.53 27.64 17.07
C ASN E 644 46.75 27.97 18.32
N ALA E 645 46.03 29.09 18.34
CA ALA E 645 45.14 29.44 19.43
C ALA E 645 43.78 28.78 19.31
N LEU E 646 43.64 27.80 18.41
CA LEU E 646 42.38 27.07 18.21
C LEU E 646 41.26 28.00 17.75
N LYS E 647 41.62 28.99 16.92
CA LYS E 647 40.65 29.91 16.35
C LYS E 647 40.68 29.95 14.82
N GLY E 648 41.19 28.89 14.20
CA GLY E 648 41.29 28.87 12.75
C GLY E 648 39.94 28.89 12.07
N ASP E 649 38.89 28.42 12.75
CA ASP E 649 37.55 28.44 12.18
C ASP E 649 37.04 29.85 11.93
N GLU E 650 37.61 30.84 12.63
CA GLU E 650 37.22 32.23 12.44
C GLU E 650 37.87 32.87 11.22
N LEU E 651 38.84 32.20 10.59
CA LEU E 651 39.53 32.77 9.45
C LEU E 651 38.64 32.75 8.21
N PRO E 652 38.44 33.89 7.55
CA PRO E 652 37.59 33.94 6.36
C PRO E 652 38.33 33.37 5.14
N VAL E 653 37.60 33.30 4.01
CA VAL E 653 38.15 32.72 2.79
C VAL E 653 39.33 33.52 2.27
N SER E 654 39.29 34.85 2.42
CA SER E 654 40.34 35.71 1.90
C SER E 654 41.68 35.51 2.60
N THR E 655 41.76 34.69 3.65
CA THR E 655 43.02 34.50 4.35
C THR E 655 43.97 33.58 3.59
N PHE E 656 43.44 32.67 2.79
CA PHE E 656 44.19 31.53 2.29
C PHE E 656 44.48 31.64 0.80
N THR E 657 45.58 31.02 0.40
CA THR E 657 45.94 30.95 -1.00
C THR E 657 44.96 30.06 -1.76
N PRO E 658 44.77 30.30 -3.06
CA PRO E 658 43.83 29.46 -3.82
C PRO E 658 44.37 28.09 -4.17
N ASP E 659 45.66 27.84 -3.97
CA ASP E 659 46.29 26.59 -4.37
C ASP E 659 46.96 25.87 -3.21
N GLY E 660 46.71 26.29 -1.98
CA GLY E 660 47.26 25.60 -0.83
C GLY E 660 48.76 25.72 -0.70
N VAL E 661 49.33 26.84 -1.13
CA VAL E 661 50.76 27.08 -1.03
C VAL E 661 51.04 27.86 0.24
N PHE E 662 52.03 27.41 1.01
CA PHE E 662 52.36 28.01 2.29
C PHE E 662 53.82 28.40 2.34
N PRO E 663 54.18 29.38 3.17
CA PRO E 663 55.59 29.74 3.32
C PRO E 663 56.36 28.66 4.09
N VAL E 664 57.67 28.77 4.00
CA VAL E 664 58.57 27.86 4.68
C VAL E 664 59.13 28.55 5.93
N GLY E 665 59.73 27.76 6.82
CA GLY E 665 60.39 28.29 8.00
C GLY E 665 59.48 29.05 8.95
N THR E 666 58.35 28.43 9.29
CA THR E 666 57.38 29.05 10.19
C THR E 666 57.31 28.38 11.55
N THR E 667 57.97 27.23 11.72
CA THR E 667 57.96 26.53 13.00
C THR E 667 58.77 27.27 14.07
N LYS E 668 59.67 28.17 13.68
CA LYS E 668 60.44 28.92 14.65
C LYS E 668 59.61 29.91 15.45
N TYR E 669 58.38 30.20 15.01
CA TYR E 669 57.50 31.09 15.74
C TYR E 669 56.61 30.35 16.74
N GLU E 670 56.68 29.03 16.79
CA GLU E 670 55.81 28.27 17.67
C GLU E 670 56.26 28.34 19.13
N LYS E 671 57.50 27.94 19.40
CA LYS E 671 58.03 27.92 20.77
C LYS E 671 57.09 27.18 21.72
N ARG E 672 56.90 25.89 21.41
CA ARG E 672 55.89 25.09 22.12
C ARG E 672 56.25 24.88 23.58
N GLY E 673 57.52 24.64 23.88
CA GLY E 673 57.98 24.43 25.24
C GLY E 673 57.32 23.27 25.95
N ILE E 674 57.39 22.08 25.36
CA ILE E 674 56.70 20.91 25.88
C ILE E 674 57.61 19.95 26.63
N ALA E 675 58.90 20.26 26.73
CA ALA E 675 59.85 19.32 27.32
C ALA E 675 59.74 19.31 28.84
N VAL E 676 59.88 18.11 29.42
CA VAL E 676 59.96 18.00 30.87
C VAL E 676 61.38 18.23 31.37
N ASN E 677 62.38 17.70 30.65
CA ASN E 677 63.78 17.92 30.98
C ASN E 677 64.52 18.38 29.71
N ILE E 678 65.56 19.18 29.91
CA ILE E 678 66.35 19.71 28.80
C ILE E 678 67.83 19.48 29.07
N PRO E 679 68.65 19.23 28.04
CA PRO E 679 70.09 19.03 28.28
C PRO E 679 70.76 20.32 28.69
N GLN E 680 71.58 20.24 29.74
CA GLN E 680 72.42 21.34 30.19
C GLN E 680 73.86 21.04 29.82
N TRP E 681 74.52 22.00 29.19
CA TRP E 681 75.86 21.80 28.64
C TRP E 681 76.92 22.08 29.70
N GLN E 682 77.86 21.15 29.85
CA GLN E 682 79.00 21.27 30.75
C GLN E 682 80.24 21.57 29.93
N PRO E 683 80.70 22.84 29.86
CA PRO E 683 81.79 23.17 28.95
C PRO E 683 83.10 22.42 29.21
N GLU E 684 83.36 22.01 30.45
CA GLU E 684 84.63 21.36 30.78
C GLU E 684 84.69 19.90 30.32
N ASN E 685 83.54 19.25 30.13
CA ASN E 685 83.52 17.85 29.73
C ASN E 685 83.35 17.65 28.22
N CYS E 686 83.13 18.73 27.46
CA CYS E 686 82.78 18.61 26.05
C CYS E 686 84.04 18.49 25.19
N ILE E 687 84.05 17.48 24.30
CA ILE E 687 85.13 17.29 23.35
C ILE E 687 84.82 17.91 22.00
N GLN E 688 83.68 18.58 21.85
CA GLN E 688 83.29 19.29 20.64
C GLN E 688 83.19 18.37 19.43
N CYS E 689 82.27 17.40 19.52
CA CYS E 689 82.06 16.43 18.45
C CYS E 689 80.76 16.63 17.68
N ASN E 690 79.81 17.39 18.22
CA ASN E 690 78.56 17.74 17.55
C ASN E 690 77.64 16.54 17.31
N GLN E 691 77.89 15.41 17.96
CA GLN E 691 76.99 14.27 17.80
C GLN E 691 75.63 14.55 18.42
N CYS E 692 75.57 15.40 19.45
CA CYS E 692 74.31 15.76 20.08
C CYS E 692 73.43 16.57 19.14
N SER E 693 74.03 17.48 18.38
CA SER E 693 73.27 18.22 17.39
C SER E 693 72.91 17.33 16.19
N LEU E 694 73.69 16.29 15.92
CA LEU E 694 73.44 15.43 14.77
C LEU E 694 72.21 14.55 14.99
N VAL E 695 72.05 14.00 16.20
CA VAL E 695 71.00 13.02 16.47
C VAL E 695 69.70 13.65 16.95
N CYS E 696 69.68 14.96 17.16
CA CYS E 696 68.49 15.65 17.68
C CYS E 696 67.40 15.64 16.63
N PRO E 697 66.24 15.03 16.89
CA PRO E 697 65.17 14.96 15.88
C PRO E 697 64.43 16.28 15.62
N HIS E 698 64.79 17.39 16.27
CA HIS E 698 64.06 18.64 16.07
C HIS E 698 64.96 19.85 15.82
N ALA E 699 66.26 19.64 15.64
CA ALA E 699 67.21 20.74 15.44
C ALA E 699 67.14 21.77 16.56
N ALA E 700 66.90 21.30 17.78
CA ALA E 700 66.76 22.15 18.95
C ALA E 700 68.08 22.37 19.69
N ILE E 701 69.14 21.66 19.31
CA ILE E 701 70.46 21.79 19.92
C ILE E 701 71.49 21.86 18.79
N ARG E 702 72.32 22.90 18.79
CA ARG E 702 73.23 23.19 17.70
C ARG E 702 74.51 23.79 18.26
N PRO E 703 75.64 23.63 17.54
CA PRO E 703 76.86 24.35 17.89
C PRO E 703 76.93 25.71 17.22
N TYR E 704 77.53 26.67 17.93
CA TYR E 704 77.65 28.04 17.46
C TYR E 704 79.11 28.47 17.57
N LEU E 705 79.65 29.01 16.48
CA LEU E 705 80.99 29.59 16.47
C LEU E 705 80.88 31.11 16.34
N ALA E 706 81.85 31.81 16.94
CA ALA E 706 81.85 33.26 16.91
C ALA E 706 83.24 33.77 17.26
N LYS E 707 83.65 34.83 16.55
CA LYS E 707 84.85 35.55 16.94
C LYS E 707 84.62 36.24 18.28
N PRO E 708 85.67 36.38 19.10
CA PRO E 708 85.48 36.99 20.44
C PRO E 708 84.89 38.39 20.43
N ALA E 709 85.02 39.14 19.33
CA ALA E 709 84.45 40.48 19.28
C ALA E 709 82.93 40.47 19.27
N ASP E 710 82.33 39.43 18.69
CA ASP E 710 80.88 39.33 18.61
C ASP E 710 80.22 38.91 19.92
N LEU E 711 81.00 38.55 20.94
CA LEU E 711 80.48 38.18 22.25
C LEU E 711 80.40 39.35 23.22
N ALA E 712 80.24 40.57 22.71
CA ALA E 712 80.26 41.75 23.58
C ALA E 712 79.05 41.75 24.52
N GLY E 713 77.84 41.84 23.96
CA GLY E 713 76.64 41.88 24.76
C GLY E 713 76.15 40.51 25.18
N ALA E 714 77.06 39.53 25.23
CA ALA E 714 76.69 38.18 25.58
C ALA E 714 76.26 38.10 27.04
N PRO E 715 75.25 37.30 27.38
CA PRO E 715 74.87 37.14 28.78
C PRO E 715 75.98 36.49 29.60
N GLU E 716 75.88 36.67 30.93
CA GLU E 716 76.90 36.14 31.82
C GLU E 716 76.92 34.62 31.82
N THR E 717 75.80 33.97 31.53
CA THR E 717 75.71 32.51 31.49
C THR E 717 76.10 31.91 30.15
N PHE E 718 76.40 32.75 29.15
CA PHE E 718 76.80 32.27 27.83
C PHE E 718 78.28 31.87 27.83
N VAL E 719 78.60 30.89 28.66
CA VAL E 719 79.98 30.45 28.82
C VAL E 719 80.41 29.67 27.58
N THR E 720 81.56 30.04 27.03
CA THR E 720 82.11 29.43 25.82
C THR E 720 83.46 28.79 26.13
N LYS E 721 83.98 28.07 25.15
CA LYS E 721 85.28 27.43 25.24
C LYS E 721 86.02 27.63 23.93
N ASP E 722 87.35 27.55 24.00
CA ASP E 722 88.16 27.67 22.80
C ASP E 722 87.88 26.51 21.85
N ALA E 723 87.83 26.81 20.56
CA ALA E 723 87.45 25.80 19.56
C ALA E 723 88.64 24.91 19.22
N ILE E 724 88.41 23.60 19.25
CA ILE E 724 89.44 22.61 18.94
C ILE E 724 89.45 22.39 17.43
N GLY E 725 90.66 22.33 16.85
CA GLY E 725 90.81 22.07 15.44
C GLY E 725 91.51 23.18 14.67
N LYS E 726 92.29 22.81 13.65
CA LYS E 726 92.97 23.80 12.84
C LYS E 726 92.02 24.65 12.00
N GLU E 727 90.83 24.15 11.69
CA GLU E 727 89.89 24.92 10.89
C GLU E 727 89.28 26.08 11.66
N ALA E 728 89.01 25.87 12.96
CA ALA E 728 88.33 26.86 13.79
C ALA E 728 89.28 27.58 14.74
N ALA E 729 90.51 27.86 14.30
CA ALA E 729 91.46 28.56 15.16
C ALA E 729 90.98 29.97 15.44
N GLY E 730 91.10 30.40 16.70
CA GLY E 730 90.74 31.74 17.10
C GLY E 730 89.26 31.99 17.33
N LEU E 731 88.43 30.95 17.36
CA LEU E 731 87.01 31.09 17.58
C LEU E 731 86.59 30.48 18.92
N LYS E 732 85.42 30.89 19.38
CA LYS E 732 84.82 30.33 20.58
C LYS E 732 83.73 29.34 20.17
N PHE E 733 83.53 28.33 21.01
CA PHE E 733 82.59 27.26 20.72
C PHE E 733 81.64 27.09 21.90
N ARG E 734 80.37 26.82 21.60
CA ARG E 734 79.37 26.56 22.62
C ARG E 734 78.22 25.76 22.03
N ILE E 735 77.75 24.77 22.78
CA ILE E 735 76.55 24.01 22.44
C ILE E 735 75.38 24.64 23.18
N GLN E 736 74.47 25.24 22.43
CA GLN E 736 73.31 25.94 22.99
C GLN E 736 72.04 25.23 22.54
N VAL E 737 71.09 25.08 23.47
CA VAL E 737 69.83 24.40 23.23
C VAL E 737 68.72 25.43 23.14
N SER E 738 67.70 25.12 22.34
CA SER E 738 66.50 25.93 22.27
C SER E 738 65.49 25.38 23.26
N PRO E 739 65.29 26.04 24.41
CA PRO E 739 64.43 25.45 25.45
C PRO E 739 62.97 25.29 25.05
N LEU E 740 62.42 26.26 24.31
CA LEU E 740 61.03 26.20 23.93
C LEU E 740 60.78 25.23 22.77
N ASP E 741 61.82 24.82 22.06
CA ASP E 741 61.70 23.88 20.96
C ASP E 741 62.15 22.46 21.27
N CYS E 742 62.91 22.26 22.34
CA CYS E 742 63.32 20.91 22.72
C CYS E 742 62.12 20.11 23.20
N THR E 743 62.15 18.80 22.96
CA THR E 743 61.07 17.91 23.36
C THR E 743 61.40 17.09 24.59
N GLY E 744 62.63 17.15 25.09
CA GLY E 744 63.01 16.40 26.26
C GLY E 744 63.19 14.91 26.04
N CYS E 745 63.41 14.49 24.79
CA CYS E 745 63.53 13.07 24.52
C CYS E 745 64.78 12.50 25.16
N GLY E 746 65.86 13.27 25.16
CA GLY E 746 67.09 12.83 25.79
C GLY E 746 68.03 12.08 24.88
N ASN E 747 67.83 12.12 23.57
CA ASN E 747 68.74 11.39 22.70
C ASN E 747 70.14 11.98 22.74
N CYS E 748 70.26 13.30 22.87
CA CYS E 748 71.58 13.93 22.85
C CYS E 748 72.41 13.51 24.04
N ALA E 749 71.78 13.32 25.21
CA ALA E 749 72.52 12.88 26.38
C ALA E 749 73.05 11.46 26.22
N ASP E 750 72.33 10.62 25.45
CA ASP E 750 72.75 9.24 25.27
C ASP E 750 73.89 9.10 24.27
N VAL E 751 73.95 9.98 23.27
CA VAL E 751 74.98 9.88 22.23
C VAL E 751 76.30 10.53 22.63
N CYS E 752 76.29 11.41 23.62
CA CYS E 752 77.49 12.14 24.05
C CYS E 752 78.63 11.20 24.39
N PRO E 753 79.69 11.18 23.58
CA PRO E 753 80.78 10.23 23.79
C PRO E 753 81.88 10.72 24.71
N ALA E 754 81.68 11.85 25.37
CA ALA E 754 82.71 12.40 26.24
C ALA E 754 82.97 11.47 27.42
N LYS E 755 84.18 11.59 27.98
CA LYS E 755 84.55 10.78 29.15
C LYS E 755 83.58 11.00 30.30
N VAL E 756 83.45 12.24 30.76
CA VAL E 756 82.43 12.65 31.69
C VAL E 756 81.31 13.28 30.89
N LYS E 757 80.06 12.90 31.18
CA LYS E 757 78.93 13.38 30.40
C LYS E 757 78.87 14.90 30.41
N ALA E 758 78.90 15.48 29.21
CA ALA E 758 78.79 16.92 29.02
C ALA E 758 77.34 17.38 28.94
N LEU E 759 76.38 16.46 28.97
CA LEU E 759 74.96 16.78 28.94
C LEU E 759 74.24 16.02 30.04
N THR E 760 73.51 16.76 30.88
CA THR E 760 72.72 16.19 31.95
C THR E 760 71.31 16.76 31.87
N MET E 761 70.31 15.88 32.03
CA MET E 761 68.92 16.28 31.90
C MET E 761 68.44 16.97 33.17
N VAL E 762 68.09 18.25 33.06
CA VAL E 762 67.64 19.05 34.20
C VAL E 762 66.21 19.52 33.95
N PRO E 763 65.42 19.76 35.00
CA PRO E 763 64.03 20.22 34.78
C PRO E 763 63.99 21.52 34.00
N LEU E 764 62.99 21.63 33.13
CA LEU E 764 62.87 22.82 32.27
C LEU E 764 62.68 24.08 33.11
N GLU E 765 61.77 24.02 34.09
CA GLU E 765 61.39 25.23 34.84
C GLU E 765 62.58 25.85 35.56
N GLU E 766 63.60 25.06 35.89
CA GLU E 766 64.74 25.58 36.64
C GLU E 766 65.70 26.39 35.76
N VAL E 767 65.86 26.02 34.49
CA VAL E 767 66.84 26.66 33.62
C VAL E 767 66.19 27.32 32.41
N THR E 768 64.87 27.44 32.38
CA THR E 768 64.21 27.98 31.20
C THR E 768 64.51 29.45 30.99
N ALA E 769 64.50 30.26 32.07
CA ALA E 769 64.78 31.67 31.93
C ALA E 769 66.20 31.92 31.46
N VAL E 770 67.16 31.12 31.95
CA VAL E 770 68.55 31.30 31.56
C VAL E 770 68.77 30.87 30.12
N GLU E 771 68.34 29.65 29.77
CA GLU E 771 68.61 29.12 28.44
C GLU E 771 67.86 29.87 27.35
N GLU E 772 66.74 30.52 27.67
CA GLU E 772 66.04 31.34 26.68
C GLU E 772 66.88 32.54 26.26
N ALA E 773 67.46 33.24 27.24
CA ALA E 773 68.36 34.35 26.92
C ALA E 773 69.64 33.85 26.23
N ASN E 774 70.10 32.65 26.58
CA ASN E 774 71.27 32.09 25.92
C ASN E 774 71.00 31.78 24.45
N TYR E 775 69.87 31.12 24.17
CA TYR E 775 69.55 30.79 22.79
C TYR E 775 69.27 32.04 21.98
N ASN E 776 68.58 33.02 22.56
CA ASN E 776 68.27 34.26 21.84
C ASN E 776 69.53 35.00 21.42
N PHE E 777 70.61 34.88 22.18
CA PHE E 777 71.87 35.47 21.73
C PHE E 777 72.58 34.58 20.72
N ALA E 778 72.54 33.25 20.92
CA ALA E 778 73.21 32.35 20.01
C ALA E 778 72.58 32.36 18.62
N GLU E 779 71.25 32.50 18.55
CA GLU E 779 70.58 32.50 17.26
C GLU E 779 70.87 33.79 16.49
N GLN E 780 71.11 34.90 17.21
CA GLN E 780 71.41 36.19 16.60
C GLN E 780 72.88 36.35 16.29
N LEU E 781 73.68 35.30 16.51
CA LEU E 781 75.10 35.37 16.24
C LEU E 781 75.33 35.49 14.74
N PRO E 782 76.31 36.29 14.31
CA PRO E 782 76.58 36.43 12.88
C PRO E 782 77.16 35.16 12.29
N GLU E 783 77.08 35.06 10.96
CA GLU E 783 77.59 33.88 10.27
C GLU E 783 79.10 33.84 10.34
N VAL E 784 79.65 32.63 10.49
CA VAL E 784 81.09 32.41 10.57
C VAL E 784 81.44 31.39 9.49
N LYS E 785 82.19 31.83 8.47
CA LYS E 785 82.67 30.92 7.44
C LYS E 785 83.87 30.13 7.96
N VAL E 786 83.73 28.80 7.99
CA VAL E 786 84.75 27.90 8.50
C VAL E 786 84.99 26.79 7.50
N ASN E 787 86.24 26.33 7.42
CA ASN E 787 86.66 25.36 6.42
C ASN E 787 86.61 23.92 6.92
N PHE E 788 85.70 23.62 7.83
CA PHE E 788 85.51 22.24 8.26
C PHE E 788 84.94 21.41 7.11
N ASN E 789 85.43 20.18 7.01
CA ASN E 789 85.00 19.28 5.94
C ASN E 789 83.54 18.87 6.17
N PRO E 790 82.62 19.18 5.26
CA PRO E 790 81.22 18.75 5.44
C PRO E 790 81.02 17.24 5.34
N ALA E 791 82.00 16.49 4.84
CA ALA E 791 81.90 15.04 4.73
C ALA E 791 82.08 14.31 6.06
N THR E 792 82.46 15.02 7.12
CA THR E 792 82.60 14.46 8.45
C THR E 792 81.38 14.79 9.29
N VAL E 793 81.23 14.07 10.40
CA VAL E 793 80.08 14.27 11.27
C VAL E 793 80.12 15.64 11.93
N LYS E 794 81.29 16.04 12.46
CA LYS E 794 81.40 17.34 13.10
C LYS E 794 81.22 18.47 12.10
N GLY E 795 81.82 18.35 10.92
CA GLY E 795 81.76 19.42 9.94
C GLY E 795 80.37 19.63 9.34
N SER E 796 79.60 18.56 9.22
CA SER E 796 78.25 18.70 8.66
C SER E 796 77.34 19.46 9.61
N GLN E 797 77.58 19.34 10.92
CA GLN E 797 76.74 19.99 11.90
C GLN E 797 77.02 21.48 12.07
N PHE E 798 78.12 21.98 11.52
CA PHE E 798 78.33 23.42 11.46
C PHE E 798 77.55 24.08 10.34
N ARG E 799 77.01 23.30 9.41
CA ARG E 799 76.07 23.83 8.42
C ARG E 799 74.69 24.00 9.06
N GLN E 800 74.00 25.05 8.65
CA GLN E 800 72.72 25.37 9.26
C GLN E 800 71.68 24.29 8.94
N PRO E 801 70.97 23.78 9.95
CA PRO E 801 69.89 22.81 9.66
C PRO E 801 68.70 23.50 9.01
N LEU E 802 68.20 22.89 7.94
CA LEU E 802 67.03 23.42 7.23
C LEU E 802 65.77 22.59 7.50
N LEU E 803 65.78 21.77 8.54
CA LEU E 803 64.57 21.08 9.02
C LEU E 803 64.58 21.18 10.54
N GLU E 804 63.68 22.01 11.09
CA GLU E 804 63.72 22.37 12.50
C GLU E 804 62.32 22.43 13.08
N PHE E 805 62.18 21.99 14.33
CA PHE E 805 60.98 22.22 15.13
C PHE E 805 59.76 21.56 14.52
N SER E 806 59.95 20.37 13.97
CA SER E 806 58.85 19.64 13.34
C SER E 806 57.91 19.06 14.40
N GLY E 807 56.79 18.49 13.92
CA GLY E 807 55.81 17.85 14.77
C GLY E 807 56.04 16.38 15.02
N ALA E 808 57.22 15.85 14.70
CA ALA E 808 57.53 14.45 14.92
C ALA E 808 57.57 14.13 16.42
N CYS E 809 57.48 12.84 16.74
CA CYS E 809 57.49 12.41 18.13
C CYS E 809 58.82 12.74 18.78
N ALA E 810 58.83 12.70 20.11
CA ALA E 810 60.08 12.86 20.86
C ALA E 810 60.97 11.64 20.57
N GLY E 811 62.16 11.91 20.05
CA GLY E 811 63.08 10.83 19.72
C GLY E 811 62.80 10.11 18.42
N CYS E 812 62.09 10.75 17.49
CA CYS E 812 61.76 10.12 16.23
C CYS E 812 63.03 9.77 15.46
N GLY E 813 63.03 8.58 14.85
CA GLY E 813 64.15 8.11 14.06
C GLY E 813 64.17 8.57 12.63
N GLU E 814 63.19 9.36 12.20
CA GLU E 814 63.11 9.81 10.81
C GLU E 814 63.77 11.16 10.59
N THR E 815 63.42 12.16 11.41
CA THR E 815 63.89 13.51 11.17
C THR E 815 65.41 13.71 11.20
N PRO E 816 66.21 12.97 11.98
CA PRO E 816 67.66 13.15 11.89
C PRO E 816 68.25 12.86 10.51
N TYR E 817 67.66 11.92 9.77
CA TYR E 817 68.13 11.65 8.41
C TYR E 817 67.88 12.84 7.49
N VAL E 818 66.64 13.35 7.47
CA VAL E 818 66.31 14.45 6.57
C VAL E 818 67.07 15.72 6.94
N LYS E 819 67.22 15.99 8.24
CA LYS E 819 68.00 17.15 8.67
C LYS E 819 69.44 17.06 8.18
N LEU E 820 70.02 15.85 8.19
CA LEU E 820 71.39 15.67 7.73
C LEU E 820 71.50 15.92 6.22
N VAL E 821 70.47 15.54 5.45
CA VAL E 821 70.47 15.81 4.02
C VAL E 821 70.40 17.30 3.75
N THR E 822 69.57 18.03 4.52
CA THR E 822 69.47 19.48 4.35
C THR E 822 70.76 20.20 4.75
N GLN E 823 71.53 19.62 5.68
CA GLN E 823 72.81 20.22 6.05
C GLN E 823 73.87 19.98 4.97
N LEU E 824 73.69 18.97 4.12
CA LEU E 824 74.61 18.68 3.04
C LEU E 824 74.19 19.33 1.73
N PHE E 825 72.90 19.21 1.36
CA PHE E 825 72.45 19.63 0.05
C PHE E 825 71.24 20.56 0.11
N GLY E 826 70.83 21.01 1.29
CA GLY E 826 69.62 21.81 1.44
C GLY E 826 69.64 23.13 0.69
N ASP E 827 70.82 23.64 0.37
CA ASP E 827 70.92 24.90 -0.34
C ASP E 827 70.29 24.83 -1.73
N ARG E 828 70.20 23.64 -2.32
CA ARG E 828 69.84 23.52 -3.73
C ARG E 828 68.95 22.32 -4.02
N MET E 829 68.16 21.88 -3.04
CA MET E 829 67.37 20.65 -3.20
C MET E 829 65.87 20.94 -3.25
N ILE E 830 65.16 20.06 -3.96
CA ILE E 830 63.70 20.08 -4.05
C ILE E 830 63.20 18.73 -3.55
N ILE E 831 62.19 18.76 -2.69
CA ILE E 831 61.74 17.59 -1.93
C ILE E 831 60.38 17.14 -2.45
N ALA E 832 60.27 15.87 -2.83
CA ALA E 832 59.00 15.22 -3.13
C ALA E 832 58.73 14.21 -2.03
N ASN E 833 57.76 14.52 -1.17
CA ASN E 833 57.52 13.77 0.04
C ASN E 833 56.25 12.94 -0.10
N ALA E 834 56.36 11.64 0.14
CA ALA E 834 55.20 10.76 0.11
C ALA E 834 54.31 11.00 1.31
N THR E 835 53.03 10.64 1.16
CA THR E 835 52.12 10.72 2.29
C THR E 835 52.54 9.71 3.35
N GLY E 836 52.47 10.14 4.60
CA GLY E 836 52.90 9.31 5.71
C GLY E 836 53.32 10.21 6.87
N CYS E 837 54.02 9.61 7.83
CA CYS E 837 54.53 10.38 8.96
C CYS E 837 55.37 11.56 8.48
N SER E 838 56.26 11.31 7.52
CA SER E 838 57.15 12.35 7.03
C SER E 838 56.42 13.52 6.42
N SER E 839 55.21 13.31 5.89
CA SER E 839 54.42 14.41 5.38
C SER E 839 53.59 15.09 6.46
N ILE E 840 53.32 14.41 7.57
CA ILE E 840 52.55 15.02 8.65
C ILE E 840 53.42 15.97 9.46
N TRP E 841 54.59 15.51 9.90
CA TRP E 841 55.51 16.42 10.57
C TRP E 841 56.25 17.33 9.60
N GLY E 842 56.29 16.97 8.32
CA GLY E 842 56.96 17.78 7.32
C GLY E 842 56.07 18.79 6.65
N GLY E 843 54.76 18.53 6.65
CA GLY E 843 53.83 19.41 5.96
C GLY E 843 52.41 19.41 6.50
N SER E 844 52.22 19.71 7.78
CA SER E 844 50.90 19.95 8.34
C SER E 844 50.71 21.44 8.53
N ALA E 845 49.68 21.99 7.89
CA ALA E 845 49.39 23.40 8.01
C ALA E 845 49.12 23.75 9.47
N PRO E 846 49.45 24.97 9.90
CA PRO E 846 50.07 26.03 9.08
C PRO E 846 51.58 26.12 9.27
N ALA E 847 52.17 25.14 9.97
CA ALA E 847 53.57 25.19 10.36
C ALA E 847 54.41 24.34 9.41
N CYS E 848 55.48 24.94 8.90
CA CYS E 848 56.40 24.28 7.98
C CYS E 848 57.76 24.14 8.67
N PRO E 849 58.27 22.93 8.89
CA PRO E 849 59.55 22.81 9.58
C PRO E 849 60.75 23.12 8.70
N TYR E 850 60.61 23.04 7.37
CA TYR E 850 61.70 23.38 6.48
C TYR E 850 61.85 24.89 6.37
N THR E 851 63.09 25.37 6.50
CA THR E 851 63.41 26.79 6.56
C THR E 851 64.56 27.08 5.60
N VAL E 852 65.02 28.33 5.58
CA VAL E 852 66.04 28.79 4.64
C VAL E 852 67.29 29.22 5.41
N ASN E 853 68.39 29.37 4.66
CA ASN E 853 69.65 29.85 5.20
C ASN E 853 69.70 31.38 5.12
N ARG E 854 70.89 31.95 5.32
CA ARG E 854 71.02 33.41 5.34
C ARG E 854 70.82 34.03 3.96
N GLN E 855 71.13 33.29 2.90
CA GLN E 855 70.91 33.80 1.55
C GLN E 855 69.46 33.67 1.10
N GLY E 856 68.60 33.04 1.91
CA GLY E 856 67.21 32.83 1.57
C GLY E 856 66.94 31.57 0.79
N HIS E 857 67.93 30.69 0.64
CA HIS E 857 67.78 29.45 -0.10
C HIS E 857 67.56 28.28 0.86
N GLY E 858 66.68 27.37 0.46
CA GLY E 858 66.34 26.21 1.26
C GLY E 858 65.44 25.26 0.50
N PRO E 859 65.20 24.08 1.05
CA PRO E 859 64.43 23.06 0.32
C PRO E 859 63.01 23.52 0.03
N ALA E 860 62.58 23.31 -1.21
CA ALA E 860 61.19 23.46 -1.60
C ALA E 860 60.51 22.10 -1.43
N TRP E 861 59.32 22.10 -0.82
CA TRP E 861 58.69 20.88 -0.36
C TRP E 861 57.34 20.69 -1.04
N ALA E 862 57.07 19.45 -1.47
CA ALA E 862 55.81 19.13 -2.14
C ALA E 862 55.41 17.70 -1.81
N SER E 863 54.10 17.50 -1.59
CA SER E 863 53.52 16.18 -1.38
C SER E 863 52.36 15.99 -2.37
N SER E 864 52.41 14.91 -3.15
CA SER E 864 51.33 14.60 -4.07
C SER E 864 50.37 13.59 -3.44
N LEU E 865 50.64 12.30 -3.64
CA LEU E 865 49.77 11.25 -3.10
C LEU E 865 50.64 10.20 -2.42
N PHE E 866 49.98 9.19 -1.87
CA PHE E 866 50.70 8.11 -1.21
C PHE E 866 51.35 7.18 -2.23
N GLU E 867 50.67 6.93 -3.35
CA GLU E 867 51.12 5.89 -4.27
C GLU E 867 52.02 6.42 -5.38
N ASP E 868 52.08 7.74 -5.59
CA ASP E 868 52.70 8.31 -6.77
C ASP E 868 53.97 9.10 -6.48
N ASN E 869 54.55 8.97 -5.28
CA ASN E 869 55.62 9.87 -4.88
C ASN E 869 56.87 9.71 -5.75
N ALA E 870 57.20 8.46 -6.10
CA ALA E 870 58.37 8.23 -6.95
C ALA E 870 58.18 8.89 -8.31
N GLU E 871 57.03 8.65 -8.93
CA GLU E 871 56.70 9.31 -10.20
C GLU E 871 56.51 10.81 -10.03
N PHE E 872 56.07 11.25 -8.84
CA PHE E 872 55.97 12.68 -8.56
C PHE E 872 57.34 13.34 -8.63
N GLY E 873 58.32 12.80 -7.90
CA GLY E 873 59.66 13.34 -7.93
C GLY E 873 60.36 13.11 -9.26
N TYR E 874 60.03 12.01 -9.94
CA TYR E 874 60.57 11.79 -11.28
C TYR E 874 60.15 12.90 -12.22
N GLY E 875 58.87 13.31 -12.16
CA GLY E 875 58.42 14.42 -12.99
C GLY E 875 59.14 15.72 -12.70
N MET E 876 59.46 15.96 -11.42
CA MET E 876 60.23 17.14 -11.06
C MET E 876 61.61 17.13 -11.72
N ALA E 877 62.26 15.97 -11.75
CA ALA E 877 63.60 15.86 -12.34
C ALA E 877 63.58 16.21 -13.82
N LEU E 878 62.54 15.79 -14.54
CA LEU E 878 62.42 16.14 -15.95
C LEU E 878 62.29 17.64 -16.14
N ALA E 879 61.51 18.30 -15.28
CA ALA E 879 61.28 19.73 -15.41
C ALA E 879 62.56 20.54 -15.16
N VAL E 880 63.31 20.17 -14.12
CA VAL E 880 64.56 20.87 -13.85
C VAL E 880 65.52 20.72 -15.03
N ALA E 881 65.54 19.54 -15.64
CA ALA E 881 66.32 19.35 -16.85
C ALA E 881 65.82 20.26 -17.96
N LYS E 882 64.51 20.44 -18.07
CA LYS E 882 63.95 21.37 -19.05
C LYS E 882 64.30 22.81 -18.72
N ARG E 883 64.28 23.17 -17.42
CA ARG E 883 64.63 24.53 -17.06
C ARG E 883 66.11 24.81 -17.27
N GLN E 884 66.95 23.80 -17.07
CA GLN E 884 68.38 23.95 -17.33
C GLN E 884 68.66 24.06 -18.83
N ASP E 885 67.87 23.37 -19.66
CA ASP E 885 68.07 23.47 -21.11
C ASP E 885 67.69 24.86 -21.62
N GLU E 886 66.62 25.44 -21.09
CA GLU E 886 66.25 26.79 -21.50
C GLU E 886 67.28 27.80 -21.02
N LEU E 887 67.83 27.62 -19.82
CA LEU E 887 68.87 28.51 -19.32
C LEU E 887 70.18 28.31 -20.09
N ALA E 888 70.57 27.06 -20.34
CA ALA E 888 71.81 26.78 -21.07
C ALA E 888 71.74 27.28 -22.51
N THR E 889 70.55 27.26 -23.12
CA THR E 889 70.40 27.77 -24.48
C THR E 889 70.57 29.29 -24.52
N ALA E 890 70.03 30.00 -23.53
CA ALA E 890 70.20 31.45 -23.47
C ALA E 890 71.64 31.84 -23.17
N ILE E 891 72.37 31.02 -22.42
CA ILE E 891 73.77 31.31 -22.14
C ILE E 891 74.63 31.10 -23.39
N SER E 892 74.33 30.06 -24.17
CA SER E 892 75.07 29.84 -25.41
C SER E 892 74.83 30.96 -26.41
N LYS E 893 73.63 31.56 -26.40
CA LYS E 893 73.37 32.73 -27.24
C LYS E 893 74.14 33.95 -26.78
N ALA E 894 74.43 34.05 -25.48
CA ALA E 894 75.18 35.19 -24.95
C ALA E 894 76.64 35.19 -25.39
N LEU E 895 77.18 34.03 -25.74
CA LEU E 895 78.57 33.95 -26.20
C LEU E 895 78.78 34.76 -27.47
N GLU E 896 77.76 34.84 -28.33
CA GLU E 896 77.82 35.58 -29.59
C GLU E 896 77.46 37.05 -29.45
N ALA E 897 77.17 37.53 -28.23
CA ALA E 897 76.77 38.90 -28.02
C ALA E 897 77.95 39.74 -27.53
N PRO E 898 77.95 41.05 -27.82
CA PRO E 898 79.03 41.91 -27.31
C PRO E 898 78.94 42.17 -25.82
N VAL E 899 79.50 41.27 -25.01
CA VAL E 899 79.55 41.43 -23.55
C VAL E 899 81.00 41.33 -23.10
N SER E 900 81.24 41.66 -21.83
CA SER E 900 82.60 41.70 -21.30
C SER E 900 83.24 40.32 -21.31
N ALA E 901 84.58 40.30 -21.43
CA ALA E 901 85.31 39.04 -21.47
C ALA E 901 85.22 38.29 -20.14
N ALA E 902 85.16 39.02 -19.02
CA ALA E 902 85.01 38.36 -17.73
C ALA E 902 83.65 37.69 -17.60
N PHE E 903 82.61 38.27 -18.24
CA PHE E 903 81.31 37.62 -18.24
C PHE E 903 81.33 36.36 -19.09
N LYS E 904 81.98 36.42 -20.26
CA LYS E 904 82.10 35.24 -21.11
C LYS E 904 82.93 34.13 -20.47
N ALA E 905 83.95 34.51 -19.69
CA ALA E 905 84.78 33.50 -19.03
C ALA E 905 83.97 32.68 -18.05
N ALA E 906 83.08 33.33 -17.29
CA ALA E 906 82.21 32.62 -16.36
C ALA E 906 81.13 31.83 -17.10
N CYS E 907 80.68 32.32 -18.26
CA CYS E 907 79.67 31.60 -19.02
C CYS E 907 80.23 30.32 -19.64
N GLU E 908 81.43 30.39 -20.23
CA GLU E 908 82.05 29.20 -20.79
C GLU E 908 82.34 28.17 -19.71
N GLY E 909 82.75 28.63 -18.52
CA GLY E 909 82.99 27.70 -17.43
C GLY E 909 81.72 27.02 -16.95
N TRP E 910 80.60 27.75 -16.98
CA TRP E 910 79.33 27.17 -16.53
C TRP E 910 78.81 26.13 -17.52
N LEU E 911 78.89 26.41 -18.82
CA LEU E 911 78.41 25.46 -19.82
C LEU E 911 79.18 24.14 -19.76
N ALA E 912 80.47 24.19 -19.37
CA ALA E 912 81.27 22.98 -19.24
C ALA E 912 80.96 22.22 -17.94
N GLY E 913 80.49 22.91 -16.91
CA GLY E 913 80.27 22.27 -15.63
C GLY E 913 78.87 22.43 -15.07
N LYS E 914 77.87 22.57 -15.93
CA LYS E 914 76.50 22.67 -15.45
C LYS E 914 76.00 21.37 -14.81
N ASP E 915 76.62 20.24 -15.14
CA ASP E 915 76.21 18.94 -14.63
C ASP E 915 77.02 18.49 -13.41
N ASP E 916 77.88 19.35 -12.89
CA ASP E 916 78.59 19.09 -11.64
C ASP E 916 78.10 20.06 -10.58
N ALA E 917 77.88 19.54 -9.38
CA ALA E 917 77.31 20.36 -8.31
C ALA E 917 78.19 21.54 -7.96
N ASP E 918 79.49 21.31 -7.80
CA ASP E 918 80.38 22.36 -7.31
C ASP E 918 80.63 23.43 -8.36
N ARG E 919 80.88 23.02 -9.60
CA ARG E 919 81.26 23.98 -10.64
C ARG E 919 80.09 24.87 -11.04
N SER E 920 78.87 24.32 -11.09
CA SER E 920 77.72 25.13 -11.47
C SER E 920 77.46 26.24 -10.46
N ARG E 921 77.70 25.96 -9.18
CA ARG E 921 77.59 27.01 -8.16
C ARG E 921 78.71 28.02 -8.30
N GLU E 922 79.93 27.55 -8.58
CA GLU E 922 81.08 28.44 -8.69
C GLU E 922 80.89 29.43 -9.84
N TYR E 923 80.70 28.93 -11.05
CA TYR E 923 80.51 29.81 -12.21
C TYR E 923 79.16 30.49 -12.18
N GLY E 924 78.16 29.88 -11.55
CA GLY E 924 76.86 30.53 -11.42
C GLY E 924 76.93 31.80 -10.60
N ASP E 925 77.61 31.75 -9.46
CA ASP E 925 77.74 32.94 -8.63
C ASP E 925 78.59 34.01 -9.31
N ARG E 926 79.53 33.62 -10.15
CA ARG E 926 80.29 34.59 -10.94
C ARG E 926 79.38 35.34 -11.91
N ILE E 927 78.45 34.63 -12.55
CA ILE E 927 77.50 35.26 -13.45
C ILE E 927 76.61 36.24 -12.69
N LYS E 928 76.15 35.86 -11.50
CA LYS E 928 75.28 36.73 -10.71
C LYS E 928 75.96 38.04 -10.34
N ALA E 929 77.27 37.99 -10.06
CA ALA E 929 77.97 39.21 -9.66
C ALA E 929 78.20 40.13 -10.85
N LEU E 930 78.38 39.58 -12.05
CA LEU E 930 78.61 40.38 -13.23
C LEU E 930 77.32 40.79 -13.94
N LEU E 931 76.19 40.18 -13.59
CA LEU E 931 74.93 40.49 -14.28
C LEU E 931 74.47 41.94 -14.08
N PRO E 932 74.37 42.48 -12.86
CA PRO E 932 73.87 43.86 -12.73
C PRO E 932 74.72 44.88 -13.45
N GLY E 933 76.04 44.73 -13.41
CA GLY E 933 76.90 45.64 -14.16
C GLY E 933 76.82 45.42 -15.65
N GLU E 934 76.64 44.17 -16.08
CA GLU E 934 76.53 43.87 -17.51
C GLU E 934 75.23 44.41 -18.10
N ILE E 935 74.15 44.39 -17.33
CA ILE E 935 72.88 44.94 -17.79
C ILE E 935 73.00 46.44 -18.01
N SER E 936 73.73 47.12 -17.13
CA SER E 936 73.91 48.56 -17.26
C SER E 936 74.69 48.93 -18.53
N GLN E 937 75.61 48.06 -18.96
CA GLN E 937 76.45 48.32 -20.12
C GLN E 937 75.85 47.83 -21.43
N ALA E 938 74.64 47.30 -21.41
CA ALA E 938 74.02 46.75 -22.61
C ALA E 938 72.78 47.56 -23.00
N SER E 939 72.34 47.35 -24.24
CA SER E 939 71.17 48.05 -24.77
C SER E 939 70.62 47.27 -25.94
N GLY E 940 69.34 47.50 -26.22
CA GLY E 940 68.71 46.85 -27.37
C GLY E 940 68.45 45.38 -27.13
N GLU E 941 68.69 44.57 -28.17
CA GLU E 941 68.44 43.14 -28.08
C GLU E 941 69.44 42.44 -27.17
N VAL E 942 70.66 42.97 -27.07
CA VAL E 942 71.66 42.37 -26.18
C VAL E 942 71.22 42.50 -24.73
N LYS E 943 70.63 43.64 -24.36
CA LYS E 943 70.13 43.81 -23.00
C LYS E 943 69.00 42.84 -22.70
N ASP E 944 68.13 42.58 -23.69
CA ASP E 944 67.04 41.64 -23.48
C ASP E 944 67.57 40.22 -23.27
N LEU E 945 68.64 39.85 -23.98
CA LEU E 945 69.24 38.54 -23.80
C LEU E 945 69.86 38.40 -22.42
N LEU E 946 70.43 39.49 -21.89
CA LEU E 946 70.98 39.47 -20.54
C LEU E 946 69.88 39.44 -19.49
N LEU E 947 68.76 40.13 -19.74
CA LEU E 947 67.63 40.09 -18.83
C LEU E 947 66.99 38.70 -18.77
N ASP E 948 67.13 37.93 -19.84
CA ASP E 948 66.61 36.56 -19.84
C ASP E 948 67.47 35.63 -18.98
N ILE E 949 68.78 35.90 -18.92
CA ILE E 949 69.64 35.15 -18.02
C ILE E 949 69.29 35.43 -16.56
N ASP E 950 69.06 36.70 -16.23
CA ASP E 950 68.71 37.07 -14.86
C ASP E 950 67.36 36.50 -14.42
N ARG E 951 66.40 36.38 -15.35
CA ARG E 951 65.10 35.83 -14.99
C ARG E 951 65.19 34.36 -14.62
N GLN E 952 66.19 33.65 -15.16
CA GLN E 952 66.35 32.22 -14.90
C GLN E 952 67.59 31.92 -14.06
N LYS E 953 68.17 32.94 -13.41
CA LYS E 953 69.38 32.70 -12.64
C LYS E 953 69.17 31.74 -11.49
N ASP E 954 67.91 31.51 -11.08
CA ASP E 954 67.60 30.56 -10.02
C ASP E 954 67.73 29.09 -10.46
N TYR E 955 68.21 28.87 -11.69
CA TYR E 955 68.48 27.53 -12.19
C TYR E 955 69.94 27.35 -12.60
N LEU E 956 70.80 28.34 -12.28
CA LEU E 956 72.22 28.21 -12.57
C LEU E 956 72.85 27.09 -11.76
N THR E 957 72.61 27.08 -10.45
CA THR E 957 73.12 26.01 -9.59
C THR E 957 72.33 24.75 -9.85
N LYS E 958 73.04 23.63 -10.07
CA LYS E 958 72.37 22.36 -10.32
C LYS E 958 71.57 21.92 -9.09
N LYS E 959 70.38 21.41 -9.34
CA LYS E 959 69.47 21.00 -8.27
C LYS E 959 69.66 19.51 -7.92
N SER E 960 69.16 19.16 -6.73
CA SER E 960 69.27 17.81 -6.18
C SER E 960 67.87 17.34 -5.78
N ILE E 961 67.27 16.48 -6.59
CA ILE E 961 65.91 16.00 -6.36
C ILE E 961 65.91 14.90 -5.31
N TRP E 962 65.12 15.05 -4.25
CA TRP E 962 65.05 14.07 -3.17
C TRP E 962 63.62 13.57 -3.06
N ILE E 963 63.45 12.26 -3.17
CA ILE E 963 62.15 11.58 -3.11
C ILE E 963 62.11 10.86 -1.77
N ILE E 964 61.37 11.42 -0.81
CA ILE E 964 61.39 10.95 0.57
C ILE E 964 60.05 10.27 0.88
N GLY E 965 60.12 9.13 1.56
CA GLY E 965 58.91 8.41 1.92
C GLY E 965 59.23 7.25 2.84
N GLY E 966 58.17 6.66 3.39
CA GLY E 966 58.28 5.57 4.33
C GLY E 966 58.35 4.20 3.69
N ASP E 967 58.45 3.18 4.55
CA ASP E 967 58.55 1.81 4.06
C ASP E 967 57.24 1.33 3.44
N GLY E 968 56.10 1.82 3.93
CA GLY E 968 54.83 1.42 3.34
C GLY E 968 54.69 1.86 1.90
N TRP E 969 55.15 3.07 1.58
CA TRP E 969 55.11 3.56 0.21
C TRP E 969 56.06 2.80 -0.69
N ALA E 970 57.30 2.63 -0.25
CA ALA E 970 58.32 2.07 -1.13
C ALA E 970 58.12 0.56 -1.31
N TYR E 971 57.66 -0.14 -0.27
CA TYR E 971 57.54 -1.59 -0.33
C TYR E 971 56.19 -2.06 -0.86
N ASP E 972 55.15 -1.23 -0.78
CA ASP E 972 53.80 -1.67 -1.11
C ASP E 972 53.13 -0.87 -2.23
N ILE E 973 52.41 0.19 -1.85
CA ILE E 973 51.47 0.82 -2.78
C ILE E 973 52.22 1.54 -3.90
N GLY E 974 53.36 2.14 -3.59
CA GLY E 974 54.15 2.85 -4.58
C GLY E 974 55.35 2.09 -5.09
N TYR E 975 55.43 0.78 -4.84
CA TYR E 975 56.60 0.00 -5.23
C TYR E 975 56.72 -0.11 -6.76
N GLY E 976 55.59 -0.37 -7.43
CA GLY E 976 55.62 -0.40 -8.89
C GLY E 976 56.10 0.91 -9.47
N GLY E 977 55.68 2.03 -8.87
CA GLY E 977 56.16 3.33 -9.30
C GLY E 977 57.61 3.55 -8.94
N LEU E 978 58.04 3.06 -7.77
CA LEU E 978 59.45 3.14 -7.40
C LEU E 978 60.30 2.28 -8.31
N ASP E 979 59.85 1.06 -8.60
CA ASP E 979 60.58 0.17 -9.50
C ASP E 979 60.80 0.81 -10.86
N HIS E 980 59.76 1.46 -11.40
CA HIS E 980 59.87 2.06 -12.73
C HIS E 980 60.82 3.25 -12.74
N VAL E 981 60.75 4.09 -11.70
CA VAL E 981 61.61 5.28 -11.65
C VAL E 981 63.06 4.87 -11.49
N LEU E 982 63.33 3.80 -10.73
CA LEU E 982 64.70 3.31 -10.61
C LEU E 982 65.22 2.77 -11.94
N ALA E 983 64.40 2.03 -12.68
CA ALA E 983 64.83 1.46 -13.95
C ALA E 983 65.11 2.52 -14.99
N SER E 984 64.52 3.71 -14.85
CA SER E 984 64.68 4.75 -15.86
C SER E 984 66.10 5.29 -15.89
N GLY E 985 66.80 5.28 -14.76
CA GLY E 985 68.14 5.82 -14.69
C GLY E 985 68.24 7.29 -14.36
N ALA E 986 67.13 7.95 -14.05
CA ALA E 986 67.17 9.39 -13.78
C ALA E 986 68.00 9.68 -12.54
N ASN E 987 68.55 10.90 -12.49
CA ASN E 987 69.39 11.36 -11.38
C ASN E 987 68.49 11.85 -10.25
N VAL E 988 67.93 10.90 -9.51
CA VAL E 988 67.08 11.19 -8.36
C VAL E 988 67.63 10.47 -7.13
N ASN E 989 67.28 11.00 -5.96
CA ASN E 989 67.72 10.45 -4.68
C ASN E 989 66.48 10.05 -3.90
N VAL E 990 66.26 8.74 -3.75
CA VAL E 990 65.12 8.21 -3.03
C VAL E 990 65.57 7.80 -1.65
N LEU E 991 64.91 8.32 -0.62
CA LEU E 991 65.21 8.02 0.77
C LEU E 991 64.03 7.28 1.38
N VAL E 992 64.23 6.00 1.68
CA VAL E 992 63.22 5.16 2.30
C VAL E 992 63.47 5.14 3.79
N LEU E 993 62.58 5.78 4.55
CA LEU E 993 62.63 5.74 6.01
C LEU E 993 61.86 4.51 6.45
N ASP E 994 62.59 3.42 6.72
CA ASP E 994 61.98 2.13 7.03
C ASP E 994 61.69 2.05 8.53
N THR E 995 60.42 2.17 8.89
CA THR E 995 59.96 1.93 10.26
C THR E 995 59.37 0.54 10.42
N GLU E 996 59.32 -0.25 9.35
CA GLU E 996 58.81 -1.62 9.32
C GLU E 996 57.33 -1.72 9.65
N VAL E 997 56.60 -0.60 9.66
CA VAL E 997 55.16 -0.57 9.89
C VAL E 997 54.62 0.69 9.22
N TYR E 998 53.29 0.79 9.18
CA TYR E 998 52.63 2.05 8.80
C TYR E 998 52.49 2.86 10.08
N SER E 999 53.50 3.71 10.34
CA SER E 999 53.57 4.37 11.64
C SER E 999 52.45 5.40 11.81
N ASN E 1000 52.19 6.20 10.76
CA ASN E 1000 51.26 7.32 10.90
C ASN E 1000 49.85 6.82 11.21
N THR E 1001 49.41 5.76 10.54
CA THR E 1001 48.05 5.25 10.71
C THR E 1001 47.90 4.31 11.91
N GLY E 1002 48.90 4.24 12.79
CA GLY E 1002 48.78 3.51 14.03
C GLY E 1002 49.66 2.30 14.17
N GLY E 1003 50.35 1.88 13.10
CA GLY E 1003 51.28 0.77 13.21
C GLY E 1003 50.74 -0.52 12.63
N GLN E 1004 50.40 -0.50 11.35
CA GLN E 1004 49.81 -1.66 10.69
C GLN E 1004 50.86 -2.46 9.93
N SER E 1005 50.49 -3.69 9.59
CA SER E 1005 51.41 -4.61 8.95
C SER E 1005 51.81 -4.13 7.55
N SER E 1006 53.04 -4.47 7.18
CA SER E 1006 53.61 -4.08 5.90
C SER E 1006 54.49 -5.22 5.39
N LYS E 1007 54.91 -5.11 4.13
CA LYS E 1007 55.91 -6.04 3.62
C LYS E 1007 57.27 -5.82 4.28
N ALA E 1008 57.47 -4.66 4.89
CA ALA E 1008 58.68 -4.37 5.65
C ALA E 1008 58.65 -4.95 7.06
N THR E 1009 57.49 -5.42 7.53
CA THR E 1009 57.40 -6.04 8.84
C THR E 1009 58.14 -7.38 8.83
N GLN E 1010 58.90 -7.63 9.90
CA GLN E 1010 59.72 -8.81 9.99
C GLN E 1010 58.89 -10.03 10.42
N THR E 1011 59.51 -11.20 10.35
CA THR E 1011 58.85 -12.42 10.77
C THR E 1011 58.62 -12.39 12.28
N GLY E 1012 57.43 -12.81 12.69
CA GLY E 1012 57.10 -12.91 14.10
C GLY E 1012 56.68 -11.61 14.77
N ALA E 1013 56.90 -10.47 14.13
CA ALA E 1013 56.49 -9.20 14.71
C ALA E 1013 54.98 -9.09 14.73
N VAL E 1014 54.44 -8.59 15.83
CA VAL E 1014 53.00 -8.40 15.97
C VAL E 1014 52.70 -6.93 15.73
N ALA E 1015 51.80 -6.67 14.78
CA ALA E 1015 51.32 -5.33 14.48
C ALA E 1015 49.85 -5.45 14.11
N ARG E 1016 49.21 -4.31 13.88
CA ARG E 1016 47.81 -4.32 13.47
C ARG E 1016 47.66 -4.97 12.10
N PHE E 1017 46.59 -5.74 11.93
CA PHE E 1017 46.35 -6.66 10.82
C PHE E 1017 47.23 -7.90 10.87
N ALA E 1018 48.02 -8.07 11.94
CA ALA E 1018 48.83 -9.26 12.14
C ALA E 1018 48.84 -9.62 13.62
N ALA E 1019 47.65 -9.87 14.16
CA ALA E 1019 47.53 -10.15 15.59
C ALA E 1019 48.24 -11.44 15.96
N GLY E 1020 48.17 -12.44 15.10
CA GLY E 1020 48.82 -13.71 15.32
C GLY E 1020 50.24 -13.80 14.82
N GLY E 1021 50.83 -12.68 14.42
CA GLY E 1021 52.19 -12.69 13.91
C GLY E 1021 52.30 -12.88 12.41
N LYS E 1022 53.30 -12.22 11.81
CA LYS E 1022 53.55 -12.32 10.38
C LYS E 1022 54.37 -13.58 10.07
N PHE E 1023 53.85 -14.40 9.16
CA PHE E 1023 54.54 -15.65 8.79
C PHE E 1023 55.64 -15.41 7.76
N THR E 1024 55.32 -14.76 6.65
CA THR E 1024 56.30 -14.51 5.60
C THR E 1024 57.39 -13.56 6.09
N LYS E 1025 58.60 -13.76 5.56
CA LYS E 1025 59.73 -12.97 6.01
C LYS E 1025 59.70 -11.59 5.36
N LYS E 1026 60.62 -10.72 5.82
CA LYS E 1026 60.65 -9.35 5.33
C LYS E 1026 61.08 -9.31 3.87
N LYS E 1027 60.36 -8.54 3.07
CA LYS E 1027 60.74 -8.34 1.68
C LYS E 1027 62.04 -7.55 1.60
N ASP E 1028 62.96 -8.00 0.75
CA ASP E 1028 64.26 -7.35 0.58
C ASP E 1028 64.14 -6.35 -0.57
N LEU E 1029 63.78 -5.11 -0.22
CA LEU E 1029 63.66 -4.06 -1.23
C LEU E 1029 65.02 -3.73 -1.84
N GLY E 1030 66.07 -3.70 -1.03
CA GLY E 1030 67.39 -3.40 -1.54
C GLY E 1030 67.90 -4.43 -2.54
N LEU E 1031 67.58 -5.70 -2.30
CA LEU E 1031 68.07 -6.77 -3.18
C LEU E 1031 67.47 -6.65 -4.59
N MET E 1032 66.20 -6.29 -4.67
CA MET E 1032 65.56 -6.18 -5.98
C MET E 1032 66.08 -4.99 -6.77
N ALA E 1033 66.39 -3.88 -6.09
CA ALA E 1033 66.90 -2.70 -6.77
C ALA E 1033 68.32 -2.90 -7.28
N MET E 1034 69.08 -3.80 -6.67
CA MET E 1034 70.43 -4.07 -7.15
C MET E 1034 70.45 -4.82 -8.47
N SER E 1035 69.35 -5.50 -8.82
CA SER E 1035 69.34 -6.32 -10.02
C SER E 1035 69.53 -5.49 -11.28
N TYR E 1036 69.16 -4.21 -11.23
CA TYR E 1036 69.36 -3.34 -12.38
C TYR E 1036 70.84 -3.07 -12.64
N GLY E 1037 71.64 -2.99 -11.58
CA GLY E 1037 73.05 -2.72 -11.69
C GLY E 1037 73.40 -1.25 -11.73
N TYR E 1038 72.52 -0.41 -12.27
CA TYR E 1038 72.76 1.02 -12.40
C TYR E 1038 72.06 1.85 -11.32
N VAL E 1039 71.53 1.22 -10.28
CA VAL E 1039 70.87 1.91 -9.18
C VAL E 1039 71.79 1.85 -7.97
N TYR E 1040 72.12 3.01 -7.40
CA TYR E 1040 72.88 3.04 -6.16
C TYR E 1040 71.96 2.61 -5.02
N VAL E 1041 72.37 1.58 -4.29
CA VAL E 1041 71.59 1.05 -3.18
C VAL E 1041 72.47 1.03 -1.94
N ALA E 1042 71.92 1.50 -0.82
CA ALA E 1042 72.64 1.51 0.45
C ALA E 1042 71.64 1.35 1.59
N SER E 1043 72.05 0.60 2.62
CA SER E 1043 71.27 0.40 3.83
C SER E 1043 72.04 1.02 5.00
N VAL E 1044 71.40 1.99 5.67
CA VAL E 1044 72.07 2.80 6.69
C VAL E 1044 71.26 2.76 7.99
N ALA E 1045 71.92 3.15 9.07
CA ALA E 1045 71.28 3.26 10.38
C ALA E 1045 72.12 4.23 11.20
N MET E 1046 71.57 5.41 11.49
CA MET E 1046 72.35 6.46 12.13
C MET E 1046 72.84 6.02 13.51
N GLY E 1047 72.00 5.32 14.27
CA GLY E 1047 72.39 4.86 15.58
C GLY E 1047 73.56 3.90 15.59
N ALA E 1048 73.81 3.20 14.48
CA ALA E 1048 74.87 2.21 14.44
C ALA E 1048 76.22 2.81 14.07
N SER E 1049 76.27 3.63 13.01
CA SER E 1049 77.54 4.17 12.52
C SER E 1049 77.28 5.54 11.91
N HIS E 1050 77.83 6.59 12.52
CA HIS E 1050 77.71 7.92 11.95
C HIS E 1050 78.54 8.08 10.68
N SER E 1051 79.77 7.54 10.68
CA SER E 1051 80.63 7.71 9.51
C SER E 1051 80.12 6.93 8.31
N GLN E 1052 79.51 5.77 8.54
CA GLN E 1052 78.95 4.98 7.44
C GLN E 1052 77.77 5.69 6.79
N LEU E 1053 76.98 6.43 7.58
CA LEU E 1053 75.85 7.18 7.03
C LEU E 1053 76.31 8.33 6.15
N MET E 1054 77.37 9.04 6.56
CA MET E 1054 77.87 10.16 5.77
C MET E 1054 78.35 9.68 4.40
N LYS E 1055 79.06 8.54 4.35
CA LYS E 1055 79.62 8.05 3.10
C LYS E 1055 78.53 7.62 2.13
N ALA E 1056 77.48 6.95 2.62
CA ALA E 1056 76.43 6.47 1.72
C ALA E 1056 75.60 7.62 1.15
N LEU E 1057 75.31 8.65 1.97
CA LEU E 1057 74.50 9.76 1.49
C LEU E 1057 75.22 10.56 0.41
N ILE E 1058 76.52 10.83 0.60
CA ILE E 1058 77.26 11.64 -0.36
C ILE E 1058 77.51 10.86 -1.65
N GLU E 1059 77.84 9.58 -1.53
CA GLU E 1059 78.07 8.75 -2.71
C GLU E 1059 76.81 8.63 -3.56
N ALA E 1060 75.64 8.57 -2.90
CA ALA E 1060 74.39 8.45 -3.62
C ALA E 1060 74.05 9.73 -4.38
N GLU E 1061 74.30 10.88 -3.75
CA GLU E 1061 73.97 12.15 -4.40
C GLU E 1061 74.93 12.46 -5.54
N LYS E 1062 76.21 12.14 -5.37
CA LYS E 1062 77.19 12.35 -6.43
C LYS E 1062 77.03 11.37 -7.58
N TYR E 1063 76.40 10.22 -7.34
CA TYR E 1063 76.18 9.23 -8.39
C TYR E 1063 75.23 9.80 -9.43
N ASP E 1064 75.67 9.84 -10.69
CA ASP E 1064 74.87 10.35 -11.81
C ASP E 1064 73.86 9.28 -12.24
N GLY E 1065 72.85 9.10 -11.40
CA GLY E 1065 71.82 8.12 -11.65
C GLY E 1065 70.87 7.95 -10.48
N PRO E 1066 70.00 6.94 -10.56
CA PRO E 1066 69.02 6.73 -9.49
C PRO E 1066 69.69 6.12 -8.26
N SER E 1067 69.33 6.65 -7.09
CA SER E 1067 69.90 6.22 -5.82
C SER E 1067 68.78 5.88 -4.85
N LEU E 1068 68.97 4.79 -4.11
CA LEU E 1068 67.99 4.30 -3.16
C LEU E 1068 68.66 4.16 -1.81
N ILE E 1069 68.19 4.94 -0.82
CA ILE E 1069 68.74 4.93 0.53
C ILE E 1069 67.67 4.36 1.45
N ILE E 1070 67.93 3.20 2.04
CA ILE E 1070 67.02 2.58 2.99
C ILE E 1070 67.59 2.84 4.38
N ALA E 1071 66.94 3.71 5.15
CA ALA E 1071 67.40 4.13 6.46
C ALA E 1071 66.52 3.52 7.53
N TYR E 1072 67.14 2.90 8.54
CA TYR E 1072 66.41 2.37 9.68
C TYR E 1072 66.02 3.51 10.61
N ALA E 1073 64.73 3.66 10.86
CA ALA E 1073 64.19 4.74 11.69
C ALA E 1073 63.45 4.16 12.88
N PRO E 1074 64.00 4.19 14.09
CA PRO E 1074 63.24 3.74 15.26
C PRO E 1074 61.97 4.56 15.43
N CYS E 1075 60.93 3.89 15.91
CA CYS E 1075 59.59 4.44 15.93
C CYS E 1075 58.90 4.07 17.23
N ILE E 1076 57.90 4.87 17.60
CA ILE E 1076 57.16 4.59 18.83
C ILE E 1076 56.37 3.29 18.72
N ASN E 1077 56.00 2.92 17.50
CA ASN E 1077 55.23 1.69 17.27
C ASN E 1077 56.04 0.44 17.56
N HIS E 1078 57.36 0.56 17.71
CA HIS E 1078 58.17 -0.60 18.08
C HIS E 1078 57.97 -1.00 19.53
N GLY E 1079 57.57 -0.05 20.39
CA GLY E 1079 57.44 -0.32 21.80
C GLY E 1079 58.77 -0.30 22.53
N ILE E 1080 59.47 0.83 22.47
CA ILE E 1080 60.79 1.01 23.08
C ILE E 1080 60.84 2.36 23.79
N ASN E 1081 61.85 2.52 24.63
CA ASN E 1081 62.11 3.80 25.28
C ASN E 1081 62.74 4.74 24.26
N MET E 1082 62.00 5.79 23.87
CA MET E 1082 62.44 6.72 22.84
C MET E 1082 63.64 7.58 23.24
N THR E 1083 63.99 7.62 24.53
CA THR E 1083 65.22 8.30 24.92
C THR E 1083 66.42 7.64 24.25
N TYR E 1084 66.38 6.32 24.11
CA TYR E 1084 67.47 5.57 23.50
C TYR E 1084 67.08 5.06 22.12
N SER E 1085 66.50 5.93 21.29
CA SER E 1085 66.13 5.52 19.93
C SER E 1085 67.38 5.28 19.09
N GLN E 1086 68.41 6.11 19.26
CA GLN E 1086 69.67 5.89 18.56
C GLN E 1086 70.30 4.57 18.99
N ARG E 1087 70.25 4.27 20.30
CA ARG E 1087 70.84 3.03 20.81
C ARG E 1087 70.10 1.81 20.28
N GLU E 1088 68.79 1.91 20.06
CA GLU E 1088 68.07 0.76 19.53
C GLU E 1088 68.46 0.46 18.10
N ALA E 1089 68.82 1.50 17.32
CA ALA E 1089 69.31 1.29 15.96
C ALA E 1089 70.71 0.68 15.97
N LYS E 1090 71.51 0.98 17.00
CA LYS E 1090 72.81 0.32 17.13
C LYS E 1090 72.63 -1.15 17.52
N LYS E 1091 71.70 -1.43 18.44
CA LYS E 1091 71.46 -2.83 18.83
C LYS E 1091 70.88 -3.64 17.69
N ALA E 1092 70.18 -2.98 16.76
CA ALA E 1092 69.63 -3.69 15.61
C ALA E 1092 70.72 -4.18 14.69
N VAL E 1093 71.73 -3.34 14.42
CA VAL E 1093 72.81 -3.73 13.53
C VAL E 1093 73.73 -4.73 14.21
N GLU E 1094 73.94 -4.57 15.52
CA GLU E 1094 74.80 -5.48 16.28
C GLU E 1094 74.23 -6.89 16.37
N ALA E 1095 72.91 -7.04 16.21
CA ALA E 1095 72.27 -8.35 16.29
C ALA E 1095 72.05 -8.99 14.92
N GLY E 1096 72.56 -8.37 13.85
CA GLY E 1096 72.33 -8.89 12.51
C GLY E 1096 70.92 -8.66 11.99
N TYR E 1097 70.16 -7.80 12.65
CA TYR E 1097 68.76 -7.55 12.29
C TYR E 1097 68.65 -6.57 11.13
N TRP E 1098 69.55 -5.60 11.04
CA TRP E 1098 69.52 -4.59 10.00
C TRP E 1098 70.90 -4.53 9.36
N PRO E 1099 71.01 -4.65 8.03
CA PRO E 1099 72.33 -4.64 7.38
C PRO E 1099 72.83 -3.24 7.08
N LEU E 1100 74.16 -3.14 6.96
CA LEU E 1100 74.84 -1.92 6.54
C LEU E 1100 75.69 -2.26 5.33
N TYR E 1101 75.29 -1.77 4.16
CA TYR E 1101 76.03 -1.99 2.93
C TYR E 1101 75.91 -0.77 2.04
N ARG E 1102 76.71 -0.74 0.97
CA ARG E 1102 76.65 0.31 -0.04
C ARG E 1102 76.93 -0.33 -1.38
N TYR E 1103 75.98 -0.21 -2.30
CA TYR E 1103 76.13 -0.74 -3.66
C TYR E 1103 76.35 0.46 -4.58
N ASN E 1104 77.58 0.61 -5.06
CA ASN E 1104 77.97 1.74 -5.90
C ASN E 1104 78.12 1.26 -7.33
N PRO E 1105 77.20 1.60 -8.24
CA PRO E 1105 77.36 1.16 -9.64
C PRO E 1105 78.61 1.69 -10.31
N GLN E 1106 79.15 2.82 -9.83
CA GLN E 1106 80.35 3.38 -10.43
C GLN E 1106 81.57 2.49 -10.16
N LEU E 1107 81.57 1.75 -9.06
CA LEU E 1107 82.65 0.81 -8.80
C LEU E 1107 82.69 -0.33 -9.79
N ALA E 1108 81.52 -0.75 -10.30
CA ALA E 1108 81.49 -1.83 -11.29
C ALA E 1108 82.09 -1.40 -12.61
N GLN E 1109 81.88 -0.13 -13.00
CA GLN E 1109 82.47 0.39 -14.23
C GLN E 1109 83.99 0.52 -14.14
N GLU E 1110 84.53 0.59 -12.93
CA GLU E 1110 85.97 0.65 -12.71
C GLU E 1110 86.60 -0.73 -12.54
N GLY E 1111 85.86 -1.80 -12.86
CA GLY E 1111 86.36 -3.15 -12.73
C GLY E 1111 86.33 -3.72 -11.34
N LYS E 1112 85.75 -3.00 -10.38
CA LYS E 1112 85.71 -3.43 -8.99
C LYS E 1112 84.33 -3.99 -8.64
N ASN E 1113 84.22 -4.51 -7.43
CA ASN E 1113 82.96 -5.02 -6.92
C ASN E 1113 82.08 -3.86 -6.49
N PRO E 1114 80.88 -3.68 -7.05
CA PRO E 1114 80.03 -2.57 -6.62
C PRO E 1114 79.51 -2.69 -5.20
N PHE E 1115 79.39 -3.91 -4.68
CA PHE E 1115 78.80 -4.15 -3.37
C PHE E 1115 79.87 -4.10 -2.28
N ILE E 1116 79.66 -3.25 -1.28
CA ILE E 1116 80.55 -3.13 -0.12
C ILE E 1116 79.73 -3.42 1.14
N LEU E 1117 80.13 -4.45 1.88
CA LEU E 1117 79.47 -4.81 3.14
C LEU E 1117 80.16 -4.07 4.26
N ASP E 1118 79.46 -3.09 4.84
CA ASP E 1118 80.05 -2.22 5.85
C ASP E 1118 80.02 -2.80 7.25
N TYR E 1119 79.24 -3.84 7.51
CA TYR E 1119 79.20 -4.50 8.81
C TYR E 1119 79.06 -6.00 8.56
N LYS E 1120 80.12 -6.75 8.76
CA LYS E 1120 80.13 -8.16 8.38
C LYS E 1120 79.75 -9.10 9.51
N THR E 1121 80.32 -8.90 10.69
CA THR E 1121 80.13 -9.85 11.79
C THR E 1121 79.32 -9.21 12.91
N PRO E 1122 78.10 -9.66 13.18
CA PRO E 1122 77.33 -9.13 14.30
C PRO E 1122 77.80 -9.71 15.63
N THR E 1123 77.72 -8.88 16.68
CA THR E 1123 78.24 -9.25 17.98
C THR E 1123 77.17 -9.43 19.06
N ALA E 1124 75.95 -8.99 18.81
CA ALA E 1124 74.88 -9.06 19.79
C ALA E 1124 73.94 -10.23 19.50
N SER E 1125 73.15 -10.59 20.51
CA SER E 1125 72.19 -11.69 20.39
C SER E 1125 70.96 -11.21 19.63
N PHE E 1126 70.51 -12.02 18.66
CA PHE E 1126 69.36 -11.64 17.86
C PHE E 1126 68.06 -11.77 18.65
N ARG E 1127 67.91 -12.85 19.43
CA ARG E 1127 66.66 -13.03 20.17
C ARG E 1127 66.53 -12.05 21.31
N ASP E 1128 67.64 -11.63 21.92
CA ASP E 1128 67.56 -10.63 22.99
C ASP E 1128 67.13 -9.28 22.45
N PHE E 1129 67.47 -8.97 21.20
CA PHE E 1129 67.04 -7.72 20.60
C PHE E 1129 65.53 -7.68 20.38
N LEU E 1130 64.95 -8.82 19.99
CA LEU E 1130 63.51 -8.89 19.80
C LEU E 1130 62.77 -8.68 21.11
N MET E 1131 63.31 -9.22 22.21
CA MET E 1131 62.67 -9.10 23.51
C MET E 1131 62.78 -7.70 24.09
N GLY E 1132 63.58 -6.82 23.49
CA GLY E 1132 63.69 -5.44 23.90
C GLY E 1132 62.68 -4.50 23.29
N GLU E 1133 61.76 -5.03 22.49
CA GLU E 1133 60.72 -4.24 21.84
C GLU E 1133 59.38 -4.92 22.05
N ILE E 1134 58.35 -4.12 22.36
CA ILE E 1134 57.04 -4.68 22.68
C ILE E 1134 56.43 -5.41 21.49
N ARG E 1135 56.72 -4.95 20.26
CA ARG E 1135 56.12 -5.54 19.05
C ARG E 1135 56.52 -7.00 18.83
N TYR E 1136 57.51 -7.51 19.58
CA TYR E 1136 57.88 -8.92 19.52
C TYR E 1136 57.55 -9.66 20.80
N THR E 1137 57.56 -8.98 21.94
CA THR E 1137 57.23 -9.64 23.20
C THR E 1137 55.74 -9.93 23.31
N SER E 1138 54.89 -9.15 22.64
CA SER E 1138 53.47 -9.43 22.66
C SER E 1138 53.12 -10.73 21.95
N LEU E 1139 53.99 -11.20 21.05
CA LEU E 1139 53.79 -12.50 20.42
C LEU E 1139 53.95 -13.63 21.42
N LYS E 1140 54.85 -13.48 22.38
CA LYS E 1140 55.10 -14.54 23.34
C LYS E 1140 53.91 -14.77 24.27
N LYS E 1141 53.10 -13.73 24.50
CA LYS E 1141 51.90 -13.89 25.31
C LYS E 1141 50.75 -14.49 24.52
N GLN E 1142 50.69 -14.22 23.21
CA GLN E 1142 49.63 -14.76 22.37
C GLN E 1142 49.97 -16.18 21.92
N LYS E 1146 54.26 -21.57 20.28
CA LYS E 1146 54.05 -21.12 18.91
C LYS E 1146 54.88 -19.87 18.61
N ALA E 1147 54.99 -18.99 19.60
CA ALA E 1147 55.82 -17.79 19.44
C ALA E 1147 57.27 -18.15 19.20
N GLU E 1148 57.77 -19.17 19.88
CA GLU E 1148 59.14 -19.62 19.66
C GLU E 1148 59.33 -20.14 18.25
N GLN E 1149 58.28 -20.68 17.65
CA GLN E 1149 58.38 -21.18 16.28
C GLN E 1149 58.65 -20.04 15.30
N LEU E 1150 58.02 -18.88 15.51
CA LEU E 1150 58.27 -17.73 14.64
C LEU E 1150 59.63 -17.09 14.91
N PHE E 1151 60.07 -17.10 16.17
CA PHE E 1151 61.39 -16.56 16.50
C PHE E 1151 62.50 -17.39 15.86
N ALA E 1152 62.31 -18.71 15.74
CA ALA E 1152 63.33 -19.56 15.13
C ALA E 1152 63.49 -19.28 13.65
N LYS E 1153 62.38 -19.03 12.95
CA LYS E 1153 62.45 -18.72 11.52
C LYS E 1153 63.08 -17.35 11.27
N ALA E 1154 62.79 -16.37 12.15
CA ALA E 1154 63.35 -15.04 11.96
C ALA E 1154 64.87 -15.03 12.15
N GLU E 1155 65.38 -15.84 13.09
CA GLU E 1155 66.82 -15.90 13.29
C GLU E 1155 67.51 -16.65 12.14
N ALA E 1156 66.85 -17.68 11.59
CA ALA E 1156 67.41 -18.38 10.44
C ALA E 1156 67.41 -17.50 9.20
N ASP E 1157 66.40 -16.64 9.05
CA ASP E 1157 66.35 -15.71 7.92
C ASP E 1157 67.42 -14.64 8.02
N ALA E 1158 67.76 -14.21 9.24
CA ALA E 1158 68.80 -13.21 9.40
C ALA E 1158 70.17 -13.79 9.12
N LYS E 1159 70.38 -15.08 9.40
CA LYS E 1159 71.65 -15.73 9.07
C LYS E 1159 71.76 -15.96 7.56
N ALA E 1160 70.66 -16.35 6.92
CA ALA E 1160 70.68 -16.56 5.48
C ALA E 1160 70.89 -15.27 4.71
N ARG E 1161 70.40 -14.14 5.24
CA ARG E 1161 70.62 -12.86 4.58
C ARG E 1161 72.07 -12.41 4.69
N LEU E 1162 72.70 -12.67 5.84
CA LEU E 1162 74.11 -12.30 6.00
C LEU E 1162 75.02 -13.14 5.12
N GLU E 1163 74.72 -14.45 5.00
CA GLU E 1163 75.52 -15.31 4.12
C GLU E 1163 75.34 -14.91 2.67
N GLN E 1164 74.16 -14.40 2.31
CA GLN E 1164 73.93 -13.96 0.93
C GLN E 1164 74.71 -12.69 0.63
N TYR E 1165 74.80 -11.77 1.61
CA TYR E 1165 75.60 -10.56 1.41
C TYR E 1165 77.08 -10.86 1.45
N LYS E 1166 77.49 -11.90 2.18
CA LYS E 1166 78.89 -12.29 2.19
C LYS E 1166 79.34 -12.87 0.85
N LYS E 1167 78.45 -13.58 0.16
CA LYS E 1167 78.79 -14.11 -1.16
C LYS E 1167 78.85 -13.00 -2.20
N LEU E 1168 77.96 -12.01 -2.10
CA LEU E 1168 77.98 -10.88 -3.03
C LEU E 1168 79.20 -9.99 -2.85
N ALA E 1169 79.76 -9.94 -1.63
CA ALA E 1169 80.93 -9.12 -1.38
C ALA E 1169 82.23 -9.84 -1.75
N GLU E 1170 82.27 -11.16 -1.62
CA GLU E 1170 83.48 -11.92 -1.94
C GLU E 1170 83.64 -12.11 -3.45
N PRO F 2 47.26 25.18 -44.33
CA PRO F 2 47.21 24.19 -45.40
C PRO F 2 46.25 23.06 -45.09
N LYS F 3 45.88 22.27 -46.09
CA LYS F 3 44.96 21.15 -45.93
C LYS F 3 45.74 19.84 -45.89
N GLN F 4 45.47 19.03 -44.87
CA GLN F 4 46.04 17.69 -44.75
C GLN F 4 44.94 16.73 -44.32
N THR F 5 45.16 15.45 -44.60
CA THR F 5 44.24 14.39 -44.21
C THR F 5 44.80 13.72 -42.96
N LEU F 6 44.14 13.95 -41.82
CA LEU F 6 44.55 13.40 -40.54
C LEU F 6 43.34 12.77 -39.87
N ASP F 7 43.59 12.08 -38.76
CA ASP F 7 42.54 11.62 -37.87
C ASP F 7 42.53 12.47 -36.60
N GLY F 8 41.54 12.20 -35.74
CA GLY F 8 41.46 12.92 -34.48
C GLY F 8 42.72 12.79 -33.64
N ASN F 9 43.29 11.59 -33.59
CA ASN F 9 44.50 11.39 -32.81
C ASN F 9 45.63 12.28 -33.31
N THR F 10 45.86 12.30 -34.62
CA THR F 10 46.94 13.10 -35.17
C THR F 10 46.68 14.58 -34.95
N ALA F 11 45.44 15.02 -35.10
CA ALA F 11 45.11 16.43 -34.88
C ALA F 11 45.43 16.86 -33.45
N ALA F 12 45.15 15.98 -32.47
CA ALA F 12 45.45 16.31 -31.08
C ALA F 12 46.95 16.32 -30.82
N ALA F 13 47.65 15.29 -31.30
CA ALA F 13 49.10 15.24 -31.11
C ALA F 13 49.79 16.43 -31.76
N HIS F 14 49.25 16.91 -32.88
CA HIS F 14 49.81 18.08 -33.55
C HIS F 14 49.84 19.29 -32.61
N VAL F 15 48.71 19.57 -31.95
CA VAL F 15 48.64 20.73 -31.06
C VAL F 15 49.38 20.44 -29.76
N ALA F 16 49.22 19.23 -29.21
CA ALA F 16 49.86 18.90 -27.94
C ALA F 16 51.38 19.00 -28.05
N TYR F 17 51.95 18.54 -29.17
CA TYR F 17 53.39 18.60 -29.33
C TYR F 17 53.89 20.04 -29.34
N ALA F 18 53.16 20.93 -30.02
CA ALA F 18 53.62 22.31 -30.17
C ALA F 18 53.59 23.07 -28.85
N MET F 19 52.64 22.77 -27.97
CA MET F 19 52.41 23.58 -26.78
C MET F 19 53.04 23.02 -25.52
N SER F 20 53.73 21.87 -25.61
CA SER F 20 54.18 21.16 -24.42
C SER F 20 55.68 20.90 -24.49
N GLU F 21 56.29 20.81 -23.31
CA GLU F 21 57.68 20.42 -23.13
C GLU F 21 57.84 18.97 -22.73
N VAL F 22 56.94 18.47 -21.88
CA VAL F 22 56.99 17.10 -21.38
C VAL F 22 55.68 16.41 -21.73
N ALA F 23 55.78 15.12 -22.04
CA ALA F 23 54.60 14.29 -22.29
C ALA F 23 54.87 12.93 -21.67
N THR F 24 54.22 12.65 -20.56
CA THR F 24 54.31 11.36 -19.90
C THR F 24 53.13 10.51 -20.36
N ILE F 25 53.42 9.30 -20.87
CA ILE F 25 52.42 8.52 -21.57
C ILE F 25 52.44 7.07 -21.10
N TYR F 26 51.34 6.37 -21.40
CA TYR F 26 51.16 4.94 -21.21
C TYR F 26 50.09 4.49 -22.18
N PRO F 27 50.28 3.38 -22.89
CA PRO F 27 49.38 3.03 -24.01
C PRO F 27 48.03 2.52 -23.56
N ILE F 28 46.99 2.99 -24.25
CA ILE F 28 45.64 2.42 -24.14
C ILE F 28 44.83 2.76 -25.38
N THR F 29 44.24 1.74 -26.01
CA THR F 29 43.39 1.98 -27.16
C THR F 29 42.18 2.79 -26.71
N PRO F 30 41.72 3.78 -27.50
CA PRO F 30 42.26 4.22 -28.78
C PRO F 30 43.10 5.49 -28.66
N SER F 31 43.72 5.71 -27.51
CA SER F 31 44.52 6.92 -27.32
C SER F 31 45.99 6.71 -27.67
N SER F 32 46.46 5.48 -27.66
CA SER F 32 47.88 5.24 -27.89
C SER F 32 48.43 5.75 -29.22
N PRO F 33 47.67 5.77 -30.32
CA PRO F 33 48.19 6.42 -31.54
C PRO F 33 48.61 7.87 -31.34
N MET F 34 47.98 8.61 -30.42
CA MET F 34 48.42 9.99 -30.15
C MET F 34 49.85 10.03 -29.65
N ALA F 35 50.20 9.15 -28.69
CA ALA F 35 51.55 9.15 -28.15
C ALA F 35 52.56 8.56 -29.13
N GLU F 36 52.12 7.65 -30.01
CA GLU F 36 53.05 7.04 -30.96
C GLU F 36 53.60 8.07 -31.93
N ILE F 37 52.71 8.86 -32.54
CA ILE F 37 53.13 9.85 -33.52
C ILE F 37 53.87 11.01 -32.86
N ALA F 38 53.54 11.33 -31.61
CA ALA F 38 54.31 12.30 -30.86
C ALA F 38 55.72 11.79 -30.57
N ASP F 39 55.86 10.47 -30.39
CA ASP F 39 57.17 9.88 -30.18
C ASP F 39 58.02 9.93 -31.44
N GLU F 40 57.42 9.64 -32.60
CA GLU F 40 58.19 9.69 -33.84
C GLU F 40 58.65 11.10 -34.16
N TRP F 41 57.79 12.10 -33.95
CA TRP F 41 58.17 13.48 -34.17
C TRP F 41 59.33 13.88 -33.26
N ALA F 42 59.23 13.52 -31.97
CA ALA F 42 60.31 13.83 -31.04
C ALA F 42 61.58 13.06 -31.40
N ALA F 43 61.45 11.80 -31.81
CA ALA F 43 62.62 11.02 -32.19
C ALA F 43 63.31 11.61 -33.41
N HIS F 44 62.56 12.27 -34.28
CA HIS F 44 63.10 12.91 -35.47
C HIS F 44 63.31 14.41 -35.29
N GLY F 45 63.12 14.93 -34.08
CA GLY F 45 63.50 16.29 -33.77
C GLY F 45 62.55 17.39 -34.16
N ARG F 46 61.24 17.14 -34.15
CA ARG F 46 60.29 18.22 -34.38
C ARG F 46 60.36 19.23 -33.24
N LYS F 47 60.37 20.51 -33.60
CA LYS F 47 60.48 21.60 -32.63
C LYS F 47 59.09 22.11 -32.25
N ASN F 48 58.90 22.37 -30.96
CA ASN F 48 57.69 23.00 -30.46
C ASN F 48 57.83 24.51 -30.55
N ILE F 49 56.87 25.26 -29.98
CA ILE F 49 56.96 26.71 -30.00
C ILE F 49 58.07 27.25 -29.09
N PHE F 50 58.74 26.38 -28.35
CA PHE F 50 59.87 26.73 -27.50
C PHE F 50 61.21 26.41 -28.14
N GLY F 51 61.21 26.00 -29.40
CA GLY F 51 62.44 25.71 -30.13
C GLY F 51 63.12 24.41 -29.77
N LYS F 52 62.52 23.59 -28.92
CA LYS F 52 63.12 22.33 -28.49
C LYS F 52 62.21 21.17 -28.84
N THR F 53 62.76 19.97 -28.74
CA THR F 53 61.97 18.76 -28.97
C THR F 53 61.20 18.39 -27.72
N LEU F 54 60.01 17.84 -27.92
CA LEU F 54 59.19 17.37 -26.81
C LEU F 54 59.85 16.14 -26.18
N GLN F 55 59.92 16.12 -24.86
CA GLN F 55 60.45 14.97 -24.13
C GLN F 55 59.30 14.04 -23.78
N VAL F 56 59.32 12.83 -24.33
CA VAL F 56 58.27 11.85 -24.11
C VAL F 56 58.78 10.80 -23.14
N ALA F 57 58.02 10.59 -22.06
CA ALA F 57 58.39 9.64 -21.01
C ALA F 57 57.26 8.63 -20.84
N GLU F 58 57.58 7.35 -20.99
CA GLU F 58 56.62 6.28 -20.75
C GLU F 58 56.76 5.79 -19.31
N MET F 59 55.64 5.65 -18.62
CA MET F 59 55.63 5.21 -17.23
C MET F 59 55.22 3.75 -17.14
N GLN F 60 55.07 3.24 -15.92
CA GLN F 60 54.64 1.87 -15.71
C GLN F 60 53.13 1.70 -15.74
N SER F 61 52.37 2.78 -15.61
CA SER F 61 50.91 2.78 -15.65
C SER F 61 50.48 4.22 -15.80
N GLU F 62 49.17 4.41 -16.02
CA GLU F 62 48.65 5.76 -16.15
C GLU F 62 48.72 6.52 -14.84
N ALA F 63 48.67 5.82 -13.71
CA ALA F 63 48.87 6.48 -12.43
C ALA F 63 50.24 7.12 -12.34
N GLY F 64 51.28 6.39 -12.78
CA GLY F 64 52.61 6.98 -12.79
C GLY F 64 52.71 8.18 -13.71
N ALA F 65 52.03 8.13 -14.85
CA ALA F 65 52.02 9.27 -15.76
C ALA F 65 51.41 10.49 -15.10
N ALA F 66 50.27 10.30 -14.43
CA ALA F 66 49.61 11.41 -13.77
C ALA F 66 50.49 12.00 -12.67
N GLY F 67 51.12 11.14 -11.87
CA GLY F 67 52.03 11.65 -10.85
C GLY F 67 53.21 12.38 -11.46
N ALA F 68 53.71 11.89 -12.58
CA ALA F 68 54.80 12.56 -13.27
C ALA F 68 54.37 13.91 -13.84
N VAL F 69 53.15 13.98 -14.36
CA VAL F 69 52.61 15.26 -14.83
C VAL F 69 52.59 16.27 -13.69
N HIS F 70 52.08 15.85 -12.53
CA HIS F 70 51.95 16.74 -11.37
C HIS F 70 53.31 17.27 -10.95
N GLY F 71 54.30 16.39 -10.81
CA GLY F 71 55.63 16.84 -10.43
C GLY F 71 56.27 17.74 -11.47
N SER F 72 56.10 17.38 -12.75
CA SER F 72 56.68 18.19 -13.82
C SER F 72 56.07 19.58 -13.84
N LEU F 73 54.76 19.70 -13.59
CA LEU F 73 54.11 21.01 -13.57
C LEU F 73 54.58 21.83 -12.37
N ALA F 74 54.60 21.23 -11.17
CA ALA F 74 55.01 21.96 -9.97
C ALA F 74 56.47 22.37 -10.01
N ALA F 75 57.28 21.71 -10.83
CA ALA F 75 58.70 22.06 -10.96
C ALA F 75 58.97 22.99 -12.13
N GLY F 76 57.96 23.30 -12.95
CA GLY F 76 58.06 24.37 -13.93
C GLY F 76 58.13 23.98 -15.40
N ALA F 77 57.60 22.82 -15.77
CA ALA F 77 57.57 22.39 -17.16
C ALA F 77 56.12 22.15 -17.59
N LEU F 78 55.75 22.71 -18.74
CA LEU F 78 54.44 22.45 -19.30
C LEU F 78 54.35 21.00 -19.78
N THR F 79 53.39 20.25 -19.23
CA THR F 79 53.30 18.81 -19.45
C THR F 79 51.89 18.43 -19.84
N THR F 80 51.77 17.49 -20.77
CA THR F 80 50.51 16.94 -21.23
C THR F 80 50.59 15.43 -21.18
N THR F 81 49.47 14.77 -21.48
CA THR F 81 49.44 13.32 -21.53
C THR F 81 48.25 12.87 -22.36
N PHE F 82 48.25 11.58 -22.70
CA PHE F 82 47.22 10.98 -23.52
C PHE F 82 46.76 9.69 -22.87
N THR F 83 45.45 9.51 -22.78
CA THR F 83 44.86 8.37 -22.11
C THR F 83 43.41 8.23 -22.55
N ALA F 84 42.72 7.27 -21.94
CA ALA F 84 41.31 6.97 -22.20
C ALA F 84 40.89 5.87 -21.24
N SER F 85 39.58 5.77 -21.03
CA SER F 85 38.92 4.59 -20.43
C SER F 85 39.61 4.21 -19.12
N GLN F 86 40.01 2.94 -18.93
CA GLN F 86 40.61 2.52 -17.67
C GLN F 86 41.84 3.34 -17.34
N GLY F 87 42.53 3.85 -18.34
CA GLY F 87 43.69 4.68 -18.08
C GLY F 87 43.33 5.99 -17.40
N LEU F 88 42.25 6.62 -17.84
CA LEU F 88 41.81 7.87 -17.20
C LEU F 88 41.39 7.64 -15.77
N LEU F 89 40.79 6.47 -15.47
CA LEU F 89 40.41 6.17 -14.10
C LEU F 89 41.60 6.18 -13.17
N LEU F 90 42.70 5.54 -13.59
CA LEU F 90 43.89 5.49 -12.75
C LEU F 90 44.53 6.85 -12.55
N MET F 91 44.21 7.82 -13.41
CA MET F 91 44.73 9.18 -13.26
C MET F 91 43.83 10.05 -12.39
N ILE F 92 42.63 9.58 -12.05
CA ILE F 92 41.70 10.41 -11.28
C ILE F 92 42.28 10.89 -9.95
N PRO F 93 42.95 10.07 -9.15
CA PRO F 93 43.53 10.60 -7.89
C PRO F 93 44.44 11.80 -8.08
N ASN F 94 45.36 11.75 -9.06
CA ASN F 94 46.25 12.88 -9.26
C ASN F 94 45.54 14.08 -9.86
N MET F 95 44.44 13.86 -10.58
CA MET F 95 43.72 14.98 -11.18
C MET F 95 43.16 15.93 -10.12
N TYR F 96 42.68 15.38 -9.00
CA TYR F 96 42.19 16.24 -7.92
C TYR F 96 43.26 17.19 -7.43
N LYS F 97 44.50 16.73 -7.36
CA LYS F 97 45.58 17.58 -6.90
C LYS F 97 45.94 18.63 -7.93
N ILE F 98 46.05 18.24 -9.21
CA ILE F 98 46.43 19.19 -10.25
C ILE F 98 45.41 20.31 -10.34
N ALA F 99 44.12 19.98 -10.26
CA ALA F 99 43.09 21.02 -10.23
C ALA F 99 43.14 21.79 -8.92
N GLY F 100 43.34 21.09 -7.80
CA GLY F 100 43.38 21.75 -6.51
C GLY F 100 44.53 22.73 -6.37
N GLU F 101 45.66 22.46 -7.02
CA GLU F 101 46.83 23.32 -6.99
C GLU F 101 46.86 24.36 -8.12
N LEU F 102 45.81 24.42 -8.93
CA LEU F 102 45.69 25.39 -10.02
C LEU F 102 46.89 25.37 -10.96
N LEU F 103 47.12 24.21 -11.56
CA LEU F 103 48.24 24.04 -12.48
C LEU F 103 47.72 23.99 -13.91
N PRO F 104 48.28 24.79 -14.81
CA PRO F 104 47.87 24.72 -16.23
C PRO F 104 48.31 23.38 -16.83
N CYS F 105 47.39 22.74 -17.55
CA CYS F 105 47.63 21.39 -18.03
C CYS F 105 46.50 21.01 -18.98
N VAL F 106 46.79 20.13 -19.92
CA VAL F 106 45.79 19.59 -20.84
C VAL F 106 45.97 18.07 -20.92
N PHE F 107 44.93 17.34 -20.55
CA PHE F 107 44.84 15.92 -20.80
C PHE F 107 44.04 15.70 -22.08
N HIS F 108 44.63 14.97 -23.03
CA HIS F 108 43.94 14.62 -24.28
C HIS F 108 43.41 13.20 -24.17
N VAL F 109 42.09 13.05 -24.32
CA VAL F 109 41.40 11.79 -24.06
C VAL F 109 40.61 11.41 -25.32
N ALA F 110 40.86 10.20 -25.83
CA ALA F 110 40.01 9.60 -26.85
C ALA F 110 38.96 8.77 -26.11
N ALA F 111 37.85 9.41 -25.76
CA ALA F 111 36.87 8.85 -24.82
C ALA F 111 36.41 7.46 -25.23
N ARG F 112 36.52 6.52 -24.29
CA ARG F 112 36.25 5.10 -24.51
C ARG F 112 35.46 4.54 -23.33
N ALA F 113 34.63 3.53 -23.62
CA ALA F 113 33.82 2.89 -22.59
C ALA F 113 34.67 2.31 -21.47
N LEU F 114 34.06 2.20 -20.29
CA LEU F 114 34.69 1.57 -19.14
C LEU F 114 34.27 0.10 -19.06
N SER F 115 35.15 -0.71 -18.48
CA SER F 115 34.90 -2.14 -18.37
C SER F 115 33.90 -2.38 -17.25
N THR F 116 32.71 -2.88 -17.62
CA THR F 116 31.64 -3.13 -16.66
C THR F 116 31.27 -4.61 -16.70
N HIS F 117 30.12 -4.94 -17.29
CA HIS F 117 29.81 -6.34 -17.57
C HIS F 117 30.75 -6.92 -18.61
N ALA F 118 31.47 -6.06 -19.33
CA ALA F 118 32.37 -6.49 -20.39
C ALA F 118 33.36 -5.36 -20.67
N LEU F 119 34.46 -5.73 -21.32
CA LEU F 119 35.43 -4.78 -21.82
C LEU F 119 34.92 -4.18 -23.13
N SER F 120 35.27 -2.91 -23.35
CA SER F 120 34.98 -2.29 -24.63
C SER F 120 36.09 -1.31 -24.96
N ILE F 121 36.76 -1.53 -26.10
CA ILE F 121 37.78 -0.58 -26.57
C ILE F 121 37.17 0.58 -27.32
N PHE F 122 35.85 0.62 -27.45
CA PHE F 122 35.18 1.57 -28.33
C PHE F 122 34.72 2.79 -27.55
N GLY F 123 34.16 3.76 -28.28
CA GLY F 123 34.03 5.10 -27.77
C GLY F 123 32.71 5.40 -27.09
N ASP F 124 32.81 6.01 -25.91
CA ASP F 124 31.72 6.76 -25.30
C ASP F 124 32.32 7.63 -24.19
N HIS F 125 31.47 8.35 -23.48
CA HIS F 125 31.93 9.32 -22.50
C HIS F 125 31.98 8.77 -21.07
N ALA F 126 31.89 7.45 -20.91
CA ALA F 126 31.87 6.87 -19.57
C ALA F 126 33.12 7.25 -18.78
N ASP F 127 34.27 7.25 -19.43
CA ASP F 127 35.51 7.59 -18.72
C ASP F 127 35.55 9.06 -18.34
N VAL F 128 35.21 9.95 -19.28
CA VAL F 128 35.26 11.37 -19.00
C VAL F 128 34.26 11.74 -17.92
N MET F 129 33.06 11.15 -17.97
CA MET F 129 32.06 11.46 -16.96
C MET F 129 32.50 10.97 -15.59
N ALA F 130 33.34 9.94 -15.54
CA ALA F 130 33.82 9.42 -14.27
C ALA F 130 34.80 10.38 -13.59
N ALA F 131 35.27 11.40 -14.30
CA ALA F 131 36.20 12.38 -13.74
C ALA F 131 35.60 13.78 -13.66
N ARG F 132 34.29 13.94 -13.85
CA ARG F 132 33.68 15.26 -13.92
C ARG F 132 33.73 16.02 -12.60
N GLN F 133 34.12 15.38 -11.51
CA GLN F 133 34.18 16.02 -10.21
C GLN F 133 35.61 16.28 -9.73
N THR F 134 36.61 16.06 -10.60
CA THR F 134 38.00 16.26 -10.21
C THR F 134 38.39 17.73 -10.14
N GLY F 135 37.61 18.62 -10.75
CA GLY F 135 37.99 20.03 -10.83
C GLY F 135 38.68 20.42 -12.12
N PHE F 136 38.91 19.48 -13.02
CA PHE F 136 39.41 19.84 -14.35
C PHE F 136 38.29 20.48 -15.17
N ALA F 137 38.66 21.41 -16.03
CA ALA F 137 37.75 21.86 -17.06
C ALA F 137 37.61 20.78 -18.13
N MET F 138 36.51 20.84 -18.87
CA MET F 138 36.22 19.82 -19.88
C MET F 138 35.72 20.46 -21.17
N LEU F 139 36.45 20.21 -22.26
CA LEU F 139 36.18 20.78 -23.57
C LEU F 139 36.04 19.64 -24.57
N SER F 140 34.93 19.63 -25.31
CA SER F 140 34.57 18.51 -26.18
C SER F 140 34.65 18.93 -27.64
N SER F 141 35.31 18.12 -28.45
CA SER F 141 35.43 18.32 -29.89
C SER F 141 34.59 17.29 -30.64
N ALA F 142 33.87 17.76 -31.66
CA ALA F 142 32.89 16.94 -32.36
C ALA F 142 33.38 16.40 -33.70
N SER F 143 34.46 16.95 -34.25
CA SER F 143 34.95 16.49 -35.55
C SER F 143 36.46 16.60 -35.54
N VAL F 144 37.08 16.07 -36.61
CA VAL F 144 38.53 16.13 -36.73
C VAL F 144 39.02 17.57 -36.78
N GLN F 145 38.27 18.43 -37.47
CA GLN F 145 38.63 19.84 -37.52
C GLN F 145 38.54 20.50 -36.15
N GLU F 146 37.52 20.12 -35.37
CA GLU F 146 37.36 20.70 -34.03
C GLU F 146 38.43 20.22 -33.07
N VAL F 147 38.92 18.99 -33.23
CA VAL F 147 40.03 18.52 -32.41
C VAL F 147 41.24 19.43 -32.59
N MET F 148 41.54 19.78 -33.84
CA MET F 148 42.63 20.70 -34.12
C MET F 148 42.40 22.04 -33.45
N ASP F 149 41.20 22.61 -33.62
CA ASP F 149 40.94 23.95 -33.13
C ASP F 149 40.84 23.99 -31.60
N LEU F 150 40.05 23.08 -31.02
CA LEU F 150 39.78 23.15 -29.59
C LEU F 150 40.96 22.68 -28.75
N ALA F 151 41.83 21.81 -29.29
CA ALA F 151 43.07 21.50 -28.59
C ALA F 151 43.92 22.74 -28.40
N LEU F 152 43.97 23.60 -29.42
CA LEU F 152 44.65 24.88 -29.27
C LEU F 152 43.93 25.76 -28.25
N VAL F 153 42.59 25.74 -28.26
CA VAL F 153 41.82 26.49 -27.28
C VAL F 153 42.12 26.01 -25.87
N ALA F 154 42.23 24.68 -25.69
CA ALA F 154 42.49 24.14 -24.37
C ALA F 154 43.85 24.59 -23.84
N HIS F 155 44.90 24.50 -24.67
CA HIS F 155 46.23 24.89 -24.21
C HIS F 155 46.32 26.39 -23.96
N LEU F 156 45.63 27.21 -24.77
CA LEU F 156 45.68 28.64 -24.57
C LEU F 156 44.87 29.08 -23.35
N ALA F 157 43.69 28.46 -23.15
CA ALA F 157 42.83 28.88 -22.04
C ALA F 157 43.39 28.42 -20.69
N THR F 158 44.02 27.24 -20.66
CA THR F 158 44.52 26.71 -19.39
C THR F 158 45.66 27.57 -18.84
N LEU F 159 46.43 28.20 -19.71
CA LEU F 159 47.49 29.09 -19.23
C LEU F 159 46.90 30.32 -18.54
N LYS F 160 45.82 30.86 -19.09
CA LYS F 160 45.21 32.08 -18.55
C LYS F 160 44.39 31.81 -17.29
N ALA F 161 43.67 30.69 -17.25
CA ALA F 161 42.74 30.42 -16.16
C ALA F 161 43.37 29.70 -14.98
N ARG F 162 44.55 29.11 -15.17
CA ARG F 162 45.21 28.26 -14.18
C ARG F 162 44.43 26.99 -13.85
N VAL F 163 43.33 26.74 -14.57
CA VAL F 163 42.50 25.55 -14.34
C VAL F 163 42.88 24.52 -15.40
N PRO F 164 43.27 23.31 -15.01
CA PRO F 164 43.65 22.31 -16.00
C PRO F 164 42.44 21.80 -16.78
N PHE F 165 42.70 21.36 -18.01
CA PHE F 165 41.66 20.98 -18.95
C PHE F 165 41.80 19.51 -19.35
N VAL F 166 40.66 18.86 -19.55
CA VAL F 166 40.59 17.59 -20.27
C VAL F 166 39.95 17.90 -21.62
N HIS F 167 40.73 17.76 -22.69
CA HIS F 167 40.22 17.90 -24.05
C HIS F 167 39.95 16.49 -24.57
N PHE F 168 38.67 16.17 -24.79
CA PHE F 168 38.29 14.83 -25.18
C PHE F 168 37.48 14.84 -26.46
N PHE F 169 37.67 13.78 -27.24
CA PHE F 169 36.94 13.54 -28.48
C PHE F 169 36.62 12.06 -28.55
N ASP F 170 35.54 11.72 -29.25
CA ASP F 170 35.00 10.37 -29.22
C ASP F 170 36.00 9.37 -29.78
N GLY F 171 36.27 8.31 -29.01
CA GLY F 171 37.19 7.29 -29.46
C GLY F 171 36.69 6.61 -30.72
N PHE F 172 37.62 6.35 -31.65
CA PHE F 172 37.34 5.75 -32.95
C PHE F 172 36.44 6.63 -33.81
N ARG F 173 35.24 6.93 -33.34
CA ARG F 173 34.31 7.72 -34.14
C ARG F 173 34.89 9.07 -34.53
N THR F 174 35.82 9.61 -33.73
CA THR F 174 36.55 10.82 -34.08
C THR F 174 38.05 10.61 -34.07
N SER F 175 38.57 9.82 -33.13
CA SER F 175 40.02 9.63 -33.02
C SER F 175 40.60 8.91 -34.23
N HIS F 176 39.82 8.02 -34.84
CA HIS F 176 40.26 7.23 -35.99
C HIS F 176 39.56 7.61 -37.27
N GLU F 177 38.73 8.65 -37.25
CA GLU F 177 38.09 9.13 -38.47
C GLU F 177 39.09 10.02 -39.21
N VAL F 178 39.38 9.69 -40.46
CA VAL F 178 40.30 10.45 -41.28
C VAL F 178 39.50 11.51 -42.03
N GLN F 179 39.95 12.76 -41.94
CA GLN F 179 39.28 13.87 -42.60
C GLN F 179 40.32 14.86 -43.09
N LYS F 180 40.02 15.52 -44.19
CA LYS F 180 40.84 16.62 -44.69
C LYS F 180 40.47 17.88 -43.92
N ILE F 181 41.42 18.42 -43.15
CA ILE F 181 41.16 19.56 -42.28
C ILE F 181 42.22 20.61 -42.51
N ASP F 182 41.95 21.82 -42.02
CA ASP F 182 42.93 22.89 -42.00
C ASP F 182 43.82 22.71 -40.78
N VAL F 183 45.12 22.56 -41.02
CA VAL F 183 46.07 22.37 -39.95
C VAL F 183 46.66 23.72 -39.58
N ILE F 184 46.72 24.01 -38.29
CA ILE F 184 47.18 25.29 -37.79
C ILE F 184 48.70 25.27 -37.66
N GLU F 185 49.35 26.30 -38.19
CA GLU F 185 50.80 26.39 -38.16
C GLU F 185 51.29 26.65 -36.73
N TYR F 186 52.45 26.07 -36.41
CA TYR F 186 53.05 26.30 -35.09
C TYR F 186 53.35 27.77 -34.86
N GLU F 187 53.80 28.48 -35.90
CA GLU F 187 54.10 29.90 -35.77
C GLU F 187 52.86 30.72 -35.41
N ASP F 188 51.68 30.31 -35.89
CA ASP F 188 50.46 31.03 -35.56
C ASP F 188 50.02 30.81 -34.12
N MET F 189 50.27 29.62 -33.57
CA MET F 189 49.91 29.35 -32.19
C MET F 189 50.66 30.25 -31.23
N ALA F 190 51.97 30.41 -31.44
CA ALA F 190 52.80 31.21 -30.54
C ALA F 190 52.34 32.66 -30.49
N LYS F 191 51.70 33.16 -31.54
CA LYS F 191 51.20 34.53 -31.53
C LYS F 191 49.98 34.71 -30.64
N LEU F 192 49.34 33.61 -30.23
CA LEU F 192 48.20 33.69 -29.32
C LEU F 192 48.56 33.30 -27.90
N VAL F 193 49.74 32.73 -27.68
CA VAL F 193 50.10 32.27 -26.35
C VAL F 193 50.29 33.45 -25.42
N ASP F 194 49.77 33.33 -24.20
CA ASP F 194 49.98 34.34 -23.17
C ASP F 194 51.35 34.06 -22.54
N TRP F 195 52.38 34.71 -23.09
CA TRP F 195 53.73 34.47 -22.59
C TRP F 195 53.93 35.03 -21.19
N ASP F 196 53.22 36.11 -20.85
CA ASP F 196 53.24 36.59 -19.47
C ASP F 196 52.69 35.53 -18.53
N ALA F 197 51.65 34.81 -18.97
CA ALA F 197 51.13 33.72 -18.15
C ALA F 197 52.13 32.59 -18.01
N ILE F 198 52.94 32.35 -19.04
CA ILE F 198 53.95 31.30 -18.96
C ILE F 198 55.03 31.67 -17.95
N ARG F 199 55.50 32.92 -17.99
CA ARG F 199 56.52 33.35 -17.05
C ARG F 199 56.01 33.35 -15.62
N ALA F 200 54.74 33.70 -15.41
CA ALA F 200 54.15 33.63 -14.08
C ALA F 200 54.13 32.19 -13.56
N PHE F 201 53.89 31.23 -14.45
CA PHE F 201 53.93 29.82 -14.09
C PHE F 201 55.33 29.38 -13.64
N ARG F 202 56.38 29.98 -14.23
CA ARG F 202 57.74 29.60 -13.86
C ARG F 202 58.08 30.04 -12.44
N GLN F 203 57.58 31.20 -12.01
CA GLN F 203 57.93 31.70 -10.68
C GLN F 203 57.27 30.88 -9.58
N ARG F 204 56.12 30.27 -9.87
CA ARG F 204 55.43 29.43 -8.89
C ARG F 204 56.03 28.03 -8.79
N ALA F 205 57.06 27.73 -9.59
CA ALA F 205 57.64 26.40 -9.61
C ALA F 205 58.44 26.15 -8.33
N LEU F 206 58.56 24.86 -7.98
CA LEU F 206 59.43 24.47 -6.88
C LEU F 206 60.87 24.80 -7.23
N ASN F 207 61.52 25.59 -6.38
CA ASN F 207 62.90 25.98 -6.62
C ASN F 207 63.55 26.29 -5.28
N PRO F 208 64.73 25.73 -5.00
CA PRO F 208 65.36 25.99 -3.70
C PRO F 208 65.81 27.43 -3.50
N GLU F 209 65.91 28.22 -4.56
CA GLU F 209 66.31 29.62 -4.43
C GLU F 209 65.13 30.55 -4.14
N HIS F 210 63.90 30.06 -4.30
CA HIS F 210 62.70 30.75 -3.82
C HIS F 210 61.69 29.70 -3.38
N PRO F 211 61.93 29.04 -2.25
CA PRO F 211 61.18 27.83 -1.92
C PRO F 211 59.80 28.13 -1.35
N HIS F 212 58.96 27.11 -1.39
CA HIS F 212 57.61 27.15 -0.84
C HIS F 212 57.19 25.73 -0.51
N GLN F 213 56.06 25.61 0.19
CA GLN F 213 55.52 24.31 0.58
C GLN F 213 54.14 24.14 -0.02
N ARG F 214 53.90 22.97 -0.63
CA ARG F 214 52.63 22.65 -1.25
C ARG F 214 52.27 21.21 -0.90
N GLY F 215 50.96 20.92 -0.97
CA GLY F 215 50.48 19.59 -0.66
C GLY F 215 50.49 19.28 0.82
N THR F 216 50.14 20.25 1.65
CA THR F 216 50.14 20.07 3.09
C THR F 216 48.94 19.21 3.51
N ALA F 217 48.92 18.85 4.79
CA ALA F 217 47.76 18.22 5.42
C ALA F 217 47.08 19.26 6.30
N GLN F 218 45.76 19.36 6.19
CA GLN F 218 45.02 20.45 6.84
C GLN F 218 43.94 19.90 7.77
N ASN F 219 43.76 20.58 8.89
CA ASN F 219 42.78 20.23 9.91
C ASN F 219 41.41 20.82 9.54
N PRO F 220 40.36 20.44 10.28
CA PRO F 220 39.02 20.96 9.93
C PRO F 220 38.88 22.47 10.05
N ASP F 221 39.81 23.15 10.72
CA ASP F 221 39.63 24.58 10.96
C ASP F 221 39.80 25.40 9.69
N ILE F 222 40.55 24.92 8.71
CA ILE F 222 40.93 25.74 7.56
C ILE F 222 40.68 25.04 6.22
N TYR F 223 40.35 23.76 6.25
CA TYR F 223 40.25 23.00 5.01
C TYR F 223 39.11 23.51 4.13
N PHE F 224 37.94 23.73 4.72
CA PHE F 224 36.78 24.18 3.94
C PHE F 224 37.06 25.51 3.25
N GLN F 225 37.53 26.51 4.01
CA GLN F 225 37.82 27.82 3.43
C GLN F 225 38.85 27.71 2.31
N SER F 226 39.91 26.93 2.53
CA SER F 226 40.95 26.83 1.53
C SER F 226 40.42 26.23 0.23
N ARG F 227 39.45 25.30 0.34
CA ARG F 227 38.89 24.67 -0.85
C ARG F 227 38.00 25.64 -1.62
N GLU F 228 37.33 26.55 -0.94
CA GLU F 228 36.48 27.53 -1.60
C GLU F 228 37.27 28.72 -2.14
N ALA F 229 38.56 28.82 -1.82
CA ALA F 229 39.36 29.95 -2.27
C ALA F 229 39.60 29.94 -3.78
N ALA F 230 39.37 28.82 -4.45
CA ALA F 230 39.57 28.74 -5.89
C ALA F 230 38.33 29.15 -6.68
N ASN F 231 37.25 29.55 -6.00
CA ASN F 231 36.04 29.98 -6.70
C ASN F 231 36.25 31.05 -7.76
N PRO F 232 37.02 32.12 -7.53
CA PRO F 232 37.22 33.10 -8.61
C PRO F 232 37.84 32.51 -9.86
N TYR F 233 38.77 31.57 -9.70
CA TYR F 233 39.44 30.99 -10.87
C TYR F 233 38.46 30.20 -11.72
N TYR F 234 37.52 29.50 -11.09
CA TYR F 234 36.51 28.77 -11.83
C TYR F 234 35.43 29.68 -12.38
N LEU F 235 35.09 30.76 -11.66
CA LEU F 235 34.12 31.72 -12.18
C LEU F 235 34.65 32.47 -13.40
N ALA F 236 35.96 32.68 -13.47
CA ALA F 236 36.56 33.41 -14.59
C ALA F 236 36.86 32.50 -15.77
N THR F 237 36.87 31.19 -15.57
CA THR F 237 37.19 30.27 -16.66
C THR F 237 36.24 30.35 -17.84
N PRO F 238 34.91 30.41 -17.67
CA PRO F 238 34.03 30.52 -18.85
C PRO F 238 34.36 31.72 -19.74
N GLY F 239 34.55 32.91 -19.14
CA GLY F 239 34.91 34.07 -19.94
C GLY F 239 36.27 33.94 -20.60
N ILE F 240 37.21 33.26 -19.92
CA ILE F 240 38.54 33.08 -20.48
C ILE F 240 38.48 32.20 -21.73
N VAL F 241 37.73 31.09 -21.66
CA VAL F 241 37.59 30.22 -22.81
C VAL F 241 36.91 30.97 -23.96
N ALA F 242 35.92 31.79 -23.65
CA ALA F 242 35.24 32.57 -24.69
C ALA F 242 36.21 33.53 -25.37
N GLN F 243 37.07 34.19 -24.60
CA GLN F 243 38.06 35.09 -25.19
C GLN F 243 39.11 34.32 -25.97
N VAL F 244 39.52 33.14 -25.47
CA VAL F 244 40.48 32.31 -26.19
C VAL F 244 39.89 31.82 -27.51
N MET F 245 38.62 31.42 -27.49
CA MET F 245 37.96 31.00 -28.72
C MET F 245 37.89 32.13 -29.73
N GLU F 246 37.84 33.38 -29.24
CA GLU F 246 37.87 34.53 -30.14
C GLU F 246 39.24 34.71 -30.77
N GLN F 247 40.31 34.42 -30.03
CA GLN F 247 41.66 34.45 -30.58
C GLN F 247 41.79 33.47 -31.74
N VAL F 248 41.34 32.23 -31.53
CA VAL F 248 41.38 31.24 -32.60
C VAL F 248 40.45 31.65 -33.73
N ALA F 249 39.31 32.26 -33.39
CA ALA F 249 38.38 32.71 -34.43
C ALA F 249 39.02 33.76 -35.33
N GLY F 250 39.70 34.74 -34.73
CA GLY F 250 40.39 35.73 -35.53
C GLY F 250 41.55 35.16 -36.32
N LEU F 251 42.18 34.09 -35.79
CA LEU F 251 43.30 33.47 -36.49
C LEU F 251 42.81 32.51 -37.58
N THR F 252 41.82 31.68 -37.27
CA THR F 252 41.41 30.60 -38.16
C THR F 252 40.15 30.88 -38.95
N GLY F 253 39.32 31.83 -38.51
CA GLY F 253 38.05 32.12 -39.15
C GLY F 253 36.89 31.25 -38.70
N ARG F 254 37.14 30.25 -37.86
CA ARG F 254 36.11 29.34 -37.37
C ARG F 254 35.72 29.78 -35.97
N HIS F 255 34.43 30.08 -35.77
CA HIS F 255 33.95 30.71 -34.55
C HIS F 255 33.34 29.66 -33.62
N TYR F 256 33.93 29.50 -32.45
CA TYR F 256 33.41 28.62 -31.42
C TYR F 256 32.92 29.43 -30.24
N HIS F 257 31.95 28.86 -29.51
CA HIS F 257 31.46 29.42 -28.26
C HIS F 257 31.37 28.28 -27.26
N LEU F 258 31.19 28.64 -25.98
CA LEU F 258 31.07 27.60 -24.95
C LEU F 258 29.94 26.64 -25.28
N PHE F 259 28.83 27.17 -25.78
CA PHE F 259 27.74 26.38 -26.34
C PHE F 259 27.38 27.01 -27.67
N ASP F 260 27.31 26.21 -28.71
CA ASP F 260 27.00 26.68 -30.05
C ASP F 260 25.61 26.19 -30.44
N TYR F 261 24.87 27.03 -31.16
CA TYR F 261 23.53 26.71 -31.59
C TYR F 261 23.46 26.61 -33.11
N ALA F 262 22.64 25.70 -33.60
CA ALA F 262 22.39 25.55 -35.02
C ALA F 262 20.94 25.14 -35.20
N GLY F 263 20.28 25.76 -36.19
CA GLY F 263 18.92 25.39 -36.49
C GLY F 263 18.02 26.60 -36.57
N ALA F 264 16.71 26.33 -36.50
CA ALA F 264 15.71 27.37 -36.66
C ALA F 264 15.79 28.37 -35.51
N PRO F 265 15.71 29.67 -35.79
CA PRO F 265 15.68 30.65 -34.70
C PRO F 265 14.40 30.58 -33.88
N ASP F 266 13.31 30.07 -34.46
CA ASP F 266 12.04 29.90 -33.78
C ASP F 266 11.75 28.43 -33.47
N ALA F 267 12.80 27.65 -33.21
CA ALA F 267 12.65 26.23 -32.97
C ALA F 267 11.89 26.00 -31.67
N GLU F 268 11.11 24.92 -31.65
CA GLU F 268 10.40 24.49 -30.45
C GLU F 268 10.96 23.22 -29.85
N ARG F 269 11.65 22.40 -30.63
CA ARG F 269 12.29 21.17 -30.18
C ARG F 269 13.80 21.30 -30.41
N VAL F 270 14.58 21.13 -29.35
CA VAL F 270 16.03 21.30 -29.41
C VAL F 270 16.70 20.11 -28.74
N ILE F 271 17.77 19.61 -29.37
CA ILE F 271 18.60 18.55 -28.80
C ILE F 271 19.85 19.17 -28.21
N VAL F 272 20.19 18.79 -26.98
CA VAL F 272 21.44 19.15 -26.33
C VAL F 272 22.31 17.91 -26.32
N SER F 273 23.51 18.00 -26.88
CA SER F 273 24.38 16.85 -27.01
C SER F 273 25.83 17.32 -26.98
N MET F 274 26.74 16.36 -27.12
CA MET F 274 28.15 16.60 -26.91
C MET F 274 28.94 15.58 -27.73
N GLY F 275 30.08 16.01 -28.26
CA GLY F 275 30.91 15.11 -29.03
C GLY F 275 30.45 14.97 -30.47
N SER F 276 30.88 13.87 -31.09
CA SER F 276 30.66 13.69 -32.52
C SER F 276 29.18 13.63 -32.88
N SER F 277 28.31 13.37 -31.90
CA SER F 277 26.88 13.35 -32.18
C SER F 277 26.40 14.71 -32.70
N CYS F 278 27.04 15.80 -32.29
CA CYS F 278 26.61 17.12 -32.75
C CYS F 278 26.74 17.26 -34.26
N GLU F 279 27.74 16.61 -34.85
CA GLU F 279 27.85 16.62 -36.30
C GLU F 279 26.66 15.88 -36.93
N VAL F 280 26.36 14.69 -36.43
CA VAL F 280 25.26 13.92 -36.98
C VAL F 280 23.94 14.65 -36.79
N ILE F 281 23.78 15.33 -35.65
CA ILE F 281 22.53 16.02 -35.37
C ILE F 281 22.40 17.28 -36.22
N GLU F 282 23.49 18.05 -36.37
CA GLU F 282 23.42 19.27 -37.16
C GLU F 282 23.11 18.96 -38.61
N GLU F 283 23.70 17.90 -39.16
CA GLU F 283 23.37 17.48 -40.52
C GLU F 283 21.88 17.17 -40.63
N THR F 284 21.31 16.50 -39.62
CA THR F 284 19.87 16.24 -39.62
C THR F 284 19.07 17.52 -39.44
N VAL F 285 19.56 18.44 -38.61
CA VAL F 285 18.85 19.70 -38.39
C VAL F 285 18.76 20.50 -39.68
N ASN F 286 19.87 20.59 -40.41
CA ASN F 286 19.85 21.25 -41.72
C ASN F 286 18.80 20.62 -42.62
N TYR F 287 18.72 19.29 -42.61
CA TYR F 287 17.75 18.58 -43.42
C TYR F 287 16.32 18.90 -42.99
N LEU F 288 16.06 18.91 -41.68
CA LEU F 288 14.70 19.13 -41.20
C LEU F 288 14.28 20.59 -41.35
N VAL F 289 15.20 21.53 -41.11
CA VAL F 289 14.86 22.94 -41.27
C VAL F 289 14.48 23.25 -42.70
N GLU F 290 15.19 22.65 -43.67
CA GLU F 290 14.84 22.87 -45.08
C GLU F 290 13.44 22.34 -45.39
N LYS F 291 13.02 21.28 -44.72
CA LYS F 291 11.66 20.77 -44.88
C LYS F 291 10.63 21.53 -44.06
N GLY F 292 11.05 22.54 -43.29
CA GLY F 292 10.12 23.41 -42.60
C GLY F 292 9.93 23.13 -41.12
N GLU F 293 10.53 22.08 -40.58
CA GLU F 293 10.35 21.77 -39.18
C GLU F 293 11.12 22.75 -38.31
N LYS F 294 10.51 23.17 -37.21
CA LYS F 294 11.10 24.16 -36.31
C LYS F 294 11.89 23.42 -35.23
N VAL F 295 13.09 22.96 -35.61
CA VAL F 295 13.96 22.20 -34.73
C VAL F 295 15.34 22.86 -34.69
N GLY F 296 16.08 22.56 -33.64
CA GLY F 296 17.41 23.13 -33.45
C GLY F 296 18.27 22.22 -32.61
N LEU F 297 19.52 22.64 -32.43
CA LEU F 297 20.51 21.85 -31.70
C LEU F 297 21.43 22.80 -30.95
N ILE F 298 21.73 22.46 -29.70
CA ILE F 298 22.72 23.15 -28.91
C ILE F 298 23.89 22.21 -28.70
N LYS F 299 25.06 22.58 -29.23
CA LYS F 299 26.27 21.79 -29.06
C LYS F 299 27.00 22.25 -27.79
N VAL F 300 27.30 21.29 -26.92
CA VAL F 300 28.03 21.56 -25.69
C VAL F 300 29.52 21.40 -25.99
N ARG F 301 30.26 22.51 -25.90
CA ARG F 301 31.71 22.51 -26.06
C ARG F 301 32.42 22.47 -24.71
N LEU F 302 32.19 23.47 -23.87
CA LEU F 302 32.78 23.51 -22.53
C LEU F 302 31.79 22.89 -21.55
N PHE F 303 32.02 21.63 -21.21
CA PHE F 303 31.14 20.93 -20.27
C PHE F 303 31.40 21.35 -18.83
N ARG F 304 32.67 21.56 -18.47
CA ARG F 304 33.06 22.02 -17.14
C ARG F 304 34.12 23.10 -17.32
N PRO F 305 34.03 24.22 -16.59
CA PRO F 305 32.94 24.59 -15.68
C PRO F 305 31.68 24.95 -16.47
N PHE F 306 30.52 24.55 -15.96
CA PHE F 306 29.26 24.77 -16.67
C PHE F 306 28.77 26.19 -16.40
N SER F 307 28.78 27.02 -17.44
CA SER F 307 28.37 28.42 -17.34
C SER F 307 26.91 28.53 -17.75
N ALA F 308 26.03 28.77 -16.76
CA ALA F 308 24.60 28.91 -17.05
C ALA F 308 24.33 30.10 -17.97
N GLU F 309 25.06 31.20 -17.78
CA GLU F 309 24.87 32.38 -18.61
C GLU F 309 25.15 32.09 -20.08
N HIS F 310 26.23 31.36 -20.36
CA HIS F 310 26.57 31.07 -21.75
C HIS F 310 25.64 30.04 -22.37
N PHE F 311 25.00 29.19 -21.57
CA PHE F 311 24.05 28.23 -22.13
C PHE F 311 22.77 28.94 -22.54
N LEU F 312 22.20 29.75 -21.64
CA LEU F 312 20.99 30.49 -21.95
C LEU F 312 21.23 31.55 -23.00
N LYS F 313 22.48 31.99 -23.17
CA LYS F 313 22.79 33.03 -24.15
C LYS F 313 22.46 32.57 -25.57
N VAL F 314 22.58 31.28 -25.84
CA VAL F 314 22.36 30.71 -27.16
C VAL F 314 21.08 29.90 -27.23
N LEU F 315 20.26 29.92 -26.18
CA LEU F 315 19.02 29.16 -26.16
C LEU F 315 17.90 30.04 -26.68
N PRO F 316 17.28 29.71 -27.81
CA PRO F 316 16.19 30.56 -28.33
C PRO F 316 15.03 30.63 -27.35
N ALA F 317 14.41 31.82 -27.29
CA ALA F 317 13.28 32.02 -26.40
C ALA F 317 12.07 31.20 -26.82
N SER F 318 12.06 30.68 -28.05
CA SER F 318 10.93 29.92 -28.58
C SER F 318 11.00 28.44 -28.23
N VAL F 319 12.02 28.01 -27.51
CA VAL F 319 12.18 26.59 -27.19
C VAL F 319 11.13 26.17 -26.17
N LYS F 320 10.40 25.11 -26.50
CA LYS F 320 9.41 24.54 -25.59
C LYS F 320 9.79 23.16 -25.08
N ARG F 321 10.57 22.39 -25.84
CA ARG F 321 10.94 21.04 -25.45
C ARG F 321 12.38 20.76 -25.84
N ILE F 322 13.11 20.14 -24.93
CA ILE F 322 14.53 19.84 -25.11
C ILE F 322 14.75 18.36 -24.82
N ALA F 323 15.52 17.70 -25.69
CA ALA F 323 15.98 16.34 -25.47
C ALA F 323 17.49 16.38 -25.29
N VAL F 324 17.96 15.89 -24.15
CA VAL F 324 19.38 15.85 -23.86
C VAL F 324 19.89 14.44 -24.09
N LEU F 325 20.99 14.32 -24.82
CA LEU F 325 21.57 13.03 -25.18
C LEU F 325 22.91 12.86 -24.46
N ASP F 326 23.03 11.78 -23.69
CA ASP F 326 24.24 11.48 -22.95
C ASP F 326 24.88 10.22 -23.54
N ARG F 327 26.18 10.29 -23.80
CA ARG F 327 26.89 9.11 -24.30
C ARG F 327 27.52 8.32 -23.16
N THR F 328 26.69 8.03 -22.16
CA THR F 328 27.14 7.27 -20.99
C THR F 328 25.92 6.65 -20.33
N LYS F 329 26.19 5.82 -19.34
CA LYS F 329 25.13 5.23 -18.52
C LYS F 329 25.62 5.19 -17.09
N GLU F 330 24.83 5.73 -16.18
CA GLU F 330 25.10 5.66 -14.74
C GLU F 330 23.97 4.86 -14.13
N PRO F 331 24.15 3.54 -13.97
CA PRO F 331 23.02 2.69 -13.57
C PRO F 331 22.45 3.10 -12.23
N GLY F 332 21.12 3.11 -12.16
CA GLY F 332 20.43 3.47 -10.95
C GLY F 332 20.35 4.96 -10.68
N SER F 333 21.16 5.76 -11.36
CA SER F 333 21.08 7.21 -11.17
C SER F 333 19.77 7.71 -11.73
N LEU F 334 19.33 8.87 -11.22
CA LEU F 334 18.08 9.47 -11.67
C LEU F 334 18.18 9.89 -13.14
N GLY F 335 19.35 10.36 -13.54
CA GLY F 335 19.60 10.72 -14.93
C GLY F 335 21.09 10.82 -15.17
N GLU F 336 21.44 10.89 -16.45
CA GLU F 336 22.84 10.96 -16.83
C GLU F 336 23.37 12.39 -16.69
N PRO F 337 24.70 12.56 -16.65
CA PRO F 337 25.26 13.86 -16.21
C PRO F 337 24.77 15.07 -16.99
N LEU F 338 24.85 15.04 -18.31
CA LEU F 338 24.47 16.23 -19.09
C LEU F 338 22.98 16.52 -18.93
N TYR F 339 22.15 15.47 -18.85
CA TYR F 339 20.72 15.68 -18.65
C TYR F 339 20.44 16.38 -17.33
N GLU F 340 21.12 15.98 -16.26
CA GLU F 340 20.89 16.59 -14.97
C GLU F 340 21.38 18.04 -14.94
N ASP F 341 22.44 18.34 -15.69
CA ASP F 341 22.90 19.72 -15.78
C ASP F 341 21.89 20.60 -16.52
N VAL F 342 21.40 20.14 -17.67
CA VAL F 342 20.40 20.91 -18.41
C VAL F 342 19.13 21.06 -17.59
N GLN F 343 18.72 19.99 -16.91
CA GLN F 343 17.53 20.08 -16.06
C GLN F 343 17.74 21.07 -14.94
N THR F 344 18.95 21.14 -14.38
CA THR F 344 19.22 22.04 -13.26
C THR F 344 19.21 23.50 -13.71
N VAL F 345 19.94 23.82 -14.77
CA VAL F 345 20.09 25.21 -15.18
C VAL F 345 18.74 25.82 -15.56
N LEU F 346 17.89 25.04 -16.22
CA LEU F 346 16.57 25.54 -16.59
C LEU F 346 15.68 25.73 -15.36
N ALA F 347 15.87 24.91 -14.33
CA ALA F 347 15.11 25.12 -13.09
C ALA F 347 15.59 26.37 -12.37
N GLU F 348 16.90 26.61 -12.35
CA GLU F 348 17.43 27.79 -11.65
C GLU F 348 16.96 29.09 -12.27
N HIS F 349 16.56 29.08 -13.54
CA HIS F 349 16.14 30.29 -14.24
C HIS F 349 14.67 30.26 -14.63
N GLY F 350 13.90 29.33 -14.06
CA GLY F 350 12.45 29.33 -14.22
C GLY F 350 11.97 29.14 -15.65
N LYS F 351 12.77 28.54 -16.51
CA LYS F 351 12.35 28.30 -17.87
C LYS F 351 11.32 27.18 -17.92
N ASN F 352 10.19 27.43 -18.59
CA ASN F 352 9.13 26.43 -18.73
C ASN F 352 9.41 25.61 -19.99
N ILE F 353 10.39 24.71 -19.86
CA ILE F 353 10.83 23.87 -20.97
C ILE F 353 10.77 22.43 -20.50
N LEU F 354 10.05 21.59 -21.26
CA LEU F 354 10.01 20.16 -20.97
C LEU F 354 11.35 19.56 -21.37
N VAL F 355 12.05 18.97 -20.41
CA VAL F 355 13.37 18.39 -20.65
C VAL F 355 13.26 16.88 -20.52
N VAL F 356 13.93 16.17 -21.43
CA VAL F 356 13.91 14.72 -21.47
C VAL F 356 15.31 14.27 -21.82
N GLY F 357 15.77 13.20 -21.16
CA GLY F 357 17.13 12.72 -21.32
C GLY F 357 17.17 11.33 -21.90
N GLY F 358 18.21 11.05 -22.67
CA GLY F 358 18.36 9.76 -23.29
C GLY F 358 19.82 9.36 -23.38
N ARG F 359 20.05 8.12 -23.78
CA ARG F 359 21.39 7.57 -23.94
C ARG F 359 21.57 7.09 -25.37
N TYR F 360 22.81 7.21 -25.86
CA TYR F 360 23.11 6.83 -27.22
C TYR F 360 24.57 6.39 -27.31
N GLY F 361 24.86 5.62 -28.36
CA GLY F 361 26.22 5.40 -28.80
C GLY F 361 27.14 4.73 -27.81
N LEU F 362 26.62 3.88 -26.92
CA LEU F 362 27.49 3.19 -25.98
C LEU F 362 28.36 2.17 -26.71
N GLY F 363 29.65 2.21 -26.40
CA GLY F 363 30.59 1.33 -27.08
C GLY F 363 30.63 1.54 -28.56
N SER F 364 30.61 2.80 -29.00
CA SER F 364 30.63 3.16 -30.43
C SER F 364 29.42 2.63 -31.19
N LYS F 365 28.28 2.50 -30.51
CA LYS F 365 27.04 2.15 -31.19
C LYS F 365 26.73 3.19 -32.26
N GLU F 366 26.26 2.72 -33.41
CA GLU F 366 25.98 3.64 -34.51
C GLU F 366 24.93 4.66 -34.11
N PHE F 367 25.15 5.90 -34.55
CA PHE F 367 24.23 7.01 -34.29
C PHE F 367 24.11 7.81 -35.58
N ASN F 368 23.05 7.55 -36.33
CA ASN F 368 22.84 8.07 -37.67
C ASN F 368 21.65 9.03 -37.69
N PRO F 369 21.45 9.77 -38.80
CA PRO F 369 20.36 10.74 -38.84
C PRO F 369 18.98 10.15 -38.60
N SER F 370 18.75 8.91 -39.03
CA SER F 370 17.46 8.28 -38.78
C SER F 370 17.15 8.22 -37.29
N MET F 371 18.17 7.98 -36.47
CA MET F 371 17.99 8.00 -35.02
C MET F 371 17.78 9.42 -34.51
N VAL F 372 18.48 10.40 -35.08
CA VAL F 372 18.28 11.78 -34.65
C VAL F 372 16.83 12.20 -34.88
N LYS F 373 16.24 11.76 -35.99
CA LYS F 373 14.83 12.05 -36.24
C LYS F 373 13.94 11.41 -35.19
N ALA F 374 14.28 10.19 -34.74
CA ALA F 374 13.51 9.56 -33.68
C ALA F 374 13.56 10.38 -32.39
N VAL F 375 14.70 10.99 -32.10
CA VAL F 375 14.82 11.87 -30.94
C VAL F 375 13.92 13.08 -31.09
N PHE F 376 13.93 13.70 -32.28
CA PHE F 376 13.04 14.84 -32.52
C PHE F 376 11.58 14.41 -32.51
N ASP F 377 11.30 13.24 -33.09
CA ASP F 377 9.91 12.76 -33.09
C ASP F 377 9.40 12.47 -31.69
N ASN F 378 10.27 12.01 -30.79
CA ASN F 378 9.83 11.79 -29.41
C ASN F 378 9.46 13.11 -28.73
N LEU F 379 10.20 14.19 -29.05
CA LEU F 379 9.81 15.50 -28.53
C LEU F 379 8.50 15.99 -29.12
N ALA F 380 8.14 15.52 -30.31
CA ALA F 380 6.90 15.91 -30.96
C ALA F 380 5.71 15.07 -30.51
N ALA F 381 5.94 14.00 -29.75
CA ALA F 381 4.85 13.17 -29.28
C ALA F 381 4.02 13.91 -28.22
N THR F 382 2.81 13.41 -27.99
CA THR F 382 1.94 14.02 -26.99
C THR F 382 2.59 13.98 -25.61
N THR F 383 3.13 12.84 -25.24
CA THR F 383 3.89 12.69 -23.99
C THR F 383 5.25 12.12 -24.34
N PRO F 384 6.29 12.95 -24.43
CA PRO F 384 7.62 12.43 -24.76
C PRO F 384 8.06 11.42 -23.72
N LYS F 385 8.57 10.29 -24.20
CA LYS F 385 9.12 9.29 -23.29
C LYS F 385 10.44 9.81 -22.73
N ASN F 386 10.59 9.73 -21.41
CA ASN F 386 11.81 10.16 -20.75
C ASN F 386 12.67 8.96 -20.38
N LYS F 387 13.95 9.22 -20.12
CA LYS F 387 14.92 8.19 -19.76
C LYS F 387 14.98 7.10 -20.82
N PHE F 388 15.20 7.53 -22.06
CA PHE F 388 15.13 6.65 -23.22
C PHE F 388 16.54 6.26 -23.70
N THR F 389 16.57 5.36 -24.67
CA THR F 389 17.80 4.98 -25.36
C THR F 389 17.56 4.99 -26.86
N VAL F 390 18.62 5.21 -27.64
CA VAL F 390 18.53 5.27 -29.09
C VAL F 390 19.61 4.39 -29.69
N GLY F 391 19.22 3.57 -30.66
CA GLY F 391 20.15 2.68 -31.33
C GLY F 391 20.00 1.22 -30.98
N ILE F 392 19.12 0.88 -30.04
CA ILE F 392 18.90 -0.49 -29.63
C ILE F 392 17.39 -0.75 -29.61
N THR F 393 17.03 -2.02 -29.43
CA THR F 393 15.65 -2.45 -29.23
C THR F 393 15.55 -3.00 -27.82
N ASP F 394 15.05 -2.19 -26.91
CA ASP F 394 14.93 -2.57 -25.51
C ASP F 394 13.54 -3.15 -25.29
N ASP F 395 13.42 -4.47 -25.47
CA ASP F 395 12.16 -5.16 -25.25
C ASP F 395 12.00 -5.65 -23.82
N VAL F 396 12.88 -5.25 -22.91
CA VAL F 396 12.81 -5.68 -21.53
C VAL F 396 12.23 -4.56 -20.67
N THR F 397 12.87 -3.39 -20.70
CA THR F 397 12.40 -2.24 -19.96
C THR F 397 11.77 -1.17 -20.84
N HIS F 398 11.75 -1.40 -22.16
CA HIS F 398 11.00 -0.54 -23.09
C HIS F 398 11.44 0.91 -23.02
N THR F 399 12.76 1.13 -22.98
CA THR F 399 13.30 2.47 -22.97
C THR F 399 13.70 2.95 -24.35
N SER F 400 13.79 2.04 -25.33
CA SER F 400 14.29 2.39 -26.66
C SER F 400 13.22 3.09 -27.48
N LEU F 401 13.66 4.05 -28.29
CA LEU F 401 12.77 4.74 -29.22
C LEU F 401 12.61 3.91 -30.48
N GLU F 402 11.42 4.00 -31.07
CA GLU F 402 11.12 3.25 -32.28
C GLU F 402 11.66 4.00 -33.49
N ILE F 403 12.52 3.33 -34.27
CA ILE F 403 13.02 3.89 -35.53
C ILE F 403 11.98 3.58 -36.61
N LYS F 404 11.11 4.54 -36.91
CA LYS F 404 10.00 4.28 -37.82
C LYS F 404 10.48 4.19 -39.27
N GLU F 405 11.09 5.26 -39.78
CA GLU F 405 11.47 5.31 -41.18
C GLU F 405 12.94 5.70 -41.34
N HIS F 406 13.48 5.39 -42.51
CA HIS F 406 14.87 5.67 -42.85
C HIS F 406 14.95 6.88 -43.76
N ILE F 407 15.78 7.85 -43.38
CA ILE F 407 15.94 9.09 -44.13
C ILE F 407 17.39 9.22 -44.59
N ASP F 408 17.57 9.98 -45.67
CA ASP F 408 18.88 10.26 -46.25
C ASP F 408 19.14 11.76 -46.14
N THR F 409 19.98 12.15 -45.19
CA THR F 409 20.29 13.55 -44.94
C THR F 409 21.65 13.96 -45.48
N SER F 410 22.29 13.10 -46.28
CA SER F 410 23.59 13.44 -46.83
C SER F 410 23.48 14.60 -47.81
N PRO F 411 24.38 15.58 -47.73
CA PRO F 411 24.34 16.69 -48.68
C PRO F 411 24.51 16.22 -50.12
N LYS F 412 23.76 16.86 -51.03
CA LYS F 412 23.83 16.49 -52.44
C LYS F 412 25.21 16.77 -52.99
N GLY F 413 25.71 15.84 -53.81
CA GLY F 413 27.05 15.91 -54.36
C GLY F 413 28.11 15.17 -53.58
N THR F 414 27.74 14.52 -52.47
CA THR F 414 28.69 13.78 -51.66
C THR F 414 28.71 12.32 -52.12
N PHE F 415 29.89 11.86 -52.53
CA PHE F 415 30.06 10.48 -52.97
C PHE F 415 30.30 9.58 -51.77
N ARG F 416 29.76 8.37 -51.81
CA ARG F 416 29.83 7.45 -50.67
C ARG F 416 30.18 6.06 -51.16
N CYS F 417 31.21 5.47 -50.57
CA CYS F 417 31.71 4.17 -50.99
C CYS F 417 31.95 3.27 -49.79
N LYS F 418 31.61 1.99 -49.94
CA LYS F 418 31.95 0.96 -48.97
C LYS F 418 32.85 -0.06 -49.63
N PHE F 419 33.88 -0.51 -48.88
CA PHE F 419 34.84 -1.49 -49.37
C PHE F 419 34.88 -2.64 -48.37
N PHE F 420 34.38 -3.80 -48.79
CA PHE F 420 34.49 -5.02 -48.01
C PHE F 420 35.82 -5.68 -48.36
N GLY F 421 36.74 -5.73 -47.39
CA GLY F 421 38.05 -6.28 -47.60
C GLY F 421 38.33 -7.45 -46.68
N LEU F 422 39.45 -8.10 -46.93
CA LEU F 422 39.93 -9.16 -46.06
C LEU F 422 41.07 -8.61 -45.21
N GLY F 423 41.27 -9.23 -44.05
CA GLY F 423 42.32 -8.80 -43.14
C GLY F 423 43.69 -8.75 -43.77
N SER F 424 44.27 -7.54 -43.81
CA SER F 424 45.63 -7.31 -44.30
C SER F 424 45.80 -7.68 -45.77
N ASP F 425 44.75 -7.49 -46.58
CA ASP F 425 44.87 -7.70 -48.02
C ASP F 425 45.21 -6.43 -48.77
N GLY F 426 45.42 -5.32 -48.07
CA GLY F 426 45.77 -4.05 -48.69
C GLY F 426 44.62 -3.12 -48.97
N THR F 427 43.38 -3.55 -48.72
CA THR F 427 42.23 -2.73 -49.05
C THR F 427 42.21 -1.43 -48.25
N VAL F 428 42.34 -1.53 -46.92
CA VAL F 428 42.30 -0.36 -46.06
C VAL F 428 43.45 0.58 -46.38
N GLY F 429 44.66 0.04 -46.54
CA GLY F 429 45.81 0.88 -46.87
C GLY F 429 45.63 1.59 -48.19
N ALA F 430 45.04 0.91 -49.17
CA ALA F 430 44.80 1.54 -50.47
C ALA F 430 43.79 2.67 -50.34
N ASN F 431 42.71 2.45 -49.58
CA ASN F 431 41.69 3.48 -49.41
C ASN F 431 42.26 4.71 -48.70
N LYS F 432 43.15 4.50 -47.73
CA LYS F 432 43.81 5.64 -47.10
C LYS F 432 44.61 6.45 -48.11
N ASN F 433 45.31 5.77 -49.01
CA ASN F 433 46.07 6.48 -50.04
C ASN F 433 45.16 7.19 -51.04
N SER F 434 43.99 6.60 -51.34
CA SER F 434 43.05 7.25 -52.25
C SER F 434 42.56 8.57 -51.68
N ILE F 435 42.32 8.61 -50.36
CA ILE F 435 41.88 9.84 -49.73
C ILE F 435 42.95 10.93 -49.80
N LYS F 436 44.21 10.56 -49.55
CA LYS F 436 45.30 11.54 -49.61
C LYS F 436 45.48 12.07 -51.03
N ILE F 437 45.28 11.20 -52.03
CA ILE F 437 45.33 11.64 -53.42
C ILE F 437 44.22 12.65 -53.70
N ILE F 438 42.99 12.32 -53.32
CA ILE F 438 41.86 13.18 -53.61
C ILE F 438 41.94 14.49 -52.83
N GLY F 439 42.33 14.41 -51.55
CA GLY F 439 42.34 15.60 -50.72
C GLY F 439 43.39 16.60 -51.13
N ASP F 440 44.57 16.13 -51.55
CA ASP F 440 45.68 17.01 -51.86
C ASP F 440 45.52 17.71 -53.21
N HIS F 441 44.73 17.15 -54.12
CA HIS F 441 44.68 17.65 -55.49
C HIS F 441 43.33 18.18 -55.94
N THR F 442 42.32 18.19 -55.07
CA THR F 442 41.02 18.77 -55.39
C THR F 442 40.61 19.70 -54.26
N ASP F 443 39.54 20.46 -54.50
CA ASP F 443 38.94 21.30 -53.47
C ASP F 443 37.95 20.56 -52.59
N MET F 444 37.76 19.26 -52.82
CA MET F 444 36.73 18.51 -52.11
C MET F 444 37.20 18.07 -50.74
N TYR F 445 36.26 18.03 -49.80
CA TYR F 445 36.49 17.40 -48.52
C TYR F 445 36.42 15.88 -48.68
N ALA F 446 37.21 15.18 -47.86
CA ALA F 446 37.32 13.73 -47.92
C ALA F 446 37.27 13.16 -46.51
N GLN F 447 36.60 12.02 -46.36
CA GLN F 447 36.42 11.37 -45.07
C GLN F 447 36.63 9.87 -45.20
N GLY F 448 37.30 9.28 -44.21
CA GLY F 448 37.47 7.84 -44.17
C GLY F 448 37.33 7.25 -42.79
N TYR F 449 36.55 6.17 -42.67
CA TYR F 449 36.37 5.46 -41.41
C TYR F 449 36.44 3.96 -41.72
N PHE F 450 37.09 3.21 -40.83
CA PHE F 450 37.43 1.82 -41.11
C PHE F 450 36.99 0.93 -39.96
N VAL F 451 36.16 -0.06 -40.27
CA VAL F 451 35.65 -1.01 -39.29
C VAL F 451 36.49 -2.27 -39.35
N TYR F 452 37.07 -2.65 -38.21
CA TYR F 452 37.95 -3.81 -38.11
C TYR F 452 37.25 -4.95 -37.37
N ASP F 453 37.90 -6.11 -37.39
CA ASP F 453 37.37 -7.33 -36.79
C ASP F 453 38.18 -7.71 -35.56
N SER F 454 37.53 -8.47 -34.67
CA SER F 454 38.20 -8.97 -33.47
C SER F 454 39.16 -10.10 -33.79
N LYS F 455 38.92 -10.83 -34.88
CA LYS F 455 39.85 -11.88 -35.30
C LYS F 455 41.13 -11.21 -35.80
N LYS F 456 42.28 -11.69 -35.33
CA LYS F 456 43.52 -11.00 -35.65
C LYS F 456 44.03 -11.31 -37.07
N SER F 457 43.67 -12.45 -37.63
CA SER F 457 44.11 -12.81 -38.98
C SER F 457 42.91 -13.35 -39.76
N GLY F 458 42.73 -12.85 -40.97
CA GLY F 458 41.64 -13.30 -41.82
C GLY F 458 40.30 -12.65 -41.55
N GLY F 459 40.28 -11.50 -40.86
CA GLY F 459 39.04 -10.84 -40.51
C GLY F 459 38.41 -10.05 -41.64
N VAL F 460 37.18 -9.61 -41.41
CA VAL F 460 36.43 -8.80 -42.38
C VAL F 460 36.67 -7.33 -42.08
N THR F 461 36.96 -6.55 -43.11
CA THR F 461 37.15 -5.11 -42.98
C THR F 461 36.18 -4.38 -43.90
N ILE F 462 35.58 -3.32 -43.37
CA ILE F 462 34.62 -2.50 -44.12
C ILE F 462 35.13 -1.06 -44.08
N SER F 463 35.51 -0.54 -45.23
CA SER F 463 36.00 0.83 -45.34
C SER F 463 34.85 1.75 -45.75
N HIS F 464 34.77 2.92 -45.13
CA HIS F 464 33.75 3.92 -45.44
C HIS F 464 34.44 5.21 -45.88
N LEU F 465 34.27 5.56 -47.15
CA LEU F 465 34.87 6.77 -47.71
C LEU F 465 33.77 7.71 -48.19
N ARG F 466 34.01 9.01 -48.03
CA ARG F 466 33.10 10.04 -48.50
C ARG F 466 33.90 11.19 -49.10
N PHE F 467 33.43 11.70 -50.24
CA PHE F 467 34.00 12.89 -50.85
C PHE F 467 32.88 13.79 -51.32
N GLY F 468 33.01 15.08 -51.05
CA GLY F 468 32.00 16.03 -51.48
C GLY F 468 32.55 17.44 -51.46
N LYS F 469 31.87 18.31 -52.21
CA LYS F 469 32.25 19.72 -52.26
C LYS F 469 31.88 20.48 -51.01
N GLN F 470 31.06 19.89 -50.13
CA GLN F 470 30.64 20.51 -48.89
C GLN F 470 31.27 19.78 -47.71
N PRO F 471 31.45 20.47 -46.58
CA PRO F 471 32.04 19.81 -45.41
C PRO F 471 31.29 18.56 -45.00
N ILE F 472 32.04 17.53 -44.61
CA ILE F 472 31.49 16.21 -44.33
C ILE F 472 31.23 16.13 -42.82
N GLN F 473 29.96 16.26 -42.43
CA GLN F 473 29.55 16.11 -41.05
C GLN F 473 28.99 14.72 -40.76
N SER F 474 29.12 13.79 -41.70
CA SER F 474 28.51 12.48 -41.59
C SER F 474 29.43 11.58 -40.75
N ALA F 475 29.36 11.75 -39.44
CA ALA F 475 30.11 10.92 -38.52
C ALA F 475 29.34 9.64 -38.19
N TYR F 476 28.96 8.93 -39.24
CA TYR F 476 28.23 7.68 -39.11
C TYR F 476 28.52 6.81 -40.32
N LEU F 477 28.15 5.53 -40.21
CA LEU F 477 28.41 4.60 -41.30
C LEU F 477 27.57 4.96 -42.52
N ILE F 478 28.02 4.48 -43.68
CA ILE F 478 27.39 4.87 -44.93
C ILE F 478 26.03 4.19 -45.07
N ASP F 479 25.00 4.99 -45.30
CA ASP F 479 23.61 4.53 -45.44
C ASP F 479 23.24 4.26 -46.90
N GLN F 480 23.47 5.24 -47.77
CA GLN F 480 23.19 5.11 -49.20
C GLN F 480 24.51 5.27 -49.92
N ALA F 481 25.01 4.17 -50.48
CA ALA F 481 26.33 4.15 -51.09
C ALA F 481 26.19 4.35 -52.59
N ASP F 482 27.02 5.24 -53.14
CA ASP F 482 27.11 5.40 -54.59
C ASP F 482 27.92 4.28 -55.23
N LEU F 483 28.87 3.70 -54.48
CA LEU F 483 29.71 2.62 -54.96
C LEU F 483 29.96 1.65 -53.83
N ILE F 484 29.86 0.36 -54.13
CA ILE F 484 30.17 -0.70 -53.18
C ILE F 484 31.13 -1.65 -53.85
N ALA F 485 32.27 -1.91 -53.20
CA ALA F 485 33.31 -2.77 -53.73
C ALA F 485 33.47 -3.98 -52.83
N CYS F 486 33.52 -5.17 -53.43
CA CYS F 486 33.68 -6.41 -52.70
C CYS F 486 34.98 -7.06 -53.19
N HIS F 487 36.01 -7.04 -52.35
CA HIS F 487 37.31 -7.57 -52.72
C HIS F 487 37.48 -9.03 -52.36
N ASN F 488 36.42 -9.69 -51.88
CA ASN F 488 36.51 -11.10 -51.53
C ASN F 488 35.27 -11.84 -52.03
N PRO F 489 35.41 -12.73 -53.00
CA PRO F 489 34.24 -13.45 -53.52
C PRO F 489 33.58 -14.36 -52.50
N SER F 490 34.33 -14.77 -51.45
CA SER F 490 33.75 -15.63 -50.42
C SER F 490 32.64 -14.93 -49.66
N TYR F 491 32.65 -13.59 -49.63
CA TYR F 491 31.61 -12.85 -48.94
C TYR F 491 30.27 -12.96 -49.66
N VAL F 492 30.27 -13.31 -50.94
CA VAL F 492 29.04 -13.43 -51.70
C VAL F 492 28.20 -14.58 -51.14
N GLY F 493 26.98 -14.26 -50.71
CA GLY F 493 26.10 -15.21 -50.07
C GLY F 493 26.30 -15.33 -48.57
N ARG F 494 27.30 -14.66 -48.02
CA ARG F 494 27.61 -14.70 -46.60
C ARG F 494 27.16 -13.44 -45.87
N TYR F 495 27.38 -12.27 -46.46
CA TYR F 495 27.01 -11.00 -45.86
C TYR F 495 26.07 -10.24 -46.79
N ASN F 496 25.30 -9.32 -46.20
CA ASN F 496 24.38 -8.48 -46.96
C ASN F 496 25.18 -7.34 -47.58
N LEU F 497 25.89 -7.67 -48.66
CA LEU F 497 26.81 -6.71 -49.28
C LEU F 497 26.07 -5.54 -49.90
N LEU F 498 25.04 -5.81 -50.70
CA LEU F 498 24.32 -4.78 -51.45
C LEU F 498 23.31 -4.00 -50.60
N GLU F 499 23.45 -4.00 -49.28
CA GLU F 499 22.50 -3.29 -48.44
C GLU F 499 22.64 -1.78 -48.61
N GLY F 500 21.52 -1.12 -48.91
CA GLY F 500 21.47 0.32 -48.94
C GLY F 500 22.14 1.00 -50.12
N ILE F 501 22.55 0.25 -51.14
CA ILE F 501 23.18 0.86 -52.30
C ILE F 501 22.16 1.71 -53.04
N LYS F 502 22.61 2.83 -53.59
CA LYS F 502 21.70 3.73 -54.29
C LYS F 502 21.26 3.10 -55.61
N PRO F 503 20.05 3.42 -56.06
CA PRO F 503 19.64 3.00 -57.41
C PRO F 503 20.55 3.64 -58.45
N GLY F 504 21.00 2.83 -59.40
CA GLY F 504 21.94 3.27 -60.41
C GLY F 504 23.38 3.35 -59.95
N GLY F 505 23.68 2.93 -58.72
CA GLY F 505 25.03 2.98 -58.19
C GLY F 505 25.96 1.98 -58.85
N ILE F 506 27.20 1.97 -58.36
CA ILE F 506 28.25 1.14 -58.91
C ILE F 506 28.51 -0.01 -57.95
N PHE F 507 28.63 -1.22 -58.49
CA PHE F 507 29.00 -2.39 -57.71
C PHE F 507 30.22 -3.04 -58.38
N LEU F 508 31.35 -3.00 -57.69
CA LEU F 508 32.60 -3.56 -58.19
C LEU F 508 32.91 -4.84 -57.42
N LEU F 509 33.19 -5.91 -58.16
CA LEU F 509 33.45 -7.21 -57.57
C LEU F 509 34.77 -7.76 -58.09
N ASN F 510 35.53 -8.36 -57.19
CA ASN F 510 36.74 -9.10 -57.55
C ASN F 510 36.40 -10.57 -57.46
N SER F 511 36.41 -11.25 -58.61
CA SER F 511 36.12 -12.68 -58.63
C SER F 511 36.63 -13.25 -59.95
N THR F 512 36.74 -14.58 -59.97
CA THR F 512 37.16 -15.30 -61.17
C THR F 512 35.98 -15.73 -62.01
N TRP F 513 34.77 -15.32 -61.66
CA TRP F 513 33.58 -15.76 -62.37
C TRP F 513 33.36 -14.90 -63.61
N SER F 514 33.03 -15.55 -64.71
CA SER F 514 32.71 -14.84 -65.93
C SER F 514 31.26 -14.36 -65.88
N ALA F 515 30.88 -13.58 -66.91
CA ALA F 515 29.53 -13.04 -66.96
C ALA F 515 28.49 -14.16 -67.04
N GLU F 516 28.84 -15.26 -67.71
CA GLU F 516 27.89 -16.37 -67.86
C GLU F 516 27.73 -17.15 -66.56
N GLU F 517 28.82 -17.37 -65.83
CA GLU F 517 28.71 -18.06 -64.55
C GLU F 517 27.97 -17.23 -63.50
N MET F 518 27.82 -15.92 -63.73
CA MET F 518 27.12 -15.06 -62.79
C MET F 518 25.68 -15.54 -62.56
N ASP F 519 25.05 -16.09 -63.59
CA ASP F 519 23.66 -16.55 -63.45
C ASP F 519 23.56 -17.73 -62.50
N SER F 520 24.56 -18.60 -62.49
CA SER F 520 24.53 -19.78 -61.65
C SER F 520 25.24 -19.60 -60.32
N ARG F 521 26.14 -18.63 -60.22
CA ARG F 521 26.99 -18.53 -59.03
C ARG F 521 26.43 -17.59 -57.96
N LEU F 522 25.85 -16.45 -58.36
CA LEU F 522 25.32 -15.48 -57.41
C LEU F 522 23.92 -15.87 -56.95
N PRO F 523 23.57 -15.62 -55.69
CA PRO F 523 22.22 -15.91 -55.22
C PRO F 523 21.19 -15.02 -55.89
N ALA F 524 19.93 -15.45 -55.80
CA ALA F 524 18.85 -14.77 -56.54
C ALA F 524 18.59 -13.36 -56.02
N ASP F 525 18.56 -13.19 -54.69
CA ASP F 525 18.30 -11.87 -54.13
C ASP F 525 19.37 -10.87 -54.53
N MET F 526 20.62 -11.33 -54.67
CA MET F 526 21.70 -10.44 -55.09
C MET F 526 21.51 -9.98 -56.54
N LYS F 527 21.09 -10.89 -57.41
CA LYS F 527 20.87 -10.51 -58.80
C LYS F 527 19.70 -9.54 -58.92
N ARG F 528 18.66 -9.72 -58.09
CA ARG F 528 17.51 -8.83 -58.15
C ARG F 528 17.90 -7.40 -57.79
N THR F 529 18.69 -7.25 -56.72
CA THR F 529 19.12 -5.91 -56.31
C THR F 529 19.96 -5.24 -57.39
N ILE F 530 20.87 -6.00 -58.02
CA ILE F 530 21.69 -5.43 -59.08
C ILE F 530 20.83 -4.96 -60.24
N ALA F 531 19.81 -5.74 -60.60
CA ALA F 531 18.99 -5.43 -61.76
C ALA F 531 17.94 -4.37 -61.44
N THR F 532 17.20 -4.54 -60.34
CA THR F 532 16.13 -3.60 -60.02
C THR F 532 16.67 -2.21 -59.79
N LYS F 533 17.80 -2.09 -59.10
CA LYS F 533 18.42 -0.79 -58.87
C LYS F 533 19.25 -0.31 -60.06
N LYS F 534 19.35 -1.12 -61.12
CA LYS F 534 20.06 -0.73 -62.34
C LYS F 534 21.50 -0.32 -62.06
N LEU F 535 22.21 -1.17 -61.32
CA LEU F 535 23.58 -0.88 -60.94
C LEU F 535 24.52 -1.12 -62.12
N LYS F 536 25.61 -0.35 -62.14
CA LYS F 536 26.69 -0.59 -63.10
C LYS F 536 27.60 -1.64 -62.46
N PHE F 537 27.47 -2.87 -62.91
CA PHE F 537 28.14 -4.01 -62.31
C PHE F 537 29.46 -4.24 -63.02
N TYR F 538 30.56 -4.11 -62.29
CA TYR F 538 31.90 -4.34 -62.83
C TYR F 538 32.52 -5.52 -62.09
N ASN F 539 33.31 -6.30 -62.82
CA ASN F 539 33.99 -7.46 -62.27
C ASN F 539 35.43 -7.46 -62.76
N ILE F 540 36.32 -8.04 -61.97
CA ILE F 540 37.73 -8.14 -62.34
C ILE F 540 38.34 -9.34 -61.62
N ASP F 541 39.16 -10.09 -62.35
CA ASP F 541 39.90 -11.22 -61.78
C ASP F 541 41.28 -10.69 -61.36
N ALA F 542 41.30 -10.00 -60.22
CA ALA F 542 42.55 -9.46 -59.71
C ALA F 542 43.52 -10.56 -59.31
N VAL F 543 43.01 -11.72 -58.89
CA VAL F 543 43.87 -12.82 -58.50
C VAL F 543 44.68 -13.32 -59.69
N LYS F 544 44.03 -13.43 -60.87
CA LYS F 544 44.75 -13.87 -62.06
C LYS F 544 45.84 -12.88 -62.46
N ILE F 545 45.56 -11.58 -62.37
CA ILE F 545 46.53 -10.57 -62.78
C ILE F 545 47.76 -10.59 -61.88
N ALA F 546 47.54 -10.65 -60.55
CA ALA F 546 48.67 -10.61 -59.63
C ALA F 546 49.59 -11.81 -59.78
N GLN F 547 49.03 -12.97 -60.15
CA GLN F 547 49.85 -14.16 -60.34
C GLN F 547 50.76 -14.01 -61.55
N GLU F 548 50.21 -13.53 -62.67
CA GLU F 548 50.97 -13.45 -63.91
C GLU F 548 52.07 -12.39 -63.85
N ILE F 549 51.83 -11.27 -63.17
CA ILE F 549 52.84 -10.23 -63.06
C ILE F 549 53.96 -10.63 -62.10
N GLY F 550 53.65 -11.42 -61.09
CA GLY F 550 54.61 -11.80 -60.08
C GLY F 550 54.44 -11.12 -58.73
N LEU F 551 53.32 -10.46 -58.49
CA LEU F 551 53.03 -9.84 -57.20
C LEU F 551 52.41 -10.82 -56.22
N GLY F 552 52.39 -12.11 -56.57
CA GLY F 552 51.76 -13.11 -55.73
C GLY F 552 50.25 -13.02 -55.79
N SER F 553 49.63 -12.76 -54.64
CA SER F 553 48.18 -12.57 -54.56
C SER F 553 47.81 -11.18 -54.10
N ARG F 554 48.76 -10.26 -53.98
CA ARG F 554 48.47 -8.90 -53.55
C ARG F 554 47.65 -8.21 -54.62
N ILE F 555 46.44 -7.78 -54.26
CA ILE F 555 45.52 -7.15 -55.19
C ILE F 555 45.20 -5.72 -54.80
N ASN F 556 45.94 -5.15 -53.84
CA ASN F 556 45.66 -3.80 -53.38
C ASN F 556 45.87 -2.78 -54.50
N VAL F 557 46.98 -2.91 -55.23
CA VAL F 557 47.25 -1.99 -56.34
C VAL F 557 46.22 -2.18 -57.44
N ILE F 558 45.82 -3.43 -57.70
CA ILE F 558 44.88 -3.71 -58.78
C ILE F 558 43.52 -3.12 -58.46
N MET F 559 43.01 -3.39 -57.26
CA MET F 559 41.66 -2.97 -56.92
C MET F 559 41.53 -1.47 -56.73
N GLN F 560 42.60 -0.81 -56.27
CA GLN F 560 42.57 0.65 -56.18
C GLN F 560 42.47 1.27 -57.56
N THR F 561 43.20 0.73 -58.53
CA THR F 561 43.11 1.24 -59.90
C THR F 561 41.71 1.04 -60.46
N ALA F 562 41.12 -0.13 -60.23
CA ALA F 562 39.77 -0.39 -60.73
C ALA F 562 38.77 0.58 -60.13
N PHE F 563 39.00 1.03 -58.90
CA PHE F 563 38.09 1.99 -58.27
C PHE F 563 38.10 3.33 -58.97
N PHE F 564 39.29 3.92 -59.15
CA PHE F 564 39.37 5.24 -59.79
C PHE F 564 38.85 5.22 -61.23
N LYS F 565 38.96 4.07 -61.91
CA LYS F 565 38.50 4.00 -63.29
C LYS F 565 36.99 4.21 -63.39
N ILE F 566 36.25 3.78 -62.39
CA ILE F 566 34.79 3.83 -62.41
C ILE F 566 34.23 4.89 -61.48
N ALA F 567 35.00 5.36 -60.50
CA ALA F 567 34.47 6.29 -59.50
C ALA F 567 34.12 7.65 -60.10
N ASN F 568 34.86 8.09 -61.13
CA ASN F 568 34.63 9.40 -61.73
C ASN F 568 34.78 10.52 -60.69
N VAL F 569 35.73 10.36 -59.78
CA VAL F 569 36.00 11.41 -58.81
C VAL F 569 36.92 12.47 -59.41
N ILE F 570 37.95 12.04 -60.14
CA ILE F 570 38.84 12.94 -60.85
C ILE F 570 39.05 12.39 -62.26
N PRO F 571 39.57 13.21 -63.17
CA PRO F 571 39.92 12.68 -64.50
C PRO F 571 40.82 11.46 -64.40
N VAL F 572 40.48 10.42 -65.17
CA VAL F 572 41.18 9.14 -65.07
C VAL F 572 42.66 9.31 -65.32
N ASP F 573 43.04 10.20 -66.24
CA ASP F 573 44.46 10.44 -66.50
C ASP F 573 45.15 11.03 -65.29
N GLU F 574 44.47 11.92 -64.56
CA GLU F 574 45.06 12.51 -63.36
C GLU F 574 45.25 11.47 -62.26
N ALA F 575 44.28 10.57 -62.11
CA ALA F 575 44.36 9.57 -61.04
C ALA F 575 45.53 8.61 -61.26
N ILE F 576 45.74 8.18 -62.51
CA ILE F 576 46.82 7.24 -62.80
C ILE F 576 48.18 7.85 -62.46
N LYS F 577 48.34 9.15 -62.70
CA LYS F 577 49.59 9.83 -62.34
C LYS F 577 49.80 9.81 -60.82
N TYR F 578 48.75 10.12 -60.07
CA TYR F 578 48.85 10.13 -58.61
C TYR F 578 49.08 8.73 -58.05
N ILE F 579 48.52 7.71 -58.69
CA ILE F 579 48.74 6.33 -58.25
C ILE F 579 50.20 5.93 -58.44
N LYS F 580 50.74 6.17 -59.64
CA LYS F 580 52.12 5.83 -59.92
C LYS F 580 53.09 6.63 -59.07
N ASP F 581 52.75 7.89 -58.77
CA ASP F 581 53.59 8.70 -57.89
C ASP F 581 53.66 8.08 -56.50
N SER F 582 52.52 7.55 -56.01
CA SER F 582 52.53 6.85 -54.73
C SER F 582 53.29 5.54 -54.83
N ILE F 583 53.34 4.94 -56.02
CA ILE F 583 54.13 3.74 -56.22
C ILE F 583 55.61 4.06 -56.07
N VAL F 584 56.04 5.21 -56.60
CA VAL F 584 57.43 5.62 -56.47
C VAL F 584 57.79 5.86 -55.00
N LYS F 585 56.90 6.49 -54.24
CA LYS F 585 57.19 6.75 -52.83
C LYS F 585 57.17 5.46 -52.01
N THR F 586 56.34 4.50 -52.37
CA THR F 586 56.25 3.25 -51.61
C THR F 586 57.21 2.19 -52.12
N TYR F 587 57.30 2.04 -53.43
CA TYR F 587 58.15 1.01 -54.03
C TYR F 587 59.35 1.63 -54.74
N ILE F 594 61.00 -4.65 -58.97
CA ILE F 594 59.76 -4.62 -58.21
C ILE F 594 58.92 -3.41 -58.62
N LEU F 595 59.60 -2.33 -59.01
CA LEU F 595 58.91 -1.11 -59.39
C LEU F 595 58.08 -1.31 -60.66
N ASN F 596 58.67 -1.94 -61.67
CA ASN F 596 57.98 -2.13 -62.95
C ASN F 596 56.79 -3.07 -62.82
N MET F 597 56.79 -3.96 -61.82
CA MET F 597 55.64 -4.84 -61.63
C MET F 597 54.40 -4.06 -61.19
N ASN F 598 54.58 -3.13 -60.25
CA ASN F 598 53.43 -2.35 -59.79
C ASN F 598 52.92 -1.40 -60.86
N PHE F 599 53.80 -0.90 -61.73
CA PHE F 599 53.34 -0.13 -62.88
C PHE F 599 52.50 -0.98 -63.83
N ALA F 600 52.91 -2.23 -64.05
CA ALA F 600 52.15 -3.12 -64.92
C ALA F 600 50.80 -3.49 -64.30
N ALA F 601 50.73 -3.56 -62.98
CA ALA F 601 49.45 -3.85 -62.32
C ALA F 601 48.41 -2.79 -62.66
N VAL F 602 48.81 -1.51 -62.62
CA VAL F 602 47.90 -0.43 -62.99
C VAL F 602 47.48 -0.56 -64.45
N ASP F 603 48.45 -0.76 -65.34
CA ASP F 603 48.15 -0.79 -66.77
C ASP F 603 47.29 -2.00 -67.14
N ARG F 604 47.64 -3.18 -66.62
CA ARG F 604 46.87 -4.38 -66.98
C ARG F 604 45.48 -4.36 -66.35
N ALA F 605 45.33 -3.74 -65.19
CA ALA F 605 44.03 -3.69 -64.53
C ALA F 605 43.04 -2.83 -65.31
N LEU F 606 43.51 -1.71 -65.88
CA LEU F 606 42.62 -0.82 -66.61
C LEU F 606 41.96 -1.55 -67.78
N GLU F 607 42.72 -2.41 -68.46
CA GLU F 607 42.20 -3.15 -69.60
C GLU F 607 41.43 -4.39 -69.18
N ALA F 608 41.68 -4.90 -67.96
CA ALA F 608 41.02 -6.13 -67.52
C ALA F 608 39.70 -5.87 -66.81
N LEU F 609 39.46 -4.66 -66.33
CA LEU F 609 38.17 -4.33 -65.72
C LEU F 609 37.11 -4.31 -66.80
N GLU F 610 36.16 -5.24 -66.72
CA GLU F 610 35.13 -5.39 -67.75
C GLU F 610 33.77 -5.17 -67.12
N GLU F 611 32.98 -4.29 -67.73
CA GLU F 611 31.62 -4.06 -67.25
C GLU F 611 30.74 -5.24 -67.64
N ILE F 612 29.93 -5.70 -66.69
CA ILE F 612 29.08 -6.87 -66.87
C ILE F 612 27.70 -6.38 -67.30
N LYS F 613 27.33 -6.67 -68.54
CA LYS F 613 25.98 -6.36 -69.04
C LYS F 613 25.11 -7.54 -68.64
N TYR F 614 24.37 -7.37 -67.58
CA TYR F 614 23.59 -8.48 -67.03
C TYR F 614 22.20 -8.49 -67.62
N PRO F 615 21.62 -9.68 -67.77
CA PRO F 615 20.27 -9.78 -68.33
C PRO F 615 19.23 -9.18 -67.41
N ALA F 616 18.20 -8.59 -68.03
CA ALA F 616 17.09 -8.02 -67.27
C ALA F 616 16.29 -9.08 -66.53
N SER F 617 16.39 -10.35 -66.93
CA SER F 617 15.68 -11.42 -66.25
C SER F 617 16.23 -11.68 -64.85
N TRP F 618 17.34 -11.05 -64.47
CA TRP F 618 17.83 -11.20 -63.10
C TRP F 618 16.85 -10.64 -62.08
N ALA F 619 16.06 -9.65 -62.47
CA ALA F 619 15.06 -9.09 -61.56
C ALA F 619 13.97 -10.11 -61.25
N ASP F 620 13.73 -11.04 -62.16
CA ASP F 620 12.71 -12.06 -62.00
C ASP F 620 13.25 -13.34 -61.36
N ALA F 621 14.54 -13.40 -61.06
CA ALA F 621 15.11 -14.56 -60.40
C ALA F 621 14.45 -14.77 -59.04
N VAL F 622 14.33 -16.03 -58.65
CA VAL F 622 13.61 -16.36 -57.41
C VAL F 622 14.51 -17.02 -56.38
N GLU F 631 19.67 -28.60 -36.61
CA GLU F 631 19.30 -28.09 -35.29
C GLU F 631 20.54 -27.81 -34.45
N GLU F 632 20.83 -26.54 -34.24
CA GLU F 632 21.97 -26.06 -33.48
C GLU F 632 21.54 -25.61 -32.09
N PRO F 633 22.46 -25.52 -31.13
CA PRO F 633 22.09 -25.03 -29.81
C PRO F 633 21.50 -23.63 -29.88
N GLU F 634 20.69 -23.30 -28.87
CA GLU F 634 19.98 -22.03 -28.88
C GLU F 634 20.93 -20.84 -28.90
N PHE F 635 22.01 -20.90 -28.12
CA PHE F 635 22.94 -19.77 -28.07
C PHE F 635 23.59 -19.56 -29.42
N ILE F 636 24.07 -20.63 -30.05
CA ILE F 636 24.66 -20.53 -31.38
C ILE F 636 23.63 -20.02 -32.37
N GLN F 637 22.39 -20.51 -32.26
CA GLN F 637 21.34 -20.14 -33.21
C GLN F 637 20.91 -18.69 -33.04
N LYS F 638 20.74 -18.24 -31.80
CA LYS F 638 20.19 -16.91 -31.55
C LYS F 638 21.23 -15.83 -31.39
N VAL F 639 22.49 -16.18 -31.08
CA VAL F 639 23.50 -15.19 -30.77
C VAL F 639 24.67 -15.26 -31.75
N LEU F 640 25.34 -16.41 -31.80
CA LEU F 640 26.59 -16.51 -32.56
C LEU F 640 26.38 -16.31 -34.06
N ARG F 641 25.39 -17.00 -34.64
CA ARG F 641 25.15 -16.87 -36.07
C ARG F 641 24.82 -15.43 -36.47
N PRO F 642 23.87 -14.74 -35.83
CA PRO F 642 23.59 -13.36 -36.24
C PRO F 642 24.77 -12.41 -36.05
N ILE F 643 25.56 -12.60 -34.99
CA ILE F 643 26.70 -11.71 -34.75
C ILE F 643 27.76 -11.90 -35.83
N ASN F 644 28.12 -13.15 -36.12
CA ASN F 644 29.11 -13.43 -37.15
C ASN F 644 28.63 -13.05 -38.54
N ALA F 645 27.31 -13.01 -38.76
CA ALA F 645 26.72 -12.55 -40.01
C ALA F 645 26.62 -11.03 -40.08
N LEU F 646 27.26 -10.31 -39.16
CA LEU F 646 27.22 -8.85 -39.13
C LEU F 646 25.81 -8.30 -38.93
N LYS F 647 25.02 -9.02 -38.13
CA LYS F 647 23.65 -8.61 -37.79
C LYS F 647 23.43 -8.51 -36.29
N GLY F 648 24.50 -8.34 -35.51
CA GLY F 648 24.37 -8.30 -34.06
C GLY F 648 23.58 -7.11 -33.55
N ASP F 649 23.57 -6.01 -34.30
CA ASP F 649 22.82 -4.83 -33.90
C ASP F 649 21.31 -5.08 -33.89
N GLU F 650 20.84 -6.10 -34.62
CA GLU F 650 19.43 -6.43 -34.65
C GLU F 650 18.98 -7.23 -33.44
N LEU F 651 19.91 -7.73 -32.64
CA LEU F 651 19.55 -8.52 -31.46
C LEU F 651 19.01 -7.61 -30.37
N PRO F 652 17.81 -7.88 -29.84
CA PRO F 652 17.24 -7.02 -28.80
C PRO F 652 17.91 -7.28 -27.45
N VAL F 653 17.51 -6.48 -26.46
CA VAL F 653 18.13 -6.56 -25.14
C VAL F 653 17.85 -7.91 -24.50
N SER F 654 16.67 -8.48 -24.76
CA SER F 654 16.25 -9.74 -24.15
C SER F 654 17.13 -10.92 -24.56
N THR F 655 18.07 -10.69 -25.47
CA THR F 655 18.95 -11.78 -25.91
C THR F 655 20.05 -12.08 -24.92
N PHE F 656 20.47 -11.10 -24.13
CA PHE F 656 21.73 -11.17 -23.41
C PHE F 656 21.49 -11.33 -21.91
N THR F 657 22.45 -11.98 -21.25
CA THR F 657 22.41 -12.12 -19.81
C THR F 657 22.66 -10.77 -19.15
N PRO F 658 22.15 -10.58 -17.92
CA PRO F 658 22.31 -9.28 -17.26
C PRO F 658 23.70 -9.02 -16.71
N ASP F 659 24.55 -10.04 -16.64
CA ASP F 659 25.87 -9.92 -16.03
C ASP F 659 27.01 -10.27 -16.97
N GLY F 660 26.75 -10.37 -18.28
CA GLY F 660 27.83 -10.62 -19.23
C GLY F 660 28.46 -11.99 -19.13
N VAL F 661 27.69 -13.01 -18.79
CA VAL F 661 28.17 -14.38 -18.68
C VAL F 661 27.89 -15.09 -19.99
N PHE F 662 28.89 -15.77 -20.54
CA PHE F 662 28.76 -16.42 -21.83
C PHE F 662 29.10 -17.90 -21.71
N PRO F 663 28.54 -18.74 -22.58
CA PRO F 663 28.87 -20.18 -22.52
C PRO F 663 30.29 -20.42 -22.99
N VAL F 664 30.77 -21.62 -22.70
CA VAL F 664 32.10 -22.03 -23.11
C VAL F 664 31.98 -22.98 -24.31
N GLY F 665 33.11 -23.18 -24.99
CA GLY F 665 33.17 -24.09 -26.11
C GLY F 665 32.29 -23.72 -27.28
N THR F 666 32.37 -22.47 -27.72
CA THR F 666 31.56 -22.00 -28.83
C THR F 666 32.36 -21.73 -30.10
N THR F 667 33.70 -21.76 -30.03
CA THR F 667 34.51 -21.53 -31.23
C THR F 667 34.42 -22.67 -32.22
N LYS F 668 33.99 -23.87 -31.79
CA LYS F 668 33.87 -24.97 -32.73
C LYS F 668 32.74 -24.78 -33.74
N TYR F 669 31.84 -23.83 -33.52
CA TYR F 669 30.76 -23.56 -34.45
C TYR F 669 31.11 -22.54 -35.52
N GLU F 670 32.29 -21.92 -35.45
CA GLU F 670 32.63 -20.89 -36.43
C GLU F 670 33.06 -21.50 -37.75
N LYS F 671 34.08 -22.36 -37.74
CA LYS F 671 34.61 -23.00 -38.94
C LYS F 671 34.93 -21.97 -40.02
N ARG F 672 35.83 -21.05 -39.69
CA ARG F 672 36.10 -19.91 -40.57
C ARG F 672 36.72 -20.35 -41.89
N GLY F 673 37.62 -21.32 -41.87
CA GLY F 673 38.23 -21.81 -43.09
C GLY F 673 39.03 -20.75 -43.83
N ILE F 674 39.97 -20.11 -43.14
CA ILE F 674 40.70 -18.97 -43.68
C ILE F 674 42.08 -19.34 -44.22
N ALA F 675 42.48 -20.60 -44.12
CA ALA F 675 43.84 -21.00 -44.47
C ALA F 675 44.01 -21.06 -45.99
N VAL F 676 45.18 -20.62 -46.46
CA VAL F 676 45.51 -20.79 -47.86
C VAL F 676 46.08 -22.19 -48.11
N ASN F 677 46.87 -22.69 -47.17
CA ASN F 677 47.44 -24.03 -47.25
C ASN F 677 47.09 -24.80 -45.98
N ILE F 678 47.04 -26.13 -46.12
CA ILE F 678 46.71 -27.03 -45.03
C ILE F 678 47.83 -28.06 -44.93
N PRO F 679 48.21 -28.50 -43.74
CA PRO F 679 49.20 -29.58 -43.63
C PRO F 679 48.56 -30.90 -44.07
N GLN F 680 49.27 -31.65 -44.90
CA GLN F 680 48.84 -32.99 -45.27
C GLN F 680 49.76 -34.02 -44.62
N TRP F 681 49.16 -35.02 -43.99
CA TRP F 681 49.90 -36.00 -43.21
C TRP F 681 50.31 -37.15 -44.11
N GLN F 682 51.59 -37.53 -44.01
CA GLN F 682 52.14 -38.67 -44.73
C GLN F 682 52.25 -39.82 -43.73
N PRO F 683 51.30 -40.77 -43.72
CA PRO F 683 51.31 -41.78 -42.65
C PRO F 683 52.56 -42.63 -42.59
N GLU F 684 53.25 -42.80 -43.71
CA GLU F 684 54.41 -43.67 -43.73
C GLU F 684 55.65 -43.02 -43.14
N ASN F 685 55.69 -41.69 -43.08
CA ASN F 685 56.84 -40.96 -42.56
C ASN F 685 56.67 -40.57 -41.09
N CYS F 686 55.51 -40.83 -40.51
CA CYS F 686 55.18 -40.34 -39.17
C CYS F 686 55.69 -41.31 -38.11
N ILE F 687 56.41 -40.76 -37.12
CA ILE F 687 56.89 -41.55 -35.98
C ILE F 687 55.96 -41.44 -34.78
N GLN F 688 54.83 -40.76 -34.92
CA GLN F 688 53.81 -40.64 -33.87
C GLN F 688 54.40 -39.98 -32.62
N CYS F 689 54.90 -38.76 -32.80
CA CYS F 689 55.53 -38.04 -31.70
C CYS F 689 54.66 -36.90 -31.18
N ASN F 690 53.64 -36.50 -31.93
CA ASN F 690 52.65 -35.51 -31.52
C ASN F 690 53.24 -34.12 -31.31
N GLN F 691 54.46 -33.87 -31.79
CA GLN F 691 55.01 -32.53 -31.67
C GLN F 691 54.23 -31.53 -32.50
N CYS F 692 53.61 -32.00 -33.58
CA CYS F 692 52.73 -31.13 -34.37
C CYS F 692 51.50 -30.73 -33.57
N SER F 693 50.94 -31.67 -32.80
CA SER F 693 49.79 -31.35 -31.96
C SER F 693 50.17 -30.41 -30.83
N LEU F 694 51.43 -30.47 -30.38
CA LEU F 694 51.87 -29.64 -29.26
C LEU F 694 52.00 -28.17 -29.66
N VAL F 695 52.50 -27.91 -30.88
CA VAL F 695 52.86 -26.55 -31.28
C VAL F 695 51.74 -25.82 -32.00
N CYS F 696 50.61 -26.48 -32.29
CA CYS F 696 49.55 -25.83 -33.06
C CYS F 696 48.92 -24.70 -32.27
N PRO F 697 48.99 -23.45 -32.75
CA PRO F 697 48.39 -22.34 -32.01
C PRO F 697 46.87 -22.32 -32.05
N HIS F 698 46.24 -23.27 -32.76
CA HIS F 698 44.79 -23.28 -32.88
C HIS F 698 44.14 -24.63 -32.58
N ALA F 699 44.91 -25.60 -32.08
CA ALA F 699 44.38 -26.93 -31.79
C ALA F 699 43.69 -27.54 -33.01
N ALA F 700 44.24 -27.24 -34.18
CA ALA F 700 43.65 -27.68 -35.44
C ALA F 700 44.20 -29.01 -35.92
N ILE F 701 45.26 -29.51 -35.29
CA ILE F 701 45.87 -30.78 -35.66
C ILE F 701 46.14 -31.56 -34.38
N ARG F 702 45.59 -32.77 -34.30
CA ARG F 702 45.61 -33.55 -33.08
C ARG F 702 45.77 -35.02 -33.44
N PRO F 703 46.31 -35.82 -32.53
CA PRO F 703 46.35 -37.27 -32.76
C PRO F 703 45.06 -37.94 -32.30
N TYR F 704 44.68 -38.98 -33.02
CA TYR F 704 43.46 -39.72 -32.75
C TYR F 704 43.80 -41.20 -32.68
N LEU F 705 43.38 -41.84 -31.60
CA LEU F 705 43.53 -43.28 -31.42
C LEU F 705 42.16 -43.94 -31.52
N ALA F 706 42.15 -45.16 -32.05
CA ALA F 706 40.90 -45.90 -32.18
C ALA F 706 41.21 -47.37 -32.38
N LYS F 707 40.44 -48.22 -31.71
CA LYS F 707 40.50 -49.64 -31.99
C LYS F 707 39.98 -49.88 -33.40
N PRO F 708 40.47 -50.91 -34.09
CA PRO F 708 40.05 -51.13 -35.48
C PRO F 708 38.55 -51.30 -35.65
N ALA F 709 37.82 -51.68 -34.60
CA ALA F 709 36.37 -51.79 -34.70
C ALA F 709 35.71 -50.43 -34.87
N ASP F 710 36.30 -49.37 -34.29
CA ASP F 710 35.74 -48.03 -34.38
C ASP F 710 35.94 -47.38 -35.75
N LEU F 711 36.69 -48.02 -36.65
CA LEU F 711 36.91 -47.51 -38.01
C LEU F 711 35.89 -48.03 -39.00
N ALA F 712 34.66 -48.30 -38.54
CA ALA F 712 33.65 -48.92 -39.41
C ALA F 712 33.25 -47.98 -40.55
N GLY F 713 32.63 -46.86 -40.22
CA GLY F 713 32.18 -45.92 -41.25
C GLY F 713 33.23 -44.95 -41.72
N ALA F 714 34.51 -45.29 -41.54
CA ALA F 714 35.58 -44.36 -41.89
C ALA F 714 35.65 -44.19 -43.41
N PRO F 715 35.90 -42.97 -43.89
CA PRO F 715 36.10 -42.77 -45.33
C PRO F 715 37.36 -43.45 -45.81
N GLU F 716 37.43 -43.64 -47.13
CA GLU F 716 38.58 -44.30 -47.73
C GLU F 716 39.87 -43.49 -47.57
N THR F 717 39.75 -42.17 -47.40
CA THR F 717 40.90 -41.30 -47.20
C THR F 717 41.37 -41.22 -45.75
N PHE F 718 40.63 -41.82 -44.82
CA PHE F 718 41.00 -41.80 -43.40
C PHE F 718 42.05 -42.87 -43.11
N VAL F 719 43.22 -42.71 -43.75
CA VAL F 719 44.28 -43.69 -43.63
C VAL F 719 44.92 -43.62 -42.25
N THR F 720 45.07 -44.78 -41.61
CA THR F 720 45.65 -44.90 -40.29
C THR F 720 46.89 -45.78 -40.35
N LYS F 721 47.63 -45.80 -39.25
CA LYS F 721 48.82 -46.64 -39.11
C LYS F 721 48.82 -47.25 -37.71
N ASP F 722 49.55 -48.34 -37.55
CA ASP F 722 49.65 -48.98 -36.25
C ASP F 722 50.31 -48.05 -35.25
N ALA F 723 49.81 -48.07 -34.02
CA ALA F 723 50.25 -47.13 -33.01
C ALA F 723 51.56 -47.60 -32.39
N ILE F 724 52.52 -46.69 -32.27
CA ILE F 724 53.81 -46.99 -31.65
C ILE F 724 53.69 -46.84 -30.15
N GLY F 725 54.23 -47.80 -29.41
CA GLY F 725 54.23 -47.73 -27.96
C GLY F 725 53.48 -48.86 -27.29
N LYS F 726 53.97 -49.33 -26.15
CA LYS F 726 53.28 -50.39 -25.42
C LYS F 726 51.94 -49.94 -24.86
N GLU F 727 51.76 -48.63 -24.64
CA GLU F 727 50.49 -48.15 -24.10
C GLU F 727 49.39 -48.24 -25.15
N ALA F 728 49.72 -47.96 -26.41
CA ALA F 728 48.76 -47.95 -27.51
C ALA F 728 48.93 -49.18 -28.40
N ALA F 729 49.29 -50.31 -27.81
CA ALA F 729 49.45 -51.54 -28.58
C ALA F 729 48.10 -52.00 -29.11
N GLY F 730 48.08 -52.42 -30.37
CA GLY F 730 46.85 -52.91 -30.97
C GLY F 730 45.90 -51.82 -31.40
N LEU F 731 46.33 -50.57 -31.42
CA LEU F 731 45.50 -49.44 -31.79
C LEU F 731 46.01 -48.83 -33.08
N LYS F 732 45.14 -48.04 -33.70
CA LYS F 732 45.48 -47.28 -34.90
C LYS F 732 45.73 -45.83 -34.54
N PHE F 733 46.61 -45.20 -35.32
CA PHE F 733 47.06 -43.84 -35.06
C PHE F 733 46.81 -43.01 -36.30
N ARG F 734 46.43 -41.75 -36.09
CA ARG F 734 46.25 -40.84 -37.22
C ARG F 734 46.40 -39.41 -36.76
N ILE F 735 47.13 -38.63 -37.54
CA ILE F 735 47.24 -37.19 -37.35
C ILE F 735 46.23 -36.54 -38.27
N GLN F 736 45.20 -35.93 -37.68
CA GLN F 736 44.11 -35.31 -38.44
C GLN F 736 44.08 -33.81 -38.18
N VAL F 737 43.87 -33.04 -39.24
CA VAL F 737 43.79 -31.59 -39.17
C VAL F 737 42.34 -31.17 -39.39
N SER F 738 41.96 -30.06 -38.76
CA SER F 738 40.63 -29.47 -38.99
C SER F 738 40.75 -28.45 -40.10
N PRO F 739 40.28 -28.74 -41.31
CA PRO F 739 40.52 -27.82 -42.43
C PRO F 739 39.87 -26.47 -42.24
N LEU F 740 38.67 -26.43 -41.67
CA LEU F 740 37.96 -25.17 -41.51
C LEU F 740 38.47 -24.36 -40.32
N ASP F 741 39.20 -24.99 -39.41
CA ASP F 741 39.75 -24.28 -38.25
C ASP F 741 41.24 -24.02 -38.37
N CYS F 742 41.93 -24.70 -39.28
CA CYS F 742 43.34 -24.45 -39.48
C CYS F 742 43.57 -23.05 -40.05
N THR F 743 44.70 -22.45 -39.69
CA THR F 743 45.05 -21.12 -40.15
C THR F 743 46.10 -21.12 -41.26
N GLY F 744 46.69 -22.26 -41.59
CA GLY F 744 47.70 -22.31 -42.63
C GLY F 744 49.04 -21.73 -42.24
N CYS F 745 49.33 -21.66 -40.93
CA CYS F 745 50.57 -21.04 -40.48
C CYS F 745 51.80 -21.88 -40.84
N GLY F 746 51.68 -23.20 -40.75
CA GLY F 746 52.79 -24.07 -41.09
C GLY F 746 53.73 -24.40 -39.96
N ASN F 747 53.35 -24.13 -38.70
CA ASN F 747 54.23 -24.49 -37.58
C ASN F 747 54.34 -25.99 -37.43
N CYS F 748 53.25 -26.72 -37.65
CA CYS F 748 53.28 -28.16 -37.47
C CYS F 748 54.19 -28.80 -38.51
N ALA F 749 54.16 -28.26 -39.73
CA ALA F 749 55.03 -28.77 -40.79
C ALA F 749 56.50 -28.46 -40.51
N ASP F 750 56.79 -27.35 -39.85
CA ASP F 750 58.20 -27.01 -39.62
C ASP F 750 58.81 -27.80 -38.47
N VAL F 751 58.01 -28.15 -37.46
CA VAL F 751 58.56 -28.80 -36.27
C VAL F 751 58.75 -30.31 -36.44
N CYS F 752 58.08 -30.92 -37.42
CA CYS F 752 58.12 -32.36 -37.67
C CYS F 752 59.55 -32.86 -37.86
N PRO F 753 60.06 -33.67 -36.93
CA PRO F 753 61.48 -34.07 -36.97
C PRO F 753 61.78 -35.38 -37.70
N ALA F 754 60.81 -35.96 -38.43
CA ALA F 754 61.06 -37.22 -39.12
C ALA F 754 62.10 -37.05 -40.20
N LYS F 755 62.72 -38.17 -40.60
CA LYS F 755 63.71 -38.14 -41.67
C LYS F 755 63.12 -37.51 -42.93
N VAL F 756 62.04 -38.09 -43.44
CA VAL F 756 61.25 -37.49 -44.50
C VAL F 756 60.07 -36.79 -43.83
N LYS F 757 59.83 -35.54 -44.22
CA LYS F 757 58.82 -34.72 -43.58
C LYS F 757 57.44 -35.36 -43.72
N ALA F 758 56.77 -35.58 -42.59
CA ALA F 758 55.44 -36.17 -42.56
C ALA F 758 54.31 -35.16 -42.71
N LEU F 759 54.62 -33.86 -42.81
CA LEU F 759 53.60 -32.84 -43.01
C LEU F 759 54.05 -31.93 -44.16
N THR F 760 53.18 -31.79 -45.15
CA THR F 760 53.44 -30.93 -46.29
C THR F 760 52.24 -30.02 -46.50
N MET F 761 52.50 -28.74 -46.73
CA MET F 761 51.45 -27.75 -46.88
C MET F 761 50.83 -27.83 -48.27
N VAL F 762 49.55 -28.17 -48.33
CA VAL F 762 48.82 -28.26 -49.59
C VAL F 762 47.69 -27.23 -49.57
N PRO F 763 47.27 -26.71 -50.72
CA PRO F 763 46.20 -25.70 -50.73
C PRO F 763 44.89 -26.22 -50.15
N LEU F 764 44.19 -25.33 -49.44
CA LEU F 764 42.92 -25.71 -48.79
C LEU F 764 41.87 -26.13 -49.80
N GLU F 765 41.68 -25.35 -50.87
CA GLU F 765 40.61 -25.61 -51.81
C GLU F 765 40.74 -26.97 -52.47
N GLU F 766 41.97 -27.48 -52.57
CA GLU F 766 42.20 -28.76 -53.22
C GLU F 766 41.82 -29.94 -52.33
N VAL F 767 41.97 -29.80 -51.02
CA VAL F 767 41.75 -30.89 -50.09
C VAL F 767 40.63 -30.60 -49.10
N THR F 768 39.85 -29.53 -49.31
CA THR F 768 38.85 -29.16 -48.32
C THR F 768 37.74 -30.19 -48.21
N ALA F 769 37.24 -30.68 -49.35
CA ALA F 769 36.17 -31.68 -49.29
C ALA F 769 36.65 -32.96 -48.64
N VAL F 770 37.88 -33.36 -48.93
CA VAL F 770 38.42 -34.62 -48.41
C VAL F 770 38.65 -34.53 -46.90
N GLU F 771 39.39 -33.51 -46.47
CA GLU F 771 39.76 -33.41 -45.06
C GLU F 771 38.56 -33.12 -44.16
N GLU F 772 37.48 -32.54 -44.70
CA GLU F 772 36.29 -32.31 -43.88
C GLU F 772 35.65 -33.62 -43.47
N ALA F 773 35.50 -34.56 -44.41
CA ALA F 773 34.97 -35.86 -44.04
C ALA F 773 35.93 -36.60 -43.10
N ASN F 774 37.23 -36.38 -43.26
CA ASN F 774 38.21 -36.98 -42.35
C ASN F 774 38.08 -36.42 -40.95
N TYR F 775 38.01 -35.10 -40.82
CA TYR F 775 37.88 -34.48 -39.50
C TYR F 775 36.53 -34.79 -38.86
N ASN F 776 35.45 -34.73 -39.65
CA ASN F 776 34.12 -35.01 -39.08
C ASN F 776 34.02 -36.44 -38.56
N PHE F 777 34.76 -37.37 -39.15
CA PHE F 777 34.78 -38.73 -38.62
C PHE F 777 35.71 -38.84 -37.42
N ALA F 778 36.86 -38.16 -37.47
CA ALA F 778 37.83 -38.23 -36.37
C ALA F 778 37.29 -37.60 -35.10
N GLU F 779 36.51 -36.53 -35.22
CA GLU F 779 35.96 -35.86 -34.04
C GLU F 779 34.91 -36.72 -33.35
N GLN F 780 34.20 -37.56 -34.10
CA GLN F 780 33.18 -38.44 -33.54
C GLN F 780 33.74 -39.77 -33.04
N LEU F 781 35.07 -39.95 -33.04
CA LEU F 781 35.65 -41.18 -32.53
C LEU F 781 35.41 -41.27 -31.03
N PRO F 782 35.11 -42.45 -30.50
CA PRO F 782 34.89 -42.60 -29.06
C PRO F 782 36.20 -42.42 -28.30
N GLU F 783 36.06 -42.17 -27.00
CA GLU F 783 37.23 -42.00 -26.15
C GLU F 783 37.97 -43.32 -26.01
N VAL F 784 39.29 -43.25 -25.96
CA VAL F 784 40.15 -44.42 -25.87
C VAL F 784 40.99 -44.30 -24.60
N LYS F 785 40.82 -45.25 -23.70
CA LYS F 785 41.60 -45.30 -22.47
C LYS F 785 43.04 -45.73 -22.77
N VAL F 786 43.99 -44.84 -22.52
CA VAL F 786 45.40 -45.14 -22.76
C VAL F 786 46.20 -44.65 -21.56
N ASN F 787 47.25 -45.40 -21.21
CA ASN F 787 48.07 -45.10 -20.05
C ASN F 787 49.34 -44.35 -20.40
N PHE F 788 49.30 -43.53 -21.45
CA PHE F 788 50.48 -42.73 -21.79
C PHE F 788 50.76 -41.71 -20.70
N ASN F 789 52.05 -41.56 -20.39
CA ASN F 789 52.48 -40.65 -19.33
C ASN F 789 52.23 -39.22 -19.77
N PRO F 790 51.40 -38.46 -19.06
CA PRO F 790 51.19 -37.06 -19.44
C PRO F 790 52.41 -36.16 -19.23
N ALA F 791 53.44 -36.65 -18.54
CA ALA F 791 54.65 -35.86 -18.31
C ALA F 791 55.54 -35.74 -19.54
N THR F 792 55.24 -36.51 -20.59
CA THR F 792 55.96 -36.42 -21.85
C THR F 792 55.14 -35.64 -22.88
N VAL F 793 55.82 -35.20 -23.93
CA VAL F 793 55.14 -34.45 -24.99
C VAL F 793 54.16 -35.34 -25.72
N LYS F 794 54.58 -36.57 -26.07
CA LYS F 794 53.68 -37.47 -26.79
C LYS F 794 52.46 -37.83 -25.95
N GLY F 795 52.65 -38.12 -24.66
CA GLY F 795 51.54 -38.53 -23.82
C GLY F 795 50.56 -37.40 -23.54
N SER F 796 51.06 -36.17 -23.43
CA SER F 796 50.20 -35.05 -23.11
C SER F 796 49.26 -34.69 -24.25
N GLN F 797 49.67 -34.90 -25.50
CA GLN F 797 48.86 -34.54 -26.65
C GLN F 797 47.73 -35.53 -26.92
N PHE F 798 47.74 -36.67 -26.25
CA PHE F 798 46.62 -37.60 -26.33
C PHE F 798 45.45 -37.14 -25.48
N ARG F 799 45.66 -36.21 -24.55
CA ARG F 799 44.57 -35.56 -23.83
C ARG F 799 43.94 -34.48 -24.68
N GLN F 800 42.63 -34.32 -24.55
CA GLN F 800 41.90 -33.38 -25.39
C GLN F 800 42.31 -31.95 -25.08
N PRO F 801 42.64 -31.14 -26.09
CA PRO F 801 42.93 -29.72 -25.83
C PRO F 801 41.63 -29.01 -25.48
N LEU F 802 41.68 -28.22 -24.40
CA LEU F 802 40.52 -27.46 -23.95
C LEU F 802 40.63 -25.98 -24.30
N LEU F 803 41.53 -25.62 -25.22
CA LEU F 803 41.60 -24.28 -25.77
C LEU F 803 41.76 -24.45 -27.28
N GLU F 804 40.71 -24.14 -28.04
CA GLU F 804 40.68 -24.47 -29.45
C GLU F 804 40.08 -23.33 -30.26
N PHE F 805 40.65 -23.12 -31.45
CA PHE F 805 40.03 -22.29 -32.47
C PHE F 805 39.89 -20.83 -32.03
N SER F 806 40.89 -20.34 -31.32
CA SER F 806 40.84 -18.96 -30.87
C SER F 806 41.14 -18.02 -32.03
N GLY F 807 41.00 -16.73 -31.77
CA GLY F 807 41.26 -15.68 -32.72
C GLY F 807 42.68 -15.18 -32.77
N ALA F 808 43.63 -15.90 -32.17
CA ALA F 808 45.02 -15.49 -32.21
C ALA F 808 45.54 -15.54 -33.64
N CYS F 809 46.65 -14.85 -33.86
CA CYS F 809 47.24 -14.82 -35.19
C CYS F 809 47.69 -16.21 -35.62
N ALA F 810 47.93 -16.37 -36.91
CA ALA F 810 48.49 -17.61 -37.42
C ALA F 810 49.91 -17.76 -36.89
N GLY F 811 50.15 -18.86 -36.17
CA GLY F 811 51.47 -19.07 -35.60
C GLY F 811 51.74 -18.34 -34.31
N CYS F 812 50.70 -17.96 -33.57
CA CYS F 812 50.86 -17.24 -32.33
C CYS F 812 51.68 -18.04 -31.33
N GLY F 813 52.59 -17.36 -30.63
CA GLY F 813 53.44 -17.99 -29.64
C GLY F 813 52.87 -18.11 -28.25
N GLU F 814 51.65 -17.62 -28.02
CA GLU F 814 51.00 -17.63 -26.71
C GLU F 814 50.08 -18.83 -26.52
N THR F 815 49.21 -19.09 -27.49
CA THR F 815 48.24 -20.16 -27.35
C THR F 815 48.83 -21.56 -27.17
N PRO F 816 49.98 -21.93 -27.77
CA PRO F 816 50.51 -23.28 -27.51
C PRO F 816 50.84 -23.55 -26.05
N TYR F 817 51.30 -22.54 -25.30
CA TYR F 817 51.54 -22.73 -23.87
C TYR F 817 50.24 -22.99 -23.12
N VAL F 818 49.24 -22.13 -23.33
CA VAL F 818 47.98 -22.26 -22.61
C VAL F 818 47.26 -23.54 -23.02
N LYS F 819 47.34 -23.90 -24.30
CA LYS F 819 46.72 -25.15 -24.76
C LYS F 819 47.30 -26.34 -24.01
N LEU F 820 48.61 -26.33 -23.78
CA LEU F 820 49.24 -27.44 -23.07
C LEU F 820 48.78 -27.51 -21.63
N VAL F 821 48.58 -26.36 -20.99
CA VAL F 821 48.10 -26.34 -19.62
C VAL F 821 46.70 -26.94 -19.53
N THR F 822 45.86 -26.67 -20.52
CA THR F 822 44.54 -27.27 -20.55
C THR F 822 44.60 -28.78 -20.74
N GLN F 823 45.64 -29.26 -21.44
CA GLN F 823 45.80 -30.71 -21.61
C GLN F 823 46.32 -31.38 -20.34
N LEU F 824 46.93 -30.62 -19.44
CA LEU F 824 47.46 -31.14 -18.18
C LEU F 824 46.47 -30.99 -17.02
N PHE F 825 45.87 -29.81 -16.85
CA PHE F 825 45.04 -29.53 -15.70
C PHE F 825 43.68 -28.94 -16.04
N GLY F 826 43.28 -28.91 -17.31
CA GLY F 826 42.04 -28.25 -17.69
C GLY F 826 40.81 -28.82 -17.03
N ASP F 827 40.87 -30.06 -16.56
CA ASP F 827 39.73 -30.69 -15.91
C ASP F 827 39.30 -29.97 -14.63
N ARG F 828 40.21 -29.22 -14.00
CA ARG F 828 39.97 -28.68 -12.67
C ARG F 828 40.57 -27.29 -12.48
N MET F 829 40.68 -26.50 -13.54
CA MET F 829 41.36 -25.21 -13.42
C MET F 829 40.39 -24.03 -13.61
N ILE F 830 40.74 -22.92 -12.95
CA ILE F 830 40.02 -21.65 -13.05
C ILE F 830 41.03 -20.61 -13.49
N ILE F 831 40.65 -19.81 -14.48
CA ILE F 831 41.59 -18.89 -15.13
C ILE F 831 41.21 -17.46 -14.79
N ALA F 832 42.19 -16.70 -14.30
CA ALA F 832 42.09 -15.25 -14.15
C ALA F 832 43.04 -14.66 -15.18
N ASN F 833 42.48 -14.07 -16.23
CA ASN F 833 43.24 -13.67 -17.41
C ASN F 833 43.36 -12.16 -17.45
N ALA F 834 44.58 -11.66 -17.55
CA ALA F 834 44.80 -10.22 -17.63
C ALA F 834 44.31 -9.71 -18.97
N THR F 835 43.98 -8.42 -19.00
CA THR F 835 43.61 -7.80 -20.27
C THR F 835 44.83 -7.77 -21.18
N GLY F 836 44.60 -8.08 -22.45
CA GLY F 836 45.67 -8.17 -23.41
C GLY F 836 45.27 -9.14 -24.51
N CYS F 837 46.26 -9.54 -25.30
CA CYS F 837 46.02 -10.51 -26.36
C CYS F 837 45.37 -11.78 -25.79
N SER F 838 45.92 -12.30 -24.70
CA SER F 838 45.40 -13.54 -24.14
C SER F 838 43.94 -13.40 -23.74
N SER F 839 43.48 -12.19 -23.43
CA SER F 839 42.06 -11.96 -23.16
C SER F 839 41.26 -11.65 -24.42
N ILE F 840 41.91 -11.21 -25.49
CA ILE F 840 41.19 -10.93 -26.73
C ILE F 840 40.91 -12.21 -27.49
N TRP F 841 41.92 -13.05 -27.69
CA TRP F 841 41.66 -14.34 -28.33
C TRP F 841 41.05 -15.34 -27.38
N GLY F 842 41.17 -15.11 -26.08
CA GLY F 842 40.61 -16.02 -25.09
C GLY F 842 39.19 -15.67 -24.70
N GLY F 843 38.81 -14.40 -24.84
CA GLY F 843 37.50 -13.99 -24.38
C GLY F 843 36.89 -12.80 -25.07
N SER F 844 36.71 -12.87 -26.39
CA SER F 844 35.96 -11.86 -27.14
C SER F 844 34.59 -12.42 -27.47
N ALA F 845 33.54 -11.75 -27.02
CA ALA F 845 32.18 -12.18 -27.28
C ALA F 845 31.93 -12.22 -28.78
N PRO F 846 31.09 -13.15 -29.27
CA PRO F 846 30.37 -14.13 -28.45
C PRO F 846 31.02 -15.51 -28.43
N ALA F 847 32.22 -15.65 -28.98
CA ALA F 847 32.85 -16.95 -29.13
C ALA F 847 33.89 -17.18 -28.04
N CYS F 848 33.81 -18.34 -27.41
CA CYS F 848 34.73 -18.72 -26.32
C CYS F 848 35.58 -19.91 -26.75
N PRO F 849 36.90 -19.77 -26.80
CA PRO F 849 37.75 -20.89 -27.25
C PRO F 849 37.93 -21.98 -26.22
N TYR F 850 37.71 -21.71 -24.94
CA TYR F 850 37.82 -22.75 -23.93
C TYR F 850 36.59 -23.62 -23.97
N THR F 851 36.79 -24.94 -23.93
CA THR F 851 35.71 -25.90 -24.10
C THR F 851 35.78 -26.95 -22.98
N VAL F 852 34.91 -27.95 -23.06
CA VAL F 852 34.78 -28.97 -22.04
C VAL F 852 35.11 -30.33 -22.64
N ASN F 853 35.31 -31.31 -21.75
CA ASN F 853 35.53 -32.69 -22.16
C ASN F 853 34.17 -33.42 -22.25
N ARG F 854 34.21 -34.75 -22.37
CA ARG F 854 32.97 -35.50 -22.51
C ARG F 854 32.14 -35.49 -21.24
N GLN F 855 32.79 -35.34 -20.07
CA GLN F 855 32.07 -35.26 -18.81
C GLN F 855 31.49 -33.87 -18.55
N GLY F 856 31.75 -32.91 -19.42
CA GLY F 856 31.25 -31.56 -19.26
C GLY F 856 32.10 -30.63 -18.43
N HIS F 857 33.32 -31.04 -18.09
CA HIS F 857 34.21 -30.25 -17.26
C HIS F 857 35.23 -29.52 -18.12
N GLY F 858 35.58 -28.30 -17.73
CA GLY F 858 36.54 -27.50 -18.45
C GLY F 858 36.87 -26.22 -17.70
N PRO F 859 37.89 -25.51 -18.17
CA PRO F 859 38.34 -24.31 -17.45
C PRO F 859 37.25 -23.24 -17.40
N ALA F 860 37.06 -22.65 -16.22
CA ALA F 860 36.22 -21.48 -16.07
C ALA F 860 37.09 -20.23 -16.24
N TRP F 861 36.63 -19.31 -17.06
CA TRP F 861 37.46 -18.19 -17.51
C TRP F 861 36.83 -16.89 -17.09
N ALA F 862 37.66 -15.98 -16.57
CA ALA F 862 37.22 -14.68 -16.12
C ALA F 862 38.34 -13.68 -16.34
N SER F 863 37.98 -12.48 -16.77
CA SER F 863 38.92 -11.39 -16.90
C SER F 863 38.37 -10.19 -16.13
N SER F 864 39.18 -9.65 -15.22
CA SER F 864 38.78 -8.48 -14.47
C SER F 864 39.31 -7.22 -15.14
N LEU F 865 40.52 -6.82 -14.78
CA LEU F 865 41.15 -5.62 -15.32
C LEU F 865 42.58 -5.94 -15.73
N PHE F 866 43.26 -4.90 -16.25
CA PHE F 866 44.65 -5.04 -16.65
C PHE F 866 45.59 -5.05 -15.46
N GLU F 867 45.29 -4.25 -14.44
CA GLU F 867 46.20 -4.04 -13.32
C GLU F 867 45.95 -4.97 -12.15
N ASP F 868 44.83 -5.68 -12.11
CA ASP F 868 44.44 -6.41 -10.91
C ASP F 868 44.45 -7.92 -11.08
N ASN F 869 45.04 -8.44 -12.16
CA ASN F 869 44.85 -9.86 -12.47
C ASN F 869 45.47 -10.76 -11.41
N ALA F 870 46.63 -10.40 -10.88
CA ALA F 870 47.26 -11.24 -9.86
C ALA F 870 46.39 -11.32 -8.62
N GLU F 871 45.93 -10.17 -8.12
CA GLU F 871 45.02 -10.16 -6.99
C GLU F 871 43.68 -10.79 -7.34
N PHE F 872 43.28 -10.68 -8.61
CA PHE F 872 42.03 -11.30 -9.06
C PHE F 872 42.09 -12.81 -8.84
N GLY F 873 43.14 -13.46 -9.34
CA GLY F 873 43.29 -14.88 -9.13
C GLY F 873 43.54 -15.23 -7.68
N TYR F 874 44.24 -14.34 -6.96
CA TYR F 874 44.43 -14.54 -5.53
C TYR F 874 43.10 -14.61 -4.81
N GLY F 875 42.18 -13.70 -5.12
CA GLY F 875 40.86 -13.75 -4.53
C GLY F 875 40.10 -15.01 -4.86
N MET F 876 40.27 -15.52 -6.08
CA MET F 876 39.67 -16.79 -6.43
C MET F 876 40.19 -17.90 -5.54
N ALA F 877 41.51 -17.89 -5.26
CA ALA F 877 42.10 -18.92 -4.42
C ALA F 877 41.50 -18.90 -3.02
N LEU F 878 41.30 -17.71 -2.46
CA LEU F 878 40.70 -17.60 -1.13
C LEU F 878 39.29 -18.19 -1.11
N ALA F 879 38.51 -17.91 -2.14
CA ALA F 879 37.14 -18.41 -2.20
C ALA F 879 37.10 -19.92 -2.38
N VAL F 880 37.93 -20.46 -3.27
CA VAL F 880 37.96 -21.90 -3.49
C VAL F 880 38.32 -22.64 -2.21
N ALA F 881 39.27 -22.10 -1.45
CA ALA F 881 39.60 -22.68 -0.15
C ALA F 881 38.42 -22.59 0.80
N LYS F 882 37.71 -21.47 0.79
CA LYS F 882 36.54 -21.34 1.65
C LYS F 882 35.44 -22.30 1.25
N ARG F 883 35.26 -22.51 -0.06
CA ARG F 883 34.27 -23.48 -0.50
C ARG F 883 34.69 -24.90 -0.15
N GLN F 884 35.99 -25.19 -0.16
CA GLN F 884 36.46 -26.50 0.26
C GLN F 884 36.29 -26.73 1.76
N ASP F 885 36.42 -25.68 2.57
CA ASP F 885 36.23 -25.83 4.01
C ASP F 885 34.78 -26.16 4.35
N GLU F 886 33.83 -25.56 3.64
CA GLU F 886 32.43 -25.91 3.87
C GLU F 886 32.17 -27.35 3.48
N LEU F 887 32.82 -27.82 2.41
CA LEU F 887 32.67 -29.21 2.01
C LEU F 887 33.35 -30.14 3.02
N ALA F 888 34.53 -29.77 3.49
CA ALA F 888 35.23 -30.62 4.46
C ALA F 888 34.47 -30.71 5.77
N THR F 889 33.78 -29.64 6.17
CA THR F 889 32.99 -29.68 7.39
C THR F 889 31.78 -30.59 7.24
N ALA F 890 31.10 -30.52 6.10
CA ALA F 890 29.97 -31.42 5.87
C ALA F 890 30.43 -32.86 5.72
N ILE F 891 31.64 -33.08 5.20
CA ILE F 891 32.18 -34.43 5.10
C ILE F 891 32.57 -34.96 6.47
N SER F 892 33.17 -34.11 7.31
CA SER F 892 33.54 -34.54 8.66
C SER F 892 32.30 -34.90 9.48
N LYS F 893 31.18 -34.23 9.25
CA LYS F 893 29.93 -34.60 9.90
C LYS F 893 29.43 -35.94 9.40
N ALA F 894 29.73 -36.30 8.15
CA ALA F 894 29.27 -37.57 7.61
C ALA F 894 29.98 -38.75 8.26
N LEU F 895 31.21 -38.55 8.75
CA LEU F 895 31.92 -39.63 9.43
C LEU F 895 31.20 -40.06 10.70
N GLU F 896 30.57 -39.11 11.39
CA GLU F 896 29.85 -39.40 12.62
C GLU F 896 28.39 -39.77 12.39
N ALA F 897 27.96 -39.83 11.15
CA ALA F 897 26.60 -40.14 10.77
C ALA F 897 26.48 -41.62 10.41
N PRO F 898 25.30 -42.23 10.56
CA PRO F 898 25.13 -43.63 10.17
C PRO F 898 25.14 -43.81 8.66
N VAL F 899 26.32 -43.93 8.08
CA VAL F 899 26.48 -44.15 6.65
C VAL F 899 27.31 -45.40 6.42
N SER F 900 27.37 -45.84 5.17
CA SER F 900 28.07 -47.07 4.82
C SER F 900 29.56 -46.92 5.09
N ALA F 901 30.20 -48.05 5.41
CA ALA F 901 31.63 -48.03 5.69
C ALA F 901 32.45 -47.63 4.48
N ALA F 902 32.01 -48.01 3.27
CA ALA F 902 32.72 -47.58 2.06
C ALA F 902 32.63 -46.08 1.88
N PHE F 903 31.54 -45.47 2.33
CA PHE F 903 31.43 -44.01 2.26
C PHE F 903 32.41 -43.35 3.23
N LYS F 904 32.51 -43.89 4.45
CA LYS F 904 33.46 -43.35 5.41
C LYS F 904 34.91 -43.52 4.94
N ALA F 905 35.19 -44.62 4.22
CA ALA F 905 36.55 -44.85 3.74
C ALA F 905 36.96 -43.79 2.72
N ALA F 906 36.06 -43.44 1.80
CA ALA F 906 36.38 -42.39 0.84
C ALA F 906 36.43 -41.02 1.49
N CYS F 907 35.64 -40.80 2.55
CA CYS F 907 35.67 -39.52 3.25
C CYS F 907 36.99 -39.33 3.98
N GLU F 908 37.44 -40.35 4.71
CA GLU F 908 38.73 -40.26 5.39
C GLU F 908 39.86 -40.12 4.38
N GLY F 909 39.77 -40.83 3.25
CA GLY F 909 40.79 -40.69 2.23
C GLY F 909 40.79 -39.31 1.60
N TRP F 910 39.61 -38.71 1.45
CA TRP F 910 39.54 -37.35 0.91
C TRP F 910 40.05 -36.33 1.91
N LEU F 911 39.68 -36.49 3.19
CA LEU F 911 40.13 -35.53 4.19
C LEU F 911 41.64 -35.50 4.31
N ALA F 912 42.31 -36.63 4.08
CA ALA F 912 43.76 -36.67 4.15
C ALA F 912 44.43 -36.10 2.90
N GLY F 913 43.76 -36.13 1.75
CA GLY F 913 44.37 -35.69 0.51
C GLY F 913 43.62 -34.61 -0.23
N LYS F 914 42.89 -33.77 0.51
CA LYS F 914 42.14 -32.70 -0.14
C LYS F 914 43.05 -31.68 -0.81
N ASP F 915 44.30 -31.58 -0.38
CA ASP F 915 45.25 -30.63 -0.93
C ASP F 915 46.16 -31.25 -1.97
N ASP F 916 45.89 -32.50 -2.36
CA ASP F 916 46.63 -33.17 -3.43
C ASP F 916 45.72 -33.36 -4.61
N ALA F 917 46.22 -33.06 -5.81
CA ALA F 917 45.38 -33.15 -7.00
C ALA F 917 44.92 -34.58 -7.24
N ASP F 918 45.84 -35.54 -7.17
CA ASP F 918 45.51 -36.92 -7.52
C ASP F 918 44.66 -37.59 -6.43
N ARG F 919 45.03 -37.42 -5.16
CA ARG F 919 44.28 -38.11 -4.11
C ARG F 919 42.90 -37.49 -3.93
N SER F 920 42.78 -36.17 -4.05
CA SER F 920 41.48 -35.54 -3.93
C SER F 920 40.55 -35.95 -5.08
N ARG F 921 41.11 -36.12 -6.27
CA ARG F 921 40.29 -36.60 -7.38
C ARG F 921 39.91 -38.07 -7.18
N GLU F 922 40.87 -38.89 -6.73
CA GLU F 922 40.60 -40.32 -6.55
C GLU F 922 39.51 -40.53 -5.50
N TYR F 923 39.74 -40.04 -4.27
CA TYR F 923 38.73 -40.21 -3.24
C TYR F 923 37.53 -39.33 -3.49
N GLY F 924 37.72 -38.21 -4.19
CA GLY F 924 36.60 -37.38 -4.55
C GLY F 924 35.64 -38.08 -5.50
N ASP F 925 36.18 -38.74 -6.52
CA ASP F 925 35.33 -39.47 -7.44
C ASP F 925 34.66 -40.67 -6.79
N ARG F 926 35.31 -41.26 -5.78
CA ARG F 926 34.67 -42.32 -5.02
C ARG F 926 33.46 -41.81 -4.27
N ILE F 927 33.58 -40.63 -3.65
CA ILE F 927 32.43 -40.04 -2.95
C ILE F 927 31.31 -39.76 -3.93
N LYS F 928 31.63 -39.25 -5.12
CA LYS F 928 30.61 -38.96 -6.11
C LYS F 928 29.86 -40.21 -6.53
N ALA F 929 30.57 -41.34 -6.65
CA ALA F 929 29.92 -42.56 -7.11
C ALA F 929 29.03 -43.17 -6.03
N LEU F 930 29.41 -43.02 -4.76
CA LEU F 930 28.64 -43.59 -3.67
C LEU F 930 27.55 -42.65 -3.16
N LEU F 931 27.59 -41.37 -3.53
CA LEU F 931 26.62 -40.42 -3.00
C LEU F 931 25.16 -40.72 -3.39
N PRO F 932 24.82 -40.94 -4.67
CA PRO F 932 23.39 -41.14 -4.99
C PRO F 932 22.76 -42.34 -4.28
N GLY F 933 23.49 -43.44 -4.16
CA GLY F 933 22.95 -44.60 -3.47
C GLY F 933 22.84 -44.40 -1.97
N GLU F 934 23.79 -43.66 -1.37
CA GLU F 934 23.75 -43.41 0.07
C GLU F 934 22.58 -42.51 0.44
N ILE F 935 22.27 -41.52 -0.41
CA ILE F 935 21.17 -40.61 -0.15
C ILE F 935 19.83 -41.35 -0.22
N SER F 936 19.69 -42.30 -1.15
CA SER F 936 18.43 -43.02 -1.28
C SER F 936 18.11 -43.85 -0.04
N GLN F 937 19.13 -44.35 0.64
CA GLN F 937 18.93 -45.19 1.81
C GLN F 937 18.83 -44.40 3.11
N ALA F 938 18.85 -43.08 3.05
CA ALA F 938 18.80 -42.22 4.23
C ALA F 938 17.51 -41.40 4.23
N SER F 939 17.21 -40.80 5.37
CA SER F 939 16.01 -40.00 5.52
C SER F 939 16.19 -39.01 6.67
N GLY F 940 15.39 -37.94 6.64
CA GLY F 940 15.44 -36.96 7.70
C GLY F 940 16.69 -36.10 7.63
N GLU F 941 17.25 -35.82 8.80
CA GLU F 941 18.43 -34.95 8.87
C GLU F 941 19.68 -35.63 8.31
N VAL F 942 19.75 -36.96 8.39
CA VAL F 942 20.89 -37.66 7.81
C VAL F 942 20.91 -37.51 6.30
N LYS F 943 19.74 -37.59 5.66
CA LYS F 943 19.66 -37.38 4.23
C LYS F 943 20.04 -35.96 3.85
N ASP F 944 19.64 -34.99 4.67
CA ASP F 944 19.97 -33.60 4.42
C ASP F 944 21.47 -33.36 4.53
N LEU F 945 22.14 -34.04 5.47
CA LEU F 945 23.58 -33.90 5.59
C LEU F 945 24.30 -34.42 4.36
N LEU F 946 23.78 -35.51 3.77
CA LEU F 946 24.36 -36.01 2.53
C LEU F 946 24.01 -35.10 1.36
N LEU F 947 22.81 -34.51 1.38
CA LEU F 947 22.43 -33.57 0.32
C LEU F 947 23.28 -32.31 0.35
N ASP F 948 23.80 -31.93 1.51
CA ASP F 948 24.67 -30.76 1.56
C ASP F 948 26.04 -31.06 0.95
N ILE F 949 26.50 -32.31 1.10
CA ILE F 949 27.71 -32.73 0.38
C ILE F 949 27.45 -32.79 -1.11
N ASP F 950 26.28 -33.28 -1.51
CA ASP F 950 25.95 -33.35 -2.94
C ASP F 950 25.87 -31.95 -3.55
N ARG F 951 25.40 -30.97 -2.78
CA ARG F 951 25.33 -29.61 -3.30
C ARG F 951 26.71 -29.03 -3.57
N GLN F 952 27.73 -29.49 -2.84
CA GLN F 952 29.09 -28.99 -2.97
C GLN F 952 30.03 -30.00 -3.60
N LYS F 953 29.47 -31.05 -4.23
CA LYS F 953 30.32 -32.09 -4.79
C LYS F 953 31.24 -31.57 -5.87
N ASP F 954 30.95 -30.39 -6.43
CA ASP F 954 31.80 -29.74 -7.42
C ASP F 954 33.06 -29.12 -6.81
N TYR F 955 33.30 -29.34 -5.51
CA TYR F 955 34.52 -28.89 -4.85
C TYR F 955 35.34 -30.03 -4.26
N LEU F 956 34.98 -31.28 -4.54
CA LEU F 956 35.76 -32.42 -4.06
C LEU F 956 37.14 -32.45 -4.70
N THR F 957 37.21 -32.40 -6.04
CA THR F 957 38.49 -32.38 -6.73
C THR F 957 39.15 -31.03 -6.53
N LYS F 958 40.41 -31.03 -6.11
CA LYS F 958 41.12 -29.77 -5.89
C LYS F 958 41.26 -28.99 -7.19
N LYS F 959 41.06 -27.68 -7.09
CA LYS F 959 41.15 -26.82 -8.25
C LYS F 959 42.57 -26.28 -8.42
N SER F 960 42.85 -25.78 -9.62
CA SER F 960 44.16 -25.23 -9.97
C SER F 960 43.95 -23.82 -10.49
N ILE F 961 44.26 -22.83 -9.68
CA ILE F 961 44.08 -21.44 -10.06
C ILE F 961 45.27 -21.00 -10.90
N TRP F 962 45.00 -20.48 -12.10
CA TRP F 962 46.03 -20.04 -13.03
C TRP F 962 45.83 -18.57 -13.34
N ILE F 963 46.88 -17.78 -13.15
CA ILE F 963 46.85 -16.34 -13.40
C ILE F 963 47.68 -16.10 -14.65
N ILE F 964 46.99 -15.83 -15.77
CA ILE F 964 47.61 -15.74 -17.08
C ILE F 964 47.63 -14.29 -17.51
N GLY F 965 48.72 -13.85 -18.11
CA GLY F 965 48.82 -12.49 -18.59
C GLY F 965 50.08 -12.28 -19.41
N GLY F 966 50.16 -11.11 -20.04
CA GLY F 966 51.27 -10.76 -20.87
C GLY F 966 52.42 -10.14 -20.09
N ASP F 967 53.49 -9.83 -20.81
CA ASP F 967 54.66 -9.24 -20.15
C ASP F 967 54.37 -7.82 -19.69
N GLY F 968 53.52 -7.09 -20.42
CA GLY F 968 53.16 -5.76 -19.99
C GLY F 968 52.46 -5.74 -18.65
N TRP F 969 51.61 -6.73 -18.42
CA TRP F 969 50.95 -6.85 -17.12
C TRP F 969 51.96 -7.21 -16.02
N ALA F 970 52.81 -8.21 -16.28
CA ALA F 970 53.69 -8.73 -15.25
C ALA F 970 54.86 -7.78 -14.96
N TYR F 971 55.38 -7.11 -15.99
CA TYR F 971 56.57 -6.28 -15.81
C TYR F 971 56.25 -4.83 -15.46
N ASP F 972 55.06 -4.34 -15.77
CA ASP F 972 54.76 -2.92 -15.57
C ASP F 972 53.58 -2.69 -14.64
N ILE F 973 52.38 -2.61 -15.20
CA ILE F 973 51.23 -2.08 -14.47
C ILE F 973 50.79 -3.02 -13.36
N GLY F 974 50.90 -4.33 -13.57
CA GLY F 974 50.49 -5.28 -12.56
C GLY F 974 51.62 -5.87 -11.73
N TYR F 975 52.83 -5.30 -11.83
CA TYR F 975 53.97 -5.87 -11.13
C TYR F 975 53.83 -5.75 -9.63
N GLY F 976 53.36 -4.60 -9.14
CA GLY F 976 53.16 -4.44 -7.71
C GLY F 976 52.20 -5.46 -7.13
N GLY F 977 51.11 -5.73 -7.85
CA GLY F 977 50.17 -6.75 -7.39
C GLY F 977 50.73 -8.15 -7.54
N LEU F 978 51.48 -8.41 -8.60
CA LEU F 978 52.12 -9.71 -8.77
C LEU F 978 53.15 -9.96 -7.68
N ASP F 979 53.94 -8.94 -7.36
CA ASP F 979 54.92 -9.06 -6.27
C ASP F 979 54.24 -9.42 -4.97
N HIS F 980 53.10 -8.79 -4.67
CA HIS F 980 52.40 -9.06 -3.41
C HIS F 980 51.80 -10.46 -3.38
N VAL F 981 51.19 -10.90 -4.48
CA VAL F 981 50.56 -12.22 -4.49
C VAL F 981 51.59 -13.33 -4.37
N LEU F 982 52.75 -13.15 -5.01
CA LEU F 982 53.81 -14.13 -4.87
C LEU F 982 54.33 -14.17 -3.44
N ALA F 983 54.53 -13.01 -2.82
CA ALA F 983 55.05 -12.96 -1.46
C ALA F 983 54.09 -13.56 -0.45
N SER F 984 52.80 -13.63 -0.78
CA SER F 984 51.82 -14.14 0.17
C SER F 984 52.01 -15.63 0.43
N GLY F 985 52.51 -16.37 -0.54
CA GLY F 985 52.65 -17.80 -0.36
C GLY F 985 51.45 -18.61 -0.78
N ALA F 986 50.45 -17.98 -1.37
CA ALA F 986 49.25 -18.69 -1.80
C ALA F 986 49.58 -19.71 -2.88
N ASN F 987 48.74 -20.74 -2.99
CA ASN F 987 48.91 -21.79 -3.99
C ASN F 987 48.28 -21.30 -5.29
N VAL F 988 49.01 -20.43 -5.99
CA VAL F 988 48.59 -19.92 -7.29
C VAL F 988 49.72 -20.12 -8.31
N ASN F 989 49.33 -20.19 -9.58
CA ASN F 989 50.26 -20.39 -10.70
C ASN F 989 50.18 -19.21 -11.65
N VAL F 990 51.26 -18.44 -11.74
CA VAL F 990 51.32 -17.27 -12.61
C VAL F 990 52.05 -17.66 -13.89
N LEU F 991 51.40 -17.45 -15.03
CA LEU F 991 51.96 -17.74 -16.36
C LEU F 991 52.11 -16.42 -17.11
N VAL F 992 53.34 -15.98 -17.30
CA VAL F 992 53.66 -14.74 -18.00
C VAL F 992 53.99 -15.08 -19.44
N LEU F 993 53.13 -14.68 -20.37
CA LEU F 993 53.40 -14.83 -21.79
C LEU F 993 54.20 -13.62 -22.22
N ASP F 994 55.53 -13.76 -22.25
CA ASP F 994 56.43 -12.65 -22.52
C ASP F 994 56.62 -12.51 -24.02
N THR F 995 55.99 -11.49 -24.60
CA THR F 995 56.23 -11.10 -25.97
C THR F 995 57.18 -9.92 -26.08
N GLU F 996 57.68 -9.43 -24.95
CA GLU F 996 58.60 -8.30 -24.87
C GLU F 996 58.01 -7.00 -25.41
N VAL F 997 56.69 -6.95 -25.63
CA VAL F 997 55.98 -5.76 -26.08
C VAL F 997 54.54 -5.85 -25.57
N TYR F 998 53.81 -4.75 -25.75
CA TYR F 998 52.36 -4.77 -25.57
C TYR F 998 51.79 -5.19 -26.91
N SER F 999 51.59 -6.50 -27.09
CA SER F 999 51.30 -7.02 -28.41
C SER F 999 49.93 -6.60 -28.91
N ASN F 1000 48.91 -6.67 -28.05
CA ASN F 1000 47.55 -6.42 -28.51
C ASN F 1000 47.36 -4.98 -28.99
N THR F 1001 47.95 -4.02 -28.27
CA THR F 1001 47.77 -2.61 -28.62
C THR F 1001 48.71 -2.14 -29.72
N GLY F 1002 49.41 -3.06 -30.40
CA GLY F 1002 50.20 -2.73 -31.57
C GLY F 1002 51.70 -2.89 -31.42
N GLY F 1003 52.19 -3.16 -30.22
CA GLY F 1003 53.62 -3.41 -30.07
C GLY F 1003 54.37 -2.24 -29.45
N GLN F 1004 53.98 -1.84 -28.26
CA GLN F 1004 54.58 -0.69 -27.59
C GLN F 1004 55.67 -1.13 -26.62
N SER F 1005 56.50 -0.16 -26.23
CA SER F 1005 57.65 -0.43 -25.39
C SER F 1005 57.21 -0.89 -24.00
N SER F 1006 58.04 -1.74 -23.40
CA SER F 1006 57.77 -2.32 -22.10
C SER F 1006 59.08 -2.44 -21.34
N LYS F 1007 58.98 -2.69 -20.04
CA LYS F 1007 60.18 -3.01 -19.27
C LYS F 1007 60.70 -4.41 -19.62
N ALA F 1008 59.86 -5.24 -20.25
CA ALA F 1008 60.28 -6.54 -20.76
C ALA F 1008 60.98 -6.42 -22.11
N THR F 1009 60.93 -5.26 -22.73
CA THR F 1009 61.63 -5.03 -23.99
C THR F 1009 63.14 -5.04 -23.74
N GLN F 1010 63.87 -5.69 -24.64
CA GLN F 1010 65.32 -5.83 -24.52
C GLN F 1010 66.02 -4.57 -24.99
N THR F 1011 67.33 -4.53 -24.74
CA THR F 1011 68.15 -3.41 -25.16
C THR F 1011 68.19 -3.34 -26.68
N GLY F 1012 68.06 -2.13 -27.21
CA GLY F 1012 68.18 -1.91 -28.64
C GLY F 1012 66.95 -2.21 -29.45
N ALA F 1013 65.96 -2.90 -28.89
CA ALA F 1013 64.75 -3.21 -29.63
C ALA F 1013 63.94 -1.95 -29.90
N VAL F 1014 63.43 -1.84 -31.11
CA VAL F 1014 62.60 -0.71 -31.53
C VAL F 1014 61.15 -1.15 -31.50
N ALA F 1015 60.33 -0.41 -30.75
CA ALA F 1015 58.90 -0.62 -30.69
C ALA F 1015 58.23 0.73 -30.59
N ARG F 1016 56.91 0.73 -30.62
CA ARG F 1016 56.18 1.98 -30.47
C ARG F 1016 56.43 2.55 -29.07
N PHE F 1017 56.57 3.86 -28.99
CA PHE F 1017 57.06 4.61 -27.83
C PHE F 1017 58.56 4.43 -27.59
N ALA F 1018 59.27 3.77 -28.50
CA ALA F 1018 60.72 3.63 -28.43
C ALA F 1018 61.27 3.68 -29.86
N ALA F 1019 61.00 4.79 -30.54
CA ALA F 1019 61.37 4.90 -31.95
C ALA F 1019 62.88 4.84 -32.14
N GLY F 1020 63.64 5.43 -31.22
CA GLY F 1020 65.08 5.41 -31.27
C GLY F 1020 65.74 4.22 -30.60
N GLY F 1021 64.96 3.23 -30.20
CA GLY F 1021 65.55 2.06 -29.54
C GLY F 1021 65.61 2.23 -28.04
N LYS F 1022 65.41 1.13 -27.34
CA LYS F 1022 65.45 1.13 -25.88
C LYS F 1022 66.89 1.04 -25.40
N PHE F 1023 67.29 2.01 -24.58
CA PHE F 1023 68.66 2.03 -24.05
C PHE F 1023 68.81 1.09 -22.86
N THR F 1024 67.94 1.23 -21.87
CA THR F 1024 68.03 0.41 -20.67
C THR F 1024 67.76 -1.06 -20.99
N LYS F 1025 68.39 -1.93 -20.21
CA LYS F 1025 68.33 -3.36 -20.47
C LYS F 1025 66.99 -3.94 -20.01
N LYS F 1026 66.78 -5.22 -20.32
CA LYS F 1026 65.54 -5.87 -19.95
C LYS F 1026 65.49 -6.11 -18.44
N LYS F 1027 64.36 -5.76 -17.82
CA LYS F 1027 64.16 -6.05 -16.41
C LYS F 1027 64.07 -7.55 -16.20
N ASP F 1028 64.77 -8.05 -15.18
CA ASP F 1028 64.77 -9.48 -14.88
C ASP F 1028 63.67 -9.74 -13.86
N LEU F 1029 62.47 -10.03 -14.36
CA LEU F 1029 61.34 -10.31 -13.48
C LEU F 1029 61.58 -11.56 -12.67
N GLY F 1030 62.13 -12.60 -13.30
CA GLY F 1030 62.38 -13.84 -12.58
C GLY F 1030 63.38 -13.66 -11.45
N LEU F 1031 64.38 -12.80 -11.67
CA LEU F 1031 65.40 -12.59 -10.63
C LEU F 1031 64.79 -11.92 -9.41
N MET F 1032 63.85 -11.00 -9.60
CA MET F 1032 63.23 -10.35 -8.45
C MET F 1032 62.34 -11.32 -7.69
N ALA F 1033 61.66 -12.22 -8.41
CA ALA F 1033 60.83 -13.22 -7.75
C ALA F 1033 61.65 -14.22 -6.97
N MET F 1034 62.91 -14.42 -7.36
CA MET F 1034 63.80 -15.32 -6.63
C MET F 1034 64.22 -14.75 -5.29
N SER F 1035 64.13 -13.43 -5.10
CA SER F 1035 64.60 -12.83 -3.86
C SER F 1035 63.78 -13.29 -2.65
N TYR F 1036 62.54 -13.72 -2.86
CA TYR F 1036 61.74 -14.23 -1.76
C TYR F 1036 62.23 -15.60 -1.27
N GLY F 1037 62.73 -16.44 -2.17
CA GLY F 1037 63.22 -17.75 -1.82
C GLY F 1037 62.16 -18.85 -1.80
N TYR F 1038 60.91 -18.52 -1.48
CA TYR F 1038 59.84 -19.50 -1.43
C TYR F 1038 58.93 -19.45 -2.66
N VAL F 1039 59.35 -18.77 -3.71
CA VAL F 1039 58.59 -18.67 -4.96
C VAL F 1039 59.28 -19.51 -6.01
N TYR F 1040 58.54 -20.45 -6.60
CA TYR F 1040 59.04 -21.23 -7.72
C TYR F 1040 59.08 -20.33 -8.96
N VAL F 1041 60.25 -20.19 -9.56
CA VAL F 1041 60.44 -19.35 -10.73
C VAL F 1041 61.07 -20.18 -11.83
N ALA F 1042 60.55 -20.04 -13.05
CA ALA F 1042 61.07 -20.76 -14.20
C ALA F 1042 60.92 -19.91 -15.45
N SER F 1043 61.93 -19.96 -16.32
CA SER F 1043 61.91 -19.28 -17.61
C SER F 1043 61.92 -20.35 -18.69
N VAL F 1044 60.89 -20.36 -19.54
CA VAL F 1044 60.69 -21.42 -20.51
C VAL F 1044 60.53 -20.86 -21.91
N ALA F 1045 60.71 -21.74 -22.90
CA ALA F 1045 60.51 -21.41 -24.30
C ALA F 1045 60.25 -22.71 -25.05
N MET F 1046 59.03 -22.90 -25.55
CA MET F 1046 58.65 -24.19 -26.12
C MET F 1046 59.50 -24.56 -27.33
N GLY F 1047 59.78 -23.58 -28.20
CA GLY F 1047 60.56 -23.84 -29.40
C GLY F 1047 61.97 -24.32 -29.13
N ALA F 1048 62.51 -23.99 -27.95
CA ALA F 1048 63.88 -24.34 -27.60
C ALA F 1048 63.97 -25.73 -26.97
N SER F 1049 63.08 -26.05 -26.02
CA SER F 1049 63.16 -27.31 -25.29
C SER F 1049 61.75 -27.74 -24.87
N HIS F 1050 61.27 -28.84 -25.43
CA HIS F 1050 59.97 -29.37 -25.02
C HIS F 1050 60.03 -29.97 -23.62
N SER F 1051 61.09 -30.70 -23.30
CA SER F 1051 61.17 -31.37 -22.00
C SER F 1051 61.36 -30.37 -20.86
N GLN F 1052 62.10 -29.29 -21.11
CA GLN F 1052 62.29 -28.28 -20.07
C GLN F 1052 61.00 -27.53 -19.77
N LEU F 1053 60.16 -27.33 -20.78
CA LEU F 1053 58.86 -26.71 -20.55
C LEU F 1053 57.94 -27.65 -19.79
N MET F 1054 57.98 -28.95 -20.13
CA MET F 1054 57.15 -29.93 -19.42
C MET F 1054 57.53 -30.02 -17.95
N LYS F 1055 58.83 -30.01 -17.65
CA LYS F 1055 59.28 -30.14 -16.26
C LYS F 1055 58.86 -28.94 -15.44
N ALA F 1056 59.02 -27.73 -16.00
CA ALA F 1056 58.70 -26.53 -15.24
C ALA F 1056 57.20 -26.38 -14.99
N LEU F 1057 56.37 -26.72 -15.98
CA LEU F 1057 54.93 -26.60 -15.81
C LEU F 1057 54.40 -27.55 -14.76
N ILE F 1058 54.86 -28.81 -14.78
CA ILE F 1058 54.34 -29.79 -13.84
C ILE F 1058 54.85 -29.52 -12.43
N GLU F 1059 56.13 -29.18 -12.29
CA GLU F 1059 56.70 -28.87 -10.97
C GLU F 1059 56.06 -27.63 -10.37
N ALA F 1060 55.74 -26.64 -11.20
CA ALA F 1060 55.15 -25.42 -10.68
C ALA F 1060 53.75 -25.67 -10.13
N GLU F 1061 52.98 -26.53 -10.82
CA GLU F 1061 51.60 -26.78 -10.39
C GLU F 1061 51.57 -27.60 -9.10
N LYS F 1062 52.47 -28.58 -8.97
CA LYS F 1062 52.51 -29.40 -7.76
C LYS F 1062 53.07 -28.64 -6.55
N TYR F 1063 53.82 -27.57 -6.78
CA TYR F 1063 54.40 -26.82 -5.67
C TYR F 1063 53.30 -26.21 -4.81
N ASP F 1064 53.31 -26.54 -3.52
CA ASP F 1064 52.33 -26.00 -2.58
C ASP F 1064 52.78 -24.57 -2.22
N GLY F 1065 52.61 -23.68 -3.18
CA GLY F 1065 53.01 -22.30 -3.02
C GLY F 1065 52.91 -21.53 -4.31
N PRO F 1066 53.45 -20.31 -4.31
CA PRO F 1066 53.39 -19.47 -5.52
C PRO F 1066 54.37 -19.93 -6.58
N SER F 1067 53.90 -19.95 -7.83
CA SER F 1067 54.71 -20.38 -8.97
C SER F 1067 54.63 -19.33 -10.07
N LEU F 1068 55.79 -19.04 -10.69
CA LEU F 1068 55.88 -18.06 -11.75
C LEU F 1068 56.56 -18.69 -12.96
N ILE F 1069 55.83 -18.77 -14.07
CA ILE F 1069 56.33 -19.34 -15.32
C ILE F 1069 56.43 -18.20 -16.32
N ILE F 1070 57.65 -17.87 -16.73
CA ILE F 1070 57.89 -16.83 -17.72
C ILE F 1070 58.23 -17.50 -19.04
N ALA F 1071 57.30 -17.44 -20.00
CA ALA F 1071 57.43 -18.13 -21.28
C ALA F 1071 57.70 -17.14 -22.39
N TYR F 1072 58.71 -17.42 -23.20
CA TYR F 1072 58.99 -16.60 -24.39
C TYR F 1072 57.95 -16.93 -25.46
N ALA F 1073 57.22 -15.92 -25.90
CA ALA F 1073 56.13 -16.07 -26.88
C ALA F 1073 56.45 -15.26 -28.13
N PRO F 1074 56.90 -15.88 -29.21
CA PRO F 1074 57.11 -15.14 -30.45
C PRO F 1074 55.81 -14.51 -30.94
N CYS F 1075 55.94 -13.33 -31.55
CA CYS F 1075 54.79 -12.52 -31.90
C CYS F 1075 55.03 -11.83 -33.24
N ILE F 1076 53.93 -11.40 -33.88
CA ILE F 1076 54.04 -10.72 -35.16
C ILE F 1076 54.75 -9.38 -35.01
N ASN F 1077 54.69 -8.78 -33.83
CA ASN F 1077 55.36 -7.50 -33.60
C ASN F 1077 56.87 -7.62 -33.60
N HIS F 1078 57.42 -8.84 -33.55
CA HIS F 1078 58.86 -9.02 -33.66
C HIS F 1078 59.36 -8.79 -35.08
N GLY F 1079 58.50 -8.93 -36.08
CA GLY F 1079 58.92 -8.79 -37.47
C GLY F 1079 59.63 -10.02 -37.96
N ILE F 1080 58.93 -11.16 -37.90
CA ILE F 1080 59.47 -12.45 -38.31
C ILE F 1080 58.42 -13.19 -39.13
N ASN F 1081 58.86 -14.23 -39.83
CA ASN F 1081 57.95 -15.12 -40.52
C ASN F 1081 57.31 -16.02 -39.47
N MET F 1082 56.01 -15.84 -39.24
CA MET F 1082 55.32 -16.61 -38.21
C MET F 1082 55.22 -18.09 -38.55
N THR F 1083 55.53 -18.47 -39.80
CA THR F 1083 55.61 -19.89 -40.14
C THR F 1083 56.68 -20.58 -39.29
N TYR F 1084 57.78 -19.88 -39.01
CA TYR F 1084 58.86 -20.45 -38.21
C TYR F 1084 58.91 -19.85 -36.82
N SER F 1085 57.74 -19.75 -36.17
CA SER F 1085 57.70 -19.19 -34.82
C SER F 1085 58.39 -20.10 -33.81
N GLN F 1086 58.22 -21.41 -33.95
CA GLN F 1086 58.93 -22.33 -33.07
C GLN F 1086 60.44 -22.22 -33.27
N ARG F 1087 60.87 -22.06 -34.52
CA ARG F 1087 62.31 -21.94 -34.78
C ARG F 1087 62.88 -20.67 -34.14
N GLU F 1088 62.09 -19.60 -34.10
CA GLU F 1088 62.58 -18.36 -33.50
C GLU F 1088 62.80 -18.49 -32.01
N ALA F 1089 61.99 -19.31 -31.33
CA ALA F 1089 62.22 -19.57 -29.91
C ALA F 1089 63.45 -20.45 -29.71
N LYS F 1090 63.72 -21.35 -30.66
CA LYS F 1090 64.94 -22.15 -30.60
C LYS F 1090 66.17 -21.28 -30.86
N LYS F 1091 66.06 -20.36 -31.84
CA LYS F 1091 67.16 -19.43 -32.11
C LYS F 1091 67.36 -18.44 -30.97
N ALA F 1092 66.31 -18.14 -30.20
CA ALA F 1092 66.44 -17.19 -29.10
C ALA F 1092 67.28 -17.77 -27.97
N VAL F 1093 67.03 -19.02 -27.58
CA VAL F 1093 67.79 -19.61 -26.50
C VAL F 1093 69.20 -20.02 -26.95
N GLU F 1094 69.31 -20.51 -28.19
CA GLU F 1094 70.61 -20.95 -28.68
C GLU F 1094 71.60 -19.80 -28.87
N ALA F 1095 71.11 -18.57 -29.02
CA ALA F 1095 71.97 -17.41 -29.20
C ALA F 1095 72.23 -16.64 -27.91
N GLY F 1096 71.80 -17.18 -26.78
CA GLY F 1096 71.94 -16.49 -25.50
C GLY F 1096 70.99 -15.33 -25.29
N TYR F 1097 69.95 -15.20 -26.11
CA TYR F 1097 69.02 -14.08 -25.99
C TYR F 1097 67.99 -14.31 -24.90
N TRP F 1098 67.56 -15.55 -24.69
CA TRP F 1098 66.56 -15.89 -23.70
C TRP F 1098 67.08 -17.05 -22.85
N PRO F 1099 67.10 -16.91 -21.53
CA PRO F 1099 67.61 -17.99 -20.68
C PRO F 1099 66.53 -19.01 -20.37
N LEU F 1100 66.98 -20.21 -20.01
CA LEU F 1100 66.11 -21.29 -19.54
C LEU F 1100 66.62 -21.73 -18.18
N TYR F 1101 65.86 -21.46 -17.12
CA TYR F 1101 66.25 -21.84 -15.77
C TYR F 1101 65.02 -22.28 -14.99
N ARG F 1102 65.28 -22.87 -13.81
CA ARG F 1102 64.22 -23.26 -12.90
C ARG F 1102 64.72 -23.06 -11.47
N TYR F 1103 63.99 -22.25 -10.70
CA TYR F 1103 64.30 -22.01 -9.29
C TYR F 1103 63.22 -22.70 -8.46
N ASN F 1104 63.59 -23.80 -7.81
CA ASN F 1104 62.66 -24.61 -7.02
C ASN F 1104 62.97 -24.42 -5.55
N PRO F 1105 62.11 -23.73 -4.78
CA PRO F 1105 62.37 -23.59 -3.34
C PRO F 1105 62.41 -24.91 -2.60
N GLN F 1106 61.78 -25.97 -3.13
CA GLN F 1106 61.81 -27.26 -2.47
C GLN F 1106 63.21 -27.87 -2.48
N LEU F 1107 64.03 -27.52 -3.47
CA LEU F 1107 65.41 -28.01 -3.49
C LEU F 1107 66.22 -27.43 -2.34
N ALA F 1108 65.92 -26.21 -1.91
CA ALA F 1108 66.63 -25.64 -0.77
C ALA F 1108 66.28 -26.36 0.52
N GLN F 1109 65.02 -26.78 0.67
CA GLN F 1109 64.60 -27.53 1.84
C GLN F 1109 65.21 -28.93 1.89
N GLU F 1110 65.62 -29.46 0.75
CA GLU F 1110 66.30 -30.75 0.69
C GLU F 1110 67.82 -30.60 0.78
N GLY F 1111 68.30 -29.41 1.11
CA GLY F 1111 69.74 -29.17 1.20
C GLY F 1111 70.45 -28.97 -0.12
N LYS F 1112 69.72 -28.88 -1.23
CA LYS F 1112 70.30 -28.76 -2.56
C LYS F 1112 70.25 -27.31 -3.04
N ASN F 1113 70.87 -27.08 -4.19
CA ASN F 1113 70.85 -25.75 -4.81
C ASN F 1113 69.52 -25.52 -5.48
N PRO F 1114 68.78 -24.46 -5.12
CA PRO F 1114 67.48 -24.24 -5.77
C PRO F 1114 67.59 -23.84 -7.23
N PHE F 1115 68.69 -23.21 -7.64
CA PHE F 1115 68.81 -22.69 -8.99
C PHE F 1115 69.40 -23.77 -9.90
N ILE F 1116 68.68 -24.11 -10.95
CA ILE F 1116 69.14 -25.06 -11.96
C ILE F 1116 69.14 -24.33 -13.29
N LEU F 1117 70.31 -24.24 -13.92
CA LEU F 1117 70.45 -23.62 -15.23
C LEU F 1117 70.32 -24.71 -16.29
N ASP F 1118 69.21 -24.69 -17.03
CA ASP F 1118 68.89 -25.77 -17.96
C ASP F 1118 69.54 -25.62 -19.34
N TYR F 1119 70.09 -24.45 -19.66
CA TYR F 1119 70.80 -24.25 -20.92
C TYR F 1119 72.01 -23.39 -20.63
N LYS F 1120 73.19 -24.00 -20.63
CA LYS F 1120 74.41 -23.37 -20.16
C LYS F 1120 75.23 -22.75 -21.29
N THR F 1121 75.44 -23.48 -22.39
CA THR F 1121 76.34 -23.02 -23.43
C THR F 1121 75.57 -22.70 -24.72
N PRO F 1122 75.47 -21.43 -25.09
CA PRO F 1122 74.81 -21.10 -26.36
C PRO F 1122 75.71 -21.38 -27.55
N THR F 1123 75.08 -21.78 -28.65
CA THR F 1123 75.80 -22.19 -29.85
C THR F 1123 75.58 -21.27 -31.05
N ALA F 1124 74.62 -20.36 -30.98
CA ALA F 1124 74.30 -19.47 -32.09
C ALA F 1124 74.88 -18.07 -31.87
N SER F 1125 74.94 -17.32 -32.98
CA SER F 1125 75.49 -15.97 -32.94
C SER F 1125 74.44 -15.01 -32.41
N PHE F 1126 74.85 -14.13 -31.48
CA PHE F 1126 73.89 -13.23 -30.86
C PHE F 1126 73.46 -12.13 -31.82
N ARG F 1127 74.40 -11.55 -32.57
CA ARG F 1127 74.02 -10.49 -33.50
C ARG F 1127 73.25 -11.03 -34.71
N ASP F 1128 73.51 -12.28 -35.10
CA ASP F 1128 72.75 -12.85 -36.20
C ASP F 1128 71.29 -13.04 -35.82
N PHE F 1129 71.01 -13.30 -34.54
CA PHE F 1129 69.63 -13.44 -34.09
C PHE F 1129 68.89 -12.11 -34.15
N LEU F 1130 69.56 -11.01 -33.79
CA LEU F 1130 68.93 -9.70 -33.87
C LEU F 1130 68.61 -9.33 -35.31
N MET F 1131 69.52 -9.68 -36.23
CA MET F 1131 69.31 -9.37 -37.64
C MET F 1131 68.23 -10.21 -38.29
N GLY F 1132 67.75 -11.26 -37.61
CA GLY F 1132 66.66 -12.06 -38.12
C GLY F 1132 65.28 -11.56 -37.77
N GLU F 1133 65.18 -10.43 -37.07
CA GLU F 1133 63.91 -9.85 -36.65
C GLU F 1133 63.89 -8.37 -37.00
N ILE F 1134 62.75 -7.91 -37.53
CA ILE F 1134 62.64 -6.52 -37.98
C ILE F 1134 62.74 -5.55 -36.82
N ARG F 1135 62.30 -5.96 -35.62
CA ARG F 1135 62.30 -5.07 -34.46
C ARG F 1135 63.69 -4.59 -34.06
N TYR F 1136 64.74 -5.20 -34.60
CA TYR F 1136 66.11 -4.74 -34.39
C TYR F 1136 66.76 -4.19 -35.65
N THR F 1137 66.39 -4.70 -36.82
CA THR F 1137 66.98 -4.19 -38.05
C THR F 1137 66.41 -2.82 -38.42
N SER F 1138 65.18 -2.52 -37.97
CA SER F 1138 64.59 -1.22 -38.23
C SER F 1138 65.33 -0.10 -37.51
N LEU F 1139 66.10 -0.42 -36.46
CA LEU F 1139 66.94 0.59 -35.83
C LEU F 1139 68.07 1.03 -36.74
N LYS F 1140 68.59 0.11 -37.57
CA LYS F 1140 69.65 0.47 -38.51
C LYS F 1140 69.14 1.38 -39.61
N LYS F 1141 67.85 1.29 -39.94
CA LYS F 1141 67.28 2.14 -40.99
C LYS F 1141 67.00 3.54 -40.47
N GLN F 1142 66.46 3.65 -39.27
CA GLN F 1142 66.03 4.93 -38.71
C GLN F 1142 67.15 5.68 -37.99
N PHE F 1143 67.90 5.00 -37.12
CA PHE F 1143 68.93 5.64 -36.30
C PHE F 1143 70.26 4.92 -36.50
N PRO F 1144 71.06 5.35 -37.48
CA PRO F 1144 72.30 4.59 -37.79
C PRO F 1144 73.38 4.74 -36.74
N GLU F 1145 73.53 5.92 -36.13
CA GLU F 1145 74.62 6.15 -35.19
C GLU F 1145 74.51 5.23 -33.97
N LYS F 1146 73.34 5.25 -33.32
CA LYS F 1146 73.14 4.55 -32.06
C LYS F 1146 72.73 3.10 -32.23
N ALA F 1147 72.50 2.64 -33.47
CA ALA F 1147 72.17 1.24 -33.66
C ALA F 1147 73.37 0.35 -33.35
N GLU F 1148 74.56 0.74 -33.81
CA GLU F 1148 75.75 -0.05 -33.51
C GLU F 1148 76.12 0.04 -32.04
N GLN F 1149 75.88 1.19 -31.40
CA GLN F 1149 76.18 1.33 -29.98
C GLN F 1149 75.24 0.47 -29.13
N LEU F 1150 73.96 0.41 -29.51
CA LEU F 1150 73.00 -0.38 -28.73
C LEU F 1150 73.17 -1.87 -28.98
N PHE F 1151 73.53 -2.27 -30.20
CA PHE F 1151 73.76 -3.69 -30.46
C PHE F 1151 74.94 -4.22 -29.66
N ALA F 1152 75.97 -3.39 -29.48
CA ALA F 1152 77.11 -3.80 -28.67
C ALA F 1152 76.73 -3.92 -27.20
N LYS F 1153 75.88 -3.01 -26.72
CA LYS F 1153 75.41 -3.08 -25.33
C LYS F 1153 74.47 -4.26 -25.12
N ALA F 1154 73.64 -4.58 -26.12
CA ALA F 1154 72.72 -5.71 -25.98
C ALA F 1154 73.47 -7.03 -25.87
N GLU F 1155 74.57 -7.18 -26.61
CA GLU F 1155 75.35 -8.41 -26.50
C GLU F 1155 76.11 -8.47 -25.18
N ALA F 1156 76.58 -7.33 -24.69
CA ALA F 1156 77.26 -7.30 -23.40
C ALA F 1156 76.30 -7.58 -22.25
N ASP F 1157 75.06 -7.10 -22.37
CA ASP F 1157 74.07 -7.36 -21.32
C ASP F 1157 73.63 -8.81 -21.31
N ALA F 1158 73.53 -9.44 -22.48
CA ALA F 1158 73.15 -10.85 -22.54
C ALA F 1158 74.28 -11.76 -22.06
N LYS F 1159 75.53 -11.37 -22.31
CA LYS F 1159 76.64 -12.16 -21.80
C LYS F 1159 76.82 -11.97 -20.29
N ALA F 1160 76.66 -10.74 -19.81
CA ALA F 1160 76.77 -10.50 -18.37
C ALA F 1160 75.62 -11.13 -17.61
N ARG F 1161 74.43 -11.19 -18.21
CA ARG F 1161 73.31 -11.85 -17.56
C ARG F 1161 73.49 -13.36 -17.56
N LEU F 1162 74.08 -13.91 -18.62
CA LEU F 1162 74.33 -15.35 -18.67
C LEU F 1162 75.37 -15.77 -17.65
N GLU F 1163 76.42 -14.96 -17.46
CA GLU F 1163 77.45 -15.29 -16.49
C GLU F 1163 76.94 -15.25 -15.06
N GLN F 1164 75.94 -14.40 -14.78
CA GLN F 1164 75.38 -14.35 -13.43
C GLN F 1164 74.59 -15.62 -13.13
N TYR F 1165 73.92 -16.17 -14.15
CA TYR F 1165 73.17 -17.40 -13.96
C TYR F 1165 74.10 -18.59 -13.80
N LYS F 1166 75.28 -18.55 -14.43
CA LYS F 1166 76.25 -19.63 -14.23
C LYS F 1166 76.80 -19.63 -12.82
N LYS F 1167 76.95 -18.45 -12.22
CA LYS F 1167 77.42 -18.36 -10.84
C LYS F 1167 76.37 -18.84 -9.85
N LEU F 1168 75.09 -18.54 -10.12
CA LEU F 1168 74.03 -18.98 -9.22
C LEU F 1168 73.88 -20.50 -9.20
N ALA F 1169 74.24 -21.17 -10.31
CA ALA F 1169 74.13 -22.62 -10.34
C ALA F 1169 75.32 -23.29 -9.68
N GLU F 1170 76.50 -22.68 -9.78
CA GLU F 1170 77.72 -23.25 -9.21
C GLU F 1170 77.77 -23.03 -7.70
FE1 SF4 G . -52.04 -6.39 25.01
FE2 SF4 G . -51.12 -8.78 25.96
FE3 SF4 G . -49.50 -6.58 25.98
FE4 SF4 G . -50.15 -7.78 23.61
S1 SF4 G . -48.94 -8.69 25.32
S2 SF4 G . -50.15 -5.54 24.06
S3 SF4 G . -52.28 -8.44 24.03
S4 SF4 G . -51.43 -6.87 27.15
FE1 SF4 H . -39.55 -3.18 27.78
FE2 SF4 H . -38.99 -1.53 25.68
FE3 SF4 H . -38.04 -4.10 25.71
FE4 SF4 H . -40.71 -3.63 25.35
S1 SF4 H . -39.02 -3.03 23.95
S2 SF4 H . -39.77 -5.18 26.73
S3 SF4 H . -41.00 -1.80 26.70
S4 SF4 H . -37.50 -2.42 27.15
FE1 SF4 I . -26.49 -8.16 30.64
FE2 SF4 I . -28.38 -9.40 32.13
FE3 SF4 I . -25.81 -9.28 33.02
FE4 SF4 I . -26.44 -10.88 30.90
S1 SF4 I . -27.17 -11.11 33.04
S2 SF4 I . -24.66 -9.45 31.07
S3 SF4 I . -28.05 -9.63 29.89
S4 SF4 I . -27.23 -7.53 32.69
O1B TDL J . -25.64 -12.58 37.14
PB TDL J . -24.19 -12.98 37.21
O2B TDL J . -23.32 -11.76 36.96
O3B TDL J . -23.90 -14.03 36.16
O3A TDL J . -23.87 -13.56 38.66
PA TDL J . -22.88 -14.78 38.93
O1A TDL J . -22.94 -15.15 40.40
O2A TDL J . -23.31 -15.96 38.11
O7 TDL J . -21.41 -14.37 38.54
C7 TDL J . -20.90 -13.09 38.92
C6 TDL J . -19.35 -13.24 38.93
C5 TDL J . -18.57 -12.08 39.53
S1 TDL J . -19.27 -10.41 39.64
C4 TDL J . -17.31 -12.09 40.01
CM4 TDL J . -16.45 -13.30 40.06
N3 TDL J . -16.87 -10.81 40.50
C2 TDL J . -17.77 -9.82 40.39
CLA TDL J . -17.60 -8.30 40.78
OL1 TDL J . -17.19 -8.09 42.07
CLB TDL J . -18.98 -7.57 40.54
CLC TDL J . -16.64 -7.70 39.62
OL2 TDL J . -17.09 -7.89 38.40
OL3 TDL J . -15.55 -7.12 39.93
C7' TDL J . -15.56 -10.62 41.04
C5' TDL J . -15.31 -11.25 42.48
C6' TDL J . -14.51 -12.42 42.64
N1' TDL J . -14.30 -12.92 43.86
C2' TDL J . -14.82 -12.33 44.92
CM2 TDL J . -14.54 -12.96 46.30
N3' TDL J . -15.56 -11.25 44.84
C4' TDL J . -15.82 -10.68 43.65
N4' TDL J . -16.62 -9.50 43.60
MG MG K . -24.24 -16.13 36.20
S SO4 L . -16.31 -1.64 21.28
O1 SO4 L . -17.35 -2.56 20.87
O2 SO4 L . -16.80 -0.27 21.24
O3 SO4 L . -15.17 -1.78 20.36
O4 SO4 L . -15.87 -1.94 22.64
FE1 SF4 M . -5.50 -65.13 66.24
FE2 SF4 M . -7.50 -63.93 64.81
FE3 SF4 M . -5.75 -62.41 66.25
FE4 SF4 M . -7.60 -63.97 67.54
S1 SF4 M . -8.01 -62.19 66.18
S2 SF4 M . -5.38 -63.77 68.06
S3 SF4 M . -7.68 -65.77 66.15
S4 SF4 M . -5.25 -63.73 64.46
FE1 SF4 N . -3.95 -52.42 69.84
FE2 SF4 N . -3.32 -52.67 72.49
FE3 SF4 N . -5.82 -51.83 71.76
FE4 SF4 N . -5.07 -54.43 71.33
S1 SF4 N . -5.31 -53.40 73.34
S2 SF4 N . -6.15 -53.04 69.87
S3 SF4 N . -2.86 -54.16 70.83
S4 SF4 N . -3.84 -50.75 71.39
FE1 SF4 O . -9.74 -39.35 70.35
FE2 SF4 O . -10.08 -40.42 67.86
FE3 SF4 O . -9.90 -37.70 68.17
FE4 SF4 O . -12.12 -39.02 69.05
S1 SF4 O . -11.41 -38.83 66.90
S2 SF4 O . -10.96 -37.42 70.17
S3 SF4 O . -11.20 -40.98 69.76
S4 SF4 O . -8.28 -39.24 68.61
N1' TPP P . -11.23 -22.81 61.59
C2' TPP P . -10.14 -22.87 60.85
CM2 TPP P . -10.11 -22.14 59.49
N3' TPP P . -9.06 -23.53 61.24
C4' TPP P . -9.04 -24.18 62.43
N4' TPP P . -7.87 -24.90 62.84
C5' TPP P . -10.17 -24.15 63.25
C6' TPP P . -11.29 -23.41 62.77
C7' TPP P . -10.17 -24.88 64.63
N3 TPP P . -10.36 -26.28 64.44
C2 TPP P . -9.38 -27.26 64.41
S1 TPP P . -9.88 -28.79 64.16
C5 TPP P . -11.41 -28.23 64.10
C4 TPP P . -11.56 -26.86 64.26
CM4 TPP P . -12.91 -26.14 64.23
C6 TPP P . -12.60 -29.16 63.89
C7 TPP P . -12.23 -30.60 63.42
O7 TPP P . -13.48 -31.27 63.17
PA TPP P . -13.49 -32.54 62.22
O1A TPP P . -14.74 -33.32 62.42
O2A TPP P . -13.43 -32.07 60.78
O3A TPP P . -12.21 -33.42 62.55
PB TPP P . -12.03 -34.29 63.88
O1B TPP P . -13.37 -34.59 64.49
O2B TPP P . -11.18 -33.52 64.88
O3B TPP P . -11.33 -35.58 63.53
MG MG Q . -15.14 -35.04 63.40
S SO4 R . -9.00 -33.25 84.89
O1 SO4 R . -9.22 -32.71 86.22
O2 SO4 R . -9.47 -32.27 83.91
O3 SO4 R . -7.58 -33.51 84.69
O4 SO4 R . -9.76 -34.49 84.74
S SO4 S . 8.41 -48.88 91.53
O1 SO4 S . 7.97 -48.40 92.84
O2 SO4 S . 8.35 -47.80 90.55
O3 SO4 S . 9.79 -49.35 91.64
O4 SO4 S . 7.55 -49.98 91.09
FE1 SF4 T . -13.96 58.99 -54.28
FE2 SF4 T . -16.51 58.17 -53.71
FE3 SF4 T . -14.60 56.33 -54.40
FE4 SF4 T . -15.58 58.06 -56.28
S1 SF4 T . -16.74 56.44 -55.17
S2 SF4 T . -13.39 57.51 -55.94
S3 SF4 T . -15.90 59.92 -55.02
S4 SF4 T . -14.61 57.66 -52.55
FE1 SF4 U . -12.92 45.95 -56.65
FE2 SF4 U . -11.38 45.86 -58.90
FE3 SF4 U . -14.08 45.53 -59.10
FE4 SF4 U . -13.05 47.99 -58.47
S1 SF4 U . -12.77 46.83 -60.42
S2 SF4 U . -14.80 46.95 -57.46
S3 SF4 U . -11.24 47.38 -57.21
S4 SF4 U . -12.61 44.16 -58.03
FE1 SF4 V . -20.22 33.90 -59.12
FE2 SF4 V . -21.27 35.29 -57.01
FE3 SF4 V . -21.52 32.56 -57.11
FE4 SF4 V . -22.93 34.15 -58.85
S1 SF4 V . -23.15 34.08 -56.59
S2 SF4 V . -21.76 32.26 -59.36
S3 SF4 V . -21.44 35.83 -59.22
S4 SF4 V . -19.58 33.75 -56.92
O1B TDL W . -25.31 31.41 -53.56
PB TDL W . -26.02 30.17 -54.04
O2B TDL W . -25.01 29.21 -54.64
O3B TDL W . -27.04 30.54 -55.09
O3A TDL W . -26.72 29.48 -52.79
PA TDL W . -27.97 28.52 -52.94
O1A TDL W . -28.41 28.03 -51.58
O2A TDL W . -29.09 29.29 -53.57
O7 TDL W . -27.58 27.30 -53.87
C7 TDL W . -26.52 26.40 -53.48
C6 TDL W . -26.89 25.01 -54.11
C5 TDL W . -25.90 23.87 -53.93
S1 TDL W . -24.12 24.17 -53.67
C4 TDL W . -26.15 22.55 -53.94
CM4 TDL W . -27.49 21.94 -54.16
N3 TDL W . -24.98 21.74 -53.74
C2 TDL W . -23.83 22.41 -53.58
CLA TDL W . -22.38 21.79 -53.37
OL1 TDL W . -22.33 20.91 -52.31
CLB TDL W . -21.36 22.96 -53.10
CLC TDL W . -21.98 21.20 -54.82
OL2 TDL W . -21.95 22.09 -55.80
OL3 TDL W . -21.72 19.97 -54.96
C7' TDL W . -25.05 20.31 -53.75
C5' TDL W . -25.75 19.63 -52.49
C6' TDL W . -27.05 19.07 -52.62
N1' TDL W . -27.65 18.50 -51.58
C2' TDL W . -27.05 18.42 -50.42
CM2 TDL W . -27.80 17.74 -49.26
N3' TDL W . -25.83 18.91 -50.22
C4' TDL W . -25.16 19.52 -51.22
N4' TDL W . -23.85 20.02 -50.96
MG MG X . -28.87 31.26 -54.89
S SO4 Y . -14.55 27.42 -71.22
O1 SO4 Y . -15.51 27.20 -70.15
O2 SO4 Y . -14.82 28.67 -71.89
O3 SO4 Y . -13.20 27.44 -70.63
O4 SO4 Y . -14.64 26.34 -72.19
FE1 SF4 Z . -81.63 11.30 -33.64
FE2 SF4 Z . -80.01 13.44 -34.20
FE3 SF4 Z . -78.91 11.01 -33.59
FE4 SF4 Z . -80.15 12.46 -31.65
S1 SF4 Z . -78.27 13.04 -32.78
S2 SF4 Z . -80.38 10.23 -32.05
S3 SF4 Z . -81.84 13.42 -32.84
S4 SF4 Z . -80.20 11.51 -35.40
FE1 SF4 AA . -69.65 5.81 -31.24
FE2 SF4 AA . -70.14 4.24 -29.08
FE3 SF4 AA . -68.86 6.63 -28.76
FE4 SF4 AA . -71.52 6.56 -29.40
S1 SF4 AA . -70.56 5.80 -27.48
S2 SF4 AA . -69.91 7.88 -30.33
S3 SF4 AA . -71.59 4.73 -30.75
S4 SF4 AA . -68.10 4.82 -29.90
FE1 SF4 BA . -55.70 8.57 -28.62
FE2 SF4 BA . -56.57 10.01 -30.77
FE3 SF4 BA . -53.95 9.23 -30.60
FE4 SF4 BA . -54.90 11.16 -28.93
S1 SF4 BA . -54.74 11.29 -31.20
S2 SF4 BA . -53.59 9.40 -28.36
S3 SF4 BA . -57.02 10.42 -28.58
S4 SF4 BA . -55.77 7.88 -30.78
O1B TDL CA . -51.61 12.40 -34.18
PB TDL CA . -50.15 12.39 -33.80
O2B TDL CA . -49.71 10.97 -33.49
O3B TDL CA . -49.93 13.29 -32.60
O3A TDL CA . -49.28 12.92 -35.03
PA TDL CA . -48.03 13.90 -34.86
O1A TDL CA . -47.50 14.24 -36.23
O2A TDL CA . -48.47 15.16 -34.17
O7 TDL CA . -46.90 13.22 -34.00
C7 TDL CA . -46.52 11.86 -34.28
C6 TDL CA . -45.17 11.66 -33.54
C5 TDL CA . -44.38 10.38 -33.82
S1 TDL CA . -45.23 8.80 -34.14
C4 TDL CA . -43.05 10.20 -33.87
CM4 TDL CA . -42.04 11.28 -33.65
N3 TDL CA . -42.65 8.88 -34.17
C2 TDL CA . -43.66 8.00 -34.34
CLA TDL CA . -43.55 6.45 -34.64
OL1 TDL CA . -42.79 6.19 -35.77
CLB TDL CA . -45.00 5.89 -34.84
CLC TDL CA . -43.04 5.78 -33.26
OL2 TDL CA . -43.81 6.00 -32.23
OL3 TDL CA . -41.95 5.11 -33.25
C7' TDL CA . -41.27 8.51 -34.23
C5' TDL CA . -40.44 9.00 -35.48
C6' TDL CA . -39.38 9.94 -35.33
N1' TDL CA . -38.67 10.33 -36.39
C2' TDL CA . -38.94 9.85 -37.59
CM2 TDL CA . -38.10 10.32 -38.80
N3' TDL CA . -39.89 8.96 -37.79
C4' TDL CA . -40.66 8.52 -36.78
N4' TDL CA . -41.69 7.56 -37.05
MG MG DA . -50.23 15.47 -32.85
S SO4 EA . -51.61 0.45 -16.46
O1 SO4 EA . -52.42 1.59 -16.08
O2 SO4 EA . -51.46 0.40 -17.92
O3 SO4 EA . -50.29 0.57 -15.84
O4 SO4 EA . -52.24 -0.78 -16.00
FE1 SF4 FA . 80.09 18.04 23.33
FE2 SF4 FA . 79.92 15.90 21.61
FE3 SF4 FA . 77.68 17.33 22.24
FE4 SF4 FA . 78.86 15.72 24.12
S1 SF4 FA . 77.88 15.06 22.17
S2 SF4 FA . 78.09 17.85 24.42
S3 SF4 FA . 81.05 15.97 23.59
S4 SF4 FA . 79.51 18.10 21.12
FE1 SF4 GA . 67.09 17.27 20.92
FE2 SF4 GA . 66.00 17.90 23.35
FE3 SF4 GA . 66.07 15.29 22.51
FE4 SF4 GA . 68.38 16.56 23.22
S1 SF4 GA . 66.63 16.08 24.58
S2 SF4 GA . 68.05 15.26 21.39
S3 SF4 GA . 67.96 18.69 22.49
S4 SF4 GA . 64.91 17.02 21.56
FE1 SF4 HA . 56.45 9.03 15.69
FE2 SF4 HA . 58.53 9.05 13.94
FE3 SF4 HA . 55.99 8.62 13.03
FE4 SF4 HA . 57.25 6.69 14.51
S1 SF4 HA . 57.86 7.45 12.46
S2 SF4 HA . 55.11 7.42 14.78
S3 SF4 HA . 58.46 7.99 15.96
S4 SF4 HA . 56.79 10.51 14.00
N1' TPP IA . 45.95 4.71 0.53
C2' TPP IA . 46.16 5.82 -0.15
CM2 TPP IA . 46.09 5.77 -1.68
N3' TPP IA . 46.41 6.97 0.44
C4' TPP IA . 46.49 7.06 1.79
N4' TPP IA . 46.76 8.32 2.41
C5' TPP IA . 46.28 5.91 2.56
C6' TPP IA . 46.00 4.70 1.88
C7' TPP IA . 46.33 5.94 4.13
N3 TPP IA . 47.59 6.15 4.73
C2 TPP IA . 48.15 7.37 5.11
S1 TPP IA . 49.62 7.33 5.80
C5 TPP IA . 49.60 5.70 5.64
C4 TPP IA . 48.45 5.16 5.06
CM4 TPP IA . 48.22 3.68 4.82
C6 TPP IA . 50.76 4.84 6.12
C7 TPP IA . 52.18 5.46 5.94
O7 TPP IA . 53.10 4.41 6.25
PA TPP IA . 54.61 4.50 5.80
O1A TPP IA . 54.68 4.43 4.29
O2A TPP IA . 55.36 3.34 6.38
O3A TPP IA . 55.24 5.87 6.29
PB TPP IA . 55.33 6.33 7.82
O1B TPP IA . 54.15 7.22 8.16
O2B TPP IA . 56.60 7.12 8.00
O3B TPP IA . 55.34 5.12 8.71
MG MG JA . 56.42 3.12 8.10
S SO4 KA . 45.16 8.48 26.12
O1 SO4 KA . 43.98 8.19 26.94
O2 SO4 KA . 45.38 9.93 26.07
O3 SO4 KA . 46.32 7.81 26.70
O4 SO4 KA . 44.93 7.98 24.77
FE1 SF4 LA . 53.98 -37.49 -37.02
FE2 SF4 LA . 55.51 -36.23 -35.13
FE3 SF4 LA . 53.30 -34.99 -36.15
FE4 SF4 LA . 55.52 -35.34 -37.71
S1 SF4 LA . 55.36 -34.07 -35.83
S2 SF4 LA . 53.35 -35.72 -38.31
S3 SF4 LA . 56.26 -37.36 -36.95
S4 SF4 LA . 53.34 -36.90 -34.91
FE1 SF4 MA . 47.82 -25.77 -36.68
FE2 SF4 MA . 47.17 -25.37 -39.29
FE3 SF4 MA . 49.30 -24.06 -38.20
FE4 SF4 MA . 49.43 -26.74 -38.64
S1 SF4 MA . 49.23 -25.11 -40.22
S2 SF4 MA . 50.09 -25.64 -36.77
S3 SF4 MA . 47.28 -27.36 -38.21
S4 SF4 MA . 47.11 -23.83 -37.62
FE1 SF4 NA . 49.01 -12.13 -32.62
FE2 SF4 NA . 49.73 -13.84 -30.63
FE3 SF4 NA . 48.71 -11.39 -30.02
FE4 SF4 NA . 51.21 -11.60 -31.10
S1 SF4 NA . 50.53 -12.38 -29.08
S2 SF4 NA . 49.58 -10.14 -31.71
S3 SF4 NA . 50.92 -13.37 -32.50
S4 SF4 NA . 47.63 -13.08 -31.08
O1B TDL OA . 49.94 -10.59 -24.80
PB TDL OA . 50.02 -9.09 -24.67
O2B TDL OA . 48.84 -8.47 -25.41
O3B TDL OA . 51.31 -8.58 -25.26
O3A TDL OA . 49.94 -8.70 -23.12
PA TDL OA . 50.69 -7.45 -22.48
O1A TDL OA . 50.34 -7.38 -21.01
O2A TDL OA . 52.17 -7.62 -22.65
O7 TDL OA . 50.23 -6.13 -23.19
C7 TDL OA . 48.83 -5.86 -23.34
C6 TDL OA . 48.69 -4.32 -23.30
C5 TDL OA . 47.29 -3.73 -23.33
S1 TDL OA . 45.84 -4.63 -24.00
C4 TDL OA . 46.89 -2.51 -22.89
CM4 TDL OA . 47.81 -1.49 -22.29
N3 TDL OA . 45.50 -2.25 -23.04
C2 TDL OA . 44.79 -3.25 -23.62
CLA TDL OA . 43.24 -3.24 -23.95
OL1 TDL OA . 42.46 -2.93 -22.85
CLB TDL OA . 42.82 -4.65 -24.50
CLC TDL OA . 43.10 -2.24 -25.22
OL2 TDL OA . 43.71 -2.63 -26.30
OL3 TDL OA . 42.40 -1.18 -25.11
C7' TDL OA . 44.94 -1.00 -22.64
C5' TDL OA . 44.81 -0.76 -21.09
C6' TDL OA . 45.52 0.29 -20.45
N1' TDL OA . 45.39 0.49 -19.14
C2' TDL OA . 44.59 -0.27 -18.41
CM2 TDL OA . 44.46 -0.01 -16.91
N3' TDL OA . 43.88 -1.26 -18.95
C4' TDL OA . 43.97 -1.53 -20.26
N4' TDL OA . 43.19 -2.61 -20.80
MG MG PA . 53.23 -8.64 -24.38
S SO4 QA . 45.22 -3.49 -44.93
O1 SO4 QA . 44.16 -3.90 -45.86
O2 SO4 QA . 45.42 -2.05 -45.03
O3 SO4 QA . 44.83 -3.83 -43.57
O4 SO4 QA . 46.45 -4.16 -45.30
#